data_9N4Y
#
_entry.id   9N4Y
#
_cell.length_a   1.00
_cell.length_b   1.00
_cell.length_c   1.00
_cell.angle_alpha   90.00
_cell.angle_beta   90.00
_cell.angle_gamma   90.00
#
_symmetry.space_group_name_H-M   'P 1'
#
loop_
_entity.id
_entity.type
_entity.pdbx_description
1 polymer 'Soluble pyridine nucleotide transhydrogenase'
2 non-polymer 'FLAVIN-ADENINE DINUCLEOTIDE'
#
_entity_poly.entity_id   1
_entity_poly.type   'polypeptide(L)'
_entity_poly.pdbx_seq_one_letter_code
;MAVYNYDVVVIGTGPAGEGAAMNAVKAGRKVAVVDDRPQVGGNCTHLGTIPSKALRHSVRQIMQYNNNPLFRQIGEPRWF
SFADVLKSAEQVIAKQVSSRTGYYARNRIDTFFGTASFCDEHTIEVVHLNGMVETLVAKQFVIATGSRPYRPADVDFTHP
RIYDSDTILSLGHTPRRLIIYGAGVIGCEYASIFSGLGVLVDLIDNRDQLLSFLDDEISDSLSYHLRNNNVLIRHNEEYE
RVEGLDNGVILHLKSGKKIKADAFLWSNGRTGNTDKLGLENIGLKANGRGQIQVDEHYRTEVSNIYAAGDVIGWPSLASA
AYDQGRSAAGSITENDSWRFVDDVPTGIYTIPEISSVGKTERELTQAKVPYEVGKAFFKGMARAQIAVEKAGMLKILFHR
ETLEILGVHCFGYQASEIVHIGQAIMNQKGEANTLKYFINTTFNYPTMAEAYRVAAYDGLNRLF
;
_entity_poly.pdbx_strand_id   a,d,g,j,m,p,s,v,y,b,e,h,k,n
#
loop_
_chem_comp.id
_chem_comp.type
_chem_comp.name
_chem_comp.formula
FAD non-polymer 'FLAVIN-ADENINE DINUCLEOTIDE' 'C27 H33 N9 O15 P2'
#
# COMPACT_ATOMS: atom_id res chain seq x y z
N TYR A 4 -34.58 18.19 -1.07
CA TYR A 4 -34.06 18.14 -2.42
C TYR A 4 -34.79 19.14 -3.32
N ASN A 5 -34.08 19.67 -4.31
CA ASN A 5 -34.63 20.63 -5.25
C ASN A 5 -34.46 20.12 -6.67
N TYR A 6 -35.55 20.13 -7.43
CA TYR A 6 -35.55 19.66 -8.82
C TYR A 6 -36.43 20.58 -9.64
N ASP A 7 -36.44 20.34 -10.95
CA ASP A 7 -37.34 21.09 -11.83
C ASP A 7 -38.65 20.37 -12.05
N VAL A 8 -38.58 19.08 -12.38
CA VAL A 8 -39.77 18.24 -12.58
C VAL A 8 -39.64 16.99 -11.72
N VAL A 9 -40.70 16.67 -10.98
CA VAL A 9 -40.78 15.47 -10.17
C VAL A 9 -41.94 14.63 -10.69
N VAL A 10 -41.66 13.37 -11.00
CA VAL A 10 -42.66 12.45 -11.54
C VAL A 10 -42.94 11.38 -10.50
N ILE A 11 -44.20 11.00 -10.37
CA ILE A 11 -44.61 9.91 -9.48
C ILE A 11 -45.02 8.73 -10.34
N GLY A 12 -44.39 7.58 -10.12
CA GLY A 12 -44.64 6.40 -10.92
C GLY A 12 -43.59 6.21 -11.99
N THR A 13 -43.04 4.99 -12.08
CA THR A 13 -41.97 4.68 -13.02
C THR A 13 -42.46 3.87 -14.21
N GLY A 14 -43.77 3.89 -14.48
CA GLY A 14 -44.32 3.17 -15.61
C GLY A 14 -44.03 3.88 -16.92
N PRO A 15 -44.64 3.41 -18.01
CA PRO A 15 -44.37 4.03 -19.32
C PRO A 15 -44.69 5.51 -19.35
N ALA A 16 -45.79 5.94 -18.71
CA ALA A 16 -46.12 7.36 -18.69
C ALA A 16 -45.08 8.16 -17.92
N GLY A 17 -44.75 7.71 -16.70
CA GLY A 17 -43.78 8.43 -15.90
C GLY A 17 -42.40 8.41 -16.50
N GLU A 18 -41.97 7.26 -17.02
CA GLU A 18 -40.65 7.16 -17.62
C GLU A 18 -40.56 8.04 -18.87
N GLY A 19 -41.60 8.02 -19.70
CA GLY A 19 -41.61 8.87 -20.87
C GLY A 19 -41.58 10.35 -20.52
N ALA A 20 -42.37 10.74 -19.52
CA ALA A 20 -42.37 12.13 -19.09
C ALA A 20 -41.00 12.55 -18.57
N ALA A 21 -40.37 11.69 -17.76
CA ALA A 21 -39.06 12.01 -17.22
C ALA A 21 -38.02 12.12 -18.33
N MET A 22 -38.04 11.19 -19.28
CA MET A 22 -37.07 11.23 -20.38
C MET A 22 -37.26 12.49 -21.23
N ASN A 23 -38.51 12.82 -21.56
CA ASN A 23 -38.76 14.01 -22.36
C ASN A 23 -38.35 15.28 -21.62
N ALA A 24 -38.63 15.34 -20.32
CA ALA A 24 -38.24 16.51 -19.53
C ALA A 24 -36.73 16.64 -19.43
N VAL A 25 -36.03 15.53 -19.22
CA VAL A 25 -34.57 15.59 -19.12
C VAL A 25 -33.96 15.88 -20.48
N LYS A 26 -34.66 15.57 -21.57
CA LYS A 26 -34.18 15.97 -22.88
C LYS A 26 -34.20 17.48 -23.05
N ALA A 27 -35.13 18.16 -22.38
CA ALA A 27 -35.23 19.61 -22.42
C ALA A 27 -34.11 20.31 -21.66
N GLY A 28 -33.31 19.58 -20.89
CA GLY A 28 -32.21 20.15 -20.14
C GLY A 28 -32.49 20.42 -18.68
N ARG A 29 -33.72 20.18 -18.22
CA ARG A 29 -34.06 20.42 -16.83
C ARG A 29 -33.55 19.29 -15.94
N LYS A 30 -33.60 19.52 -14.63
CA LYS A 30 -33.21 18.53 -13.63
C LYS A 30 -34.49 17.87 -13.10
N VAL A 31 -34.62 16.57 -13.31
CA VAL A 31 -35.86 15.86 -13.03
C VAL A 31 -35.58 14.66 -12.15
N ALA A 32 -36.64 14.17 -11.51
CA ALA A 32 -36.54 13.03 -10.60
C ALA A 32 -37.81 12.20 -10.69
N VAL A 33 -37.70 10.93 -10.28
CA VAL A 33 -38.81 9.99 -10.33
C VAL A 33 -38.96 9.30 -8.98
N VAL A 34 -40.21 9.03 -8.60
CA VAL A 34 -40.56 8.39 -7.34
C VAL A 34 -41.56 7.27 -7.62
N ASP A 35 -41.39 6.15 -6.94
CA ASP A 35 -42.33 5.02 -7.05
C ASP A 35 -42.26 4.20 -5.77
N ASP A 36 -43.34 3.46 -5.50
CA ASP A 36 -43.39 2.63 -4.31
C ASP A 36 -42.97 1.19 -4.57
N ARG A 37 -42.76 0.81 -5.83
CA ARG A 37 -42.27 -0.53 -6.14
C ARG A 37 -40.77 -0.61 -5.89
N PRO A 38 -40.30 -1.72 -5.32
CA PRO A 38 -38.85 -1.87 -5.08
C PRO A 38 -38.02 -1.94 -6.36
N GLN A 39 -38.63 -1.94 -7.53
CA GLN A 39 -37.91 -1.89 -8.80
C GLN A 39 -38.64 -0.97 -9.77
N VAL A 40 -37.89 -0.44 -10.74
CA VAL A 40 -38.46 0.45 -11.75
C VAL A 40 -39.20 -0.38 -12.79
N GLY A 41 -40.02 0.30 -13.61
CA GLY A 41 -40.77 -0.34 -14.68
C GLY A 41 -42.26 -0.13 -14.58
N GLY A 42 -42.81 -0.10 -13.36
CA GLY A 42 -44.22 0.07 -13.17
C GLY A 42 -45.00 -1.22 -13.37
N ASN A 43 -46.33 -1.07 -13.37
CA ASN A 43 -47.21 -2.22 -13.60
C ASN A 43 -47.04 -2.80 -15.00
N CYS A 44 -46.51 -2.02 -15.94
CA CYS A 44 -46.32 -2.50 -17.30
C CYS A 44 -45.38 -3.69 -17.35
N THR A 45 -44.30 -3.65 -16.57
CA THR A 45 -43.28 -4.69 -16.60
C THR A 45 -43.41 -5.72 -15.49
N HIS A 46 -43.90 -5.33 -14.32
CA HIS A 46 -43.83 -6.18 -13.14
C HIS A 46 -45.09 -6.99 -12.89
N LEU A 47 -46.27 -6.44 -13.17
CA LEU A 47 -47.53 -7.12 -12.88
C LEU A 47 -48.52 -7.14 -14.03
N GLY A 48 -48.36 -6.30 -15.05
CA GLY A 48 -49.34 -6.19 -16.10
C GLY A 48 -48.92 -6.71 -17.46
N THR A 49 -48.46 -5.79 -18.31
CA THR A 49 -48.22 -6.12 -19.72
C THR A 49 -47.24 -7.27 -19.89
N ILE A 50 -46.00 -7.08 -19.42
CA ILE A 50 -44.90 -8.00 -19.72
C ILE A 50 -45.17 -9.42 -19.22
N PRO A 51 -45.58 -9.64 -17.97
CA PRO A 51 -45.84 -11.03 -17.54
C PRO A 51 -46.93 -11.71 -18.35
N SER A 52 -48.03 -11.00 -18.64
CA SER A 52 -49.11 -11.59 -19.41
C SER A 52 -48.68 -11.89 -20.83
N LYS A 53 -47.88 -11.00 -21.44
CA LYS A 53 -47.39 -11.25 -22.79
C LYS A 53 -46.45 -12.44 -22.82
N ALA A 54 -45.57 -12.57 -21.83
CA ALA A 54 -44.69 -13.73 -21.76
C ALA A 54 -45.51 -15.01 -21.60
N LEU A 55 -46.52 -14.98 -20.73
CA LEU A 55 -47.39 -16.14 -20.56
C LEU A 55 -48.08 -16.51 -21.87
N ARG A 56 -48.61 -15.52 -22.57
CA ARG A 56 -49.30 -15.79 -23.83
C ARG A 56 -48.36 -16.35 -24.89
N HIS A 57 -47.14 -15.80 -24.98
CA HIS A 57 -46.20 -16.31 -25.96
C HIS A 57 -45.77 -17.73 -25.64
N SER A 58 -45.56 -18.03 -24.35
CA SER A 58 -45.23 -19.41 -23.97
C SER A 58 -46.39 -20.35 -24.28
N VAL A 59 -47.63 -19.90 -24.05
CA VAL A 59 -48.79 -20.72 -24.36
C VAL A 59 -48.87 -20.99 -25.86
N ARG A 60 -48.64 -19.96 -26.67
CA ARG A 60 -48.60 -20.15 -28.12
C ARG A 60 -47.52 -21.13 -28.52
N GLN A 61 -46.34 -21.04 -27.89
CA GLN A 61 -45.25 -21.93 -28.23
C GLN A 61 -45.58 -23.38 -27.89
N ILE A 62 -46.16 -23.62 -26.71
CA ILE A 62 -46.49 -25.00 -26.34
C ILE A 62 -47.61 -25.53 -27.22
N MET A 63 -48.57 -24.68 -27.58
CA MET A 63 -49.64 -25.10 -28.48
C MET A 63 -49.08 -25.51 -29.84
N GLN A 64 -48.17 -24.69 -30.39
CA GLN A 64 -47.57 -25.02 -31.68
C GLN A 64 -46.72 -26.28 -31.59
N TYR A 65 -45.99 -26.46 -30.48
CA TYR A 65 -45.19 -27.67 -30.29
C TYR A 65 -46.08 -28.90 -30.24
N ASN A 66 -47.20 -28.83 -29.52
CA ASN A 66 -48.11 -29.97 -29.42
C ASN A 66 -48.76 -30.27 -30.76
N ASN A 67 -49.16 -29.24 -31.50
CA ASN A 67 -49.87 -29.44 -32.76
C ASN A 67 -48.95 -29.76 -33.93
N ASN A 68 -47.64 -29.55 -33.79
CA ASN A 68 -46.72 -29.80 -34.89
C ASN A 68 -46.40 -31.29 -34.97
N PRO A 69 -46.64 -31.95 -36.11
CA PRO A 69 -46.29 -33.37 -36.22
C PRO A 69 -44.80 -33.65 -36.08
N LEU A 70 -43.95 -32.67 -36.43
CA LEU A 70 -42.51 -32.90 -36.38
C LEU A 70 -42.03 -33.02 -34.94
N PHE A 71 -42.66 -32.30 -34.01
CA PHE A 71 -42.22 -32.27 -32.62
C PHE A 71 -42.87 -33.36 -31.76
N ARG A 72 -43.77 -34.18 -32.34
CA ARG A 72 -44.42 -35.21 -31.54
C ARG A 72 -43.44 -36.29 -31.12
N GLN A 73 -42.53 -36.68 -32.00
CA GLN A 73 -41.55 -37.72 -31.66
C GLN A 73 -40.24 -37.09 -31.19
N ARG A 78 -48.05 -34.20 -23.01
CA ARG A 78 -46.93 -33.38 -22.52
C ARG A 78 -47.44 -32.08 -21.90
N TRP A 79 -48.32 -32.20 -20.91
CA TRP A 79 -48.82 -31.04 -20.18
C TRP A 79 -47.81 -30.62 -19.12
N PHE A 80 -47.70 -29.30 -18.91
CA PHE A 80 -46.75 -28.73 -17.98
C PHE A 80 -47.47 -27.85 -16.97
N SER A 81 -46.89 -27.73 -15.77
CA SER A 81 -47.51 -26.95 -14.71
C SER A 81 -47.46 -25.47 -15.03
N PHE A 82 -48.32 -24.70 -14.35
CA PHE A 82 -48.38 -23.26 -14.58
C PHE A 82 -47.11 -22.57 -14.15
N ALA A 83 -46.46 -23.06 -13.08
CA ALA A 83 -45.25 -22.43 -12.58
C ALA A 83 -44.13 -22.50 -13.61
N ASP A 84 -43.98 -23.65 -14.28
CA ASP A 84 -42.93 -23.78 -15.29
C ASP A 84 -43.16 -22.81 -16.45
N VAL A 85 -44.42 -22.66 -16.87
CA VAL A 85 -44.73 -21.72 -17.94
C VAL A 85 -44.44 -20.29 -17.51
N LEU A 86 -44.81 -19.93 -16.28
CA LEU A 86 -44.61 -18.56 -15.82
C LEU A 86 -43.14 -18.26 -15.54
N LYS A 87 -42.32 -19.30 -15.32
CA LYS A 87 -40.91 -19.08 -15.00
C LYS A 87 -40.19 -18.29 -16.08
N SER A 88 -40.60 -18.43 -17.34
CA SER A 88 -39.91 -17.78 -18.44
C SER A 88 -40.01 -16.25 -18.36
N ALA A 89 -40.97 -15.71 -17.63
CA ALA A 89 -41.15 -14.26 -17.56
C ALA A 89 -40.11 -13.57 -16.67
N GLU A 90 -39.46 -14.31 -15.77
CA GLU A 90 -38.51 -13.68 -14.85
C GLU A 90 -37.31 -13.10 -15.60
N GLN A 91 -36.80 -13.82 -16.59
CA GLN A 91 -35.65 -13.32 -17.35
C GLN A 91 -36.01 -12.05 -18.12
N VAL A 92 -37.20 -12.04 -18.74
CA VAL A 92 -37.64 -10.85 -19.46
C VAL A 92 -37.83 -9.67 -18.51
N ILE A 93 -38.41 -9.93 -17.34
CA ILE A 93 -38.61 -8.85 -16.36
C ILE A 93 -37.26 -8.31 -15.90
N ALA A 94 -36.31 -9.19 -15.63
CA ALA A 94 -34.98 -8.74 -15.19
C ALA A 94 -34.30 -7.92 -16.27
N LYS A 95 -34.36 -8.38 -17.52
CA LYS A 95 -33.74 -7.63 -18.61
C LYS A 95 -34.39 -6.26 -18.78
N GLN A 96 -35.72 -6.20 -18.71
CA GLN A 96 -36.41 -4.93 -18.87
C GLN A 96 -36.07 -3.96 -17.74
N VAL A 97 -36.05 -4.46 -16.50
CA VAL A 97 -35.75 -3.58 -15.38
C VAL A 97 -34.30 -3.11 -15.44
N SER A 98 -33.39 -3.98 -15.87
CA SER A 98 -31.99 -3.57 -16.04
C SER A 98 -31.87 -2.50 -17.11
N SER A 99 -32.57 -2.67 -18.23
CA SER A 99 -32.52 -1.67 -19.29
C SER A 99 -33.09 -0.34 -18.83
N ARG A 100 -34.20 -0.37 -18.10
CA ARG A 100 -34.80 0.88 -17.62
C ARG A 100 -33.91 1.56 -16.59
N THR A 101 -33.28 0.77 -15.70
CA THR A 101 -32.35 1.35 -14.73
C THR A 101 -31.15 1.97 -15.44
N GLY A 102 -30.65 1.31 -16.49
CA GLY A 102 -29.57 1.90 -17.26
C GLY A 102 -29.98 3.18 -17.95
N TYR A 103 -31.20 3.22 -18.48
CA TYR A 103 -31.71 4.43 -19.10
C TYR A 103 -31.78 5.57 -18.08
N TYR A 104 -32.27 5.27 -16.88
CA TYR A 104 -32.35 6.29 -15.84
C TYR A 104 -30.96 6.76 -15.41
N ALA A 105 -30.03 5.83 -15.22
CA ALA A 105 -28.70 6.19 -14.70
C ALA A 105 -27.90 6.96 -15.72
N ARG A 106 -27.97 6.56 -16.99
CA ARG A 106 -27.22 7.25 -18.03
C ARG A 106 -27.69 8.69 -18.22
N ASN A 107 -28.95 8.96 -17.88
CA ASN A 107 -29.50 10.30 -17.99
C ASN A 107 -29.39 11.11 -16.70
N ARG A 108 -28.72 10.56 -15.67
CA ARG A 108 -28.57 11.20 -14.37
C ARG A 108 -29.93 11.55 -13.77
N ILE A 109 -30.75 10.52 -13.60
CA ILE A 109 -32.10 10.65 -13.06
C ILE A 109 -32.10 10.13 -11.64
N ASP A 110 -32.54 10.96 -10.70
CA ASP A 110 -32.62 10.55 -9.31
C ASP A 110 -33.90 9.78 -9.05
N THR A 111 -33.76 8.61 -8.43
CA THR A 111 -34.87 7.72 -8.15
C THR A 111 -35.06 7.58 -6.66
N PHE A 112 -36.33 7.59 -6.23
CA PHE A 112 -36.67 7.50 -4.81
C PHE A 112 -37.72 6.39 -4.67
N PHE A 113 -37.39 5.34 -3.93
CA PHE A 113 -38.23 4.15 -3.85
C PHE A 113 -39.09 4.23 -2.59
N GLY A 114 -40.21 4.95 -2.71
CA GLY A 114 -41.13 5.08 -1.60
C GLY A 114 -42.44 5.71 -2.04
N THR A 115 -43.46 5.49 -1.22
CA THR A 115 -44.77 6.10 -1.49
C THR A 115 -44.68 7.61 -1.38
N ALA A 116 -45.31 8.30 -2.33
CA ALA A 116 -45.29 9.75 -2.39
C ALA A 116 -46.63 10.31 -1.92
N SER A 117 -46.57 11.30 -1.03
CA SER A 117 -47.77 11.94 -0.49
C SER A 117 -47.63 13.44 -0.67
N PHE A 118 -48.74 14.08 -1.05
CA PHE A 118 -48.74 15.51 -1.31
C PHE A 118 -48.84 16.30 -0.01
N CYS A 119 -48.03 17.34 0.10
CA CYS A 119 -48.07 18.27 1.22
C CYS A 119 -48.61 19.63 0.82
N ASP A 120 -48.12 20.20 -0.28
CA ASP A 120 -48.63 21.46 -0.80
C ASP A 120 -48.51 21.41 -2.33
N GLU A 121 -48.61 22.58 -2.97
CA GLU A 121 -48.59 22.63 -4.42
C GLU A 121 -47.21 22.44 -5.01
N HIS A 122 -46.15 22.38 -4.20
CA HIS A 122 -44.80 22.31 -4.71
C HIS A 122 -43.93 21.23 -4.07
N THR A 123 -44.32 20.66 -2.94
CA THR A 123 -43.47 19.70 -2.25
C THR A 123 -44.26 18.45 -1.91
N ILE A 124 -43.53 17.34 -1.77
CA ILE A 124 -44.09 16.04 -1.42
C ILE A 124 -43.19 15.34 -0.42
N GLU A 125 -43.79 14.40 0.30
CA GLU A 125 -43.10 13.55 1.27
C GLU A 125 -43.00 12.14 0.70
N VAL A 126 -41.80 11.57 0.75
CA VAL A 126 -41.56 10.19 0.33
C VAL A 126 -41.33 9.35 1.58
N VAL A 127 -42.16 8.31 1.74
CA VAL A 127 -42.10 7.41 2.88
C VAL A 127 -41.87 6.00 2.35
N HIS A 128 -40.82 5.34 2.82
CA HIS A 128 -40.49 3.98 2.42
C HIS A 128 -41.06 2.99 3.43
N LEU A 129 -40.64 1.74 3.32
CA LEU A 129 -41.15 0.68 4.19
C LEU A 129 -40.73 0.88 5.65
N ASN A 130 -39.57 1.50 5.89
CA ASN A 130 -39.01 1.63 7.23
C ASN A 130 -39.19 3.03 7.82
N GLY A 131 -40.37 3.62 7.64
CA GLY A 131 -40.67 4.91 8.24
C GLY A 131 -39.85 6.06 7.72
N MET A 132 -39.58 6.09 6.41
CA MET A 132 -38.77 7.14 5.82
C MET A 132 -39.56 8.44 5.72
N VAL A 133 -38.83 9.55 5.67
CA VAL A 133 -39.38 10.85 5.37
C VAL A 133 -38.37 11.60 4.50
N GLU A 134 -38.75 11.91 3.26
CA GLU A 134 -37.91 12.72 2.38
C GLU A 134 -38.76 13.81 1.72
N THR A 135 -38.30 15.05 1.82
CA THR A 135 -38.99 16.19 1.24
C THR A 135 -38.44 16.49 -0.14
N LEU A 136 -39.34 16.65 -1.11
CA LEU A 136 -38.94 16.98 -2.48
C LEU A 136 -39.78 18.14 -2.99
N VAL A 137 -39.13 19.20 -3.46
CA VAL A 137 -39.80 20.38 -3.98
C VAL A 137 -39.34 20.60 -5.42
N ALA A 138 -40.29 20.85 -6.32
CA ALA A 138 -40.00 21.10 -7.72
C ALA A 138 -41.06 22.02 -8.31
N LYS A 139 -40.70 22.68 -9.41
CA LYS A 139 -41.62 23.59 -10.06
C LYS A 139 -42.77 22.85 -10.73
N GLN A 140 -42.48 21.70 -11.37
CA GLN A 140 -43.46 20.97 -12.13
C GLN A 140 -43.56 19.53 -11.62
N PHE A 141 -44.77 19.00 -11.62
CA PHE A 141 -45.05 17.66 -11.12
C PHE A 141 -45.80 16.86 -12.17
N VAL A 142 -45.52 15.56 -12.23
CA VAL A 142 -46.18 14.64 -13.16
C VAL A 142 -46.78 13.51 -12.34
N ILE A 143 -48.05 13.22 -12.57
CA ILE A 143 -48.77 12.17 -11.86
C ILE A 143 -48.93 10.99 -12.82
N ALA A 144 -48.27 9.89 -12.51
CA ALA A 144 -48.36 8.66 -13.30
C ALA A 144 -48.53 7.47 -12.36
N THR A 145 -49.43 7.60 -11.39
CA THR A 145 -49.61 6.59 -10.37
C THR A 145 -50.24 5.30 -10.90
N GLY A 146 -50.73 5.30 -12.14
CA GLY A 146 -51.27 4.07 -12.69
C GLY A 146 -52.62 3.72 -12.09
N SER A 147 -52.85 2.43 -11.90
CA SER A 147 -54.11 1.94 -11.37
C SER A 147 -53.90 0.57 -10.74
N ARG A 148 -54.97 0.03 -10.18
CA ARG A 148 -55.01 -1.26 -9.53
C ARG A 148 -56.28 -1.98 -9.95
N PRO A 149 -56.33 -3.30 -9.82
CA PRO A 149 -57.59 -4.01 -10.09
C PRO A 149 -58.67 -3.58 -9.12
N TYR A 150 -59.88 -3.39 -9.65
CA TYR A 150 -61.01 -2.99 -8.82
C TYR A 150 -61.39 -4.12 -7.87
N ARG A 151 -61.58 -3.78 -6.60
CA ARG A 151 -61.87 -4.78 -5.57
C ARG A 151 -63.19 -4.47 -4.90
N PRO A 152 -64.29 -5.11 -5.33
CA PRO A 152 -65.56 -4.93 -4.62
C PRO A 152 -65.52 -5.55 -3.24
N ALA A 153 -66.35 -5.00 -2.35
CA ALA A 153 -66.29 -5.39 -0.94
C ALA A 153 -66.83 -6.80 -0.73
N ASP A 154 -67.86 -7.20 -1.49
CA ASP A 154 -68.59 -8.43 -1.22
C ASP A 154 -67.91 -9.68 -1.77
N VAL A 155 -66.63 -9.62 -2.12
CA VAL A 155 -65.87 -10.78 -2.57
C VAL A 155 -64.63 -10.91 -1.69
N ASP A 156 -64.34 -12.15 -1.28
CA ASP A 156 -63.20 -12.42 -0.40
C ASP A 156 -61.97 -12.66 -1.26
N PHE A 157 -61.20 -11.59 -1.51
CA PHE A 157 -59.96 -11.72 -2.24
C PHE A 157 -58.86 -12.40 -1.43
N THR A 158 -59.02 -12.49 -0.11
CA THR A 158 -58.03 -13.17 0.71
C THR A 158 -58.14 -14.69 0.59
N HIS A 159 -59.20 -15.19 -0.03
CA HIS A 159 -59.34 -16.62 -0.22
C HIS A 159 -58.25 -17.13 -1.16
N PRO A 160 -57.63 -18.27 -0.85
CA PRO A 160 -56.57 -18.79 -1.72
C PRO A 160 -57.03 -19.14 -3.12
N ARG A 161 -58.32 -19.39 -3.32
CA ARG A 161 -58.84 -19.79 -4.63
C ARG A 161 -59.44 -18.62 -5.40
N ILE A 162 -59.34 -17.40 -4.90
CA ILE A 162 -59.87 -16.21 -5.57
C ILE A 162 -58.71 -15.28 -5.87
N TYR A 163 -58.62 -14.83 -7.12
CA TYR A 163 -57.51 -14.00 -7.57
C TYR A 163 -58.04 -12.80 -8.35
N ASP A 164 -57.13 -11.91 -8.70
CA ASP A 164 -57.40 -10.76 -9.55
C ASP A 164 -56.39 -10.76 -10.71
N SER A 165 -56.35 -9.66 -11.45
CA SER A 165 -55.41 -9.55 -12.56
C SER A 165 -53.96 -9.51 -12.09
N ASP A 166 -53.72 -9.28 -10.80
CA ASP A 166 -52.37 -9.24 -10.24
C ASP A 166 -51.98 -10.52 -9.52
N THR A 167 -52.83 -11.00 -8.60
CA THR A 167 -52.50 -12.18 -7.82
C THR A 167 -52.62 -13.48 -8.59
N ILE A 168 -53.13 -13.44 -9.83
CA ILE A 168 -53.26 -14.66 -10.62
C ILE A 168 -51.90 -15.27 -10.90
N LEU A 169 -50.85 -14.45 -10.98
CA LEU A 169 -49.50 -14.96 -11.18
C LEU A 169 -49.01 -15.75 -9.97
N SER A 170 -49.67 -15.63 -8.82
CA SER A 170 -49.30 -16.41 -7.65
C SER A 170 -49.78 -17.85 -7.73
N LEU A 171 -50.54 -18.21 -8.76
CA LEU A 171 -51.02 -19.57 -8.91
C LEU A 171 -49.85 -20.55 -9.00
N GLY A 172 -49.95 -21.64 -8.25
CA GLY A 172 -48.90 -22.64 -8.23
C GLY A 172 -49.23 -23.89 -9.02
N HIS A 173 -50.51 -24.24 -9.08
CA HIS A 173 -50.97 -25.41 -9.80
C HIS A 173 -52.05 -25.01 -10.80
N THR A 174 -52.00 -25.64 -11.96
CA THR A 174 -52.98 -25.36 -13.00
C THR A 174 -54.34 -25.93 -12.62
N PRO A 175 -55.37 -25.11 -12.50
CA PRO A 175 -56.69 -25.63 -12.11
C PRO A 175 -57.34 -26.42 -13.24
N ARG A 176 -58.20 -27.36 -12.85
CA ARG A 176 -58.95 -28.12 -13.85
C ARG A 176 -60.01 -27.24 -14.51
N ARG A 177 -60.68 -26.39 -13.74
CA ARG A 177 -61.66 -25.46 -14.26
C ARG A 177 -61.37 -24.07 -13.71
N LEU A 178 -61.90 -23.06 -14.38
CA LEU A 178 -61.62 -21.68 -14.01
C LEU A 178 -62.76 -20.80 -14.45
N ILE A 179 -62.98 -19.71 -13.69
CA ILE A 179 -64.03 -18.74 -13.97
C ILE A 179 -63.38 -17.36 -14.08
N ILE A 180 -63.72 -16.64 -15.14
CA ILE A 180 -63.27 -15.26 -15.34
C ILE A 180 -64.50 -14.37 -15.39
N TYR A 181 -64.51 -13.34 -14.54
CA TYR A 181 -65.58 -12.35 -14.52
C TYR A 181 -65.08 -11.06 -15.18
N GLY A 182 -65.89 -10.52 -16.08
CA GLY A 182 -65.51 -9.35 -16.83
C GLY A 182 -64.93 -9.69 -18.19
N ALA A 183 -65.59 -9.25 -19.25
CA ALA A 183 -65.18 -9.54 -20.62
C ALA A 183 -64.28 -8.47 -21.20
N GLY A 184 -63.49 -7.81 -20.37
CA GLY A 184 -62.59 -6.79 -20.84
C GLY A 184 -61.40 -7.36 -21.60
N VAL A 185 -60.48 -6.46 -21.97
CA VAL A 185 -59.28 -6.87 -22.69
C VAL A 185 -58.47 -7.83 -21.85
N ILE A 186 -58.26 -7.49 -20.58
CA ILE A 186 -57.51 -8.37 -19.68
C ILE A 186 -58.23 -9.70 -19.51
N GLY A 187 -59.54 -9.66 -19.33
CA GLY A 187 -60.30 -10.90 -19.18
C GLY A 187 -60.22 -11.78 -20.40
N CYS A 188 -60.37 -11.18 -21.58
CA CYS A 188 -60.28 -11.96 -22.82
C CYS A 188 -58.89 -12.55 -23.01
N GLU A 189 -57.85 -11.76 -22.73
CA GLU A 189 -56.48 -12.26 -22.87
C GLU A 189 -56.22 -13.42 -21.94
N TYR A 190 -56.63 -13.29 -20.68
CA TYR A 190 -56.39 -14.37 -19.72
C TYR A 190 -57.24 -15.60 -20.05
N ALA A 191 -58.46 -15.40 -20.54
CA ALA A 191 -59.29 -16.53 -20.96
C ALA A 191 -58.63 -17.28 -22.10
N SER A 192 -58.10 -16.55 -23.09
CA SER A 192 -57.42 -17.18 -24.20
C SER A 192 -56.18 -17.94 -23.73
N ILE A 193 -55.41 -17.34 -22.82
CA ILE A 193 -54.18 -17.99 -22.33
C ILE A 193 -54.52 -19.27 -21.59
N PHE A 194 -55.49 -19.22 -20.67
CA PHE A 194 -55.84 -20.40 -19.89
C PHE A 194 -56.49 -21.47 -20.76
N SER A 195 -57.25 -21.06 -21.78
CA SER A 195 -57.79 -22.04 -22.72
C SER A 195 -56.68 -22.72 -23.49
N GLY A 196 -55.67 -21.95 -23.92
CA GLY A 196 -54.53 -22.55 -24.58
C GLY A 196 -53.79 -23.52 -23.68
N LEU A 197 -53.70 -23.20 -22.38
CA LEU A 197 -53.10 -24.10 -21.42
C LEU A 197 -53.89 -25.39 -21.24
N GLY A 198 -55.16 -25.41 -21.61
CA GLY A 198 -55.97 -26.61 -21.49
C GLY A 198 -56.84 -26.63 -20.26
N VAL A 199 -57.52 -25.52 -19.98
CA VAL A 199 -58.41 -25.38 -18.84
C VAL A 199 -59.77 -24.95 -19.34
N LEU A 200 -60.83 -25.61 -18.84
CA LEU A 200 -62.19 -25.25 -19.21
C LEU A 200 -62.53 -23.91 -18.56
N VAL A 201 -62.45 -22.84 -19.33
CA VAL A 201 -62.67 -21.49 -18.83
C VAL A 201 -64.11 -21.09 -19.10
N ASP A 202 -64.78 -20.58 -18.06
CA ASP A 202 -66.16 -20.14 -18.15
C ASP A 202 -66.17 -18.61 -18.03
N LEU A 203 -66.02 -17.94 -19.17
CA LEU A 203 -66.01 -16.49 -19.20
C LEU A 203 -67.42 -15.96 -18.98
N ILE A 204 -67.55 -14.94 -18.13
CA ILE A 204 -68.83 -14.32 -17.81
C ILE A 204 -68.78 -12.88 -18.30
N ASP A 205 -69.79 -12.47 -19.04
CA ASP A 205 -69.86 -11.12 -19.62
C ASP A 205 -71.13 -10.43 -19.15
N ASN A 206 -70.99 -9.15 -18.80
CA ASN A 206 -72.15 -8.35 -18.38
C ASN A 206 -73.03 -7.96 -19.55
N ARG A 207 -72.46 -7.76 -20.73
CA ARG A 207 -73.21 -7.38 -21.92
C ARG A 207 -73.44 -8.60 -22.81
N ASP A 208 -74.22 -8.40 -23.87
CA ASP A 208 -74.59 -9.49 -24.76
C ASP A 208 -73.56 -9.75 -25.85
N GLN A 209 -72.57 -8.88 -26.02
CA GLN A 209 -71.57 -9.02 -27.06
C GLN A 209 -70.17 -8.80 -26.47
N LEU A 210 -69.24 -9.65 -26.86
CA LEU A 210 -67.86 -9.51 -26.41
C LEU A 210 -67.19 -8.33 -27.12
N LEU A 211 -66.63 -7.41 -26.33
CA LEU A 211 -65.91 -6.25 -26.86
C LEU A 211 -66.78 -5.48 -27.86
N SER A 212 -67.88 -4.93 -27.34
CA SER A 212 -68.83 -4.21 -28.19
C SER A 212 -68.21 -3.01 -28.89
N PHE A 213 -67.13 -2.44 -28.34
CA PHE A 213 -66.46 -1.32 -28.98
C PHE A 213 -65.72 -1.74 -30.25
N LEU A 214 -65.54 -3.03 -30.48
CA LEU A 214 -64.91 -3.53 -31.69
C LEU A 214 -65.94 -3.73 -32.79
N ASP A 215 -65.47 -4.09 -33.98
CA ASP A 215 -66.37 -4.42 -35.07
C ASP A 215 -67.11 -5.71 -34.76
N ASP A 216 -68.35 -5.81 -35.26
CA ASP A 216 -69.17 -6.99 -34.97
C ASP A 216 -68.55 -8.26 -35.54
N GLU A 217 -67.99 -8.17 -36.75
CA GLU A 217 -67.38 -9.35 -37.38
C GLU A 217 -66.21 -9.86 -36.57
N ILE A 218 -65.34 -8.95 -36.11
CA ILE A 218 -64.18 -9.34 -35.32
C ILE A 218 -64.62 -9.99 -34.02
N SER A 219 -65.60 -9.38 -33.33
CA SER A 219 -66.09 -9.95 -32.08
C SER A 219 -66.70 -11.32 -32.29
N ASP A 220 -67.46 -11.49 -33.38
CA ASP A 220 -68.07 -12.80 -33.65
C ASP A 220 -67.00 -13.86 -33.92
N SER A 221 -65.97 -13.50 -34.70
CA SER A 221 -64.89 -14.45 -34.96
C SER A 221 -64.15 -14.81 -33.69
N LEU A 222 -63.87 -13.81 -32.84
CA LEU A 222 -63.20 -14.09 -31.57
C LEU A 222 -64.04 -15.00 -30.69
N SER A 223 -65.35 -14.75 -30.63
CA SER A 223 -66.23 -15.59 -29.83
C SER A 223 -66.27 -17.02 -30.36
N TYR A 224 -66.30 -17.17 -31.70
CA TYR A 224 -66.31 -18.51 -32.27
C TYR A 224 -65.03 -19.25 -31.94
N HIS A 225 -63.88 -18.57 -32.04
CA HIS A 225 -62.61 -19.21 -31.71
C HIS A 225 -62.55 -19.59 -30.24
N LEU A 226 -63.00 -18.70 -29.35
CA LEU A 226 -63.01 -19.00 -27.92
C LEU A 226 -63.90 -20.19 -27.62
N ARG A 227 -65.08 -20.25 -28.26
CA ARG A 227 -65.97 -21.39 -28.05
C ARG A 227 -65.32 -22.67 -28.54
N ASN A 228 -64.64 -22.63 -29.69
CA ASN A 228 -63.94 -23.80 -30.19
C ASN A 228 -62.69 -24.12 -29.39
N ASN A 229 -62.27 -23.25 -28.48
CA ASN A 229 -61.10 -23.52 -27.66
C ASN A 229 -61.48 -23.71 -26.20
N ASN A 230 -62.58 -24.42 -25.95
CA ASN A 230 -63.06 -24.86 -24.64
C ASN A 230 -63.54 -23.71 -23.76
N VAL A 231 -63.52 -22.47 -24.23
CA VAL A 231 -64.01 -21.35 -23.43
C VAL A 231 -65.52 -21.26 -23.59
N LEU A 232 -66.24 -21.28 -22.48
CA LEU A 232 -67.69 -21.16 -22.47
C LEU A 232 -68.06 -19.72 -22.11
N ILE A 233 -68.68 -19.02 -23.06
CA ILE A 233 -69.00 -17.60 -22.92
C ILE A 233 -70.48 -17.48 -22.59
N ARG A 234 -70.79 -16.82 -21.48
CA ARG A 234 -72.16 -16.54 -21.07
C ARG A 234 -72.40 -15.04 -21.13
N HIS A 235 -73.48 -14.65 -21.81
CA HIS A 235 -73.75 -13.25 -22.10
C HIS A 235 -74.89 -12.73 -21.23
N ASN A 236 -74.80 -11.45 -20.88
CA ASN A 236 -75.81 -10.75 -20.09
C ASN A 236 -76.02 -11.42 -18.72
N GLU A 237 -74.94 -11.44 -17.94
CA GLU A 237 -74.97 -11.98 -16.59
C GLU A 237 -74.32 -11.00 -15.61
N GLU A 238 -74.82 -11.00 -14.39
CA GLU A 238 -74.26 -10.20 -13.31
C GLU A 238 -74.15 -11.06 -12.06
N TYR A 239 -73.02 -10.98 -11.37
CA TYR A 239 -72.79 -11.82 -10.21
C TYR A 239 -73.69 -11.42 -9.05
N GLU A 240 -74.10 -12.41 -8.27
CA GLU A 240 -74.87 -12.19 -7.05
C GLU A 240 -74.07 -12.49 -5.80
N ARG A 241 -73.35 -13.62 -5.77
CA ARG A 241 -72.54 -13.95 -4.61
C ARG A 241 -71.45 -14.95 -4.99
N VAL A 242 -70.21 -14.65 -4.59
CA VAL A 242 -69.07 -15.53 -4.80
C VAL A 242 -68.72 -16.18 -3.48
N GLU A 243 -68.72 -17.51 -3.44
CA GLU A 243 -68.48 -18.27 -2.22
C GLU A 243 -67.25 -19.14 -2.41
N GLY A 244 -66.29 -18.99 -1.51
CA GLY A 244 -65.05 -19.75 -1.61
C GLY A 244 -65.02 -20.99 -0.75
N LEU A 245 -65.23 -22.15 -1.36
CA LEU A 245 -65.13 -23.42 -0.66
C LEU A 245 -63.66 -23.85 -0.60
N ASP A 246 -63.40 -24.95 0.12
CA ASP A 246 -62.05 -25.45 0.24
C ASP A 246 -61.56 -26.07 -1.06
N ASN A 247 -62.46 -26.65 -1.85
CA ASN A 247 -62.08 -27.33 -3.08
C ASN A 247 -62.28 -26.47 -4.33
N GLY A 248 -63.22 -25.54 -4.32
CA GLY A 248 -63.46 -24.74 -5.51
C GLY A 248 -64.40 -23.59 -5.21
N VAL A 249 -64.30 -22.57 -6.04
CA VAL A 249 -65.11 -21.36 -5.93
C VAL A 249 -66.45 -21.58 -6.63
N ILE A 250 -67.53 -21.21 -5.96
CA ILE A 250 -68.88 -21.34 -6.50
C ILE A 250 -69.45 -19.93 -6.64
N LEU A 251 -69.85 -19.58 -7.87
CA LEU A 251 -70.42 -18.28 -8.17
C LEU A 251 -71.92 -18.45 -8.43
N HIS A 252 -72.72 -17.67 -7.70
CA HIS A 252 -74.16 -17.60 -7.90
C HIS A 252 -74.47 -16.30 -8.62
N LEU A 253 -75.09 -16.39 -9.79
CA LEU A 253 -75.37 -15.25 -10.62
C LEU A 253 -76.79 -14.73 -10.40
N LYS A 254 -77.06 -13.54 -10.94
CA LYS A 254 -78.39 -12.97 -10.83
C LYS A 254 -79.41 -13.74 -11.65
N SER A 255 -78.97 -14.44 -12.68
CA SER A 255 -79.88 -15.22 -13.52
C SER A 255 -80.35 -16.49 -12.82
N GLY A 256 -79.74 -16.85 -11.69
CA GLY A 256 -80.12 -18.04 -10.96
C GLY A 256 -79.21 -19.24 -11.16
N LYS A 257 -78.11 -19.09 -11.89
CA LYS A 257 -77.20 -20.19 -12.12
C LYS A 257 -76.14 -20.26 -11.04
N LYS A 258 -75.58 -21.45 -10.84
CA LYS A 258 -74.47 -21.68 -9.94
C LYS A 258 -73.37 -22.39 -10.71
N ILE A 259 -72.17 -21.79 -10.72
CA ILE A 259 -71.03 -22.32 -11.47
C ILE A 259 -69.91 -22.62 -10.48
N LYS A 260 -69.45 -23.86 -10.49
CA LYS A 260 -68.39 -24.32 -9.60
C LYS A 260 -67.11 -24.56 -10.39
N ALA A 261 -66.00 -24.01 -9.91
CA ALA A 261 -64.72 -24.19 -10.56
C ALA A 261 -63.64 -24.35 -9.50
N ASP A 262 -62.40 -24.53 -9.96
CA ASP A 262 -61.26 -24.69 -9.08
C ASP A 262 -60.48 -23.39 -8.88
N ALA A 263 -60.94 -22.29 -9.45
CA ALA A 263 -60.26 -21.01 -9.33
C ALA A 263 -61.25 -19.90 -9.65
N PHE A 264 -60.75 -18.66 -9.65
CA PHE A 264 -61.58 -17.50 -9.95
C PHE A 264 -60.67 -16.32 -10.25
N LEU A 265 -61.00 -15.58 -11.30
CA LEU A 265 -60.25 -14.40 -11.70
C LEU A 265 -61.22 -13.24 -11.87
N TRP A 266 -60.86 -12.08 -11.32
CA TRP A 266 -61.65 -10.87 -11.45
C TRP A 266 -60.93 -9.88 -12.36
N SER A 267 -61.61 -9.44 -13.41
CA SER A 267 -61.03 -8.49 -14.37
C SER A 267 -62.04 -7.41 -14.75
N ASN A 268 -62.91 -7.03 -13.83
CA ASN A 268 -63.97 -6.06 -14.10
C ASN A 268 -63.54 -4.69 -13.59
N GLY A 269 -63.10 -3.84 -14.52
CA GLY A 269 -62.79 -2.46 -14.20
C GLY A 269 -61.43 -2.29 -13.54
N ARG A 270 -61.00 -1.03 -13.48
CA ARG A 270 -59.74 -0.64 -12.87
C ARG A 270 -60.01 0.57 -11.98
N THR A 271 -59.20 0.73 -10.94
CA THR A 271 -59.35 1.83 -10.00
C THR A 271 -58.05 2.62 -9.92
N GLY A 272 -58.16 3.95 -10.04
CA GLY A 272 -56.96 4.77 -9.99
C GLY A 272 -56.30 4.73 -8.62
N ASN A 273 -54.98 4.85 -8.62
CA ASN A 273 -54.18 4.82 -7.39
C ASN A 273 -53.95 6.26 -6.94
N THR A 274 -54.99 6.86 -6.39
CA THR A 274 -54.94 8.25 -5.95
C THR A 274 -55.26 8.44 -4.47
N ASP A 275 -55.72 7.39 -3.78
CA ASP A 275 -56.05 7.53 -2.36
C ASP A 275 -54.82 7.88 -1.53
N LYS A 276 -53.69 7.23 -1.80
CA LYS A 276 -52.47 7.49 -1.06
C LYS A 276 -51.80 8.80 -1.43
N LEU A 277 -52.20 9.41 -2.55
CA LEU A 277 -51.55 10.66 -2.98
C LEU A 277 -51.92 11.82 -2.08
N GLY A 278 -53.10 11.79 -1.48
CA GLY A 278 -53.54 12.90 -0.65
C GLY A 278 -53.73 14.18 -1.43
N LEU A 279 -54.40 14.09 -2.58
CA LEU A 279 -54.58 15.24 -3.46
C LEU A 279 -55.39 16.35 -2.81
N GLU A 280 -56.14 16.06 -1.75
CA GLU A 280 -56.90 17.10 -1.06
C GLU A 280 -55.99 18.15 -0.43
N ASN A 281 -54.72 17.82 -0.19
CA ASN A 281 -53.77 18.80 0.34
C ASN A 281 -53.38 19.85 -0.68
N ILE A 282 -53.70 19.64 -1.96
CA ILE A 282 -53.38 20.60 -3.01
C ILE A 282 -54.62 21.11 -3.73
N GLY A 283 -55.78 20.52 -3.52
CA GLY A 283 -57.00 20.98 -4.15
C GLY A 283 -57.37 20.21 -5.39
N LEU A 284 -57.08 18.91 -5.41
CA LEU A 284 -57.45 18.03 -6.50
C LEU A 284 -58.36 16.92 -6.00
N LYS A 285 -59.43 16.67 -6.75
CA LYS A 285 -60.43 15.67 -6.39
C LYS A 285 -60.34 14.50 -7.35
N ALA A 286 -60.67 13.32 -6.84
CA ALA A 286 -60.70 12.09 -7.63
C ALA A 286 -62.13 11.58 -7.75
N ASN A 287 -62.47 11.08 -8.93
CA ASN A 287 -63.82 10.59 -9.18
C ASN A 287 -64.01 9.23 -8.52
N GLY A 288 -65.14 8.59 -8.81
CA GLY A 288 -65.42 7.28 -8.24
C GLY A 288 -64.44 6.21 -8.65
N ARG A 289 -63.94 6.29 -9.89
CA ARG A 289 -62.98 5.32 -10.39
C ARG A 289 -61.54 5.69 -10.06
N GLY A 290 -61.32 6.81 -9.38
CA GLY A 290 -59.98 7.21 -9.01
C GLY A 290 -59.19 7.87 -10.12
N GLN A 291 -59.84 8.37 -11.15
CA GLN A 291 -59.15 9.05 -12.24
C GLN A 291 -59.06 10.54 -11.96
N ILE A 292 -58.23 11.22 -12.75
CA ILE A 292 -57.99 12.65 -12.61
C ILE A 292 -58.41 13.34 -13.90
N GLN A 293 -59.28 14.34 -13.77
CA GLN A 293 -59.73 15.09 -14.93
C GLN A 293 -58.62 16.00 -15.44
N VAL A 294 -58.39 15.98 -16.75
CA VAL A 294 -57.35 16.80 -17.38
C VAL A 294 -57.92 17.42 -18.65
N ASP A 295 -57.27 18.50 -19.09
CA ASP A 295 -57.65 19.18 -20.32
C ASP A 295 -56.89 18.58 -21.49
N GLU A 296 -56.95 19.25 -22.65
CA GLU A 296 -56.21 18.78 -23.82
C GLU A 296 -54.70 18.87 -23.63
N HIS A 297 -54.23 19.61 -22.63
CA HIS A 297 -52.81 19.74 -22.35
C HIS A 297 -52.36 18.81 -21.23
N TYR A 298 -53.20 17.86 -20.82
CA TYR A 298 -52.89 16.93 -19.74
C TYR A 298 -52.55 17.67 -18.45
N ARG A 299 -53.26 18.77 -18.20
CA ARG A 299 -53.05 19.59 -17.02
C ARG A 299 -54.27 19.52 -16.12
N THR A 300 -54.04 19.40 -14.82
CA THR A 300 -55.12 19.36 -13.84
C THR A 300 -55.59 20.78 -13.55
N GLU A 301 -56.41 20.94 -12.51
CA GLU A 301 -56.86 22.27 -12.11
C GLU A 301 -55.69 23.13 -11.67
N VAL A 302 -54.74 22.56 -10.93
CA VAL A 302 -53.54 23.28 -10.55
C VAL A 302 -52.67 23.52 -11.77
N SER A 303 -52.12 24.73 -11.89
CA SER A 303 -51.39 25.10 -13.09
C SER A 303 -50.09 24.32 -13.25
N ASN A 304 -49.51 23.85 -12.14
CA ASN A 304 -48.22 23.16 -12.18
C ASN A 304 -48.34 21.67 -11.89
N ILE A 305 -49.55 21.11 -11.89
CA ILE A 305 -49.77 19.69 -11.64
C ILE A 305 -50.30 19.07 -12.92
N TYR A 306 -49.63 18.02 -13.39
CA TYR A 306 -49.99 17.34 -14.63
C TYR A 306 -50.12 15.85 -14.38
N ALA A 307 -51.14 15.24 -14.98
CA ALA A 307 -51.38 13.82 -14.85
C ALA A 307 -51.44 13.18 -16.22
N ALA A 308 -50.87 11.98 -16.34
CA ALA A 308 -50.83 11.27 -17.61
C ALA A 308 -50.88 9.78 -17.35
N GLY A 309 -51.23 9.03 -18.39
CA GLY A 309 -51.35 7.59 -18.28
C GLY A 309 -52.60 7.17 -17.54
N ASP A 310 -52.51 5.99 -16.92
CA ASP A 310 -53.61 5.43 -16.15
C ASP A 310 -53.91 6.28 -14.92
N TRP A 314 -59.11 5.92 -19.38
CA TRP A 314 -59.10 5.72 -20.83
C TRP A 314 -57.87 6.35 -21.45
N PRO A 315 -57.22 5.62 -22.37
CA PRO A 315 -57.56 4.27 -22.84
C PRO A 315 -56.87 3.17 -22.04
N SER A 316 -56.03 3.54 -21.06
CA SER A 316 -55.29 2.59 -20.23
C SER A 316 -54.46 1.63 -21.09
N LEU A 317 -53.77 2.19 -22.08
CA LEU A 317 -52.87 1.44 -22.96
C LEU A 317 -51.44 1.88 -22.67
N ALA A 318 -50.54 0.89 -22.58
CA ALA A 318 -49.17 1.19 -22.16
C ALA A 318 -48.49 2.13 -23.13
N SER A 319 -48.62 1.89 -24.43
CA SER A 319 -48.06 2.80 -25.43
C SER A 319 -48.77 4.15 -25.36
N ALA A 320 -50.10 4.13 -25.19
CA ALA A 320 -50.84 5.37 -25.05
C ALA A 320 -50.41 6.12 -23.79
N ALA A 321 -50.16 5.39 -22.70
CA ALA A 321 -49.68 6.02 -21.48
C ALA A 321 -48.31 6.64 -21.70
N TYR A 322 -47.42 5.94 -22.41
CA TYR A 322 -46.10 6.48 -22.72
C TYR A 322 -46.22 7.78 -23.52
N ASP A 323 -47.05 7.76 -24.55
CA ASP A 323 -47.21 8.95 -25.39
C ASP A 323 -47.86 10.10 -24.61
N GLN A 324 -48.82 9.78 -23.74
CA GLN A 324 -49.44 10.81 -22.92
C GLN A 324 -48.45 11.43 -21.95
N GLY A 325 -47.60 10.61 -21.34
CA GLY A 325 -46.58 11.15 -20.46
C GLY A 325 -45.59 12.03 -21.18
N ARG A 326 -45.15 11.61 -22.37
CA ARG A 326 -44.24 12.44 -23.14
C ARG A 326 -44.91 13.74 -23.57
N SER A 327 -46.19 13.68 -23.94
CA SER A 327 -46.92 14.89 -24.31
C SER A 327 -47.07 15.83 -23.13
N ALA A 328 -47.33 15.29 -21.94
CA ALA A 328 -47.43 16.13 -20.74
C ALA A 328 -46.08 16.78 -20.42
N ALA A 329 -45.00 16.02 -20.56
CA ALA A 329 -43.67 16.61 -20.36
C ALA A 329 -43.39 17.72 -21.37
N GLY A 330 -43.76 17.50 -22.62
CA GLY A 330 -43.58 18.54 -23.63
C GLY A 330 -44.42 19.76 -23.35
N SER A 331 -45.65 19.57 -22.86
CA SER A 331 -46.48 20.70 -22.47
C SER A 331 -45.84 21.46 -21.32
N ILE A 332 -45.24 20.75 -20.37
CA ILE A 332 -44.53 21.41 -19.28
C ILE A 332 -43.36 22.23 -19.82
N THR A 333 -42.61 21.67 -20.77
CA THR A 333 -41.46 22.34 -21.33
C THR A 333 -41.78 23.15 -22.59
N GLU A 334 -43.03 23.16 -23.02
CA GLU A 334 -43.46 23.89 -24.22
C GLU A 334 -42.63 23.50 -25.44
N SER A 337 -43.92 20.24 -28.70
CA SER A 337 -43.91 18.78 -28.78
C SER A 337 -45.20 18.19 -28.21
N TRP A 338 -46.10 19.06 -27.78
CA TRP A 338 -47.38 18.61 -27.24
C TRP A 338 -48.24 18.01 -28.35
N ARG A 339 -48.93 16.92 -28.02
CA ARG A 339 -49.83 16.26 -28.95
C ARG A 339 -50.85 15.46 -28.15
N PHE A 340 -52.14 15.73 -28.40
CA PHE A 340 -53.21 15.08 -27.66
C PHE A 340 -53.35 13.65 -28.15
N VAL A 341 -53.11 12.68 -27.26
CA VAL A 341 -53.22 11.27 -27.58
C VAL A 341 -54.70 10.93 -27.59
N ASP A 342 -55.30 10.87 -28.76
CA ASP A 342 -56.72 10.55 -28.89
C ASP A 342 -56.97 9.30 -29.72
N ASP A 343 -56.26 9.13 -30.83
CA ASP A 343 -56.42 7.96 -31.69
C ASP A 343 -55.32 6.96 -31.35
N VAL A 344 -55.69 5.87 -30.71
CA VAL A 344 -54.77 4.79 -30.35
C VAL A 344 -55.27 3.51 -31.00
N PRO A 345 -54.43 2.76 -31.71
CA PRO A 345 -54.88 1.49 -32.30
C PRO A 345 -55.19 0.47 -31.22
N THR A 346 -56.46 0.11 -31.10
CA THR A 346 -56.87 -0.83 -30.07
C THR A 346 -56.29 -2.20 -30.35
N GLY A 347 -55.62 -2.77 -29.34
CA GLY A 347 -54.98 -4.06 -29.48
C GLY A 347 -55.24 -5.00 -28.32
N ILE A 348 -55.83 -6.16 -28.61
CA ILE A 348 -56.11 -7.19 -27.61
C ILE A 348 -55.26 -8.41 -27.96
N TYR A 349 -54.43 -8.84 -27.02
CA TYR A 349 -53.46 -9.90 -27.28
C TYR A 349 -53.98 -11.26 -26.81
N THR A 350 -55.03 -11.72 -27.48
CA THR A 350 -55.51 -13.07 -27.31
C THR A 350 -54.80 -13.98 -28.31
N ILE A 351 -55.26 -15.22 -28.43
CA ILE A 351 -54.70 -16.16 -29.40
C ILE A 351 -55.79 -16.52 -30.40
N PRO A 352 -55.78 -15.95 -31.61
CA PRO A 352 -54.83 -14.98 -32.16
C PRO A 352 -55.13 -13.54 -31.73
N GLU A 353 -54.26 -12.60 -32.09
CA GLU A 353 -54.39 -11.23 -31.66
C GLU A 353 -55.49 -10.50 -32.42
N ILE A 354 -55.87 -9.34 -31.90
CA ILE A 354 -56.90 -8.49 -32.50
C ILE A 354 -56.39 -7.06 -32.48
N SER A 355 -56.57 -6.34 -33.57
CA SER A 355 -56.21 -4.93 -33.61
C SER A 355 -57.17 -4.18 -34.51
N SER A 356 -57.33 -2.89 -34.21
CA SER A 356 -58.25 -2.04 -34.96
C SER A 356 -57.78 -0.59 -34.89
N VAL A 357 -58.09 0.16 -35.94
CA VAL A 357 -57.77 1.58 -36.02
C VAL A 357 -58.81 2.25 -36.90
N GLY A 358 -59.20 3.47 -36.53
CA GLY A 358 -60.21 4.18 -37.29
C GLY A 358 -61.61 3.74 -36.95
N LYS A 359 -62.56 4.21 -37.76
CA LYS A 359 -63.97 3.94 -37.52
C LYS A 359 -64.30 2.48 -37.84
N THR A 360 -65.30 1.97 -37.13
CA THR A 360 -65.81 0.63 -37.37
C THR A 360 -66.95 0.67 -38.38
N GLU A 361 -67.49 -0.50 -38.71
CA GLU A 361 -68.57 -0.56 -39.69
C GLU A 361 -69.88 -0.03 -39.12
N ARG A 362 -70.13 -0.26 -37.83
CA ARG A 362 -71.37 0.22 -37.22
C ARG A 362 -71.43 1.74 -37.22
N GLU A 363 -70.32 2.40 -36.85
CA GLU A 363 -70.29 3.85 -36.85
C GLU A 363 -70.44 4.42 -38.25
N LEU A 364 -69.80 3.79 -39.24
CA LEU A 364 -69.93 4.25 -40.62
C LEU A 364 -71.36 4.09 -41.11
N THR A 365 -72.02 2.98 -40.76
CA THR A 365 -73.42 2.80 -41.11
C THR A 365 -74.30 3.85 -40.45
N GLN A 366 -74.04 4.15 -39.18
CA GLN A 366 -74.80 5.19 -38.48
C GLN A 366 -74.61 6.55 -39.14
N ALA A 367 -73.38 6.86 -39.55
CA ALA A 367 -73.09 8.14 -40.20
C ALA A 367 -73.40 8.14 -41.69
N LYS A 368 -73.81 6.99 -42.24
CA LYS A 368 -74.21 6.88 -43.65
C LYS A 368 -73.08 7.28 -44.60
N VAL A 369 -71.85 6.95 -44.24
CA VAL A 369 -70.70 7.24 -45.12
C VAL A 369 -70.67 6.19 -46.23
N PRO A 370 -70.58 6.60 -47.49
CA PRO A 370 -70.55 5.62 -48.58
C PRO A 370 -69.21 4.93 -48.70
N TYR A 371 -69.01 3.89 -47.89
CA TYR A 371 -67.74 3.17 -47.84
C TYR A 371 -67.86 1.82 -48.54
N GLU A 372 -66.77 1.07 -48.53
CA GLU A 372 -66.75 -0.29 -49.08
C GLU A 372 -65.73 -1.10 -48.30
N VAL A 373 -65.88 -2.43 -48.40
CA VAL A 373 -65.13 -3.37 -47.58
C VAL A 373 -64.25 -4.22 -48.48
N GLY A 374 -62.96 -4.29 -48.14
CA GLY A 374 -62.04 -5.19 -48.81
C GLY A 374 -61.47 -6.22 -47.84
N LYS A 375 -61.62 -7.50 -48.14
CA LYS A 375 -61.25 -8.56 -47.23
C LYS A 375 -60.10 -9.40 -47.78
N ALA A 376 -59.27 -9.89 -46.88
CA ALA A 376 -58.16 -10.79 -47.21
C ALA A 376 -58.05 -11.81 -46.09
N PHE A 377 -58.50 -13.03 -46.35
CA PHE A 377 -58.55 -14.07 -45.33
C PHE A 377 -57.19 -14.71 -45.17
N PHE A 378 -56.80 -14.96 -43.92
CA PHE A 378 -55.49 -15.53 -43.64
C PHE A 378 -55.40 -17.01 -43.99
N LYS A 379 -56.54 -17.67 -44.20
CA LYS A 379 -56.52 -19.09 -44.56
C LYS A 379 -55.82 -19.32 -45.90
N GLY A 380 -56.03 -18.43 -46.86
CA GLY A 380 -55.35 -18.50 -48.12
C GLY A 380 -54.01 -17.82 -48.17
N MET A 381 -53.52 -17.31 -47.04
CA MET A 381 -52.26 -16.58 -47.00
C MET A 381 -51.08 -17.54 -46.91
N ALA A 382 -50.09 -17.33 -47.77
CA ALA A 382 -48.93 -18.23 -47.81
C ALA A 382 -48.13 -18.16 -46.53
N ARG A 383 -47.79 -16.95 -46.07
CA ARG A 383 -47.01 -16.81 -44.85
C ARG A 383 -47.77 -17.33 -43.64
N ALA A 384 -49.08 -17.10 -43.60
CA ALA A 384 -49.90 -17.66 -42.54
C ALA A 384 -49.90 -19.18 -42.59
N GLN A 385 -49.93 -19.75 -43.79
CA GLN A 385 -49.86 -21.21 -43.93
C GLN A 385 -48.54 -21.74 -43.41
N ILE A 386 -47.43 -21.07 -43.72
CA ILE A 386 -46.13 -21.48 -43.20
C ILE A 386 -46.10 -21.34 -41.67
N ALA A 387 -46.76 -20.31 -41.14
CA ALA A 387 -46.81 -20.13 -39.70
C ALA A 387 -47.72 -21.15 -39.04
N VAL A 388 -48.45 -21.93 -39.83
CA VAL A 388 -49.38 -22.96 -39.35
C VAL A 388 -50.47 -22.30 -38.51
N GLU A 389 -50.72 -21.02 -38.78
CA GLU A 389 -51.81 -20.27 -38.15
C GLU A 389 -52.72 -19.79 -39.28
N LYS A 390 -53.74 -20.59 -39.58
CA LYS A 390 -54.59 -20.30 -40.75
C LYS A 390 -55.79 -19.45 -40.39
N ALA A 391 -56.22 -19.47 -39.13
CA ALA A 391 -57.37 -18.67 -38.73
C ALA A 391 -56.99 -17.20 -38.67
N GLY A 392 -57.71 -16.37 -39.42
CA GLY A 392 -57.42 -14.95 -39.45
C GLY A 392 -58.25 -14.24 -40.50
N MET A 393 -58.15 -12.92 -40.48
CA MET A 393 -58.90 -12.06 -41.40
C MET A 393 -58.34 -10.65 -41.32
N LEU A 394 -58.29 -9.99 -42.48
CA LEU A 394 -57.88 -8.58 -42.57
C LEU A 394 -58.95 -7.83 -43.35
N LYS A 395 -59.66 -6.93 -42.66
CA LYS A 395 -60.73 -6.15 -43.26
C LYS A 395 -60.30 -4.68 -43.37
N ILE A 396 -60.49 -4.09 -44.54
CA ILE A 396 -60.18 -2.69 -44.77
C ILE A 396 -61.46 -1.98 -45.19
N LEU A 397 -61.80 -0.92 -44.46
CA LEU A 397 -62.92 -0.05 -44.82
C LEU A 397 -62.37 1.16 -45.55
N PHE A 398 -62.77 1.35 -46.80
CA PHE A 398 -62.25 2.44 -47.60
C PHE A 398 -63.39 3.23 -48.21
N HIS A 399 -63.25 4.56 -48.20
CA HIS A 399 -64.24 5.43 -48.83
C HIS A 399 -64.32 5.11 -50.32
N ARG A 400 -65.54 5.02 -50.84
CA ARG A 400 -65.72 4.56 -52.21
C ARG A 400 -65.28 5.60 -53.24
N GLU A 401 -65.68 6.86 -53.05
CA GLU A 401 -65.44 7.88 -54.06
C GLU A 401 -63.99 8.36 -54.08
N THR A 402 -63.49 8.87 -52.95
CA THR A 402 -62.15 9.42 -52.87
C THR A 402 -61.09 8.38 -52.47
N LEU A 403 -61.49 7.13 -52.28
CA LEU A 403 -60.58 6.02 -51.97
C LEU A 403 -59.81 6.23 -50.68
N GLU A 404 -60.33 7.06 -49.77
CA GLU A 404 -59.70 7.25 -48.47
C GLU A 404 -60.04 6.08 -47.55
N ILE A 405 -59.11 5.77 -46.64
CA ILE A 405 -59.29 4.66 -45.71
C ILE A 405 -59.96 5.20 -44.45
N LEU A 406 -61.12 4.62 -44.11
CA LEU A 406 -61.88 5.06 -42.95
C LEU A 406 -61.81 4.09 -41.77
N GLY A 407 -61.27 2.89 -41.97
CA GLY A 407 -61.13 1.95 -40.88
C GLY A 407 -60.36 0.69 -41.28
N VAL A 408 -59.46 0.23 -40.42
CA VAL A 408 -58.68 -0.98 -40.65
C VAL A 408 -58.83 -1.88 -39.43
N HIS A 409 -59.27 -3.11 -39.66
CA HIS A 409 -59.47 -4.10 -38.60
C HIS A 409 -58.77 -5.39 -39.00
N CYS A 410 -58.09 -6.01 -38.03
CA CYS A 410 -57.41 -7.28 -38.28
C CYS A 410 -57.58 -8.19 -37.06
N PHE A 411 -57.76 -9.48 -37.34
CA PHE A 411 -57.90 -10.50 -36.30
C PHE A 411 -57.11 -11.73 -36.76
N GLY A 412 -55.88 -11.86 -36.25
CA GLY A 412 -55.05 -13.00 -36.61
C GLY A 412 -53.69 -12.90 -35.94
N TYR A 413 -52.86 -13.89 -36.26
CA TYR A 413 -51.47 -13.88 -35.79
C TYR A 413 -50.73 -12.68 -36.36
N GLN A 414 -49.91 -12.05 -35.51
CA GLN A 414 -49.19 -10.82 -35.89
C GLN A 414 -50.14 -9.74 -36.39
N ALA A 415 -51.22 -9.51 -35.65
CA ALA A 415 -52.18 -8.48 -36.05
C ALA A 415 -51.64 -7.09 -35.75
N SER A 416 -50.97 -6.93 -34.60
CA SER A 416 -50.49 -5.61 -34.20
C SER A 416 -49.45 -5.06 -35.16
N GLU A 417 -48.51 -5.90 -35.60
CA GLU A 417 -47.52 -5.45 -36.56
C GLU A 417 -48.13 -5.16 -37.92
N ILE A 418 -49.19 -5.87 -38.28
CA ILE A 418 -49.85 -5.64 -39.56
C ILE A 418 -50.59 -4.30 -39.56
N VAL A 419 -51.30 -4.01 -38.48
CA VAL A 419 -52.19 -2.84 -38.45
C VAL A 419 -51.42 -1.53 -38.59
N HIS A 420 -50.12 -1.52 -38.34
CA HIS A 420 -49.38 -0.27 -38.31
C HIS A 420 -49.20 0.32 -39.71
N ILE A 421 -49.11 -0.52 -40.74
CA ILE A 421 -49.05 -0.01 -42.11
C ILE A 421 -50.35 0.71 -42.46
N GLY A 422 -51.49 0.10 -42.13
CA GLY A 422 -52.76 0.77 -42.35
C GLY A 422 -52.91 2.05 -41.55
N GLN A 423 -52.37 2.05 -40.33
CA GLN A 423 -52.38 3.28 -39.53
C GLN A 423 -51.53 4.37 -40.18
N ALA A 424 -50.35 3.99 -40.71
CA ALA A 424 -49.48 4.96 -41.34
C ALA A 424 -50.13 5.55 -42.59
N ILE A 425 -50.79 4.71 -43.39
CA ILE A 425 -51.52 5.23 -44.54
C ILE A 425 -52.70 6.09 -44.09
N MET A 426 -53.32 5.73 -42.97
CA MET A 426 -54.46 6.48 -42.45
C MET A 426 -54.11 7.93 -42.17
N ASN A 427 -53.00 8.17 -41.46
CA ASN A 427 -52.70 9.50 -40.94
C ASN A 427 -52.36 10.51 -42.03
N GLN A 428 -52.16 10.07 -43.27
CA GLN A 428 -51.92 11.00 -44.35
C GLN A 428 -53.16 11.85 -44.62
N LYS A 429 -52.95 13.02 -45.18
CA LYS A 429 -54.00 14.03 -45.36
C LYS A 429 -54.41 14.09 -46.82
N GLY A 430 -55.73 14.12 -47.04
CA GLY A 430 -56.25 14.33 -48.38
C GLY A 430 -55.99 13.14 -49.30
N GLU A 431 -55.56 13.44 -50.52
CA GLU A 431 -55.35 12.41 -51.54
C GLU A 431 -54.23 11.45 -51.17
N ALA A 432 -53.32 11.85 -50.28
CA ALA A 432 -52.23 10.96 -49.88
C ALA A 432 -52.78 9.71 -49.20
N ASN A 433 -53.78 9.87 -48.35
CA ASN A 433 -54.44 8.73 -47.70
C ASN A 433 -55.37 8.08 -48.71
N THR A 434 -54.81 7.17 -49.50
CA THR A 434 -55.55 6.49 -50.55
C THR A 434 -55.28 4.99 -50.48
N LEU A 435 -56.29 4.20 -50.84
CA LEU A 435 -56.13 2.76 -50.88
C LEU A 435 -55.23 2.32 -52.03
N LYS A 436 -55.20 3.09 -53.12
CA LYS A 436 -54.42 2.71 -54.29
C LYS A 436 -52.93 2.62 -54.00
N TYR A 437 -52.48 3.22 -52.89
CA TYR A 437 -51.10 3.02 -52.45
C TYR A 437 -50.77 1.54 -52.36
N PHE A 438 -51.67 0.76 -51.75
CA PHE A 438 -51.42 -0.68 -51.60
C PHE A 438 -51.33 -1.40 -52.94
N ILE A 439 -51.81 -0.76 -54.02
CA ILE A 439 -51.65 -1.33 -55.35
C ILE A 439 -50.34 -0.87 -55.99
N ASN A 440 -49.87 0.32 -55.66
CA ASN A 440 -48.70 0.91 -56.30
C ASN A 440 -47.43 0.77 -55.47
N THR A 441 -47.43 -0.07 -54.44
CA THR A 441 -46.28 -0.26 -53.59
C THR A 441 -45.90 -1.73 -53.54
N THR A 442 -44.60 -2.01 -53.73
CA THR A 442 -44.09 -3.37 -53.68
C THR A 442 -43.82 -3.77 -52.24
N PHE A 443 -44.41 -4.87 -51.81
CA PHE A 443 -44.24 -5.39 -50.46
C PHE A 443 -43.22 -6.52 -50.48
N ASN A 444 -43.02 -7.13 -49.31
CA ASN A 444 -42.17 -8.31 -49.21
C ASN A 444 -43.00 -9.58 -49.37
N TYR A 445 -42.35 -10.62 -49.86
CA TYR A 445 -43.05 -11.89 -50.07
C TYR A 445 -42.10 -13.01 -49.70
N PRO A 446 -42.56 -14.01 -48.94
CA PRO A 446 -43.91 -14.16 -48.38
C PRO A 446 -44.09 -13.45 -47.04
N THR A 447 -44.95 -12.44 -47.01
CA THR A 447 -45.27 -11.74 -45.76
C THR A 447 -46.78 -11.56 -45.68
N MET A 448 -47.26 -11.42 -44.45
CA MET A 448 -48.67 -11.14 -44.23
C MET A 448 -48.99 -9.65 -44.33
N ALA A 449 -47.98 -8.80 -44.46
CA ALA A 449 -48.23 -7.42 -44.84
C ALA A 449 -48.75 -7.33 -46.27
N GLU A 450 -48.21 -8.16 -47.16
CA GLU A 450 -48.67 -8.20 -48.55
C GLU A 450 -50.13 -8.60 -48.65
N ALA A 451 -50.69 -9.23 -47.61
CA ALA A 451 -52.12 -9.50 -47.57
C ALA A 451 -52.92 -8.22 -47.79
N TYR A 452 -52.42 -7.10 -47.27
CA TYR A 452 -53.02 -5.79 -47.52
C TYR A 452 -53.32 -5.63 -49.01
N ARG A 453 -52.31 -5.88 -49.85
CA ARG A 453 -52.47 -5.79 -51.29
C ARG A 453 -53.69 -6.58 -51.75
N VAL A 454 -53.78 -7.84 -51.34
CA VAL A 454 -54.91 -8.68 -51.72
C VAL A 454 -56.21 -8.01 -51.31
N ALA A 455 -56.27 -7.57 -50.05
CA ALA A 455 -57.46 -6.89 -49.56
C ALA A 455 -57.79 -5.70 -50.44
N ALA A 456 -56.77 -4.91 -50.79
CA ALA A 456 -56.99 -3.74 -51.64
C ALA A 456 -57.63 -4.17 -52.95
N TYR A 457 -57.10 -5.24 -53.57
CA TYR A 457 -57.69 -5.72 -54.81
C TYR A 457 -59.12 -6.19 -54.57
N ASP A 458 -59.35 -6.87 -53.45
CA ASP A 458 -60.70 -7.34 -53.14
C ASP A 458 -61.65 -6.16 -52.97
N GLY A 459 -61.12 -4.97 -52.69
CA GLY A 459 -61.94 -3.78 -52.68
C GLY A 459 -62.18 -3.25 -54.07
N LEU A 460 -61.11 -3.22 -54.89
CA LEU A 460 -61.21 -2.61 -56.21
C LEU A 460 -62.14 -3.36 -57.14
N ASN A 461 -62.37 -4.64 -56.89
CA ASN A 461 -63.37 -5.38 -57.67
C ASN A 461 -64.77 -4.84 -57.41
N ARG A 462 -65.08 -4.46 -56.17
CA ARG A 462 -66.40 -3.98 -55.84
C ARG A 462 -66.68 -2.57 -56.35
N LEU A 463 -65.65 -1.85 -56.78
CA LEU A 463 -65.85 -0.52 -57.36
C LEU A 463 -66.45 -0.63 -58.75
N PHE A 464 -67.12 0.43 -59.19
CA PHE A 464 -67.74 0.46 -60.51
C PHE A 464 -67.80 1.86 -61.09
N VAL B 3 49.31 45.51 78.73
CA VAL B 3 48.11 46.29 78.44
C VAL B 3 48.35 47.22 77.26
N TYR B 4 47.46 47.16 76.27
CA TYR B 4 47.56 47.99 75.08
C TYR B 4 46.25 48.75 74.88
N ASN B 5 46.36 49.93 74.27
CA ASN B 5 45.24 50.80 74.00
C ASN B 5 45.15 51.08 72.51
N TYR B 6 43.94 51.03 71.97
CA TYR B 6 43.69 51.30 70.56
C TYR B 6 42.37 52.04 70.41
N ASP B 7 42.14 52.55 69.20
CA ASP B 7 40.87 53.22 68.93
C ASP B 7 39.76 52.22 68.65
N VAL B 8 40.02 51.25 67.79
CA VAL B 8 39.04 50.22 67.45
C VAL B 8 39.74 48.87 67.39
N VAL B 9 39.12 47.86 67.99
CA VAL B 9 39.63 46.50 68.01
C VAL B 9 38.60 45.59 67.32
N VAL B 10 39.07 44.78 66.38
CA VAL B 10 38.23 43.83 65.65
C VAL B 10 38.64 42.43 66.05
N ILE B 11 37.66 41.58 66.29
CA ILE B 11 37.88 40.18 66.66
C ILE B 11 37.56 39.32 65.46
N GLY B 12 38.47 38.42 65.11
CA GLY B 12 38.32 37.60 63.92
C GLY B 12 38.95 38.23 62.71
N THR B 13 39.81 37.47 62.02
CA THR B 13 40.58 37.98 60.89
C THR B 13 40.04 37.48 59.55
N GLY B 14 38.72 37.26 59.46
CA GLY B 14 38.11 36.87 58.21
C GLY B 14 37.89 38.07 57.31
N PRO B 15 37.11 37.89 56.23
CA PRO B 15 36.83 39.03 55.35
C PRO B 15 36.14 40.18 56.07
N ALA B 16 35.22 39.88 56.98
CA ALA B 16 34.56 40.94 57.74
C ALA B 16 35.55 41.71 58.58
N GLY B 17 36.38 41.00 59.35
CA GLY B 17 37.36 41.66 60.20
C GLY B 17 38.39 42.42 59.39
N GLU B 18 38.87 41.82 58.29
CA GLU B 18 39.85 42.49 57.44
C GLU B 18 39.29 43.77 56.85
N GLY B 19 38.07 43.70 56.32
CA GLY B 19 37.45 44.89 55.75
C GLY B 19 37.23 45.97 56.79
N ALA B 20 36.73 45.57 57.97
CA ALA B 20 36.50 46.55 59.03
C ALA B 20 37.80 47.23 59.45
N ALA B 21 38.85 46.43 59.66
CA ALA B 21 40.12 47.01 60.09
C ALA B 21 40.70 47.93 59.03
N MET B 22 40.65 47.52 57.76
CA MET B 22 41.21 48.35 56.70
C MET B 22 40.42 49.65 56.55
N ASN B 23 39.09 49.58 56.60
CA ASN B 23 38.30 50.80 56.49
C ASN B 23 38.52 51.72 57.67
N ALA B 24 38.62 51.16 58.88
CA ALA B 24 38.84 51.99 60.06
C ALA B 24 40.21 52.66 60.02
N VAL B 25 41.25 51.91 59.62
CA VAL B 25 42.58 52.51 59.56
C VAL B 25 42.68 53.50 58.41
N LYS B 26 41.85 53.34 57.37
CA LYS B 26 41.81 54.33 56.31
C LYS B 26 41.26 55.67 56.81
N ALA B 27 40.48 55.65 57.89
CA ALA B 27 39.90 56.86 58.45
C ALA B 27 40.85 57.59 59.39
N GLY B 28 42.08 57.11 59.56
CA GLY B 28 43.04 57.77 60.41
C GLY B 28 43.10 57.28 61.84
N ARG B 29 42.18 56.40 62.25
CA ARG B 29 42.19 55.87 63.61
C ARG B 29 43.28 54.81 63.76
N LYS B 30 43.39 54.27 64.97
CA LYS B 30 44.31 53.19 65.27
C LYS B 30 43.52 51.91 65.47
N VAL B 31 43.87 50.87 64.72
CA VAL B 31 43.07 49.64 64.69
C VAL B 31 43.92 48.49 65.20
N ALA B 32 43.24 47.48 65.73
CA ALA B 32 43.88 46.25 66.14
C ALA B 32 43.03 45.07 65.71
N VAL B 33 43.66 43.93 65.50
CA VAL B 33 42.97 42.71 65.07
C VAL B 33 43.37 41.56 65.99
N VAL B 34 42.38 40.75 66.36
CA VAL B 34 42.56 39.62 67.25
C VAL B 34 41.92 38.38 66.63
N ASP B 35 42.63 37.26 66.69
CA ASP B 35 42.10 35.99 66.22
C ASP B 35 42.83 34.86 66.93
N ASP B 36 42.24 33.67 66.87
CA ASP B 36 42.80 32.51 67.55
C ASP B 36 43.57 31.58 66.62
N ARG B 37 43.48 31.77 65.30
CA ARG B 37 44.22 30.92 64.38
C ARG B 37 45.71 31.25 64.40
N PRO B 38 46.56 30.25 64.15
CA PRO B 38 48.00 30.54 64.04
C PRO B 38 48.36 31.41 62.85
N GLN B 39 47.46 31.56 61.88
CA GLN B 39 47.71 32.40 60.71
C GLN B 39 46.48 33.25 60.44
N VAL B 40 46.69 34.37 59.75
CA VAL B 40 45.63 35.31 59.41
C VAL B 40 44.79 34.73 58.28
N GLY B 41 43.62 35.31 58.05
CA GLY B 41 42.78 34.90 56.95
C GLY B 41 41.37 34.50 57.35
N GLY B 42 41.22 33.86 58.50
CA GLY B 42 39.91 33.43 58.95
C GLY B 42 39.46 32.15 58.27
N ASN B 43 38.20 31.81 58.54
CA ASN B 43 37.61 30.60 57.97
C ASN B 43 37.51 30.66 56.45
N CYS B 44 37.45 31.87 55.86
CA CYS B 44 37.28 31.99 54.42
C CYS B 44 38.46 31.39 53.67
N THR B 45 39.68 31.64 54.14
CA THR B 45 40.88 31.18 53.46
C THR B 45 41.38 29.83 53.94
N HIS B 46 41.19 29.50 55.22
CA HIS B 46 41.76 28.30 55.81
C HIS B 46 40.83 27.09 55.75
N LEU B 47 39.53 27.30 55.93
CA LEU B 47 38.59 26.18 55.95
C LEU B 47 37.36 26.37 55.08
N GLY B 48 37.17 27.55 54.48
CA GLY B 48 35.95 27.82 53.74
C GLY B 48 36.13 27.98 52.25
N THR B 49 36.17 29.24 51.79
CA THR B 49 36.12 29.53 50.36
C THR B 49 37.32 28.92 49.63
N ILE B 50 38.53 29.23 50.10
CA ILE B 50 39.73 28.86 49.35
C ILE B 50 39.92 27.35 49.23
N PRO B 51 39.87 26.55 50.30
CA PRO B 51 40.12 25.11 50.14
C PRO B 51 39.06 24.40 49.31
N SER B 52 37.79 24.64 49.61
CA SER B 52 36.72 24.00 48.84
C SER B 52 36.75 24.45 47.38
N LYS B 53 37.06 25.71 47.13
CA LYS B 53 37.12 26.20 45.76
C LYS B 53 38.30 25.60 45.00
N ALA B 54 39.44 25.43 45.68
CA ALA B 54 40.57 24.76 45.05
C ALA B 54 40.23 23.32 44.72
N LEU B 55 39.54 22.64 45.64
CA LEU B 55 39.09 21.27 45.38
C LEU B 55 38.18 21.23 44.17
N ARG B 56 37.22 22.15 44.10
CA ARG B 56 36.28 22.18 42.98
C ARG B 56 36.98 22.46 41.67
N HIS B 57 37.92 23.40 41.65
CA HIS B 57 38.62 23.73 40.41
C HIS B 57 39.51 22.58 39.96
N SER B 58 40.18 21.92 40.91
CA SER B 58 40.97 20.74 40.55
C SER B 58 40.08 19.63 40.00
N VAL B 59 38.91 19.42 40.61
CA VAL B 59 37.99 18.41 40.11
C VAL B 59 37.52 18.75 38.71
N ARG B 60 37.21 20.02 38.45
CA ARG B 60 36.78 20.43 37.12
C ARG B 60 37.89 20.23 36.09
N GLN B 61 39.13 20.58 36.45
CA GLN B 61 40.25 20.36 35.55
C GLN B 61 40.44 18.88 35.27
N ILE B 62 40.31 18.04 36.30
CA ILE B 62 40.45 16.60 36.12
C ILE B 62 39.37 16.07 35.18
N MET B 63 38.13 16.53 35.37
CA MET B 63 37.03 16.10 34.52
C MET B 63 37.25 16.51 33.08
N GLN B 64 37.68 17.77 32.87
CA GLN B 64 37.92 18.24 31.50
C GLN B 64 39.06 17.47 30.85
N TYR B 65 40.14 17.20 31.60
CA TYR B 65 41.25 16.43 31.06
C TYR B 65 40.81 15.02 30.69
N ASN B 66 40.01 14.38 31.56
CA ASN B 66 39.54 13.02 31.26
C ASN B 66 38.63 12.99 30.05
N ASN B 67 37.75 13.99 29.91
CA ASN B 67 36.78 14.01 28.82
C ASN B 67 37.33 14.67 27.55
N ASN B 68 38.55 15.22 27.59
CA ASN B 68 39.12 15.82 26.39
C ASN B 68 39.78 14.74 25.55
N PRO B 69 39.36 14.56 24.29
CA PRO B 69 40.02 13.55 23.44
C PRO B 69 41.49 13.83 23.19
N LEU B 70 41.91 15.10 23.20
CA LEU B 70 43.29 15.44 22.88
C LEU B 70 44.27 14.76 23.82
N PHE B 71 43.90 14.64 25.10
CA PHE B 71 44.75 13.98 26.09
C PHE B 71 44.52 12.48 26.17
N ARG B 72 43.59 11.93 25.39
CA ARG B 72 43.39 10.49 25.41
C ARG B 72 44.49 9.74 24.68
N GLN B 73 45.25 10.41 23.81
CA GLN B 73 46.39 9.77 23.18
C GLN B 73 47.50 9.48 24.18
N ILE B 74 47.52 10.21 25.30
CA ILE B 74 48.49 9.94 26.36
C ILE B 74 48.23 8.56 26.95
N GLY B 75 46.96 8.22 27.19
CA GLY B 75 46.63 6.92 27.72
C GLY B 75 45.16 6.85 28.07
N GLU B 76 44.78 5.73 28.68
CA GLU B 76 43.41 5.56 29.13
C GLU B 76 43.11 6.48 30.31
N PRO B 77 41.84 6.83 30.53
CA PRO B 77 41.50 7.69 31.67
C PRO B 77 41.97 7.10 32.98
N ARG B 78 42.56 7.95 33.82
CA ARG B 78 43.14 7.55 35.09
C ARG B 78 42.57 8.42 36.20
N TRP B 79 42.18 7.77 37.30
CA TRP B 79 41.68 8.50 38.45
C TRP B 79 42.82 9.12 39.24
N PHE B 80 42.47 10.03 40.14
CA PHE B 80 43.43 10.75 40.97
C PHE B 80 43.05 10.62 42.43
N SER B 81 44.05 10.42 43.29
CA SER B 81 43.82 10.32 44.72
C SER B 81 43.38 11.66 45.29
N PHE B 82 42.59 11.60 46.36
CA PHE B 82 42.08 12.81 46.99
C PHE B 82 43.21 13.68 47.52
N ALA B 83 44.27 13.07 48.02
CA ALA B 83 45.40 13.83 48.53
C ALA B 83 46.06 14.65 47.43
N ASP B 84 46.24 14.05 46.25
CA ASP B 84 46.83 14.78 45.14
C ASP B 84 45.95 15.94 44.71
N VAL B 85 44.63 15.74 44.71
CA VAL B 85 43.70 16.81 44.35
C VAL B 85 43.78 17.95 45.36
N LEU B 86 43.85 17.61 46.66
CA LEU B 86 43.86 18.64 47.69
C LEU B 86 45.22 19.32 47.80
N LYS B 87 46.28 18.69 47.28
CA LYS B 87 47.62 19.26 47.38
C LYS B 87 47.74 20.64 46.74
N SER B 88 46.92 20.94 45.74
CA SER B 88 47.03 22.21 45.05
C SER B 88 46.62 23.40 45.92
N ALA B 89 45.85 23.16 46.99
CA ALA B 89 45.32 24.26 47.78
C ALA B 89 46.36 24.89 48.71
N GLU B 90 47.43 24.16 49.02
CA GLU B 90 48.39 24.67 50.01
C GLU B 90 49.12 25.90 49.50
N GLN B 91 49.54 25.89 48.23
CA GLN B 91 50.22 27.07 47.68
C GLN B 91 49.28 28.26 47.62
N VAL B 92 48.01 28.03 47.28
CA VAL B 92 47.05 29.12 47.19
C VAL B 92 46.80 29.74 48.57
N ILE B 93 46.60 28.89 49.58
CA ILE B 93 46.34 29.41 50.92
C ILE B 93 47.58 30.11 51.47
N ALA B 94 48.78 29.59 51.18
CA ALA B 94 50.00 30.26 51.62
C ALA B 94 50.14 31.62 50.97
N LYS B 95 49.87 31.71 49.67
CA LYS B 95 49.94 33.00 48.99
C LYS B 95 48.92 33.98 49.54
N GLN B 96 47.70 33.50 49.79
CA GLN B 96 46.66 34.39 50.31
C GLN B 96 47.01 34.90 51.72
N VAL B 97 47.50 34.02 52.59
CA VAL B 97 47.85 34.46 53.94
C VAL B 97 49.04 35.40 53.90
N SER B 98 50.00 35.16 53.00
CA SER B 98 51.12 36.08 52.86
C SER B 98 50.64 37.45 52.40
N SER B 99 49.71 37.48 51.43
CA SER B 99 49.19 38.75 50.93
C SER B 99 48.43 39.49 52.03
N ARG B 100 47.63 38.78 52.81
CA ARG B 100 46.87 39.44 53.87
C ARG B 100 47.79 39.95 54.98
N THR B 101 48.81 39.18 55.33
CA THR B 101 49.78 39.66 56.31
C THR B 101 50.51 40.89 55.80
N GLY B 102 50.86 40.91 54.51
CA GLY B 102 51.46 42.09 53.93
C GLY B 102 50.53 43.29 53.96
N TYR B 103 49.25 43.06 53.68
CA TYR B 103 48.25 44.14 53.76
C TYR B 103 48.21 44.72 55.17
N TYR B 104 48.18 43.85 56.17
CA TYR B 104 48.16 44.33 57.56
C TYR B 104 49.45 45.06 57.92
N ALA B 105 50.60 44.53 57.51
CA ALA B 105 51.87 45.11 57.92
C ALA B 105 52.12 46.46 57.25
N ARG B 106 51.70 46.61 56.00
CA ARG B 106 51.97 47.85 55.27
C ARG B 106 51.23 49.03 55.90
N ASN B 107 50.13 48.77 56.59
CA ASN B 107 49.39 49.81 57.28
C ASN B 107 49.71 49.89 58.77
N ARG B 108 50.70 49.12 59.24
CA ARG B 108 51.08 49.08 60.65
C ARG B 108 49.89 48.68 61.53
N ILE B 109 49.40 47.47 61.29
CA ILE B 109 48.24 46.92 62.00
C ILE B 109 48.74 45.88 62.99
N ASP B 110 48.39 46.07 64.26
CA ASP B 110 48.81 45.14 65.30
C ASP B 110 47.91 43.91 65.33
N THR B 111 48.54 42.73 65.40
CA THR B 111 47.83 41.47 65.43
C THR B 111 48.15 40.72 66.71
N PHE B 112 47.18 39.93 67.18
CA PHE B 112 47.33 39.13 68.39
C PHE B 112 46.70 37.77 68.13
N PHE B 113 47.51 36.71 68.18
CA PHE B 113 47.07 35.38 67.77
C PHE B 113 46.66 34.55 68.98
N GLY B 114 45.52 34.93 69.55
CA GLY B 114 45.00 34.22 70.71
C GLY B 114 43.51 34.39 70.84
N THR B 115 42.90 33.47 71.59
CA THR B 115 41.47 33.53 71.84
C THR B 115 41.12 34.79 72.61
N ALA B 116 40.08 35.49 72.16
CA ALA B 116 39.66 36.74 72.77
C ALA B 116 38.46 36.50 73.68
N SER B 117 38.51 37.09 74.88
CA SER B 117 37.44 36.99 75.85
C SER B 117 37.10 38.38 76.36
N PHE B 118 35.82 38.57 76.70
CA PHE B 118 35.36 39.89 77.15
C PHE B 118 35.50 40.01 78.66
N CYS B 119 35.89 41.21 79.09
CA CYS B 119 35.99 41.54 80.51
C CYS B 119 34.95 42.57 80.93
N ASP B 120 34.84 43.68 80.20
CA ASP B 120 33.82 44.68 80.46
C ASP B 120 33.46 45.33 79.13
N GLU B 121 32.80 46.49 79.20
CA GLU B 121 32.33 47.17 77.98
C GLU B 121 33.46 47.70 77.11
N HIS B 122 34.66 47.88 77.66
CA HIS B 122 35.76 48.43 76.89
C HIS B 122 37.07 47.66 77.06
N THR B 123 37.07 46.53 77.75
CA THR B 123 38.28 45.78 78.03
C THR B 123 38.12 44.32 77.61
N ILE B 124 39.16 43.77 77.00
CA ILE B 124 39.18 42.36 76.61
C ILE B 124 40.52 41.76 77.02
N GLU B 125 40.53 40.44 77.14
CA GLU B 125 41.74 39.67 77.41
C GLU B 125 41.98 38.71 76.26
N VAL B 126 43.17 38.76 75.69
CA VAL B 126 43.58 37.82 74.65
C VAL B 126 44.51 36.80 75.29
N VAL B 127 44.22 35.52 75.06
CA VAL B 127 44.94 34.40 75.68
C VAL B 127 45.41 33.48 74.56
N HIS B 128 46.73 33.42 74.39
CA HIS B 128 47.33 32.48 73.43
C HIS B 128 47.46 31.09 74.05
N LEU B 129 47.82 30.13 73.20
CA LEU B 129 48.00 28.76 73.64
C LEU B 129 49.14 28.63 74.64
N ASN B 130 50.25 29.34 74.41
CA ASN B 130 51.40 29.22 75.29
C ASN B 130 51.14 29.86 76.66
N GLY B 131 50.31 30.90 76.71
CA GLY B 131 50.09 31.61 77.95
C GLY B 131 50.13 33.12 77.87
N MET B 132 50.08 33.70 76.67
CA MET B 132 49.87 35.15 76.58
C MET B 132 48.61 35.51 77.36
N VAL B 133 48.70 36.56 78.17
CA VAL B 133 47.52 37.13 78.80
C VAL B 133 47.61 38.64 78.66
N GLU B 134 47.07 39.16 77.56
CA GLU B 134 47.26 40.56 77.21
C GLU B 134 45.92 41.29 77.33
N THR B 135 45.92 42.42 78.03
CA THR B 135 44.71 43.19 78.22
C THR B 135 44.64 44.32 77.20
N LEU B 136 43.56 44.36 76.43
CA LEU B 136 43.39 45.33 75.36
C LEU B 136 42.19 46.21 75.66
N VAL B 137 42.36 47.53 75.50
CA VAL B 137 41.30 48.50 75.72
C VAL B 137 41.13 49.31 74.43
N ALA B 138 39.90 49.39 73.94
CA ALA B 138 39.60 50.13 72.74
C ALA B 138 38.28 50.89 72.90
N LYS B 139 38.18 52.01 72.19
CA LYS B 139 36.94 52.79 72.22
C LYS B 139 35.84 52.16 71.37
N GLN B 140 36.22 51.49 70.28
CA GLN B 140 35.26 50.87 69.38
C GLN B 140 35.58 49.38 69.24
N PHE B 141 34.55 48.57 69.09
CA PHE B 141 34.70 47.13 69.00
C PHE B 141 33.95 46.60 67.79
N VAL B 142 34.56 45.65 67.09
CA VAL B 142 33.94 44.96 65.96
C VAL B 142 34.04 43.46 66.22
N ILE B 143 32.91 42.77 66.10
CA ILE B 143 32.83 41.33 66.31
C ILE B 143 32.68 40.67 64.95
N ALA B 144 33.70 39.93 64.53
CA ALA B 144 33.69 39.18 63.27
C ALA B 144 34.23 37.77 63.49
N THR B 145 33.72 37.12 64.53
CA THR B 145 34.19 35.79 64.90
C THR B 145 33.62 34.68 64.03
N GLY B 146 32.80 35.02 63.05
CA GLY B 146 32.35 34.01 62.10
C GLY B 146 31.43 32.98 62.75
N SER B 147 31.57 31.74 62.32
CA SER B 147 30.73 30.65 62.80
C SER B 147 31.50 29.34 62.66
N ARG B 148 30.86 28.25 63.07
CA ARG B 148 31.42 26.91 63.02
C ARG B 148 30.33 25.97 62.53
N PRO B 149 30.71 24.80 62.01
CA PRO B 149 29.70 23.82 61.63
C PRO B 149 28.88 23.38 62.84
N TYR B 150 27.57 23.22 62.62
CA TYR B 150 26.69 22.80 63.70
C TYR B 150 26.94 21.33 64.01
N ARG B 151 27.10 21.02 65.29
CA ARG B 151 27.42 19.66 65.73
C ARG B 151 26.35 19.14 66.68
N PRO B 152 25.40 18.34 66.20
CA PRO B 152 24.44 17.71 67.11
C PRO B 152 25.12 16.72 68.05
N ALA B 153 24.57 16.60 69.25
CA ALA B 153 25.18 15.75 70.27
C ALA B 153 25.13 14.29 69.89
N ASP B 154 24.02 13.83 69.29
CA ASP B 154 23.81 12.42 69.02
C ASP B 154 24.62 11.91 67.83
N VAL B 155 25.53 12.70 67.27
CA VAL B 155 26.37 12.30 66.15
C VAL B 155 27.80 12.19 66.65
N ASP B 156 28.39 11.01 66.48
CA ASP B 156 29.77 10.75 66.93
C ASP B 156 30.72 11.33 65.88
N PHE B 157 31.01 12.63 66.01
CA PHE B 157 31.95 13.28 65.11
C PHE B 157 33.38 12.84 65.34
N THR B 158 33.67 12.20 66.48
CA THR B 158 35.01 11.69 66.74
C THR B 158 35.31 10.43 65.94
N HIS B 159 34.31 9.83 65.32
CA HIS B 159 34.54 8.64 64.51
C HIS B 159 35.38 9.01 63.29
N PRO B 160 36.35 8.18 62.92
CA PRO B 160 37.21 8.51 61.77
C PRO B 160 36.47 8.57 60.45
N ARG B 161 35.29 7.98 60.35
CA ARG B 161 34.53 7.94 59.11
C ARG B 161 33.39 8.95 59.06
N ILE B 162 33.31 9.85 60.03
CA ILE B 162 32.29 10.89 60.07
C ILE B 162 33.00 12.24 60.07
N TYR B 163 32.59 13.12 59.16
CA TYR B 163 33.22 14.42 58.99
C TYR B 163 32.17 15.52 58.92
N ASP B 164 32.63 16.74 59.10
CA ASP B 164 31.83 17.95 58.91
C ASP B 164 32.44 18.79 57.79
N SER B 165 31.92 20.01 57.61
CA SER B 165 32.41 20.87 56.55
C SER B 165 33.86 21.29 56.76
N ASP B 166 34.41 21.10 57.96
CA ASP B 166 35.79 21.44 58.26
C ASP B 166 36.73 20.24 58.21
N THR B 167 36.38 19.15 58.92
CA THR B 167 37.24 17.97 58.98
C THR B 167 37.23 17.17 57.68
N ILE B 168 36.36 17.50 56.72
CA ILE B 168 36.31 16.75 55.47
C ILE B 168 37.63 16.86 54.72
N LEU B 169 38.33 17.99 54.87
CA LEU B 169 39.64 18.15 54.23
C LEU B 169 40.68 17.20 54.81
N SER B 170 40.43 16.62 55.98
CA SER B 170 41.34 15.66 56.57
C SER B 170 41.31 14.30 55.87
N LEU B 171 40.40 14.11 54.93
CA LEU B 171 40.31 12.85 54.20
C LEU B 171 41.63 12.55 53.49
N GLY B 172 42.06 11.29 53.59
CA GLY B 172 43.32 10.89 53.00
C GLY B 172 43.17 10.10 51.72
N HIS B 173 42.08 9.33 51.61
CA HIS B 173 41.82 8.51 50.44
C HIS B 173 40.41 8.79 49.93
N THR B 174 40.23 8.63 48.63
CA THR B 174 38.94 8.88 48.01
C THR B 174 37.98 7.73 48.34
N PRO B 175 36.86 8.00 49.01
CA PRO B 175 35.91 6.93 49.30
C PRO B 175 35.17 6.46 48.06
N ARG B 176 34.76 5.20 48.08
CA ARG B 176 33.95 4.68 46.98
C ARG B 176 32.52 5.19 47.05
N ARG B 177 31.97 5.28 48.26
CA ARG B 177 30.63 5.81 48.48
C ARG B 177 30.68 6.89 49.55
N LEU B 178 29.67 7.77 49.54
CA LEU B 178 29.63 8.89 50.47
C LEU B 178 28.18 9.28 50.71
N ILE B 179 27.92 9.76 51.92
CA ILE B 179 26.61 10.28 52.30
C ILE B 179 26.78 11.73 52.75
N ILE B 180 25.98 12.62 52.18
CA ILE B 180 26.00 14.03 52.54
C ILE B 180 24.62 14.41 53.08
N TYR B 181 24.60 15.01 54.25
CA TYR B 181 23.37 15.44 54.89
C TYR B 181 23.24 16.96 54.82
N GLY B 182 22.03 17.43 54.52
CA GLY B 182 21.79 18.84 54.37
C GLY B 182 21.96 19.30 52.94
N ALA B 183 20.94 19.95 52.37
CA ALA B 183 20.97 20.43 51.00
C ALA B 183 21.37 21.90 50.91
N GLY B 184 22.22 22.35 51.81
CA GLY B 184 22.68 23.72 51.78
C GLY B 184 23.68 23.97 50.67
N VAL B 185 24.20 25.20 50.65
CA VAL B 185 25.19 25.57 49.64
C VAL B 185 26.43 24.70 49.77
N ILE B 186 26.92 24.55 51.01
CA ILE B 186 28.12 23.75 51.25
C ILE B 186 27.86 22.29 50.86
N GLY B 187 26.71 21.76 51.24
CA GLY B 187 26.40 20.37 50.91
C GLY B 187 26.32 20.13 49.41
N CYS B 188 25.63 21.02 48.70
CA CYS B 188 25.53 20.88 47.25
C CYS B 188 26.90 21.01 46.59
N GLU B 189 27.72 21.97 47.04
CA GLU B 189 29.05 22.14 46.47
C GLU B 189 29.90 20.90 46.66
N TYR B 190 29.90 20.33 47.88
CA TYR B 190 30.69 19.14 48.13
C TYR B 190 30.14 17.93 47.37
N ALA B 191 28.81 17.84 47.24
CA ALA B 191 28.23 16.76 46.45
C ALA B 191 28.69 16.86 45.00
N SER B 192 28.69 18.06 44.44
CA SER B 192 29.16 18.23 43.07
C SER B 192 30.64 17.87 42.95
N ILE B 193 31.45 18.30 43.92
CA ILE B 193 32.88 18.02 43.85
C ILE B 193 33.14 16.52 43.91
N PHE B 194 32.49 15.82 44.84
CA PHE B 194 32.72 14.39 44.98
C PHE B 194 32.12 13.60 43.83
N SER B 195 31.03 14.09 43.22
CA SER B 195 30.52 13.47 42.01
C SER B 195 31.50 13.63 40.87
N GLY B 196 32.12 14.82 40.75
CA GLY B 196 33.15 15.01 39.75
C GLY B 196 34.35 14.11 39.96
N LEU B 197 34.71 13.87 41.23
CA LEU B 197 35.80 12.95 41.53
C LEU B 197 35.46 11.51 41.16
N GLY B 198 34.17 11.17 41.06
CA GLY B 198 33.77 9.82 40.74
C GLY B 198 33.34 9.02 41.94
N VAL B 199 32.60 9.66 42.85
CA VAL B 199 32.13 9.02 44.07
C VAL B 199 30.60 9.03 44.06
N LEU B 200 30.00 7.85 44.25
CA LEU B 200 28.55 7.74 44.34
C LEU B 200 28.11 8.31 45.68
N VAL B 201 27.64 9.55 45.67
CA VAL B 201 27.24 10.26 46.88
C VAL B 201 25.73 10.43 46.89
N ASP B 202 25.11 10.10 48.02
CA ASP B 202 23.65 10.12 48.18
C ASP B 202 23.30 11.37 49.00
N LEU B 203 23.05 12.47 48.30
CA LEU B 203 22.68 13.72 48.96
C LEU B 203 21.32 13.58 49.61
N ILE B 204 21.19 14.10 50.83
CA ILE B 204 19.95 14.03 51.60
C ILE B 204 19.47 15.45 51.86
N ASP B 205 18.18 15.68 51.66
CA ASP B 205 17.57 16.99 51.81
C ASP B 205 16.41 16.92 52.80
N ASN B 206 16.28 17.95 53.64
CA ASN B 206 15.14 18.04 54.54
C ASN B 206 13.89 18.55 53.86
N ARG B 207 14.03 19.23 52.74
CA ARG B 207 12.91 19.77 51.97
C ARG B 207 12.66 18.89 50.74
N ASP B 208 11.70 19.31 49.92
CA ASP B 208 11.36 18.60 48.70
C ASP B 208 12.06 19.15 47.47
N GLN B 209 12.58 20.38 47.54
CA GLN B 209 13.26 21.00 46.41
C GLN B 209 14.60 21.54 46.88
N LEU B 210 15.64 21.28 46.10
CA LEU B 210 16.97 21.79 46.44
C LEU B 210 17.02 23.30 46.24
N LEU B 211 17.50 24.01 47.26
CA LEU B 211 17.65 25.46 47.22
C LEU B 211 16.32 26.13 46.84
N SER B 212 15.34 25.98 47.73
CA SER B 212 14.01 26.54 47.47
C SER B 212 14.04 28.06 47.34
N PHE B 213 15.06 28.71 47.92
CA PHE B 213 15.20 30.15 47.77
C PHE B 213 15.63 30.56 46.38
N LEU B 214 16.04 29.62 45.53
CA LEU B 214 16.42 29.90 44.17
C LEU B 214 15.22 29.76 43.24
N ASP B 215 15.41 30.13 41.98
CA ASP B 215 14.35 29.97 40.98
C ASP B 215 14.08 28.49 40.75
N ASP B 216 12.82 28.18 40.44
CA ASP B 216 12.40 26.78 40.30
C ASP B 216 13.13 26.10 39.15
N GLU B 217 13.26 26.79 38.02
CA GLU B 217 13.91 26.18 36.85
C GLU B 217 15.39 25.93 37.12
N ILE B 218 16.06 26.87 37.78
CA ILE B 218 17.48 26.68 38.09
C ILE B 218 17.66 25.48 39.01
N SER B 219 16.81 25.36 40.03
CA SER B 219 16.89 24.23 40.94
C SER B 219 16.62 22.92 40.20
N ASP B 220 15.63 22.92 39.29
CA ASP B 220 15.32 21.72 38.53
C ASP B 220 16.51 21.30 37.66
N SER B 221 17.13 22.27 36.99
CA SER B 221 18.29 21.97 36.15
C SER B 221 19.45 21.44 36.99
N LEU B 222 19.70 22.05 38.14
CA LEU B 222 20.77 21.59 39.02
C LEU B 222 20.51 20.17 39.48
N SER B 223 19.27 19.87 39.89
CA SER B 223 18.93 18.53 40.34
C SER B 223 19.10 17.52 39.21
N TYR B 224 18.66 17.87 38.00
CA TYR B 224 18.81 16.96 36.87
C TYR B 224 20.29 16.68 36.58
N HIS B 225 21.12 17.73 36.60
CA HIS B 225 22.54 17.54 36.36
C HIS B 225 23.17 16.67 37.43
N LEU B 226 22.82 16.92 38.69
CA LEU B 226 23.34 16.09 39.77
C LEU B 226 22.92 14.63 39.60
N ARG B 227 21.65 14.40 39.25
CA ARG B 227 21.18 13.03 39.01
C ARG B 227 21.96 12.38 37.88
N ASN B 228 22.20 13.13 36.79
CA ASN B 228 22.99 12.62 35.68
C ASN B 228 24.45 12.46 36.03
N ASN B 229 24.89 13.00 37.17
CA ASN B 229 26.29 12.90 37.56
C ASN B 229 26.44 12.04 38.82
N ASN B 230 25.71 10.92 38.87
CA ASN B 230 25.86 9.90 39.91
C ASN B 230 25.43 10.37 41.29
N VAL B 231 24.94 11.60 41.40
CA VAL B 231 24.42 12.09 42.67
C VAL B 231 22.98 11.61 42.81
N LEU B 232 22.68 10.93 43.91
CA LEU B 232 21.34 10.43 44.19
C LEU B 232 20.69 11.36 45.21
N ILE B 233 19.65 12.07 44.80
CA ILE B 233 19.00 13.07 45.63
C ILE B 233 17.77 12.46 46.28
N ARG B 234 17.70 12.51 47.60
CA ARG B 234 16.54 12.10 48.36
C ARG B 234 15.88 13.32 49.00
N HIS B 235 14.57 13.41 48.88
CA HIS B 235 13.83 14.60 49.27
C HIS B 235 12.90 14.29 50.45
N ASN B 236 12.67 15.31 51.27
CA ASN B 236 11.77 15.22 52.42
C ASN B 236 12.22 14.12 53.38
N GLU B 237 13.44 14.27 53.90
CA GLU B 237 14.03 13.28 54.79
C GLU B 237 14.61 13.98 56.01
N GLU B 238 14.52 13.29 57.15
CA GLU B 238 15.12 13.74 58.40
C GLU B 238 15.82 12.56 59.05
N TYR B 239 17.06 12.76 59.50
CA TYR B 239 17.84 11.68 60.06
C TYR B 239 17.30 11.25 61.41
N GLU B 240 17.38 9.95 61.68
CA GLU B 240 17.01 9.40 62.98
C GLU B 240 18.21 8.94 63.78
N ARG B 241 19.18 8.29 63.14
CA ARG B 241 20.36 7.81 63.87
C ARG B 241 21.52 7.58 62.91
N VAL B 242 22.70 8.04 63.30
CA VAL B 242 23.93 7.82 62.54
C VAL B 242 24.81 6.87 63.33
N GLU B 243 25.19 5.75 62.70
CA GLU B 243 25.96 4.71 63.36
C GLU B 243 27.26 4.49 62.60
N GLY B 244 28.38 4.60 63.30
CA GLY B 244 29.68 4.34 62.70
C GLY B 244 30.06 2.87 62.82
N LEU B 245 30.74 2.37 61.80
CA LEU B 245 31.20 0.99 61.76
C LEU B 245 32.68 0.97 61.38
N ASP B 246 33.23 -0.24 61.29
CA ASP B 246 34.65 -0.38 60.99
C ASP B 246 34.95 -0.01 59.55
N ASN B 247 34.02 -0.31 58.62
CA ASN B 247 34.25 -0.09 57.20
C ASN B 247 33.38 1.01 56.61
N GLY B 248 32.35 1.47 57.31
CA GLY B 248 31.48 2.47 56.74
C GLY B 248 30.61 3.10 57.81
N VAL B 249 29.74 4.00 57.35
CA VAL B 249 28.77 4.70 58.20
C VAL B 249 27.38 4.40 57.68
N ILE B 250 26.47 4.05 58.59
CA ILE B 250 25.10 3.72 58.26
C ILE B 250 24.18 4.78 58.85
N LEU B 251 23.39 5.40 58.00
CA LEU B 251 22.41 6.41 58.41
C LEU B 251 21.02 5.81 58.33
N HIS B 252 20.30 5.85 59.44
CA HIS B 252 18.92 5.42 59.53
C HIS B 252 18.04 6.66 59.57
N LEU B 253 17.20 6.82 58.55
CA LEU B 253 16.32 7.96 58.43
C LEU B 253 15.02 7.72 59.19
N LYS B 254 14.29 8.82 59.43
CA LYS B 254 13.00 8.70 60.10
C LYS B 254 11.97 7.99 59.24
N SER B 255 12.09 8.11 57.91
CA SER B 255 11.17 7.43 57.02
C SER B 255 11.34 5.91 57.05
N GLY B 256 12.52 5.43 57.43
CA GLY B 256 12.78 4.00 57.51
C GLY B 256 13.87 3.50 56.59
N LYS B 257 14.49 4.35 55.78
CA LYS B 257 15.56 3.92 54.89
C LYS B 257 16.90 3.93 55.62
N LYS B 258 17.71 2.90 55.35
CA LYS B 258 19.04 2.78 55.93
C LYS B 258 20.05 2.79 54.79
N ILE B 259 20.99 3.74 54.84
CA ILE B 259 21.96 3.94 53.77
C ILE B 259 23.36 3.75 54.34
N LYS B 260 24.15 2.89 53.71
CA LYS B 260 25.51 2.61 54.13
C LYS B 260 26.49 3.20 53.12
N ALA B 261 27.50 3.91 53.62
CA ALA B 261 28.53 4.47 52.77
C ALA B 261 29.90 4.21 53.40
N ASP B 262 30.95 4.63 52.71
CA ASP B 262 32.31 4.54 53.23
C ASP B 262 32.77 5.83 53.90
N ALA B 263 31.88 6.82 54.01
CA ALA B 263 32.20 8.08 54.66
C ALA B 263 30.90 8.78 55.00
N PHE B 264 31.01 9.98 55.56
CA PHE B 264 29.83 10.76 55.93
C PHE B 264 30.24 12.22 56.09
N LEU B 265 29.39 13.12 55.60
CA LEU B 265 29.63 14.55 55.69
C LEU B 265 28.38 15.24 56.21
N TRP B 266 28.54 16.12 57.18
CA TRP B 266 27.44 16.90 57.75
C TRP B 266 27.58 18.35 57.30
N SER B 267 26.51 18.89 56.72
CA SER B 267 26.50 20.27 56.25
C SER B 267 25.17 20.96 56.56
N ASN B 268 24.49 20.52 57.62
CA ASN B 268 23.17 21.03 57.96
C ASN B 268 23.34 22.21 58.92
N GLY B 269 23.42 23.41 58.36
CA GLY B 269 23.43 24.63 59.16
C GLY B 269 24.77 24.94 59.80
N ARG B 270 24.86 26.13 60.41
CA ARG B 270 26.06 26.59 61.10
C ARG B 270 25.65 27.31 62.36
N THR B 271 26.54 27.31 63.35
CA THR B 271 26.28 27.94 64.64
C THR B 271 27.30 29.05 64.87
N GLY B 272 26.83 30.20 65.34
CA GLY B 272 27.72 31.32 65.55
C GLY B 272 28.78 31.00 66.58
N ASN B 273 30.00 31.47 66.30
CA ASN B 273 31.15 31.22 67.18
C ASN B 273 31.32 32.40 68.15
N THR B 274 30.34 32.54 69.03
CA THR B 274 30.34 33.62 70.00
C THR B 274 30.26 33.16 71.46
N ASP B 275 30.10 31.85 71.71
CA ASP B 275 29.98 31.38 73.09
C ASP B 275 31.26 31.64 73.88
N LYS B 276 32.41 31.41 73.26
CA LYS B 276 33.69 31.61 73.96
C LYS B 276 34.00 33.07 74.23
N LEU B 277 33.29 34.01 73.59
CA LEU B 277 33.57 35.42 73.80
C LEU B 277 33.17 35.88 75.21
N GLY B 278 32.09 35.33 75.75
CA GLY B 278 31.59 35.78 77.03
C GLY B 278 30.79 37.07 76.92
N LEU B 279 29.68 37.01 76.20
CA LEU B 279 28.87 38.21 75.98
C LEU B 279 28.15 38.67 77.23
N GLU B 280 28.14 37.85 78.29
CA GLU B 280 27.45 38.23 79.53
C GLU B 280 28.12 39.41 80.22
N ASN B 281 29.40 39.66 79.96
CA ASN B 281 30.10 40.78 80.58
C ASN B 281 29.69 42.12 80.01
N ILE B 282 28.93 42.14 78.91
CA ILE B 282 28.48 43.38 78.28
C ILE B 282 26.97 43.44 78.11
N GLY B 283 26.24 42.47 78.64
CA GLY B 283 24.80 42.46 78.50
C GLY B 283 24.27 41.89 77.20
N LEU B 284 25.15 41.49 76.29
CA LEU B 284 24.72 40.93 75.02
C LEU B 284 24.38 39.45 75.18
N LYS B 285 23.52 38.96 74.29
CA LYS B 285 23.07 37.58 74.31
C LYS B 285 23.09 37.01 72.91
N ALA B 286 23.19 35.68 72.82
CA ALA B 286 23.22 34.97 71.56
C ALA B 286 21.96 34.12 71.42
N ASN B 287 21.38 34.13 70.22
CA ASN B 287 20.16 33.38 69.96
C ASN B 287 20.49 31.89 69.84
N GLY B 288 19.48 31.09 69.47
CA GLY B 288 19.70 29.66 69.35
C GLY B 288 20.71 29.29 68.28
N ARG B 289 20.87 30.12 67.27
CA ARG B 289 21.84 29.88 66.21
C ARG B 289 23.21 30.46 66.51
N GLY B 290 23.39 31.08 67.69
CA GLY B 290 24.67 31.67 68.03
C GLY B 290 24.94 33.00 67.37
N GLN B 291 23.95 33.60 66.72
CA GLN B 291 24.12 34.86 66.04
C GLN B 291 23.90 36.03 66.99
N ILE B 292 24.30 37.22 66.54
CA ILE B 292 24.18 38.45 67.31
C ILE B 292 23.29 39.41 66.53
N GLN B 293 22.25 39.93 67.20
CA GLN B 293 21.33 40.86 66.56
C GLN B 293 21.99 42.23 66.37
N VAL B 294 21.84 42.78 65.17
CA VAL B 294 22.36 44.11 64.85
C VAL B 294 21.27 44.89 64.11
N ASP B 295 21.38 46.21 64.16
CA ASP B 295 20.44 47.09 63.49
C ASP B 295 20.94 47.38 62.07
N GLU B 296 20.32 48.37 61.41
CA GLU B 296 20.75 48.76 60.08
C GLU B 296 22.13 49.39 60.07
N HIS B 297 22.63 49.83 61.22
CA HIS B 297 23.97 50.39 61.34
C HIS B 297 25.00 49.36 61.79
N TYR B 298 24.62 48.08 61.84
CA TYR B 298 25.50 47.01 62.32
C TYR B 298 25.98 47.28 63.75
N ARG B 299 25.09 47.83 64.57
CA ARG B 299 25.37 48.12 65.96
C ARG B 299 24.65 47.13 66.86
N THR B 300 25.35 46.66 67.88
CA THR B 300 24.76 45.73 68.85
C THR B 300 23.99 46.53 69.89
N GLU B 301 23.57 45.85 70.97
CA GLU B 301 22.90 46.55 72.06
C GLU B 301 23.83 47.57 72.71
N VAL B 302 25.09 47.21 72.89
CA VAL B 302 26.09 48.16 73.37
C VAL B 302 26.39 49.17 72.27
N SER B 303 26.43 50.46 72.64
CA SER B 303 26.57 51.51 71.64
C SER B 303 27.93 51.49 70.96
N ASN B 304 28.99 51.08 71.67
CA ASN B 304 30.34 51.11 71.14
C ASN B 304 30.81 49.76 70.62
N ILE B 305 29.92 48.77 70.54
CA ILE B 305 30.28 47.42 70.11
C ILE B 305 29.49 47.09 68.85
N TYR B 306 30.20 46.66 67.81
CA TYR B 306 29.60 46.40 66.50
C TYR B 306 29.86 44.95 66.11
N ALA B 307 28.96 44.39 65.30
CA ALA B 307 29.09 43.02 64.82
C ALA B 307 28.81 42.99 63.33
N ALA B 308 29.63 42.24 62.60
CA ALA B 308 29.47 42.11 61.15
C ALA B 308 29.99 40.75 60.70
N GLY B 309 29.41 40.25 59.61
CA GLY B 309 29.85 39.01 59.03
C GLY B 309 28.97 37.81 59.32
N ASP B 310 29.60 36.64 59.48
CA ASP B 310 28.86 35.41 59.71
C ASP B 310 28.15 35.39 61.06
N VAL B 311 28.47 36.32 61.95
CA VAL B 311 27.82 36.38 63.26
C VAL B 311 26.37 36.84 63.16
N ILE B 312 25.90 37.14 61.94
CA ILE B 312 24.49 37.46 61.74
C ILE B 312 23.90 36.52 60.69
N PRO B 315 23.67 36.66 55.63
CA PRO B 315 23.61 35.69 54.53
C PRO B 315 24.78 34.70 54.56
N SER B 316 25.71 34.91 55.49
CA SER B 316 26.88 34.03 55.65
C SER B 316 27.66 33.89 54.35
N LEU B 317 27.94 35.02 53.71
CA LEU B 317 28.70 35.06 52.47
C LEU B 317 29.97 35.86 52.69
N ALA B 318 31.09 35.35 52.16
CA ALA B 318 32.39 35.95 52.41
C ALA B 318 32.46 37.38 51.90
N SER B 319 32.01 37.60 50.66
CA SER B 319 31.95 38.97 50.13
C SER B 319 30.96 39.81 50.91
N ALA B 320 29.81 39.22 51.25
CA ALA B 320 28.84 39.92 52.08
C ALA B 320 29.43 40.23 53.46
N ALA B 321 30.18 39.29 54.03
CA ALA B 321 30.83 39.55 55.31
C ALA B 321 31.84 40.68 55.21
N TYR B 322 32.63 40.70 54.14
CA TYR B 322 33.62 41.76 53.97
C TYR B 322 32.95 43.12 53.83
N ASP B 323 31.88 43.20 53.04
CA ASP B 323 31.18 44.47 52.87
C ASP B 323 30.48 44.89 54.15
N GLN B 324 29.93 43.92 54.91
CA GLN B 324 29.32 44.24 56.18
C GLN B 324 30.33 44.77 57.18
N GLY B 325 31.52 44.17 57.22
CA GLY B 325 32.57 44.69 58.08
C GLY B 325 33.01 46.09 57.70
N ARG B 326 33.16 46.34 56.40
CA ARG B 326 33.51 47.68 55.96
C ARG B 326 32.43 48.68 56.32
N SER B 327 31.16 48.30 56.15
CA SER B 327 30.06 49.19 56.52
C SER B 327 30.03 49.45 58.02
N ALA B 328 30.31 48.43 58.83
CA ALA B 328 30.37 48.63 60.27
C ALA B 328 31.50 49.57 60.65
N ALA B 329 32.66 49.42 60.00
CA ALA B 329 33.76 50.35 60.24
C ALA B 329 33.38 51.78 59.84
N GLY B 330 32.69 51.92 58.72
CA GLY B 330 32.23 53.24 58.30
C GLY B 330 31.26 53.85 59.30
N SER B 331 30.34 53.03 59.82
CA SER B 331 29.43 53.50 60.86
C SER B 331 30.20 53.92 62.11
N ILE B 332 31.26 53.19 62.45
CA ILE B 332 32.10 53.56 63.58
C ILE B 332 32.73 54.94 63.32
N THR B 333 33.25 55.14 62.12
CA THR B 333 33.93 56.39 61.79
C THR B 333 33.00 57.47 61.26
N GLU B 334 31.80 57.09 60.80
CA GLU B 334 30.81 58.04 60.26
C GLU B 334 31.41 58.90 59.15
N ASN B 335 32.12 58.24 58.22
CA ASN B 335 32.77 58.91 57.11
C ASN B 335 32.02 58.73 55.79
N ASP B 336 30.69 58.68 55.84
CA ASP B 336 29.84 58.52 54.66
C ASP B 336 30.21 57.27 53.86
N SER B 337 30.48 56.17 54.56
CA SER B 337 30.77 54.90 53.91
C SER B 337 29.89 53.76 54.44
N TRP B 338 28.77 54.09 55.07
CA TRP B 338 27.87 53.07 55.60
C TRP B 338 26.81 52.71 54.57
N ARG B 339 26.49 51.41 54.51
CA ARG B 339 25.36 50.92 53.73
C ARG B 339 24.97 49.55 54.27
N PHE B 340 23.67 49.27 54.26
CA PHE B 340 23.19 47.98 54.75
C PHE B 340 23.27 46.96 53.62
N VAL B 341 24.12 45.95 53.80
CA VAL B 341 24.33 44.92 52.79
C VAL B 341 23.11 44.00 52.83
N ASP B 342 22.18 44.20 51.92
CA ASP B 342 20.95 43.42 51.87
C ASP B 342 20.80 42.65 50.57
N ASP B 343 21.03 43.28 49.43
CA ASP B 343 20.92 42.61 48.13
C ASP B 343 22.26 41.95 47.83
N VAL B 344 22.37 40.68 48.15
CA VAL B 344 23.60 39.90 47.95
C VAL B 344 23.36 38.94 46.80
N PRO B 345 24.16 39.00 45.72
CA PRO B 345 23.98 38.07 44.61
C PRO B 345 24.28 36.64 45.06
N THR B 346 23.25 35.80 45.08
CA THR B 346 23.40 34.42 45.51
C THR B 346 24.29 33.66 44.52
N GLY B 347 25.29 32.97 45.05
CA GLY B 347 26.21 32.20 44.21
C GLY B 347 26.53 30.83 44.78
N ILE B 348 26.25 29.78 44.02
CA ILE B 348 26.52 28.40 44.41
C ILE B 348 27.58 27.85 43.46
N TYR B 349 28.73 27.47 44.02
CA TYR B 349 29.87 27.08 43.20
C TYR B 349 29.93 25.55 43.03
N THR B 350 28.85 25.01 42.46
CA THR B 350 28.83 23.62 42.05
C THR B 350 29.43 23.51 40.65
N ILE B 351 29.33 22.32 40.05
CA ILE B 351 29.79 22.10 38.69
C ILE B 351 28.56 21.75 37.84
N PRO B 352 28.04 22.67 37.03
CA PRO B 352 28.51 24.04 36.79
C PRO B 352 28.01 25.03 37.85
N GLU B 353 28.41 26.29 37.77
CA GLU B 353 28.07 27.27 38.79
C GLU B 353 26.63 27.76 38.63
N ILE B 354 26.13 28.39 39.68
CA ILE B 354 24.79 28.96 39.71
C ILE B 354 24.88 30.34 40.34
N SER B 355 24.16 31.31 39.78
CA SER B 355 24.09 32.62 40.41
C SER B 355 22.74 33.25 40.12
N SER B 356 22.35 34.17 41.00
CA SER B 356 21.06 34.84 40.90
C SER B 356 21.13 36.18 41.61
N VAL B 357 20.33 37.13 41.12
CA VAL B 357 20.23 38.45 41.71
C VAL B 357 18.82 38.98 41.47
N GLY B 358 18.25 39.61 42.48
CA GLY B 358 16.92 40.17 42.36
C GLY B 358 15.82 39.15 42.61
N LYS B 359 14.62 39.52 42.19
CA LYS B 359 13.45 38.68 42.41
C LYS B 359 13.49 37.42 41.54
N THR B 360 12.89 36.35 42.05
CA THR B 360 12.76 35.12 41.29
C THR B 360 11.41 35.08 40.58
N GLU B 361 11.10 33.93 39.98
CA GLU B 361 9.86 33.81 39.22
C GLU B 361 8.65 33.70 40.15
N ARG B 362 8.78 32.93 41.24
CA ARG B 362 7.64 32.74 42.14
C ARG B 362 7.28 34.03 42.86
N GLU B 363 8.27 34.81 43.28
CA GLU B 363 7.99 36.10 43.92
C GLU B 363 7.28 37.04 42.96
N LEU B 364 7.74 37.09 41.70
CA LEU B 364 7.09 37.94 40.71
C LEU B 364 5.65 37.50 40.46
N THR B 365 5.43 36.18 40.39
CA THR B 365 4.07 35.68 40.21
C THR B 365 3.19 36.04 41.40
N GLN B 366 3.72 35.92 42.62
CA GLN B 366 2.96 36.27 43.81
C GLN B 366 2.61 37.75 43.83
N ALA B 367 3.56 38.60 43.41
CA ALA B 367 3.35 40.04 43.40
C ALA B 367 2.58 40.51 42.17
N LYS B 368 2.28 39.61 41.23
CA LYS B 368 1.48 39.93 40.04
C LYS B 368 2.13 41.02 39.19
N VAL B 369 3.45 41.08 39.18
CA VAL B 369 4.15 42.06 38.35
C VAL B 369 4.08 41.63 36.90
N PRO B 370 3.72 42.52 35.97
CA PRO B 370 3.68 42.14 34.55
C PRO B 370 5.08 42.05 33.95
N TYR B 371 5.73 40.90 34.12
CA TYR B 371 7.09 40.70 33.64
C TYR B 371 7.10 39.80 32.42
N GLU B 372 8.31 39.58 31.90
CA GLU B 372 8.54 38.70 30.76
C GLU B 372 9.92 38.08 30.88
N VAL B 373 10.11 36.96 30.20
CA VAL B 373 11.29 36.13 30.34
C VAL B 373 12.07 36.11 29.03
N GLY B 374 13.36 36.40 29.12
CA GLY B 374 14.27 36.25 28.00
C GLY B 374 15.33 35.21 28.30
N LYS B 375 15.40 34.16 27.48
CA LYS B 375 16.28 33.03 27.73
C LYS B 375 17.38 32.96 26.68
N ALA B 376 18.58 32.57 27.13
CA ALA B 376 19.71 32.33 26.24
C ALA B 376 20.39 31.05 26.70
N PHE B 377 20.35 30.02 25.88
CA PHE B 377 20.87 28.72 26.25
C PHE B 377 22.34 28.62 25.88
N PHE B 378 23.15 28.13 26.82
CA PHE B 378 24.59 28.06 26.61
C PHE B 378 24.99 27.08 25.52
N LYS B 379 24.13 26.10 25.21
CA LYS B 379 24.46 25.14 24.16
C LYS B 379 24.69 25.82 22.82
N GLY B 380 23.98 26.92 22.56
CA GLY B 380 24.19 27.73 21.37
C GLY B 380 25.25 28.80 21.50
N MET B 381 25.92 28.88 22.66
CA MET B 381 26.92 29.91 22.89
C MET B 381 28.28 29.45 22.39
N ALA B 382 28.97 30.33 21.67
CA ALA B 382 30.27 29.99 21.11
C ALA B 382 31.28 29.71 22.21
N ARG B 383 31.30 30.54 23.26
CA ARG B 383 32.26 30.34 24.35
C ARG B 383 31.95 29.05 25.11
N ALA B 384 30.66 28.77 25.34
CA ALA B 384 30.30 27.55 26.04
C ALA B 384 30.65 26.31 25.23
N GLN B 385 30.42 26.35 23.91
CA GLN B 385 30.83 25.24 23.06
C GLN B 385 32.34 25.06 23.06
N ILE B 386 33.08 26.17 23.02
CA ILE B 386 34.53 26.09 22.89
C ILE B 386 35.16 25.69 24.22
N ALA B 387 34.46 25.91 25.34
CA ALA B 387 34.98 25.45 26.63
C ALA B 387 34.47 24.06 26.97
N VAL B 388 33.74 23.43 26.06
CA VAL B 388 33.16 22.10 26.22
C VAL B 388 32.20 22.09 27.41
N GLU B 389 31.74 23.29 27.79
CA GLU B 389 30.70 23.41 28.82
C GLU B 389 29.38 23.65 28.11
N LYS B 390 28.84 22.59 27.52
CA LYS B 390 27.62 22.69 26.73
C LYS B 390 26.40 22.96 27.60
N ALA B 391 26.31 22.36 28.77
CA ALA B 391 25.16 22.56 29.64
C ALA B 391 25.18 23.97 30.23
N GLY B 392 24.01 24.58 30.31
CA GLY B 392 23.89 25.91 30.88
C GLY B 392 22.75 26.74 30.35
N MET B 393 22.43 27.84 31.02
CA MET B 393 21.35 28.72 30.63
C MET B 393 21.54 30.08 31.27
N LEU B 394 20.88 31.09 30.70
CA LEU B 394 20.78 32.41 31.31
C LEU B 394 19.36 32.92 31.11
N LYS B 395 18.75 33.37 32.21
CA LYS B 395 17.37 33.83 32.19
C LYS B 395 17.30 35.25 32.74
N ILE B 396 16.62 36.14 32.01
CA ILE B 396 16.44 37.53 32.41
C ILE B 396 14.96 37.80 32.57
N LEU B 397 14.57 38.32 33.72
CA LEU B 397 13.20 38.74 33.97
C LEU B 397 13.13 40.26 33.85
N PHE B 398 12.35 40.75 32.89
CA PHE B 398 12.27 42.18 32.64
C PHE B 398 10.82 42.63 32.60
N HIS B 399 10.56 43.83 33.13
CA HIS B 399 9.21 44.37 33.15
C HIS B 399 8.69 44.54 31.73
N ARG B 400 7.45 44.10 31.50
CA ARG B 400 6.91 44.07 30.14
C ARG B 400 6.56 45.46 29.61
N GLU B 401 6.40 46.45 30.48
CA GLU B 401 6.05 47.80 30.05
C GLU B 401 7.23 48.76 30.17
N THR B 402 7.84 48.87 31.36
CA THR B 402 8.93 49.79 31.58
C THR B 402 10.29 49.23 31.20
N LEU B 403 10.36 47.96 30.81
CA LEU B 403 11.60 47.29 30.41
C LEU B 403 12.65 47.28 31.52
N GLU B 404 12.22 47.40 32.77
CA GLU B 404 13.14 47.35 33.90
C GLU B 404 13.41 45.91 34.30
N ILE B 405 14.68 45.61 34.54
CA ILE B 405 15.08 44.25 34.93
C ILE B 405 14.73 44.05 36.40
N LEU B 406 13.97 42.99 36.67
CA LEU B 406 13.56 42.66 38.04
C LEU B 406 14.33 41.49 38.62
N GLY B 407 15.03 40.72 37.80
CA GLY B 407 15.79 39.59 38.29
C GLY B 407 16.60 38.90 37.21
N VAL B 408 17.82 38.48 37.54
CA VAL B 408 18.70 37.79 36.61
C VAL B 408 19.14 36.48 37.26
N HIS B 409 18.96 35.38 36.53
CA HIS B 409 19.35 34.06 36.99
C HIS B 409 20.21 33.39 35.92
N CYS B 410 21.33 32.81 36.32
CA CYS B 410 22.19 32.12 35.38
C CYS B 410 22.69 30.83 36.00
N PHE B 411 22.88 29.81 35.16
CA PHE B 411 23.37 28.52 35.61
C PHE B 411 24.21 27.92 34.49
N GLY B 412 25.48 27.69 34.75
CA GLY B 412 26.35 27.12 33.75
C GLY B 412 27.79 27.52 34.03
N TYR B 413 28.53 27.72 32.93
CA TYR B 413 29.94 28.07 33.02
C TYR B 413 30.10 29.57 33.27
N GLN B 414 30.97 29.92 34.23
CA GLN B 414 31.27 31.31 34.56
C GLN B 414 30.01 32.09 34.95
N ALA B 415 29.13 31.45 35.71
CA ALA B 415 27.86 32.09 36.08
C ALA B 415 28.09 33.34 36.91
N SER B 416 28.96 33.25 37.91
CA SER B 416 29.18 34.37 38.82
C SER B 416 29.84 35.54 38.11
N GLU B 417 30.69 35.27 37.13
CA GLU B 417 31.42 36.34 36.45
C GLU B 417 30.59 37.03 35.37
N ILE B 418 29.43 36.48 35.03
CA ILE B 418 28.54 37.14 34.08
C ILE B 418 27.25 37.63 34.72
N VAL B 419 26.93 37.19 35.95
CA VAL B 419 25.78 37.76 36.64
C VAL B 419 26.02 39.22 37.00
N HIS B 420 27.28 39.65 37.01
CA HIS B 420 27.61 40.98 37.50
C HIS B 420 27.16 42.08 36.54
N ILE B 421 27.16 41.81 35.23
CA ILE B 421 26.65 42.80 34.29
C ILE B 421 25.16 43.04 34.52
N GLY B 422 24.39 41.96 34.68
CA GLY B 422 22.98 42.11 35.00
C GLY B 422 22.75 42.80 36.33
N GLN B 423 23.60 42.50 37.31
CA GLN B 423 23.50 43.18 38.60
C GLN B 423 23.75 44.68 38.45
N ALA B 424 24.76 45.05 37.66
CA ALA B 424 25.07 46.47 37.46
C ALA B 424 23.94 47.19 36.74
N ILE B 425 23.36 46.54 35.73
CA ILE B 425 22.25 47.16 35.01
C ILE B 425 21.03 47.27 35.92
N MET B 426 20.80 46.26 36.77
CA MET B 426 19.64 46.27 37.64
C MET B 426 19.70 47.41 38.65
N ASN B 427 20.89 47.69 39.19
CA ASN B 427 21.03 48.69 40.25
C ASN B 427 20.76 50.11 39.77
N GLN B 428 20.65 50.34 38.46
CA GLN B 428 20.38 51.67 37.95
C GLN B 428 18.95 52.09 38.31
N LYS B 429 18.72 53.40 38.27
CA LYS B 429 17.47 54.00 38.72
C LYS B 429 16.56 54.29 37.53
N GLY B 430 15.30 53.87 37.63
CA GLY B 430 14.30 54.24 36.64
C GLY B 430 14.64 53.74 35.25
N GLU B 431 14.53 54.65 34.27
CA GLU B 431 14.73 54.28 32.87
C GLU B 431 16.16 53.85 32.59
N ALA B 432 17.12 54.20 33.46
CA ALA B 432 18.49 53.76 33.26
C ALA B 432 18.58 52.23 33.31
N ASN B 433 17.85 51.60 34.22
CA ASN B 433 17.76 50.15 34.25
C ASN B 433 16.80 49.70 33.17
N THR B 434 17.33 49.39 31.98
CA THR B 434 16.52 49.02 30.83
C THR B 434 17.15 47.82 30.12
N LEU B 435 16.30 46.92 29.64
CA LEU B 435 16.79 45.79 28.85
C LEU B 435 17.41 46.26 27.54
N LYS B 436 16.92 47.38 27.00
CA LYS B 436 17.41 47.88 25.72
C LYS B 436 18.90 48.24 25.76
N TYR B 437 19.47 48.37 26.96
CA TYR B 437 20.91 48.57 27.05
C TYR B 437 21.67 47.43 26.39
N PHE B 438 21.19 46.19 26.55
CA PHE B 438 21.86 45.04 25.95
C PHE B 438 21.81 45.07 24.43
N ILE B 439 20.95 45.91 23.85
CA ILE B 439 20.91 46.05 22.40
C ILE B 439 21.75 47.23 21.92
N ASN B 440 21.84 48.29 22.71
CA ASN B 440 22.57 49.50 22.33
C ASN B 440 24.01 49.51 22.84
N THR B 441 24.54 48.36 23.25
CA THR B 441 25.90 48.26 23.76
C THR B 441 26.64 47.14 23.04
N THR B 442 27.88 47.41 22.66
CA THR B 442 28.71 46.43 21.98
C THR B 442 29.54 45.67 22.98
N PHE B 443 29.39 44.35 22.99
CA PHE B 443 30.15 43.47 23.87
C PHE B 443 31.35 42.90 23.10
N ASN B 444 32.10 42.03 23.77
CA ASN B 444 33.16 41.28 23.12
C ASN B 444 32.60 39.98 22.54
N TYR B 445 33.44 39.28 21.77
CA TYR B 445 32.99 38.06 21.12
C TYR B 445 34.21 37.24 20.74
N PRO B 446 34.20 35.92 20.97
CA PRO B 446 33.13 35.13 21.60
C PRO B 446 33.31 35.03 23.12
N THR B 447 32.40 35.61 23.89
CA THR B 447 32.45 35.54 25.35
C THR B 447 31.08 35.11 25.86
N MET B 448 30.96 35.07 27.19
CA MET B 448 29.70 34.72 27.83
C MET B 448 28.74 35.90 27.92
N ALA B 449 29.25 37.13 27.92
CA ALA B 449 28.38 38.31 27.96
C ALA B 449 27.51 38.40 26.72
N GLU B 450 27.97 37.83 25.60
CA GLU B 450 27.18 37.84 24.37
C GLU B 450 25.82 37.20 24.59
N ALA B 451 25.73 36.19 25.44
CA ALA B 451 24.46 35.55 25.76
C ALA B 451 23.42 36.59 26.18
N TYR B 452 23.84 37.58 26.96
CA TYR B 452 22.93 38.65 27.37
C TYR B 452 22.20 39.22 26.16
N ARG B 453 22.98 39.60 25.14
CA ARG B 453 22.39 40.13 23.92
C ARG B 453 21.32 39.19 23.39
N VAL B 454 21.68 37.91 23.22
CA VAL B 454 20.73 36.92 22.74
C VAL B 454 19.51 36.90 23.65
N ALA B 455 19.75 36.83 24.97
CA ALA B 455 18.65 36.82 25.93
C ALA B 455 17.77 38.03 25.72
N ALA B 456 18.38 39.20 25.57
CA ALA B 456 17.62 40.43 25.36
C ALA B 456 16.69 40.28 24.17
N TYR B 457 17.21 39.77 23.05
CA TYR B 457 16.37 39.59 21.88
C TYR B 457 15.28 38.57 22.15
N ASP B 458 15.62 37.49 22.87
CA ASP B 458 14.61 36.49 23.18
C ASP B 458 13.52 37.07 24.07
N GLY B 459 13.77 38.21 24.71
CA GLY B 459 12.72 38.92 25.41
C GLY B 459 11.95 39.81 24.47
N LEU B 460 12.66 40.55 23.62
CA LEU B 460 12.02 41.54 22.77
C LEU B 460 11.07 40.91 21.76
N ASN B 461 11.36 39.68 21.32
CA ASN B 461 10.42 38.98 20.44
C ASN B 461 9.13 38.63 21.18
N ARG B 462 9.22 38.32 22.48
CA ARG B 462 8.02 38.04 23.26
C ARG B 462 7.24 39.30 23.60
N LEU B 463 7.82 40.47 23.38
CA LEU B 463 7.14 41.74 23.64
C LEU B 463 6.46 42.23 22.37
N PHE B 464 5.17 42.54 22.48
CA PHE B 464 4.41 43.01 21.33
C PHE B 464 4.03 44.48 21.48
N VAL C 3 30.26 20.09 -16.76
CA VAL C 3 30.55 19.17 -17.85
C VAL C 3 30.83 17.78 -17.30
N TYR C 4 30.20 16.77 -17.89
CA TYR C 4 30.36 15.38 -17.49
C TYR C 4 30.75 14.54 -18.70
N ASN C 5 31.45 13.44 -18.43
CA ASN C 5 31.91 12.53 -19.47
C ASN C 5 31.39 11.13 -19.19
N TYR C 6 30.92 10.46 -20.23
CA TYR C 6 30.38 9.11 -20.11
C TYR C 6 30.77 8.32 -21.35
N ASP C 7 30.44 7.03 -21.35
CA ASP C 7 30.64 6.20 -22.53
C ASP C 7 29.45 6.28 -23.48
N VAL C 8 28.23 6.12 -22.95
CA VAL C 8 27.02 6.21 -23.75
C VAL C 8 26.00 7.07 -23.01
N VAL C 9 25.30 7.92 -23.76
CA VAL C 9 24.28 8.80 -23.23
C VAL C 9 23.00 8.59 -24.01
N VAL C 10 21.89 8.37 -23.31
CA VAL C 10 20.59 8.18 -23.93
C VAL C 10 19.72 9.39 -23.61
N ILE C 11 18.85 9.75 -24.55
CA ILE C 11 17.87 10.82 -24.37
C ILE C 11 16.50 10.19 -24.36
N GLY C 12 15.72 10.48 -23.31
CA GLY C 12 14.46 9.82 -23.10
C GLY C 12 14.64 8.53 -22.32
N THR C 13 13.87 8.36 -21.25
CA THR C 13 14.03 7.23 -20.34
C THR C 13 12.85 6.26 -20.42
N GLY C 14 12.16 6.25 -21.55
CA GLY C 14 11.08 5.32 -21.78
C GLY C 14 11.59 3.90 -21.94
N PRO C 15 10.74 3.00 -22.42
CA PRO C 15 11.19 1.61 -22.60
C PRO C 15 12.42 1.49 -23.50
N ALA C 16 12.47 2.27 -24.58
CA ALA C 16 13.64 2.23 -25.46
C ALA C 16 14.88 2.73 -24.74
N GLY C 17 14.79 3.91 -24.12
CA GLY C 17 15.93 4.46 -23.40
C GLY C 17 16.35 3.60 -22.23
N GLU C 18 15.37 3.08 -21.47
CA GLU C 18 15.69 2.24 -20.33
C GLU C 18 16.38 0.96 -20.78
N GLY C 19 15.86 0.32 -21.83
CA GLY C 19 16.49 -0.89 -22.33
C GLY C 19 17.90 -0.64 -22.85
N ALA C 20 18.08 0.46 -23.59
CA ALA C 20 19.42 0.78 -24.09
C ALA C 20 20.38 1.03 -22.94
N ALA C 21 19.96 1.81 -21.94
CA ALA C 21 20.84 2.10 -20.82
C ALA C 21 21.19 0.85 -20.04
N MET C 22 20.20 -0.03 -19.81
CA MET C 22 20.44 -1.24 -19.04
C MET C 22 21.37 -2.19 -19.79
N ASN C 23 21.16 -2.36 -21.10
CA ASN C 23 22.05 -3.20 -21.88
C ASN C 23 23.45 -2.61 -21.95
N ALA C 24 23.56 -1.28 -21.92
CA ALA C 24 24.86 -0.63 -21.93
C ALA C 24 25.61 -0.87 -20.62
N VAL C 25 24.95 -0.67 -19.49
CA VAL C 25 25.63 -0.86 -18.21
C VAL C 25 25.96 -2.34 -18.02
N LYS C 26 25.08 -3.24 -18.47
CA LYS C 26 25.37 -4.66 -18.39
C LYS C 26 26.65 -5.02 -19.15
N ALA C 27 26.92 -4.32 -20.25
CA ALA C 27 28.14 -4.54 -21.01
C ALA C 27 29.40 -4.02 -20.32
N GLY C 28 29.25 -3.25 -19.25
CA GLY C 28 30.38 -2.75 -18.50
C GLY C 28 30.77 -1.31 -18.77
N ARG C 29 30.08 -0.63 -19.69
CA ARG C 29 30.39 0.76 -19.98
C ARG C 29 29.75 1.67 -18.93
N LYS C 30 29.94 2.98 -19.11
CA LYS C 30 29.36 3.98 -18.24
C LYS C 30 28.21 4.66 -18.97
N VAL C 31 27.04 4.70 -18.32
CA VAL C 31 25.80 5.11 -18.98
C VAL C 31 25.26 6.36 -18.31
N ALA C 32 24.65 7.22 -19.12
CA ALA C 32 23.91 8.38 -18.61
C ALA C 32 22.57 8.46 -19.32
N VAL C 33 21.57 8.98 -18.61
CA VAL C 33 20.23 9.12 -19.15
C VAL C 33 19.77 10.57 -18.99
N VAL C 34 19.02 11.05 -19.97
CA VAL C 34 18.46 12.40 -19.97
C VAL C 34 16.98 12.31 -20.28
N ASP C 35 16.16 12.99 -19.49
CA ASP C 35 14.71 13.01 -19.72
C ASP C 35 14.15 14.31 -19.15
N ASP C 36 13.41 15.05 -19.98
CA ASP C 36 12.91 16.36 -19.58
C ASP C 36 11.78 16.29 -18.56
N ARG C 37 11.20 15.12 -18.33
CA ARG C 37 10.18 15.01 -17.29
C ARG C 37 10.82 15.03 -15.91
N PRO C 38 10.10 15.52 -14.90
CA PRO C 38 10.64 15.47 -13.54
C PRO C 38 10.82 14.07 -12.98
N GLN C 39 10.20 13.06 -13.60
CA GLN C 39 10.32 11.68 -13.15
C GLN C 39 10.63 10.78 -14.33
N VAL C 40 11.23 9.63 -14.03
CA VAL C 40 11.61 8.65 -15.05
C VAL C 40 10.38 7.84 -15.44
N GLY C 41 10.47 7.10 -16.55
CA GLY C 41 9.40 6.27 -17.06
C GLY C 41 9.03 6.57 -18.50
N GLY C 42 9.07 7.83 -18.90
CA GLY C 42 8.74 8.21 -20.26
C GLY C 42 7.24 8.27 -20.49
N ASN C 43 6.89 8.40 -21.78
CA ASN C 43 5.49 8.45 -22.16
C ASN C 43 4.77 7.14 -21.89
N CYS C 44 5.50 6.02 -21.83
CA CYS C 44 4.87 4.72 -21.63
C CYS C 44 4.16 4.65 -20.27
N THR C 45 4.79 5.20 -19.23
CA THR C 45 4.27 5.09 -17.88
C THR C 45 3.51 6.33 -17.42
N HIS C 46 3.86 7.51 -17.93
CA HIS C 46 3.29 8.75 -17.40
C HIS C 46 2.03 9.17 -18.14
N LEU C 47 2.02 9.06 -19.47
CA LEU C 47 0.90 9.55 -20.26
C LEU C 47 0.35 8.53 -21.25
N GLY C 48 1.03 7.42 -21.50
CA GLY C 48 0.62 6.50 -22.53
C GLY C 48 0.05 5.18 -22.05
N THR C 49 0.88 4.15 -22.04
CA THR C 49 0.40 2.79 -21.81
C THR C 49 -0.21 2.65 -20.41
N ILE C 50 0.53 3.04 -19.38
CA ILE C 50 0.09 2.76 -18.01
C ILE C 50 -1.22 3.45 -17.66
N PRO C 51 -1.41 4.76 -17.89
CA PRO C 51 -2.70 5.37 -17.50
C PRO C 51 -3.88 4.83 -18.27
N SER C 52 -3.76 4.70 -19.60
CA SER C 52 -4.87 4.19 -20.40
C SER C 52 -5.20 2.76 -20.04
N LYS C 53 -4.18 1.92 -19.82
CA LYS C 53 -4.44 0.54 -19.41
C LYS C 53 -5.10 0.48 -18.04
N ALA C 54 -4.68 1.33 -17.11
CA ALA C 54 -5.32 1.36 -15.80
C ALA C 54 -6.79 1.77 -15.92
N LEU C 55 -7.07 2.78 -16.75
CA LEU C 55 -8.44 3.20 -16.98
C LEU C 55 -9.27 2.07 -17.58
N ARG C 56 -8.69 1.36 -18.56
CA ARG C 56 -9.41 0.26 -19.19
C ARG C 56 -9.68 -0.87 -18.21
N HIS C 57 -8.71 -1.22 -17.37
CA HIS C 57 -8.91 -2.30 -16.41
C HIS C 57 -9.94 -1.92 -15.35
N SER C 58 -9.91 -0.66 -14.88
CA SER C 58 -10.90 -0.22 -13.93
C SER C 58 -12.29 -0.20 -14.55
N VAL C 59 -12.40 0.19 -15.83
CA VAL C 59 -13.67 0.17 -16.52
C VAL C 59 -14.19 -1.26 -16.65
N ARG C 60 -13.30 -2.20 -16.97
CA ARG C 60 -13.70 -3.60 -17.03
C ARG C 60 -14.18 -4.10 -15.67
N GLN C 61 -13.49 -3.70 -14.60
CA GLN C 61 -13.89 -4.13 -13.26
C GLN C 61 -15.25 -3.56 -12.89
N ILE C 62 -15.51 -2.29 -13.19
CA ILE C 62 -16.80 -1.69 -12.86
C ILE C 62 -17.90 -2.32 -13.73
N MET C 63 -17.58 -2.67 -14.97
CA MET C 63 -18.55 -3.35 -15.82
C MET C 63 -18.92 -4.72 -15.26
N GLN C 64 -17.91 -5.47 -14.78
CA GLN C 64 -18.18 -6.75 -14.16
C GLN C 64 -18.99 -6.60 -12.87
N TYR C 65 -18.67 -5.58 -12.07
CA TYR C 65 -19.39 -5.36 -10.82
C TYR C 65 -20.85 -5.02 -11.09
N ASN C 66 -21.10 -4.13 -12.05
CA ASN C 66 -22.47 -3.70 -12.31
C ASN C 66 -23.31 -4.82 -12.91
N ASN C 67 -22.72 -5.64 -13.78
CA ASN C 67 -23.45 -6.65 -14.53
C ASN C 67 -23.35 -8.04 -13.89
N ASN C 68 -23.29 -8.12 -12.57
CA ASN C 68 -23.24 -9.41 -11.88
C ASN C 68 -24.33 -9.45 -10.83
N PRO C 69 -25.19 -10.48 -10.82
CA PRO C 69 -26.30 -10.53 -9.85
C PRO C 69 -25.85 -10.69 -8.42
N LEU C 70 -24.61 -11.11 -8.18
CA LEU C 70 -24.14 -11.29 -6.81
C LEU C 70 -24.10 -9.96 -6.06
N PHE C 71 -23.72 -8.89 -6.75
CA PHE C 71 -23.45 -7.60 -6.14
C PHE C 71 -24.63 -6.63 -6.20
N ARG C 72 -25.78 -7.07 -6.69
CA ARG C 72 -26.94 -6.19 -6.80
C ARG C 72 -27.72 -6.11 -5.49
N PRO C 77 -27.86 -0.14 -9.54
CA PRO C 77 -26.63 0.15 -10.28
C PRO C 77 -26.17 1.59 -10.09
N ARG C 78 -24.91 1.77 -9.68
CA ARG C 78 -24.35 3.09 -9.44
C ARG C 78 -23.25 3.37 -10.46
N TRP C 79 -23.35 4.52 -11.11
CA TRP C 79 -22.29 4.97 -12.00
C TRP C 79 -21.31 5.87 -11.25
N PHE C 80 -20.06 5.87 -11.70
CA PHE C 80 -18.97 6.53 -11.01
C PHE C 80 -18.35 7.60 -11.91
N SER C 81 -17.84 8.65 -11.28
CA SER C 81 -17.27 9.77 -12.02
C SER C 81 -15.94 9.37 -12.68
N PHE C 82 -15.56 10.14 -13.69
CA PHE C 82 -14.32 9.86 -14.42
C PHE C 82 -13.10 10.04 -13.54
N ALA C 83 -13.14 11.03 -12.64
CA ALA C 83 -12.01 11.27 -11.75
C ALA C 83 -11.77 10.09 -10.82
N ASP C 84 -12.85 9.52 -10.26
CA ASP C 84 -12.70 8.42 -9.32
C ASP C 84 -12.09 7.19 -9.98
N VAL C 85 -12.57 6.84 -11.17
CA VAL C 85 -12.02 5.69 -11.87
C VAL C 85 -10.60 5.97 -12.34
N LEU C 86 -10.32 7.21 -12.73
CA LEU C 86 -8.97 7.58 -13.14
C LEU C 86 -7.97 7.52 -11.98
N LYS C 87 -8.43 7.79 -10.75
CA LYS C 87 -7.54 7.87 -9.61
C LYS C 87 -6.75 6.59 -9.37
N SER C 88 -7.26 5.44 -9.82
CA SER C 88 -6.58 4.17 -9.58
C SER C 88 -5.21 4.09 -10.25
N ALA C 89 -4.96 4.92 -11.27
CA ALA C 89 -3.69 4.86 -11.98
C ALA C 89 -2.56 5.52 -11.21
N GLU C 90 -2.88 6.36 -10.22
CA GLU C 90 -1.83 7.10 -9.51
C GLU C 90 -0.92 6.17 -8.72
N GLN C 91 -1.50 5.20 -8.01
CA GLN C 91 -0.69 4.26 -7.24
C GLN C 91 0.19 3.43 -8.17
N VAL C 92 -0.37 2.99 -9.30
CA VAL C 92 0.38 2.18 -10.24
C VAL C 92 1.56 2.97 -10.81
N ILE C 93 1.32 4.21 -11.23
CA ILE C 93 2.39 4.99 -11.82
C ILE C 93 3.45 5.34 -10.78
N ALA C 94 3.03 5.61 -9.54
CA ALA C 94 4.01 5.88 -8.48
C ALA C 94 4.88 4.67 -8.23
N LYS C 95 4.26 3.49 -8.14
CA LYS C 95 5.05 2.27 -7.94
C LYS C 95 6.00 2.03 -9.10
N GLN C 96 5.53 2.23 -10.33
CA GLN C 96 6.38 2.01 -11.49
C GLN C 96 7.55 2.97 -11.53
N VAL C 97 7.33 4.25 -11.25
CA VAL C 97 8.42 5.21 -11.29
C VAL C 97 9.40 4.96 -10.16
N SER C 98 8.91 4.58 -8.97
CA SER C 98 9.81 4.24 -7.88
C SER C 98 10.67 3.04 -8.24
N SER C 99 10.06 2.01 -8.84
CA SER C 99 10.82 0.84 -9.25
C SER C 99 11.87 1.18 -10.30
N ARG C 100 11.48 1.97 -11.30
CA ARG C 100 12.43 2.32 -12.37
C ARG C 100 13.59 3.13 -11.84
N THR C 101 13.30 4.08 -10.93
CA THR C 101 14.39 4.76 -10.23
C THR C 101 15.23 3.76 -9.45
N GLY C 102 14.61 2.68 -8.98
CA GLY C 102 15.36 1.65 -8.29
C GLY C 102 16.39 0.96 -9.18
N TYR C 103 15.96 0.51 -10.37
CA TYR C 103 16.94 -0.08 -11.28
C TYR C 103 18.00 0.93 -11.70
N TYR C 104 17.59 2.18 -11.95
CA TYR C 104 18.57 3.18 -12.36
C TYR C 104 19.61 3.43 -11.27
N ALA C 105 19.19 3.52 -10.01
CA ALA C 105 20.12 3.78 -8.93
C ALA C 105 21.00 2.57 -8.63
N ARG C 106 20.42 1.36 -8.72
CA ARG C 106 21.20 0.16 -8.41
C ARG C 106 22.33 -0.05 -9.41
N ASN C 107 22.13 0.33 -10.66
CA ASN C 107 23.15 0.19 -11.69
C ASN C 107 24.10 1.38 -11.75
N ARG C 108 23.91 2.38 -10.88
CA ARG C 108 24.75 3.57 -10.84
C ARG C 108 24.75 4.29 -12.20
N ILE C 109 23.56 4.75 -12.59
CA ILE C 109 23.37 5.48 -13.84
C ILE C 109 22.92 6.89 -13.48
N ASP C 110 23.62 7.89 -13.99
CA ASP C 110 23.29 9.27 -13.70
C ASP C 110 22.07 9.70 -14.50
N THR C 111 21.18 10.45 -13.84
CA THR C 111 19.96 10.96 -14.46
C THR C 111 20.00 12.49 -14.47
N PHE C 112 19.58 13.07 -15.58
CA PHE C 112 19.54 14.53 -15.76
C PHE C 112 18.15 14.91 -16.22
N PHE C 113 17.45 15.72 -15.42
CA PHE C 113 16.06 16.07 -15.68
C PHE C 113 16.02 17.44 -16.37
N GLY C 114 16.27 17.42 -17.67
CA GLY C 114 16.23 18.64 -18.45
C GLY C 114 16.17 18.34 -19.93
N THR C 115 15.76 19.36 -20.69
CA THR C 115 15.69 19.23 -22.14
C THR C 115 17.09 19.07 -22.73
N ALA C 116 17.21 18.17 -23.71
CA ALA C 116 18.49 17.85 -24.31
C ALA C 116 18.57 18.46 -25.71
N SER C 117 19.68 19.14 -26.00
CA SER C 117 19.93 19.73 -27.30
C SER C 117 21.36 19.41 -27.72
N PHE C 118 21.58 19.42 -29.03
CA PHE C 118 22.84 18.95 -29.60
C PHE C 118 23.82 20.11 -29.82
N CYS C 119 25.07 19.89 -29.43
CA CYS C 119 26.19 20.76 -29.78
C CYS C 119 26.93 20.26 -31.00
N ASP C 120 27.37 19.01 -30.98
CA ASP C 120 28.17 18.41 -32.05
C ASP C 120 27.94 16.91 -32.02
N GLU C 121 28.81 16.16 -32.70
CA GLU C 121 28.68 14.71 -32.75
C GLU C 121 28.92 14.04 -31.40
N HIS C 122 29.44 14.76 -30.41
CA HIS C 122 29.80 14.14 -29.14
C HIS C 122 29.37 14.96 -27.92
N THR C 123 28.52 15.97 -28.07
CA THR C 123 28.16 16.84 -26.95
C THR C 123 26.66 17.12 -26.96
N ILE C 124 26.11 17.23 -25.74
CA ILE C 124 24.70 17.55 -25.53
C ILE C 124 24.57 18.62 -24.47
N GLU C 125 23.72 19.61 -24.75
CA GLU C 125 23.33 20.63 -23.78
C GLU C 125 22.09 20.13 -23.05
N VAL C 126 22.14 20.14 -21.73
CA VAL C 126 20.98 19.82 -20.90
C VAL C 126 20.49 21.12 -20.27
N VAL C 127 19.26 21.51 -20.62
CA VAL C 127 18.64 22.74 -20.15
C VAL C 127 17.39 22.36 -19.35
N HIS C 128 17.31 22.84 -18.12
CA HIS C 128 16.18 22.53 -17.25
C HIS C 128 15.19 23.67 -17.22
N LEU C 129 14.22 23.57 -16.30
CA LEU C 129 13.22 24.62 -16.15
C LEU C 129 13.77 25.81 -15.38
N ASN C 130 14.63 25.59 -14.39
CA ASN C 130 15.07 26.63 -13.47
C ASN C 130 16.45 27.19 -13.82
N GLY C 131 16.85 27.12 -15.09
CA GLY C 131 18.14 27.65 -15.45
C GLY C 131 19.32 26.74 -15.20
N MET C 132 19.10 25.53 -14.68
CA MET C 132 20.12 24.49 -14.70
C MET C 132 20.65 24.30 -16.12
N VAL C 133 21.96 24.43 -16.27
CA VAL C 133 22.62 24.26 -17.55
C VAL C 133 23.78 23.28 -17.38
N GLU C 134 23.79 22.22 -18.17
CA GLU C 134 24.83 21.20 -18.08
C GLU C 134 25.29 20.80 -19.48
N THR C 135 26.51 20.26 -19.55
CA THR C 135 27.09 19.78 -20.80
C THR C 135 27.55 18.35 -20.59
N LEU C 136 27.13 17.46 -21.50
CA LEU C 136 27.47 16.04 -21.42
C LEU C 136 28.23 15.65 -22.68
N VAL C 137 29.25 14.82 -22.50
CA VAL C 137 30.06 14.33 -23.61
C VAL C 137 30.18 12.82 -23.50
N ALA C 138 29.86 12.11 -24.58
CA ALA C 138 29.96 10.67 -24.60
C ALA C 138 30.31 10.21 -26.01
N LYS C 139 30.89 9.02 -26.10
CA LYS C 139 31.29 8.49 -27.40
C LYS C 139 30.09 7.97 -28.18
N GLN C 140 29.08 7.44 -27.49
CA GLN C 140 27.92 6.85 -28.13
C GLN C 140 26.65 7.51 -27.61
N PHE C 141 25.71 7.75 -28.53
CA PHE C 141 24.48 8.47 -28.23
C PHE C 141 23.28 7.65 -28.68
N VAL C 142 22.25 7.61 -27.85
CA VAL C 142 21.01 6.90 -28.14
C VAL C 142 19.86 7.90 -28.09
N ILE C 143 19.05 7.94 -29.14
CA ILE C 143 17.95 8.88 -29.26
C ILE C 143 16.66 8.09 -29.04
N ALA C 144 15.98 8.38 -27.94
CA ALA C 144 14.70 7.74 -27.62
C ALA C 144 13.71 8.79 -27.13
N THR C 145 13.63 9.90 -27.86
CA THR C 145 12.78 11.02 -27.46
C THR C 145 11.29 10.74 -27.66
N GLY C 146 10.92 9.53 -28.06
CA GLY C 146 9.51 9.16 -28.13
C GLY C 146 8.75 9.96 -29.18
N SER C 147 7.49 10.23 -28.88
CA SER C 147 6.60 10.93 -29.80
C SER C 147 5.55 11.67 -29.00
N ARG C 148 4.82 12.54 -29.69
CA ARG C 148 3.79 13.37 -29.11
C ARG C 148 2.56 13.30 -30.00
N PRO C 149 1.38 13.59 -29.46
CA PRO C 149 0.17 13.64 -30.30
C PRO C 149 0.31 14.70 -31.38
N TYR C 150 -0.18 14.38 -32.58
CA TYR C 150 -0.13 15.33 -33.68
C TYR C 150 -1.23 16.37 -33.53
N ARG C 151 -0.87 17.64 -33.62
CA ARG C 151 -1.82 18.74 -33.42
C ARG C 151 -1.91 19.59 -34.68
N PRO C 152 -2.95 19.43 -35.49
CA PRO C 152 -3.14 20.31 -36.65
C PRO C 152 -3.43 21.74 -36.20
N ALA C 153 -3.05 22.69 -37.06
CA ALA C 153 -3.15 24.10 -36.71
C ALA C 153 -4.61 24.54 -36.54
N ASP C 154 -5.51 24.05 -37.39
CA ASP C 154 -6.89 24.51 -37.41
C ASP C 154 -7.73 23.96 -36.26
N VAL C 155 -7.13 23.28 -35.29
CA VAL C 155 -7.85 22.76 -34.13
C VAL C 155 -7.37 23.52 -32.90
N ASP C 156 -8.32 24.12 -32.18
CA ASP C 156 -8.02 24.91 -30.99
C ASP C 156 -7.89 23.96 -29.80
N PHE C 157 -6.66 23.48 -29.57
CA PHE C 157 -6.40 22.61 -28.43
C PHE C 157 -6.53 23.35 -27.10
N THR C 158 -6.42 24.68 -27.11
CA THR C 158 -6.56 25.44 -25.87
C THR C 158 -8.00 25.47 -25.37
N HIS C 159 -8.95 25.06 -26.20
CA HIS C 159 -10.35 25.02 -25.76
C HIS C 159 -10.50 23.98 -24.66
N PRO C 160 -11.25 24.29 -23.59
CA PRO C 160 -11.39 23.33 -22.50
C PRO C 160 -12.09 22.04 -22.88
N ARG C 161 -12.86 22.04 -23.97
CA ARG C 161 -13.63 20.87 -24.38
C ARG C 161 -12.97 20.07 -25.49
N ILE C 162 -11.76 20.44 -25.90
CA ILE C 162 -11.02 19.74 -26.94
C ILE C 162 -9.75 19.18 -26.33
N TYR C 163 -9.50 17.89 -26.54
CA TYR C 163 -8.39 17.19 -25.92
C TYR C 163 -7.63 16.38 -26.97
N ASP C 164 -6.48 15.87 -26.57
CA ASP C 164 -5.68 14.94 -27.34
C ASP C 164 -5.47 13.67 -26.53
N SER C 165 -4.61 12.78 -27.02
CA SER C 165 -4.37 11.52 -26.32
C SER C 165 -3.69 11.72 -24.97
N ASP C 166 -3.15 12.92 -24.72
CA ASP C 166 -2.49 13.22 -23.46
C ASP C 166 -3.37 14.04 -22.51
N THR C 167 -3.94 15.14 -23.00
CA THR C 167 -4.76 16.00 -22.16
C THR C 167 -6.12 15.39 -21.83
N ILE C 168 -6.49 14.27 -22.45
CA ILE C 168 -7.78 13.64 -22.14
C ILE C 168 -7.82 13.18 -20.69
N LEU C 169 -6.67 12.86 -20.11
CA LEU C 169 -6.62 12.51 -18.69
C LEU C 169 -6.95 13.67 -17.78
N SER C 170 -6.98 14.90 -18.31
CA SER C 170 -7.34 16.08 -17.54
C SER C 170 -8.84 16.22 -17.36
N LEU C 171 -9.64 15.33 -17.94
CA LEU C 171 -11.09 15.39 -17.81
C LEU C 171 -11.51 15.32 -16.35
N GLY C 172 -12.47 16.17 -15.98
CA GLY C 172 -12.93 16.23 -14.61
C GLY C 172 -14.24 15.50 -14.38
N HIS C 173 -15.11 15.51 -15.37
CA HIS C 173 -16.41 14.86 -15.28
C HIS C 173 -16.62 13.95 -16.48
N THR C 174 -17.45 12.94 -16.28
CA THR C 174 -17.79 12.03 -17.37
C THR C 174 -18.68 12.76 -18.38
N PRO C 175 -18.27 12.88 -19.64
CA PRO C 175 -19.08 13.65 -20.60
C PRO C 175 -20.36 12.93 -20.97
N ARG C 176 -21.36 13.73 -21.36
CA ARG C 176 -22.60 13.18 -21.88
C ARG C 176 -22.35 12.41 -23.17
N ARG C 177 -21.68 13.05 -24.12
CA ARG C 177 -21.32 12.43 -25.40
C ARG C 177 -19.85 12.73 -25.67
N LEU C 178 -19.30 12.01 -26.64
CA LEU C 178 -17.87 12.16 -26.94
C LEU C 178 -17.63 11.83 -28.41
N ILE C 179 -16.71 12.57 -29.02
CA ILE C 179 -16.32 12.36 -30.41
C ILE C 179 -14.85 11.99 -30.45
N ILE C 180 -14.52 10.90 -31.14
CA ILE C 180 -13.16 10.45 -31.32
C ILE C 180 -12.84 10.48 -32.81
N TYR C 181 -11.74 11.15 -33.15
CA TYR C 181 -11.27 11.22 -34.53
C TYR C 181 -10.05 10.32 -34.70
N GLY C 182 -10.06 9.51 -35.75
CA GLY C 182 -9.00 8.55 -35.97
C GLY C 182 -9.31 7.19 -35.37
N ALA C 183 -9.30 6.16 -36.21
CA ALA C 183 -9.62 4.80 -35.77
C ALA C 183 -8.36 4.00 -35.44
N GLY C 184 -7.32 4.67 -34.95
CA GLY C 184 -6.09 3.99 -34.61
C GLY C 184 -6.20 3.23 -33.31
N VAL C 185 -5.05 2.74 -32.85
CA VAL C 185 -4.99 1.94 -31.63
C VAL C 185 -5.52 2.75 -30.45
N ILE C 186 -4.99 3.96 -30.28
CA ILE C 186 -5.39 4.81 -29.16
C ILE C 186 -6.86 5.17 -29.27
N GLY C 187 -7.32 5.51 -30.48
CA GLY C 187 -8.72 5.87 -30.65
C GLY C 187 -9.65 4.74 -30.30
N CYS C 188 -9.35 3.52 -30.77
CA CYS C 188 -10.20 2.38 -30.44
C CYS C 188 -10.17 2.07 -28.95
N GLU C 189 -8.99 2.15 -28.33
CA GLU C 189 -8.88 1.88 -26.90
C GLU C 189 -9.73 2.86 -26.10
N TYR C 190 -9.61 4.16 -26.40
CA TYR C 190 -10.37 5.15 -25.65
C TYR C 190 -11.86 5.05 -25.96
N ALA C 191 -12.22 4.71 -27.19
CA ALA C 191 -13.63 4.51 -27.52
C ALA C 191 -14.21 3.38 -26.70
N SER C 192 -13.48 2.27 -26.60
CA SER C 192 -13.95 1.15 -25.78
C SER C 192 -14.06 1.54 -24.31
N ILE C 193 -13.08 2.29 -23.80
CA ILE C 193 -13.11 2.68 -22.39
C ILE C 193 -14.31 3.57 -22.11
N PHE C 194 -14.53 4.57 -22.96
CA PHE C 194 -15.64 5.51 -22.72
C PHE C 194 -16.99 4.83 -22.94
N SER C 195 -17.06 3.88 -23.87
CA SER C 195 -18.28 3.10 -24.03
C SER C 195 -18.56 2.26 -22.79
N GLY C 196 -17.52 1.66 -22.21
CA GLY C 196 -17.69 0.92 -20.97
C GLY C 196 -18.15 1.82 -19.83
N LEU C 197 -17.63 3.06 -19.79
CA LEU C 197 -18.08 4.03 -18.80
C LEU C 197 -19.52 4.45 -18.98
N GLY C 198 -20.10 4.25 -20.16
CA GLY C 198 -21.48 4.61 -20.40
C GLY C 198 -21.64 5.95 -21.08
N VAL C 199 -20.84 6.19 -22.12
CA VAL C 199 -20.87 7.42 -22.90
C VAL C 199 -21.14 7.07 -24.35
N LEU C 200 -22.06 7.79 -24.97
CA LEU C 200 -22.40 7.57 -26.38
C LEU C 200 -21.25 8.09 -27.23
N VAL C 201 -20.32 7.21 -27.58
CA VAL C 201 -19.13 7.60 -28.33
C VAL C 201 -19.46 7.58 -29.83
N ASP C 202 -19.03 8.63 -30.53
CA ASP C 202 -19.20 8.73 -31.97
C ASP C 202 -17.81 8.66 -32.61
N LEU C 203 -17.37 7.44 -32.88
CA LEU C 203 -16.05 7.23 -33.46
C LEU C 203 -16.06 7.61 -34.94
N ILE C 204 -15.06 8.36 -35.36
CA ILE C 204 -14.92 8.80 -36.75
C ILE C 204 -13.66 8.18 -37.32
N ASP C 205 -13.78 7.58 -38.51
CA ASP C 205 -12.69 6.89 -39.15
C ASP C 205 -12.47 7.46 -40.55
N ASN C 206 -11.20 7.57 -40.95
CA ASN C 206 -10.86 8.02 -42.29
C ASN C 206 -10.87 6.88 -43.31
N ARG C 207 -10.97 5.64 -42.86
CA ARG C 207 -10.99 4.48 -43.74
C ARG C 207 -12.38 3.84 -43.73
N ASP C 208 -12.58 2.91 -44.65
CA ASP C 208 -13.85 2.20 -44.77
C ASP C 208 -13.98 1.03 -43.81
N GLN C 209 -12.88 0.59 -43.19
CA GLN C 209 -12.90 -0.53 -42.27
C GLN C 209 -12.03 -0.22 -41.05
N LEU C 210 -12.47 -0.71 -39.89
CA LEU C 210 -11.69 -0.51 -38.67
C LEU C 210 -10.44 -1.37 -38.70
N LEU C 211 -9.28 -0.72 -38.62
CA LEU C 211 -7.98 -1.38 -38.55
C LEU C 211 -7.80 -2.36 -39.71
N SER C 212 -7.73 -1.78 -40.91
CA SER C 212 -7.60 -2.57 -42.14
C SER C 212 -6.35 -3.44 -42.14
N PHE C 213 -5.33 -3.10 -41.34
CA PHE C 213 -4.14 -3.93 -41.26
C PHE C 213 -4.37 -5.23 -40.51
N LEU C 214 -5.52 -5.39 -39.85
CA LEU C 214 -5.84 -6.60 -39.14
C LEU C 214 -6.67 -7.54 -40.00
N ASP C 215 -6.99 -8.71 -39.46
CA ASP C 215 -7.80 -9.68 -40.19
C ASP C 215 -9.23 -9.15 -40.34
N ASP C 216 -9.89 -9.57 -41.43
CA ASP C 216 -11.26 -9.12 -41.68
C ASP C 216 -12.22 -9.59 -40.59
N GLU C 217 -12.09 -10.85 -40.16
CA GLU C 217 -12.98 -11.37 -39.12
C GLU C 217 -12.81 -10.63 -37.81
N ILE C 218 -11.57 -10.36 -37.41
CA ILE C 218 -11.32 -9.68 -36.15
C ILE C 218 -11.86 -8.25 -36.20
N SER C 219 -11.62 -7.55 -37.31
CA SER C 219 -12.14 -6.19 -37.45
C SER C 219 -13.65 -6.18 -37.43
N ASP C 220 -14.28 -7.14 -38.13
CA ASP C 220 -15.74 -7.21 -38.14
C ASP C 220 -16.31 -7.46 -36.75
N SER C 221 -15.70 -8.38 -36.01
CA SER C 221 -16.16 -8.66 -34.65
C SER C 221 -16.00 -7.45 -33.75
N LEU C 222 -14.86 -6.76 -33.84
CA LEU C 222 -14.64 -5.58 -33.02
C LEU C 222 -15.64 -4.48 -33.35
N SER C 223 -15.91 -4.27 -34.64
CA SER C 223 -16.87 -3.25 -35.04
C SER C 223 -18.27 -3.60 -34.55
N TYR C 224 -18.64 -4.89 -34.64
CA TYR C 224 -19.95 -5.31 -34.15
C TYR C 224 -20.07 -5.07 -32.65
N HIS C 225 -19.02 -5.42 -31.90
CA HIS C 225 -19.06 -5.22 -30.45
C HIS C 225 -19.15 -3.74 -30.11
N LEU C 226 -18.39 -2.90 -30.81
CA LEU C 226 -18.46 -1.46 -30.57
C LEU C 226 -19.84 -0.91 -30.87
N ARG C 227 -20.43 -1.35 -31.99
CA ARG C 227 -21.79 -0.92 -32.33
C ARG C 227 -22.79 -1.36 -31.27
N ASN C 228 -22.64 -2.58 -30.78
CA ASN C 228 -23.53 -3.09 -29.73
C ASN C 228 -23.25 -2.45 -28.37
N ASN C 229 -22.15 -1.73 -28.24
CA ASN C 229 -21.82 -1.10 -26.97
C ASN C 229 -21.87 0.42 -27.06
N ASN C 230 -22.87 0.95 -27.76
CA ASN C 230 -23.22 2.37 -27.85
C ASN C 230 -22.26 3.19 -28.71
N VAL C 231 -21.19 2.59 -29.25
CA VAL C 231 -20.27 3.32 -30.10
C VAL C 231 -20.84 3.36 -31.52
N LEU C 232 -20.98 4.56 -32.06
CA LEU C 232 -21.46 4.77 -33.43
C LEU C 232 -20.25 5.02 -34.33
N ILE C 233 -20.00 4.10 -35.25
CA ILE C 233 -18.82 4.16 -36.11
C ILE C 233 -19.25 4.69 -37.46
N ARG C 234 -18.57 5.75 -37.92
CA ARG C 234 -18.80 6.33 -39.23
C ARG C 234 -17.55 6.13 -40.08
N HIS C 235 -17.74 5.76 -41.33
CA HIS C 235 -16.65 5.32 -42.19
C HIS C 235 -16.43 6.30 -43.34
N ASN C 236 -15.17 6.42 -43.76
CA ASN C 236 -14.76 7.27 -44.88
C ASN C 236 -15.20 8.72 -44.66
N GLU C 237 -14.69 9.30 -43.58
CA GLU C 237 -15.01 10.67 -43.19
C GLU C 237 -13.73 11.46 -42.98
N GLU C 238 -13.76 12.72 -43.38
CA GLU C 238 -12.64 13.64 -43.17
C GLU C 238 -13.18 14.94 -42.58
N TYR C 239 -12.53 15.40 -41.51
CA TYR C 239 -13.00 16.59 -40.83
C TYR C 239 -12.80 17.85 -41.67
N GLU C 240 -13.68 18.82 -41.47
CA GLU C 240 -13.56 20.13 -42.09
C GLU C 240 -13.32 21.24 -41.09
N ARG C 241 -14.04 21.25 -39.98
CA ARG C 241 -13.84 22.30 -38.98
C ARG C 241 -14.37 21.85 -37.62
N VAL C 242 -13.55 21.96 -36.59
CA VAL C 242 -13.92 21.57 -35.24
C VAL C 242 -14.18 22.84 -34.46
N GLU C 243 -15.45 23.25 -34.38
CA GLU C 243 -15.85 24.46 -33.67
C GLU C 243 -16.09 24.13 -32.20
N GLY C 244 -15.55 24.96 -31.32
CA GLY C 244 -15.70 24.74 -29.89
C GLY C 244 -16.71 25.67 -29.26
N LEU C 245 -17.91 25.15 -28.97
CA LEU C 245 -18.93 25.91 -28.28
C LEU C 245 -18.68 25.90 -26.77
N ASP C 246 -19.47 26.68 -26.04
CA ASP C 246 -19.33 26.72 -24.59
C ASP C 246 -19.86 25.46 -23.94
N ASN C 247 -20.97 24.92 -24.45
CA ASN C 247 -21.60 23.74 -23.88
C ASN C 247 -21.27 22.47 -24.65
N GLY C 248 -20.38 22.53 -25.63
CA GLY C 248 -20.03 21.35 -26.39
C GLY C 248 -19.08 21.68 -27.52
N VAL C 249 -18.82 20.66 -28.33
CA VAL C 249 -17.97 20.77 -29.50
C VAL C 249 -18.75 20.25 -30.70
N ILE C 250 -18.75 21.02 -31.78
CA ILE C 250 -19.46 20.67 -33.01
C ILE C 250 -18.42 20.46 -34.10
N LEU C 251 -18.38 19.26 -34.67
CA LEU C 251 -17.45 18.91 -35.73
C LEU C 251 -18.18 18.87 -37.06
N HIS C 252 -17.72 19.69 -38.01
CA HIS C 252 -18.24 19.73 -39.36
C HIS C 252 -17.33 18.89 -40.24
N LEU C 253 -17.90 17.87 -40.88
CA LEU C 253 -17.17 16.95 -41.73
C LEU C 253 -17.23 17.37 -43.19
N LYS C 254 -16.38 16.75 -44.01
CA LYS C 254 -16.38 17.04 -45.44
C LYS C 254 -17.66 16.56 -46.11
N SER C 255 -18.19 15.41 -45.70
CA SER C 255 -19.38 14.86 -46.33
C SER C 255 -20.64 15.68 -46.05
N GLY C 256 -20.58 16.61 -45.10
CA GLY C 256 -21.74 17.43 -44.76
C GLY C 256 -22.36 17.11 -43.42
N LYS C 257 -21.77 16.22 -42.63
CA LYS C 257 -22.33 15.87 -41.34
C LYS C 257 -21.68 16.68 -40.22
N LYS C 258 -22.51 17.27 -39.36
CA LYS C 258 -22.07 18.01 -38.21
C LYS C 258 -22.51 17.26 -36.97
N ILE C 259 -21.56 16.92 -36.09
CA ILE C 259 -21.82 16.12 -34.91
C ILE C 259 -21.46 16.93 -33.68
N LYS C 260 -22.40 17.02 -32.73
CA LYS C 260 -22.21 17.79 -31.50
C LYS C 260 -22.05 16.83 -30.32
N ALA C 261 -21.07 17.11 -29.47
CA ALA C 261 -20.85 16.33 -28.26
C ALA C 261 -20.48 17.28 -27.13
N ASP C 262 -20.24 16.70 -25.95
CA ASP C 262 -19.79 17.46 -24.79
C ASP C 262 -18.28 17.39 -24.60
N ALA C 263 -17.57 16.78 -25.54
CA ALA C 263 -16.12 16.66 -25.47
C ALA C 263 -15.59 16.34 -26.87
N PHE C 264 -14.28 16.16 -26.95
CA PHE C 264 -13.64 15.83 -28.22
C PHE C 264 -12.25 15.26 -27.93
N LEU C 265 -11.88 14.23 -28.67
CA LEU C 265 -10.59 13.57 -28.51
C LEU C 265 -9.96 13.37 -29.88
N TRP C 266 -8.69 13.73 -30.01
CA TRP C 266 -7.94 13.56 -31.24
C TRP C 266 -6.91 12.45 -31.07
N SER C 267 -6.94 11.48 -31.99
CA SER C 267 -6.00 10.36 -31.96
C SER C 267 -5.52 10.01 -33.36
N ASN C 268 -5.39 11.01 -34.24
CA ASN C 268 -5.00 10.79 -35.63
C ASN C 268 -3.50 10.96 -35.75
N GLY C 269 -2.76 9.87 -35.54
CA GLY C 269 -1.33 9.86 -35.75
C GLY C 269 -0.51 10.50 -34.65
N ARG C 270 0.80 10.39 -34.76
CA ARG C 270 1.73 10.96 -33.79
C ARG C 270 2.93 11.53 -34.53
N THR C 271 3.60 12.49 -33.89
CA THR C 271 4.76 13.16 -34.46
C THR C 271 5.96 12.95 -33.56
N GLY C 272 7.10 12.63 -34.17
CA GLY C 272 8.31 12.42 -33.38
C GLY C 272 8.75 13.68 -32.68
N ASN C 273 9.20 13.52 -31.44
CA ASN C 273 9.63 14.65 -30.61
C ASN C 273 11.12 14.91 -30.89
N THR C 274 11.38 15.39 -32.11
CA THR C 274 12.74 15.66 -32.54
C THR C 274 13.00 17.11 -32.93
N ASP C 275 11.97 17.96 -32.98
CA ASP C 275 12.18 19.35 -33.34
C ASP C 275 13.05 20.07 -32.32
N LYS C 276 12.82 19.81 -31.04
CA LYS C 276 13.59 20.46 -29.97
C LYS C 276 14.99 19.89 -29.83
N LEU C 277 15.29 18.74 -30.46
CA LEU C 277 16.60 18.14 -30.32
C LEU C 277 17.68 18.94 -31.04
N GLY C 278 17.34 19.57 -32.16
CA GLY C 278 18.32 20.30 -32.93
C GLY C 278 19.28 19.41 -33.68
N LEU C 279 18.75 18.63 -34.63
CA LEU C 279 19.56 17.66 -35.35
C LEU C 279 20.38 18.30 -36.47
N GLU C 280 20.16 19.58 -36.76
CA GLU C 280 20.92 20.23 -37.82
C GLU C 280 22.38 20.43 -37.44
N ASN C 281 22.71 20.37 -36.15
CA ASN C 281 24.10 20.52 -35.71
C ASN C 281 24.94 19.29 -36.01
N ILE C 282 24.32 18.17 -36.38
CA ILE C 282 25.03 16.93 -36.68
C ILE C 282 24.73 16.38 -38.06
N GLY C 283 24.00 17.13 -38.89
CA GLY C 283 23.66 16.68 -40.21
C GLY C 283 22.46 15.75 -40.29
N LEU C 284 21.82 15.46 -39.17
CA LEU C 284 20.64 14.61 -39.17
C LEU C 284 19.39 15.42 -39.47
N LYS C 285 18.42 14.77 -40.12
CA LYS C 285 17.16 15.40 -40.49
C LYS C 285 16.02 14.44 -40.22
N ALA C 286 14.83 15.01 -40.00
CA ALA C 286 13.62 14.26 -39.75
C ALA C 286 12.58 14.57 -40.82
N ASN C 287 11.77 13.58 -41.16
CA ASN C 287 10.75 13.74 -42.19
C ASN C 287 9.54 14.50 -41.60
N GLY C 288 8.46 14.56 -42.38
CA GLY C 288 7.27 15.27 -41.92
C GLY C 288 6.64 14.63 -40.70
N ARG C 289 6.85 13.34 -40.49
CA ARG C 289 6.33 12.64 -39.33
C ARG C 289 7.22 12.78 -38.10
N GLY C 290 8.36 13.47 -38.22
CA GLY C 290 9.26 13.61 -37.10
C GLY C 290 10.07 12.38 -36.78
N GLN C 291 10.16 11.44 -37.71
CA GLN C 291 10.88 10.20 -37.49
C GLN C 291 12.31 10.30 -38.01
N ILE C 292 13.16 9.40 -37.53
CA ILE C 292 14.58 9.36 -37.88
C ILE C 292 14.86 8.05 -38.58
N GLN C 293 15.45 8.13 -39.78
CA GLN C 293 15.75 6.93 -40.53
C GLN C 293 16.93 6.18 -39.91
N VAL C 294 16.81 4.86 -39.82
CA VAL C 294 17.86 4.01 -39.30
C VAL C 294 18.02 2.79 -40.21
N ASP C 295 19.17 2.16 -40.12
CA ASP C 295 19.47 0.96 -40.90
C ASP C 295 19.01 -0.26 -40.12
N GLU C 296 19.41 -1.46 -40.57
CA GLU C 296 19.07 -2.68 -39.85
C GLU C 296 19.72 -2.75 -38.47
N HIS C 297 20.77 -1.95 -38.25
CA HIS C 297 21.45 -1.90 -36.96
C HIS C 297 21.00 -0.72 -36.11
N TYR C 298 19.88 -0.08 -36.47
CA TYR C 298 19.34 1.06 -35.72
C TYR C 298 20.35 2.19 -35.63
N ARG C 299 21.10 2.40 -36.70
CA ARG C 299 22.15 3.41 -36.77
C ARG C 299 21.69 4.52 -37.71
N THR C 300 21.84 5.76 -37.26
CA THR C 300 21.45 6.92 -38.06
C THR C 300 22.55 7.21 -39.09
N GLU C 301 22.46 8.37 -39.74
CA GLU C 301 23.51 8.77 -40.68
C GLU C 301 24.84 8.94 -39.97
N VAL C 302 24.83 9.53 -38.77
CA VAL C 302 26.02 9.60 -37.96
C VAL C 302 26.38 8.21 -37.45
N SER C 303 27.67 7.87 -37.55
CA SER C 303 28.10 6.51 -37.24
C SER C 303 27.97 6.18 -35.75
N ASN C 304 28.19 7.16 -34.87
CA ASN C 304 28.20 6.93 -33.44
C ASN C 304 26.89 7.34 -32.76
N ILE C 305 25.86 7.67 -33.52
CA ILE C 305 24.58 8.10 -32.98
C ILE C 305 23.50 7.13 -33.43
N TYR C 306 22.71 6.63 -32.48
CA TYR C 306 21.70 5.62 -32.73
C TYR C 306 20.37 6.11 -32.20
N ALA C 307 19.28 5.55 -32.72
CA ALA C 307 17.93 5.91 -32.32
C ALA C 307 17.14 4.65 -32.03
N ALA C 308 16.17 4.75 -31.13
CA ALA C 308 15.32 3.62 -30.80
C ALA C 308 13.98 4.10 -30.30
N GLY C 309 12.96 3.28 -30.53
CA GLY C 309 11.63 3.60 -30.06
C GLY C 309 10.82 4.42 -31.04
N ASP C 310 9.90 5.21 -30.49
CA ASP C 310 8.87 5.87 -31.28
C ASP C 310 9.44 6.78 -32.36
N VAL C 311 10.68 7.23 -32.20
CA VAL C 311 11.28 8.16 -33.15
C VAL C 311 11.58 7.48 -34.48
N ILE C 312 11.40 6.16 -34.58
CA ILE C 312 11.34 5.50 -35.88
C ILE C 312 9.90 5.32 -36.33
N GLY C 313 8.94 5.60 -35.45
CA GLY C 313 7.54 5.40 -35.81
C GLY C 313 7.12 3.95 -35.72
N TRP C 314 6.97 3.30 -36.85
CA TRP C 314 6.53 1.90 -36.86
C TRP C 314 7.53 1.04 -36.08
N PRO C 315 7.05 0.09 -35.26
CA PRO C 315 5.65 -0.25 -34.97
C PRO C 315 5.02 0.57 -33.85
N SER C 316 5.80 1.42 -33.18
CA SER C 316 5.30 2.29 -32.11
C SER C 316 4.63 1.47 -31.00
N LEU C 317 5.36 0.49 -30.48
CA LEU C 317 4.89 -0.33 -29.38
C LEU C 317 5.90 -0.28 -28.24
N ALA C 318 5.39 -0.24 -27.01
CA ALA C 318 6.26 -0.07 -25.84
C ALA C 318 7.23 -1.22 -25.71
N SER C 319 6.74 -2.45 -25.81
CA SER C 319 7.63 -3.62 -25.77
C SER C 319 8.58 -3.62 -26.97
N ALA C 320 8.05 -3.29 -28.15
CA ALA C 320 8.90 -3.17 -29.32
C ALA C 320 9.93 -2.08 -29.15
N ALA C 321 9.54 -0.95 -28.54
CA ALA C 321 10.49 0.11 -28.28
C ALA C 321 11.59 -0.33 -27.32
N TYR C 322 11.23 -1.06 -26.26
CA TYR C 322 12.21 -1.54 -25.30
C TYR C 322 13.20 -2.50 -25.97
N ASP C 323 12.67 -3.43 -26.77
CA ASP C 323 13.54 -4.38 -27.45
C ASP C 323 14.43 -3.67 -28.46
N GLN C 324 13.89 -2.68 -29.16
CA GLN C 324 14.68 -1.90 -30.12
C GLN C 324 15.80 -1.15 -29.41
N GLY C 325 15.50 -0.58 -28.24
CA GLY C 325 16.54 0.10 -27.48
C GLY C 325 17.63 -0.84 -27.02
N ARG C 326 17.25 -2.02 -26.52
CA ARG C 326 18.27 -2.98 -26.11
C ARG C 326 19.10 -3.45 -27.31
N SER C 327 18.46 -3.65 -28.46
CA SER C 327 19.19 -4.03 -29.66
C SER C 327 20.15 -2.94 -30.11
N ALA C 328 19.73 -1.68 -30.01
CA ALA C 328 20.61 -0.56 -30.37
C ALA C 328 21.80 -0.50 -29.43
N ALA C 329 21.57 -0.72 -28.13
CA ALA C 329 22.67 -0.76 -27.18
C ALA C 329 23.63 -1.90 -27.50
N GLY C 330 23.08 -3.07 -27.86
CA GLY C 330 23.93 -4.18 -28.26
C GLY C 330 24.74 -3.88 -29.50
N SER C 331 24.13 -3.17 -30.46
CA SER C 331 24.87 -2.73 -31.64
C SER C 331 25.99 -1.78 -31.25
N ILE C 332 25.74 -0.90 -30.29
CA ILE C 332 26.78 0.00 -29.80
C ILE C 332 27.93 -0.82 -29.21
N THR C 333 27.60 -1.82 -28.39
CA THR C 333 28.62 -2.65 -27.76
C THR C 333 29.09 -3.80 -28.65
N GLU C 334 28.34 -4.14 -29.70
CA GLU C 334 28.69 -5.22 -30.61
C GLU C 334 28.93 -6.54 -29.86
N ASN C 335 28.05 -6.82 -28.91
CA ASN C 335 28.16 -8.02 -28.07
C ASN C 335 27.23 -9.14 -28.54
N ASP C 336 26.98 -9.23 -29.84
CA ASP C 336 26.17 -10.26 -30.47
C ASP C 336 24.74 -10.29 -29.96
N SER C 337 24.26 -9.20 -29.36
CA SER C 337 22.88 -9.12 -28.89
C SER C 337 21.98 -8.35 -29.84
N TRP C 338 22.47 -8.02 -31.04
CA TRP C 338 21.67 -7.32 -32.02
C TRP C 338 20.54 -8.20 -32.55
N ARG C 339 19.40 -7.57 -32.82
CA ARG C 339 18.29 -8.22 -33.51
C ARG C 339 17.35 -7.13 -34.02
N PHE C 340 17.07 -7.15 -35.31
CA PHE C 340 16.18 -6.16 -35.91
C PHE C 340 14.74 -6.53 -35.57
N VAL C 341 14.08 -5.68 -34.79
CA VAL C 341 12.70 -5.92 -34.37
C VAL C 341 11.80 -5.65 -35.58
N ASP C 342 11.34 -6.72 -36.22
CA ASP C 342 10.50 -6.62 -37.41
C ASP C 342 9.14 -7.27 -37.21
N ASP C 343 9.09 -8.46 -36.60
CA ASP C 343 7.83 -9.15 -36.35
C ASP C 343 7.45 -8.95 -34.89
N VAL C 344 6.45 -8.10 -34.65
CA VAL C 344 5.95 -7.81 -33.32
C VAL C 344 4.47 -8.16 -33.30
N PRO C 345 3.99 -8.95 -32.33
CA PRO C 345 2.56 -9.29 -32.27
C PRO C 345 1.73 -8.05 -31.96
N THR C 346 0.93 -7.62 -32.93
CA THR C 346 0.10 -6.44 -32.75
C THR C 346 -0.95 -6.69 -31.68
N GLY C 347 -1.17 -5.69 -30.83
CA GLY C 347 -2.12 -5.82 -29.73
C GLY C 347 -2.95 -4.57 -29.52
N ILE C 348 -4.27 -4.75 -29.44
CA ILE C 348 -5.22 -3.67 -29.25
C ILE C 348 -5.95 -3.94 -27.94
N TYR C 349 -5.77 -3.05 -26.96
CA TYR C 349 -6.31 -3.28 -25.62
C TYR C 349 -7.65 -2.56 -25.45
N THR C 350 -8.62 -3.00 -26.23
CA THR C 350 -10.00 -2.58 -26.05
C THR C 350 -10.71 -3.58 -25.14
N ILE C 351 -12.03 -3.49 -25.04
CA ILE C 351 -12.82 -4.42 -24.27
C ILE C 351 -13.74 -5.15 -25.25
N PRO C 352 -13.45 -6.41 -25.60
CA PRO C 352 -12.32 -7.23 -25.16
C PRO C 352 -11.04 -6.97 -25.96
N GLU C 353 -9.95 -7.66 -25.64
CA GLU C 353 -8.67 -7.40 -26.26
C GLU C 353 -8.57 -8.05 -27.63
N ILE C 354 -7.56 -7.64 -28.38
CA ILE C 354 -7.27 -8.17 -29.71
C ILE C 354 -5.76 -8.36 -29.82
N SER C 355 -5.33 -9.47 -30.42
CA SER C 355 -3.92 -9.66 -30.69
C SER C 355 -3.75 -10.50 -31.94
N SER C 356 -2.61 -10.32 -32.60
CA SER C 356 -2.33 -11.05 -33.83
C SER C 356 -0.83 -11.16 -34.05
N VAL C 357 -0.42 -12.28 -34.62
CA VAL C 357 0.98 -12.53 -34.95
C VAL C 357 1.02 -13.27 -36.28
N GLY C 358 1.98 -12.90 -37.13
CA GLY C 358 2.13 -13.56 -38.41
C GLY C 358 1.21 -12.99 -39.48
N LYS C 359 1.13 -13.72 -40.58
CA LYS C 359 0.34 -13.28 -41.73
C LYS C 359 -1.15 -13.32 -41.42
N THR C 360 -1.89 -12.44 -42.09
CA THR C 360 -3.34 -12.41 -41.98
C THR C 360 -3.97 -13.26 -43.10
N GLU C 361 -5.30 -13.30 -43.12
CA GLU C 361 -6.00 -14.10 -44.12
C GLU C 361 -5.87 -13.48 -45.51
N ARG C 362 -6.00 -12.16 -45.61
CA ARG C 362 -5.96 -11.50 -46.90
C ARG C 362 -4.59 -11.65 -47.56
N GLU C 363 -3.52 -11.51 -46.79
CA GLU C 363 -2.17 -11.66 -47.35
C GLU C 363 -1.94 -13.08 -47.85
N LEU C 364 -2.38 -14.08 -47.08
CA LEU C 364 -2.24 -15.47 -47.52
C LEU C 364 -3.05 -15.73 -48.78
N THR C 365 -4.26 -15.17 -48.86
CA THR C 365 -5.05 -15.32 -50.08
C THR C 365 -4.37 -14.67 -51.27
N GLN C 366 -3.79 -13.49 -51.07
CA GLN C 366 -3.08 -12.80 -52.15
C GLN C 366 -1.87 -13.60 -52.60
N ALA C 367 -1.15 -14.21 -51.66
CA ALA C 367 0.06 -14.97 -51.97
C ALA C 367 -0.23 -16.39 -52.43
N LYS C 368 -1.51 -16.78 -52.50
CA LYS C 368 -1.93 -18.10 -52.96
C LYS C 368 -1.29 -19.23 -52.16
N VAL C 369 -1.14 -19.03 -50.85
CA VAL C 369 -0.59 -20.07 -49.99
C VAL C 369 -1.69 -21.08 -49.67
N PRO C 370 -1.45 -22.37 -49.84
CA PRO C 370 -2.49 -23.36 -49.50
C PRO C 370 -2.61 -23.59 -48.01
N TYR C 371 -3.35 -22.72 -47.33
CA TYR C 371 -3.51 -22.78 -45.89
C TYR C 371 -4.89 -23.31 -45.51
N GLU C 372 -5.15 -23.34 -44.20
CA GLU C 372 -6.44 -23.73 -43.67
C GLU C 372 -6.64 -23.05 -42.33
N VAL C 373 -7.90 -23.00 -41.90
CA VAL C 373 -8.31 -22.21 -40.75
C VAL C 373 -8.86 -23.13 -39.67
N GLY C 374 -8.34 -22.99 -38.45
CA GLY C 374 -8.88 -23.67 -37.30
C GLY C 374 -9.42 -22.68 -36.29
N LYS C 375 -10.71 -22.77 -35.96
CA LYS C 375 -11.37 -21.79 -35.11
C LYS C 375 -11.75 -22.41 -33.77
N ALA C 376 -11.64 -21.59 -32.72
CA ALA C 376 -12.05 -21.99 -31.38
C ALA C 376 -12.80 -20.82 -30.77
N PHE C 377 -14.11 -20.99 -30.57
CA PHE C 377 -14.96 -19.90 -30.11
C PHE C 377 -15.00 -19.88 -28.59
N PHE C 378 -14.96 -18.67 -28.02
CA PHE C 378 -14.86 -18.51 -26.58
C PHE C 378 -16.17 -18.78 -25.85
N LYS C 379 -17.31 -18.80 -26.57
CA LYS C 379 -18.59 -18.99 -25.91
C LYS C 379 -18.72 -20.36 -25.27
N GLY C 380 -18.21 -21.40 -25.93
CA GLY C 380 -18.31 -22.77 -25.46
C GLY C 380 -17.22 -23.19 -24.50
N MET C 381 -16.49 -22.23 -23.92
CA MET C 381 -15.34 -22.53 -23.09
C MET C 381 -15.76 -23.06 -21.72
N ALA C 382 -14.75 -23.29 -20.87
CA ALA C 382 -14.99 -23.53 -19.46
C ALA C 382 -14.53 -22.34 -18.61
N ARG C 383 -13.35 -21.80 -18.94
CA ARG C 383 -12.81 -20.67 -18.20
C ARG C 383 -13.50 -19.36 -18.57
N ALA C 384 -13.91 -19.23 -19.84
CA ALA C 384 -14.51 -17.98 -20.28
C ALA C 384 -15.83 -17.70 -19.56
N GLN C 385 -16.68 -18.73 -19.43
CA GLN C 385 -17.94 -18.54 -18.70
C GLN C 385 -17.66 -18.30 -17.22
N ILE C 386 -16.57 -18.86 -16.69
CA ILE C 386 -16.14 -18.51 -15.35
C ILE C 386 -15.83 -17.02 -15.27
N ALA C 387 -15.16 -16.48 -16.29
CA ALA C 387 -14.88 -15.05 -16.34
C ALA C 387 -16.12 -14.25 -16.74
N VAL C 388 -17.21 -14.93 -17.08
CA VAL C 388 -18.51 -14.34 -17.42
C VAL C 388 -18.40 -13.62 -18.76
N GLU C 389 -17.21 -13.59 -19.34
CA GLU C 389 -16.96 -12.97 -20.64
C GLU C 389 -16.94 -14.07 -21.68
N LYS C 390 -18.06 -14.25 -22.39
CA LYS C 390 -18.19 -15.31 -23.37
C LYS C 390 -17.93 -14.86 -24.80
N ALA C 391 -18.00 -13.56 -25.07
CA ALA C 391 -17.73 -13.07 -26.42
C ALA C 391 -16.24 -13.22 -26.75
N GLY C 392 -15.96 -13.65 -27.98
CA GLY C 392 -14.59 -13.79 -28.43
C GLY C 392 -14.33 -15.05 -29.23
N MET C 393 -13.16 -15.11 -29.86
CA MET C 393 -12.80 -16.26 -30.68
C MET C 393 -11.29 -16.28 -30.86
N LEU C 394 -10.79 -17.41 -31.35
CA LEU C 394 -9.38 -17.57 -31.72
C LEU C 394 -9.31 -18.26 -33.06
N LYS C 395 -8.46 -17.75 -33.96
CA LYS C 395 -8.30 -18.31 -35.29
C LYS C 395 -6.83 -18.63 -35.51
N ILE C 396 -6.56 -19.84 -36.00
CA ILE C 396 -5.21 -20.29 -36.31
C ILE C 396 -5.14 -20.61 -37.79
N LEU C 397 -4.21 -19.97 -38.48
CA LEU C 397 -3.95 -20.26 -39.89
C LEU C 397 -2.77 -21.23 -39.96
N PHE C 398 -3.00 -22.40 -40.54
CA PHE C 398 -1.95 -23.42 -40.60
C PHE C 398 -1.82 -23.95 -42.02
N HIS C 399 -0.58 -24.19 -42.43
CA HIS C 399 -0.32 -24.73 -43.77
C HIS C 399 -0.97 -26.11 -43.91
N ARG C 400 -1.62 -26.34 -45.04
CA ARG C 400 -2.37 -27.59 -45.22
C ARG C 400 -1.47 -28.80 -45.37
N GLU C 401 -0.30 -28.65 -45.98
CA GLU C 401 0.60 -29.77 -46.22
C GLU C 401 1.60 -29.97 -45.09
N THR C 402 2.41 -28.95 -44.80
CA THR C 402 3.46 -29.06 -43.79
C THR C 402 2.96 -28.84 -42.38
N LEU C 403 1.70 -28.46 -42.20
CA LEU C 403 1.09 -28.22 -40.89
C LEU C 403 1.79 -27.12 -40.11
N GLU C 404 2.54 -26.25 -40.80
CA GLU C 404 3.20 -25.14 -40.14
C GLU C 404 2.27 -23.94 -40.01
N ILE C 405 2.42 -23.20 -38.92
CA ILE C 405 1.52 -22.08 -38.62
C ILE C 405 1.97 -20.85 -39.38
N LEU C 406 1.04 -20.23 -40.12
CA LEU C 406 1.30 -19.02 -40.88
C LEU C 406 0.64 -17.78 -40.30
N GLY C 407 -0.15 -17.92 -39.24
CA GLY C 407 -0.78 -16.78 -38.61
C GLY C 407 -1.71 -17.14 -37.48
N VAL C 408 -1.63 -16.41 -36.36
CA VAL C 408 -2.46 -16.64 -35.20
C VAL C 408 -3.15 -15.32 -34.83
N HIS C 409 -4.47 -15.33 -34.80
CA HIS C 409 -5.26 -14.14 -34.50
C HIS C 409 -6.26 -14.49 -33.40
N CYS C 410 -6.32 -13.65 -32.36
CA CYS C 410 -7.25 -13.88 -31.27
C CYS C 410 -7.95 -12.57 -30.92
N PHE C 411 -9.22 -12.69 -30.55
CA PHE C 411 -10.03 -11.55 -30.11
C PHE C 411 -10.93 -12.04 -28.99
N GLY C 412 -10.83 -11.40 -27.83
CA GLY C 412 -11.64 -11.80 -26.71
C GLY C 412 -10.91 -11.51 -25.41
N TYR C 413 -11.17 -12.37 -24.43
CA TYR C 413 -10.60 -12.21 -23.10
C TYR C 413 -9.17 -12.76 -23.07
N GLN C 414 -8.24 -11.91 -22.61
CA GLN C 414 -6.83 -12.29 -22.47
C GLN C 414 -6.22 -12.72 -23.79
N ALA C 415 -6.49 -11.94 -24.85
CA ALA C 415 -5.95 -12.24 -26.16
C ALA C 415 -4.43 -12.04 -26.19
N SER C 416 -3.94 -10.98 -25.57
CA SER C 416 -2.51 -10.70 -25.57
C SER C 416 -1.74 -11.79 -24.85
N GLU C 417 -2.28 -12.30 -23.74
CA GLU C 417 -1.60 -13.33 -22.97
C GLU C 417 -1.79 -14.72 -23.55
N ILE C 418 -2.71 -14.90 -24.51
CA ILE C 418 -2.85 -16.19 -25.16
C ILE C 418 -2.06 -16.28 -26.46
N VAL C 419 -1.90 -15.16 -27.17
CA VAL C 419 -1.25 -15.20 -28.48
C VAL C 419 0.22 -15.60 -28.37
N HIS C 420 0.82 -15.40 -27.19
CA HIS C 420 2.26 -15.64 -27.03
C HIS C 420 2.62 -17.11 -27.20
N ILE C 421 1.72 -18.04 -26.83
CA ILE C 421 2.00 -19.46 -27.01
C ILE C 421 2.09 -19.79 -28.51
N GLY C 422 1.12 -19.30 -29.28
CA GLY C 422 1.18 -19.48 -30.72
C GLY C 422 2.38 -18.81 -31.34
N GLN C 423 2.78 -17.67 -30.79
CA GLN C 423 4.00 -17.00 -31.26
C GLN C 423 5.23 -17.84 -30.98
N ALA C 424 5.30 -18.45 -29.80
CA ALA C 424 6.44 -19.28 -29.45
C ALA C 424 6.52 -20.50 -30.36
N ILE C 425 5.37 -21.11 -30.66
CA ILE C 425 5.36 -22.22 -31.62
C ILE C 425 5.72 -21.72 -33.01
N MET C 426 5.35 -20.48 -33.33
CA MET C 426 5.64 -19.90 -34.64
C MET C 426 7.13 -19.85 -34.93
N ASN C 427 7.91 -19.35 -33.96
CA ASN C 427 9.31 -19.01 -34.22
C ASN C 427 10.21 -20.22 -34.43
N GLN C 428 9.70 -21.43 -34.20
CA GLN C 428 10.49 -22.63 -34.44
C GLN C 428 10.79 -22.79 -35.93
N LYS C 429 11.89 -23.47 -36.22
CA LYS C 429 12.40 -23.59 -37.58
C LYS C 429 11.97 -24.91 -38.20
N GLY C 430 11.39 -24.82 -39.40
CA GLY C 430 11.07 -26.02 -40.16
C GLY C 430 10.01 -26.87 -39.50
N GLU C 431 10.24 -28.19 -39.49
CA GLU C 431 9.27 -29.13 -38.96
C GLU C 431 9.06 -28.98 -37.47
N ALA C 432 9.95 -28.28 -36.77
CA ALA C 432 9.76 -28.05 -35.34
C ALA C 432 8.48 -27.26 -35.08
N ASN C 433 8.19 -26.26 -35.90
CA ASN C 433 6.95 -25.50 -35.81
C ASN C 433 5.85 -26.27 -36.53
N THR C 434 4.85 -26.74 -35.78
CA THR C 434 3.77 -27.52 -36.36
C THR C 434 2.53 -27.37 -35.50
N LEU C 435 1.37 -27.45 -36.15
CA LEU C 435 0.10 -27.40 -35.43
C LEU C 435 -0.08 -28.62 -34.53
N LYS C 436 0.48 -29.77 -34.94
CA LYS C 436 0.29 -31.00 -34.19
C LYS C 436 0.88 -30.93 -32.78
N TYR C 437 1.72 -29.94 -32.51
CA TYR C 437 2.19 -29.73 -31.14
C TYR C 437 1.02 -29.53 -30.19
N PHE C 438 -0.01 -28.79 -30.63
CA PHE C 438 -1.12 -28.46 -29.76
C PHE C 438 -1.97 -29.67 -29.40
N ILE C 439 -1.85 -30.77 -30.14
CA ILE C 439 -2.55 -32.00 -29.80
C ILE C 439 -1.63 -33.00 -29.10
N ASN C 440 -0.32 -32.82 -29.16
CA ASN C 440 0.63 -33.71 -28.52
C ASN C 440 1.18 -33.14 -27.21
N THR C 441 0.60 -32.06 -26.71
CA THR C 441 1.06 -31.42 -25.49
C THR C 441 -0.11 -31.27 -24.52
N THR C 442 0.13 -31.66 -23.27
CA THR C 442 -0.89 -31.56 -22.23
C THR C 442 -0.89 -30.16 -21.65
N PHE C 443 -1.99 -29.44 -21.86
CA PHE C 443 -2.15 -28.08 -21.37
C PHE C 443 -2.76 -28.09 -19.98
N ASN C 444 -3.00 -26.90 -19.44
CA ASN C 444 -3.74 -26.76 -18.20
C ASN C 444 -5.21 -26.51 -18.51
N TYR C 445 -6.07 -26.83 -17.53
CA TYR C 445 -7.50 -26.74 -17.75
C TYR C 445 -8.17 -26.51 -16.40
N PRO C 446 -9.17 -25.62 -16.32
CA PRO C 446 -9.74 -24.80 -17.39
C PRO C 446 -9.04 -23.46 -17.58
N THR C 447 -8.44 -23.23 -18.75
CA THR C 447 -7.76 -21.98 -19.03
C THR C 447 -8.14 -21.50 -20.43
N MET C 448 -7.59 -20.34 -20.79
CA MET C 448 -7.68 -19.88 -22.16
C MET C 448 -6.90 -20.79 -23.10
N ALA C 449 -5.74 -21.30 -22.66
CA ALA C 449 -4.84 -22.04 -23.55
C ALA C 449 -5.51 -23.25 -24.19
N GLU C 450 -6.53 -23.80 -23.53
CA GLU C 450 -7.27 -24.93 -24.09
C GLU C 450 -7.79 -24.60 -25.48
N ALA C 451 -8.10 -23.32 -25.74
CA ALA C 451 -8.48 -22.88 -27.07
C ALA C 451 -7.60 -23.50 -28.13
N TYR C 452 -6.28 -23.37 -27.97
CA TYR C 452 -5.36 -23.88 -28.97
C TYR C 452 -5.68 -25.34 -29.28
N ARG C 453 -5.77 -26.17 -28.24
CA ARG C 453 -6.17 -27.55 -28.41
C ARG C 453 -7.39 -27.66 -29.32
N VAL C 454 -8.50 -27.05 -28.88
CA VAL C 454 -9.72 -27.11 -29.67
C VAL C 454 -9.47 -26.59 -31.07
N ALA C 455 -8.78 -25.44 -31.18
CA ALA C 455 -8.51 -24.86 -32.48
C ALA C 455 -7.79 -25.86 -33.36
N ALA C 456 -6.76 -26.50 -32.82
CA ALA C 456 -6.00 -27.49 -33.59
C ALA C 456 -6.93 -28.54 -34.16
N TYR C 457 -7.83 -29.08 -33.31
CA TYR C 457 -8.73 -30.12 -33.78
C TYR C 457 -9.67 -29.57 -34.85
N ASP C 458 -10.15 -28.34 -34.66
CA ASP C 458 -11.03 -27.75 -35.66
C ASP C 458 -10.31 -27.58 -36.99
N GLY C 459 -8.98 -27.55 -36.97
CA GLY C 459 -8.22 -27.57 -38.20
C GLY C 459 -8.09 -28.98 -38.75
N LEU C 460 -7.80 -29.94 -37.87
CA LEU C 460 -7.52 -31.30 -38.31
C LEU C 460 -8.72 -31.96 -38.97
N ASN C 461 -9.94 -31.61 -38.55
CA ASN C 461 -11.12 -32.13 -39.24
C ASN C 461 -11.22 -31.58 -40.66
N ARG C 462 -10.80 -30.34 -40.88
CA ARG C 462 -10.83 -29.76 -42.21
C ARG C 462 -9.74 -30.32 -43.13
N LEU C 463 -8.72 -30.97 -42.56
CA LEU C 463 -7.68 -31.60 -43.36
C LEU C 463 -8.11 -33.01 -43.72
N PHE C 464 -8.05 -33.34 -45.00
CA PHE C 464 -8.49 -34.64 -45.48
C PHE C 464 -7.31 -35.51 -45.95
N VAL D 3 -30.76 -54.74 -26.96
CA VAL D 3 -29.46 -55.15 -27.48
C VAL D 3 -28.97 -54.16 -28.52
N TYR D 4 -27.79 -53.60 -28.29
CA TYR D 4 -27.19 -52.63 -29.21
C TYR D 4 -25.77 -53.07 -29.54
N ASN D 5 -25.35 -52.74 -30.76
CA ASN D 5 -24.05 -53.14 -31.29
C ASN D 5 -23.28 -51.90 -31.74
N TYR D 6 -22.03 -51.80 -31.32
CA TYR D 6 -21.14 -50.72 -31.73
C TYR D 6 -19.73 -51.25 -31.83
N ASP D 7 -18.79 -50.36 -32.16
CA ASP D 7 -17.38 -50.73 -32.22
C ASP D 7 -16.63 -50.33 -30.95
N VAL D 8 -16.84 -49.10 -30.48
CA VAL D 8 -16.17 -48.58 -29.30
C VAL D 8 -17.22 -48.18 -28.27
N VAL D 9 -17.06 -48.66 -27.05
CA VAL D 9 -17.94 -48.31 -25.94
C VAL D 9 -17.09 -47.64 -24.86
N VAL D 10 -17.48 -46.43 -24.48
CA VAL D 10 -16.78 -45.63 -23.48
C VAL D 10 -17.61 -45.62 -22.21
N ILE D 11 -16.96 -45.78 -21.06
CA ILE D 11 -17.62 -45.74 -19.76
C ILE D 11 -17.26 -44.42 -19.10
N GLY D 12 -18.28 -43.60 -18.84
CA GLY D 12 -18.07 -42.29 -18.24
C GLY D 12 -17.83 -41.20 -19.26
N THR D 13 -18.54 -40.08 -19.11
CA THR D 13 -18.42 -38.94 -20.02
C THR D 13 -17.54 -37.83 -19.46
N GLY D 14 -16.49 -38.18 -18.73
CA GLY D 14 -15.55 -37.22 -18.24
C GLY D 14 -14.60 -36.78 -19.35
N PRO D 15 -13.57 -36.00 -18.99
CA PRO D 15 -12.60 -35.58 -20.02
C PRO D 15 -11.96 -36.74 -20.75
N ALA D 16 -11.59 -37.80 -20.01
CA ALA D 16 -11.02 -38.98 -20.64
C ALA D 16 -12.04 -39.65 -21.56
N GLY D 17 -13.25 -39.86 -21.05
CA GLY D 17 -14.28 -40.49 -21.86
C GLY D 17 -14.67 -39.66 -23.07
N GLU D 18 -14.83 -38.35 -22.87
CA GLU D 18 -15.19 -37.47 -23.98
C GLU D 18 -14.10 -37.45 -25.04
N GLY D 19 -12.85 -37.33 -24.61
CA GLY D 19 -11.76 -37.32 -25.57
C GLY D 19 -11.65 -38.62 -26.34
N ALA D 20 -11.74 -39.74 -25.62
CA ALA D 20 -11.67 -41.04 -26.28
C ALA D 20 -12.82 -41.22 -27.27
N ALA D 21 -14.04 -40.85 -26.87
CA ALA D 21 -15.19 -41.01 -27.74
C ALA D 21 -15.06 -40.15 -28.99
N MET D 22 -14.64 -38.89 -28.83
CA MET D 22 -14.58 -38.02 -29.99
C MET D 22 -13.44 -38.43 -30.92
N ASN D 23 -12.31 -38.86 -30.37
CA ASN D 23 -11.22 -39.34 -31.21
C ASN D 23 -11.62 -40.61 -31.95
N ALA D 24 -12.35 -41.52 -31.28
CA ALA D 24 -12.78 -42.75 -31.93
C ALA D 24 -13.80 -42.48 -33.03
N VAL D 25 -14.76 -41.60 -32.77
CA VAL D 25 -15.76 -41.29 -33.80
C VAL D 25 -15.12 -40.52 -34.95
N LYS D 26 -14.05 -39.76 -34.66
CA LYS D 26 -13.32 -39.09 -35.74
C LYS D 26 -12.64 -40.09 -36.66
N ALA D 27 -12.35 -41.29 -36.16
CA ALA D 27 -11.71 -42.33 -36.96
C ALA D 27 -12.68 -43.05 -37.89
N GLY D 28 -13.96 -42.66 -37.91
CA GLY D 28 -14.94 -43.27 -38.78
C GLY D 28 -15.67 -44.45 -38.18
N ARG D 29 -15.31 -44.87 -36.96
CA ARG D 29 -15.97 -45.99 -36.32
C ARG D 29 -17.32 -45.56 -35.74
N LYS D 30 -18.09 -46.54 -35.26
CA LYS D 30 -19.34 -46.29 -34.57
C LYS D 30 -19.09 -46.45 -33.07
N VAL D 31 -19.39 -45.41 -32.31
CA VAL D 31 -19.04 -45.36 -30.89
C VAL D 31 -20.27 -45.03 -30.06
N ALA D 32 -20.20 -45.38 -28.78
CA ALA D 32 -21.27 -45.09 -27.84
C ALA D 32 -20.66 -44.85 -26.46
N VAL D 33 -21.38 -44.11 -25.62
CA VAL D 33 -20.92 -43.75 -24.30
C VAL D 33 -21.98 -44.11 -23.27
N VAL D 34 -21.52 -44.46 -22.06
CA VAL D 34 -22.38 -44.80 -20.94
C VAL D 34 -21.93 -43.96 -19.74
N ASP D 35 -22.89 -43.34 -19.06
CA ASP D 35 -22.57 -42.49 -17.92
C ASP D 35 -23.73 -42.56 -16.93
N ASP D 36 -23.43 -42.96 -15.68
CA ASP D 36 -24.46 -43.13 -14.67
C ASP D 36 -25.10 -41.82 -14.25
N ARG D 37 -24.44 -40.68 -14.50
CA ARG D 37 -25.05 -39.39 -14.17
C ARG D 37 -26.17 -39.07 -15.16
N PRO D 38 -27.21 -38.35 -14.71
CA PRO D 38 -28.26 -37.93 -15.64
C PRO D 38 -27.79 -36.98 -16.71
N GLN D 39 -26.64 -36.33 -16.54
CA GLN D 39 -26.11 -35.39 -17.51
C GLN D 39 -24.65 -35.70 -17.79
N VAL D 40 -24.21 -35.35 -19.00
CA VAL D 40 -22.84 -35.61 -19.42
C VAL D 40 -21.89 -34.61 -18.77
N GLY D 41 -20.60 -34.88 -18.84
CA GLY D 41 -19.60 -33.99 -18.26
C GLY D 41 -18.76 -34.64 -17.17
N GLY D 42 -19.40 -35.45 -16.33
CA GLY D 42 -18.66 -36.12 -15.29
C GLY D 42 -18.27 -35.19 -14.14
N ASN D 43 -17.30 -35.65 -13.36
CA ASN D 43 -16.81 -34.84 -12.24
C ASN D 43 -16.10 -33.58 -12.69
N CYS D 44 -15.68 -33.52 -13.96
CA CYS D 44 -15.02 -32.32 -14.47
C CYS D 44 -15.94 -31.12 -14.43
N THR D 45 -17.26 -31.35 -14.51
CA THR D 45 -18.21 -30.26 -14.63
C THR D 45 -19.23 -30.20 -13.49
N HIS D 46 -19.56 -31.33 -12.86
CA HIS D 46 -20.67 -31.39 -11.94
C HIS D 46 -20.26 -31.26 -10.48
N LEU D 47 -19.17 -31.92 -10.06
CA LEU D 47 -18.76 -31.89 -8.67
C LEU D 47 -17.31 -31.48 -8.46
N GLY D 48 -16.49 -31.42 -9.50
CA GLY D 48 -15.07 -31.15 -9.33
C GLY D 48 -14.59 -29.83 -9.88
N THR D 49 -14.03 -29.87 -11.09
CA THR D 49 -13.28 -28.73 -11.63
C THR D 49 -14.15 -27.49 -11.75
N ILE D 50 -15.29 -27.60 -12.43
CA ILE D 50 -16.13 -26.45 -12.74
C ILE D 50 -16.72 -25.81 -11.48
N PRO D 51 -17.34 -26.56 -10.56
CA PRO D 51 -17.92 -25.89 -9.37
C PRO D 51 -16.86 -25.22 -8.50
N SER D 52 -15.75 -25.92 -8.24
CA SER D 52 -14.69 -25.33 -7.43
C SER D 52 -14.09 -24.12 -8.12
N LYS D 53 -13.96 -24.17 -9.45
CA LYS D 53 -13.39 -23.04 -10.18
C LYS D 53 -14.32 -21.83 -10.12
N ALA D 54 -15.62 -22.05 -10.29
CA ALA D 54 -16.57 -20.95 -10.17
C ALA D 54 -16.55 -20.36 -8.77
N LEU D 55 -16.49 -21.23 -7.75
CA LEU D 55 -16.41 -20.75 -6.37
C LEU D 55 -15.17 -19.92 -6.14
N ARG D 56 -14.02 -20.40 -6.64
CA ARG D 56 -12.76 -19.67 -6.46
C ARG D 56 -12.79 -18.33 -7.16
N HIS D 57 -13.31 -18.29 -8.39
CA HIS D 57 -13.36 -17.02 -9.12
C HIS D 57 -14.31 -16.03 -8.45
N SER D 58 -15.45 -16.51 -7.96
CA SER D 58 -16.36 -15.63 -7.24
C SER D 58 -15.73 -15.11 -5.95
N VAL D 59 -14.98 -15.97 -5.26
CA VAL D 59 -14.30 -15.55 -4.04
C VAL D 59 -13.26 -14.48 -4.36
N ARG D 60 -12.50 -14.68 -5.43
CA ARG D 60 -11.50 -13.69 -5.82
C ARG D 60 -12.15 -12.37 -6.19
N GLN D 61 -13.28 -12.42 -6.90
CA GLN D 61 -14.00 -11.20 -7.25
C GLN D 61 -14.50 -10.49 -6.00
N ILE D 62 -15.00 -11.25 -5.03
CA ILE D 62 -15.44 -10.66 -3.76
C ILE D 62 -14.26 -9.98 -3.07
N MET D 63 -13.11 -10.65 -3.05
CA MET D 63 -11.92 -10.10 -2.41
C MET D 63 -11.49 -8.80 -3.08
N GLN D 64 -11.51 -8.77 -4.41
CA GLN D 64 -11.10 -7.56 -5.13
C GLN D 64 -12.14 -6.45 -4.98
N TYR D 65 -13.41 -6.82 -4.76
CA TYR D 65 -14.44 -5.84 -4.46
C TYR D 65 -14.20 -5.19 -3.10
N ASN D 66 -13.95 -6.01 -2.08
CA ASN D 66 -13.83 -5.47 -0.74
C ASN D 66 -12.60 -4.59 -0.60
N ASN D 67 -11.52 -4.94 -1.29
CA ASN D 67 -10.24 -4.24 -1.17
C ASN D 67 -10.00 -3.23 -2.29
N ASN D 68 -11.07 -2.62 -2.82
CA ASN D 68 -10.92 -1.65 -3.90
C ASN D 68 -11.39 -0.28 -3.42
N PRO D 69 -10.56 0.76 -3.51
CA PRO D 69 -10.99 2.10 -3.06
C PRO D 69 -12.16 2.67 -3.83
N LEU D 70 -12.42 2.21 -5.05
CA LEU D 70 -13.56 2.70 -5.82
C LEU D 70 -14.88 2.40 -5.13
N PHE D 71 -14.90 1.40 -4.26
CA PHE D 71 -16.12 0.93 -3.61
C PHE D 71 -15.83 -0.07 -2.50
N TRP D 79 -20.69 -9.09 4.53
CA TRP D 79 -20.28 -10.40 4.05
C TRP D 79 -21.28 -10.95 3.03
N PHE D 80 -20.90 -12.02 2.34
CA PHE D 80 -21.72 -12.65 1.33
C PHE D 80 -22.02 -14.08 1.72
N SER D 81 -23.29 -14.48 1.60
CA SER D 81 -23.69 -15.83 1.95
C SER D 81 -23.08 -16.84 0.99
N PHE D 82 -22.76 -18.03 1.52
CA PHE D 82 -22.12 -19.06 0.71
C PHE D 82 -23.04 -19.52 -0.43
N ALA D 83 -24.34 -19.61 -0.16
CA ALA D 83 -25.28 -20.02 -1.21
C ALA D 83 -25.30 -19.01 -2.35
N ASP D 84 -25.28 -17.72 -2.02
CA ASP D 84 -25.27 -16.70 -3.07
C ASP D 84 -24.02 -16.80 -3.92
N VAL D 85 -22.86 -17.04 -3.29
CA VAL D 85 -21.62 -17.18 -4.03
C VAL D 85 -21.67 -18.41 -4.93
N LEU D 86 -22.18 -19.53 -4.41
CA LEU D 86 -22.23 -20.75 -5.21
C LEU D 86 -23.30 -20.67 -6.30
N LYS D 87 -24.23 -19.74 -6.18
CA LYS D 87 -25.30 -19.60 -7.17
C LYS D 87 -24.78 -19.33 -8.58
N SER D 88 -23.56 -18.79 -8.71
CA SER D 88 -23.05 -18.44 -10.04
C SER D 88 -22.59 -19.67 -10.82
N ALA D 89 -22.36 -20.80 -10.16
CA ALA D 89 -21.81 -21.98 -10.83
C ALA D 89 -22.82 -22.70 -11.71
N GLU D 90 -24.12 -22.57 -11.43
CA GLU D 90 -25.11 -23.34 -12.17
C GLU D 90 -25.24 -22.86 -13.61
N GLN D 91 -25.10 -21.56 -13.85
CA GLN D 91 -25.12 -21.07 -15.22
C GLN D 91 -23.98 -21.67 -16.03
N VAL D 92 -22.77 -21.69 -15.45
CA VAL D 92 -21.61 -22.24 -16.13
C VAL D 92 -21.79 -23.74 -16.38
N ILE D 93 -22.28 -24.47 -15.38
CA ILE D 93 -22.44 -25.92 -15.55
C ILE D 93 -23.51 -26.21 -16.61
N ALA D 94 -24.57 -25.39 -16.65
CA ALA D 94 -25.59 -25.58 -17.67
C ALA D 94 -25.05 -25.32 -19.07
N LYS D 95 -24.27 -24.25 -19.22
CA LYS D 95 -23.67 -23.97 -20.52
C LYS D 95 -22.72 -25.09 -20.93
N GLN D 96 -21.92 -25.60 -19.99
CA GLN D 96 -20.97 -26.65 -20.31
C GLN D 96 -21.68 -27.95 -20.70
N VAL D 97 -22.73 -28.34 -19.96
CA VAL D 97 -23.42 -29.58 -20.30
C VAL D 97 -24.15 -29.43 -21.62
N SER D 98 -24.70 -28.25 -21.90
CA SER D 98 -25.35 -28.03 -23.19
C SER D 98 -24.34 -28.14 -24.33
N SER D 99 -23.16 -27.54 -24.16
CA SER D 99 -22.14 -27.61 -25.19
C SER D 99 -21.67 -29.04 -25.41
N ARG D 100 -21.46 -29.80 -24.33
CA ARG D 100 -21.00 -31.17 -24.47
C ARG D 100 -22.09 -32.05 -25.10
N THR D 101 -23.35 -31.82 -24.74
CA THR D 101 -24.44 -32.56 -25.37
C THR D 101 -24.52 -32.24 -26.87
N GLY D 102 -24.33 -30.98 -27.24
CA GLY D 102 -24.30 -30.63 -28.65
C GLY D 102 -23.14 -31.29 -29.37
N TYR D 103 -21.97 -31.34 -28.72
CA TYR D 103 -20.82 -32.01 -29.31
C TYR D 103 -21.11 -33.50 -29.54
N TYR D 104 -21.74 -34.15 -28.56
CA TYR D 104 -22.06 -35.56 -28.70
C TYR D 104 -23.11 -35.78 -29.79
N ALA D 105 -24.12 -34.91 -29.86
CA ALA D 105 -25.22 -35.13 -30.79
C ALA D 105 -24.80 -34.84 -32.23
N ARG D 106 -23.96 -33.83 -32.44
CA ARG D 106 -23.56 -33.47 -33.79
C ARG D 106 -22.77 -34.59 -34.47
N ASN D 107 -21.90 -35.27 -33.73
CA ASN D 107 -21.14 -36.39 -34.27
C ASN D 107 -21.85 -37.72 -34.11
N ARG D 108 -23.07 -37.72 -33.59
CA ARG D 108 -23.90 -38.92 -33.45
C ARG D 108 -23.22 -39.98 -32.60
N ILE D 109 -23.01 -39.64 -31.33
CA ILE D 109 -22.52 -40.58 -30.33
C ILE D 109 -23.66 -40.91 -29.40
N ASP D 110 -24.01 -42.20 -29.32
CA ASP D 110 -25.14 -42.63 -28.50
C ASP D 110 -24.78 -42.60 -27.03
N THR D 111 -25.73 -42.16 -26.20
CA THR D 111 -25.55 -42.06 -24.77
C THR D 111 -26.54 -42.94 -24.05
N PHE D 112 -26.12 -43.46 -22.90
CA PHE D 112 -26.95 -44.32 -22.05
C PHE D 112 -26.75 -43.89 -20.61
N PHE D 113 -27.74 -43.21 -20.04
CA PHE D 113 -27.63 -42.63 -18.71
C PHE D 113 -28.00 -43.66 -17.66
N GLY D 114 -27.06 -44.57 -17.41
CA GLY D 114 -27.30 -45.62 -16.43
C GLY D 114 -26.01 -46.20 -15.91
N THR D 115 -26.12 -46.90 -14.77
CA THR D 115 -24.96 -47.52 -14.16
C THR D 115 -24.47 -48.69 -15.00
N ALA D 116 -23.25 -48.60 -15.49
CA ALA D 116 -22.69 -49.67 -16.32
C ALA D 116 -22.22 -50.83 -15.46
N SER D 117 -22.31 -52.05 -16.01
CA SER D 117 -21.78 -53.23 -15.34
C SER D 117 -21.41 -54.24 -16.41
N PHE D 118 -20.50 -55.15 -16.06
CA PHE D 118 -19.89 -56.05 -17.04
C PHE D 118 -20.57 -57.41 -17.03
N CYS D 119 -20.68 -58.00 -18.23
CA CYS D 119 -21.13 -59.38 -18.39
C CYS D 119 -20.00 -60.29 -18.87
N ASP D 120 -19.33 -59.91 -19.96
CA ASP D 120 -18.19 -60.67 -20.46
C ASP D 120 -17.25 -59.67 -21.14
N GLU D 121 -16.31 -60.18 -21.94
CA GLU D 121 -15.31 -59.33 -22.57
C GLU D 121 -15.88 -58.44 -23.67
N HIS D 122 -17.08 -58.73 -24.16
CA HIS D 122 -17.66 -57.94 -25.24
C HIS D 122 -19.10 -57.52 -24.99
N THR D 123 -19.65 -57.78 -23.80
CA THR D 123 -21.05 -57.48 -23.52
C THR D 123 -21.17 -56.84 -22.13
N ILE D 124 -21.93 -55.75 -22.05
CA ILE D 124 -22.18 -55.07 -20.79
C ILE D 124 -23.67 -54.79 -20.65
N GLU D 125 -24.10 -54.60 -19.41
CA GLU D 125 -25.48 -54.25 -19.09
C GLU D 125 -25.51 -52.87 -18.45
N VAL D 126 -26.40 -52.02 -18.93
CA VAL D 126 -26.55 -50.65 -18.41
C VAL D 126 -27.84 -50.61 -17.60
N VAL D 127 -27.71 -50.65 -16.27
CA VAL D 127 -28.84 -50.56 -15.37
C VAL D 127 -29.13 -49.08 -15.19
N HIS D 128 -30.01 -48.56 -16.04
CA HIS D 128 -30.50 -47.18 -15.95
C HIS D 128 -31.56 -47.13 -14.86
N LEU D 129 -31.18 -46.60 -13.69
CA LEU D 129 -32.05 -46.57 -12.52
C LEU D 129 -32.53 -47.98 -12.18
N ASN D 130 -33.78 -48.29 -12.51
CA ASN D 130 -34.32 -49.63 -12.34
C ASN D 130 -34.83 -50.26 -13.62
N GLY D 131 -35.21 -49.44 -14.61
CA GLY D 131 -35.81 -49.92 -15.83
C GLY D 131 -34.90 -50.67 -16.79
N MET D 132 -33.91 -49.99 -17.36
CA MET D 132 -33.15 -50.58 -18.45
C MET D 132 -32.29 -51.74 -17.97
N VAL D 133 -32.29 -52.82 -18.77
CA VAL D 133 -31.32 -53.89 -18.62
C VAL D 133 -30.74 -54.16 -20.00
N GLU D 134 -30.90 -53.18 -20.90
CA GLU D 134 -30.43 -53.35 -22.27
C GLU D 134 -28.91 -53.50 -22.31
N THR D 135 -28.44 -54.31 -23.25
CA THR D 135 -27.03 -54.68 -23.31
C THR D 135 -26.33 -53.99 -24.47
N LEU D 136 -25.04 -53.72 -24.27
CA LEU D 136 -24.17 -53.13 -25.26
C LEU D 136 -23.11 -54.15 -25.65
N VAL D 137 -22.87 -54.29 -26.95
CA VAL D 137 -21.88 -55.23 -27.49
C VAL D 137 -20.94 -54.45 -28.38
N ALA D 138 -19.65 -54.49 -28.05
CA ALA D 138 -18.64 -53.76 -28.81
C ALA D 138 -17.33 -54.53 -28.78
N LYS D 139 -16.48 -54.25 -29.76
CA LYS D 139 -15.18 -54.92 -29.84
C LYS D 139 -14.10 -54.17 -29.08
N GLN D 140 -14.26 -52.86 -28.87
CA GLN D 140 -13.28 -52.06 -28.17
C GLN D 140 -13.96 -51.33 -27.01
N PHE D 141 -13.29 -51.31 -25.86
CA PHE D 141 -13.83 -50.74 -24.64
C PHE D 141 -12.85 -49.74 -24.05
N VAL D 142 -13.38 -48.63 -23.55
CA VAL D 142 -12.60 -47.60 -22.87
C VAL D 142 -13.21 -47.40 -21.49
N ILE D 143 -12.37 -47.49 -20.46
CA ILE D 143 -12.80 -47.34 -19.07
C ILE D 143 -12.33 -45.98 -18.59
N ALA D 144 -13.28 -45.10 -18.27
CA ALA D 144 -12.99 -43.77 -17.74
C ALA D 144 -13.92 -43.46 -16.58
N THR D 145 -14.08 -44.44 -15.69
CA THR D 145 -14.96 -44.29 -14.54
C THR D 145 -14.45 -43.29 -13.52
N GLY D 146 -13.16 -42.95 -13.57
CA GLY D 146 -12.64 -41.94 -12.66
C GLY D 146 -12.56 -42.47 -11.24
N SER D 147 -12.86 -41.59 -10.28
CA SER D 147 -12.76 -41.94 -8.87
C SER D 147 -13.80 -41.15 -8.08
N ARG D 148 -13.83 -41.42 -6.78
CA ARG D 148 -14.72 -40.78 -5.83
C ARG D 148 -13.92 -40.45 -4.58
N PRO D 149 -14.37 -39.47 -3.79
CA PRO D 149 -13.63 -39.12 -2.58
C PRO D 149 -13.46 -40.32 -1.65
N TYR D 150 -12.26 -40.48 -1.12
CA TYR D 150 -11.97 -41.61 -0.24
C TYR D 150 -12.69 -41.43 1.09
N ARG D 151 -13.42 -42.46 1.50
CA ARG D 151 -14.25 -42.40 2.71
C ARG D 151 -13.83 -43.47 3.69
N PRO D 152 -12.98 -43.14 4.67
CA PRO D 152 -12.64 -44.12 5.70
C PRO D 152 -13.85 -44.46 6.56
N ALA D 153 -13.86 -45.68 7.07
CA ALA D 153 -15.01 -46.17 7.84
C ALA D 153 -15.14 -45.42 9.16
N ASP D 154 -14.02 -44.90 9.68
CA ASP D 154 -14.03 -44.25 10.99
C ASP D 154 -14.70 -42.88 10.98
N VAL D 155 -14.97 -42.31 9.81
CA VAL D 155 -15.56 -40.98 9.71
C VAL D 155 -17.05 -41.13 9.45
N ASP D 156 -17.87 -40.49 10.29
CA ASP D 156 -19.32 -40.50 10.13
C ASP D 156 -19.68 -39.41 9.12
N PHE D 157 -19.68 -39.79 7.84
CA PHE D 157 -20.01 -38.85 6.79
C PHE D 157 -21.50 -38.54 6.72
N THR D 158 -22.33 -39.34 7.41
CA THR D 158 -23.76 -39.05 7.45
C THR D 158 -24.09 -37.87 8.35
N HIS D 159 -23.14 -37.44 9.18
CA HIS D 159 -23.37 -36.28 10.03
C HIS D 159 -23.52 -35.03 9.16
N PRO D 160 -24.49 -34.16 9.48
CA PRO D 160 -24.67 -32.95 8.66
C PRO D 160 -23.47 -32.01 8.65
N ARG D 161 -22.65 -32.03 9.70
CA ARG D 161 -21.52 -31.11 9.82
C ARG D 161 -20.22 -31.69 9.30
N ILE D 162 -20.24 -32.89 8.73
CA ILE D 162 -19.05 -33.51 8.14
C ILE D 162 -19.28 -33.68 6.65
N TYR D 163 -18.37 -33.15 5.84
CA TYR D 163 -18.51 -33.16 4.39
C TYR D 163 -17.28 -33.79 3.75
N ASP D 164 -17.35 -33.97 2.44
CA ASP D 164 -16.24 -34.38 1.61
C ASP D 164 -16.10 -33.40 0.45
N SER D 165 -15.26 -33.75 -0.52
CA SER D 165 -15.05 -32.86 -1.67
C SER D 165 -16.29 -32.73 -2.53
N ASP D 166 -17.28 -33.60 -2.35
CA ASP D 166 -18.53 -33.56 -3.10
C ASP D 166 -19.67 -32.88 -2.34
N THR D 167 -19.92 -33.30 -1.10
CA THR D 167 -21.02 -32.76 -0.32
C THR D 167 -20.75 -31.35 0.22
N ILE D 168 -19.52 -30.84 0.07
CA ILE D 168 -19.21 -29.51 0.58
C ILE D 168 -20.05 -28.45 -0.12
N LEU D 169 -20.41 -28.68 -1.39
CA LEU D 169 -21.26 -27.75 -2.10
C LEU D 169 -22.69 -27.71 -1.52
N SER D 170 -23.07 -28.72 -0.76
CA SER D 170 -24.39 -28.73 -0.12
C SER D 170 -24.48 -27.78 1.06
N LEU D 171 -23.37 -27.17 1.47
CA LEU D 171 -23.38 -26.22 2.58
C LEU D 171 -24.32 -25.06 2.29
N GLY D 172 -25.14 -24.71 3.28
CA GLY D 172 -26.10 -23.63 3.13
C GLY D 172 -25.68 -22.34 3.80
N HIS D 173 -24.99 -22.45 4.93
CA HIS D 173 -24.54 -21.29 5.69
C HIS D 173 -23.04 -21.37 5.91
N THR D 174 -22.40 -20.23 5.82
CA THR D 174 -20.94 -20.17 5.96
C THR D 174 -20.55 -20.46 7.41
N PRO D 175 -19.69 -21.44 7.66
CA PRO D 175 -19.27 -21.73 9.04
C PRO D 175 -18.36 -20.64 9.59
N ARG D 176 -18.36 -20.52 10.92
CA ARG D 176 -17.47 -19.58 11.57
C ARG D 176 -16.02 -20.10 11.59
N ARG D 177 -15.86 -21.39 11.82
CA ARG D 177 -14.55 -22.04 11.79
C ARG D 177 -14.67 -23.34 10.99
N LEU D 178 -13.58 -23.69 10.31
CA LEU D 178 -13.61 -24.86 9.43
C LEU D 178 -12.30 -25.62 9.57
N ILE D 179 -12.35 -26.93 9.37
CA ILE D 179 -11.20 -27.82 9.44
C ILE D 179 -11.10 -28.58 8.12
N ILE D 180 -9.90 -28.60 7.54
CA ILE D 180 -9.61 -29.37 6.33
C ILE D 180 -8.54 -30.40 6.67
N TYR D 181 -8.82 -31.67 6.37
CA TYR D 181 -7.86 -32.75 6.56
C TYR D 181 -7.28 -33.16 5.21
N GLY D 182 -5.97 -33.36 5.20
CA GLY D 182 -5.27 -33.68 3.97
C GLY D 182 -4.77 -32.45 3.25
N ALA D 183 -3.48 -32.41 2.95
CA ALA D 183 -2.87 -31.26 2.28
C ALA D 183 -2.76 -31.46 0.78
N GLY D 184 -3.73 -32.15 0.17
CA GLY D 184 -3.72 -32.37 -1.25
C GLY D 184 -4.08 -31.11 -2.02
N VAL D 185 -4.13 -31.27 -3.35
CA VAL D 185 -4.46 -30.16 -4.23
C VAL D 185 -5.87 -29.65 -3.92
N ILE D 186 -6.83 -30.57 -3.79
CA ILE D 186 -8.20 -30.18 -3.48
C ILE D 186 -8.26 -29.50 -2.12
N GLY D 187 -7.56 -30.04 -1.14
CA GLY D 187 -7.57 -29.45 0.19
C GLY D 187 -7.02 -28.04 0.20
N CYS D 188 -5.88 -27.83 -0.49
CA CYS D 188 -5.30 -26.50 -0.56
C CYS D 188 -6.21 -25.53 -1.30
N GLU D 189 -6.82 -25.98 -2.40
CA GLU D 189 -7.73 -25.10 -3.15
C GLU D 189 -8.91 -24.68 -2.28
N TYR D 190 -9.52 -25.64 -1.58
CA TYR D 190 -10.66 -25.30 -0.74
C TYR D 190 -10.25 -24.43 0.43
N ALA D 191 -9.06 -24.68 1.00
CA ALA D 191 -8.58 -23.82 2.08
C ALA D 191 -8.42 -22.38 1.61
N SER D 192 -7.83 -22.20 0.41
CA SER D 192 -7.68 -20.86 -0.13
C SER D 192 -9.03 -20.20 -0.39
N ILE D 193 -9.97 -20.95 -0.96
CA ILE D 193 -11.28 -20.39 -1.27
C ILE D 193 -11.99 -19.96 0.02
N PHE D 194 -12.03 -20.83 1.01
CA PHE D 194 -12.71 -20.52 2.26
C PHE D 194 -12.02 -19.38 3.01
N SER D 195 -10.68 -19.34 2.98
CA SER D 195 -9.97 -18.22 3.59
C SER D 195 -10.31 -16.92 2.90
N GLY D 196 -10.40 -16.94 1.57
CA GLY D 196 -10.87 -15.76 0.86
C GLY D 196 -12.27 -15.35 1.27
N LEU D 197 -13.14 -16.34 1.52
CA LEU D 197 -14.48 -16.04 2.01
C LEU D 197 -14.48 -15.47 3.42
N GLY D 198 -13.44 -15.73 4.21
CA GLY D 198 -13.35 -15.14 5.53
C GLY D 198 -13.69 -16.06 6.68
N VAL D 199 -13.22 -17.31 6.63
CA VAL D 199 -13.39 -18.27 7.70
C VAL D 199 -12.01 -18.77 8.13
N LEU D 200 -11.83 -18.94 9.44
CA LEU D 200 -10.55 -19.36 9.99
C LEU D 200 -10.33 -20.84 9.71
N VAL D 201 -9.77 -21.15 8.54
CA VAL D 201 -9.51 -22.53 8.14
C VAL D 201 -8.31 -23.05 8.91
N ASP D 202 -8.44 -24.25 9.47
CA ASP D 202 -7.34 -24.92 10.17
C ASP D 202 -6.95 -26.14 9.33
N LEU D 203 -6.04 -25.92 8.38
CA LEU D 203 -5.59 -27.01 7.52
C LEU D 203 -4.74 -27.99 8.31
N ILE D 204 -4.96 -29.28 8.07
CA ILE D 204 -4.20 -30.34 8.72
C ILE D 204 -3.46 -31.12 7.64
N ASP D 205 -2.16 -31.32 7.86
CA ASP D 205 -1.29 -32.00 6.90
C ASP D 205 -0.65 -33.22 7.54
N ASN D 206 -0.57 -34.30 6.78
CA ASN D 206 0.09 -35.51 7.24
C ASN D 206 1.61 -35.44 7.10
N ARG D 207 2.12 -34.47 6.35
CA ARG D 207 3.55 -34.28 6.14
C ARG D 207 4.01 -33.03 6.88
N ASP D 208 5.29 -32.72 6.72
CA ASP D 208 5.87 -31.53 7.33
C ASP D 208 5.91 -30.33 6.39
N GLN D 209 5.65 -30.53 5.10
CA GLN D 209 5.69 -29.45 4.12
C GLN D 209 4.49 -29.56 3.19
N LEU D 210 3.85 -28.44 2.92
CA LEU D 210 2.72 -28.40 2.00
C LEU D 210 3.19 -28.65 0.58
N LEU D 211 2.56 -29.61 -0.10
CA LEU D 211 2.85 -29.94 -1.49
C LEU D 211 4.34 -30.20 -1.70
N SER D 212 4.82 -31.27 -1.04
CA SER D 212 6.24 -31.60 -1.10
C SER D 212 6.71 -31.92 -2.52
N PHE D 213 5.81 -32.35 -3.40
CA PHE D 213 6.19 -32.61 -4.77
C PHE D 213 6.44 -31.34 -5.57
N LEU D 214 6.10 -30.18 -5.02
CA LEU D 214 6.36 -28.90 -5.67
C LEU D 214 7.73 -28.37 -5.22
N ASP D 215 8.10 -27.20 -5.75
CA ASP D 215 9.35 -26.58 -5.38
C ASP D 215 9.30 -26.07 -3.94
N ASP D 216 10.46 -26.06 -3.29
CA ASP D 216 10.54 -25.58 -1.91
C ASP D 216 10.17 -24.10 -1.83
N GLU D 217 10.66 -23.29 -2.77
CA GLU D 217 10.33 -21.87 -2.80
C GLU D 217 8.84 -21.65 -2.93
N ILE D 218 8.20 -22.34 -3.88
CA ILE D 218 6.78 -22.16 -4.13
C ILE D 218 5.97 -22.63 -2.92
N SER D 219 6.35 -23.77 -2.35
CA SER D 219 5.64 -24.28 -1.17
C SER D 219 5.75 -23.31 0.00
N ASP D 220 6.95 -22.76 0.23
CA ASP D 220 7.13 -21.82 1.33
C ASP D 220 6.31 -20.55 1.11
N SER D 221 6.31 -20.02 -0.11
CA SER D 221 5.53 -18.81 -0.39
C SER D 221 4.04 -19.08 -0.23
N LEU D 222 3.56 -20.22 -0.71
CA LEU D 222 2.15 -20.57 -0.56
C LEU D 222 1.78 -20.69 0.91
N SER D 223 2.64 -21.35 1.70
CA SER D 223 2.36 -21.49 3.13
C SER D 223 2.32 -20.14 3.81
N TYR D 224 3.26 -19.24 3.48
CA TYR D 224 3.26 -17.92 4.08
C TYR D 224 1.99 -17.17 3.74
N HIS D 225 1.56 -17.22 2.48
CA HIS D 225 0.35 -16.50 2.08
C HIS D 225 -0.88 -17.08 2.77
N LEU D 226 -1.00 -18.41 2.82
CA LEU D 226 -2.15 -19.02 3.47
C LEU D 226 -2.20 -18.64 4.95
N ARG D 227 -1.05 -18.69 5.64
CA ARG D 227 -1.03 -18.35 7.05
C ARG D 227 -1.31 -16.87 7.26
N ASN D 228 -0.87 -16.02 6.32
CA ASN D 228 -1.22 -14.60 6.38
C ASN D 228 -2.68 -14.35 6.03
N ASN D 229 -3.38 -15.37 5.51
CA ASN D 229 -4.79 -15.22 5.21
C ASN D 229 -5.66 -16.09 6.11
N ASN D 230 -5.31 -16.11 7.41
CA ASN D 230 -6.07 -16.73 8.49
C ASN D 230 -6.03 -18.25 8.52
N VAL D 231 -5.34 -18.89 7.57
CA VAL D 231 -5.26 -20.35 7.55
C VAL D 231 -4.19 -20.79 8.54
N LEU D 232 -4.58 -21.63 9.51
CA LEU D 232 -3.65 -22.18 10.49
C LEU D 232 -3.24 -23.57 10.02
N ILE D 233 -1.99 -23.70 9.59
CA ILE D 233 -1.48 -24.92 9.00
C ILE D 233 -0.70 -25.70 10.06
N ARG D 234 -1.12 -26.93 10.32
CA ARG D 234 -0.45 -27.81 11.27
C ARG D 234 0.20 -28.95 10.50
N HIS D 235 1.48 -29.20 10.78
CA HIS D 235 2.26 -30.17 10.04
C HIS D 235 2.54 -31.40 10.89
N ASN D 236 2.80 -32.52 10.22
CA ASN D 236 3.11 -33.80 10.85
C ASN D 236 2.01 -34.22 11.82
N GLU D 237 0.81 -34.39 11.28
CA GLU D 237 -0.35 -34.75 12.07
C GLU D 237 -1.11 -35.90 11.41
N GLU D 238 -1.69 -36.76 12.24
CA GLU D 238 -2.53 -37.85 11.77
C GLU D 238 -3.75 -37.93 12.67
N TYR D 239 -4.93 -38.00 12.06
CA TYR D 239 -6.17 -37.99 12.82
C TYR D 239 -6.32 -39.28 13.64
N GLU D 240 -6.95 -39.14 14.79
CA GLU D 240 -7.28 -40.29 15.65
C GLU D 240 -8.78 -40.52 15.75
N ARG D 241 -9.56 -39.47 15.92
CA ARG D 241 -11.01 -39.62 16.00
C ARG D 241 -11.69 -38.32 15.59
N VAL D 242 -12.84 -38.44 14.92
CA VAL D 242 -13.67 -37.30 14.56
C VAL D 242 -15.04 -37.48 15.22
N GLU D 243 -15.49 -36.45 15.93
CA GLU D 243 -16.74 -36.50 16.67
C GLU D 243 -17.64 -35.36 16.21
N GLY D 244 -18.88 -35.69 15.87
CA GLY D 244 -19.82 -34.69 15.39
C GLY D 244 -20.83 -34.27 16.43
N LEU D 245 -20.65 -33.08 17.00
CA LEU D 245 -21.59 -32.54 17.97
C LEU D 245 -22.75 -31.86 17.25
N ASP D 246 -23.70 -31.37 18.04
CA ASP D 246 -24.85 -30.67 17.47
C ASP D 246 -24.44 -29.33 16.87
N ASN D 247 -23.46 -28.66 17.48
CA ASN D 247 -23.04 -27.33 17.05
C ASN D 247 -21.74 -27.31 16.26
N GLY D 248 -20.88 -28.31 16.43
CA GLY D 248 -19.61 -28.30 15.74
C GLY D 248 -19.01 -29.69 15.63
N VAL D 249 -17.85 -29.75 15.00
CA VAL D 249 -17.09 -30.98 14.81
C VAL D 249 -15.78 -30.86 15.57
N ILE D 250 -15.45 -31.89 16.35
CA ILE D 250 -14.24 -31.91 17.16
C ILE D 250 -13.36 -33.05 16.66
N LEU D 251 -12.14 -32.71 16.25
CA LEU D 251 -11.17 -33.68 15.77
C LEU D 251 -10.09 -33.86 16.83
N HIS D 252 -9.92 -35.09 17.29
CA HIS D 252 -8.84 -35.45 18.21
C HIS D 252 -7.73 -36.11 17.40
N LEU D 253 -6.57 -35.47 17.37
CA LEU D 253 -5.41 -35.95 16.62
C LEU D 253 -4.63 -36.98 17.43
N LYS D 254 -3.78 -37.73 16.74
CA LYS D 254 -2.94 -38.71 17.41
C LYS D 254 -1.90 -38.04 18.31
N SER D 255 -1.47 -36.83 17.97
CA SER D 255 -0.50 -36.11 18.76
C SER D 255 -1.06 -35.56 20.07
N GLY D 256 -2.38 -35.63 20.26
CA GLY D 256 -3.01 -35.14 21.47
C GLY D 256 -3.78 -33.86 21.31
N LYS D 257 -3.66 -33.17 20.19
CA LYS D 257 -4.40 -31.94 19.96
C LYS D 257 -5.87 -32.22 19.70
N LYS D 258 -6.73 -31.34 20.18
CA LYS D 258 -8.17 -31.40 19.93
C LYS D 258 -8.60 -30.07 19.32
N ILE D 259 -9.19 -30.12 18.13
CA ILE D 259 -9.57 -28.92 17.39
C ILE D 259 -11.07 -28.95 17.16
N LYS D 260 -11.74 -27.87 17.56
CA LYS D 260 -13.18 -27.75 17.42
C LYS D 260 -13.51 -26.67 16.39
N ALA D 261 -14.41 -26.99 15.46
CA ALA D 261 -14.85 -26.05 14.45
C ALA D 261 -16.37 -26.20 14.26
N ASP D 262 -16.90 -25.44 13.30
CA ASP D 262 -18.31 -25.49 12.96
C ASP D 262 -18.57 -26.33 11.72
N ALA D 263 -17.56 -26.99 11.18
CA ALA D 263 -17.71 -27.82 9.99
C ALA D 263 -16.49 -28.73 9.88
N PHE D 264 -16.44 -29.49 8.79
CA PHE D 264 -15.34 -30.40 8.53
C PHE D 264 -15.36 -30.77 7.05
N LEU D 265 -14.17 -30.86 6.46
CA LEU D 265 -14.02 -31.16 5.04
C LEU D 265 -12.87 -32.15 4.86
N TRP D 266 -13.22 -33.41 4.61
CA TRP D 266 -12.21 -34.43 4.34
C TRP D 266 -11.81 -34.38 2.87
N SER D 267 -10.51 -34.26 2.62
CA SER D 267 -9.99 -34.18 1.26
C SER D 267 -8.71 -35.01 1.10
N ASN D 268 -8.60 -36.12 1.83
CA ASN D 268 -7.40 -36.94 1.84
C ASN D 268 -7.56 -38.06 0.82
N GLY D 269 -7.08 -37.81 -0.39
CA GLY D 269 -7.02 -38.85 -1.42
C GLY D 269 -8.35 -39.18 -2.06
N ARG D 270 -8.31 -39.95 -3.14
CA ARG D 270 -9.49 -40.41 -3.84
C ARG D 270 -9.31 -41.87 -4.24
N THR D 271 -10.42 -42.60 -4.31
CA THR D 271 -10.40 -44.02 -4.62
C THR D 271 -11.17 -44.26 -5.92
N GLY D 272 -10.59 -45.06 -6.80
CA GLY D 272 -11.21 -45.28 -8.11
C GLY D 272 -12.53 -46.00 -7.98
N ASN D 273 -13.43 -45.68 -8.91
CA ASN D 273 -14.77 -46.26 -8.94
C ASN D 273 -14.73 -47.53 -9.79
N THR D 274 -14.55 -48.67 -9.12
CA THR D 274 -14.51 -49.97 -9.80
C THR D 274 -15.37 -51.03 -9.13
N ASP D 275 -15.99 -50.73 -7.98
CA ASP D 275 -16.79 -51.73 -7.28
C ASP D 275 -18.00 -52.17 -8.11
N LYS D 276 -18.68 -51.20 -8.74
CA LYS D 276 -19.86 -51.51 -9.53
C LYS D 276 -19.53 -52.05 -10.92
N LEU D 277 -18.28 -51.95 -11.36
CA LEU D 277 -17.92 -52.39 -12.70
C LEU D 277 -17.91 -53.91 -12.81
N GLY D 278 -17.49 -54.61 -11.75
CA GLY D 278 -17.38 -56.06 -11.79
C GLY D 278 -16.26 -56.53 -12.70
N LEU D 279 -15.02 -56.20 -12.32
CA LEU D 279 -13.87 -56.53 -13.15
C LEU D 279 -13.55 -58.03 -13.17
N GLU D 280 -14.08 -58.79 -12.21
CA GLU D 280 -13.80 -60.22 -12.17
C GLU D 280 -14.38 -60.97 -13.36
N ASN D 281 -15.39 -60.41 -14.02
CA ASN D 281 -15.96 -61.03 -15.22
C ASN D 281 -15.02 -60.95 -16.42
N ILE D 282 -13.96 -60.16 -16.34
CA ILE D 282 -13.03 -59.98 -17.46
C ILE D 282 -11.64 -60.49 -17.13
N GLY D 283 -11.32 -60.73 -15.86
CA GLY D 283 -10.00 -61.14 -15.45
C GLY D 283 -9.12 -60.04 -14.92
N LEU D 284 -9.66 -58.84 -14.72
CA LEU D 284 -8.90 -57.72 -14.18
C LEU D 284 -9.19 -57.55 -12.69
N LYS D 285 -8.21 -57.02 -11.97
CA LYS D 285 -8.34 -56.77 -10.55
C LYS D 285 -7.83 -55.37 -10.23
N ALA D 286 -8.60 -54.61 -9.46
CA ALA D 286 -8.19 -53.28 -9.03
C ALA D 286 -7.39 -53.36 -7.75
N ASN D 287 -6.47 -52.41 -7.58
CA ASN D 287 -5.61 -52.37 -6.39
C ASN D 287 -6.41 -51.79 -5.22
N GLY D 288 -5.69 -51.50 -4.13
CA GLY D 288 -6.35 -50.94 -2.96
C GLY D 288 -6.96 -49.57 -3.21
N ARG D 289 -6.42 -48.83 -4.17
CA ARG D 289 -6.95 -47.52 -4.53
C ARG D 289 -8.01 -47.60 -5.62
N GLY D 290 -8.39 -48.80 -6.05
CA GLY D 290 -9.37 -48.93 -7.11
C GLY D 290 -8.89 -48.45 -8.45
N GLN D 291 -7.61 -48.65 -8.76
CA GLN D 291 -7.03 -48.19 -10.02
C GLN D 291 -6.62 -49.38 -10.88
N ILE D 292 -6.62 -49.17 -12.19
CA ILE D 292 -6.37 -50.21 -13.17
C ILE D 292 -4.99 -49.99 -13.79
N GLN D 293 -4.16 -51.02 -13.75
CA GLN D 293 -2.83 -50.94 -14.34
C GLN D 293 -2.91 -50.97 -15.86
N VAL D 294 -2.20 -50.05 -16.51
CA VAL D 294 -2.15 -49.98 -17.96
C VAL D 294 -0.71 -49.79 -18.40
N ASP D 295 -0.44 -50.14 -19.66
CA ASP D 295 0.89 -49.99 -20.24
C ASP D 295 1.02 -48.62 -20.88
N GLU D 296 2.07 -48.42 -21.67
CA GLU D 296 2.26 -47.16 -22.37
C GLU D 296 1.20 -46.93 -23.45
N HIS D 297 0.49 -47.98 -23.86
CA HIS D 297 -0.59 -47.88 -24.83
C HIS D 297 -1.95 -47.68 -24.17
N TYR D 298 -1.98 -47.53 -22.84
CA TYR D 298 -3.22 -47.42 -22.07
C TYR D 298 -4.11 -48.65 -22.26
N ARG D 299 -3.47 -49.81 -22.49
CA ARG D 299 -4.17 -51.07 -22.66
C ARG D 299 -4.01 -51.88 -21.38
N THR D 300 -5.12 -52.43 -20.89
CA THR D 300 -5.10 -53.25 -19.69
C THR D 300 -4.53 -54.62 -20.01
N GLU D 301 -4.60 -55.55 -19.05
CA GLU D 301 -4.16 -56.91 -19.30
C GLU D 301 -4.99 -57.55 -20.41
N VAL D 302 -6.30 -57.31 -20.41
CA VAL D 302 -7.15 -57.76 -21.49
C VAL D 302 -6.84 -56.96 -22.74
N SER D 303 -6.76 -57.64 -23.89
CA SER D 303 -6.35 -56.98 -25.12
C SER D 303 -7.39 -56.01 -25.63
N ASN D 304 -8.68 -56.30 -25.41
CA ASN D 304 -9.75 -55.50 -25.98
C ASN D 304 -10.30 -54.44 -25.02
N ILE D 305 -9.72 -54.30 -23.83
CA ILE D 305 -10.18 -53.34 -22.84
C ILE D 305 -9.06 -52.34 -22.58
N TYR D 306 -9.39 -51.06 -22.65
CA TYR D 306 -8.44 -49.97 -22.44
C TYR D 306 -8.94 -49.10 -21.30
N ALA D 307 -8.00 -48.64 -20.46
CA ALA D 307 -8.33 -47.77 -19.34
C ALA D 307 -7.51 -46.50 -19.44
N ALA D 308 -8.15 -45.37 -19.11
CA ALA D 308 -7.49 -44.07 -19.17
C ALA D 308 -8.18 -43.11 -18.23
N GLY D 309 -7.51 -42.01 -17.94
CA GLY D 309 -8.07 -40.97 -17.10
C GLY D 309 -7.68 -41.11 -15.63
N ASP D 310 -8.45 -40.41 -14.79
CA ASP D 310 -8.18 -40.40 -13.36
C ASP D 310 -8.36 -41.77 -12.73
N VAL D 311 -9.12 -42.67 -13.36
CA VAL D 311 -9.32 -44.01 -12.81
C VAL D 311 -8.01 -44.78 -12.71
N ILE D 312 -7.01 -44.43 -13.50
CA ILE D 312 -5.72 -45.08 -13.42
C ILE D 312 -4.78 -44.29 -12.51
N PRO D 315 -2.08 -39.15 -12.95
CA PRO D 315 -1.81 -37.86 -12.33
C PRO D 315 -3.08 -37.18 -11.78
N SER D 316 -4.24 -37.72 -12.15
CA SER D 316 -5.53 -37.22 -11.69
C SER D 316 -5.72 -35.74 -12.02
N LEU D 317 -5.59 -35.41 -13.31
CA LEU D 317 -5.80 -34.07 -13.80
C LEU D 317 -6.77 -34.11 -14.98
N ALA D 318 -7.69 -33.15 -15.03
CA ALA D 318 -8.75 -33.17 -16.04
C ALA D 318 -8.17 -33.08 -17.44
N SER D 319 -7.25 -32.15 -17.67
CA SER D 319 -6.59 -32.06 -18.98
C SER D 319 -5.75 -33.30 -19.24
N ALA D 320 -5.03 -33.78 -18.21
CA ALA D 320 -4.26 -35.00 -18.36
C ALA D 320 -5.16 -36.19 -18.65
N ALA D 321 -6.32 -36.27 -17.97
CA ALA D 321 -7.26 -37.35 -18.25
C ALA D 321 -7.79 -37.27 -19.67
N TYR D 322 -8.10 -36.05 -20.13
CA TYR D 322 -8.60 -35.87 -21.50
C TYR D 322 -7.56 -36.33 -22.51
N ASP D 323 -6.31 -35.93 -22.33
CA ASP D 323 -5.25 -36.34 -23.25
C ASP D 323 -5.01 -37.85 -23.17
N GLN D 324 -5.11 -38.42 -21.96
CA GLN D 324 -4.93 -39.86 -21.81
C GLN D 324 -6.02 -40.64 -22.53
N GLY D 325 -7.27 -40.19 -22.42
CA GLY D 325 -8.35 -40.82 -23.15
C GLY D 325 -8.18 -40.69 -24.65
N ARG D 326 -7.74 -39.51 -25.11
CA ARG D 326 -7.49 -39.34 -26.53
C ARG D 326 -6.39 -40.28 -27.02
N SER D 327 -5.32 -40.42 -26.24
CA SER D 327 -4.23 -41.32 -26.62
C SER D 327 -4.69 -42.77 -26.62
N ALA D 328 -5.53 -43.14 -25.65
CA ALA D 328 -6.07 -44.50 -25.63
C ALA D 328 -6.94 -44.78 -26.86
N ALA D 329 -7.77 -43.81 -27.24
CA ALA D 329 -8.58 -43.97 -28.45
C ALA D 329 -7.69 -44.08 -29.68
N GLY D 330 -6.65 -43.26 -29.75
CA GLY D 330 -5.72 -43.36 -30.87
C GLY D 330 -5.03 -44.71 -30.94
N SER D 331 -4.64 -45.25 -29.78
CA SER D 331 -4.07 -46.59 -29.74
C SER D 331 -5.08 -47.63 -30.21
N ILE D 332 -6.34 -47.48 -29.80
CA ILE D 332 -7.37 -48.43 -30.23
C ILE D 332 -7.54 -48.39 -31.74
N THR D 333 -7.61 -47.19 -32.32
CA THR D 333 -7.75 -47.05 -33.76
C THR D 333 -6.43 -47.17 -34.51
N GLU D 334 -5.30 -47.07 -33.81
CA GLU D 334 -3.98 -47.18 -34.41
C GLU D 334 -3.80 -46.19 -35.57
N ASN D 335 -4.26 -44.96 -35.33
CA ASN D 335 -4.16 -43.88 -36.32
C ASN D 335 -3.01 -42.93 -35.99
N ASP D 336 -1.92 -43.45 -35.42
CA ASP D 336 -0.64 -42.80 -35.11
C ASP D 336 -0.81 -41.52 -34.28
N SER D 337 -1.96 -41.32 -33.66
CA SER D 337 -2.18 -40.19 -32.77
C SER D 337 -1.87 -40.51 -31.32
N TRP D 338 -1.44 -41.73 -31.01
CA TRP D 338 -1.15 -42.12 -29.65
C TRP D 338 0.13 -41.49 -29.15
N ARG D 339 0.12 -41.07 -27.89
CA ARG D 339 1.32 -40.54 -27.23
C ARG D 339 1.13 -40.70 -25.72
N PHE D 340 2.11 -41.29 -25.06
CA PHE D 340 2.00 -41.53 -23.62
C PHE D 340 2.05 -40.21 -22.87
N VAL D 341 0.96 -39.89 -22.16
CA VAL D 341 0.89 -38.67 -21.38
C VAL D 341 1.73 -38.88 -20.12
N ASP D 342 2.92 -38.29 -20.11
CA ASP D 342 3.85 -38.40 -18.98
C ASP D 342 4.21 -37.06 -18.37
N ASP D 343 4.41 -36.04 -19.20
CA ASP D 343 4.73 -34.70 -18.71
C ASP D 343 3.43 -33.88 -18.64
N VAL D 344 3.07 -33.46 -17.43
CA VAL D 344 1.87 -32.65 -17.23
C VAL D 344 2.21 -31.46 -16.35
N PRO D 345 1.88 -30.24 -16.76
CA PRO D 345 2.18 -29.06 -15.92
C PRO D 345 1.30 -29.08 -14.67
N THR D 346 1.95 -29.23 -13.52
CA THR D 346 1.22 -29.24 -12.25
C THR D 346 0.59 -27.86 -12.02
N GLY D 347 -0.70 -27.86 -11.69
CA GLY D 347 -1.42 -26.62 -11.45
C GLY D 347 -2.31 -26.69 -10.23
N ILE D 348 -2.08 -25.79 -9.27
CA ILE D 348 -2.86 -25.71 -8.05
C ILE D 348 -3.58 -24.36 -8.08
N TYR D 349 -4.91 -24.40 -8.12
CA TYR D 349 -5.70 -23.18 -8.27
C TYR D 349 -6.16 -22.64 -6.92
N THR D 350 -5.16 -22.22 -6.13
CA THR D 350 -5.41 -21.49 -4.90
C THR D 350 -5.53 -20.00 -5.22
N ILE D 351 -5.53 -19.17 -4.19
CA ILE D 351 -5.53 -17.72 -4.34
C ILE D 351 -4.24 -17.18 -3.75
N PRO D 352 -3.24 -16.86 -4.58
CA PRO D 352 -3.23 -16.95 -6.04
C PRO D 352 -2.82 -18.33 -6.55
N GLU D 353 -2.72 -18.49 -7.87
CA GLU D 353 -2.50 -19.79 -8.47
C GLU D 353 -1.03 -20.19 -8.38
N ILE D 354 -0.78 -21.49 -8.63
CA ILE D 354 0.56 -22.05 -8.66
C ILE D 354 0.66 -22.97 -9.87
N SER D 355 1.76 -22.89 -10.60
CA SER D 355 1.96 -23.82 -11.70
C SER D 355 3.44 -24.14 -11.84
N SER D 356 3.72 -25.31 -12.43
CA SER D 356 5.09 -25.75 -12.60
C SER D 356 5.16 -26.73 -13.76
N VAL D 357 6.28 -26.69 -14.48
CA VAL D 357 6.55 -27.63 -15.56
C VAL D 357 8.02 -28.04 -15.46
N GLY D 358 8.29 -29.33 -15.59
CA GLY D 358 9.65 -29.81 -15.52
C GLY D 358 10.10 -30.08 -14.10
N LYS D 359 11.41 -30.28 -13.96
CA LYS D 359 12.00 -30.66 -12.69
C LYS D 359 12.03 -29.48 -11.72
N THR D 360 12.05 -29.80 -10.43
CA THR D 360 12.20 -28.80 -9.38
C THR D 360 13.69 -28.60 -9.07
N GLU D 361 13.98 -27.67 -8.16
CA GLU D 361 15.38 -27.37 -7.84
C GLU D 361 16.02 -28.51 -7.04
N ARG D 362 15.22 -29.23 -6.25
CA ARG D 362 15.76 -30.34 -5.46
C ARG D 362 16.25 -31.46 -6.36
N GLU D 363 15.50 -31.75 -7.43
CA GLU D 363 15.93 -32.80 -8.37
C GLU D 363 17.20 -32.39 -9.10
N LEU D 364 17.31 -31.11 -9.47
CA LEU D 364 18.56 -30.63 -10.07
C LEU D 364 19.73 -30.76 -9.10
N THR D 365 19.51 -30.40 -7.83
CA THR D 365 20.57 -30.53 -6.84
C THR D 365 21.00 -31.98 -6.67
N GLN D 366 20.03 -32.90 -6.60
CA GLN D 366 20.35 -34.32 -6.45
C GLN D 366 21.06 -34.86 -7.68
N ALA D 367 20.67 -34.41 -8.87
CA ALA D 367 21.22 -34.93 -10.12
C ALA D 367 22.51 -34.26 -10.54
N LYS D 368 23.00 -33.28 -9.77
CA LYS D 368 24.29 -32.63 -10.02
C LYS D 368 24.31 -31.90 -11.35
N VAL D 369 23.17 -31.42 -11.81
CA VAL D 369 23.11 -30.67 -13.07
C VAL D 369 23.50 -29.22 -12.81
N PRO D 370 24.46 -28.67 -13.55
CA PRO D 370 24.87 -27.29 -13.32
C PRO D 370 23.86 -26.28 -13.87
N TYR D 371 22.84 -25.97 -13.07
CA TYR D 371 21.78 -25.09 -13.49
C TYR D 371 21.98 -23.68 -12.92
N GLU D 372 21.05 -22.79 -13.25
CA GLU D 372 21.05 -21.44 -12.71
C GLU D 372 19.60 -20.95 -12.67
N VAL D 373 19.36 -19.95 -11.82
CA VAL D 373 18.02 -19.49 -11.47
C VAL D 373 17.84 -18.07 -11.97
N GLY D 374 16.76 -17.84 -12.72
CA GLY D 374 16.35 -16.50 -13.10
C GLY D 374 15.00 -16.17 -12.50
N LYS D 375 14.94 -15.11 -11.68
CA LYS D 375 13.74 -14.76 -10.94
C LYS D 375 13.12 -13.49 -11.49
N ALA D 376 11.80 -13.41 -11.35
CA ALA D 376 11.04 -12.21 -11.71
C ALA D 376 9.91 -12.06 -10.70
N PHE D 377 9.97 -11.00 -9.91
CA PHE D 377 9.02 -10.78 -8.84
C PHE D 377 7.85 -9.93 -9.34
N PHE D 378 6.63 -10.40 -9.06
CA PHE D 378 5.44 -9.72 -9.58
C PHE D 378 5.20 -8.36 -8.92
N LYS D 379 5.83 -8.10 -7.77
CA LYS D 379 5.60 -6.82 -7.10
C LYS D 379 6.04 -5.64 -7.97
N GLY D 380 7.12 -5.81 -8.74
CA GLY D 380 7.53 -4.78 -9.68
C GLY D 380 6.85 -4.85 -11.03
N MET D 381 6.01 -5.85 -11.25
CA MET D 381 5.31 -6.00 -12.52
C MET D 381 4.23 -4.94 -12.69
N ALA D 382 4.23 -4.28 -13.84
CA ALA D 382 3.20 -3.30 -14.15
C ALA D 382 1.83 -3.94 -14.22
N ARG D 383 1.74 -5.12 -14.85
CA ARG D 383 0.46 -5.81 -14.96
C ARG D 383 -0.03 -6.27 -13.60
N ALA D 384 0.88 -6.74 -12.75
CA ALA D 384 0.47 -7.16 -11.40
C ALA D 384 -0.01 -5.98 -10.58
N GLN D 385 0.67 -4.83 -10.67
CA GLN D 385 0.20 -3.64 -9.95
C GLN D 385 -1.13 -3.16 -10.50
N ILE D 386 -1.31 -3.21 -11.82
CA ILE D 386 -2.56 -2.74 -12.43
C ILE D 386 -3.70 -3.70 -12.09
N ALA D 387 -3.37 -4.95 -11.77
CA ALA D 387 -4.40 -5.90 -11.36
C ALA D 387 -4.64 -5.84 -9.86
N VAL D 388 -3.90 -4.99 -9.15
CA VAL D 388 -4.09 -4.73 -7.72
C VAL D 388 -3.71 -6.01 -6.97
N GLU D 389 -2.99 -6.90 -7.65
CA GLU D 389 -2.51 -8.15 -7.06
C GLU D 389 -0.99 -8.18 -7.22
N LYS D 390 -0.28 -7.92 -6.12
CA LYS D 390 1.17 -7.74 -6.15
C LYS D 390 1.95 -8.97 -5.73
N ALA D 391 1.39 -9.83 -4.90
CA ALA D 391 2.12 -10.99 -4.41
C ALA D 391 2.34 -12.00 -5.52
N GLY D 392 3.44 -12.73 -5.43
CA GLY D 392 3.79 -13.77 -6.39
C GLY D 392 5.18 -13.59 -6.95
N MET D 393 5.62 -14.61 -7.66
CA MET D 393 6.95 -14.62 -8.26
C MET D 393 6.98 -15.66 -9.38
N LEU D 394 8.00 -15.57 -10.21
CA LEU D 394 8.23 -16.51 -11.30
C LEU D 394 9.70 -16.90 -11.30
N LYS D 395 9.98 -18.19 -11.43
CA LYS D 395 11.35 -18.70 -11.39
C LYS D 395 11.58 -19.60 -12.59
N ILE D 396 12.73 -19.43 -13.24
CA ILE D 396 13.12 -20.23 -14.39
C ILE D 396 14.47 -20.88 -14.09
N LEU D 397 14.53 -22.20 -14.22
CA LEU D 397 15.77 -22.95 -14.07
C LEU D 397 16.32 -23.25 -15.45
N PHE D 398 17.55 -22.79 -15.73
CA PHE D 398 18.14 -22.97 -17.04
C PHE D 398 19.56 -23.49 -16.92
N HIS D 399 19.94 -24.34 -17.87
CA HIS D 399 21.28 -24.92 -17.88
C HIS D 399 22.32 -23.81 -18.03
N ARG D 400 23.38 -23.87 -17.21
CA ARG D 400 24.32 -22.77 -17.14
C ARG D 400 25.29 -22.72 -18.32
N GLU D 401 25.41 -23.82 -19.08
CA GLU D 401 26.31 -23.85 -20.23
C GLU D 401 25.55 -23.81 -21.55
N THR D 402 24.60 -24.71 -21.77
CA THR D 402 23.85 -24.79 -23.01
C THR D 402 22.62 -23.89 -23.03
N LEU D 403 22.36 -23.16 -21.94
CA LEU D 403 21.20 -22.28 -21.82
C LEU D 403 19.88 -23.01 -21.98
N GLU D 404 19.87 -24.33 -21.78
CA GLU D 404 18.65 -25.11 -21.90
C GLU D 404 17.78 -24.95 -20.67
N ILE D 405 16.50 -24.71 -20.89
CA ILE D 405 15.54 -24.55 -19.79
C ILE D 405 15.15 -25.94 -19.30
N LEU D 406 15.33 -26.19 -18.01
CA LEU D 406 15.06 -27.49 -17.41
C LEU D 406 13.86 -27.49 -16.47
N GLY D 407 13.30 -26.33 -16.16
CA GLY D 407 12.14 -26.26 -15.29
C GLY D 407 11.64 -24.84 -15.08
N VAL D 408 10.32 -24.66 -15.12
CA VAL D 408 9.70 -23.36 -14.93
C VAL D 408 8.69 -23.47 -13.79
N HIS D 409 8.79 -22.56 -12.83
CA HIS D 409 7.88 -22.50 -11.70
C HIS D 409 7.30 -21.10 -11.61
N CYS D 410 5.99 -20.99 -11.37
CA CYS D 410 5.36 -19.69 -11.26
C CYS D 410 4.31 -19.72 -10.16
N PHE D 411 4.24 -18.64 -9.40
CA PHE D 411 3.22 -18.48 -8.36
C PHE D 411 2.69 -17.06 -8.44
N GLY D 412 1.38 -16.93 -8.47
CA GLY D 412 0.76 -15.62 -8.55
C GLY D 412 -0.51 -15.69 -9.39
N TYR D 413 -0.88 -14.54 -9.94
CA TYR D 413 -2.11 -14.42 -10.70
C TYR D 413 -1.84 -14.69 -12.17
N GLN D 414 -2.70 -15.50 -12.79
CA GLN D 414 -2.50 -16.00 -14.15
C GLN D 414 -1.19 -16.79 -14.27
N ALA D 415 -0.90 -17.61 -13.25
CA ALA D 415 0.30 -18.43 -13.29
C ALA D 415 0.16 -19.56 -14.31
N SER D 416 -1.02 -20.19 -14.35
CA SER D 416 -1.23 -21.30 -15.28
C SER D 416 -1.18 -20.83 -16.73
N GLU D 417 -1.62 -19.61 -17.01
CA GLU D 417 -1.51 -19.07 -18.36
C GLU D 417 -0.07 -18.65 -18.67
N ILE D 418 0.67 -18.21 -17.65
CA ILE D 418 2.07 -17.85 -17.86
C ILE D 418 2.90 -19.08 -18.20
N VAL D 419 2.67 -20.19 -17.49
CA VAL D 419 3.55 -21.35 -17.59
C VAL D 419 3.55 -21.98 -18.97
N HIS D 420 2.54 -21.67 -19.79
CA HIS D 420 2.41 -22.38 -21.06
C HIS D 420 3.47 -21.96 -22.07
N ILE D 421 3.89 -20.69 -22.06
CA ILE D 421 4.96 -20.26 -22.94
C ILE D 421 6.26 -20.96 -22.55
N GLY D 422 6.55 -21.03 -21.25
CA GLY D 422 7.73 -21.74 -20.80
C GLY D 422 7.68 -23.23 -21.14
N GLN D 423 6.50 -23.82 -21.06
CA GLN D 423 6.35 -25.22 -21.45
C GLN D 423 6.59 -25.39 -22.95
N ALA D 424 6.07 -24.46 -23.76
CA ALA D 424 6.26 -24.54 -25.21
C ALA D 424 7.73 -24.43 -25.57
N ILE D 425 8.45 -23.53 -24.91
CA ILE D 425 9.90 -23.43 -25.15
C ILE D 425 10.60 -24.69 -24.63
N MET D 426 10.12 -25.24 -23.52
CA MET D 426 10.78 -26.42 -22.93
C MET D 426 10.68 -27.63 -23.84
N ASN D 427 9.53 -27.83 -24.49
CA ASN D 427 9.31 -29.02 -25.30
C ASN D 427 10.11 -29.04 -26.58
N GLN D 428 10.79 -27.94 -26.93
CA GLN D 428 11.58 -27.90 -28.15
C GLN D 428 12.79 -28.83 -28.05
N LYS D 429 13.34 -29.18 -29.21
CA LYS D 429 14.40 -30.16 -29.33
C LYS D 429 15.74 -29.48 -29.54
N GLY D 430 16.75 -29.93 -28.79
CA GLY D 430 18.11 -29.45 -29.01
C GLY D 430 18.27 -28.00 -28.64
N GLU D 431 19.05 -27.28 -29.47
CA GLU D 431 19.34 -25.87 -29.21
C GLU D 431 18.11 -24.98 -29.35
N ALA D 432 17.03 -25.49 -29.94
CA ALA D 432 15.79 -24.72 -30.00
C ALA D 432 15.29 -24.39 -28.60
N ASN D 433 15.41 -25.34 -27.67
CA ASN D 433 15.14 -25.08 -26.27
C ASN D 433 16.27 -24.26 -25.67
N THR D 434 16.06 -22.94 -25.56
CA THR D 434 17.09 -22.05 -25.07
C THR D 434 16.44 -20.85 -24.38
N LEU D 435 17.13 -20.34 -23.36
CA LEU D 435 16.65 -19.15 -22.67
C LEU D 435 16.73 -17.92 -23.57
N LYS D 436 17.70 -17.90 -24.49
CA LYS D 436 17.92 -16.74 -25.35
C LYS D 436 16.72 -16.42 -26.23
N TYR D 437 15.79 -17.37 -26.38
CA TYR D 437 14.55 -17.05 -27.09
C TYR D 437 13.84 -15.87 -26.46
N PHE D 438 13.82 -15.81 -25.12
CA PHE D 438 13.13 -14.71 -24.46
C PHE D 438 13.83 -13.38 -24.67
N ILE D 439 15.07 -13.40 -25.17
CA ILE D 439 15.76 -12.16 -25.50
C ILE D 439 15.55 -11.78 -26.96
N ASN D 440 15.27 -12.76 -27.82
CA ASN D 440 15.15 -12.55 -29.26
C ASN D 440 13.71 -12.49 -29.74
N THR D 441 12.75 -12.33 -28.83
CA THR D 441 11.35 -12.29 -29.19
C THR D 441 10.67 -11.12 -28.49
N THR D 442 9.83 -10.40 -29.23
CA THR D 442 9.10 -9.27 -28.69
C THR D 442 7.74 -9.74 -28.18
N PHE D 443 7.47 -9.44 -26.91
CA PHE D 443 6.22 -9.80 -26.28
C PHE D 443 5.25 -8.62 -26.33
N ASN D 444 4.11 -8.78 -25.66
CA ASN D 444 3.14 -7.71 -25.53
C ASN D 444 3.28 -7.03 -24.17
N TYR D 445 2.98 -5.74 -24.14
CA TYR D 445 3.20 -4.96 -22.93
C TYR D 445 2.07 -3.96 -22.79
N PRO D 446 1.53 -3.76 -21.58
CA PRO D 446 1.89 -4.42 -20.33
C PRO D 446 1.17 -5.76 -20.12
N THR D 447 1.92 -6.85 -20.19
CA THR D 447 1.40 -8.18 -19.89
C THR D 447 2.38 -8.90 -18.97
N MET D 448 2.02 -10.13 -18.60
CA MET D 448 2.89 -10.94 -17.75
C MET D 448 3.76 -11.91 -18.53
N ALA D 449 3.68 -11.90 -19.86
CA ALA D 449 4.61 -12.70 -20.65
C ALA D 449 6.00 -12.07 -20.67
N GLU D 450 6.08 -10.76 -20.42
CA GLU D 450 7.37 -10.09 -20.37
C GLU D 450 8.06 -10.32 -19.03
N ALA D 451 7.34 -10.89 -18.06
CA ALA D 451 7.98 -11.40 -16.86
C ALA D 451 9.01 -12.48 -17.21
N TYR D 452 8.73 -13.23 -18.28
CA TYR D 452 9.72 -14.17 -18.80
C TYR D 452 10.97 -13.44 -19.26
N ARG D 453 10.80 -12.30 -19.94
CA ARG D 453 11.93 -11.51 -20.39
C ARG D 453 12.74 -11.01 -19.19
N VAL D 454 12.04 -10.54 -18.15
CA VAL D 454 12.71 -10.03 -16.96
C VAL D 454 13.50 -11.14 -16.27
N ALA D 455 12.88 -12.32 -16.13
CA ALA D 455 13.56 -13.44 -15.50
C ALA D 455 14.75 -13.90 -16.33
N ALA D 456 14.62 -13.87 -17.66
CA ALA D 456 15.72 -14.25 -18.53
C ALA D 456 16.89 -13.29 -18.37
N TYR D 457 16.61 -11.99 -18.31
CA TYR D 457 17.69 -11.03 -18.10
C TYR D 457 18.34 -11.21 -16.73
N ASP D 458 17.53 -11.47 -15.70
CA ASP D 458 18.08 -11.73 -14.38
C ASP D 458 18.98 -12.95 -14.36
N GLY D 459 18.57 -14.02 -15.05
CA GLY D 459 19.38 -15.22 -15.15
C GLY D 459 20.66 -15.01 -15.93
N LEU D 460 20.58 -14.29 -17.05
CA LEU D 460 21.76 -14.01 -17.85
C LEU D 460 22.74 -13.10 -17.11
N ASN D 461 22.25 -12.24 -16.22
CA ASN D 461 23.16 -11.44 -15.41
C ASN D 461 24.03 -12.32 -14.51
N ARG D 462 23.45 -13.37 -13.92
CA ARG D 462 24.22 -14.30 -13.11
C ARG D 462 25.18 -15.15 -13.93
N LEU D 463 24.95 -15.27 -15.24
CA LEU D 463 25.81 -16.06 -16.11
C LEU D 463 27.00 -15.23 -16.56
N PHE D 464 28.20 -15.76 -16.39
CA PHE D 464 29.42 -15.05 -16.75
C PHE D 464 30.18 -15.79 -17.84
N VAL E 3 -56.77 -25.87 -82.12
CA VAL E 3 -56.64 -24.42 -82.28
C VAL E 3 -57.50 -23.71 -81.26
N TYR E 4 -56.90 -22.77 -80.53
CA TYR E 4 -57.62 -21.98 -79.54
C TYR E 4 -57.32 -20.50 -79.76
N ASN E 5 -58.30 -19.67 -79.45
CA ASN E 5 -58.21 -18.23 -79.65
C ASN E 5 -58.48 -17.51 -78.33
N TYR E 6 -57.68 -16.49 -78.04
CA TYR E 6 -57.82 -15.70 -76.82
C TYR E 6 -57.40 -14.27 -77.11
N ASP E 7 -57.48 -13.43 -76.08
CA ASP E 7 -57.03 -12.04 -76.17
C ASP E 7 -55.62 -11.86 -75.63
N VAL E 8 -55.35 -12.38 -74.43
CA VAL E 8 -54.04 -12.30 -73.80
C VAL E 8 -53.62 -13.70 -73.37
N VAL E 9 -52.42 -14.10 -73.77
CA VAL E 9 -51.85 -15.40 -73.40
C VAL E 9 -50.61 -15.15 -72.54
N VAL E 10 -50.57 -15.79 -71.39
CA VAL E 10 -49.47 -15.65 -70.43
C VAL E 10 -48.68 -16.95 -70.45
N ILE E 11 -47.35 -16.83 -70.45
CA ILE E 11 -46.46 -17.97 -70.38
C ILE E 11 -45.84 -18.01 -68.99
N GLY E 12 -46.05 -19.11 -68.28
CA GLY E 12 -45.59 -19.24 -66.91
C GLY E 12 -46.61 -18.75 -65.90
N THR E 13 -46.89 -19.55 -64.88
CA THR E 13 -47.89 -19.24 -63.87
C THR E 13 -47.26 -18.79 -62.55
N GLY E 14 -46.08 -18.17 -62.62
CA GLY E 14 -45.44 -17.65 -61.43
C GLY E 14 -46.14 -16.39 -60.96
N PRO E 15 -45.52 -15.68 -60.00
CA PRO E 15 -46.14 -14.43 -59.54
C PRO E 15 -46.38 -13.43 -60.65
N ALA E 16 -45.42 -13.29 -61.56
CA ALA E 16 -45.60 -12.38 -62.69
C ALA E 16 -46.75 -12.85 -63.58
N GLY E 17 -46.74 -14.14 -63.93
CA GLY E 17 -47.81 -14.66 -64.78
C GLY E 17 -49.16 -14.59 -64.13
N GLU E 18 -49.24 -14.95 -62.85
CA GLU E 18 -50.51 -14.92 -62.14
C GLU E 18 -51.04 -13.50 -62.03
N GLY E 19 -50.17 -12.55 -61.69
CA GLY E 19 -50.60 -11.16 -61.60
C GLY E 19 -51.05 -10.61 -62.94
N ALA E 20 -50.31 -10.92 -64.01
CA ALA E 20 -50.69 -10.45 -65.33
C ALA E 20 -52.04 -11.04 -65.75
N ALA E 21 -52.23 -12.34 -65.53
CA ALA E 21 -53.48 -12.98 -65.91
C ALA E 21 -54.65 -12.41 -65.11
N MET E 22 -54.47 -12.21 -63.81
CA MET E 22 -55.55 -11.66 -62.99
C MET E 22 -55.90 -10.24 -63.41
N ASN E 23 -54.89 -9.40 -63.65
CA ASN E 23 -55.16 -8.03 -64.05
C ASN E 23 -55.82 -7.96 -65.42
N ALA E 24 -55.39 -8.83 -66.34
CA ALA E 24 -55.97 -8.83 -67.68
C ALA E 24 -57.41 -9.33 -67.66
N VAL E 25 -57.68 -10.41 -66.93
CA VAL E 25 -59.04 -10.92 -66.85
C VAL E 25 -59.94 -9.96 -66.10
N LYS E 26 -59.38 -9.16 -65.19
CA LYS E 26 -60.18 -8.13 -64.50
C LYS E 26 -60.61 -7.04 -65.48
N ALA E 27 -59.84 -6.80 -66.53
CA ALA E 27 -60.15 -5.77 -67.51
C ALA E 27 -61.25 -6.17 -68.48
N GLY E 28 -61.72 -7.42 -68.44
CA GLY E 28 -62.78 -7.86 -69.31
C GLY E 28 -62.36 -8.72 -70.49
N ARG E 29 -61.07 -8.83 -70.76
CA ARG E 29 -60.60 -9.64 -71.86
C ARG E 29 -60.68 -11.13 -71.51
N LYS E 30 -60.53 -11.96 -72.54
CA LYS E 30 -60.47 -13.41 -72.38
C LYS E 30 -59.01 -13.83 -72.44
N VAL E 31 -58.52 -14.43 -71.36
CA VAL E 31 -57.09 -14.69 -71.20
C VAL E 31 -56.86 -16.17 -70.95
N ALA E 32 -55.65 -16.61 -71.26
CA ALA E 32 -55.23 -17.99 -71.05
C ALA E 32 -53.81 -18.01 -70.48
N VAL E 33 -53.49 -19.11 -69.80
CA VAL E 33 -52.17 -19.28 -69.19
C VAL E 33 -51.57 -20.61 -69.64
N VAL E 34 -50.24 -20.64 -69.76
CA VAL E 34 -49.50 -21.82 -70.17
C VAL E 34 -48.34 -22.02 -69.20
N ASP E 35 -48.16 -23.26 -68.75
CA ASP E 35 -47.08 -23.57 -67.82
C ASP E 35 -46.72 -25.04 -67.97
N ASP E 36 -45.41 -25.33 -68.07
CA ASP E 36 -44.97 -26.69 -68.33
C ASP E 36 -45.01 -27.59 -67.10
N ARG E 37 -45.13 -27.03 -65.90
CA ARG E 37 -45.25 -27.86 -64.72
C ARG E 37 -46.64 -28.49 -64.66
N PRO E 38 -46.76 -29.68 -64.05
CA PRO E 38 -48.09 -30.30 -63.91
C PRO E 38 -49.06 -29.51 -63.06
N GLN E 39 -48.58 -28.62 -62.19
CA GLN E 39 -49.44 -27.84 -61.32
C GLN E 39 -49.06 -26.36 -61.43
N VAL E 40 -50.03 -25.51 -61.10
CA VAL E 40 -49.84 -24.07 -61.16
C VAL E 40 -49.04 -23.61 -59.94
N GLY E 41 -48.56 -22.37 -59.97
CA GLY E 41 -47.81 -21.83 -58.86
C GLY E 41 -46.44 -21.29 -59.25
N GLY E 42 -45.77 -21.97 -60.17
CA GLY E 42 -44.47 -21.53 -60.60
C GLY E 42 -43.39 -21.83 -59.56
N ASN E 43 -42.23 -21.19 -59.77
CA ASN E 43 -41.12 -21.35 -58.83
C ASN E 43 -41.41 -20.72 -57.47
N CYS E 44 -42.38 -19.82 -57.39
CA CYS E 44 -42.72 -19.19 -56.12
C CYS E 44 -43.23 -20.21 -55.12
N THR E 45 -43.84 -21.29 -55.60
CA THR E 45 -44.51 -22.27 -54.74
C THR E 45 -43.89 -23.65 -54.80
N HIS E 46 -43.38 -24.07 -55.96
CA HIS E 46 -43.00 -25.47 -56.15
C HIS E 46 -41.55 -25.76 -55.74
N LEU E 47 -40.60 -24.99 -56.27
CA LEU E 47 -39.19 -25.26 -56.04
C LEU E 47 -38.42 -24.12 -55.39
N GLY E 48 -39.01 -22.94 -55.26
CA GLY E 48 -38.29 -21.78 -54.77
C GLY E 48 -38.71 -21.26 -53.41
N THR E 49 -39.54 -20.21 -53.44
CA THR E 49 -39.83 -19.45 -52.23
C THR E 49 -40.47 -20.30 -51.14
N ILE E 50 -41.55 -21.00 -51.49
CA ILE E 50 -42.33 -21.71 -50.47
C ILE E 50 -41.53 -22.83 -49.79
N PRO E 51 -40.86 -23.74 -50.52
CA PRO E 51 -40.11 -24.79 -49.81
C PRO E 51 -39.00 -24.24 -48.94
N SER E 52 -38.23 -23.28 -49.45
CA SER E 52 -37.14 -22.71 -48.66
C SER E 52 -37.65 -21.99 -47.44
N LYS E 53 -38.77 -21.27 -47.57
CA LYS E 53 -39.31 -20.56 -46.42
C LYS E 53 -39.88 -21.51 -45.38
N ALA E 54 -40.53 -22.58 -45.82
CA ALA E 54 -40.99 -23.59 -44.86
C ALA E 54 -39.81 -24.24 -44.16
N LEU E 55 -38.73 -24.51 -44.89
CA LEU E 55 -37.53 -25.07 -44.29
C LEU E 55 -36.95 -24.11 -43.25
N ARG E 56 -36.88 -22.83 -43.58
CA ARG E 56 -36.33 -21.84 -42.65
C ARG E 56 -37.19 -21.71 -41.40
N HIS E 57 -38.52 -21.69 -41.57
CA HIS E 57 -39.39 -21.57 -40.41
C HIS E 57 -39.29 -22.81 -39.53
N SER E 58 -39.21 -24.00 -40.14
CA SER E 58 -39.05 -25.22 -39.36
C SER E 58 -37.73 -25.23 -38.62
N VAL E 59 -36.66 -24.75 -39.26
CA VAL E 59 -35.35 -24.68 -38.60
C VAL E 59 -35.39 -23.71 -37.42
N ARG E 60 -36.05 -22.55 -37.60
CA ARG E 60 -36.18 -21.60 -36.51
C ARG E 60 -36.99 -22.20 -35.36
N GLN E 61 -38.07 -22.91 -35.67
CA GLN E 61 -38.85 -23.57 -34.62
C GLN E 61 -38.01 -24.61 -33.89
N ILE E 62 -37.19 -25.37 -34.64
CA ILE E 62 -36.31 -26.35 -34.03
C ILE E 62 -35.33 -25.69 -33.07
N MET E 63 -34.73 -24.59 -33.52
CA MET E 63 -33.76 -23.87 -32.69
C MET E 63 -34.42 -23.35 -31.42
N GLN E 64 -35.60 -22.74 -31.55
CA GLN E 64 -36.27 -22.17 -30.38
C GLN E 64 -36.71 -23.27 -29.42
N TYR E 65 -37.19 -24.40 -29.95
CA TYR E 65 -37.60 -25.50 -29.09
C TYR E 65 -36.41 -26.10 -28.36
N ASN E 66 -35.28 -26.26 -29.04
CA ASN E 66 -34.09 -26.81 -28.40
C ASN E 66 -33.53 -25.86 -27.34
N ASN E 67 -33.54 -24.56 -27.63
CA ASN E 67 -32.97 -23.58 -26.73
C ASN E 67 -33.95 -23.11 -25.66
N ASN E 68 -35.20 -23.58 -25.69
CA ASN E 68 -36.16 -23.22 -24.66
C ASN E 68 -36.01 -24.17 -23.47
N PRO E 69 -35.69 -23.67 -22.28
CA PRO E 69 -35.56 -24.58 -21.13
C PRO E 69 -36.83 -25.34 -20.78
N LEU E 70 -38.00 -24.73 -21.00
CA LEU E 70 -39.25 -25.39 -20.63
C LEU E 70 -39.43 -26.72 -21.35
N PHE E 71 -39.01 -26.79 -22.61
CA PHE E 71 -39.10 -28.01 -23.38
C PHE E 71 -37.93 -28.96 -23.16
N ARG E 72 -36.96 -28.58 -22.33
CA ARG E 72 -35.83 -29.46 -22.06
C ARG E 72 -36.12 -30.49 -20.97
N GLN E 73 -37.23 -30.34 -20.26
CA GLN E 73 -37.55 -31.28 -19.18
C GLN E 73 -38.01 -32.62 -19.74
N ILE E 74 -38.60 -32.65 -20.94
CA ILE E 74 -39.05 -33.90 -21.52
C ILE E 74 -37.86 -34.83 -21.78
N GLY E 75 -36.76 -34.29 -22.28
CA GLY E 75 -35.60 -35.10 -22.54
C GLY E 75 -34.46 -34.26 -23.08
N GLU E 76 -33.41 -34.95 -23.52
CA GLU E 76 -32.26 -34.29 -24.08
C GLU E 76 -32.60 -33.76 -25.49
N PRO E 77 -31.83 -32.79 -25.99
CA PRO E 77 -32.05 -32.32 -27.35
C PRO E 77 -31.90 -33.44 -28.37
N ARG E 78 -32.75 -33.42 -29.39
CA ARG E 78 -32.79 -34.43 -30.43
C ARG E 78 -32.48 -33.80 -31.76
N TRP E 79 -31.55 -34.39 -32.51
CA TRP E 79 -31.31 -33.98 -33.89
C TRP E 79 -32.32 -34.65 -34.80
N PHE E 80 -32.69 -33.97 -35.88
CA PHE E 80 -33.75 -34.40 -36.77
C PHE E 80 -33.25 -34.44 -38.20
N SER E 81 -33.71 -35.45 -38.95
CA SER E 81 -33.29 -35.62 -40.32
C SER E 81 -33.86 -34.53 -41.21
N PHE E 82 -33.22 -34.33 -42.37
CA PHE E 82 -33.66 -33.30 -43.30
C PHE E 82 -35.04 -33.60 -43.85
N ALA E 83 -35.37 -34.89 -44.03
CA ALA E 83 -36.66 -35.25 -44.59
C ALA E 83 -37.81 -34.83 -43.69
N ASP E 84 -37.67 -35.03 -42.38
CA ASP E 84 -38.72 -34.63 -41.45
C ASP E 84 -38.93 -33.12 -41.46
N VAL E 85 -37.84 -32.36 -41.53
CA VAL E 85 -37.93 -30.90 -41.60
C VAL E 85 -38.62 -30.47 -42.90
N LEU E 86 -38.27 -31.11 -44.01
CA LEU E 86 -38.81 -30.70 -45.30
C LEU E 86 -40.25 -31.13 -45.49
N LYS E 87 -40.69 -32.19 -44.78
CA LYS E 87 -42.04 -32.71 -45.01
C LYS E 87 -43.12 -31.69 -44.64
N SER E 88 -42.77 -30.67 -43.85
CA SER E 88 -43.73 -29.64 -43.49
C SER E 88 -44.11 -28.76 -44.67
N ALA E 89 -43.27 -28.69 -45.70
CA ALA E 89 -43.55 -27.85 -46.86
C ALA E 89 -44.60 -28.44 -47.79
N GLU E 90 -44.84 -29.76 -47.72
CA GLU E 90 -45.79 -30.39 -48.63
C GLU E 90 -47.21 -29.88 -48.40
N GLN E 91 -47.61 -29.76 -47.13
CA GLN E 91 -48.95 -29.26 -46.82
C GLN E 91 -49.11 -27.82 -47.31
N VAL E 92 -48.07 -27.00 -47.10
CA VAL E 92 -48.14 -25.59 -47.50
C VAL E 92 -48.22 -25.47 -49.01
N ILE E 93 -47.41 -26.24 -49.75
CA ILE E 93 -47.45 -26.15 -51.20
C ILE E 93 -48.77 -26.67 -51.74
N ALA E 94 -49.32 -27.71 -51.12
CA ALA E 94 -50.63 -28.21 -51.53
C ALA E 94 -51.71 -27.16 -51.34
N LYS E 95 -51.72 -26.51 -50.17
CA LYS E 95 -52.70 -25.45 -49.94
C LYS E 95 -52.53 -24.31 -50.92
N GLN E 96 -51.28 -23.91 -51.18
CA GLN E 96 -51.04 -22.79 -52.09
C GLN E 96 -51.48 -23.11 -53.51
N VAL E 97 -51.16 -24.31 -54.00
CA VAL E 97 -51.55 -24.66 -55.36
C VAL E 97 -53.07 -24.80 -55.46
N SER E 98 -53.71 -25.33 -54.40
CA SER E 98 -55.17 -25.40 -54.41
C SER E 98 -55.79 -24.02 -54.46
N SER E 99 -55.26 -23.08 -53.67
CA SER E 99 -55.78 -21.72 -53.68
C SER E 99 -55.57 -21.04 -55.02
N ARG E 100 -54.39 -21.24 -55.63
CA ARG E 100 -54.11 -20.62 -56.91
C ARG E 100 -54.98 -21.19 -58.02
N THR E 101 -55.19 -22.51 -58.03
CA THR E 101 -56.07 -23.09 -59.04
C THR E 101 -57.52 -22.69 -58.82
N GLY E 102 -57.91 -22.48 -57.56
CA GLY E 102 -59.25 -21.95 -57.30
C GLY E 102 -59.40 -20.53 -57.79
N TYR E 103 -58.38 -19.70 -57.61
CA TYR E 103 -58.39 -18.34 -58.15
C TYR E 103 -58.50 -18.37 -59.67
N TYR E 104 -57.74 -19.26 -60.31
CA TYR E 104 -57.80 -19.37 -61.77
C TYR E 104 -59.18 -19.83 -62.25
N ALA E 105 -59.76 -20.82 -61.57
CA ALA E 105 -61.03 -21.38 -62.01
C ALA E 105 -62.18 -20.43 -61.76
N ARG E 106 -62.13 -19.68 -60.66
CA ARG E 106 -63.25 -18.79 -60.32
C ARG E 106 -63.47 -17.72 -61.38
N ASN E 107 -62.38 -17.18 -61.95
CA ASN E 107 -62.48 -16.19 -63.00
C ASN E 107 -62.58 -16.81 -64.39
N ARG E 108 -62.62 -18.14 -64.49
CA ARG E 108 -62.75 -18.85 -65.75
C ARG E 108 -61.60 -18.51 -66.70
N ILE E 109 -60.39 -18.87 -66.27
CA ILE E 109 -59.18 -18.70 -67.06
C ILE E 109 -58.70 -20.08 -67.49
N ASP E 110 -58.54 -20.28 -68.80
CA ASP E 110 -58.12 -21.55 -69.33
C ASP E 110 -56.63 -21.76 -69.10
N THR E 111 -56.26 -22.99 -68.73
CA THR E 111 -54.87 -23.35 -68.49
C THR E 111 -54.46 -24.48 -69.42
N PHE E 112 -53.17 -24.54 -69.72
CA PHE E 112 -52.60 -25.58 -70.59
C PHE E 112 -51.28 -26.02 -69.99
N PHE E 113 -51.26 -27.25 -69.44
CA PHE E 113 -50.07 -27.78 -68.78
C PHE E 113 -49.17 -28.43 -69.83
N GLY E 114 -48.37 -27.60 -70.49
CA GLY E 114 -47.45 -28.09 -71.49
C GLY E 114 -46.40 -27.06 -71.82
N THR E 115 -45.31 -27.54 -72.41
CA THR E 115 -44.22 -26.65 -72.79
C THR E 115 -44.67 -25.70 -73.90
N ALA E 116 -44.27 -24.44 -73.78
CA ALA E 116 -44.64 -23.42 -74.75
C ALA E 116 -43.55 -23.27 -75.81
N SER E 117 -43.95 -22.79 -76.98
CA SER E 117 -43.02 -22.57 -78.09
C SER E 117 -43.63 -21.56 -79.04
N PHE E 118 -42.86 -20.53 -79.38
CA PHE E 118 -43.36 -19.46 -80.24
C PHE E 118 -43.22 -19.82 -81.71
N CYS E 119 -44.21 -19.42 -82.50
CA CYS E 119 -44.20 -19.61 -83.94
C CYS E 119 -44.16 -18.28 -84.70
N ASP E 120 -45.07 -17.37 -84.39
CA ASP E 120 -45.07 -16.04 -84.98
C ASP E 120 -45.63 -15.07 -83.95
N GLU E 121 -45.99 -13.87 -84.39
CA GLU E 121 -46.46 -12.82 -83.48
C GLU E 121 -47.79 -13.15 -82.82
N HIS E 122 -48.50 -14.17 -83.29
CA HIS E 122 -49.75 -14.57 -82.66
C HIS E 122 -49.84 -16.07 -82.37
N THR E 123 -49.07 -16.91 -83.04
CA THR E 123 -49.22 -18.35 -82.95
C THR E 123 -48.19 -18.93 -81.99
N ILE E 124 -48.66 -19.74 -81.05
CA ILE E 124 -47.77 -20.48 -80.15
C ILE E 124 -48.18 -21.95 -80.15
N GLU E 125 -47.18 -22.82 -80.07
CA GLU E 125 -47.37 -24.27 -80.07
C GLU E 125 -47.13 -24.77 -78.63
N VAL E 126 -48.21 -24.89 -77.87
CA VAL E 126 -48.15 -25.42 -76.51
C VAL E 126 -48.09 -26.94 -76.61
N VAL E 127 -46.93 -27.51 -76.28
CA VAL E 127 -46.66 -28.93 -76.48
C VAL E 127 -46.61 -29.62 -75.12
N HIS E 128 -47.39 -30.70 -74.98
CA HIS E 128 -47.35 -31.53 -73.79
C HIS E 128 -46.26 -32.58 -73.92
N LEU E 129 -46.26 -33.54 -72.99
CA LEU E 129 -45.28 -34.62 -73.05
C LEU E 129 -45.58 -35.58 -74.19
N ASN E 130 -46.84 -35.69 -74.58
CA ASN E 130 -47.27 -36.61 -75.63
C ASN E 130 -48.20 -35.88 -76.59
N GLY E 131 -47.72 -35.63 -77.81
CA GLY E 131 -48.53 -34.97 -78.81
C GLY E 131 -48.97 -33.60 -78.34
N MET E 132 -50.27 -33.35 -78.41
CA MET E 132 -50.88 -32.10 -77.94
C MET E 132 -50.24 -30.88 -78.60
N VAL E 133 -50.45 -30.75 -79.91
CA VAL E 133 -49.97 -29.56 -80.61
C VAL E 133 -50.65 -28.31 -80.03
N GLU E 134 -51.98 -28.33 -79.98
CA GLU E 134 -52.78 -27.35 -79.24
C GLU E 134 -52.30 -25.91 -79.46
N THR E 135 -52.37 -25.47 -80.71
CA THR E 135 -51.89 -24.14 -81.04
C THR E 135 -52.84 -23.08 -80.46
N LEU E 136 -52.26 -21.93 -80.12
CA LEU E 136 -52.99 -20.82 -79.53
C LEU E 136 -52.67 -19.53 -80.26
N VAL E 137 -53.70 -18.71 -80.47
CA VAL E 137 -53.56 -17.41 -81.12
C VAL E 137 -54.19 -16.36 -80.21
N ALA E 138 -53.45 -15.29 -79.95
CA ALA E 138 -53.93 -14.18 -79.13
C ALA E 138 -53.31 -12.88 -79.61
N LYS E 139 -53.99 -11.77 -79.28
CA LYS E 139 -53.49 -10.47 -79.69
C LYS E 139 -52.33 -10.01 -78.84
N GLN E 140 -52.33 -10.34 -77.54
CA GLN E 140 -51.32 -9.89 -76.60
C GLN E 140 -50.70 -11.07 -75.88
N PHE E 141 -49.41 -10.96 -75.59
CA PHE E 141 -48.66 -12.02 -74.94
C PHE E 141 -47.86 -11.48 -73.77
N VAL E 142 -47.81 -12.25 -72.69
CA VAL E 142 -47.03 -11.92 -71.51
C VAL E 142 -46.00 -13.03 -71.30
N ILE E 143 -44.74 -12.64 -71.14
CA ILE E 143 -43.64 -13.59 -70.96
C ILE E 143 -43.24 -13.57 -69.49
N ALA E 144 -43.47 -14.68 -68.81
CA ALA E 144 -43.08 -14.88 -67.42
C ALA E 144 -42.43 -16.25 -67.27
N THR E 145 -41.51 -16.57 -68.18
CA THR E 145 -40.86 -17.87 -68.19
C THR E 145 -39.90 -18.06 -67.02
N GLY E 146 -39.59 -17.01 -66.27
CA GLY E 146 -38.76 -17.17 -65.09
C GLY E 146 -37.32 -17.54 -65.44
N SER E 147 -36.68 -18.28 -64.54
CA SER E 147 -35.30 -18.68 -64.74
C SER E 147 -35.06 -19.98 -64.00
N ARG E 148 -33.89 -20.55 -64.25
CA ARG E 148 -33.43 -21.80 -63.66
C ARG E 148 -32.03 -21.60 -63.11
N PRO E 149 -31.59 -22.44 -62.17
CA PRO E 149 -30.25 -22.28 -61.59
C PRO E 149 -29.18 -22.33 -62.68
N TYR E 150 -28.18 -21.46 -62.54
CA TYR E 150 -27.09 -21.41 -63.50
C TYR E 150 -26.25 -22.68 -63.41
N ARG E 151 -26.02 -23.32 -64.55
CA ARG E 151 -25.36 -24.63 -64.58
C ARG E 151 -24.14 -24.56 -65.49
N PRO E 152 -22.96 -24.25 -64.94
CA PRO E 152 -21.75 -24.24 -65.76
C PRO E 152 -21.40 -25.63 -66.27
N ALA E 153 -20.79 -25.67 -67.46
CA ALA E 153 -20.44 -26.94 -68.08
C ALA E 153 -19.32 -27.63 -67.31
N ASP E 154 -18.39 -26.86 -66.75
CA ASP E 154 -17.27 -27.44 -66.01
C ASP E 154 -17.69 -28.15 -64.74
N VAL E 155 -18.89 -27.88 -64.22
CA VAL E 155 -19.40 -28.48 -63.01
C VAL E 155 -20.42 -29.54 -63.40
N ASP E 156 -20.17 -30.78 -62.97
CA ASP E 156 -21.10 -31.87 -63.24
C ASP E 156 -22.16 -31.93 -62.13
N PHE E 157 -23.41 -32.13 -62.52
CA PHE E 157 -24.51 -32.17 -61.58
C PHE E 157 -25.17 -33.54 -61.48
N THR E 158 -24.84 -34.48 -62.36
CA THR E 158 -25.38 -35.83 -62.26
C THR E 158 -24.82 -36.58 -61.06
N HIS E 159 -23.75 -36.07 -60.45
CA HIS E 159 -23.20 -36.70 -59.26
C HIS E 159 -24.20 -36.62 -58.12
N PRO E 160 -24.43 -37.71 -57.38
CA PRO E 160 -25.40 -37.67 -56.28
C PRO E 160 -25.03 -36.71 -55.16
N ARG E 161 -23.76 -36.34 -55.03
CA ARG E 161 -23.31 -35.49 -53.93
C ARG E 161 -23.18 -34.03 -54.33
N ILE E 162 -23.61 -33.66 -55.54
CA ILE E 162 -23.56 -32.29 -56.02
C ILE E 162 -24.99 -31.87 -56.37
N TYR E 163 -25.40 -30.70 -55.86
CA TYR E 163 -26.76 -30.23 -56.05
C TYR E 163 -26.74 -28.78 -56.50
N ASP E 164 -27.92 -28.27 -56.82
CA ASP E 164 -28.16 -26.86 -57.12
C ASP E 164 -29.28 -26.34 -56.23
N SER E 165 -29.75 -25.13 -56.52
CA SER E 165 -30.80 -24.54 -55.69
C SER E 165 -32.13 -25.28 -55.83
N ASP E 166 -32.27 -26.15 -56.82
CA ASP E 166 -33.48 -26.94 -57.01
C ASP E 166 -33.36 -28.36 -56.47
N THR E 167 -32.32 -29.08 -56.87
CA THR E 167 -32.15 -30.47 -56.45
C THR E 167 -31.74 -30.63 -54.99
N ILE E 168 -31.42 -29.52 -54.30
CA ILE E 168 -31.02 -29.62 -52.90
C ILE E 168 -32.15 -30.17 -52.05
N LEU E 169 -33.41 -29.91 -52.44
CA LEU E 169 -34.54 -30.46 -51.72
C LEU E 169 -34.63 -31.98 -51.83
N SER E 170 -33.91 -32.57 -52.77
CA SER E 170 -33.86 -34.03 -52.90
C SER E 170 -32.95 -34.69 -51.87
N LEU E 171 -32.35 -33.91 -50.98
CA LEU E 171 -31.48 -34.47 -49.96
C LEU E 171 -32.25 -35.42 -49.05
N GLY E 172 -31.64 -36.56 -48.73
CA GLY E 172 -32.27 -37.55 -47.90
C GLY E 172 -31.77 -37.55 -46.46
N HIS E 173 -30.50 -37.22 -46.27
CA HIS E 173 -29.89 -37.19 -44.96
C HIS E 173 -29.19 -35.85 -44.75
N THR E 174 -29.11 -35.43 -43.50
CA THR E 174 -28.41 -34.19 -43.17
C THR E 174 -26.91 -34.42 -43.24
N PRO E 175 -26.18 -33.75 -44.12
CA PRO E 175 -24.73 -33.97 -44.22
C PRO E 175 -23.99 -33.41 -43.02
N ARG E 176 -22.85 -34.03 -42.71
CA ARG E 176 -22.02 -33.54 -41.62
C ARG E 176 -21.44 -32.17 -41.95
N ARG E 177 -20.98 -31.98 -43.19
CA ARG E 177 -20.45 -30.70 -43.65
C ARG E 177 -21.16 -30.32 -44.95
N LEU E 178 -20.84 -29.13 -45.45
CA LEU E 178 -21.49 -28.63 -46.65
C LEU E 178 -20.69 -27.46 -47.20
N ILE E 179 -20.73 -27.31 -48.52
CA ILE E 179 -20.06 -26.22 -49.23
C ILE E 179 -21.09 -25.48 -50.06
N ILE E 180 -21.14 -24.16 -49.91
CA ILE E 180 -22.02 -23.30 -50.69
C ILE E 180 -21.15 -22.34 -51.50
N TYR E 181 -21.35 -22.32 -52.81
CA TYR E 181 -20.65 -21.40 -53.69
C TYR E 181 -21.60 -20.28 -54.10
N GLY E 182 -21.11 -19.04 -54.04
CA GLY E 182 -21.94 -17.89 -54.33
C GLY E 182 -22.58 -17.31 -53.08
N ALA E 183 -22.32 -16.03 -52.82
CA ALA E 183 -22.85 -15.34 -51.65
C ALA E 183 -24.15 -14.62 -51.94
N GLY E 184 -24.96 -15.15 -52.85
CA GLY E 184 -26.21 -14.52 -53.21
C GLY E 184 -27.26 -14.71 -52.13
N VAL E 185 -28.49 -14.27 -52.48
CA VAL E 185 -29.60 -14.38 -51.54
C VAL E 185 -29.88 -15.84 -51.21
N ILE E 186 -29.97 -16.67 -52.25
CA ILE E 186 -30.27 -18.09 -52.04
C ILE E 186 -29.15 -18.76 -51.27
N GLY E 187 -27.90 -18.45 -51.60
CA GLY E 187 -26.78 -19.05 -50.90
C GLY E 187 -26.77 -18.71 -49.42
N CYS E 188 -26.98 -17.43 -49.09
CA CYS E 188 -27.01 -17.03 -47.68
C CYS E 188 -28.19 -17.66 -46.95
N GLU E 189 -29.36 -17.71 -47.60
CA GLU E 189 -30.52 -18.32 -46.96
C GLU E 189 -30.26 -19.79 -46.65
N TYR E 190 -29.73 -20.54 -47.62
CA TYR E 190 -29.47 -21.95 -47.38
C TYR E 190 -28.35 -22.16 -46.37
N ALA E 191 -27.33 -21.28 -46.37
CA ALA E 191 -26.28 -21.37 -45.37
C ALA E 191 -26.85 -21.19 -43.98
N SER E 192 -27.73 -20.20 -43.81
CA SER E 192 -28.35 -19.97 -42.51
C SER E 192 -29.21 -21.16 -42.10
N ILE E 193 -29.97 -21.73 -43.04
CA ILE E 193 -30.84 -22.86 -42.72
C ILE E 193 -30.01 -24.06 -42.28
N PHE E 194 -28.96 -24.39 -43.05
CA PHE E 194 -28.13 -25.54 -42.72
C PHE E 194 -27.36 -25.33 -41.43
N SER E 195 -26.92 -24.09 -41.16
CA SER E 195 -26.28 -23.79 -39.89
C SER E 195 -27.25 -23.98 -38.73
N GLY E 196 -28.50 -23.55 -38.91
CA GLY E 196 -29.51 -23.81 -37.90
C GLY E 196 -29.74 -25.29 -37.67
N LEU E 197 -29.69 -26.09 -38.75
CA LEU E 197 -29.79 -27.52 -38.63
C LEU E 197 -28.57 -28.17 -37.99
N GLY E 198 -27.45 -27.45 -37.92
CA GLY E 198 -26.25 -27.98 -37.29
C GLY E 198 -25.25 -28.56 -38.27
N VAL E 199 -25.00 -27.84 -39.36
CA VAL E 199 -24.06 -28.27 -40.39
C VAL E 199 -22.97 -27.22 -40.52
N LEU E 200 -21.71 -27.66 -40.53
CA LEU E 200 -20.57 -26.76 -40.67
C LEU E 200 -20.48 -26.32 -42.12
N VAL E 201 -21.17 -25.24 -42.46
CA VAL E 201 -21.25 -24.75 -43.83
C VAL E 201 -20.03 -23.89 -44.13
N ASP E 202 -19.32 -24.23 -45.20
CA ASP E 202 -18.16 -23.45 -45.66
C ASP E 202 -18.63 -22.58 -46.83
N LEU E 203 -19.22 -21.44 -46.47
CA LEU E 203 -19.73 -20.52 -47.50
C LEU E 203 -18.57 -19.89 -48.26
N ILE E 204 -18.68 -19.86 -49.58
CA ILE E 204 -17.66 -19.30 -50.46
C ILE E 204 -18.24 -18.10 -51.17
N ASP E 205 -17.49 -17.00 -51.19
CA ASP E 205 -17.92 -15.75 -51.80
C ASP E 205 -16.91 -15.32 -52.85
N ASN E 206 -17.41 -14.76 -53.95
CA ASN E 206 -16.56 -14.23 -54.99
C ASN E 206 -16.14 -12.80 -54.73
N ARG E 207 -16.68 -12.16 -53.71
CA ARG E 207 -16.34 -10.79 -53.32
C ARG E 207 -15.69 -10.80 -51.94
N ASP E 208 -15.21 -9.62 -51.53
CA ASP E 208 -14.57 -9.47 -50.24
C ASP E 208 -15.55 -9.18 -49.11
N GLN E 209 -16.80 -8.86 -49.43
CA GLN E 209 -17.81 -8.54 -48.43
C GLN E 209 -19.12 -9.23 -48.80
N LEU E 210 -19.77 -9.82 -47.80
CA LEU E 210 -21.05 -10.46 -48.03
C LEU E 210 -22.13 -9.42 -48.33
N LEU E 211 -22.80 -9.58 -49.47
CA LEU E 211 -23.90 -8.73 -49.88
C LEU E 211 -23.49 -7.26 -49.88
N SER E 212 -22.55 -6.95 -50.77
CA SER E 212 -22.01 -5.60 -50.87
C SER E 212 -23.07 -4.57 -51.24
N PHE E 213 -24.17 -5.00 -51.86
CA PHE E 213 -25.24 -4.07 -52.21
C PHE E 213 -26.06 -3.64 -51.01
N LEU E 214 -25.85 -4.26 -49.85
CA LEU E 214 -26.54 -3.87 -48.63
C LEU E 214 -25.69 -2.88 -47.82
N ASP E 215 -26.23 -2.46 -46.69
CA ASP E 215 -25.50 -1.57 -45.79
C ASP E 215 -24.31 -2.30 -45.18
N ASP E 216 -23.24 -1.54 -44.92
CA ASP E 216 -22.03 -2.12 -44.34
C ASP E 216 -22.29 -2.70 -42.96
N GLU E 217 -23.04 -1.96 -42.12
CA GLU E 217 -23.32 -2.42 -40.76
C GLU E 217 -24.13 -3.70 -40.78
N ILE E 218 -25.16 -3.76 -41.63
CA ILE E 218 -26.01 -4.94 -41.70
C ILE E 218 -25.21 -6.15 -42.17
N SER E 219 -24.38 -5.95 -43.20
CA SER E 219 -23.55 -7.03 -43.72
C SER E 219 -22.57 -7.52 -42.65
N ASP E 220 -21.97 -6.59 -41.91
CA ASP E 220 -21.03 -6.98 -40.85
C ASP E 220 -21.73 -7.78 -39.76
N SER E 221 -22.92 -7.35 -39.35
CA SER E 221 -23.66 -8.09 -38.33
C SER E 221 -24.04 -9.47 -38.83
N LEU E 222 -24.49 -9.57 -40.09
CA LEU E 222 -24.84 -10.87 -40.66
C LEU E 222 -23.63 -11.78 -40.70
N SER E 223 -22.47 -11.25 -41.12
CA SER E 223 -21.25 -12.05 -41.16
C SER E 223 -20.86 -12.53 -39.77
N TYR E 224 -20.96 -11.65 -38.77
CA TYR E 224 -20.62 -12.05 -37.40
C TYR E 224 -21.54 -13.16 -36.91
N HIS E 225 -22.84 -13.02 -37.17
CA HIS E 225 -23.78 -14.05 -36.73
C HIS E 225 -23.53 -15.38 -37.44
N LEU E 226 -23.26 -15.33 -38.75
CA LEU E 226 -22.96 -16.55 -39.48
C LEU E 226 -21.71 -17.22 -38.94
N ARG E 227 -20.66 -16.43 -38.66
CA ARG E 227 -19.45 -17.00 -38.08
C ARG E 227 -19.74 -17.60 -36.71
N ASN E 228 -20.55 -16.93 -35.89
CA ASN E 228 -20.93 -17.46 -34.60
C ASN E 228 -21.85 -18.68 -34.71
N ASN E 229 -22.39 -18.95 -35.90
CA ASN E 229 -23.27 -20.09 -36.08
C ASN E 229 -22.65 -21.14 -36.99
N ASN E 230 -21.36 -21.40 -36.81
CA ASN E 230 -20.59 -22.47 -37.44
C ASN E 230 -20.34 -22.25 -38.93
N VAL E 231 -20.82 -21.16 -39.52
CA VAL E 231 -20.58 -20.89 -40.93
C VAL E 231 -19.20 -20.27 -41.10
N LEU E 232 -18.36 -20.89 -41.90
CA LEU E 232 -17.02 -20.37 -42.20
C LEU E 232 -17.09 -19.63 -43.53
N ILE E 233 -16.94 -18.31 -43.49
CA ILE E 233 -17.08 -17.45 -44.66
C ILE E 233 -15.69 -17.16 -45.22
N ARG E 234 -15.49 -17.46 -46.49
CA ARG E 234 -14.25 -17.16 -47.19
C ARG E 234 -14.53 -16.14 -48.27
N HIS E 235 -13.67 -15.12 -48.36
CA HIS E 235 -13.91 -13.97 -49.22
C HIS E 235 -12.88 -13.91 -50.34
N ASN E 236 -13.28 -13.28 -51.44
CA ASN E 236 -12.42 -13.11 -52.63
C ASN E 236 -11.90 -14.46 -53.12
N GLU E 237 -12.84 -15.35 -53.46
CA GLU E 237 -12.51 -16.70 -53.86
C GLU E 237 -13.18 -17.01 -55.20
N GLU E 238 -12.48 -17.80 -56.02
CA GLU E 238 -13.01 -18.27 -57.28
C GLU E 238 -12.67 -19.75 -57.44
N TYR E 239 -13.67 -20.56 -57.74
CA TYR E 239 -13.46 -21.99 -57.88
C TYR E 239 -12.64 -22.30 -59.13
N GLU E 240 -11.83 -23.34 -59.03
CA GLU E 240 -11.05 -23.82 -60.17
C GLU E 240 -11.52 -25.18 -60.67
N ARG E 241 -11.82 -26.12 -59.77
CA ARG E 241 -12.47 -27.36 -60.19
C ARG E 241 -13.15 -28.02 -59.01
N VAL E 242 -14.33 -28.59 -59.26
CA VAL E 242 -15.07 -29.34 -58.26
C VAL E 242 -15.05 -30.81 -58.66
N GLU E 243 -14.68 -31.69 -57.73
CA GLU E 243 -14.52 -33.11 -57.99
C GLU E 243 -15.39 -33.90 -57.03
N GLY E 244 -16.22 -34.80 -57.59
CA GLY E 244 -17.07 -35.64 -56.78
C GLY E 244 -16.38 -36.95 -56.44
N LEU E 245 -16.50 -37.37 -55.19
CA LEU E 245 -15.94 -38.62 -54.70
C LEU E 245 -17.07 -39.53 -54.22
N ASP E 246 -16.69 -40.70 -53.73
CA ASP E 246 -17.68 -41.65 -53.25
C ASP E 246 -18.31 -41.18 -51.93
N ASN E 247 -17.52 -40.53 -51.07
CA ASN E 247 -17.99 -40.12 -49.76
C ASN E 247 -17.99 -38.63 -49.54
N GLY E 248 -17.71 -37.83 -50.57
CA GLY E 248 -17.69 -36.39 -50.39
C GLY E 248 -17.40 -35.67 -51.69
N VAL E 249 -17.36 -34.35 -51.59
CA VAL E 249 -17.06 -33.46 -52.72
C VAL E 249 -15.89 -32.58 -52.33
N ILE E 250 -14.89 -32.49 -53.20
CA ILE E 250 -13.68 -31.71 -52.95
C ILE E 250 -13.62 -30.59 -53.96
N LEU E 251 -13.57 -29.36 -53.47
CA LEU E 251 -13.48 -28.18 -54.32
C LEU E 251 -12.08 -27.59 -54.23
N HIS E 252 -11.40 -27.50 -55.36
CA HIS E 252 -10.10 -26.87 -55.47
C HIS E 252 -10.29 -25.46 -56.01
N LEU E 253 -9.96 -24.48 -55.18
CA LEU E 253 -10.11 -23.06 -55.52
C LEU E 253 -8.93 -22.57 -56.34
N LYS E 254 -9.10 -21.39 -56.95
CA LYS E 254 -8.03 -20.79 -57.72
C LYS E 254 -6.84 -20.42 -56.84
N SER E 255 -7.10 -19.92 -55.62
CA SER E 255 -6.04 -19.51 -54.72
C SER E 255 -5.20 -20.66 -54.20
N GLY E 256 -5.63 -21.91 -54.39
CA GLY E 256 -4.88 -23.06 -53.95
C GLY E 256 -5.50 -23.82 -52.80
N LYS E 257 -6.62 -23.37 -52.25
CA LYS E 257 -7.27 -24.07 -51.17
C LYS E 257 -8.19 -25.15 -51.71
N LYS E 258 -8.16 -26.31 -51.07
CA LYS E 258 -9.06 -27.42 -51.39
C LYS E 258 -9.88 -27.75 -50.15
N ILE E 259 -11.20 -27.76 -50.30
CA ILE E 259 -12.12 -27.98 -49.20
C ILE E 259 -12.98 -29.20 -49.52
N LYS E 260 -13.05 -30.13 -48.57
CA LYS E 260 -13.82 -31.35 -48.73
C LYS E 260 -15.04 -31.30 -47.81
N ALA E 261 -16.20 -31.68 -48.35
CA ALA E 261 -17.43 -31.73 -47.57
C ALA E 261 -18.20 -32.99 -47.94
N ASP E 262 -19.34 -33.19 -47.27
CA ASP E 262 -20.21 -34.32 -47.56
C ASP E 262 -21.28 -33.99 -48.60
N ALA E 263 -21.30 -32.76 -49.10
CA ALA E 263 -22.28 -32.34 -50.09
C ALA E 263 -21.76 -31.09 -50.79
N PHE E 264 -22.60 -30.52 -51.65
CA PHE E 264 -22.24 -29.31 -52.39
C PHE E 264 -23.53 -28.67 -52.88
N LEU E 265 -23.57 -27.33 -52.84
CA LEU E 265 -24.74 -26.57 -53.25
C LEU E 265 -24.28 -25.36 -54.06
N TRP E 266 -24.55 -25.36 -55.36
CA TRP E 266 -24.23 -24.23 -56.21
C TRP E 266 -25.40 -23.24 -56.19
N SER E 267 -25.10 -21.98 -55.90
CA SER E 267 -26.12 -20.94 -55.84
C SER E 267 -25.63 -19.64 -56.48
N ASN E 268 -24.80 -19.74 -57.52
CA ASN E 268 -24.19 -18.58 -58.15
C ASN E 268 -25.02 -18.20 -59.38
N GLY E 269 -25.98 -17.30 -59.17
CA GLY E 269 -26.73 -16.73 -60.27
C GLY E 269 -27.81 -17.62 -60.84
N ARG E 270 -28.62 -17.07 -61.75
CA ARG E 270 -29.69 -17.79 -62.42
C ARG E 270 -29.73 -17.37 -63.89
N THR E 271 -30.22 -18.27 -64.73
CA THR E 271 -30.29 -18.04 -66.18
C THR E 271 -31.73 -18.18 -66.63
N GLY E 272 -32.19 -17.21 -67.41
CA GLY E 272 -33.58 -17.23 -67.84
C GLY E 272 -33.89 -18.42 -68.72
N ASN E 273 -35.14 -18.89 -68.63
CA ASN E 273 -35.60 -20.07 -69.38
C ASN E 273 -36.24 -19.60 -70.69
N THR E 274 -35.38 -19.21 -71.63
CA THR E 274 -35.85 -18.72 -72.92
C THR E 274 -35.41 -19.59 -74.10
N ASP E 275 -34.52 -20.56 -73.89
CA ASP E 275 -34.08 -21.41 -74.99
C ASP E 275 -35.25 -22.24 -75.54
N LYS E 276 -36.07 -22.80 -74.65
CA LYS E 276 -37.21 -23.61 -75.08
C LYS E 276 -38.35 -22.78 -75.67
N LEU E 277 -38.32 -21.46 -75.48
CA LEU E 277 -39.40 -20.62 -76.01
C LEU E 277 -39.34 -20.51 -77.53
N GLY E 278 -38.15 -20.60 -78.12
CA GLY E 278 -38.00 -20.41 -79.54
C GLY E 278 -38.29 -18.98 -79.95
N LEU E 279 -37.77 -18.03 -79.19
CA LEU E 279 -38.04 -16.61 -79.45
C LEU E 279 -37.42 -16.12 -80.75
N GLU E 280 -36.49 -16.88 -81.33
CA GLU E 280 -35.89 -16.47 -82.61
C GLU E 280 -36.93 -16.44 -83.73
N ASN E 281 -37.97 -17.27 -83.66
CA ASN E 281 -39.06 -17.18 -84.62
C ASN E 281 -39.78 -15.85 -84.54
N ILE E 282 -39.95 -15.31 -83.32
CA ILE E 282 -40.45 -13.95 -83.17
C ILE E 282 -39.47 -12.95 -83.75
N GLY E 283 -38.18 -13.20 -83.61
CA GLY E 283 -37.16 -12.25 -83.97
C GLY E 283 -36.53 -11.52 -82.81
N LEU E 284 -36.90 -11.87 -81.58
CA LEU E 284 -36.31 -11.27 -80.40
C LEU E 284 -35.02 -12.00 -80.03
N LYS E 285 -34.19 -11.32 -79.24
CA LYS E 285 -32.89 -11.84 -78.84
C LYS E 285 -32.83 -11.98 -77.33
N ALA E 286 -32.02 -12.94 -76.88
CA ALA E 286 -31.76 -13.16 -75.47
C ALA E 286 -30.26 -13.07 -75.21
N ASN E 287 -29.89 -12.34 -74.17
CA ASN E 287 -28.49 -12.14 -73.84
C ASN E 287 -27.89 -13.41 -73.25
N GLY E 288 -26.61 -13.34 -72.87
CA GLY E 288 -25.95 -14.48 -72.27
C GLY E 288 -26.55 -14.88 -70.94
N ARG E 289 -27.22 -13.95 -70.26
CA ARG E 289 -27.89 -14.21 -69.00
C ARG E 289 -29.30 -14.76 -69.19
N GLY E 290 -29.76 -14.89 -70.43
CA GLY E 290 -31.10 -15.39 -70.67
C GLY E 290 -32.21 -14.42 -70.33
N GLN E 291 -31.93 -13.13 -70.33
CA GLN E 291 -32.92 -12.11 -69.98
C GLN E 291 -33.42 -11.40 -71.23
N ILE E 292 -34.60 -10.82 -71.11
CA ILE E 292 -35.26 -10.12 -72.21
C ILE E 292 -35.36 -8.64 -71.86
N GLN E 293 -34.88 -7.80 -72.77
CA GLN E 293 -34.90 -6.36 -72.55
C GLN E 293 -36.33 -5.82 -72.69
N VAL E 294 -36.76 -5.02 -71.72
CA VAL E 294 -38.07 -4.39 -71.74
C VAL E 294 -37.93 -2.92 -71.37
N ASP E 295 -38.90 -2.12 -71.80
CA ASP E 295 -38.90 -0.69 -71.53
C ASP E 295 -39.58 -0.42 -70.20
N GLU E 296 -39.85 0.85 -69.91
CA GLU E 296 -40.57 1.21 -68.69
C GLU E 296 -42.02 0.75 -68.73
N HIS E 297 -42.54 0.41 -69.91
CA HIS E 297 -43.88 -0.14 -70.05
C HIS E 297 -43.89 -1.67 -70.06
N TYR E 298 -42.73 -2.30 -69.84
CA TYR E 298 -42.60 -3.76 -69.83
C TYR E 298 -43.00 -4.36 -71.17
N ARG E 299 -42.71 -3.63 -72.26
CA ARG E 299 -42.98 -4.08 -73.61
C ARG E 299 -41.66 -4.33 -74.32
N THR E 300 -41.55 -5.45 -75.00
CA THR E 300 -40.34 -5.81 -75.74
C THR E 300 -40.31 -5.04 -77.06
N GLU E 301 -39.39 -5.43 -77.94
CA GLU E 301 -39.29 -4.77 -79.24
C GLU E 301 -40.58 -4.95 -80.04
N VAL E 302 -41.16 -6.15 -79.99
CA VAL E 302 -42.45 -6.39 -80.64
C VAL E 302 -43.54 -5.71 -79.83
N SER E 303 -44.44 -5.01 -80.53
CA SER E 303 -45.46 -4.22 -79.84
C SER E 303 -46.44 -5.07 -79.07
N ASN E 304 -46.68 -6.31 -79.51
CA ASN E 304 -47.65 -7.19 -78.87
C ASN E 304 -47.01 -8.20 -77.92
N ILE E 305 -45.70 -8.10 -77.69
CA ILE E 305 -44.97 -9.02 -76.82
C ILE E 305 -44.54 -8.25 -75.59
N TYR E 306 -44.95 -8.72 -74.41
CA TYR E 306 -44.62 -8.10 -73.13
C TYR E 306 -43.93 -9.12 -72.24
N ALA E 307 -42.85 -8.70 -71.59
CA ALA E 307 -42.10 -9.55 -70.68
C ALA E 307 -42.00 -8.87 -69.32
N ALA E 308 -42.21 -9.63 -68.26
CA ALA E 308 -42.14 -9.11 -66.90
C ALA E 308 -41.78 -10.23 -65.95
N GLY E 309 -41.29 -9.85 -64.77
CA GLY E 309 -40.96 -10.82 -63.75
C GLY E 309 -39.47 -11.12 -63.67
N ASP E 310 -39.18 -12.30 -63.13
CA ASP E 310 -37.80 -12.72 -62.93
C ASP E 310 -37.05 -12.95 -64.24
N VAL E 311 -37.78 -13.18 -65.34
CA VAL E 311 -37.13 -13.41 -66.62
C VAL E 311 -36.29 -12.21 -67.05
N ILE E 312 -36.80 -10.99 -66.84
CA ILE E 312 -36.07 -9.79 -67.23
C ILE E 312 -34.86 -9.52 -66.34
N GLY E 313 -34.67 -10.29 -65.28
CA GLY E 313 -33.51 -10.15 -64.43
C GLY E 313 -33.79 -9.41 -63.13
N TRP E 314 -33.35 -8.16 -63.06
CA TRP E 314 -33.54 -7.37 -61.85
C TRP E 314 -35.02 -7.14 -61.61
N PRO E 315 -35.49 -7.23 -60.36
CA PRO E 315 -34.76 -7.57 -59.14
C PRO E 315 -34.89 -9.05 -58.75
N SER E 316 -35.58 -9.85 -59.57
CA SER E 316 -35.77 -11.28 -59.32
C SER E 316 -36.39 -11.53 -57.96
N LEU E 317 -37.46 -10.80 -57.65
CA LEU E 317 -38.19 -10.95 -56.40
C LEU E 317 -39.63 -11.32 -56.69
N ALA E 318 -40.16 -12.27 -55.91
CA ALA E 318 -41.49 -12.82 -56.18
C ALA E 318 -42.57 -11.75 -56.10
N SER E 319 -42.53 -10.92 -55.06
CA SER E 319 -43.48 -9.81 -54.97
C SER E 319 -43.23 -8.80 -56.09
N ALA E 320 -41.97 -8.50 -56.36
CA ALA E 320 -41.63 -7.60 -57.45
C ALA E 320 -42.05 -8.19 -58.79
N ALA E 321 -41.83 -9.49 -58.99
CA ALA E 321 -42.28 -10.13 -60.23
C ALA E 321 -43.79 -10.06 -60.36
N TYR E 322 -44.51 -10.31 -59.27
CA TYR E 322 -45.98 -10.26 -59.29
C TYR E 322 -46.46 -8.87 -59.68
N ASP E 323 -45.94 -7.84 -59.03
CA ASP E 323 -46.39 -6.49 -59.31
C ASP E 323 -45.97 -6.04 -60.70
N GLN E 324 -44.79 -6.48 -61.15
CA GLN E 324 -44.35 -6.19 -62.52
C GLN E 324 -45.28 -6.81 -63.54
N GLY E 325 -45.70 -8.05 -63.32
CA GLY E 325 -46.66 -8.68 -64.22
C GLY E 325 -47.99 -7.96 -64.23
N ARG E 326 -48.45 -7.54 -63.05
CA ARG E 326 -49.70 -6.77 -62.99
C ARG E 326 -49.58 -5.46 -63.75
N SER E 327 -48.44 -4.77 -63.60
CA SER E 327 -48.22 -3.52 -64.34
C SER E 327 -48.15 -3.77 -65.84
N ALA E 328 -47.52 -4.87 -66.26
CA ALA E 328 -47.46 -5.21 -67.67
C ALA E 328 -48.85 -5.49 -68.23
N ALA E 329 -49.68 -6.21 -67.47
CA ALA E 329 -51.05 -6.45 -67.89
C ALA E 329 -51.82 -5.14 -67.99
N GLY E 330 -51.62 -4.24 -67.03
CA GLY E 330 -52.25 -2.94 -67.10
C GLY E 330 -51.82 -2.14 -68.32
N SER E 331 -50.53 -2.21 -68.67
CA SER E 331 -50.06 -1.58 -69.89
C SER E 331 -50.70 -2.18 -71.12
N ILE E 332 -50.86 -3.51 -71.13
CA ILE E 332 -51.53 -4.17 -72.24
C ILE E 332 -52.97 -3.68 -72.38
N THR E 333 -53.69 -3.60 -71.26
CA THR E 333 -55.06 -3.14 -71.26
C THR E 333 -55.20 -1.62 -71.24
N GLU E 334 -54.13 -0.90 -70.92
CA GLU E 334 -54.12 0.56 -70.88
C GLU E 334 -55.24 1.11 -69.98
N ASN E 335 -55.37 0.51 -68.80
CA ASN E 335 -56.36 0.91 -67.81
C ASN E 335 -55.74 1.70 -66.66
N ASP E 336 -54.75 2.54 -66.96
CA ASP E 336 -54.07 3.44 -66.03
C ASP E 336 -53.60 2.76 -64.76
N SER E 337 -53.41 1.43 -64.78
CA SER E 337 -52.87 0.70 -63.65
C SER E 337 -51.37 0.42 -63.79
N TRP E 338 -50.73 0.96 -64.82
CA TRP E 338 -49.31 0.72 -65.03
C TRP E 338 -48.46 1.59 -64.11
N ARG E 339 -47.37 1.02 -63.61
CA ARG E 339 -46.39 1.76 -62.83
C ARG E 339 -45.08 1.01 -62.89
N PHE E 340 -44.00 1.70 -63.23
CA PHE E 340 -42.68 1.07 -63.39
C PHE E 340 -42.17 0.62 -62.04
N VAL E 341 -41.94 -0.67 -61.88
CA VAL E 341 -41.44 -1.22 -60.62
C VAL E 341 -39.95 -0.89 -60.57
N ASP E 342 -39.58 0.06 -59.72
CA ASP E 342 -38.20 0.46 -59.55
C ASP E 342 -37.72 0.31 -58.11
N ASP E 343 -38.53 0.70 -57.13
CA ASP E 343 -38.14 0.60 -55.73
C ASP E 343 -38.80 -0.63 -55.11
N VAL E 344 -37.98 -1.57 -54.67
CA VAL E 344 -38.43 -2.81 -54.04
C VAL E 344 -37.66 -2.97 -52.75
N PRO E 345 -38.33 -3.17 -51.60
CA PRO E 345 -37.59 -3.36 -50.35
C PRO E 345 -36.82 -4.67 -50.36
N THR E 346 -35.49 -4.56 -50.31
CA THR E 346 -34.64 -5.74 -50.32
C THR E 346 -34.89 -6.59 -49.08
N GLY E 347 -35.07 -7.88 -49.29
CA GLY E 347 -35.34 -8.81 -48.20
C GLY E 347 -34.53 -10.09 -48.28
N ILE E 348 -33.78 -10.38 -47.21
CA ILE E 348 -32.95 -11.57 -47.13
C ILE E 348 -33.45 -12.40 -45.96
N TYR E 349 -33.87 -13.63 -46.25
CA TYR E 349 -34.51 -14.48 -45.25
C TYR E 349 -33.52 -15.48 -44.65
N THR E 350 -32.53 -14.93 -43.94
CA THR E 350 -31.64 -15.74 -43.13
C THR E 350 -32.23 -15.85 -41.71
N ILE E 351 -31.46 -16.36 -40.77
CA ILE E 351 -31.86 -16.43 -39.37
C ILE E 351 -30.90 -15.54 -38.59
N PRO E 352 -31.31 -14.32 -38.21
CA PRO E 352 -32.61 -13.69 -38.45
C PRO E 352 -32.69 -12.97 -39.79
N GLU E 353 -33.79 -12.25 -40.05
CA GLU E 353 -34.03 -11.69 -41.38
C GLU E 353 -33.32 -10.34 -41.54
N ILE E 354 -33.29 -9.88 -42.79
CA ILE E 354 -32.70 -8.60 -43.16
C ILE E 354 -33.64 -7.90 -44.13
N SER E 355 -33.86 -6.61 -43.92
CA SER E 355 -34.70 -5.84 -44.83
C SER E 355 -34.15 -4.44 -44.98
N SER E 356 -34.39 -3.85 -46.15
CA SER E 356 -33.88 -2.52 -46.44
C SER E 356 -34.79 -1.83 -47.45
N VAL E 357 -34.80 -0.51 -47.40
CA VAL E 357 -35.54 0.31 -48.35
C VAL E 357 -34.87 1.67 -48.44
N GLY E 358 -34.77 2.20 -49.65
CA GLY E 358 -34.17 3.50 -49.84
C GLY E 358 -32.65 3.45 -49.94
N LYS E 359 -32.04 4.60 -49.71
CA LYS E 359 -30.60 4.72 -49.85
C LYS E 359 -29.86 4.04 -48.70
N THR E 360 -28.61 3.68 -48.96
CA THR E 360 -27.74 3.11 -47.94
C THR E 360 -26.83 4.20 -47.37
N GLU E 361 -26.03 3.82 -46.38
CA GLU E 361 -25.11 4.78 -45.76
C GLU E 361 -23.99 5.16 -46.71
N ARG E 362 -23.42 4.18 -47.42
CA ARG E 362 -22.32 4.45 -48.33
C ARG E 362 -22.75 5.37 -49.47
N GLU E 363 -23.92 5.11 -50.05
CA GLU E 363 -24.40 5.94 -51.14
C GLU E 363 -24.69 7.36 -50.66
N LEU E 364 -25.28 7.49 -49.46
CA LEU E 364 -25.52 8.82 -48.90
C LEU E 364 -24.21 9.57 -48.66
N THR E 365 -23.19 8.87 -48.14
CA THR E 365 -21.90 9.50 -47.94
C THR E 365 -21.29 9.94 -49.27
N GLN E 366 -21.40 9.11 -50.30
CA GLN E 366 -20.88 9.47 -51.62
C GLN E 366 -21.63 10.67 -52.19
N ALA E 367 -22.93 10.75 -51.94
CA ALA E 367 -23.75 11.85 -52.46
C ALA E 367 -23.70 13.10 -51.59
N LYS E 368 -22.97 13.05 -50.46
CA LYS E 368 -22.79 14.21 -49.58
C LYS E 368 -24.12 14.75 -49.06
N VAL E 369 -25.09 13.87 -48.85
CA VAL E 369 -26.38 14.27 -48.29
C VAL E 369 -26.23 14.46 -46.77
N PRO E 370 -26.61 15.60 -46.22
CA PRO E 370 -26.48 15.79 -44.77
C PRO E 370 -27.53 15.01 -43.98
N TYR E 371 -27.27 13.73 -43.75
CA TYR E 371 -28.20 12.85 -43.07
C TYR E 371 -27.78 12.65 -41.61
N GLU E 372 -28.57 11.83 -40.91
CA GLU E 372 -28.27 11.45 -39.55
C GLU E 372 -28.85 10.06 -39.29
N VAL E 373 -28.33 9.40 -38.26
CA VAL E 373 -28.59 7.99 -38.01
C VAL E 373 -29.32 7.85 -36.67
N GLY E 374 -30.43 7.12 -36.68
CA GLY E 374 -31.12 6.75 -35.46
C GLY E 374 -31.18 5.24 -35.30
N LYS E 375 -30.62 4.72 -34.22
CA LYS E 375 -30.49 3.28 -34.02
C LYS E 375 -31.38 2.81 -32.88
N ALA E 376 -31.94 1.61 -33.05
CA ALA E 376 -32.73 0.95 -32.02
C ALA E 376 -32.32 -0.51 -32.00
N PHE E 377 -31.73 -0.96 -30.89
CA PHE E 377 -31.20 -2.31 -30.79
C PHE E 377 -32.24 -3.24 -30.20
N PHE E 378 -32.40 -4.41 -30.82
CA PHE E 378 -33.41 -5.36 -30.40
C PHE E 378 -33.12 -5.97 -29.03
N LYS E 379 -31.87 -5.89 -28.56
CA LYS E 379 -31.51 -6.51 -27.29
C LYS E 379 -32.27 -5.90 -26.12
N GLY E 380 -32.53 -4.59 -26.16
CA GLY E 380 -33.27 -3.91 -25.13
C GLY E 380 -34.75 -3.81 -25.38
N MET E 381 -35.30 -4.65 -26.25
CA MET E 381 -36.69 -4.56 -26.68
C MET E 381 -37.53 -5.61 -25.96
N ALA E 382 -38.67 -5.16 -25.41
CA ALA E 382 -39.53 -6.07 -24.66
C ALA E 382 -40.06 -7.19 -25.55
N ARG E 383 -40.57 -6.84 -26.74
CA ARG E 383 -41.10 -7.86 -27.65
C ARG E 383 -40.00 -8.83 -28.08
N ALA E 384 -38.80 -8.32 -28.35
CA ALA E 384 -37.69 -9.19 -28.72
C ALA E 384 -37.29 -10.11 -27.57
N GLN E 385 -37.27 -9.59 -26.34
CA GLN E 385 -36.94 -10.42 -25.20
C GLN E 385 -37.98 -11.52 -24.97
N ILE E 386 -39.27 -11.19 -25.14
CA ILE E 386 -40.30 -12.22 -25.04
C ILE E 386 -40.16 -13.23 -26.16
N ALA E 387 -39.77 -12.78 -27.36
CA ALA E 387 -39.59 -13.70 -28.48
C ALA E 387 -38.32 -14.54 -28.31
N VAL E 388 -37.50 -14.24 -27.31
CA VAL E 388 -36.29 -14.97 -26.97
C VAL E 388 -35.29 -14.77 -28.10
N GLU E 389 -35.57 -13.79 -28.97
CA GLU E 389 -34.67 -13.40 -30.05
C GLU E 389 -34.12 -12.02 -29.68
N LYS E 390 -32.85 -11.98 -29.28
CA LYS E 390 -32.24 -10.75 -28.79
C LYS E 390 -31.35 -10.07 -29.80
N ALA E 391 -30.70 -10.82 -30.68
CA ALA E 391 -29.80 -10.22 -31.66
C ALA E 391 -30.58 -9.47 -32.73
N GLY E 392 -30.05 -8.33 -33.14
CA GLY E 392 -30.65 -7.53 -34.20
C GLY E 392 -30.56 -6.04 -33.91
N MET E 393 -30.87 -5.26 -34.94
CA MET E 393 -30.85 -3.81 -34.84
C MET E 393 -31.74 -3.24 -35.93
N LEU E 394 -32.15 -1.98 -35.73
CA LEU E 394 -32.83 -1.21 -36.77
C LEU E 394 -32.17 0.15 -36.86
N LYS E 395 -31.87 0.57 -38.08
CA LYS E 395 -31.22 1.85 -38.34
C LYS E 395 -32.08 2.67 -39.29
N ILE E 396 -32.33 3.92 -38.92
CA ILE E 396 -33.10 4.84 -39.74
C ILE E 396 -32.18 5.99 -40.15
N LEU E 397 -32.03 6.18 -41.45
CA LEU E 397 -31.29 7.32 -41.99
C LEU E 397 -32.30 8.42 -42.32
N PHE E 398 -32.16 9.57 -41.69
CA PHE E 398 -33.11 10.65 -41.88
C PHE E 398 -32.37 11.94 -42.19
N HIS E 399 -32.92 12.73 -43.12
CA HIS E 399 -32.35 14.04 -43.42
C HIS E 399 -32.39 14.91 -42.18
N ARG E 400 -31.30 15.64 -41.94
CA ARG E 400 -31.17 16.39 -40.69
C ARG E 400 -32.07 17.62 -40.65
N GLU E 401 -32.12 18.40 -41.72
CA GLU E 401 -32.82 19.68 -41.72
C GLU E 401 -34.32 19.51 -42.02
N THR E 402 -34.66 18.79 -43.08
CA THR E 402 -36.05 18.59 -43.47
C THR E 402 -36.70 17.40 -42.79
N LEU E 403 -35.94 16.63 -42.00
CA LEU E 403 -36.42 15.45 -41.28
C LEU E 403 -36.97 14.38 -42.22
N GLU E 404 -36.59 14.41 -43.49
CA GLU E 404 -37.04 13.41 -44.45
C GLU E 404 -36.25 12.12 -44.26
N ILE E 405 -36.92 11.00 -44.51
CA ILE E 405 -36.30 9.68 -44.37
C ILE E 405 -35.63 9.31 -45.70
N LEU E 406 -34.33 9.03 -45.64
CA LEU E 406 -33.56 8.71 -46.84
C LEU E 406 -33.21 7.23 -46.95
N GLY E 407 -33.36 6.46 -45.88
CA GLY E 407 -33.08 5.04 -45.91
C GLY E 407 -33.38 4.33 -44.61
N VAL E 408 -34.06 3.19 -44.70
CA VAL E 408 -34.42 2.39 -43.54
C VAL E 408 -33.84 1.00 -43.71
N HIS E 409 -33.05 0.56 -42.73
CA HIS E 409 -32.42 -0.76 -42.77
C HIS E 409 -32.65 -1.44 -41.43
N CYS E 410 -33.10 -2.69 -41.47
CA CYS E 410 -33.37 -3.45 -40.26
C CYS E 410 -32.81 -4.86 -40.40
N PHE E 411 -32.38 -5.43 -39.29
CA PHE E 411 -31.85 -6.79 -39.26
C PHE E 411 -32.24 -7.40 -37.93
N GLY E 412 -32.92 -8.53 -37.97
CA GLY E 412 -33.33 -9.20 -36.77
C GLY E 412 -34.65 -9.95 -37.00
N TYR E 413 -35.43 -10.07 -35.93
CA TYR E 413 -36.71 -10.75 -35.98
C TYR E 413 -37.76 -9.86 -36.61
N GLN E 414 -38.59 -10.43 -37.48
CA GLN E 414 -39.70 -9.72 -38.13
C GLN E 414 -39.20 -8.49 -38.90
N ALA E 415 -38.03 -8.61 -39.51
CA ALA E 415 -37.45 -7.49 -40.25
C ALA E 415 -38.32 -7.09 -41.43
N SER E 416 -38.81 -8.07 -42.19
CA SER E 416 -39.62 -7.77 -43.36
C SER E 416 -40.92 -7.08 -43.00
N GLU E 417 -41.57 -7.52 -41.93
CA GLU E 417 -42.79 -6.86 -41.47
C GLU E 417 -42.51 -5.48 -40.90
N ILE E 418 -41.34 -5.29 -40.28
CA ILE E 418 -41.00 -4.01 -39.68
C ILE E 418 -40.72 -2.96 -40.76
N VAL E 419 -39.96 -3.33 -41.79
CA VAL E 419 -39.51 -2.36 -42.78
C VAL E 419 -40.67 -1.74 -43.54
N HIS E 420 -41.86 -2.35 -43.46
CA HIS E 420 -42.98 -1.87 -44.27
C HIS E 420 -43.51 -0.52 -43.79
N ILE E 421 -43.53 -0.28 -42.47
CA ILE E 421 -43.97 1.01 -41.96
C ILE E 421 -43.01 2.11 -42.39
N GLY E 422 -41.71 1.85 -42.30
CA GLY E 422 -40.73 2.81 -42.78
C GLY E 422 -40.86 3.07 -44.27
N GLN E 423 -41.16 2.02 -45.04
CA GLN E 423 -41.40 2.20 -46.47
C GLN E 423 -42.63 3.05 -46.72
N ALA E 424 -43.70 2.83 -45.95
CA ALA E 424 -44.92 3.60 -46.12
C ALA E 424 -44.70 5.07 -45.81
N ILE E 425 -43.96 5.36 -44.74
CA ILE E 425 -43.61 6.75 -44.44
C ILE E 425 -42.70 7.32 -45.52
N MET E 426 -41.82 6.49 -46.09
CA MET E 426 -40.91 6.93 -47.13
C MET E 426 -41.66 7.43 -48.36
N ASN E 427 -42.68 6.69 -48.81
CA ASN E 427 -43.34 6.99 -50.07
C ASN E 427 -44.13 8.28 -50.04
N GLN E 428 -44.35 8.88 -48.87
CA GLN E 428 -45.08 10.13 -48.79
C GLN E 428 -44.29 11.26 -49.44
N LYS E 429 -45.03 12.23 -49.98
CA LYS E 429 -44.46 13.32 -50.76
C LYS E 429 -44.34 14.57 -49.90
N GLY E 430 -43.23 15.29 -50.06
CA GLY E 430 -43.09 16.57 -49.36
C GLY E 430 -42.82 16.39 -47.89
N GLU E 431 -43.40 17.27 -47.08
CA GLU E 431 -43.18 17.26 -45.64
C GLU E 431 -43.82 16.05 -44.97
N ALA E 432 -44.72 15.34 -45.66
CA ALA E 432 -45.34 14.17 -45.06
C ALA E 432 -44.32 13.08 -44.75
N ASN E 433 -43.28 12.97 -45.58
CA ASN E 433 -42.17 12.05 -45.32
C ASN E 433 -41.29 12.70 -44.27
N THR E 434 -41.64 12.48 -43.01
CA THR E 434 -40.94 13.08 -41.89
C THR E 434 -40.71 12.04 -40.80
N LEU E 435 -39.58 12.18 -40.10
CA LEU E 435 -39.30 11.31 -38.97
C LEU E 435 -40.25 11.59 -37.80
N LYS E 436 -40.68 12.84 -37.66
CA LYS E 436 -41.51 13.24 -36.53
C LYS E 436 -42.82 12.49 -36.47
N TYR E 437 -43.26 11.90 -37.58
CA TYR E 437 -44.44 11.04 -37.54
C TYR E 437 -44.31 9.98 -36.46
N PHE E 438 -43.12 9.38 -36.35
CA PHE E 438 -42.92 8.31 -35.37
C PHE E 438 -43.02 8.81 -33.94
N ILE E 439 -42.95 10.12 -33.71
CA ILE E 439 -43.18 10.64 -32.38
C ILE E 439 -44.58 11.25 -32.25
N ASN E 440 -45.27 11.45 -33.36
CA ASN E 440 -46.60 12.05 -33.37
C ASN E 440 -47.72 11.03 -33.56
N THR E 441 -47.41 9.74 -33.50
CA THR E 441 -48.41 8.69 -33.72
C THR E 441 -48.25 7.61 -32.67
N THR E 442 -49.36 7.19 -32.07
CA THR E 442 -49.35 6.15 -31.07
C THR E 442 -49.30 4.78 -31.73
N PHE E 443 -48.41 3.92 -31.25
CA PHE E 443 -48.27 2.56 -31.73
C PHE E 443 -48.87 1.58 -30.72
N ASN E 444 -48.71 0.30 -31.01
CA ASN E 444 -49.11 -0.74 -30.07
C ASN E 444 -47.91 -1.16 -29.22
N TYR E 445 -48.20 -1.87 -28.13
CA TYR E 445 -47.14 -2.26 -27.21
C TYR E 445 -47.58 -3.51 -26.49
N PRO E 446 -46.68 -4.48 -26.29
CA PRO E 446 -45.28 -4.51 -26.72
C PRO E 446 -45.11 -5.15 -28.10
N THR E 447 -44.72 -4.37 -29.10
CA THR E 447 -44.45 -4.88 -30.44
C THR E 447 -43.04 -4.49 -30.82
N MET E 448 -42.65 -4.84 -32.05
CA MET E 448 -41.38 -4.37 -32.60
C MET E 448 -41.50 -3.04 -33.31
N ALA E 449 -42.74 -2.58 -33.58
CA ALA E 449 -42.92 -1.28 -34.20
C ALA E 449 -42.45 -0.16 -33.29
N GLU E 450 -42.38 -0.41 -31.98
CA GLU E 450 -41.91 0.61 -31.05
C GLU E 450 -40.47 1.01 -31.35
N ALA E 451 -39.73 0.18 -32.08
CA ALA E 451 -38.40 0.56 -32.55
C ALA E 451 -38.45 1.88 -33.31
N TYR E 452 -39.43 2.02 -34.20
CA TYR E 452 -39.57 3.24 -34.97
C TYR E 452 -39.73 4.45 -34.06
N ARG E 453 -40.28 4.23 -32.86
CA ARG E 453 -40.25 5.26 -31.84
C ARG E 453 -38.83 5.46 -31.32
N VAL E 454 -38.25 4.42 -30.72
CA VAL E 454 -36.98 4.56 -30.01
C VAL E 454 -35.89 5.04 -30.94
N ALA E 455 -35.78 4.41 -32.11
CA ALA E 455 -34.79 4.83 -33.10
C ALA E 455 -34.95 6.31 -33.42
N ALA E 456 -36.19 6.75 -33.62
CA ALA E 456 -36.44 8.16 -33.90
C ALA E 456 -35.85 9.04 -32.82
N TYR E 457 -36.05 8.64 -31.56
CA TYR E 457 -35.48 9.41 -30.45
C TYR E 457 -33.96 9.44 -30.57
N ASP E 458 -33.35 8.29 -30.85
CA ASP E 458 -31.90 8.21 -31.00
C ASP E 458 -31.42 9.11 -32.13
N GLY E 459 -32.29 9.47 -33.07
CA GLY E 459 -31.94 10.45 -34.08
C GLY E 459 -32.10 11.86 -33.56
N LEU E 460 -33.23 12.13 -32.90
CA LEU E 460 -33.53 13.49 -32.47
C LEU E 460 -32.55 14.00 -31.43
N ASN E 461 -32.00 13.11 -30.61
CA ASN E 461 -30.94 13.53 -29.69
C ASN E 461 -29.69 13.96 -30.45
N ARG E 462 -29.35 13.25 -31.53
CA ARG E 462 -28.19 13.62 -32.33
C ARG E 462 -28.42 14.89 -33.15
N LEU E 463 -29.67 15.36 -33.25
CA LEU E 463 -29.96 16.61 -33.94
C LEU E 463 -29.91 17.77 -32.95
N PHE E 464 -29.28 18.86 -33.38
CA PHE E 464 -29.07 20.01 -32.52
C PHE E 464 -29.69 21.29 -33.11
N VAL F 3 -121.31 -29.48 -62.33
CA VAL F 3 -121.57 -29.43 -60.89
C VAL F 3 -121.28 -30.79 -60.26
N TYR F 4 -120.46 -30.78 -59.22
CA TYR F 4 -120.11 -31.99 -58.48
C TYR F 4 -120.41 -31.78 -57.00
N ASN F 5 -120.69 -32.88 -56.30
CA ASN F 5 -121.05 -32.84 -54.89
C ASN F 5 -120.08 -33.72 -54.11
N TYR F 6 -119.59 -33.19 -52.98
CA TYR F 6 -118.68 -33.93 -52.11
C TYR F 6 -118.95 -33.51 -50.67
N ASP F 7 -118.23 -34.12 -49.75
CA ASP F 7 -118.36 -33.78 -48.33
C ASP F 7 -117.36 -32.70 -47.93
N VAL F 8 -116.11 -32.84 -48.35
CA VAL F 8 -115.05 -31.87 -48.03
C VAL F 8 -114.32 -31.53 -49.32
N VAL F 9 -113.99 -30.25 -49.49
CA VAL F 9 -113.21 -29.80 -50.64
C VAL F 9 -111.99 -29.03 -50.13
N VAL F 10 -110.82 -29.39 -50.64
CA VAL F 10 -109.55 -28.78 -50.26
C VAL F 10 -109.06 -27.94 -51.44
N ILE F 11 -108.57 -26.74 -51.15
CA ILE F 11 -107.97 -25.86 -52.16
C ILE F 11 -106.47 -25.88 -51.96
N GLY F 12 -105.73 -26.25 -53.00
CA GLY F 12 -104.29 -26.40 -52.92
C GLY F 12 -103.89 -27.80 -52.51
N THR F 13 -102.98 -28.41 -53.27
CA THR F 13 -102.56 -29.79 -53.04
C THR F 13 -101.15 -29.87 -52.45
N GLY F 14 -100.77 -28.87 -51.67
CA GLY F 14 -99.50 -28.90 -50.98
C GLY F 14 -99.55 -29.80 -49.76
N PRO F 15 -98.54 -29.72 -48.90
CA PRO F 15 -98.55 -30.58 -47.69
C PRO F 15 -99.79 -30.41 -46.84
N ALA F 16 -100.21 -29.16 -46.60
CA ALA F 16 -101.42 -28.92 -45.83
C ALA F 16 -102.64 -29.48 -46.55
N GLY F 17 -102.77 -29.17 -47.83
CA GLY F 17 -103.91 -29.65 -48.59
C GLY F 17 -103.92 -31.16 -48.72
N GLU F 18 -102.76 -31.75 -49.02
CA GLU F 18 -102.67 -33.21 -49.12
C GLU F 18 -103.06 -33.87 -47.81
N GLY F 19 -102.48 -33.41 -46.70
CA GLY F 19 -102.81 -33.97 -45.41
C GLY F 19 -104.29 -33.84 -45.07
N ALA F 20 -104.85 -32.65 -45.29
CA ALA F 20 -106.25 -32.42 -44.95
C ALA F 20 -107.17 -33.31 -45.78
N ALA F 21 -106.98 -33.31 -47.11
CA ALA F 21 -107.87 -34.07 -47.97
C ALA F 21 -107.77 -35.56 -47.71
N MET F 22 -106.54 -36.06 -47.55
CA MET F 22 -106.35 -37.50 -47.39
C MET F 22 -106.77 -37.98 -46.00
N ASN F 23 -106.59 -37.14 -44.98
CA ASN F 23 -107.10 -37.47 -43.65
C ASN F 23 -108.63 -37.45 -43.61
N ALA F 24 -109.25 -36.50 -44.31
CA ALA F 24 -110.71 -36.50 -44.40
C ALA F 24 -111.21 -37.71 -45.19
N VAL F 25 -110.45 -38.14 -46.19
CA VAL F 25 -110.77 -39.38 -46.89
C VAL F 25 -110.73 -40.56 -45.93
N LYS F 26 -109.69 -40.63 -45.11
CA LYS F 26 -109.59 -41.75 -44.16
C LYS F 26 -110.71 -41.72 -43.13
N ALA F 27 -111.32 -40.56 -42.91
CA ALA F 27 -112.43 -40.44 -41.96
C ALA F 27 -113.73 -41.05 -42.48
N GLY F 28 -113.78 -41.46 -43.74
CA GLY F 28 -114.97 -42.04 -44.33
C GLY F 28 -115.74 -41.11 -45.24
N ARG F 29 -115.48 -39.82 -45.21
CA ARG F 29 -116.15 -38.87 -46.09
C ARG F 29 -115.59 -38.94 -47.50
N LYS F 30 -116.28 -38.29 -48.43
CA LYS F 30 -115.83 -38.16 -49.80
C LYS F 30 -115.24 -36.77 -49.99
N VAL F 31 -113.98 -36.70 -50.40
CA VAL F 31 -113.23 -35.45 -50.43
C VAL F 31 -112.72 -35.19 -51.85
N ALA F 32 -112.55 -33.91 -52.16
CA ALA F 32 -112.04 -33.49 -53.45
C ALA F 32 -110.93 -32.47 -53.25
N VAL F 33 -110.06 -32.36 -54.24
CA VAL F 33 -108.94 -31.42 -54.20
C VAL F 33 -108.98 -30.53 -55.43
N VAL F 34 -108.51 -29.29 -55.26
CA VAL F 34 -108.45 -28.31 -56.32
C VAL F 34 -107.11 -27.61 -56.26
N ASP F 35 -106.48 -27.42 -57.43
CA ASP F 35 -105.23 -26.68 -57.52
C ASP F 35 -105.15 -26.05 -58.91
N ASP F 36 -104.34 -25.00 -59.03
CA ASP F 36 -104.16 -24.32 -60.31
C ASP F 36 -102.94 -24.82 -61.08
N ARG F 37 -102.01 -25.50 -60.42
CA ARG F 37 -100.88 -26.08 -61.12
C ARG F 37 -101.33 -27.27 -61.96
N PRO F 38 -100.68 -27.50 -63.12
CA PRO F 38 -101.01 -28.68 -63.92
C PRO F 38 -100.71 -30.01 -63.22
N GLN F 39 -99.86 -30.01 -62.20
CA GLN F 39 -99.51 -31.22 -61.49
C GLN F 39 -99.63 -30.98 -59.99
N VAL F 40 -99.81 -32.08 -59.25
CA VAL F 40 -99.98 -32.03 -57.80
C VAL F 40 -98.62 -31.87 -57.13
N GLY F 41 -98.63 -31.53 -55.84
CA GLY F 41 -97.42 -31.38 -55.05
C GLY F 41 -97.30 -30.03 -54.36
N GLY F 42 -97.71 -28.96 -55.05
CA GLY F 42 -97.67 -27.64 -54.46
C GLY F 42 -96.28 -27.05 -54.40
N ASN F 43 -96.20 -25.87 -53.78
CA ASN F 43 -94.93 -25.15 -53.68
C ASN F 43 -93.86 -25.95 -52.95
N CYS F 44 -94.27 -26.91 -52.12
CA CYS F 44 -93.28 -27.75 -51.45
C CYS F 44 -92.49 -28.59 -52.44
N THR F 45 -93.14 -29.06 -53.50
CA THR F 45 -92.51 -30.00 -54.41
C THR F 45 -92.05 -29.38 -55.72
N HIS F 46 -92.81 -28.42 -56.27
CA HIS F 46 -92.56 -27.98 -57.64
C HIS F 46 -91.54 -26.83 -57.71
N LEU F 47 -91.72 -25.78 -56.90
CA LEU F 47 -90.87 -24.60 -57.00
C LEU F 47 -90.12 -24.27 -55.72
N GLY F 48 -90.42 -24.91 -54.60
CA GLY F 48 -89.85 -24.51 -53.33
C GLY F 48 -88.89 -25.51 -52.70
N THR F 49 -89.40 -26.29 -51.75
CA THR F 49 -88.55 -27.10 -50.88
C THR F 49 -87.75 -28.12 -51.68
N ILE F 50 -88.41 -28.88 -52.55
CA ILE F 50 -87.72 -29.97 -53.26
C ILE F 50 -86.63 -29.45 -54.19
N PRO F 51 -86.87 -28.47 -55.07
CA PRO F 51 -85.78 -27.99 -55.93
C PRO F 51 -84.61 -27.40 -55.15
N SER F 52 -84.90 -26.61 -54.11
CA SER F 52 -83.83 -26.03 -53.31
C SER F 52 -83.04 -27.11 -52.58
N LYS F 53 -83.72 -28.14 -52.08
CA LYS F 53 -83.02 -29.23 -51.39
C LYS F 53 -82.14 -30.01 -52.35
N ALA F 54 -82.64 -30.28 -53.56
CA ALA F 54 -81.82 -30.96 -54.55
C ALA F 54 -80.61 -30.12 -54.93
N LEU F 55 -80.81 -28.81 -55.09
CA LEU F 55 -79.71 -27.91 -55.39
C LEU F 55 -78.66 -27.92 -54.28
N ARG F 56 -79.11 -27.86 -53.03
CA ARG F 56 -78.19 -27.87 -51.90
C ARG F 56 -77.43 -29.19 -51.82
N HIS F 57 -78.11 -30.31 -52.03
CA HIS F 57 -77.43 -31.60 -51.97
C HIS F 57 -76.42 -31.74 -53.09
N SER F 58 -76.77 -31.28 -54.30
CA SER F 58 -75.82 -31.31 -55.41
C SER F 58 -74.61 -30.43 -55.13
N VAL F 59 -74.83 -29.25 -54.54
CA VAL F 59 -73.73 -28.36 -54.21
C VAL F 59 -72.83 -29.01 -53.16
N ARG F 60 -73.42 -29.64 -52.14
CA ARG F 60 -72.63 -30.32 -51.12
C ARG F 60 -71.82 -31.46 -51.72
N GLN F 61 -72.42 -32.24 -52.62
CA GLN F 61 -71.68 -33.32 -53.28
C GLN F 61 -70.55 -32.76 -54.13
N ILE F 62 -70.78 -31.65 -54.81
CA ILE F 62 -69.73 -30.99 -55.60
C ILE F 62 -68.58 -30.58 -54.69
N MET F 63 -68.91 -29.98 -53.54
CA MET F 63 -67.89 -29.54 -52.60
C MET F 63 -67.07 -30.73 -52.10
N GLN F 64 -67.75 -31.82 -51.72
CA GLN F 64 -67.03 -33.00 -51.24
C GLN F 64 -66.14 -33.60 -52.31
N TYR F 65 -66.65 -33.68 -53.56
CA TYR F 65 -65.86 -34.23 -54.65
C TYR F 65 -64.63 -33.37 -54.93
N ASN F 66 -64.81 -32.05 -54.93
CA ASN F 66 -63.68 -31.15 -55.19
C ASN F 66 -62.65 -31.20 -54.08
N ASN F 67 -63.09 -31.28 -52.83
CA ASN F 67 -62.18 -31.24 -51.70
C ASN F 67 -61.69 -32.62 -51.28
N ASN F 68 -62.14 -33.68 -51.94
CA ASN F 68 -61.66 -35.02 -51.62
C ASN F 68 -60.34 -35.26 -52.35
N PRO F 69 -59.25 -35.56 -51.65
CA PRO F 69 -57.97 -35.76 -52.34
C PRO F 69 -57.97 -36.91 -53.33
N LEU F 70 -58.69 -38.00 -53.04
CA LEU F 70 -58.64 -39.17 -53.92
C LEU F 70 -59.26 -38.87 -55.29
N PHE F 71 -60.13 -37.87 -55.37
CA PHE F 71 -60.69 -37.46 -56.66
C PHE F 71 -59.87 -36.37 -57.34
N ARG F 72 -58.79 -35.91 -56.72
CA ARG F 72 -57.94 -34.91 -57.38
C ARG F 72 -56.99 -35.53 -58.38
N GLN F 73 -56.79 -36.85 -58.33
CA GLN F 73 -55.95 -37.52 -59.33
C GLN F 73 -56.63 -37.54 -60.69
N ILE F 74 -57.96 -37.38 -60.72
CA ILE F 74 -58.68 -37.33 -61.98
C ILE F 74 -58.24 -36.12 -62.79
N GLY F 75 -58.13 -34.97 -62.15
CA GLY F 75 -57.71 -33.76 -62.83
C GLY F 75 -57.88 -32.56 -61.92
N GLU F 76 -57.63 -31.38 -62.49
CA GLU F 76 -57.80 -30.15 -61.75
C GLU F 76 -59.28 -29.89 -61.49
N PRO F 77 -59.61 -29.15 -60.44
CA PRO F 77 -61.03 -28.92 -60.11
C PRO F 77 -61.78 -28.24 -61.25
N ARG F 78 -63.02 -28.67 -61.45
CA ARG F 78 -63.85 -28.19 -62.54
C ARG F 78 -65.01 -27.38 -61.98
N TRP F 79 -65.29 -26.24 -62.59
CA TRP F 79 -66.47 -25.47 -62.26
C TRP F 79 -67.67 -26.02 -63.03
N PHE F 80 -68.82 -26.08 -62.36
CA PHE F 80 -70.03 -26.68 -62.92
C PHE F 80 -71.07 -25.60 -63.17
N SER F 81 -71.69 -25.65 -64.35
CA SER F 81 -72.74 -24.70 -64.68
C SER F 81 -73.98 -24.94 -63.83
N PHE F 82 -74.78 -23.89 -63.68
CA PHE F 82 -75.96 -23.98 -62.83
C PHE F 82 -76.99 -24.95 -63.42
N ALA F 83 -77.07 -25.02 -64.75
CA ALA F 83 -78.08 -25.86 -65.39
C ALA F 83 -77.86 -27.34 -65.07
N ASP F 84 -76.62 -27.82 -65.17
CA ASP F 84 -76.36 -29.23 -64.91
C ASP F 84 -76.57 -29.58 -63.44
N VAL F 85 -76.25 -28.65 -62.54
CA VAL F 85 -76.51 -28.87 -61.12
C VAL F 85 -78.02 -28.95 -60.86
N LEU F 86 -78.79 -28.05 -61.49
CA LEU F 86 -80.24 -28.05 -61.27
C LEU F 86 -80.91 -29.25 -61.93
N LYS F 87 -80.30 -29.81 -62.98
CA LYS F 87 -80.94 -30.90 -63.72
C LYS F 87 -81.19 -32.12 -62.83
N SER F 88 -80.49 -32.23 -61.71
CA SER F 88 -80.69 -33.36 -60.81
C SER F 88 -82.04 -33.31 -60.10
N ALA F 89 -82.67 -32.14 -60.04
CA ALA F 89 -83.95 -31.99 -59.34
C ALA F 89 -85.13 -32.50 -60.15
N GLU F 90 -84.99 -32.62 -61.48
CA GLU F 90 -86.11 -33.01 -62.31
C GLU F 90 -86.58 -34.43 -62.01
N GLN F 91 -85.62 -35.36 -61.84
CA GLN F 91 -85.99 -36.73 -61.52
C GLN F 91 -86.69 -36.81 -60.17
N VAL F 92 -86.20 -36.08 -59.18
CA VAL F 92 -86.79 -36.10 -57.85
C VAL F 92 -88.21 -35.54 -57.88
N ILE F 93 -88.40 -34.40 -58.56
CA ILE F 93 -89.72 -33.80 -58.59
C ILE F 93 -90.70 -34.68 -59.37
N ALA F 94 -90.23 -35.32 -60.45
CA ALA F 94 -91.09 -36.21 -61.20
C ALA F 94 -91.52 -37.41 -60.35
N LYS F 95 -90.57 -38.00 -59.62
CA LYS F 95 -90.90 -39.13 -58.75
C LYS F 95 -91.87 -38.72 -57.66
N GLN F 96 -91.65 -37.55 -57.04
CA GLN F 96 -92.56 -37.08 -56.00
C GLN F 96 -93.95 -36.83 -56.55
N VAL F 97 -94.04 -36.22 -57.73
CA VAL F 97 -95.34 -35.96 -58.35
C VAL F 97 -96.06 -37.26 -58.64
N SER F 98 -95.34 -38.25 -59.19
CA SER F 98 -95.95 -39.54 -59.50
C SER F 98 -96.44 -40.22 -58.22
N SER F 99 -95.64 -40.18 -57.16
CA SER F 99 -96.03 -40.80 -55.90
C SER F 99 -97.25 -40.13 -55.31
N ARG F 100 -97.30 -38.80 -55.34
CA ARG F 100 -98.45 -38.09 -54.79
C ARG F 100 -99.71 -38.34 -55.62
N THR F 101 -99.57 -38.40 -56.94
CA THR F 101 -100.70 -38.72 -57.79
C THR F 101 -101.22 -40.13 -57.52
N GLY F 102 -100.30 -41.09 -57.32
CA GLY F 102 -100.72 -42.43 -56.97
C GLY F 102 -101.42 -42.49 -55.63
N TYR F 103 -100.92 -41.73 -54.66
CA TYR F 103 -101.58 -41.65 -53.35
C TYR F 103 -102.99 -41.10 -53.49
N TYR F 104 -103.15 -40.06 -54.28
CA TYR F 104 -104.48 -39.49 -54.50
C TYR F 104 -105.40 -40.48 -55.20
N ALA F 105 -104.89 -41.18 -56.22
CA ALA F 105 -105.74 -42.06 -57.02
C ALA F 105 -106.14 -43.31 -56.24
N ARG F 106 -105.24 -43.85 -55.42
CA ARG F 106 -105.53 -45.09 -54.71
C ARG F 106 -106.69 -44.92 -53.72
N ASN F 107 -106.85 -43.72 -53.16
CA ASN F 107 -107.95 -43.45 -52.27
C ASN F 107 -109.18 -42.90 -52.98
N ARG F 108 -109.13 -42.81 -54.32
CA ARG F 108 -110.24 -42.31 -55.13
C ARG F 108 -110.64 -40.90 -54.70
N ILE F 109 -109.69 -39.98 -54.85
CA ILE F 109 -109.90 -38.57 -54.56
C ILE F 109 -109.88 -37.82 -55.89
N ASP F 110 -110.97 -37.11 -56.18
CA ASP F 110 -111.09 -36.40 -57.45
C ASP F 110 -110.29 -35.11 -57.42
N THR F 111 -109.57 -34.85 -58.51
CA THR F 111 -108.72 -33.67 -58.63
C THR F 111 -109.23 -32.77 -59.75
N PHE F 112 -109.00 -31.47 -59.58
CA PHE F 112 -109.43 -30.47 -60.56
C PHE F 112 -108.29 -29.46 -60.72
N PHE F 113 -107.72 -29.41 -61.92
CA PHE F 113 -106.55 -28.58 -62.19
C PHE F 113 -107.02 -27.23 -62.74
N GLY F 114 -107.38 -26.34 -61.81
CA GLY F 114 -107.82 -25.01 -62.19
C GLY F 114 -107.89 -24.11 -60.98
N THR F 115 -107.91 -22.81 -61.24
CA THR F 115 -107.99 -21.82 -60.17
C THR F 115 -109.35 -21.87 -59.51
N ALA F 116 -109.36 -21.83 -58.18
CA ALA F 116 -110.58 -21.91 -57.39
C ALA F 116 -111.01 -20.52 -56.95
N SER F 117 -112.30 -20.22 -57.11
CA SER F 117 -112.87 -18.94 -56.74
C SER F 117 -114.09 -19.15 -55.86
N PHE F 118 -114.19 -18.36 -54.80
CA PHE F 118 -115.29 -18.48 -53.84
C PHE F 118 -116.54 -17.79 -54.39
N CYS F 119 -117.69 -18.45 -54.19
CA CYS F 119 -118.97 -17.89 -54.59
C CYS F 119 -119.94 -17.78 -53.43
N ASP F 120 -120.01 -18.78 -52.57
CA ASP F 120 -120.90 -18.76 -51.41
C ASP F 120 -120.26 -19.59 -50.30
N GLU F 121 -121.07 -19.95 -49.30
CA GLU F 121 -120.59 -20.71 -48.16
C GLU F 121 -120.41 -22.19 -48.44
N HIS F 122 -120.91 -22.69 -49.57
CA HIS F 122 -120.83 -24.12 -49.85
C HIS F 122 -120.36 -24.47 -51.25
N THR F 123 -120.32 -23.54 -52.19
CA THR F 123 -119.95 -23.85 -53.57
C THR F 123 -118.81 -22.94 -54.02
N ILE F 124 -117.97 -23.48 -54.90
CA ILE F 124 -116.88 -22.73 -55.51
C ILE F 124 -116.85 -23.02 -57.01
N GLU F 125 -116.17 -22.14 -57.74
CA GLU F 125 -116.03 -22.25 -59.18
C GLU F 125 -114.58 -22.49 -59.53
N VAL F 126 -114.31 -23.53 -60.32
CA VAL F 126 -112.97 -23.86 -60.78
C VAL F 126 -112.88 -23.46 -62.25
N VAL F 127 -111.87 -22.65 -62.57
CA VAL F 127 -111.66 -22.13 -63.92
C VAL F 127 -110.36 -22.72 -64.44
N HIS F 128 -110.42 -23.31 -65.63
CA HIS F 128 -109.25 -23.88 -66.28
C HIS F 128 -108.57 -22.83 -67.15
N LEU F 129 -107.50 -23.25 -67.83
CA LEU F 129 -106.79 -22.33 -68.72
C LEU F 129 -107.59 -22.02 -69.97
N ASN F 130 -108.45 -22.94 -70.41
CA ASN F 130 -109.26 -22.75 -71.61
C ASN F 130 -110.61 -22.12 -71.32
N GLY F 131 -110.88 -21.73 -70.07
CA GLY F 131 -112.14 -21.12 -69.72
C GLY F 131 -113.22 -22.07 -69.28
N MET F 132 -112.95 -23.38 -69.26
CA MET F 132 -113.95 -24.34 -68.80
C MET F 132 -114.20 -24.16 -67.31
N VAL F 133 -115.41 -23.73 -66.97
CA VAL F 133 -115.78 -23.42 -65.59
C VAL F 133 -116.62 -24.56 -65.04
N GLU F 134 -116.24 -25.07 -63.87
CA GLU F 134 -116.96 -26.12 -63.19
C GLU F 134 -117.35 -25.65 -61.80
N THR F 135 -118.37 -26.28 -61.23
CA THR F 135 -118.90 -25.90 -59.93
C THR F 135 -118.78 -27.07 -58.97
N LEU F 136 -118.29 -26.79 -57.76
CA LEU F 136 -118.15 -27.80 -56.72
C LEU F 136 -118.94 -27.39 -55.50
N VAL F 137 -119.63 -28.36 -54.90
CA VAL F 137 -120.44 -28.16 -53.71
C VAL F 137 -119.93 -29.11 -52.63
N ALA F 138 -119.73 -28.59 -51.42
CA ALA F 138 -119.27 -29.40 -50.31
C ALA F 138 -119.73 -28.77 -49.00
N LYS F 139 -119.85 -29.61 -47.98
CA LYS F 139 -120.24 -29.13 -46.66
C LYS F 139 -119.08 -28.44 -45.94
N GLN F 140 -117.86 -28.96 -46.12
CA GLN F 140 -116.69 -28.45 -45.41
C GLN F 140 -115.61 -28.07 -46.41
N PHE F 141 -114.88 -27.01 -46.09
CA PHE F 141 -113.91 -26.40 -46.98
C PHE F 141 -112.58 -26.24 -46.26
N VAL F 142 -111.49 -26.55 -46.94
CA VAL F 142 -110.14 -26.38 -46.41
C VAL F 142 -109.37 -25.46 -47.35
N ILE F 143 -108.76 -24.43 -46.79
CA ILE F 143 -108.00 -23.46 -47.56
C ILE F 143 -106.51 -23.70 -47.28
N ALA F 144 -105.79 -24.12 -48.32
CA ALA F 144 -104.36 -24.34 -48.25
C ALA F 144 -103.67 -23.75 -49.48
N THR F 145 -104.04 -22.51 -49.82
CA THR F 145 -103.53 -21.87 -51.02
C THR F 145 -102.05 -21.48 -50.91
N GLY F 146 -101.46 -21.57 -49.73
CA GLY F 146 -100.04 -21.28 -49.61
C GLY F 146 -99.76 -19.80 -49.77
N SER F 147 -98.63 -19.49 -50.41
CA SER F 147 -98.22 -18.11 -50.60
C SER F 147 -97.32 -18.01 -51.82
N ARG F 148 -96.96 -16.77 -52.14
CA ARG F 148 -96.09 -16.43 -53.25
C ARG F 148 -95.05 -15.43 -52.76
N PRO F 149 -93.92 -15.31 -53.45
CA PRO F 149 -92.88 -14.37 -53.01
C PRO F 149 -93.42 -12.95 -52.95
N TYR F 150 -92.99 -12.22 -51.91
CA TYR F 150 -93.43 -10.84 -51.74
C TYR F 150 -92.80 -9.96 -52.80
N ARG F 151 -93.62 -9.23 -53.55
CA ARG F 151 -93.16 -8.45 -54.69
C ARG F 151 -93.49 -6.98 -54.50
N PRO F 152 -92.55 -6.17 -54.02
CA PRO F 152 -92.81 -4.72 -53.94
C PRO F 152 -92.95 -4.11 -55.33
N ALA F 153 -93.76 -3.05 -55.39
CA ALA F 153 -94.04 -2.42 -56.68
C ALA F 153 -92.81 -1.73 -57.25
N ASP F 154 -91.98 -1.14 -56.39
CA ASP F 154 -90.84 -0.35 -56.83
C ASP F 154 -89.66 -1.20 -57.29
N VAL F 155 -89.83 -2.51 -57.45
CA VAL F 155 -88.79 -3.41 -57.92
C VAL F 155 -89.23 -3.99 -59.26
N ASP F 156 -88.40 -3.83 -60.28
CA ASP F 156 -88.71 -4.32 -61.62
C ASP F 156 -88.30 -5.79 -61.70
N PHE F 157 -89.26 -6.67 -61.36
CA PHE F 157 -88.99 -8.10 -61.44
C PHE F 157 -89.02 -8.62 -62.87
N THR F 158 -89.60 -7.85 -63.81
CA THR F 158 -89.59 -8.27 -65.21
C THR F 158 -88.20 -8.19 -65.82
N HIS F 159 -87.26 -7.52 -65.17
CA HIS F 159 -85.90 -7.45 -65.67
C HIS F 159 -85.29 -8.84 -65.69
N PRO F 160 -84.58 -9.21 -66.76
CA PRO F 160 -83.98 -10.56 -66.80
C PRO F 160 -82.93 -10.80 -65.74
N ARG F 161 -82.36 -9.76 -65.15
CA ARG F 161 -81.32 -9.89 -64.14
C ARG F 161 -81.86 -9.80 -62.72
N ILE F 162 -83.17 -9.72 -62.55
CA ILE F 162 -83.81 -9.65 -61.24
C ILE F 162 -84.64 -10.91 -61.06
N TYR F 163 -84.44 -11.58 -59.92
CA TYR F 163 -85.11 -12.84 -59.62
C TYR F 163 -85.68 -12.81 -58.21
N ASP F 164 -86.65 -13.68 -57.98
CA ASP F 164 -87.23 -13.90 -56.66
C ASP F 164 -86.99 -15.36 -56.26
N SER F 165 -87.62 -15.78 -55.16
CA SER F 165 -87.42 -17.14 -54.67
C SER F 165 -87.96 -18.20 -55.62
N ASP F 166 -88.78 -17.80 -56.60
CA ASP F 166 -89.34 -18.73 -57.58
C ASP F 166 -88.60 -18.71 -58.90
N THR F 167 -88.36 -17.52 -59.47
CA THR F 167 -87.71 -17.40 -60.76
C THR F 167 -86.20 -17.67 -60.71
N ILE F 168 -85.63 -17.83 -59.52
CA ILE F 168 -84.19 -18.07 -59.42
C ILE F 168 -83.81 -19.38 -60.10
N LEU F 169 -84.72 -20.36 -60.13
CA LEU F 169 -84.46 -21.61 -60.83
C LEU F 169 -84.34 -21.41 -62.34
N SER F 170 -84.86 -20.31 -62.87
CA SER F 170 -84.77 -20.02 -64.30
C SER F 170 -83.38 -19.55 -64.72
N LEU F 171 -82.46 -19.36 -63.77
CA LEU F 171 -81.11 -18.94 -64.09
C LEU F 171 -80.45 -19.93 -65.05
N GLY F 172 -79.79 -19.40 -66.08
CA GLY F 172 -79.16 -20.23 -67.08
C GLY F 172 -77.66 -20.32 -66.93
N HIS F 173 -77.04 -19.25 -66.44
CA HIS F 173 -75.60 -19.20 -66.24
C HIS F 173 -75.29 -18.84 -64.80
N THR F 174 -74.20 -19.37 -64.29
CA THR F 174 -73.78 -19.07 -62.93
C THR F 174 -73.20 -17.66 -62.87
N PRO F 175 -73.77 -16.74 -62.10
CA PRO F 175 -73.25 -15.37 -62.07
C PRO F 175 -71.93 -15.28 -61.32
N ARG F 176 -71.14 -14.28 -61.68
CA ARG F 176 -69.88 -14.05 -60.98
C ARG F 176 -70.11 -13.49 -59.59
N ARG F 177 -71.02 -12.54 -59.45
CA ARG F 177 -71.41 -11.98 -58.17
C ARG F 177 -72.92 -12.10 -58.02
N LEU F 178 -73.40 -11.90 -56.80
CA LEU F 178 -74.82 -12.05 -56.53
C LEU F 178 -75.18 -11.23 -55.29
N ILE F 179 -76.38 -10.67 -55.28
CA ILE F 179 -76.91 -9.91 -54.16
C ILE F 179 -78.19 -10.57 -53.70
N ILE F 180 -78.28 -10.83 -52.40
CA ILE F 180 -79.48 -11.41 -51.79
C ILE F 180 -80.00 -10.40 -50.76
N TYR F 181 -81.29 -10.07 -50.88
CA TYR F 181 -81.94 -9.16 -49.95
C TYR F 181 -82.86 -9.93 -49.02
N GLY F 182 -82.73 -9.66 -47.72
CA GLY F 182 -83.50 -10.38 -46.73
C GLY F 182 -82.73 -11.54 -46.14
N ALA F 183 -82.63 -11.58 -44.81
CA ALA F 183 -81.91 -12.63 -44.10
C ALA F 183 -82.83 -13.74 -43.62
N GLY F 184 -83.87 -14.05 -44.37
CA GLY F 184 -84.80 -15.09 -44.01
C GLY F 184 -84.22 -16.48 -44.22
N VAL F 185 -85.07 -17.47 -44.00
CA VAL F 185 -84.66 -18.86 -44.16
C VAL F 185 -84.27 -19.13 -45.61
N ILE F 186 -85.13 -18.70 -46.54
CA ILE F 186 -84.86 -18.90 -47.96
C ILE F 186 -83.60 -18.15 -48.38
N GLY F 187 -83.45 -16.91 -47.93
CA GLY F 187 -82.25 -16.14 -48.27
C GLY F 187 -80.98 -16.80 -47.78
N CYS F 188 -81.00 -17.29 -46.53
CA CYS F 188 -79.83 -17.96 -45.99
C CYS F 188 -79.52 -19.25 -46.76
N GLU F 189 -80.55 -20.04 -47.09
CA GLU F 189 -80.33 -21.27 -47.83
C GLU F 189 -79.70 -20.98 -49.19
N TYR F 190 -80.26 -20.00 -49.90
CA TYR F 190 -79.73 -19.69 -51.24
C TYR F 190 -78.34 -19.09 -51.16
N ALA F 191 -78.07 -18.27 -50.14
CA ALA F 191 -76.73 -17.74 -49.96
C ALA F 191 -75.72 -18.86 -49.75
N SER F 192 -76.07 -19.82 -48.89
CA SER F 192 -75.19 -20.96 -48.67
C SER F 192 -74.98 -21.77 -49.94
N ILE F 193 -76.06 -22.00 -50.70
CA ILE F 193 -75.97 -22.81 -51.92
C ILE F 193 -75.07 -22.12 -52.94
N PHE F 194 -75.28 -20.82 -53.15
CA PHE F 194 -74.47 -20.10 -54.13
C PHE F 194 -73.02 -19.97 -53.67
N SER F 195 -72.78 -19.79 -52.37
CA SER F 195 -71.41 -19.78 -51.87
C SER F 195 -70.73 -21.12 -52.11
N GLY F 196 -71.47 -22.22 -51.89
CA GLY F 196 -70.92 -23.53 -52.21
C GLY F 196 -70.63 -23.69 -53.68
N LEU F 197 -71.47 -23.11 -54.53
CA LEU F 197 -71.21 -23.13 -55.97
C LEU F 197 -69.97 -22.33 -56.34
N GLY F 198 -69.52 -21.42 -55.48
CA GLY F 198 -68.30 -20.68 -55.74
C GLY F 198 -68.50 -19.30 -56.34
N VAL F 199 -69.43 -18.53 -55.77
CA VAL F 199 -69.71 -17.18 -56.23
C VAL F 199 -69.68 -16.24 -55.04
N LEU F 200 -69.40 -14.97 -55.31
CA LEU F 200 -69.39 -13.94 -54.27
C LEU F 200 -70.82 -13.48 -53.99
N VAL F 201 -71.30 -13.74 -52.77
CA VAL F 201 -72.67 -13.41 -52.38
C VAL F 201 -72.63 -12.26 -51.40
N ASP F 202 -73.36 -11.19 -51.72
CA ASP F 202 -73.48 -10.02 -50.86
C ASP F 202 -74.84 -10.09 -50.16
N LEU F 203 -74.87 -10.84 -49.05
CA LEU F 203 -76.11 -10.98 -48.30
C LEU F 203 -76.44 -9.66 -47.60
N ILE F 204 -77.71 -9.26 -47.68
CA ILE F 204 -78.19 -8.01 -47.08
C ILE F 204 -79.23 -8.38 -46.02
N ASP F 205 -79.04 -7.83 -44.82
CA ASP F 205 -79.92 -8.13 -43.69
C ASP F 205 -80.51 -6.83 -43.16
N ASN F 206 -81.79 -6.89 -42.80
CA ASN F 206 -82.47 -5.74 -42.21
C ASN F 206 -82.26 -5.65 -40.70
N ARG F 207 -81.64 -6.66 -40.09
CA ARG F 207 -81.37 -6.69 -38.66
C ARG F 207 -79.87 -6.72 -38.42
N ASP F 208 -79.51 -6.60 -37.13
CA ASP F 208 -78.11 -6.62 -36.75
C ASP F 208 -77.54 -8.03 -36.59
N GLN F 209 -78.41 -9.04 -36.53
CA GLN F 209 -77.98 -10.43 -36.37
C GLN F 209 -78.78 -11.33 -37.29
N LEU F 210 -78.09 -12.24 -37.98
CA LEU F 210 -78.78 -13.21 -38.82
C LEU F 210 -79.57 -14.18 -37.97
N LEU F 211 -80.84 -14.37 -38.32
CA LEU F 211 -81.74 -15.29 -37.64
C LEU F 211 -81.77 -15.00 -36.13
N SER F 212 -82.26 -13.80 -35.80
CA SER F 212 -82.30 -13.36 -34.41
C SER F 212 -83.17 -14.25 -33.53
N PHE F 213 -84.13 -14.97 -34.11
CA PHE F 213 -84.96 -15.88 -33.34
C PHE F 213 -84.21 -17.13 -32.90
N LEU F 214 -83.02 -17.36 -33.42
CA LEU F 214 -82.21 -18.50 -33.03
C LEU F 214 -81.27 -18.12 -31.88
N ASP F 215 -80.53 -19.11 -31.39
CA ASP F 215 -79.57 -18.87 -30.32
C ASP F 215 -78.42 -18.01 -30.81
N ASP F 216 -77.82 -17.25 -29.89
CA ASP F 216 -76.72 -16.37 -30.25
C ASP F 216 -75.52 -17.16 -30.75
N GLU F 217 -75.21 -18.28 -30.08
CA GLU F 217 -74.06 -19.10 -30.46
C GLU F 217 -74.23 -19.66 -31.87
N ILE F 218 -75.42 -20.19 -32.16
CA ILE F 218 -75.68 -20.79 -33.47
C ILE F 218 -75.61 -19.74 -34.56
N SER F 219 -76.23 -18.57 -34.34
CA SER F 219 -76.19 -17.50 -35.33
C SER F 219 -74.78 -17.01 -35.55
N ASP F 220 -73.99 -16.88 -34.49
CA ASP F 220 -72.62 -16.43 -34.63
C ASP F 220 -71.78 -17.43 -35.43
N SER F 221 -71.95 -18.73 -35.14
CA SER F 221 -71.21 -19.75 -35.88
C SER F 221 -71.63 -19.76 -37.36
N LEU F 222 -72.93 -19.62 -37.63
CA LEU F 222 -73.39 -19.58 -39.01
C LEU F 222 -72.82 -18.37 -39.74
N SER F 223 -72.80 -17.21 -39.08
CA SER F 223 -72.23 -16.02 -39.69
C SER F 223 -70.76 -16.20 -39.96
N TYR F 224 -70.02 -16.81 -39.02
CA TYR F 224 -68.60 -17.04 -39.22
C TYR F 224 -68.36 -17.94 -40.43
N HIS F 225 -69.13 -19.02 -40.54
CA HIS F 225 -68.96 -19.94 -41.66
C HIS F 225 -69.31 -19.27 -42.98
N LEU F 226 -70.41 -18.50 -43.01
CA LEU F 226 -70.79 -17.80 -44.24
C LEU F 226 -69.71 -16.80 -44.65
N ARG F 227 -69.16 -16.07 -43.68
CA ARG F 227 -68.10 -15.13 -43.98
C ARG F 227 -66.86 -15.85 -44.52
N ASN F 228 -66.52 -16.99 -43.93
CA ASN F 228 -65.39 -17.78 -44.41
C ASN F 228 -65.68 -18.47 -45.74
N ASN F 229 -66.94 -18.45 -46.19
CA ASN F 229 -67.27 -19.06 -47.48
C ASN F 229 -67.69 -17.99 -48.49
N ASN F 230 -66.99 -16.87 -48.50
CA ASN F 230 -67.08 -15.78 -49.48
C ASN F 230 -68.35 -14.94 -49.36
N VAL F 231 -69.26 -15.28 -48.45
CA VAL F 231 -70.48 -14.50 -48.28
C VAL F 231 -70.16 -13.26 -47.45
N LEU F 232 -70.50 -12.09 -47.98
CA LEU F 232 -70.31 -10.82 -47.27
C LEU F 232 -71.65 -10.38 -46.69
N ILE F 233 -71.74 -10.40 -45.35
CA ILE F 233 -72.99 -10.11 -44.66
C ILE F 233 -72.95 -8.65 -44.20
N ARG F 234 -73.97 -7.89 -44.60
CA ARG F 234 -74.12 -6.50 -44.18
C ARG F 234 -75.36 -6.40 -43.29
N HIS F 235 -75.20 -5.76 -42.14
CA HIS F 235 -76.23 -5.74 -41.11
C HIS F 235 -76.86 -4.35 -41.01
N ASN F 236 -78.12 -4.33 -40.57
CA ASN F 236 -78.87 -3.09 -40.35
C ASN F 236 -78.92 -2.24 -41.62
N GLU F 237 -79.53 -2.81 -42.66
CA GLU F 237 -79.62 -2.15 -43.95
C GLU F 237 -81.03 -2.24 -44.50
N GLU F 238 -81.46 -1.15 -45.14
CA GLU F 238 -82.76 -1.09 -45.82
C GLU F 238 -82.51 -0.57 -47.24
N TYR F 239 -83.06 -1.28 -48.23
CA TYR F 239 -82.87 -0.86 -49.61
C TYR F 239 -83.63 0.42 -49.90
N GLU F 240 -83.05 1.24 -50.79
CA GLU F 240 -83.69 2.46 -51.26
C GLU F 240 -84.16 2.33 -52.70
N ARG F 241 -83.34 1.75 -53.58
CA ARG F 241 -83.74 1.57 -54.96
C ARG F 241 -82.95 0.43 -55.59
N VAL F 242 -83.51 -0.15 -56.64
CA VAL F 242 -82.86 -1.20 -57.41
C VAL F 242 -82.88 -0.80 -58.88
N GLU F 243 -81.75 -0.93 -59.56
CA GLU F 243 -81.62 -0.56 -60.96
C GLU F 243 -81.04 -1.73 -61.74
N GLY F 244 -81.71 -2.11 -62.82
CA GLY F 244 -81.26 -3.19 -63.68
C GLY F 244 -80.60 -2.63 -64.93
N LEU F 245 -79.44 -3.19 -65.26
CA LEU F 245 -78.67 -2.80 -66.42
C LEU F 245 -78.44 -4.00 -67.33
N ASP F 246 -77.86 -3.73 -68.50
CA ASP F 246 -77.51 -4.81 -69.41
C ASP F 246 -76.40 -5.69 -68.84
N ASN F 247 -75.47 -5.07 -68.11
CA ASN F 247 -74.33 -5.81 -67.56
C ASN F 247 -74.60 -6.36 -66.17
N GLY F 248 -75.29 -5.63 -65.32
CA GLY F 248 -75.53 -6.10 -63.97
C GLY F 248 -76.67 -5.37 -63.30
N VAL F 249 -76.79 -5.58 -61.99
CA VAL F 249 -77.82 -4.96 -61.17
C VAL F 249 -77.15 -4.19 -60.06
N ILE F 250 -77.58 -2.94 -59.86
CA ILE F 250 -77.03 -2.04 -58.86
C ILE F 250 -78.13 -1.69 -57.87
N LEU F 251 -77.89 -1.97 -56.59
CA LEU F 251 -78.84 -1.65 -55.54
C LEU F 251 -78.29 -0.48 -54.72
N HIS F 252 -79.09 0.59 -54.62
CA HIS F 252 -78.77 1.74 -53.79
C HIS F 252 -79.46 1.55 -52.44
N LEU F 253 -78.65 1.49 -51.38
CA LEU F 253 -79.14 1.33 -50.02
C LEU F 253 -79.51 2.69 -49.42
N LYS F 254 -80.34 2.65 -48.38
CA LYS F 254 -80.66 3.88 -47.65
C LYS F 254 -79.46 4.43 -46.90
N SER F 255 -78.53 3.56 -46.51
CA SER F 255 -77.32 3.99 -45.81
C SER F 255 -76.32 4.66 -46.72
N GLY F 256 -76.53 4.64 -48.04
CA GLY F 256 -75.63 5.25 -48.99
C GLY F 256 -74.78 4.28 -49.78
N LYS F 257 -74.84 2.99 -49.49
CA LYS F 257 -74.06 2.02 -50.24
C LYS F 257 -74.78 1.61 -51.51
N LYS F 258 -74.01 1.51 -52.60
CA LYS F 258 -74.50 0.99 -53.87
C LYS F 258 -73.69 -0.25 -54.20
N ILE F 259 -74.38 -1.37 -54.35
CA ILE F 259 -73.75 -2.68 -54.56
C ILE F 259 -74.14 -3.19 -55.93
N LYS F 260 -73.14 -3.59 -56.72
CA LYS F 260 -73.34 -4.07 -58.07
C LYS F 260 -73.01 -5.56 -58.15
N ALA F 261 -73.89 -6.32 -58.81
CA ALA F 261 -73.66 -7.74 -59.02
C ALA F 261 -74.12 -8.12 -60.42
N ASP F 262 -73.97 -9.40 -60.75
CA ASP F 262 -74.41 -9.93 -62.02
C ASP F 262 -75.79 -10.58 -61.94
N ALA F 263 -76.45 -10.49 -60.79
CA ALA F 263 -77.77 -11.08 -60.60
C ALA F 263 -78.39 -10.45 -59.36
N PHE F 264 -79.58 -10.93 -59.00
CA PHE F 264 -80.29 -10.43 -57.83
C PHE F 264 -81.32 -11.46 -57.41
N LEU F 265 -81.52 -11.60 -56.10
CA LEU F 265 -82.48 -12.54 -55.53
C LEU F 265 -83.19 -11.88 -54.36
N TRP F 266 -84.47 -11.57 -54.55
CA TRP F 266 -85.28 -11.01 -53.47
C TRP F 266 -85.89 -12.14 -52.65
N SER F 267 -85.65 -12.12 -51.34
CA SER F 267 -86.14 -13.14 -50.44
C SER F 267 -86.67 -12.52 -49.15
N ASN F 268 -87.48 -11.47 -49.29
CA ASN F 268 -87.99 -10.73 -48.13
C ASN F 268 -89.48 -11.02 -47.99
N GLY F 269 -89.80 -12.09 -47.26
CA GLY F 269 -91.18 -12.38 -46.89
C GLY F 269 -91.97 -13.01 -48.03
N ARG F 270 -93.20 -13.42 -47.69
CA ARG F 270 -94.13 -14.03 -48.62
C ARG F 270 -95.53 -13.52 -48.34
N THR F 271 -96.36 -13.51 -49.38
CA THR F 271 -97.75 -13.06 -49.27
C THR F 271 -98.68 -14.21 -49.61
N GLY F 272 -99.67 -14.46 -48.76
CA GLY F 272 -100.57 -15.57 -48.98
C GLY F 272 -101.43 -15.38 -50.22
N ASN F 273 -101.88 -16.51 -50.77
CA ASN F 273 -102.69 -16.50 -51.99
C ASN F 273 -104.15 -16.37 -51.61
N THR F 274 -104.64 -15.12 -51.62
CA THR F 274 -106.02 -14.82 -51.30
C THR F 274 -106.69 -13.90 -52.31
N ASP F 275 -105.94 -13.13 -53.09
CA ASP F 275 -106.54 -12.21 -54.06
C ASP F 275 -107.32 -12.98 -55.13
N LYS F 276 -106.73 -14.04 -55.67
CA LYS F 276 -107.38 -14.83 -56.69
C LYS F 276 -108.49 -15.72 -56.14
N LEU F 277 -108.56 -15.89 -54.82
CA LEU F 277 -109.57 -16.78 -54.25
C LEU F 277 -110.97 -16.19 -54.33
N GLY F 278 -111.09 -14.87 -54.44
CA GLY F 278 -112.39 -14.24 -54.33
C GLY F 278 -113.05 -14.49 -53.00
N LEU F 279 -112.27 -14.46 -51.91
CA LEU F 279 -112.74 -14.93 -50.61
C LEU F 279 -113.75 -13.97 -50.00
N GLU F 280 -113.64 -12.67 -50.31
CA GLU F 280 -114.50 -11.66 -49.70
C GLU F 280 -115.97 -11.90 -49.97
N ASN F 281 -116.31 -12.67 -51.00
CA ASN F 281 -117.71 -12.99 -51.29
C ASN F 281 -118.35 -13.85 -50.22
N ILE F 282 -117.58 -14.42 -49.30
CA ILE F 282 -118.10 -15.28 -48.24
C ILE F 282 -118.16 -14.58 -46.90
N GLY F 283 -117.52 -13.43 -46.75
CA GLY F 283 -117.54 -12.70 -45.50
C GLY F 283 -116.28 -12.83 -44.68
N LEU F 284 -115.13 -12.78 -45.32
CA LEU F 284 -113.84 -12.86 -44.67
C LEU F 284 -112.85 -11.92 -45.35
N LYS F 285 -111.84 -11.49 -44.59
CA LYS F 285 -110.82 -10.59 -45.09
C LYS F 285 -109.45 -11.08 -44.69
N ALA F 286 -108.45 -10.71 -45.49
CA ALA F 286 -107.06 -11.08 -45.25
C ALA F 286 -106.27 -9.84 -44.85
N ASN F 287 -105.27 -10.04 -43.99
CA ASN F 287 -104.45 -8.93 -43.51
C ASN F 287 -103.49 -8.48 -44.61
N GLY F 288 -102.61 -7.55 -44.24
CA GLY F 288 -101.66 -7.00 -45.20
C GLY F 288 -100.72 -8.04 -45.78
N ARG F 289 -100.46 -9.12 -45.04
CA ARG F 289 -99.62 -10.20 -45.52
C ARG F 289 -100.40 -11.25 -46.32
N GLY F 290 -101.70 -11.07 -46.48
CA GLY F 290 -102.50 -12.03 -47.20
C GLY F 290 -102.79 -13.31 -46.43
N GLN F 291 -102.66 -13.29 -45.11
CA GLN F 291 -102.90 -14.45 -44.27
C GLN F 291 -104.35 -14.47 -43.78
N ILE F 292 -104.78 -15.64 -43.32
CA ILE F 292 -106.13 -15.86 -42.84
C ILE F 292 -106.07 -16.24 -41.37
N GLN F 293 -106.84 -15.52 -40.54
CA GLN F 293 -106.83 -15.79 -39.11
C GLN F 293 -107.65 -17.04 -38.80
N VAL F 294 -107.08 -17.92 -37.98
CA VAL F 294 -107.74 -19.14 -37.53
C VAL F 294 -107.51 -19.31 -36.03
N ASP F 295 -108.42 -20.03 -35.40
CA ASP F 295 -108.34 -20.29 -33.96
C ASP F 295 -107.53 -21.56 -33.71
N GLU F 296 -107.57 -22.06 -32.48
CA GLU F 296 -106.86 -23.29 -32.14
C GLU F 296 -107.41 -24.51 -32.86
N HIS F 297 -108.63 -24.41 -33.40
CA HIS F 297 -109.21 -25.48 -34.21
C HIS F 297 -108.90 -25.32 -35.70
N TYR F 298 -108.09 -24.33 -36.07
CA TYR F 298 -107.81 -24.01 -37.47
C TYR F 298 -109.09 -23.70 -38.24
N ARG F 299 -110.04 -23.05 -37.56
CA ARG F 299 -111.32 -22.68 -38.14
C ARG F 299 -111.41 -21.16 -38.25
N THR F 300 -111.88 -20.68 -39.40
CA THR F 300 -112.02 -19.26 -39.63
C THR F 300 -113.27 -18.75 -38.91
N GLU F 301 -113.64 -17.49 -39.15
CA GLU F 301 -114.86 -16.95 -38.54
C GLU F 301 -116.09 -17.71 -39.02
N VAL F 302 -116.12 -18.08 -40.30
CA VAL F 302 -117.18 -18.96 -40.79
C VAL F 302 -116.94 -20.37 -40.26
N SER F 303 -118.00 -20.99 -39.75
CA SER F 303 -117.87 -22.27 -39.09
C SER F 303 -117.42 -23.39 -40.03
N ASN F 304 -117.91 -23.39 -41.27
CA ASN F 304 -117.67 -24.49 -42.20
C ASN F 304 -116.50 -24.22 -43.15
N ILE F 305 -115.78 -23.13 -42.97
CA ILE F 305 -114.54 -22.87 -43.70
C ILE F 305 -113.37 -23.00 -42.74
N TYR F 306 -112.37 -23.79 -43.14
CA TYR F 306 -111.17 -23.99 -42.36
C TYR F 306 -109.95 -23.61 -43.18
N ALA F 307 -108.95 -23.04 -42.52
CA ALA F 307 -107.70 -22.66 -43.16
C ALA F 307 -106.53 -23.26 -42.39
N ALA F 308 -105.52 -23.74 -43.12
CA ALA F 308 -104.36 -24.36 -42.51
C ALA F 308 -103.17 -24.23 -43.45
N GLY F 309 -101.98 -24.41 -42.89
CA GLY F 309 -100.76 -24.36 -43.67
C GLY F 309 -100.15 -22.98 -43.72
N ASP F 310 -99.21 -22.83 -44.66
CA ASP F 310 -98.46 -21.58 -44.80
C ASP F 310 -99.35 -20.39 -45.11
N VAL F 311 -100.55 -20.63 -45.64
CA VAL F 311 -101.48 -19.54 -45.91
C VAL F 311 -101.87 -18.80 -44.63
N ILE F 312 -101.76 -19.45 -43.46
CA ILE F 312 -102.06 -18.79 -42.21
C ILE F 312 -100.86 -18.05 -41.64
N GLY F 313 -99.68 -18.18 -42.24
CA GLY F 313 -98.50 -17.45 -41.80
C GLY F 313 -97.55 -18.34 -41.00
N TRP F 314 -97.52 -18.13 -39.69
CA TRP F 314 -96.63 -18.89 -38.82
C TRP F 314 -97.02 -20.37 -38.83
N PRO F 315 -96.05 -21.29 -38.84
CA PRO F 315 -94.60 -21.07 -38.93
C PRO F 315 -94.06 -21.19 -40.35
N SER F 316 -94.94 -21.45 -41.33
CA SER F 316 -94.55 -21.53 -42.74
C SER F 316 -93.49 -22.61 -42.98
N LEU F 317 -93.79 -23.83 -42.52
CA LEU F 317 -92.93 -24.98 -42.72
C LEU F 317 -93.73 -26.11 -43.35
N ALA F 318 -93.11 -26.81 -44.30
CA ALA F 318 -93.81 -27.84 -45.06
C ALA F 318 -94.31 -28.95 -44.15
N SER F 319 -93.46 -29.44 -43.24
CA SER F 319 -93.91 -30.44 -42.27
C SER F 319 -94.95 -29.84 -41.34
N ALA F 320 -94.73 -28.61 -40.88
CA ALA F 320 -95.72 -27.95 -40.04
C ALA F 320 -97.02 -27.72 -40.79
N ALA F 321 -96.93 -27.35 -42.08
CA ALA F 321 -98.14 -27.18 -42.87
C ALA F 321 -98.88 -28.49 -43.04
N TYR F 322 -98.16 -29.58 -43.28
CA TYR F 322 -98.79 -30.89 -43.43
C TYR F 322 -99.48 -31.31 -42.13
N ASP F 323 -98.82 -31.11 -41.00
CA ASP F 323 -99.43 -31.43 -39.71
C ASP F 323 -100.64 -30.55 -39.45
N GLN F 324 -100.58 -29.28 -39.83
CA GLN F 324 -101.71 -28.37 -39.65
C GLN F 324 -102.89 -28.79 -40.51
N GLY F 325 -102.62 -29.22 -41.74
CA GLY F 325 -103.69 -29.74 -42.58
C GLY F 325 -104.33 -30.99 -42.01
N ARG F 326 -103.50 -31.90 -41.48
CA ARG F 326 -104.04 -33.09 -40.83
C ARG F 326 -104.90 -32.72 -39.63
N SER F 327 -104.44 -31.76 -38.83
CA SER F 327 -105.21 -31.33 -37.66
C SER F 327 -106.52 -30.66 -38.08
N ALA F 328 -106.49 -29.86 -39.15
CA ALA F 328 -107.71 -29.23 -39.63
C ALA F 328 -108.70 -30.27 -40.13
N ALA F 329 -108.23 -31.28 -40.85
CA ALA F 329 -109.10 -32.37 -41.26
C ALA F 329 -109.69 -33.10 -40.05
N GLY F 330 -108.87 -33.34 -39.03
CA GLY F 330 -109.37 -33.97 -37.83
C GLY F 330 -110.43 -33.14 -37.13
N SER F 331 -110.21 -31.81 -37.09
CA SER F 331 -111.21 -30.92 -36.52
C SER F 331 -112.51 -30.97 -37.31
N ILE F 332 -112.41 -31.02 -38.64
CA ILE F 332 -113.60 -31.09 -39.48
C ILE F 332 -114.37 -32.38 -39.19
N THR F 333 -113.67 -33.51 -39.14
CA THR F 333 -114.33 -34.78 -38.90
C THR F 333 -114.54 -35.08 -37.42
N GLU F 334 -113.88 -34.34 -36.53
CA GLU F 334 -114.01 -34.52 -35.08
C GLU F 334 -113.73 -35.97 -34.67
N ASN F 335 -112.58 -36.48 -35.11
CA ASN F 335 -112.16 -37.85 -34.82
C ASN F 335 -110.98 -37.89 -33.85
N ASP F 336 -110.87 -36.90 -32.97
CA ASP F 336 -109.85 -36.82 -31.92
C ASP F 336 -108.44 -36.73 -32.47
N SER F 337 -108.28 -36.51 -33.77
CA SER F 337 -106.96 -36.38 -34.39
C SER F 337 -106.48 -34.94 -34.47
N TRP F 338 -107.25 -33.99 -33.93
CA TRP F 338 -106.86 -32.58 -33.95
C TRP F 338 -105.88 -32.27 -32.84
N ARG F 339 -104.89 -31.44 -33.15
CA ARG F 339 -103.94 -30.95 -32.15
C ARG F 339 -103.29 -29.69 -32.68
N PHE F 340 -103.45 -28.59 -31.95
CA PHE F 340 -102.87 -27.31 -32.37
C PHE F 340 -101.34 -27.39 -32.30
N VAL F 341 -100.68 -26.99 -33.38
CA VAL F 341 -99.22 -27.01 -33.42
C VAL F 341 -98.68 -25.88 -32.55
N ASP F 342 -97.78 -26.21 -31.64
CA ASP F 342 -97.14 -25.23 -30.78
C ASP F 342 -95.62 -25.31 -30.80
N ASP F 343 -95.07 -26.51 -30.84
CA ASP F 343 -93.62 -26.72 -30.86
C ASP F 343 -93.25 -27.39 -32.18
N VAL F 344 -92.65 -26.62 -33.08
CA VAL F 344 -92.15 -27.13 -34.35
C VAL F 344 -90.64 -26.90 -34.39
N PRO F 345 -89.84 -27.93 -34.63
CA PRO F 345 -88.37 -27.74 -34.64
C PRO F 345 -87.95 -26.84 -35.79
N THR F 346 -87.31 -25.73 -35.46
CA THR F 346 -86.81 -24.81 -36.47
C THR F 346 -85.66 -25.46 -37.23
N GLY F 347 -85.74 -25.41 -38.56
CA GLY F 347 -84.73 -26.00 -39.40
C GLY F 347 -84.27 -25.10 -40.53
N ILE F 348 -82.98 -24.80 -40.56
CA ILE F 348 -82.37 -23.97 -41.60
C ILE F 348 -81.41 -24.86 -42.38
N TYR F 349 -81.71 -25.07 -43.65
CA TYR F 349 -80.94 -26.01 -44.47
C TYR F 349 -79.87 -25.29 -45.28
N THR F 350 -78.92 -24.69 -44.56
CA THR F 350 -77.73 -24.13 -45.17
C THR F 350 -76.65 -25.20 -45.19
N ILE F 351 -75.43 -24.82 -45.56
CA ILE F 351 -74.29 -25.73 -45.52
C ILE F 351 -73.31 -25.22 -44.46
N PRO F 352 -73.26 -25.83 -43.26
CA PRO F 352 -74.05 -26.98 -42.81
C PRO F 352 -75.41 -26.61 -42.25
N GLU F 353 -76.20 -27.59 -41.81
CA GLU F 353 -77.57 -27.37 -41.41
C GLU F 353 -77.64 -26.81 -39.98
N ILE F 354 -78.83 -26.30 -39.63
CA ILE F 354 -79.11 -25.78 -38.30
C ILE F 354 -80.46 -26.32 -37.86
N SER F 355 -80.53 -26.82 -36.62
CA SER F 355 -81.78 -27.32 -36.09
C SER F 355 -81.92 -26.88 -34.64
N SER F 356 -83.16 -26.60 -34.25
CA SER F 356 -83.42 -26.16 -32.89
C SER F 356 -84.81 -26.63 -32.47
N VAL F 357 -84.96 -26.83 -31.16
CA VAL F 357 -86.25 -27.18 -30.57
C VAL F 357 -86.27 -26.66 -29.14
N GLY F 358 -87.39 -26.07 -28.76
CA GLY F 358 -87.53 -25.52 -27.42
C GLY F 358 -86.96 -24.12 -27.30
N LYS F 359 -86.91 -23.65 -26.06
CA LYS F 359 -86.46 -22.30 -25.77
C LYS F 359 -84.97 -22.16 -26.00
N THR F 360 -84.56 -20.93 -26.35
CA THR F 360 -83.16 -20.61 -26.56
C THR F 360 -82.51 -20.20 -25.24
N GLU F 361 -81.22 -19.87 -25.31
CA GLU F 361 -80.49 -19.48 -24.11
C GLU F 361 -80.91 -18.08 -23.63
N ARG F 362 -81.15 -17.17 -24.57
CA ARG F 362 -81.52 -15.80 -24.20
C ARG F 362 -82.87 -15.78 -23.48
N GLU F 363 -83.84 -16.54 -23.97
CA GLU F 363 -85.16 -16.58 -23.33
C GLU F 363 -85.06 -17.22 -21.95
N LEU F 364 -84.26 -18.27 -21.82
CA LEU F 364 -84.08 -18.91 -20.52
C LEU F 364 -83.43 -17.95 -19.52
N THR F 365 -82.43 -17.20 -19.97
CA THR F 365 -81.79 -16.21 -19.10
C THR F 365 -82.78 -15.13 -18.69
N GLN F 366 -83.59 -14.65 -19.64
CA GLN F 366 -84.58 -13.63 -19.32
C GLN F 366 -85.63 -14.17 -18.34
N ALA F 367 -85.93 -15.45 -18.42
CA ALA F 367 -86.93 -16.07 -17.54
C ALA F 367 -86.35 -16.50 -16.20
N LYS F 368 -85.05 -16.31 -15.98
CA LYS F 368 -84.39 -16.62 -14.71
C LYS F 368 -84.49 -18.10 -14.36
N VAL F 369 -84.63 -18.96 -15.36
CA VAL F 369 -84.67 -20.40 -15.14
C VAL F 369 -83.26 -20.90 -14.85
N PRO F 370 -83.05 -21.66 -13.78
CA PRO F 370 -81.69 -22.16 -13.50
C PRO F 370 -81.30 -23.30 -14.43
N TYR F 371 -80.81 -22.96 -15.62
CA TYR F 371 -80.43 -23.94 -16.62
C TYR F 371 -78.92 -24.18 -16.61
N GLU F 372 -78.50 -25.16 -17.41
CA GLU F 372 -77.09 -25.47 -17.58
C GLU F 372 -76.88 -25.97 -18.99
N VAL F 373 -75.63 -25.85 -19.46
CA VAL F 373 -75.28 -26.07 -20.86
C VAL F 373 -74.39 -27.30 -20.96
N GLY F 374 -74.76 -28.23 -21.83
CA GLY F 374 -73.91 -29.35 -22.20
C GLY F 374 -73.55 -29.27 -23.66
N LYS F 375 -72.25 -29.16 -23.96
CA LYS F 375 -71.79 -28.92 -25.31
C LYS F 375 -71.03 -30.13 -25.85
N ALA F 376 -71.18 -30.36 -27.15
CA ALA F 376 -70.48 -31.45 -27.84
C ALA F 376 -70.06 -30.93 -29.21
N PHE F 377 -68.75 -30.82 -29.42
CA PHE F 377 -68.22 -30.28 -30.66
C PHE F 377 -67.98 -31.41 -31.67
N PHE F 378 -68.43 -31.17 -32.90
CA PHE F 378 -68.34 -32.19 -33.94
C PHE F 378 -66.91 -32.48 -34.36
N LYS F 379 -66.00 -31.51 -34.18
CA LYS F 379 -64.63 -31.68 -34.67
C LYS F 379 -63.94 -32.88 -34.04
N GLY F 380 -64.27 -33.20 -32.79
CA GLY F 380 -63.67 -34.32 -32.10
C GLY F 380 -64.43 -35.63 -32.17
N MET F 381 -65.38 -35.75 -33.10
CA MET F 381 -66.24 -36.93 -33.17
C MET F 381 -65.90 -37.75 -34.41
N ALA F 382 -66.01 -39.07 -34.27
CA ALA F 382 -65.61 -39.98 -35.34
C ALA F 382 -66.48 -39.78 -36.58
N ARG F 383 -67.79 -39.62 -36.40
CA ARG F 383 -68.69 -39.53 -37.54
C ARG F 383 -68.46 -38.25 -38.33
N ALA F 384 -68.25 -37.13 -37.64
CA ALA F 384 -68.01 -35.87 -38.35
C ALA F 384 -66.68 -35.90 -39.10
N GLN F 385 -65.63 -36.46 -38.49
CA GLN F 385 -64.35 -36.58 -39.18
C GLN F 385 -64.45 -37.50 -40.38
N ILE F 386 -65.14 -38.64 -40.24
CA ILE F 386 -65.26 -39.59 -41.34
C ILE F 386 -66.13 -39.02 -42.44
N ALA F 387 -67.06 -38.13 -42.11
CA ALA F 387 -67.87 -37.47 -43.14
C ALA F 387 -67.14 -36.30 -43.75
N VAL F 388 -65.93 -35.99 -43.27
CA VAL F 388 -65.08 -34.92 -43.78
C VAL F 388 -65.79 -33.58 -43.57
N GLU F 389 -66.72 -33.55 -42.64
CA GLU F 389 -67.39 -32.30 -42.23
C GLU F 389 -67.31 -32.22 -40.71
N LYS F 390 -66.20 -31.67 -40.23
CA LYS F 390 -65.96 -31.59 -38.79
C LYS F 390 -66.53 -30.31 -38.18
N ALA F 391 -66.70 -29.26 -38.98
CA ALA F 391 -67.23 -28.01 -38.46
C ALA F 391 -68.66 -28.18 -37.99
N GLY F 392 -68.93 -27.73 -36.77
CA GLY F 392 -70.25 -27.85 -36.20
C GLY F 392 -70.24 -28.06 -34.70
N MET F 393 -71.42 -28.09 -34.09
CA MET F 393 -71.53 -28.22 -32.64
C MET F 393 -72.94 -28.66 -32.29
N LEU F 394 -73.12 -29.05 -31.02
CA LEU F 394 -74.43 -29.38 -30.47
C LEU F 394 -74.48 -28.87 -29.04
N LYS F 395 -75.58 -28.21 -28.69
CA LYS F 395 -75.76 -27.63 -27.36
C LYS F 395 -77.08 -28.12 -26.78
N ILE F 396 -77.05 -28.55 -25.52
CA ILE F 396 -78.24 -29.00 -24.81
C ILE F 396 -78.41 -28.15 -23.56
N LEU F 397 -79.57 -27.52 -23.44
CA LEU F 397 -79.93 -26.76 -22.25
C LEU F 397 -80.79 -27.65 -21.36
N PHE F 398 -80.34 -27.89 -20.13
CA PHE F 398 -81.05 -28.76 -19.22
C PHE F 398 -81.20 -28.11 -17.86
N HIS F 399 -82.34 -28.39 -17.20
CA HIS F 399 -82.59 -27.84 -15.88
C HIS F 399 -81.54 -28.34 -14.90
N ARG F 400 -81.01 -27.42 -14.09
CA ARG F 400 -79.89 -27.75 -13.21
C ARG F 400 -80.31 -28.58 -12.00
N GLU F 401 -81.61 -28.68 -11.72
CA GLU F 401 -82.11 -29.47 -10.60
C GLU F 401 -82.92 -30.68 -11.03
N THR F 402 -83.91 -30.49 -11.89
CA THR F 402 -84.75 -31.60 -12.34
C THR F 402 -84.15 -32.38 -13.50
N LEU F 403 -83.04 -31.89 -14.07
CA LEU F 403 -82.35 -32.56 -15.18
C LEU F 403 -83.21 -32.69 -16.43
N GLU F 404 -84.29 -31.91 -16.52
CA GLU F 404 -85.15 -31.94 -17.69
C GLU F 404 -84.59 -31.03 -18.78
N ILE F 405 -84.88 -31.38 -20.03
CA ILE F 405 -84.36 -30.65 -21.17
C ILE F 405 -85.27 -29.48 -21.48
N LEU F 406 -84.71 -28.28 -21.52
CA LEU F 406 -85.46 -27.07 -21.85
C LEU F 406 -85.23 -26.58 -23.28
N GLY F 407 -84.19 -27.07 -23.94
CA GLY F 407 -83.91 -26.68 -25.31
C GLY F 407 -82.73 -27.39 -25.93
N VAL F 408 -82.86 -27.80 -27.19
CA VAL F 408 -81.79 -28.49 -27.91
C VAL F 408 -81.49 -27.71 -29.18
N HIS F 409 -80.21 -27.36 -29.35
CA HIS F 409 -79.76 -26.62 -30.53
C HIS F 409 -78.55 -27.35 -31.12
N CYS F 410 -78.57 -27.58 -32.42
CA CYS F 410 -77.46 -28.22 -33.10
C CYS F 410 -77.18 -27.50 -34.41
N PHE F 411 -75.90 -27.47 -34.80
CA PHE F 411 -75.46 -26.84 -36.04
C PHE F 411 -74.34 -27.69 -36.61
N GLY F 412 -74.52 -28.16 -37.83
CA GLY F 412 -73.52 -28.99 -38.46
C GLY F 412 -74.16 -29.97 -39.43
N TYR F 413 -73.52 -31.12 -39.57
CA TYR F 413 -73.94 -32.13 -40.53
C TYR F 413 -75.02 -33.02 -39.92
N GLN F 414 -76.12 -33.19 -40.65
CA GLN F 414 -77.29 -33.96 -40.19
C GLN F 414 -77.86 -33.38 -38.89
N ALA F 415 -78.07 -32.06 -38.89
CA ALA F 415 -78.70 -31.41 -37.75
C ALA F 415 -80.17 -31.79 -37.64
N SER F 416 -80.88 -31.83 -38.78
CA SER F 416 -82.30 -32.13 -38.76
C SER F 416 -82.58 -33.53 -38.23
N GLU F 417 -81.78 -34.52 -38.64
CA GLU F 417 -81.98 -35.88 -38.17
C GLU F 417 -81.51 -36.08 -36.74
N ILE F 418 -80.54 -35.29 -36.29
CA ILE F 418 -80.02 -35.45 -34.94
C ILE F 418 -80.90 -34.77 -33.91
N VAL F 419 -81.58 -33.68 -34.29
CA VAL F 419 -82.38 -32.95 -33.33
C VAL F 419 -83.63 -33.71 -32.93
N HIS F 420 -84.00 -34.75 -33.68
CA HIS F 420 -85.25 -35.45 -33.42
C HIS F 420 -85.19 -36.27 -32.13
N ILE F 421 -84.03 -36.83 -31.80
CA ILE F 421 -83.91 -37.56 -30.54
C ILE F 421 -84.10 -36.62 -29.35
N GLY F 422 -83.47 -35.45 -29.39
CA GLY F 422 -83.67 -34.47 -28.34
C GLY F 422 -85.09 -33.99 -28.26
N GLN F 423 -85.74 -33.80 -29.42
CA GLN F 423 -87.14 -33.41 -29.43
C GLN F 423 -88.02 -34.48 -28.79
N ALA F 424 -87.76 -35.76 -29.12
CA ALA F 424 -88.55 -36.85 -28.55
C ALA F 424 -88.37 -36.92 -27.04
N ILE F 425 -87.13 -36.76 -26.56
CA ILE F 425 -86.90 -36.78 -25.12
C ILE F 425 -87.57 -35.58 -24.44
N MET F 426 -87.54 -34.42 -25.12
CA MET F 426 -88.16 -33.23 -24.55
C MET F 426 -89.66 -33.39 -24.36
N ASN F 427 -90.33 -34.03 -25.33
CA ASN F 427 -91.79 -34.14 -25.31
C ASN F 427 -92.31 -35.02 -24.18
N GLN F 428 -91.44 -35.76 -23.50
CA GLN F 428 -91.90 -36.61 -22.41
C GLN F 428 -92.37 -35.78 -21.22
N LYS F 429 -93.17 -36.40 -20.36
CA LYS F 429 -93.83 -35.73 -19.26
C LYS F 429 -93.13 -36.05 -17.95
N GLY F 430 -92.96 -35.04 -17.10
CA GLY F 430 -92.46 -35.26 -15.76
C GLY F 430 -91.04 -35.79 -15.74
N GLU F 431 -90.81 -36.80 -14.90
CA GLU F 431 -89.47 -37.36 -14.73
C GLU F 431 -88.99 -38.10 -15.96
N ALA F 432 -89.90 -38.46 -16.88
CA ALA F 432 -89.48 -39.13 -18.10
C ALA F 432 -88.56 -38.25 -18.94
N ASN F 433 -88.88 -36.96 -19.02
CA ASN F 433 -88.02 -36.00 -19.72
C ASN F 433 -86.82 -35.67 -18.83
N THR F 434 -85.72 -36.40 -19.01
CA THR F 434 -84.53 -36.20 -18.19
C THR F 434 -83.29 -36.34 -19.06
N LEU F 435 -82.24 -35.61 -18.69
CA LEU F 435 -80.97 -35.71 -19.40
C LEU F 435 -80.31 -37.08 -19.16
N LYS F 436 -80.56 -37.69 -18.00
CA LYS F 436 -79.90 -38.94 -17.65
C LYS F 436 -80.30 -40.09 -18.57
N TYR F 437 -81.35 -39.91 -19.38
CA TYR F 437 -81.66 -40.91 -20.40
C TYR F 437 -80.48 -41.08 -21.35
N PHE F 438 -79.82 -39.98 -21.73
CA PHE F 438 -78.74 -40.07 -22.70
C PHE F 438 -77.54 -40.85 -22.18
N ILE F 439 -77.39 -40.97 -20.86
CA ILE F 439 -76.33 -41.77 -20.29
C ILE F 439 -76.78 -43.19 -19.92
N ASN F 440 -78.09 -43.42 -19.85
CA ASN F 440 -78.63 -44.73 -19.48
C ASN F 440 -79.12 -45.53 -20.67
N THR F 441 -78.82 -45.08 -21.89
CA THR F 441 -79.26 -45.77 -23.10
C THR F 441 -78.09 -45.97 -24.04
N THR F 442 -78.02 -47.15 -24.64
CA THR F 442 -76.95 -47.49 -25.58
C THR F 442 -77.33 -47.04 -26.98
N PHE F 443 -76.46 -46.24 -27.60
CA PHE F 443 -76.65 -45.77 -28.95
C PHE F 443 -75.82 -46.60 -29.92
N ASN F 444 -75.85 -46.21 -31.20
CA ASN F 444 -75.00 -46.83 -32.19
C ASN F 444 -73.69 -46.05 -32.30
N TYR F 445 -72.71 -46.66 -32.99
CA TYR F 445 -71.40 -46.04 -33.10
C TYR F 445 -70.70 -46.61 -34.31
N PRO F 446 -70.05 -45.79 -35.14
CA PRO F 446 -69.91 -44.33 -35.01
C PRO F 446 -71.03 -43.57 -35.72
N THR F 447 -71.87 -42.87 -34.95
CA THR F 447 -72.93 -42.04 -35.51
C THR F 447 -72.87 -40.68 -34.83
N MET F 448 -73.76 -39.77 -35.24
CA MET F 448 -73.84 -38.47 -34.60
C MET F 448 -74.70 -38.48 -33.33
N ALA F 449 -75.48 -39.54 -33.11
CA ALA F 449 -76.21 -39.66 -31.85
C ALA F 449 -75.25 -39.70 -30.66
N GLU F 450 -74.02 -40.20 -30.89
CA GLU F 450 -73.00 -40.22 -29.85
C GLU F 450 -72.80 -38.84 -29.24
N ALA F 451 -72.93 -37.78 -30.04
CA ALA F 451 -72.79 -36.42 -29.54
C ALA F 451 -73.68 -36.21 -28.31
N TYR F 452 -74.93 -36.66 -28.39
CA TYR F 452 -75.83 -36.53 -27.25
C TYR F 452 -75.18 -37.07 -25.99
N ARG F 453 -74.66 -38.29 -26.05
CA ARG F 453 -73.96 -38.88 -24.91
C ARG F 453 -72.89 -37.93 -24.40
N VAL F 454 -72.01 -37.49 -25.31
CA VAL F 454 -70.95 -36.57 -24.92
C VAL F 454 -71.55 -35.32 -24.29
N ALA F 455 -72.58 -34.77 -24.94
CA ALA F 455 -73.23 -33.58 -24.41
C ALA F 455 -73.71 -33.83 -22.99
N ALA F 456 -74.34 -34.98 -22.76
CA ALA F 456 -74.82 -35.30 -21.43
C ALA F 456 -73.69 -35.23 -20.41
N TYR F 457 -72.54 -35.82 -20.76
CA TYR F 457 -71.41 -35.76 -19.83
C TYR F 457 -70.96 -34.33 -19.60
N ASP F 458 -70.91 -33.53 -20.67
CA ASP F 458 -70.50 -32.14 -20.52
C ASP F 458 -71.47 -31.37 -19.64
N GLY F 459 -72.69 -31.88 -19.48
CA GLY F 459 -73.61 -31.32 -18.52
C GLY F 459 -73.31 -31.81 -17.11
N LEU F 460 -73.14 -33.13 -16.98
CA LEU F 460 -73.00 -33.74 -15.66
C LEU F 460 -71.75 -33.26 -14.94
N ASN F 461 -70.69 -32.92 -15.67
CA ASN F 461 -69.50 -32.36 -15.03
C ASN F 461 -69.77 -30.97 -14.45
N ARG F 462 -70.61 -30.18 -15.13
CA ARG F 462 -70.90 -28.83 -14.67
C ARG F 462 -71.89 -28.79 -13.51
N LEU F 463 -72.61 -29.88 -13.26
CA LEU F 463 -73.58 -29.90 -12.16
C LEU F 463 -72.88 -29.99 -10.82
N TYR G 4 -45.20 -48.12 -8.71
CA TYR G 4 -46.30 -47.21 -8.97
C TYR G 4 -47.56 -47.64 -8.22
N ASN G 5 -48.33 -46.66 -7.76
CA ASN G 5 -49.55 -46.93 -7.01
C ASN G 5 -50.66 -46.01 -7.51
N TYR G 6 -51.85 -46.57 -7.68
CA TYR G 6 -53.03 -45.82 -8.08
C TYR G 6 -54.24 -46.44 -7.40
N ASP G 7 -55.44 -45.99 -7.78
CA ASP G 7 -56.65 -46.54 -7.18
C ASP G 7 -57.32 -47.56 -8.11
N VAL G 8 -57.60 -47.17 -9.35
CA VAL G 8 -58.19 -48.08 -10.33
C VAL G 8 -57.29 -48.11 -11.57
N VAL G 9 -56.99 -49.31 -12.03
CA VAL G 9 -56.13 -49.53 -13.19
C VAL G 9 -56.94 -50.24 -14.26
N VAL G 10 -56.94 -49.67 -15.47
CA VAL G 10 -57.69 -50.19 -16.60
C VAL G 10 -56.70 -50.88 -17.54
N ILE G 11 -57.09 -52.04 -18.06
CA ILE G 11 -56.31 -52.76 -19.07
C ILE G 11 -56.99 -52.56 -20.41
N GLY G 12 -56.25 -52.05 -21.39
CA GLY G 12 -56.81 -51.79 -22.69
C GLY G 12 -57.45 -50.41 -22.78
N THR G 13 -57.14 -49.66 -23.82
CA THR G 13 -57.63 -48.29 -23.99
C THR G 13 -58.68 -48.17 -25.08
N GLY G 14 -59.54 -49.18 -25.21
CA GLY G 14 -60.64 -49.13 -26.14
C GLY G 14 -61.81 -48.36 -25.57
N PRO G 15 -62.98 -48.44 -26.21
CA PRO G 15 -64.15 -47.72 -25.68
C PRO G 15 -64.51 -48.13 -24.26
N ALA G 16 -64.44 -49.42 -23.94
CA ALA G 16 -64.75 -49.87 -22.59
C ALA G 16 -63.75 -49.32 -21.58
N GLY G 17 -62.46 -49.45 -21.89
CA GLY G 17 -61.44 -48.95 -20.99
C GLY G 17 -61.49 -47.44 -20.84
N GLU G 18 -61.68 -46.73 -21.94
CA GLU G 18 -61.77 -45.28 -21.88
C GLU G 18 -62.96 -44.83 -21.05
N GLY G 19 -64.12 -45.46 -21.26
CA GLY G 19 -65.29 -45.10 -20.47
C GLY G 19 -65.11 -45.39 -18.99
N ALA G 20 -64.53 -46.55 -18.67
CA ALA G 20 -64.29 -46.88 -17.26
C ALA G 20 -63.32 -45.89 -16.63
N ALA G 21 -62.24 -45.56 -17.33
CA ALA G 21 -61.26 -44.62 -16.79
C ALA G 21 -61.87 -43.23 -16.60
N MET G 22 -62.67 -42.77 -17.56
CA MET G 22 -63.27 -41.45 -17.45
C MET G 22 -64.27 -41.40 -16.30
N ASN G 23 -65.08 -42.46 -16.14
CA ASN G 23 -66.03 -42.49 -15.03
C ASN G 23 -65.31 -42.54 -13.70
N ALA G 24 -64.22 -43.32 -13.61
CA ALA G 24 -63.48 -43.41 -12.36
C ALA G 24 -62.82 -42.07 -12.01
N VAL G 25 -62.22 -41.40 -13.00
CA VAL G 25 -61.59 -40.11 -12.72
C VAL G 25 -62.66 -39.05 -12.44
N LYS G 26 -63.87 -39.23 -12.95
CA LYS G 26 -64.97 -38.33 -12.60
C LYS G 26 -65.34 -38.44 -11.13
N ALA G 27 -65.16 -39.63 -10.55
CA ALA G 27 -65.48 -39.85 -9.14
C ALA G 27 -64.40 -39.31 -8.20
N GLY G 28 -63.34 -38.71 -8.72
CA GLY G 28 -62.29 -38.13 -7.91
C GLY G 28 -61.12 -39.05 -7.62
N ARG G 29 -61.18 -40.30 -8.06
CA ARG G 29 -60.09 -41.24 -7.81
C ARG G 29 -58.96 -41.04 -8.81
N LYS G 30 -57.74 -41.26 -8.35
CA LYS G 30 -56.56 -41.24 -9.20
C LYS G 30 -56.45 -42.59 -9.89
N VAL G 31 -56.50 -42.59 -11.23
CA VAL G 31 -56.65 -43.81 -12.00
C VAL G 31 -55.61 -43.85 -13.11
N ALA G 32 -55.39 -45.06 -13.65
CA ALA G 32 -54.40 -45.25 -14.70
C ALA G 32 -54.92 -46.24 -15.73
N VAL G 33 -54.34 -46.16 -16.93
CA VAL G 33 -54.68 -47.06 -18.03
C VAL G 33 -53.40 -47.68 -18.59
N VAL G 34 -53.55 -48.89 -19.14
CA VAL G 34 -52.45 -49.64 -19.73
C VAL G 34 -52.94 -50.30 -21.01
N ASP G 35 -52.08 -50.32 -22.04
CA ASP G 35 -52.39 -51.03 -23.27
C ASP G 35 -51.07 -51.38 -23.97
N ASP G 36 -51.14 -52.39 -24.83
CA ASP G 36 -49.95 -52.85 -25.55
C ASP G 36 -49.71 -52.12 -26.85
N ARG G 37 -50.66 -51.32 -27.32
CA ARG G 37 -50.47 -50.57 -28.56
C ARG G 37 -49.59 -49.34 -28.30
N PRO G 38 -48.83 -48.91 -29.30
CA PRO G 38 -48.07 -47.66 -29.16
C PRO G 38 -48.93 -46.43 -29.02
N GLN G 39 -50.21 -46.49 -29.39
CA GLN G 39 -51.10 -45.35 -29.33
C GLN G 39 -52.41 -45.74 -28.65
N VAL G 40 -53.07 -44.74 -28.07
CA VAL G 40 -54.34 -44.94 -27.39
C VAL G 40 -55.47 -45.08 -28.42
N GLY G 41 -56.52 -45.79 -28.04
CA GLY G 41 -57.70 -45.89 -28.89
C GLY G 41 -58.30 -47.28 -28.97
N GLY G 42 -57.47 -48.31 -28.86
CA GLY G 42 -57.95 -49.66 -28.91
C GLY G 42 -58.25 -50.13 -30.33
N ASN G 43 -58.86 -51.31 -30.41
CA ASN G 43 -59.23 -51.87 -31.70
C ASN G 43 -60.31 -51.06 -32.41
N CYS G 44 -61.12 -50.32 -31.67
CA CYS G 44 -62.21 -49.56 -32.28
C CYS G 44 -61.67 -48.49 -33.23
N THR G 45 -60.51 -47.93 -32.92
CA THR G 45 -59.94 -46.84 -33.70
C THR G 45 -58.83 -47.28 -34.65
N HIS G 46 -58.08 -48.33 -34.30
CA HIS G 46 -56.87 -48.68 -35.04
C HIS G 46 -57.09 -49.79 -36.06
N LEU G 47 -57.82 -50.85 -35.70
CA LEU G 47 -57.99 -51.99 -36.59
C LEU G 47 -59.44 -52.38 -36.84
N GLY G 48 -60.40 -51.87 -36.07
CA GLY G 48 -61.77 -52.32 -36.16
C GLY G 48 -62.73 -51.32 -36.76
N THR G 49 -63.46 -50.62 -35.89
CA THR G 49 -64.59 -49.81 -36.31
C THR G 49 -64.18 -48.70 -37.27
N ILE G 50 -63.19 -47.90 -36.88
CA ILE G 50 -62.82 -46.70 -37.63
C ILE G 50 -62.28 -47.02 -39.02
N PRO G 51 -61.32 -47.95 -39.18
CA PRO G 51 -60.81 -48.21 -40.54
C PRO G 51 -61.85 -48.80 -41.47
N SER G 52 -62.62 -49.80 -40.99
CA SER G 52 -63.65 -50.39 -41.82
C SER G 52 -64.72 -49.38 -42.17
N LYS G 53 -65.07 -48.51 -41.24
CA LYS G 53 -66.07 -47.48 -41.52
C LYS G 53 -65.57 -46.48 -42.54
N ALA G 54 -64.29 -46.09 -42.44
CA ALA G 54 -63.72 -45.19 -43.44
C ALA G 54 -63.72 -45.85 -44.82
N LEU G 55 -63.38 -47.14 -44.87
CA LEU G 55 -63.42 -47.87 -46.13
C LEU G 55 -64.83 -47.87 -46.70
N ARG G 56 -65.83 -48.14 -45.85
CA ARG G 56 -67.21 -48.19 -46.31
C ARG G 56 -67.68 -46.83 -46.82
N HIS G 57 -67.35 -45.76 -46.10
CA HIS G 57 -67.77 -44.43 -46.51
C HIS G 57 -67.10 -44.03 -47.83
N SER G 58 -65.81 -44.34 -47.98
CA SER G 58 -65.12 -44.04 -49.24
C SER G 58 -65.73 -44.83 -50.38
N VAL G 59 -66.07 -46.10 -50.15
CA VAL G 59 -66.70 -46.91 -51.19
C VAL G 59 -68.06 -46.33 -51.58
N ARG G 60 -68.84 -45.90 -50.57
CA ARG G 60 -70.14 -45.30 -50.85
C ARG G 60 -69.99 -44.02 -51.66
N GLN G 61 -69.03 -43.17 -51.30
CA GLN G 61 -68.81 -41.94 -52.06
C GLN G 61 -68.36 -42.26 -53.48
N ILE G 62 -67.52 -43.27 -53.67
CA ILE G 62 -67.10 -43.67 -55.00
C ILE G 62 -68.30 -44.12 -55.81
N MET G 63 -69.17 -44.93 -55.22
CA MET G 63 -70.36 -45.41 -55.92
C MET G 63 -71.28 -44.26 -56.31
N GLN G 64 -71.50 -43.31 -55.39
CA GLN G 64 -72.36 -42.18 -55.71
C GLN G 64 -71.76 -41.30 -56.81
N TYR G 65 -70.44 -41.08 -56.76
CA TYR G 65 -69.79 -40.30 -57.81
C TYR G 65 -69.89 -40.99 -59.16
N ASN G 66 -69.68 -42.31 -59.20
CA ASN G 66 -69.73 -43.03 -60.46
C ASN G 66 -71.15 -43.07 -61.02
N ASN G 67 -72.15 -43.24 -60.17
CA ASN G 67 -73.53 -43.37 -60.60
C ASN G 67 -74.22 -42.03 -60.78
N ASN G 68 -73.56 -40.92 -60.47
CA ASN G 68 -74.17 -39.61 -60.64
C ASN G 68 -73.99 -39.13 -62.07
N PRO G 69 -75.06 -38.87 -62.82
CA PRO G 69 -74.90 -38.37 -64.19
C PRO G 69 -74.23 -37.01 -64.26
N LEU G 70 -74.28 -36.21 -63.19
CA LEU G 70 -73.66 -34.90 -63.20
C LEU G 70 -72.14 -35.02 -63.35
N PHE G 71 -71.54 -35.99 -62.66
CA PHE G 71 -70.08 -36.17 -62.70
C PHE G 71 -69.62 -36.90 -63.95
N ARG G 72 -70.53 -37.43 -64.77
CA ARG G 72 -70.12 -38.08 -66.01
C ARG G 72 -69.70 -37.09 -67.08
N GLN G 73 -70.08 -35.82 -66.93
CA GLN G 73 -69.61 -34.81 -67.89
C GLN G 73 -68.12 -34.54 -67.73
N ILE G 74 -67.55 -34.87 -66.57
CA ILE G 74 -66.12 -34.68 -66.36
C ILE G 74 -65.32 -35.61 -67.27
N GLY G 75 -65.75 -36.86 -67.39
CA GLY G 75 -65.05 -37.81 -68.24
C GLY G 75 -65.63 -39.20 -68.08
N GLU G 76 -64.88 -40.18 -68.56
CA GLU G 76 -65.29 -41.58 -68.52
C GLU G 76 -65.12 -42.15 -67.11
N PRO G 77 -65.89 -43.19 -66.78
CA PRO G 77 -65.69 -43.85 -65.49
C PRO G 77 -64.28 -44.40 -65.36
N ARG G 78 -63.73 -44.30 -64.14
CA ARG G 78 -62.36 -44.68 -63.86
C ARG G 78 -62.31 -45.61 -62.65
N TRP G 79 -61.27 -46.43 -62.59
CA TRP G 79 -61.07 -47.34 -61.48
C TRP G 79 -60.19 -46.72 -60.41
N PHE G 80 -60.39 -47.15 -59.17
CA PHE G 80 -59.65 -46.64 -58.02
C PHE G 80 -58.96 -47.80 -57.30
N SER G 81 -57.69 -47.61 -56.99
CA SER G 81 -56.93 -48.63 -56.29
C SER G 81 -57.35 -48.70 -54.82
N PHE G 82 -57.11 -49.86 -54.20
CA PHE G 82 -57.48 -50.05 -52.80
C PHE G 82 -56.66 -49.14 -51.89
N ALA G 83 -55.40 -48.91 -52.24
CA ALA G 83 -54.54 -48.06 -51.41
C ALA G 83 -55.07 -46.63 -51.35
N ASP G 84 -55.52 -46.10 -52.48
CA ASP G 84 -56.05 -44.74 -52.50
C ASP G 84 -57.31 -44.64 -51.63
N VAL G 85 -58.17 -45.64 -51.69
CA VAL G 85 -59.38 -45.65 -50.88
C VAL G 85 -59.02 -45.73 -49.40
N LEU G 86 -58.07 -46.58 -49.04
CA LEU G 86 -57.72 -46.76 -47.63
C LEU G 86 -56.92 -45.59 -47.08
N LYS G 87 -56.32 -44.78 -47.96
CA LYS G 87 -55.50 -43.66 -47.51
C LYS G 87 -56.30 -42.68 -46.65
N SER G 88 -57.60 -42.53 -46.92
CA SER G 88 -58.40 -41.53 -46.21
C SER G 88 -58.57 -41.84 -44.74
N ALA G 89 -58.31 -43.08 -44.31
CA ALA G 89 -58.51 -43.45 -42.91
C ALA G 89 -57.40 -42.94 -42.00
N GLU G 90 -56.22 -42.61 -42.56
CA GLU G 90 -55.11 -42.18 -41.73
C GLU G 90 -55.42 -40.86 -41.02
N GLN G 91 -56.00 -39.90 -41.74
CA GLN G 91 -56.36 -38.63 -41.12
C GLN G 91 -57.38 -38.82 -40.01
N VAL G 92 -58.39 -39.67 -40.25
CA VAL G 92 -59.42 -39.91 -39.25
C VAL G 92 -58.83 -40.55 -38.00
N ILE G 93 -57.99 -41.58 -38.17
CA ILE G 93 -57.43 -42.25 -37.01
C ILE G 93 -56.47 -41.33 -36.26
N ALA G 94 -55.73 -40.49 -36.98
CA ALA G 94 -54.84 -39.53 -36.33
C ALA G 94 -55.63 -38.53 -35.49
N LYS G 95 -56.72 -37.99 -36.07
CA LYS G 95 -57.54 -37.06 -35.31
C LYS G 95 -58.15 -37.72 -34.09
N GLN G 96 -58.64 -38.96 -34.25
CA GLN G 96 -59.27 -39.65 -33.12
C GLN G 96 -58.26 -39.94 -32.02
N VAL G 97 -57.05 -40.39 -32.37
CA VAL G 97 -56.05 -40.69 -31.35
C VAL G 97 -55.59 -39.41 -30.67
N SER G 98 -55.46 -38.30 -31.42
CA SER G 98 -55.11 -37.03 -30.80
C SER G 98 -56.19 -36.58 -29.83
N SER G 99 -57.46 -36.71 -30.23
CA SER G 99 -58.55 -36.32 -29.35
C SER G 99 -58.58 -37.16 -28.08
N ARG G 100 -58.38 -38.48 -28.22
CA ARG G 100 -58.40 -39.35 -27.04
C ARG G 100 -57.21 -39.07 -26.13
N THR G 101 -56.04 -38.80 -26.71
CA THR G 101 -54.88 -38.44 -25.90
C THR G 101 -55.11 -37.13 -25.16
N GLY G 102 -55.72 -36.15 -25.82
CA GLY G 102 -56.07 -34.91 -25.13
C GLY G 102 -57.09 -35.12 -24.03
N TYR G 103 -58.06 -36.00 -24.27
CA TYR G 103 -59.05 -36.33 -23.26
C TYR G 103 -58.38 -36.93 -22.02
N TYR G 104 -57.45 -37.86 -22.23
CA TYR G 104 -56.72 -38.44 -21.11
C TYR G 104 -55.86 -37.40 -20.40
N ALA G 105 -55.16 -36.56 -21.17
CA ALA G 105 -54.22 -35.61 -20.58
C ALA G 105 -54.93 -34.54 -19.75
N ARG G 106 -56.08 -34.06 -20.24
CA ARG G 106 -56.77 -32.98 -19.54
C ARG G 106 -57.24 -33.40 -18.16
N ASN G 107 -57.54 -34.68 -17.96
CA ASN G 107 -57.92 -35.20 -16.65
C ASN G 107 -56.74 -35.73 -15.86
N ARG G 108 -55.51 -35.55 -16.36
CA ARG G 108 -54.29 -36.02 -15.70
C ARG G 108 -54.34 -37.53 -15.50
N ILE G 109 -54.38 -38.24 -16.63
CA ILE G 109 -54.51 -39.70 -16.66
C ILE G 109 -53.16 -40.28 -17.06
N ASP G 110 -52.66 -41.21 -16.26
CA ASP G 110 -51.40 -41.86 -16.56
C ASP G 110 -51.62 -43.05 -17.48
N THR G 111 -50.71 -43.22 -18.45
CA THR G 111 -50.78 -44.30 -19.41
C THR G 111 -49.47 -45.07 -19.42
N PHE G 112 -49.55 -46.35 -19.81
CA PHE G 112 -48.39 -47.22 -19.92
C PHE G 112 -48.54 -48.04 -21.19
N PHE G 113 -47.61 -47.87 -22.12
CA PHE G 113 -47.69 -48.51 -23.44
C PHE G 113 -46.88 -49.80 -23.43
N GLY G 114 -47.49 -50.85 -22.90
CA GLY G 114 -46.85 -52.14 -22.85
C GLY G 114 -47.83 -53.22 -22.45
N THR G 115 -47.45 -54.46 -22.76
CA THR G 115 -48.27 -55.61 -22.39
C THR G 115 -48.36 -55.74 -20.88
N ALA G 116 -49.56 -55.98 -20.39
CA ALA G 116 -49.82 -56.09 -18.96
C ALA G 116 -50.03 -57.54 -18.58
N SER G 117 -49.35 -57.99 -17.52
CA SER G 117 -49.46 -59.36 -17.05
C SER G 117 -49.76 -59.35 -15.56
N PHE G 118 -50.50 -60.36 -15.12
CA PHE G 118 -50.93 -60.45 -13.73
C PHE G 118 -49.85 -61.09 -12.86
N CYS G 119 -49.66 -60.52 -11.67
CA CYS G 119 -48.76 -61.07 -10.67
C CYS G 119 -49.50 -61.62 -9.45
N ASP G 120 -50.44 -60.84 -8.91
CA ASP G 120 -51.28 -61.28 -7.82
C ASP G 120 -52.64 -60.59 -7.97
N GLU G 121 -53.44 -60.62 -6.91
CA GLU G 121 -54.78 -60.05 -6.98
C GLU G 121 -54.77 -58.52 -6.96
N HIS G 122 -53.63 -57.88 -6.72
CA HIS G 122 -53.58 -56.43 -6.67
C HIS G 122 -52.37 -55.83 -7.38
N THR G 123 -51.52 -56.63 -8.01
CA THR G 123 -50.29 -56.14 -8.61
C THR G 123 -50.16 -56.69 -10.03
N ILE G 124 -49.77 -55.82 -10.97
CA ILE G 124 -49.51 -56.23 -12.34
C ILE G 124 -48.16 -55.70 -12.79
N GLU G 125 -47.61 -56.33 -13.82
CA GLU G 125 -46.35 -55.91 -14.42
C GLU G 125 -46.60 -55.49 -15.86
N VAL G 126 -46.11 -54.31 -16.22
CA VAL G 126 -46.17 -53.80 -17.59
C VAL G 126 -44.80 -53.96 -18.21
N VAL G 127 -44.74 -54.70 -19.32
CA VAL G 127 -43.50 -54.95 -20.06
C VAL G 127 -43.68 -54.37 -21.46
N HIS G 128 -42.74 -53.52 -21.87
CA HIS G 128 -42.81 -52.88 -23.17
C HIS G 128 -42.04 -53.69 -24.21
N LEU G 129 -41.97 -53.15 -25.43
CA LEU G 129 -41.25 -53.84 -26.50
C LEU G 129 -39.74 -53.83 -26.25
N ASN G 130 -39.21 -52.79 -25.61
CA ASN G 130 -37.79 -52.72 -25.31
C ASN G 130 -37.37 -53.68 -24.21
N GLY G 131 -38.30 -54.12 -23.37
CA GLY G 131 -37.98 -55.01 -22.27
C GLY G 131 -38.26 -54.41 -20.92
N MET G 132 -39.27 -53.53 -20.86
CA MET G 132 -39.54 -52.77 -19.65
C MET G 132 -40.11 -53.65 -18.55
N VAL G 133 -40.02 -53.15 -17.32
CA VAL G 133 -40.70 -53.71 -16.17
C VAL G 133 -41.23 -52.56 -15.32
N GLU G 134 -42.55 -52.47 -15.20
CA GLU G 134 -43.19 -51.49 -14.31
C GLU G 134 -44.23 -52.21 -13.47
N THR G 135 -44.02 -52.22 -12.15
CA THR G 135 -44.96 -52.86 -11.25
C THR G 135 -45.99 -51.85 -10.76
N LEU G 136 -47.28 -52.17 -10.95
CA LEU G 136 -48.36 -51.25 -10.64
C LEU G 136 -49.34 -51.94 -9.70
N VAL G 137 -49.70 -51.25 -8.61
CA VAL G 137 -50.58 -51.77 -7.59
C VAL G 137 -51.77 -50.83 -7.45
N ALA G 138 -52.98 -51.37 -7.46
CA ALA G 138 -54.19 -50.58 -7.33
C ALA G 138 -55.26 -51.39 -6.61
N LYS G 139 -56.22 -50.67 -6.03
CA LYS G 139 -57.29 -51.33 -5.30
C LYS G 139 -58.33 -51.93 -6.23
N GLN G 140 -58.60 -51.27 -7.36
CA GLN G 140 -59.62 -51.72 -8.30
C GLN G 140 -59.01 -51.95 -9.67
N PHE G 141 -59.46 -53.02 -10.33
CA PHE G 141 -58.94 -53.42 -11.62
C PHE G 141 -60.08 -53.54 -12.62
N VAL G 142 -59.90 -52.98 -13.80
CA VAL G 142 -60.87 -53.05 -14.89
C VAL G 142 -60.20 -53.75 -16.07
N ILE G 143 -60.88 -54.75 -16.61
CA ILE G 143 -60.35 -55.57 -17.70
C ILE G 143 -61.12 -55.22 -18.97
N ALA G 144 -60.41 -54.64 -19.94
CA ALA G 144 -60.95 -54.31 -21.25
C ALA G 144 -59.93 -54.68 -22.33
N THR G 145 -59.36 -55.89 -22.20
CA THR G 145 -58.29 -56.34 -23.09
C THR G 145 -58.77 -56.57 -24.52
N GLY G 146 -60.08 -56.57 -24.77
CA GLY G 146 -60.57 -56.71 -26.12
C GLY G 146 -60.47 -58.13 -26.65
N SER G 147 -60.64 -58.25 -27.96
CA SER G 147 -60.64 -59.53 -28.63
C SER G 147 -59.82 -59.44 -29.91
N ARG G 148 -59.53 -60.60 -30.48
CA ARG G 148 -58.76 -60.75 -31.71
C ARG G 148 -59.52 -61.68 -32.65
N PRO G 149 -59.24 -61.60 -33.94
CA PRO G 149 -59.86 -62.57 -34.87
C PRO G 149 -59.47 -64.00 -34.52
N TYR G 150 -60.45 -64.90 -34.62
CA TYR G 150 -60.18 -66.30 -34.32
C TYR G 150 -59.33 -66.92 -35.44
N ARG G 151 -58.28 -67.62 -35.04
CA ARG G 151 -57.33 -68.20 -36.00
C ARG G 151 -57.30 -69.72 -35.85
N PRO G 152 -58.04 -70.46 -36.68
CA PRO G 152 -57.95 -71.92 -36.63
C PRO G 152 -56.57 -72.41 -37.04
N ALA G 153 -56.18 -73.56 -36.49
CA ALA G 153 -54.83 -74.07 -36.69
C ALA G 153 -54.57 -74.41 -38.16
N ASP G 154 -55.55 -75.03 -38.83
CA ASP G 154 -55.35 -75.53 -40.18
C ASP G 154 -55.44 -74.47 -41.26
N VAL G 155 -55.39 -73.19 -40.89
CA VAL G 155 -55.41 -72.09 -41.85
C VAL G 155 -54.06 -71.39 -41.82
N ASP G 156 -53.40 -71.33 -42.97
CA ASP G 156 -52.08 -70.71 -43.08
C ASP G 156 -52.26 -69.21 -43.24
N PHE G 157 -52.38 -68.51 -42.10
CA PHE G 157 -52.51 -67.06 -42.14
C PHE G 157 -51.23 -66.36 -42.56
N THR G 158 -50.08 -67.06 -42.50
CA THR G 158 -48.83 -66.47 -42.96
C THR G 158 -48.78 -66.35 -44.48
N HIS G 159 -49.68 -67.02 -45.19
CA HIS G 159 -49.71 -66.89 -46.64
C HIS G 159 -50.10 -65.47 -47.03
N PRO G 160 -49.43 -64.90 -48.03
CA PRO G 160 -49.75 -63.50 -48.41
C PRO G 160 -51.15 -63.31 -48.93
N ARG G 161 -51.81 -64.37 -49.41
CA ARG G 161 -53.13 -64.26 -50.00
C ARG G 161 -54.26 -64.59 -49.04
N ILE G 162 -53.95 -64.85 -47.77
CA ILE G 162 -54.95 -65.15 -46.75
C ILE G 162 -54.90 -64.08 -45.67
N TYR G 163 -56.04 -63.48 -45.37
CA TYR G 163 -56.12 -62.39 -44.42
C TYR G 163 -57.23 -62.67 -43.40
N ASP G 164 -57.27 -61.83 -42.38
CA ASP G 164 -58.34 -61.83 -41.39
C ASP G 164 -58.89 -60.41 -41.28
N SER G 165 -59.74 -60.18 -40.27
CA SER G 165 -60.38 -58.87 -40.13
C SER G 165 -59.39 -57.76 -39.85
N ASP G 166 -58.17 -58.09 -39.43
CA ASP G 166 -57.16 -57.09 -39.12
C ASP G 166 -56.14 -56.92 -40.25
N THR G 167 -55.62 -58.02 -40.79
CA THR G 167 -54.60 -57.94 -41.84
C THR G 167 -55.18 -57.55 -43.19
N ILE G 168 -56.51 -57.48 -43.32
CA ILE G 168 -57.11 -57.13 -44.60
C ILE G 168 -56.70 -55.73 -45.04
N LEU G 169 -56.44 -54.84 -44.08
CA LEU G 169 -55.98 -53.49 -44.40
C LEU G 169 -54.59 -53.49 -45.01
N SER G 170 -53.85 -54.60 -44.92
CA SER G 170 -52.53 -54.70 -45.52
C SER G 170 -52.57 -54.93 -47.03
N LEU G 171 -53.76 -55.07 -47.60
CA LEU G 171 -53.89 -55.29 -49.04
C LEU G 171 -53.29 -54.13 -49.82
N GLY G 172 -52.52 -54.46 -50.85
CA GLY G 172 -51.86 -53.44 -51.66
C GLY G 172 -52.55 -53.19 -52.99
N HIS G 173 -53.20 -54.21 -53.53
CA HIS G 173 -53.89 -54.10 -54.80
C HIS G 173 -55.30 -54.68 -54.65
N THR G 174 -56.22 -54.16 -55.45
CA THR G 174 -57.59 -54.64 -55.43
C THR G 174 -57.67 -55.98 -56.15
N PRO G 175 -58.08 -57.06 -55.48
CA PRO G 175 -58.12 -58.36 -56.14
C PRO G 175 -59.27 -58.46 -57.13
N ARG G 176 -59.08 -59.31 -58.14
CA ARG G 176 -60.15 -59.56 -59.11
C ARG G 176 -61.33 -60.26 -58.47
N ARG G 177 -61.06 -61.24 -57.61
CA ARG G 177 -62.10 -61.97 -56.90
C ARG G 177 -61.70 -62.08 -55.42
N LEU G 178 -62.65 -62.52 -54.60
CA LEU G 178 -62.41 -62.60 -53.17
C LEU G 178 -63.39 -63.58 -52.55
N ILE G 179 -62.96 -64.22 -51.46
CA ILE G 179 -63.77 -65.16 -50.70
C ILE G 179 -63.83 -64.69 -49.25
N ILE G 180 -65.04 -64.63 -48.70
CA ILE G 180 -65.25 -64.28 -47.30
C ILE G 180 -65.92 -65.46 -46.60
N TYR G 181 -65.32 -65.90 -45.51
CA TYR G 181 -65.87 -66.99 -44.71
C TYR G 181 -66.47 -66.42 -43.43
N GLY G 182 -67.66 -66.89 -43.08
CA GLY G 182 -68.37 -66.37 -41.93
C GLY G 182 -69.34 -65.26 -42.30
N ALA G 183 -70.62 -65.45 -41.95
CA ALA G 183 -71.67 -64.49 -42.29
C ALA G 183 -71.98 -63.56 -41.15
N GLY G 184 -70.99 -63.21 -40.33
CA GLY G 184 -71.19 -62.30 -39.23
C GLY G 184 -71.30 -60.86 -39.68
N VAL G 185 -71.37 -59.97 -38.68
CA VAL G 185 -71.48 -58.54 -38.96
C VAL G 185 -70.26 -58.06 -39.75
N ILE G 186 -69.06 -58.46 -39.30
CA ILE G 186 -67.84 -58.06 -39.98
C ILE G 186 -67.80 -58.63 -41.40
N GLY G 187 -68.18 -59.90 -41.55
CA GLY G 187 -68.16 -60.52 -42.85
C GLY G 187 -69.10 -59.83 -43.84
N CYS G 188 -70.34 -59.57 -43.40
CA CYS G 188 -71.29 -58.88 -44.27
C CYS G 188 -70.81 -57.47 -44.60
N GLU G 189 -70.26 -56.74 -43.62
CA GLU G 189 -69.78 -55.39 -43.87
C GLU G 189 -68.66 -55.40 -44.90
N TYR G 190 -67.70 -56.30 -44.75
CA TYR G 190 -66.59 -56.36 -45.70
C TYR G 190 -67.06 -56.82 -47.07
N ALA G 191 -68.00 -57.75 -47.12
CA ALA G 191 -68.55 -58.19 -48.39
C ALA G 191 -69.22 -57.03 -49.12
N SER G 192 -70.01 -56.23 -48.40
CA SER G 192 -70.65 -55.07 -49.00
C SER G 192 -69.62 -54.06 -49.48
N ILE G 193 -68.58 -53.81 -48.68
CA ILE G 193 -67.56 -52.84 -49.05
C ILE G 193 -66.84 -53.27 -50.31
N PHE G 194 -66.41 -54.53 -50.35
CA PHE G 194 -65.65 -55.02 -51.51
C PHE G 194 -66.53 -55.11 -52.75
N SER G 195 -67.81 -55.46 -52.58
CA SER G 195 -68.73 -55.44 -53.71
C SER G 195 -68.91 -54.02 -54.24
N GLY G 196 -69.02 -53.04 -53.34
CA GLY G 196 -69.08 -51.65 -53.77
C GLY G 196 -67.84 -51.23 -54.53
N LEU G 197 -66.67 -51.72 -54.08
CA LEU G 197 -65.44 -51.48 -54.83
C LEU G 197 -65.43 -52.16 -56.19
N GLY G 198 -66.26 -53.17 -56.39
CA GLY G 198 -66.37 -53.83 -57.68
C GLY G 198 -65.60 -55.12 -57.83
N VAL G 199 -65.61 -56.00 -56.83
CA VAL G 199 -64.95 -57.29 -56.92
C VAL G 199 -65.98 -58.38 -56.66
N LEU G 200 -65.78 -59.53 -57.31
CA LEU G 200 -66.69 -60.67 -57.17
C LEU G 200 -66.48 -61.31 -55.80
N VAL G 201 -67.34 -61.00 -54.85
CA VAL G 201 -67.26 -61.54 -53.51
C VAL G 201 -68.10 -62.80 -53.43
N ASP G 202 -67.51 -63.88 -52.91
CA ASP G 202 -68.20 -65.15 -52.73
C ASP G 202 -68.35 -65.38 -51.23
N LEU G 203 -69.43 -64.85 -50.67
CA LEU G 203 -69.69 -65.00 -49.24
C LEU G 203 -70.11 -66.44 -48.94
N ILE G 204 -69.57 -66.99 -47.86
CA ILE G 204 -69.85 -68.36 -47.45
C ILE G 204 -70.52 -68.30 -46.07
N ASP G 205 -71.67 -68.96 -45.95
CA ASP G 205 -72.43 -68.97 -44.72
C ASP G 205 -72.74 -70.41 -44.32
N ASN G 206 -72.63 -70.69 -43.02
CA ASN G 206 -72.99 -71.99 -42.48
C ASN G 206 -74.46 -72.08 -42.07
N ARG G 207 -75.19 -70.98 -42.16
CA ARG G 207 -76.60 -70.92 -41.81
C ARG G 207 -77.45 -70.75 -43.05
N ASP G 208 -78.75 -71.04 -42.91
CA ASP G 208 -79.68 -70.92 -44.02
C ASP G 208 -80.03 -69.48 -44.35
N GLN G 209 -80.04 -68.59 -43.36
CA GLN G 209 -80.41 -67.20 -43.56
C GLN G 209 -79.31 -66.30 -42.99
N LEU G 210 -78.93 -65.29 -43.76
CA LEU G 210 -77.93 -64.32 -43.30
C LEU G 210 -78.46 -63.56 -42.09
N LEU G 211 -77.63 -63.50 -41.04
CA LEU G 211 -77.96 -62.80 -39.80
C LEU G 211 -79.33 -63.23 -39.26
N SER G 212 -79.37 -64.50 -38.87
CA SER G 212 -80.62 -65.11 -38.41
C SER G 212 -81.22 -64.38 -37.21
N PHE G 213 -80.39 -63.70 -36.41
CA PHE G 213 -80.90 -62.94 -35.27
C PHE G 213 -81.71 -61.72 -35.70
N LEU G 214 -81.62 -61.31 -36.96
CA LEU G 214 -82.38 -60.18 -37.48
C LEU G 214 -83.75 -60.64 -37.96
N ASP G 215 -84.56 -59.67 -38.37
CA ASP G 215 -85.88 -59.98 -38.91
C ASP G 215 -85.75 -60.68 -40.26
N ASP G 216 -86.74 -61.51 -40.57
CA ASP G 216 -86.71 -62.27 -41.82
C ASP G 216 -86.76 -61.34 -43.03
N GLU G 217 -87.60 -60.31 -42.98
CA GLU G 217 -87.69 -59.37 -44.10
C GLU G 217 -86.39 -58.61 -44.31
N ILE G 218 -85.77 -58.17 -43.21
CA ILE G 218 -84.51 -57.43 -43.32
C ILE G 218 -83.42 -58.32 -43.91
N SER G 219 -83.32 -59.56 -43.44
CA SER G 219 -82.33 -60.48 -43.96
C SER G 219 -82.57 -60.78 -45.44
N ASP G 220 -83.84 -60.97 -45.82
CA ASP G 220 -84.16 -61.24 -47.22
C ASP G 220 -83.80 -60.05 -48.10
N SER G 221 -84.09 -58.83 -47.64
CA SER G 221 -83.74 -57.65 -48.42
C SER G 221 -82.23 -57.50 -48.55
N LEU G 222 -81.50 -57.75 -47.47
CA LEU G 222 -80.04 -57.67 -47.53
C LEU G 222 -79.47 -58.70 -48.49
N SER G 223 -80.00 -59.93 -48.45
CA SER G 223 -79.54 -60.97 -49.36
C SER G 223 -79.86 -60.61 -50.81
N TYR G 224 -81.05 -60.05 -51.05
CA TYR G 224 -81.41 -59.64 -52.40
C TYR G 224 -80.46 -58.56 -52.91
N HIS G 225 -80.16 -57.56 -52.08
CA HIS G 225 -79.26 -56.51 -52.50
C HIS G 225 -77.86 -57.04 -52.76
N LEU G 226 -77.37 -57.93 -51.88
CA LEU G 226 -76.04 -58.51 -52.09
C LEU G 226 -75.98 -59.33 -53.36
N ARG G 227 -77.01 -60.13 -53.63
CA ARG G 227 -77.04 -60.91 -54.87
C ARG G 227 -77.09 -60.00 -56.09
N ASN G 228 -77.83 -58.89 -55.99
CA ASN G 228 -77.87 -57.93 -57.08
C ASN G 228 -76.58 -57.12 -57.18
N ASN G 229 -75.70 -57.21 -56.18
CA ASN G 229 -74.45 -56.45 -56.19
C ASN G 229 -73.24 -57.37 -56.29
N ASN G 230 -73.34 -58.40 -57.14
CA ASN G 230 -72.26 -59.32 -57.51
C ASN G 230 -71.84 -60.26 -56.38
N VAL G 231 -72.44 -60.17 -55.20
CA VAL G 231 -72.10 -61.07 -54.10
C VAL G 231 -72.84 -62.38 -54.29
N LEU G 232 -72.09 -63.49 -54.29
CA LEU G 232 -72.66 -64.82 -54.37
C LEU G 232 -72.69 -65.44 -52.99
N ILE G 233 -73.88 -65.65 -52.45
CA ILE G 233 -74.07 -66.15 -51.10
C ILE G 233 -74.41 -67.63 -51.17
N ARG G 234 -73.61 -68.45 -50.50
CA ARG G 234 -73.85 -69.88 -50.40
C ARG G 234 -74.20 -70.23 -48.96
N HIS G 235 -75.35 -70.86 -48.76
CA HIS G 235 -75.88 -71.11 -47.44
C HIS G 235 -75.64 -72.55 -47.01
N ASN G 236 -75.49 -72.74 -45.69
CA ASN G 236 -75.29 -74.05 -45.09
C ASN G 236 -74.08 -74.76 -45.68
N GLU G 237 -72.92 -74.09 -45.57
CA GLU G 237 -71.66 -74.63 -46.06
C GLU G 237 -70.62 -74.56 -44.96
N GLU G 238 -69.75 -75.56 -44.93
CA GLU G 238 -68.66 -75.64 -43.97
C GLU G 238 -67.36 -75.95 -44.70
N TYR G 239 -66.29 -75.26 -44.32
CA TYR G 239 -65.01 -75.47 -44.98
C TYR G 239 -64.40 -76.80 -44.60
N GLU G 240 -63.75 -77.44 -45.56
CA GLU G 240 -63.05 -78.70 -45.34
C GLU G 240 -61.55 -78.55 -45.48
N ARG G 241 -61.08 -77.77 -46.45
CA ARG G 241 -59.65 -77.53 -46.61
C ARG G 241 -59.43 -76.20 -47.32
N VAL G 242 -58.38 -75.49 -46.90
CA VAL G 242 -57.96 -74.24 -47.53
C VAL G 242 -56.55 -74.41 -48.05
N GLU G 243 -56.33 -74.07 -49.32
CA GLU G 243 -55.04 -74.23 -49.97
C GLU G 243 -54.61 -72.90 -50.56
N GLY G 244 -53.37 -72.50 -50.28
CA GLY G 244 -52.83 -71.26 -50.78
C GLY G 244 -51.92 -71.50 -51.97
N LEU G 245 -52.22 -70.79 -53.06
CA LEU G 245 -51.45 -70.88 -54.30
C LEU G 245 -50.77 -69.54 -54.56
N ASP G 246 -49.93 -69.53 -55.60
CA ASP G 246 -49.18 -68.32 -55.92
C ASP G 246 -50.06 -67.26 -56.58
N ASN G 247 -51.16 -67.68 -57.20
CA ASN G 247 -52.08 -66.76 -57.87
C ASN G 247 -53.52 -66.95 -57.40
N GLY G 248 -53.72 -67.24 -56.13
CA GLY G 248 -55.07 -67.35 -55.60
C GLY G 248 -55.13 -68.31 -54.44
N VAL G 249 -56.35 -68.48 -53.93
CA VAL G 249 -56.64 -69.39 -52.83
C VAL G 249 -57.79 -70.29 -53.26
N ILE G 250 -57.66 -71.59 -52.97
CA ILE G 250 -58.66 -72.58 -53.33
C ILE G 250 -59.23 -73.17 -52.05
N LEU G 251 -60.55 -73.08 -51.90
CA LEU G 251 -61.25 -73.60 -50.74
C LEU G 251 -62.12 -74.78 -51.15
N HIS G 252 -61.88 -75.93 -50.53
CA HIS G 252 -62.71 -77.11 -50.71
C HIS G 252 -63.67 -77.20 -49.53
N LEU G 253 -64.97 -77.15 -49.83
CA LEU G 253 -66.01 -77.17 -48.83
C LEU G 253 -66.41 -78.60 -48.50
N LYS G 254 -67.17 -78.75 -47.40
CA LYS G 254 -67.63 -80.07 -47.00
C LYS G 254 -68.69 -80.62 -47.96
N SER G 255 -69.32 -79.76 -48.74
CA SER G 255 -70.31 -80.20 -49.71
C SER G 255 -69.69 -80.72 -51.00
N GLY G 256 -68.39 -80.53 -51.19
CA GLY G 256 -67.70 -80.98 -52.37
C GLY G 256 -67.40 -79.88 -53.37
N LYS G 257 -67.93 -78.67 -53.18
CA LYS G 257 -67.67 -77.57 -54.09
C LYS G 257 -66.30 -76.97 -53.82
N LYS G 258 -65.59 -76.61 -54.89
CA LYS G 258 -64.29 -75.99 -54.81
C LYS G 258 -64.39 -74.57 -55.36
N ILE G 259 -63.94 -73.60 -54.58
CA ILE G 259 -64.01 -72.19 -54.95
C ILE G 259 -62.61 -71.62 -55.03
N LYS G 260 -62.27 -71.02 -56.17
CA LYS G 260 -60.96 -70.44 -56.40
C LYS G 260 -61.09 -68.93 -56.51
N ALA G 261 -60.23 -68.20 -55.81
CA ALA G 261 -60.25 -66.74 -55.86
C ALA G 261 -58.82 -66.22 -55.87
N ASP G 262 -58.68 -64.90 -55.85
CA ASP G 262 -57.39 -64.24 -55.79
C ASP G 262 -57.06 -63.71 -54.40
N ALA G 263 -57.90 -64.00 -53.41
CA ALA G 263 -57.69 -63.54 -52.04
C ALA G 263 -58.56 -64.38 -51.11
N PHE G 264 -58.52 -64.05 -49.83
CA PHE G 264 -59.30 -64.77 -48.83
C PHE G 264 -59.37 -63.92 -47.57
N LEU G 265 -60.56 -63.88 -46.96
CA LEU G 265 -60.79 -63.15 -45.73
C LEU G 265 -61.52 -64.04 -44.74
N TRP G 266 -61.09 -64.02 -43.49
CA TRP G 266 -61.69 -64.80 -42.42
C TRP G 266 -62.35 -63.87 -41.41
N SER G 267 -63.63 -64.10 -41.14
CA SER G 267 -64.38 -63.30 -40.18
C SER G 267 -65.29 -64.16 -39.33
N ASN G 268 -64.88 -65.40 -39.04
CA ASN G 268 -65.71 -66.35 -38.31
C ASN G 268 -65.33 -66.29 -36.83
N GLY G 269 -66.11 -65.51 -36.07
CA GLY G 269 -65.95 -65.45 -34.63
C GLY G 269 -64.74 -64.63 -34.20
N ARG G 270 -64.61 -64.51 -32.87
CA ARG G 270 -63.51 -63.78 -32.26
C ARG G 270 -63.12 -64.49 -30.96
N THR G 271 -61.89 -64.24 -30.53
CA THR G 271 -61.33 -64.88 -29.33
C THR G 271 -60.83 -63.82 -28.37
N GLY G 272 -61.08 -64.03 -27.08
CA GLY G 272 -60.63 -63.07 -26.08
C GLY G 272 -59.12 -63.03 -26.01
N ASN G 273 -58.59 -61.87 -25.61
CA ASN G 273 -57.14 -61.66 -25.52
C ASN G 273 -56.71 -61.89 -24.08
N THR G 274 -56.86 -63.13 -23.62
CA THR G 274 -56.60 -63.49 -22.24
C THR G 274 -55.41 -64.40 -22.03
N ASP G 275 -54.80 -64.93 -23.10
CA ASP G 275 -53.66 -65.83 -22.93
C ASP G 275 -52.47 -65.11 -22.31
N LYS G 276 -52.20 -63.88 -22.75
CA LYS G 276 -51.06 -63.13 -22.25
C LYS G 276 -51.32 -62.47 -20.90
N LEU G 277 -52.58 -62.41 -20.46
CA LEU G 277 -52.89 -61.72 -19.22
C LEU G 277 -52.39 -62.48 -17.99
N GLY G 278 -52.39 -63.81 -18.05
CA GLY G 278 -52.02 -64.61 -16.91
C GLY G 278 -53.13 -64.73 -15.88
N LEU G 279 -54.25 -65.34 -16.30
CA LEU G 279 -55.42 -65.41 -15.44
C LEU G 279 -55.24 -66.37 -14.28
N GLU G 280 -54.37 -67.38 -14.43
CA GLU G 280 -54.21 -68.39 -13.39
C GLU G 280 -53.57 -67.84 -12.13
N ASN G 281 -52.97 -66.63 -12.19
CA ASN G 281 -52.36 -66.04 -11.01
C ASN G 281 -53.36 -65.41 -10.07
N ILE G 282 -54.64 -65.31 -10.47
CA ILE G 282 -55.68 -64.72 -9.64
C ILE G 282 -56.87 -65.65 -9.44
N GLY G 283 -56.83 -66.85 -10.04
CA GLY G 283 -57.93 -67.79 -9.92
C GLY G 283 -59.03 -67.63 -10.93
N LEU G 284 -58.95 -66.63 -11.82
CA LEU G 284 -59.96 -66.45 -12.84
C LEU G 284 -59.69 -67.37 -14.03
N LYS G 285 -60.77 -67.79 -14.70
CA LYS G 285 -60.68 -68.72 -15.81
C LYS G 285 -61.46 -68.17 -17.00
N ALA G 286 -60.98 -68.46 -18.20
CA ALA G 286 -61.64 -68.08 -19.44
C ALA G 286 -62.13 -69.32 -20.17
N ASN G 287 -63.25 -69.18 -20.87
CA ASN G 287 -63.84 -70.30 -21.59
C ASN G 287 -63.06 -70.55 -22.88
N GLY G 288 -63.58 -71.43 -23.73
CA GLY G 288 -62.91 -71.77 -24.97
C GLY G 288 -62.74 -70.58 -25.90
N ARG G 289 -63.72 -69.67 -25.91
CA ARG G 289 -63.65 -68.48 -26.73
C ARG G 289 -62.84 -67.36 -26.09
N GLY G 290 -62.32 -67.56 -24.89
CA GLY G 290 -61.54 -66.56 -24.21
C GLY G 290 -62.34 -65.51 -23.47
N GLN G 291 -63.66 -65.64 -23.42
CA GLN G 291 -64.50 -64.68 -22.73
C GLN G 291 -64.44 -64.91 -21.23
N ILE G 292 -64.64 -63.84 -20.47
CA ILE G 292 -64.59 -63.88 -19.01
C ILE G 292 -65.99 -63.63 -18.47
N GLN G 293 -66.46 -64.54 -17.62
CA GLN G 293 -67.79 -64.44 -17.06
C GLN G 293 -67.87 -63.27 -16.08
N VAL G 294 -68.95 -62.49 -16.17
CA VAL G 294 -69.22 -61.40 -15.25
C VAL G 294 -70.70 -61.45 -14.87
N ASP G 295 -71.01 -60.87 -13.71
CA ASP G 295 -72.37 -60.83 -13.21
C ASP G 295 -73.07 -59.59 -13.77
N GLU G 296 -74.25 -59.28 -13.22
CA GLU G 296 -74.98 -58.09 -13.65
C GLU G 296 -74.24 -56.81 -13.30
N HIS G 297 -73.30 -56.86 -12.37
CA HIS G 297 -72.50 -55.70 -11.99
C HIS G 297 -71.16 -55.65 -12.70
N TYR G 298 -70.96 -56.49 -13.72
CA TYR G 298 -69.69 -56.58 -14.44
C TYR G 298 -68.53 -56.89 -13.50
N ARG G 299 -68.80 -57.68 -12.47
CA ARG G 299 -67.81 -58.06 -11.46
C ARG G 299 -67.44 -59.51 -11.67
N THR G 300 -66.13 -59.78 -11.69
CA THR G 300 -65.63 -61.14 -11.86
C THR G 300 -65.72 -61.89 -10.54
N GLU G 301 -65.08 -63.06 -10.48
CA GLU G 301 -65.06 -63.81 -9.22
C GLU G 301 -64.33 -63.04 -8.13
N VAL G 302 -63.22 -62.39 -8.50
CA VAL G 302 -62.54 -61.50 -7.55
C VAL G 302 -63.41 -60.29 -7.29
N SER G 303 -63.48 -59.87 -6.01
CA SER G 303 -64.34 -58.76 -5.63
C SER G 303 -63.87 -57.43 -6.22
N ASN G 304 -62.55 -57.22 -6.29
CA ASN G 304 -61.99 -55.95 -6.73
C ASN G 304 -61.57 -55.95 -8.20
N ILE G 305 -61.87 -57.03 -8.94
CA ILE G 305 -61.49 -57.15 -10.33
C ILE G 305 -62.77 -57.17 -11.18
N TYR G 306 -62.85 -56.26 -12.15
CA TYR G 306 -64.02 -56.11 -12.99
C TYR G 306 -63.63 -56.22 -14.46
N ALA G 307 -64.53 -56.76 -15.26
CA ALA G 307 -64.31 -56.90 -16.70
C ALA G 307 -65.53 -56.39 -17.45
N ALA G 308 -65.28 -55.77 -18.60
CA ALA G 308 -66.36 -55.22 -19.42
C ALA G 308 -65.90 -55.14 -20.87
N GLY G 309 -66.87 -55.04 -21.77
CA GLY G 309 -66.57 -54.90 -23.18
C GLY G 309 -66.43 -56.24 -23.89
N ASP G 310 -65.62 -56.24 -24.95
CA ASP G 310 -65.47 -57.43 -25.79
C ASP G 310 -64.86 -58.59 -25.02
N VAL G 311 -64.28 -58.34 -23.85
CA VAL G 311 -63.75 -59.43 -23.03
C VAL G 311 -64.87 -60.34 -22.56
N ILE G 312 -66.11 -59.84 -22.51
CA ILE G 312 -67.24 -60.67 -22.08
C ILE G 312 -67.96 -61.33 -23.25
N GLY G 313 -67.58 -61.01 -24.48
CA GLY G 313 -68.21 -61.63 -25.65
C GLY G 313 -69.40 -60.80 -26.16
N TRP G 314 -70.60 -61.30 -25.90
CA TRP G 314 -71.80 -60.59 -26.32
C TRP G 314 -71.90 -59.26 -25.60
N PRO G 315 -72.34 -58.18 -26.29
CA PRO G 315 -72.72 -58.12 -27.70
C PRO G 315 -71.57 -57.73 -28.62
N SER G 316 -70.38 -57.48 -28.07
CA SER G 316 -69.19 -57.12 -28.85
C SER G 316 -69.45 -55.90 -29.73
N LEU G 317 -69.96 -54.84 -29.12
CA LEU G 317 -70.22 -53.58 -29.82
C LEU G 317 -69.47 -52.46 -29.12
N ALA G 318 -68.87 -51.57 -29.93
CA ALA G 318 -68.02 -50.52 -29.39
C ALA G 318 -68.80 -49.58 -28.47
N SER G 319 -69.98 -49.14 -28.89
CA SER G 319 -70.82 -48.32 -28.03
C SER G 319 -71.28 -49.12 -26.81
N ALA G 320 -71.66 -50.38 -27.03
CA ALA G 320 -72.04 -51.23 -25.92
C ALA G 320 -70.87 -51.48 -24.99
N ALA G 321 -69.67 -51.67 -25.54
CA ALA G 321 -68.48 -51.83 -24.70
C ALA G 321 -68.21 -50.58 -23.89
N TYR G 322 -68.34 -49.40 -24.50
CA TYR G 322 -68.12 -48.15 -23.78
C TYR G 322 -69.10 -48.00 -22.64
N ASP G 323 -70.38 -48.26 -22.90
CA ASP G 323 -71.39 -48.16 -21.85
C ASP G 323 -71.18 -49.19 -20.77
N GLN G 324 -70.74 -50.40 -21.14
CA GLN G 324 -70.48 -51.45 -20.16
C GLN G 324 -69.30 -51.07 -19.27
N GLY G 325 -68.25 -50.50 -19.85
CA GLY G 325 -67.14 -50.04 -19.04
C GLY G 325 -67.53 -48.90 -18.11
N ARG G 326 -68.36 -47.99 -18.60
CA ARG G 326 -68.87 -46.91 -17.74
C ARG G 326 -69.68 -47.48 -16.58
N SER G 327 -70.55 -48.46 -16.87
CA SER G 327 -71.34 -49.09 -15.81
C SER G 327 -70.47 -49.83 -14.81
N ALA G 328 -69.42 -50.51 -15.30
CA ALA G 328 -68.51 -51.21 -14.39
C ALA G 328 -67.78 -50.23 -13.49
N ALA G 329 -67.32 -49.11 -14.05
CA ALA G 329 -66.67 -48.08 -13.23
C ALA G 329 -67.65 -47.51 -12.20
N GLY G 330 -68.90 -47.28 -12.62
CA GLY G 330 -69.90 -46.79 -11.67
C GLY G 330 -70.17 -47.77 -10.55
N SER G 331 -70.24 -49.06 -10.88
CA SER G 331 -70.41 -50.08 -9.85
C SER G 331 -69.21 -50.11 -8.91
N ILE G 332 -68.01 -49.92 -9.46
CA ILE G 332 -66.81 -49.84 -8.62
C ILE G 332 -66.91 -48.68 -7.64
N THR G 333 -67.32 -47.51 -8.15
CA THR G 333 -67.45 -46.32 -7.31
C THR G 333 -68.78 -46.25 -6.58
N GLU G 334 -69.77 -47.03 -6.99
CA GLU G 334 -71.10 -47.05 -6.37
C GLU G 334 -71.70 -45.65 -6.30
N ASN G 335 -71.58 -44.92 -7.41
CA ASN G 335 -72.13 -43.57 -7.52
C ASN G 335 -73.47 -43.55 -8.26
N ASP G 336 -74.21 -44.65 -8.23
CA ASP G 336 -75.52 -44.84 -8.83
C ASP G 336 -75.45 -44.88 -10.37
N SER G 337 -74.27 -44.63 -10.95
CA SER G 337 -74.10 -44.65 -12.39
C SER G 337 -74.17 -46.06 -13.00
N TRP G 338 -74.17 -47.10 -12.16
CA TRP G 338 -74.21 -48.45 -12.68
C TRP G 338 -75.55 -48.77 -13.32
N ARG G 339 -75.52 -49.50 -14.42
CA ARG G 339 -76.72 -50.00 -15.08
C ARG G 339 -76.31 -51.11 -16.03
N PHE G 340 -76.91 -52.29 -15.88
CA PHE G 340 -76.56 -53.44 -16.70
C PHE G 340 -77.03 -53.22 -18.13
N VAL G 341 -76.08 -53.09 -19.05
CA VAL G 341 -76.39 -52.87 -20.46
C VAL G 341 -76.89 -54.19 -21.03
N ASP G 342 -78.16 -54.24 -21.40
CA ASP G 342 -78.77 -55.43 -21.95
C ASP G 342 -79.41 -55.22 -23.31
N ASP G 343 -80.07 -54.08 -23.53
CA ASP G 343 -80.73 -53.79 -24.79
C ASP G 343 -79.82 -52.89 -25.62
N VAL G 344 -79.17 -53.47 -26.62
CA VAL G 344 -78.28 -52.75 -27.52
C VAL G 344 -78.88 -52.81 -28.92
N PRO G 345 -79.18 -51.67 -29.56
CA PRO G 345 -79.73 -51.70 -30.91
C PRO G 345 -78.69 -52.22 -31.90
N THR G 346 -78.96 -53.40 -32.46
CA THR G 346 -78.01 -54.02 -33.37
C THR G 346 -77.88 -53.19 -34.64
N GLY G 347 -76.65 -53.06 -35.13
CA GLY G 347 -76.38 -52.28 -36.32
C GLY G 347 -75.32 -52.88 -37.22
N ILE G 348 -75.68 -53.10 -38.48
CA ILE G 348 -74.77 -53.65 -39.49
C ILE G 348 -74.54 -52.54 -40.51
N TYR G 349 -73.31 -52.05 -40.59
CA TYR G 349 -72.98 -50.92 -41.45
C TYR G 349 -72.51 -51.40 -42.83
N THR G 350 -73.40 -52.12 -43.51
CA THR G 350 -73.19 -52.48 -44.90
C THR G 350 -73.66 -51.33 -45.79
N ILE G 351 -73.74 -51.58 -47.08
CA ILE G 351 -74.25 -50.61 -48.05
C ILE G 351 -75.52 -51.19 -48.67
N PRO G 352 -76.71 -50.73 -48.25
CA PRO G 352 -76.99 -49.71 -47.24
C PRO G 352 -76.97 -50.26 -45.81
N GLU G 353 -77.22 -49.41 -44.82
CA GLU G 353 -77.11 -49.81 -43.43
C GLU G 353 -78.33 -50.61 -42.99
N ILE G 354 -78.18 -51.28 -41.84
CA ILE G 354 -79.24 -52.06 -41.21
C ILE G 354 -79.18 -51.79 -39.72
N SER G 355 -80.35 -51.63 -39.10
CA SER G 355 -80.37 -51.47 -37.65
C SER G 355 -81.70 -51.99 -37.11
N SER G 356 -81.69 -52.37 -35.83
CA SER G 356 -82.88 -52.92 -35.22
C SER G 356 -82.82 -52.73 -33.70
N VAL G 357 -83.99 -52.52 -33.11
CA VAL G 357 -84.14 -52.39 -31.67
C VAL G 357 -85.41 -53.13 -31.26
N GLY G 358 -85.32 -53.86 -30.15
CA GLY G 358 -86.48 -54.56 -29.64
C GLY G 358 -86.68 -55.92 -30.29
N LYS G 359 -87.89 -56.45 -30.10
CA LYS G 359 -88.22 -57.78 -30.58
C LYS G 359 -88.38 -57.79 -32.10
N THR G 360 -88.17 -58.96 -32.69
CA THR G 360 -88.40 -59.16 -34.11
C THR G 360 -89.79 -59.76 -34.33
N GLU G 361 -90.13 -59.99 -35.60
CA GLU G 361 -91.44 -60.54 -35.93
C GLU G 361 -91.54 -62.01 -35.53
N ARG G 362 -90.44 -62.76 -35.67
CA ARG G 362 -90.47 -64.18 -35.33
C ARG G 362 -90.70 -64.38 -33.84
N GLU G 363 -90.03 -63.60 -33.00
CA GLU G 363 -90.22 -63.71 -31.56
C GLU G 363 -91.63 -63.30 -31.16
N LEU G 364 -92.16 -62.26 -31.79
CA LEU G 364 -93.53 -61.84 -31.49
C LEU G 364 -94.53 -62.92 -31.88
N THR G 365 -94.32 -63.56 -33.04
CA THR G 365 -95.18 -64.67 -33.44
C THR G 365 -95.09 -65.84 -32.47
N GLN G 366 -93.87 -66.15 -32.02
CA GLN G 366 -93.70 -67.23 -31.05
C GLN G 366 -94.41 -66.91 -29.73
N ALA G 367 -94.33 -65.67 -29.28
CA ALA G 367 -94.99 -65.25 -28.05
C ALA G 367 -96.47 -64.95 -28.24
N LYS G 368 -96.96 -64.99 -29.48
CA LYS G 368 -98.38 -64.78 -29.78
C LYS G 368 -98.88 -63.41 -29.31
N VAL G 369 -98.00 -62.42 -29.34
CA VAL G 369 -98.39 -61.05 -28.97
C VAL G 369 -99.25 -60.47 -30.10
N PRO G 370 -100.41 -59.90 -29.80
CA PRO G 370 -101.24 -59.32 -30.87
C PRO G 370 -100.67 -58.00 -31.38
N TYR G 371 -99.71 -58.09 -32.29
CA TYR G 371 -99.00 -56.93 -32.80
C TYR G 371 -99.50 -56.57 -34.20
N GLU G 372 -98.96 -55.48 -34.74
CA GLU G 372 -99.26 -55.05 -36.09
C GLU G 372 -98.03 -54.34 -36.65
N VAL G 373 -97.98 -54.26 -37.98
CA VAL G 373 -96.78 -53.82 -38.71
C VAL G 373 -97.12 -52.54 -39.45
N GLY G 374 -96.26 -51.53 -39.29
CA GLY G 374 -96.32 -50.31 -40.07
C GLY G 374 -95.09 -50.13 -40.92
N LYS G 375 -95.25 -50.04 -42.22
CA LYS G 375 -94.13 -49.99 -43.16
C LYS G 375 -94.03 -48.62 -43.82
N ALA G 376 -92.80 -48.21 -44.10
CA ALA G 376 -92.52 -46.98 -44.82
C ALA G 376 -91.36 -47.25 -45.77
N PHE G 377 -91.63 -47.21 -47.07
CA PHE G 377 -90.63 -47.54 -48.08
C PHE G 377 -89.84 -46.31 -48.47
N PHE G 378 -88.52 -46.45 -48.49
CA PHE G 378 -87.63 -45.34 -48.80
C PHE G 378 -87.79 -44.83 -50.23
N LYS G 379 -88.25 -45.69 -51.14
CA LYS G 379 -88.30 -45.32 -52.55
C LYS G 379 -89.25 -44.16 -52.81
N GLY G 380 -90.29 -44.02 -52.00
CA GLY G 380 -91.30 -43.00 -52.23
C GLY G 380 -91.14 -41.70 -51.45
N MET G 381 -90.04 -41.53 -50.73
CA MET G 381 -89.85 -40.36 -49.88
C MET G 381 -88.86 -39.38 -50.51
N ALA G 382 -89.06 -38.09 -50.18
CA ALA G 382 -88.26 -37.04 -50.81
C ALA G 382 -86.78 -37.15 -50.44
N ARG G 383 -86.49 -37.32 -49.14
CA ARG G 383 -85.10 -37.28 -48.70
C ARG G 383 -84.29 -38.43 -49.31
N ALA G 384 -84.86 -39.62 -49.35
CA ALA G 384 -84.15 -40.75 -49.96
C ALA G 384 -83.96 -40.55 -51.46
N GLN G 385 -84.96 -39.98 -52.13
CA GLN G 385 -84.83 -39.71 -53.55
C GLN G 385 -83.72 -38.70 -53.83
N ILE G 386 -83.62 -37.65 -53.02
CA ILE G 386 -82.54 -36.68 -53.17
C ILE G 386 -81.20 -37.34 -52.87
N ALA G 387 -81.15 -38.20 -51.85
CA ALA G 387 -79.91 -38.90 -51.54
C ALA G 387 -79.59 -39.96 -52.59
N VAL G 388 -80.52 -40.24 -53.49
CA VAL G 388 -80.36 -41.21 -54.58
C VAL G 388 -80.15 -42.60 -53.98
N GLU G 389 -80.52 -42.76 -52.70
CA GLU G 389 -80.52 -44.06 -52.05
C GLU G 389 -81.97 -44.54 -52.00
N LYS G 390 -82.46 -44.98 -53.16
CA LYS G 390 -83.86 -45.35 -53.29
C LYS G 390 -84.20 -46.65 -52.55
N ALA G 391 -83.33 -47.65 -52.64
CA ALA G 391 -83.60 -48.92 -51.99
C ALA G 391 -83.56 -48.77 -50.47
N GLY G 392 -84.48 -49.44 -49.80
CA GLY G 392 -84.56 -49.41 -48.35
C GLY G 392 -85.99 -49.35 -47.86
N MET G 393 -86.18 -49.71 -46.60
CA MET G 393 -87.50 -49.71 -45.98
C MET G 393 -87.35 -49.61 -44.47
N LEU G 394 -88.42 -49.17 -43.82
CA LEU G 394 -88.49 -49.08 -42.37
C LEU G 394 -89.74 -49.79 -41.90
N LYS G 395 -89.58 -50.69 -40.93
CA LYS G 395 -90.69 -51.47 -40.38
C LYS G 395 -90.79 -51.21 -38.88
N ILE G 396 -92.00 -50.92 -38.42
CA ILE G 396 -92.27 -50.69 -37.01
C ILE G 396 -93.30 -51.73 -36.55
N LEU G 397 -93.10 -52.26 -35.34
CA LEU G 397 -94.02 -53.23 -34.76
C LEU G 397 -94.68 -52.58 -33.55
N PHE G 398 -96.01 -52.50 -33.56
CA PHE G 398 -96.73 -51.83 -32.49
C PHE G 398 -97.88 -52.70 -32.01
N HIS G 399 -98.15 -52.65 -30.71
CA HIS G 399 -99.25 -53.41 -30.13
C HIS G 399 -100.57 -52.95 -30.73
N ARG G 400 -101.40 -53.91 -31.13
CA ARG G 400 -102.61 -53.58 -31.88
C ARG G 400 -103.75 -53.08 -30.99
N GLU G 401 -103.61 -53.17 -29.67
CA GLU G 401 -104.63 -52.69 -28.76
C GLU G 401 -104.17 -51.50 -27.93
N THR G 402 -103.03 -51.64 -27.25
CA THR G 402 -102.50 -50.58 -26.40
C THR G 402 -101.60 -49.61 -27.15
N LEU G 403 -101.36 -49.85 -28.44
CA LEU G 403 -100.51 -49.01 -29.29
C LEU G 403 -99.08 -48.92 -28.77
N GLU G 404 -98.65 -49.90 -27.98
CA GLU G 404 -97.28 -49.94 -27.49
C GLU G 404 -96.33 -50.41 -28.58
N ILE G 405 -95.15 -49.80 -28.64
CA ILE G 405 -94.16 -50.16 -29.64
C ILE G 405 -93.27 -51.26 -29.09
N LEU G 406 -93.18 -52.37 -29.82
CA LEU G 406 -92.43 -53.53 -29.36
C LEU G 406 -91.13 -53.77 -30.12
N GLY G 407 -90.99 -53.23 -31.33
CA GLY G 407 -89.77 -53.41 -32.09
C GLY G 407 -89.70 -52.56 -33.34
N VAL G 408 -88.53 -51.99 -33.63
CA VAL G 408 -88.33 -51.16 -34.80
C VAL G 408 -87.16 -51.74 -35.60
N HIS G 409 -87.39 -51.99 -36.88
CA HIS G 409 -86.38 -52.50 -37.79
C HIS G 409 -86.27 -51.56 -38.98
N CYS G 410 -85.04 -51.16 -39.31
CA CYS G 410 -84.83 -50.26 -40.43
C CYS G 410 -83.67 -50.76 -41.28
N PHE G 411 -83.78 -50.55 -42.59
CA PHE G 411 -82.74 -50.95 -43.54
C PHE G 411 -82.75 -49.96 -44.69
N GLY G 412 -81.62 -49.33 -44.94
CA GLY G 412 -81.50 -48.39 -46.02
C GLY G 412 -80.51 -47.29 -45.67
N TYR G 413 -80.86 -46.07 -46.06
CA TYR G 413 -79.98 -44.92 -45.88
C TYR G 413 -80.21 -44.29 -44.51
N GLN G 414 -79.11 -44.06 -43.79
CA GLN G 414 -79.14 -43.46 -42.44
C GLN G 414 -80.04 -44.27 -41.51
N ALA G 415 -79.90 -45.59 -41.55
CA ALA G 415 -80.70 -46.47 -40.71
C ALA G 415 -80.32 -46.31 -39.24
N SER G 416 -79.02 -46.21 -38.96
CA SER G 416 -78.56 -46.12 -37.57
C SER G 416 -79.10 -44.87 -36.88
N GLU G 417 -79.06 -43.74 -37.57
CA GLU G 417 -79.60 -42.51 -37.00
C GLU G 417 -81.12 -42.53 -36.93
N ILE G 418 -81.76 -43.28 -37.82
CA ILE G 418 -83.23 -43.37 -37.82
C ILE G 418 -83.71 -44.16 -36.61
N VAL G 419 -83.06 -45.30 -36.33
CA VAL G 419 -83.53 -46.22 -35.29
C VAL G 419 -83.50 -45.58 -33.90
N HIS G 420 -82.68 -44.55 -33.70
CA HIS G 420 -82.55 -43.96 -32.37
C HIS G 420 -83.85 -43.31 -31.90
N ILE G 421 -84.63 -42.72 -32.80
CA ILE G 421 -85.91 -42.11 -32.39
C ILE G 421 -86.87 -43.18 -31.91
N GLY G 422 -86.97 -44.29 -32.65
CA GLY G 422 -87.80 -45.40 -32.21
C GLY G 422 -87.32 -45.98 -30.89
N GLN G 423 -85.99 -46.03 -30.69
CA GLN G 423 -85.46 -46.47 -29.41
C GLN G 423 -85.88 -45.52 -28.29
N ALA G 424 -85.81 -44.22 -28.55
CA ALA G 424 -86.18 -43.24 -27.52
C ALA G 424 -87.64 -43.39 -27.12
N ILE G 425 -88.52 -43.57 -28.10
CA ILE G 425 -89.93 -43.76 -27.77
C ILE G 425 -90.15 -45.11 -27.08
N MET G 426 -89.42 -46.14 -27.51
CA MET G 426 -89.59 -47.48 -26.93
C MET G 426 -89.28 -47.49 -25.44
N ASN G 427 -88.21 -46.78 -25.04
CA ASN G 427 -87.75 -46.82 -23.66
C ASN G 427 -88.72 -46.16 -22.68
N GLN G 428 -89.71 -45.41 -23.16
CA GLN G 428 -90.69 -44.81 -22.27
C GLN G 428 -91.55 -45.89 -21.62
N LYS G 429 -92.09 -45.55 -20.45
CA LYS G 429 -92.82 -46.50 -19.61
C LYS G 429 -94.32 -46.27 -19.74
N GLY G 430 -95.08 -47.37 -19.73
CA GLY G 430 -96.53 -47.26 -19.74
C GLY G 430 -97.07 -46.70 -21.03
N GLU G 431 -98.11 -45.89 -20.93
CA GLU G 431 -98.76 -45.31 -22.10
C GLU G 431 -97.87 -44.31 -22.83
N ALA G 432 -96.77 -43.88 -22.22
CA ALA G 432 -95.87 -42.94 -22.89
C ALA G 432 -95.27 -43.57 -24.14
N ASN G 433 -94.88 -44.84 -24.06
CA ASN G 433 -94.37 -45.58 -25.21
C ASN G 433 -95.56 -45.95 -26.10
N THR G 434 -95.98 -45.00 -26.92
CA THR G 434 -97.14 -45.16 -27.78
C THR G 434 -96.79 -44.74 -29.21
N LEU G 435 -97.49 -45.35 -30.17
CA LEU G 435 -97.29 -44.98 -31.57
C LEU G 435 -97.89 -43.62 -31.86
N LYS G 436 -98.89 -43.20 -31.08
CA LYS G 436 -99.59 -41.94 -31.34
C LYS G 436 -98.70 -40.72 -31.19
N TYR G 437 -97.52 -40.88 -30.59
CA TYR G 437 -96.56 -39.77 -30.58
C TYR G 437 -96.17 -39.39 -32.00
N PHE G 438 -95.93 -40.40 -32.85
CA PHE G 438 -95.43 -40.13 -34.20
C PHE G 438 -96.45 -39.44 -35.06
N ILE G 439 -97.72 -39.41 -34.64
CA ILE G 439 -98.76 -38.70 -35.37
C ILE G 439 -99.09 -37.36 -34.72
N ASN G 440 -98.71 -37.14 -33.47
CA ASN G 440 -98.97 -35.89 -32.76
C ASN G 440 -97.73 -35.02 -32.63
N THR G 441 -96.65 -35.35 -33.35
CA THR G 441 -95.39 -34.61 -33.26
C THR G 441 -94.97 -34.14 -34.64
N THR G 442 -94.54 -32.89 -34.72
CA THR G 442 -94.08 -32.30 -35.97
C THR G 442 -92.58 -32.51 -36.12
N PHE G 443 -92.18 -33.13 -37.21
CA PHE G 443 -90.78 -33.36 -37.52
C PHE G 443 -90.28 -32.28 -38.48
N ASN G 444 -89.03 -32.43 -38.92
CA ASN G 444 -88.49 -31.61 -39.99
C ASN G 444 -88.74 -32.29 -41.34
N TYR G 445 -88.70 -31.50 -42.40
CA TYR G 445 -88.97 -32.04 -43.72
C TYR G 445 -88.20 -31.23 -44.75
N PRO G 446 -87.60 -31.87 -45.76
CA PRO G 446 -87.60 -33.31 -46.03
C PRO G 446 -86.42 -34.01 -45.35
N THR G 447 -86.70 -34.92 -44.42
CA THR G 447 -85.66 -35.67 -43.72
C THR G 447 -86.01 -37.14 -43.74
N MET G 448 -85.08 -37.96 -43.22
CA MET G 448 -85.31 -39.39 -43.10
C MET G 448 -86.34 -39.73 -42.03
N ALA G 449 -86.47 -38.91 -40.99
CA ALA G 449 -87.37 -39.22 -39.88
C ALA G 449 -88.83 -39.22 -40.32
N GLU G 450 -89.15 -38.53 -41.41
CA GLU G 450 -90.52 -38.46 -41.89
C GLU G 450 -91.11 -39.84 -42.10
N ALA G 451 -90.26 -40.83 -42.45
CA ALA G 451 -90.71 -42.20 -42.63
C ALA G 451 -91.52 -42.67 -41.43
N TYR G 452 -91.02 -42.39 -40.21
CA TYR G 452 -91.73 -42.79 -39.02
C TYR G 452 -93.19 -42.34 -39.08
N ARG G 453 -93.40 -41.06 -39.36
CA ARG G 453 -94.74 -40.54 -39.54
C ARG G 453 -95.55 -41.44 -40.46
N VAL G 454 -95.08 -41.60 -41.70
CA VAL G 454 -95.79 -42.44 -42.66
C VAL G 454 -95.96 -43.84 -42.08
N ALA G 455 -94.88 -44.40 -41.54
CA ALA G 455 -94.94 -45.74 -40.98
C ALA G 455 -96.04 -45.82 -39.93
N ALA G 456 -96.06 -44.83 -39.02
CA ALA G 456 -97.08 -44.83 -37.98
C ALA G 456 -98.47 -44.90 -38.59
N TYR G 457 -98.72 -44.04 -39.58
CA TYR G 457 -100.04 -44.01 -40.18
C TYR G 457 -100.31 -45.29 -40.96
N ASP G 458 -99.27 -45.89 -41.53
CA ASP G 458 -99.44 -47.17 -42.22
C ASP G 458 -99.91 -48.24 -41.26
N GLY G 459 -99.54 -48.12 -39.98
CA GLY G 459 -100.10 -48.99 -38.96
C GLY G 459 -101.54 -48.66 -38.64
N LEU G 460 -101.85 -47.37 -38.58
CA LEU G 460 -103.15 -46.93 -38.11
C LEU G 460 -104.28 -47.32 -39.06
N ASN G 461 -103.97 -47.55 -40.34
CA ASN G 461 -104.99 -48.01 -41.27
C ASN G 461 -105.29 -49.49 -41.10
N ARG G 462 -104.39 -50.24 -40.46
CA ARG G 462 -104.51 -51.68 -40.36
C ARG G 462 -105.17 -52.14 -39.05
N LEU G 463 -105.62 -51.22 -38.22
CA LEU G 463 -106.29 -51.59 -36.98
C LEU G 463 -107.80 -51.52 -37.12
N VAL H 3 14.21 34.17 -11.04
CA VAL H 3 13.99 35.55 -10.62
C VAL H 3 13.08 35.58 -9.40
N TYR H 4 13.69 35.67 -8.22
CA TYR H 4 12.92 35.74 -6.98
C TYR H 4 12.82 37.17 -6.48
N ASN H 5 11.84 37.42 -5.61
CA ASN H 5 11.56 38.75 -5.09
C ASN H 5 11.51 38.72 -3.58
N TYR H 6 12.11 39.74 -2.96
CA TYR H 6 12.10 39.89 -1.51
C TYR H 6 12.15 41.39 -1.20
N ASP H 7 11.82 41.74 0.05
CA ASP H 7 11.93 43.13 0.45
C ASP H 7 13.40 43.55 0.58
N VAL H 8 14.21 42.74 1.27
CA VAL H 8 15.60 43.08 1.52
C VAL H 8 16.47 41.85 1.29
N VAL H 9 17.62 42.06 0.67
CA VAL H 9 18.60 41.01 0.43
C VAL H 9 19.88 41.36 1.20
N VAL H 10 20.63 40.33 1.56
CA VAL H 10 21.86 40.47 2.32
C VAL H 10 22.95 39.69 1.60
N ILE H 11 24.14 40.30 1.49
CA ILE H 11 25.30 39.65 0.90
C ILE H 11 26.27 39.34 2.03
N GLY H 12 26.58 38.05 2.21
CA GLY H 12 27.45 37.65 3.30
C GLY H 12 26.68 37.14 4.50
N THR H 13 27.08 35.98 5.03
CA THR H 13 26.41 35.35 6.15
C THR H 13 27.26 35.41 7.42
N GLY H 14 28.05 36.47 7.57
CA GLY H 14 28.81 36.68 8.78
C GLY H 14 27.95 37.31 9.86
N PRO H 15 28.59 37.80 10.93
CA PRO H 15 27.81 38.47 11.98
C PRO H 15 27.01 39.66 11.50
N ALA H 16 27.58 40.46 10.59
CA ALA H 16 26.85 41.62 10.08
C ALA H 16 25.64 41.19 9.27
N GLY H 17 25.84 40.27 8.33
CA GLY H 17 24.73 39.80 7.52
C GLY H 17 23.67 39.09 8.34
N GLU H 18 24.10 38.22 9.26
CA GLU H 18 23.15 37.51 10.10
C GLU H 18 22.34 38.48 10.96
N GLY H 19 23.01 39.46 11.56
CA GLY H 19 22.30 40.42 12.38
C GLY H 19 21.33 41.26 11.57
N ALA H 20 21.76 41.69 10.38
CA ALA H 20 20.88 42.47 9.52
C ALA H 20 19.65 41.67 9.11
N ALA H 21 19.85 40.41 8.73
CA ALA H 21 18.73 39.56 8.34
C ALA H 21 17.78 39.32 9.51
N MET H 22 18.33 39.07 10.69
CA MET H 22 17.48 38.81 11.86
C MET H 22 16.67 40.05 12.24
N ASN H 23 17.32 41.23 12.24
CA ASN H 23 16.61 42.44 12.61
C ASN H 23 15.56 42.81 11.55
N ALA H 24 15.86 42.56 10.28
CA ALA H 24 14.90 42.87 9.23
C ALA H 24 13.70 41.93 9.28
N VAL H 25 13.94 40.63 9.51
CA VAL H 25 12.82 39.69 9.59
C VAL H 25 12.03 39.90 10.88
N LYS H 26 12.67 40.45 11.91
CA LYS H 26 11.94 40.79 13.13
C LYS H 26 10.90 41.88 12.87
N ALA H 27 11.14 42.74 11.89
CA ALA H 27 10.20 43.80 11.54
C ALA H 27 8.99 43.30 10.76
N GLY H 28 8.88 42.00 10.52
CA GLY H 28 7.76 41.44 9.80
C GLY H 28 7.92 41.42 8.29
N ARG H 29 9.05 41.87 7.77
CA ARG H 29 9.28 41.91 6.33
C ARG H 29 9.76 40.55 5.82
N LYS H 30 10.10 40.51 4.54
CA LYS H 30 10.63 39.31 3.90
C LYS H 30 12.09 39.56 3.54
N VAL H 31 12.96 38.63 3.94
CA VAL H 31 14.40 38.83 3.81
C VAL H 31 15.00 37.66 3.04
N ALA H 32 16.17 37.90 2.46
CA ALA H 32 16.94 36.87 1.78
C ALA H 32 18.42 37.07 2.06
N VAL H 33 19.17 35.97 1.99
CA VAL H 33 20.61 36.01 2.22
C VAL H 33 21.32 35.27 1.09
N VAL H 34 22.53 35.71 0.78
CA VAL H 34 23.36 35.11 -0.27
C VAL H 34 24.78 34.95 0.27
N ASP H 35 25.40 33.80 0.00
CA ASP H 35 26.75 33.54 0.44
C ASP H 35 27.49 32.78 -0.66
N ASP H 36 28.81 32.98 -0.72
CA ASP H 36 29.65 32.31 -1.69
C ASP H 36 30.27 31.03 -1.15
N ARG H 37 30.08 30.71 0.14
CA ARG H 37 30.59 29.50 0.75
C ARG H 37 29.51 28.43 0.81
N PRO H 38 29.89 27.15 0.83
CA PRO H 38 28.89 26.08 0.94
C PRO H 38 28.13 26.07 2.25
N GLN H 39 28.62 26.74 3.29
CA GLN H 39 27.98 26.77 4.59
C GLN H 39 27.88 28.19 5.10
N VAL H 40 26.91 28.42 5.98
CA VAL H 40 26.67 29.74 6.56
C VAL H 40 27.66 29.98 7.69
N GLY H 41 27.74 31.24 8.15
CA GLY H 41 28.62 31.58 9.24
C GLY H 41 29.66 32.62 8.89
N GLY H 42 30.22 32.53 7.69
CA GLY H 42 31.22 33.50 7.28
C GLY H 42 32.56 33.24 7.93
N ASN H 43 33.41 34.28 7.90
CA ASN H 43 34.74 34.17 8.50
C ASN H 43 34.67 34.08 10.02
N CYS H 44 33.59 34.61 10.63
CA CYS H 44 33.48 34.56 12.08
C CYS H 44 33.48 33.12 12.59
N THR H 45 33.02 32.18 11.77
CA THR H 45 32.95 30.78 12.17
C THR H 45 33.93 29.89 11.41
N HIS H 46 34.12 30.12 10.11
CA HIS H 46 34.81 29.15 9.28
C HIS H 46 36.32 29.31 9.28
N LEU H 47 36.82 30.53 9.09
CA LEU H 47 38.25 30.76 8.94
C LEU H 47 38.83 31.80 9.88
N GLY H 48 38.01 32.53 10.62
CA GLY H 48 38.51 33.62 11.46
C GLY H 48 38.41 33.38 12.94
N THR H 49 37.36 33.93 13.55
CA THR H 49 37.26 34.00 15.01
C THR H 49 37.30 32.61 15.64
N ILE H 50 36.42 31.72 15.20
CA ILE H 50 36.23 30.42 15.85
C ILE H 50 37.46 29.54 15.77
N PRO H 51 38.11 29.35 14.61
CA PRO H 51 39.30 28.48 14.59
C PRO H 51 40.44 29.01 15.45
N SER H 52 40.70 30.33 15.39
CA SER H 52 41.75 30.91 16.19
C SER H 52 41.45 30.79 17.68
N LYS H 53 40.18 31.01 18.06
CA LYS H 53 39.80 30.87 19.47
C LYS H 53 39.94 29.43 19.94
N ALA H 54 39.57 28.46 19.09
CA ALA H 54 39.73 27.06 19.45
C ALA H 54 41.21 26.72 19.62
N LEU H 55 42.06 27.22 18.72
CA LEU H 55 43.50 27.03 18.87
C LEU H 55 43.99 27.62 20.18
N ARG H 56 43.51 28.81 20.52
CA ARG H 56 43.92 29.47 21.75
C ARG H 56 43.51 28.67 22.98
N HIS H 57 42.27 28.20 23.01
CA HIS H 57 41.80 27.44 24.17
C HIS H 57 42.54 26.11 24.30
N SER H 58 42.77 25.44 23.17
CA SER H 58 43.52 24.18 23.22
C SER H 58 44.94 24.40 23.70
N VAL H 59 45.60 25.46 23.22
CA VAL H 59 46.97 25.74 23.65
C VAL H 59 46.99 26.09 25.13
N ARG H 60 46.02 26.86 25.60
CA ARG H 60 45.95 27.21 27.02
C ARG H 60 45.75 25.96 27.88
N GLN H 61 44.87 25.06 27.44
CA GLN H 61 44.67 23.81 28.18
C GLN H 61 45.93 22.96 28.17
N ILE H 62 46.63 22.93 27.05
CA ILE H 62 47.88 22.17 26.96
C ILE H 62 48.90 22.72 27.95
N MET H 63 49.03 24.05 27.99
CA MET H 63 49.97 24.68 28.92
C MET H 63 49.58 24.41 30.37
N GLN H 64 48.29 24.51 30.67
CA GLN H 64 47.81 24.25 32.03
C GLN H 64 48.12 22.81 32.44
N TYR H 65 47.88 21.85 31.56
CA TYR H 65 48.20 20.46 31.86
C TYR H 65 49.70 20.27 32.04
N ASN H 66 50.50 20.91 31.19
CA ASN H 66 51.95 20.74 31.26
C ASN H 66 52.52 21.30 32.55
N ASN H 67 52.06 22.46 32.98
CA ASN H 67 52.61 23.10 34.17
C ASN H 67 51.91 22.70 35.46
N ASN H 68 50.89 21.86 35.39
CA ASN H 68 50.18 21.44 36.59
C ASN H 68 50.93 20.29 37.26
N PRO H 69 51.32 20.43 38.53
CA PRO H 69 52.01 19.32 39.22
C PRO H 69 51.17 18.07 39.34
N LEU H 70 49.85 18.19 39.39
CA LEU H 70 48.99 17.02 39.60
C LEU H 70 49.09 16.04 38.44
N PHE H 71 49.11 16.54 37.21
CA PHE H 71 49.17 15.68 36.04
C PHE H 71 50.58 15.16 35.75
N ARG H 72 51.60 15.69 36.42
CA ARG H 72 52.97 15.25 36.15
C ARG H 72 53.24 13.84 36.67
N GLN H 73 52.45 13.36 37.63
CA GLN H 73 52.63 12.01 38.13
C GLN H 73 52.32 10.97 37.06
N ILE H 74 51.39 11.28 36.15
CA ILE H 74 51.04 10.34 35.09
C ILE H 74 52.23 10.10 34.18
N GLY H 75 52.93 11.15 33.78
CA GLY H 75 54.09 10.99 32.94
C GLY H 75 54.69 12.34 32.58
N GLU H 76 55.76 12.28 31.80
CA GLU H 76 56.45 13.48 31.35
C GLU H 76 55.62 14.20 30.28
N PRO H 77 55.81 15.50 30.13
CA PRO H 77 55.06 16.24 29.11
C PRO H 77 55.31 15.70 27.70
N ARG H 78 54.25 15.62 26.92
CA ARG H 78 54.31 15.14 25.54
C ARG H 78 53.86 16.25 24.61
N TRP H 79 54.70 16.59 23.64
CA TRP H 79 54.35 17.61 22.67
C TRP H 79 53.21 17.11 21.78
N PHE H 80 52.25 17.99 21.51
CA PHE H 80 51.06 17.66 20.74
C PHE H 80 51.17 18.25 19.35
N SER H 81 50.88 17.44 18.34
CA SER H 81 50.96 17.88 16.96
C SER H 81 49.89 18.93 16.67
N PHE H 82 50.19 19.79 15.69
CA PHE H 82 49.28 20.88 15.36
C PHE H 82 47.94 20.35 14.86
N ALA H 83 47.95 19.24 14.13
CA ALA H 83 46.71 18.67 13.63
C ALA H 83 45.79 18.23 14.77
N ASP H 84 46.35 17.59 15.79
CA ASP H 84 45.54 17.17 16.94
C ASP H 84 44.96 18.38 17.67
N VAL H 85 45.76 19.44 17.81
CA VAL H 85 45.29 20.65 18.46
C VAL H 85 44.15 21.28 17.67
N LEU H 86 44.29 21.35 16.35
CA LEU H 86 43.26 21.99 15.52
C LEU H 86 42.03 21.12 15.36
N LYS H 87 42.15 19.81 15.62
CA LYS H 87 41.02 18.90 15.45
C LYS H 87 39.82 19.31 16.29
N SER H 88 40.06 19.94 17.45
CA SER H 88 38.96 20.32 18.34
C SER H 88 38.06 21.39 17.73
N ALA H 89 38.54 22.11 16.72
CA ALA H 89 37.75 23.18 16.13
C ALA H 89 36.63 22.67 15.24
N GLU H 90 36.74 21.46 14.69
CA GLU H 90 35.74 20.95 13.76
C GLU H 90 34.39 20.76 14.43
N GLN H 91 34.39 20.20 15.64
CA GLN H 91 33.13 20.05 16.38
C GLN H 91 32.48 21.40 16.63
N VAL H 92 33.28 22.39 17.01
CA VAL H 92 32.75 23.72 17.32
C VAL H 92 32.16 24.36 16.08
N ILE H 93 32.86 24.29 14.93
CA ILE H 93 32.33 24.92 13.73
C ILE H 93 31.09 24.21 13.26
N ALA H 94 31.04 22.88 13.39
CA ALA H 94 29.84 22.14 13.02
C ALA H 94 28.66 22.55 13.87
N LYS H 95 28.87 22.66 15.20
CA LYS H 95 27.78 23.08 16.07
C LYS H 95 27.31 24.50 15.73
N GLN H 96 28.26 25.41 15.49
CA GLN H 96 27.89 26.79 15.18
C GLN H 96 27.12 26.89 13.87
N VAL H 97 27.57 26.18 12.83
CA VAL H 97 26.89 26.26 11.54
C VAL H 97 25.52 25.60 11.63
N SER H 98 25.39 24.52 12.39
CA SER H 98 24.08 23.89 12.59
C SER H 98 23.14 24.85 13.30
N SER H 99 23.64 25.53 14.34
CA SER H 99 22.80 26.48 15.07
C SER H 99 22.36 27.64 14.18
N ARG H 100 23.29 28.17 13.37
CA ARG H 100 22.94 29.28 12.50
C ARG H 100 21.97 28.87 11.40
N THR H 101 22.14 27.66 10.85
CA THR H 101 21.20 27.16 9.86
C THR H 101 19.82 26.96 10.46
N GLY H 102 19.76 26.44 11.69
CA GLY H 102 18.48 26.34 12.37
C GLY H 102 17.84 27.69 12.63
N TYR H 103 18.66 28.68 12.99
CA TYR H 103 18.15 30.03 13.19
C TYR H 103 17.54 30.57 11.90
N TYR H 104 18.22 30.36 10.78
CA TYR H 104 17.71 30.84 9.49
C TYR H 104 16.44 30.10 9.08
N ALA H 105 16.42 28.78 9.27
CA ALA H 105 15.27 27.99 8.83
C ALA H 105 14.04 28.24 9.70
N ARG H 106 14.26 28.57 10.98
CA ARG H 106 13.14 28.81 11.89
C ARG H 106 12.33 30.03 11.46
N ASN H 107 12.99 31.08 10.98
CA ASN H 107 12.32 32.29 10.53
C ASN H 107 11.95 32.25 9.06
N ARG H 108 12.16 31.13 8.38
CA ARG H 108 11.87 30.96 6.95
C ARG H 108 12.67 31.98 6.13
N ILE H 109 14.00 31.88 6.23
CA ILE H 109 14.92 32.75 5.51
C ILE H 109 15.48 31.97 4.33
N ASP H 110 15.34 32.54 3.13
CA ASP H 110 15.87 31.91 1.94
C ASP H 110 17.36 32.19 1.79
N THR H 111 18.10 31.18 1.36
CA THR H 111 19.55 31.27 1.21
C THR H 111 19.93 30.89 -0.22
N PHE H 112 21.06 31.44 -0.68
CA PHE H 112 21.59 31.16 -2.01
C PHE H 112 23.11 30.99 -1.88
N PHE H 113 23.58 29.76 -2.06
CA PHE H 113 25.00 29.44 -1.90
C PHE H 113 25.72 29.71 -3.21
N GLY H 114 26.03 30.99 -3.44
CA GLY H 114 26.74 31.38 -4.63
C GLY H 114 27.26 32.80 -4.55
N THR H 115 28.24 33.10 -5.39
CA THR H 115 28.82 34.43 -5.44
C THR H 115 27.78 35.44 -5.93
N ALA H 116 27.77 36.62 -5.32
CA ALA H 116 26.82 37.67 -5.66
C ALA H 116 27.48 38.73 -6.52
N SER H 117 26.80 39.13 -7.60
CA SER H 117 27.28 40.16 -8.49
C SER H 117 26.17 41.18 -8.73
N PHE H 118 26.56 42.45 -8.80
CA PHE H 118 25.60 43.53 -8.97
C PHE H 118 25.32 43.78 -10.44
N CYS H 119 24.05 44.07 -10.74
CA CYS H 119 23.63 44.48 -12.08
C CYS H 119 23.02 45.87 -12.09
N ASP H 120 22.10 46.16 -11.19
CA ASP H 120 21.52 47.49 -11.04
C ASP H 120 21.14 47.69 -9.58
N GLU H 121 20.30 48.70 -9.33
CA GLU H 121 19.94 49.06 -7.96
C GLU H 121 18.86 48.18 -7.36
N HIS H 122 18.29 47.26 -8.14
CA HIS H 122 17.22 46.42 -7.63
C HIS H 122 17.33 44.95 -8.02
N THR H 123 18.47 44.52 -8.58
CA THR H 123 18.66 43.11 -8.90
C THR H 123 20.12 42.73 -8.76
N ILE H 124 20.34 41.43 -8.52
CA ILE H 124 21.67 40.84 -8.44
C ILE H 124 21.65 39.45 -9.07
N GLU H 125 22.83 38.99 -9.46
CA GLU H 125 23.03 37.68 -10.06
C GLU H 125 23.84 36.79 -9.12
N VAL H 126 23.32 35.62 -8.82
CA VAL H 126 23.99 34.62 -8.00
C VAL H 126 24.60 33.59 -8.93
N VAL H 127 25.92 33.44 -8.86
CA VAL H 127 26.68 32.55 -9.73
C VAL H 127 27.18 31.40 -8.86
N HIS H 128 26.84 30.18 -9.26
CA HIS H 128 27.24 29.00 -8.51
C HIS H 128 28.57 28.45 -9.04
N LEU H 129 29.05 27.39 -8.40
CA LEU H 129 30.34 26.82 -8.75
C LEU H 129 30.33 26.20 -10.14
N ASN H 130 29.22 25.55 -10.53
CA ASN H 130 29.13 24.83 -11.78
C ASN H 130 28.48 25.64 -12.90
N GLY H 131 28.43 26.97 -12.77
CA GLY H 131 28.01 27.82 -13.86
C GLY H 131 26.54 28.17 -13.99
N MET H 132 25.96 28.88 -13.02
CA MET H 132 24.60 29.40 -13.15
C MET H 132 24.61 30.92 -13.13
N VAL H 133 23.43 31.47 -13.42
CA VAL H 133 23.04 32.80 -12.99
C VAL H 133 21.62 32.67 -12.45
N GLU H 134 21.42 33.06 -11.19
CA GLU H 134 20.07 33.17 -10.62
C GLU H 134 19.80 34.64 -10.29
N THR H 135 18.62 35.13 -10.70
CA THR H 135 18.30 36.54 -10.59
C THR H 135 17.47 36.82 -9.34
N LEU H 136 17.92 37.79 -8.54
CA LEU H 136 17.26 38.15 -7.29
C LEU H 136 16.93 39.64 -7.30
N VAL H 137 15.75 39.99 -6.80
CA VAL H 137 15.28 41.37 -6.75
C VAL H 137 14.87 41.69 -5.32
N ALA H 138 15.40 42.78 -4.77
CA ALA H 138 15.06 43.22 -3.43
C ALA H 138 14.92 44.74 -3.39
N LYS H 139 14.01 45.21 -2.55
CA LYS H 139 13.83 46.66 -2.39
C LYS H 139 15.00 47.29 -1.65
N GLN H 140 15.57 46.58 -0.68
CA GLN H 140 16.67 47.07 0.12
C GLN H 140 17.82 46.08 0.07
N PHE H 141 19.04 46.60 0.19
CA PHE H 141 20.24 45.79 0.03
C PHE H 141 21.17 46.01 1.21
N VAL H 142 21.78 44.92 1.69
CA VAL H 142 22.78 44.97 2.75
C VAL H 142 24.05 44.32 2.23
N ILE H 143 25.16 45.02 2.34
CA ILE H 143 26.46 44.55 1.87
C ILE H 143 27.31 44.23 3.09
N ALA H 144 27.63 42.94 3.27
CA ALA H 144 28.47 42.46 4.36
C ALA H 144 29.49 41.47 3.83
N THR H 145 30.15 41.84 2.73
CA THR H 145 31.10 40.94 2.08
C THR H 145 32.39 40.76 2.88
N GLY H 146 32.59 41.54 3.95
CA GLY H 146 33.76 41.32 4.80
C GLY H 146 35.04 41.68 4.08
N SER H 147 36.10 40.92 4.38
CA SER H 147 37.40 41.17 3.78
C SER H 147 38.18 39.86 3.70
N ARG H 148 39.33 39.94 3.05
CA ARG H 148 40.25 38.83 2.84
C ARG H 148 41.64 39.29 3.25
N PRO H 149 42.53 38.35 3.58
CA PRO H 149 43.91 38.74 3.92
C PRO H 149 44.56 39.47 2.76
N TYR H 150 45.30 40.53 3.08
CA TYR H 150 45.98 41.32 2.05
C TYR H 150 47.15 40.52 1.49
N ARG H 151 47.23 40.43 0.17
CA ARG H 151 48.26 39.66 -0.52
C ARG H 151 49.09 40.57 -1.40
N PRO H 152 50.27 41.01 -0.95
CA PRO H 152 51.14 41.80 -1.82
C PRO H 152 51.68 40.96 -2.97
N ALA H 153 51.98 41.66 -4.07
CA ALA H 153 52.41 40.96 -5.28
C ALA H 153 53.76 40.28 -5.08
N ASP H 154 54.68 40.92 -4.37
CA ASP H 154 56.05 40.44 -4.24
C ASP H 154 56.19 39.26 -3.27
N VAL H 155 55.09 38.69 -2.80
CA VAL H 155 55.12 37.54 -1.89
C VAL H 155 54.53 36.35 -2.61
N ASP H 156 55.29 35.25 -2.66
CA ASP H 156 54.84 34.01 -3.30
C ASP H 156 54.05 33.21 -2.29
N PHE H 157 52.74 33.51 -2.21
CA PHE H 157 51.87 32.76 -1.30
C PHE H 157 51.61 31.34 -1.77
N THR H 158 51.86 31.05 -3.04
CA THR H 158 51.71 29.69 -3.54
C THR H 158 52.78 28.75 -2.99
N HIS H 159 53.84 29.29 -2.42
CA HIS H 159 54.88 28.44 -1.83
C HIS H 159 54.30 27.68 -0.64
N PRO H 160 54.61 26.39 -0.50
CA PRO H 160 54.04 25.62 0.61
C PRO H 160 54.47 26.11 1.99
N ARG H 161 55.59 26.80 2.10
CA ARG H 161 56.11 27.27 3.39
C ARG H 161 55.72 28.70 3.71
N ILE H 162 54.91 29.33 2.86
CA ILE H 162 54.45 30.70 3.09
C ILE H 162 52.95 30.67 3.28
N TYR H 163 52.48 31.28 4.37
CA TYR H 163 51.07 31.25 4.75
C TYR H 163 50.57 32.65 5.07
N ASP H 164 49.25 32.80 5.00
CA ASP H 164 48.56 34.01 5.45
C ASP H 164 47.62 33.62 6.59
N SER H 165 46.79 34.57 7.01
CA SER H 165 45.91 34.35 8.15
C SER H 165 44.85 33.28 7.89
N ASP H 166 44.65 32.88 6.63
CA ASP H 166 43.65 31.86 6.29
C ASP H 166 44.26 30.49 6.12
N THR H 167 45.29 30.35 5.29
CA THR H 167 45.86 29.04 5.00
C THR H 167 46.83 28.57 6.09
N ILE H 168 47.08 29.38 7.12
CA ILE H 168 47.93 28.95 8.21
C ILE H 168 47.33 27.74 8.92
N LEU H 169 46.00 27.64 8.93
CA LEU H 169 45.33 26.48 9.50
C LEU H 169 45.61 25.20 8.71
N SER H 170 46.08 25.32 7.47
CA SER H 170 46.44 24.17 6.67
C SER H 170 47.73 23.50 7.12
N LEU H 171 48.45 24.11 8.07
CA LEU H 171 49.69 23.53 8.57
C LEU H 171 49.43 22.13 9.14
N GLY H 172 50.30 21.19 8.78
CA GLY H 172 50.15 19.82 9.23
C GLY H 172 51.20 19.39 10.23
N HIS H 173 52.31 20.13 10.27
CA HIS H 173 53.41 19.83 11.19
C HIS H 173 53.74 21.07 12.01
N THR H 174 54.14 20.85 13.25
CA THR H 174 54.52 21.95 14.12
C THR H 174 55.92 22.44 13.77
N PRO H 175 56.09 23.69 13.33
CA PRO H 175 57.42 24.17 12.98
C PRO H 175 58.25 24.47 14.22
N ARG H 176 59.57 24.47 14.03
CA ARG H 176 60.47 24.84 15.13
C ARG H 176 60.59 26.35 15.26
N ARG H 177 60.84 27.05 14.15
CA ARG H 177 60.94 28.49 14.14
C ARG H 177 59.93 29.06 13.15
N LEU H 178 59.33 30.20 13.51
CA LEU H 178 58.30 30.80 12.69
C LEU H 178 58.48 32.31 12.68
N ILE H 179 58.07 32.94 11.59
CA ILE H 179 58.16 34.39 11.42
C ILE H 179 56.76 34.93 11.16
N ILE H 180 56.38 35.95 11.93
CA ILE H 180 55.09 36.63 11.76
C ILE H 180 55.37 38.07 11.36
N TYR H 181 54.77 38.51 10.26
CA TYR H 181 54.90 39.88 9.79
C TYR H 181 53.61 40.63 10.08
N GLY H 182 53.75 41.83 10.64
CA GLY H 182 52.61 42.62 11.06
C GLY H 182 52.25 42.39 12.50
N ALA H 183 52.25 43.45 13.30
CA ALA H 183 51.97 43.39 14.73
C ALA H 183 50.51 43.68 15.04
N GLY H 184 49.60 43.35 14.12
CA GLY H 184 48.19 43.58 14.33
C GLY H 184 47.59 42.63 15.34
N VAL H 185 46.27 42.72 15.49
CA VAL H 185 45.54 41.86 16.43
C VAL H 185 45.76 40.40 16.07
N ILE H 186 45.58 40.07 14.79
CA ILE H 186 45.77 38.69 14.33
C ILE H 186 47.23 38.26 14.52
N GLY H 187 48.17 39.15 14.20
CA GLY H 187 49.57 38.80 14.34
C GLY H 187 49.97 38.51 15.77
N CYS H 188 49.56 39.38 16.70
CA CYS H 188 49.88 39.16 18.10
C CYS H 188 49.18 37.91 18.64
N GLU H 189 47.93 37.70 18.23
CA GLU H 189 47.21 36.50 18.67
C GLU H 189 47.92 35.23 18.22
N TYR H 190 48.29 35.16 16.94
CA TYR H 190 48.96 33.98 16.43
C TYR H 190 50.36 33.81 17.03
N ALA H 191 51.03 34.93 17.32
CA ALA H 191 52.31 34.86 18.02
C ALA H 191 52.13 34.21 19.39
N SER H 192 51.08 34.60 20.10
CA SER H 192 50.79 33.96 21.38
C SER H 192 50.47 32.47 21.20
N ILE H 193 49.70 32.13 20.16
CA ILE H 193 49.34 30.74 19.91
C ILE H 193 50.59 29.89 19.72
N PHE H 194 51.49 30.34 18.85
CA PHE H 194 52.67 29.54 18.53
C PHE H 194 53.70 29.60 19.65
N SER H 195 53.69 30.65 20.47
CA SER H 195 54.52 30.67 21.66
C SER H 195 54.04 29.62 22.66
N GLY H 196 52.72 29.46 22.79
CA GLY H 196 52.20 28.43 23.67
C GLY H 196 52.58 27.03 23.24
N LEU H 197 52.72 26.80 21.94
CA LEU H 197 53.05 25.49 21.40
C LEU H 197 54.55 25.22 21.35
N GLY H 198 55.37 26.10 21.90
CA GLY H 198 56.81 25.89 21.91
C GLY H 198 57.50 26.18 20.60
N VAL H 199 56.99 27.13 19.83
CA VAL H 199 57.60 27.53 18.56
C VAL H 199 58.37 28.82 18.77
N LEU H 200 59.60 28.87 18.29
CA LEU H 200 60.41 30.07 18.42
C LEU H 200 59.93 31.13 17.44
N VAL H 201 58.96 31.93 17.87
CA VAL H 201 58.33 32.93 17.02
C VAL H 201 59.23 34.17 16.95
N ASP H 202 59.39 34.71 15.74
CA ASP H 202 60.11 35.96 15.51
C ASP H 202 59.09 36.97 14.98
N LEU H 203 58.42 37.66 15.89
CA LEU H 203 57.41 38.63 15.51
C LEU H 203 58.08 39.87 14.94
N ILE H 204 57.54 40.37 13.83
CA ILE H 204 58.08 41.53 13.13
C ILE H 204 57.04 42.64 13.20
N ASP H 205 57.46 43.83 13.64
CA ASP H 205 56.59 44.99 13.77
C ASP H 205 57.13 46.13 12.94
N ASN H 206 56.24 46.79 12.19
CA ASN H 206 56.63 47.95 11.40
C ASN H 206 56.78 49.20 12.26
N ARG H 207 56.24 49.21 13.46
CA ARG H 207 56.33 50.32 14.38
C ARG H 207 57.29 49.98 15.52
N ASP H 208 57.40 50.91 16.48
CA ASP H 208 58.31 50.72 17.60
C ASP H 208 57.63 50.16 18.84
N GLN H 209 56.31 50.33 18.97
CA GLN H 209 55.56 49.86 20.13
C GLN H 209 54.42 48.98 19.66
N LEU H 210 54.28 47.81 20.30
CA LEU H 210 53.21 46.89 19.93
C LEU H 210 51.86 47.48 20.32
N LEU H 211 50.93 47.48 19.37
CA LEU H 211 49.56 47.96 19.59
C LEU H 211 49.57 49.37 20.19
N SER H 212 50.08 50.32 19.40
CA SER H 212 50.21 51.69 19.86
C SER H 212 48.86 52.33 20.21
N PHE H 213 47.77 51.84 19.62
CA PHE H 213 46.45 52.36 19.97
C PHE H 213 46.02 51.95 21.37
N LEU H 214 46.73 51.02 22.00
CA LEU H 214 46.43 50.60 23.36
C LEU H 214 47.21 51.45 24.36
N ASP H 215 46.93 51.24 25.64
CA ASP H 215 47.65 51.94 26.70
C ASP H 215 49.10 51.47 26.74
N ASP H 216 49.99 52.38 27.14
CA ASP H 216 51.42 52.05 27.17
C ASP H 216 51.72 50.94 28.15
N GLU H 217 51.09 50.96 29.32
CA GLU H 217 51.34 49.95 30.34
C GLU H 217 50.92 48.56 29.86
N ILE H 218 49.74 48.47 29.25
CA ILE H 218 49.24 47.19 28.77
C ILE H 218 50.14 46.65 27.65
N SER H 219 50.54 47.53 26.73
CA SER H 219 51.42 47.12 25.65
C SER H 219 52.76 46.64 26.19
N ASP H 220 53.31 47.35 27.18
CA ASP H 220 54.59 46.94 27.76
C ASP H 220 54.48 45.60 28.45
N SER H 221 53.39 45.38 29.20
CA SER H 221 53.21 44.09 29.87
C SER H 221 53.06 42.96 28.85
N LEU H 222 52.30 43.20 27.78
CA LEU H 222 52.17 42.18 26.74
C LEU H 222 53.50 41.88 26.08
N SER H 223 54.29 42.92 25.81
CA SER H 223 55.60 42.71 25.20
C SER H 223 56.52 41.93 26.13
N TYR H 224 56.49 42.25 27.43
CA TYR H 224 57.31 41.51 28.38
C TYR H 224 56.91 40.05 28.43
N HIS H 225 55.61 39.77 28.46
CA HIS H 225 55.15 38.38 28.50
C HIS H 225 55.54 37.64 27.23
N LEU H 226 55.38 38.28 26.07
CA LEU H 226 55.76 37.64 24.81
C LEU H 226 57.26 37.36 24.77
N ARG H 227 58.07 38.32 25.22
CA ARG H 227 59.51 38.10 25.25
C ARG H 227 59.87 36.95 26.18
N ASN H 228 59.22 36.89 27.35
CA ASN H 228 59.45 35.77 28.25
C ASN H 228 58.91 34.46 27.71
N ASN H 229 58.06 34.51 26.69
CA ASN H 229 57.52 33.30 26.06
C ASN H 229 58.11 33.09 24.66
N ASN H 230 59.40 33.36 24.52
CA ASN H 230 60.21 33.06 23.34
C ASN H 230 59.81 33.86 22.11
N VAL H 231 58.93 34.85 22.23
CA VAL H 231 58.53 35.67 21.09
C VAL H 231 59.58 36.78 20.94
N LEU H 232 60.56 36.54 20.08
CA LEU H 232 61.57 37.56 19.78
C LEU H 232 60.92 38.66 18.94
N ILE H 233 60.77 39.83 19.54
CA ILE H 233 60.07 40.95 18.90
C ILE H 233 61.09 41.91 18.33
N ARG H 234 60.99 42.19 17.04
CA ARG H 234 61.85 43.16 16.36
C ARG H 234 61.01 44.35 15.94
N HIS H 235 61.49 45.54 16.25
CA HIS H 235 60.72 46.77 16.08
C HIS H 235 61.30 47.62 14.97
N ASN H 236 60.43 48.42 14.35
CA ASN H 236 60.81 49.36 13.29
C ASN H 236 61.50 48.65 12.13
N GLU H 237 60.77 47.70 11.55
CA GLU H 237 61.29 46.89 10.46
C GLU H 237 60.29 46.86 9.31
N GLU H 238 60.81 47.01 8.09
CA GLU H 238 60.01 46.89 6.87
C GLU H 238 60.64 45.81 6.00
N TYR H 239 59.82 44.89 5.50
CA TYR H 239 60.33 43.79 4.70
C TYR H 239 60.82 44.29 3.35
N GLU H 240 61.84 43.61 2.83
CA GLU H 240 62.40 43.90 1.52
C GLU H 240 62.19 42.77 0.54
N ARG H 241 62.44 41.52 0.94
CA ARG H 241 62.25 40.40 0.04
C ARG H 241 61.99 39.13 0.85
N VAL H 242 61.26 38.20 0.26
CA VAL H 242 60.97 36.90 0.86
C VAL H 242 61.41 35.81 -0.10
N GLU H 243 62.21 34.86 0.40
CA GLU H 243 62.73 33.77 -0.41
C GLU H 243 62.25 32.46 0.20
N GLY H 244 61.55 31.67 -0.60
CA GLY H 244 61.03 30.40 -0.11
C GLY H 244 61.89 29.21 -0.46
N LEU H 245 62.68 28.75 0.50
CA LEU H 245 63.51 27.56 0.33
C LEU H 245 62.67 26.30 0.53
N ASP H 246 63.25 25.17 0.16
CA ASP H 246 62.59 23.89 0.38
C ASP H 246 62.48 23.56 1.86
N ASN H 247 63.49 23.94 2.65
CA ASN H 247 63.54 23.62 4.06
C ASN H 247 63.27 24.83 4.96
N GLY H 248 62.85 25.95 4.40
CA GLY H 248 62.57 27.11 5.21
C GLY H 248 62.20 28.31 4.36
N VAL H 249 61.99 29.43 5.05
CA VAL H 249 61.70 30.71 4.43
C VAL H 249 62.64 31.75 5.03
N ILE H 250 63.28 32.53 4.16
CA ILE H 250 64.24 33.54 4.57
C ILE H 250 63.68 34.91 4.18
N LEU H 251 63.53 35.77 5.18
CA LEU H 251 63.04 37.14 4.99
C LEU H 251 64.23 38.09 5.11
N HIS H 252 64.46 38.87 4.04
CA HIS H 252 65.46 39.92 4.04
C HIS H 252 64.76 41.24 4.29
N LEU H 253 65.14 41.92 5.36
CA LEU H 253 64.51 43.18 5.75
C LEU H 253 65.24 44.36 5.11
N LYS H 254 64.58 45.53 5.15
CA LYS H 254 65.17 46.73 4.61
C LYS H 254 66.38 47.18 5.43
N SER H 255 66.38 46.90 6.73
CA SER H 255 67.49 47.28 7.59
C SER H 255 68.72 46.40 7.41
N GLY H 256 68.62 45.31 6.65
CA GLY H 256 69.73 44.41 6.42
C GLY H 256 69.63 43.09 7.16
N LYS H 257 68.70 42.93 8.09
CA LYS H 257 68.54 41.68 8.81
C LYS H 257 67.93 40.61 7.91
N LYS H 258 68.43 39.38 8.04
CA LYS H 258 67.91 38.23 7.32
C LYS H 258 67.56 37.16 8.34
N ILE H 259 66.29 36.75 8.34
CA ILE H 259 65.75 35.82 9.33
C ILE H 259 65.20 34.59 8.62
N LYS H 260 65.63 33.42 9.06
CA LYS H 260 65.19 32.15 8.48
C LYS H 260 64.31 31.41 9.47
N ALA H 261 63.19 30.89 8.98
CA ALA H 261 62.29 30.09 9.81
C ALA H 261 61.86 28.86 9.01
N ASP H 262 61.09 27.99 9.66
CA ASP H 262 60.50 26.83 8.99
C ASP H 262 59.13 27.12 8.40
N ALA H 263 58.64 28.34 8.56
CA ALA H 263 57.35 28.75 8.02
C ALA H 263 57.32 30.27 7.96
N PHE H 264 56.20 30.83 7.48
CA PHE H 264 56.05 32.27 7.40
C PHE H 264 54.55 32.58 7.39
N LEU H 265 54.16 33.61 8.15
CA LEU H 265 52.77 34.01 8.27
C LEU H 265 52.66 35.51 8.04
N TRP H 266 51.73 35.91 7.18
CA TRP H 266 51.46 37.31 6.90
C TRP H 266 50.15 37.72 7.55
N SER H 267 50.18 38.79 8.34
CA SER H 267 49.00 39.28 9.03
C SER H 267 48.91 40.80 8.99
N ASN H 268 49.39 41.41 7.91
CA ASN H 268 49.45 42.87 7.80
C ASN H 268 48.25 43.34 6.98
N GLY H 269 47.18 43.70 7.68
CA GLY H 269 46.03 44.32 7.06
C GLY H 269 45.10 43.36 6.33
N ARG H 270 43.92 43.84 5.97
CA ARG H 270 42.94 43.07 5.22
C ARG H 270 42.27 43.97 4.20
N THR H 271 41.87 43.38 3.07
CA THR H 271 41.27 44.12 1.96
C THR H 271 39.84 43.66 1.76
N GLY H 272 38.92 44.61 1.64
CA GLY H 272 37.51 44.26 1.54
C GLY H 272 37.21 43.48 0.29
N ASN H 273 36.20 42.61 0.38
CA ASN H 273 35.79 41.75 -0.72
C ASN H 273 34.82 42.52 -1.61
N THR H 274 35.38 43.38 -2.46
CA THR H 274 34.59 44.20 -3.37
C THR H 274 34.99 44.06 -4.83
N ASP H 275 35.99 43.25 -5.15
CA ASP H 275 36.43 43.13 -6.54
C ASP H 275 35.36 42.47 -7.41
N LYS H 276 34.81 41.35 -6.95
CA LYS H 276 33.84 40.60 -7.72
C LYS H 276 32.39 41.03 -7.46
N LEU H 277 32.17 42.01 -6.58
CA LEU H 277 30.82 42.46 -6.29
C LEU H 277 30.21 43.20 -7.47
N GLY H 278 31.03 43.66 -8.41
CA GLY H 278 30.53 44.42 -9.54
C GLY H 278 29.96 45.76 -9.15
N LEU H 279 30.67 46.48 -8.27
CA LEU H 279 30.20 47.78 -7.81
C LEU H 279 30.17 48.82 -8.92
N GLU H 280 30.90 48.61 -10.02
CA GLU H 280 30.86 49.53 -11.14
C GLU H 280 29.51 49.52 -11.84
N ASN H 281 28.73 48.46 -11.67
CA ASN H 281 27.39 48.40 -12.25
C ASN H 281 26.39 49.32 -11.54
N ILE H 282 26.78 49.91 -10.41
CA ILE H 282 25.93 50.82 -9.67
C ILE H 282 26.57 52.18 -9.45
N GLY H 283 27.84 52.34 -9.81
CA GLY H 283 28.51 53.61 -9.63
C GLY H 283 29.12 53.84 -8.27
N LEU H 284 28.94 52.91 -7.33
CA LEU H 284 29.58 53.02 -6.04
C LEU H 284 31.09 52.85 -6.19
N LYS H 285 31.83 53.46 -5.28
CA LYS H 285 33.29 53.44 -5.34
C LYS H 285 33.86 52.92 -4.03
N ALA H 286 34.90 52.09 -4.16
CA ALA H 286 35.62 51.55 -3.02
C ALA H 286 37.06 52.07 -3.05
N ASN H 287 37.60 52.38 -1.87
CA ASN H 287 38.94 52.94 -1.79
C ASN H 287 39.98 51.86 -2.09
N GLY H 288 41.25 52.25 -1.96
CA GLY H 288 42.33 51.30 -2.22
C GLY H 288 42.38 50.18 -1.20
N ARG H 289 41.78 50.38 -0.04
CA ARG H 289 41.73 49.36 1.00
C ARG H 289 40.58 48.38 0.81
N GLY H 290 39.75 48.58 -0.20
CA GLY H 290 38.60 47.72 -0.43
C GLY H 290 37.40 48.01 0.44
N GLN H 291 37.40 49.12 1.17
CA GLN H 291 36.31 49.47 2.06
C GLN H 291 35.26 50.30 1.33
N ILE H 292 34.06 50.33 1.91
CA ILE H 292 32.93 51.06 1.34
C ILE H 292 32.55 52.17 2.30
N GLN H 293 32.49 53.41 1.80
CA GLN H 293 32.15 54.55 2.62
C GLN H 293 30.65 54.61 2.87
N VAL H 294 30.27 54.79 4.14
CA VAL H 294 28.87 54.92 4.52
C VAL H 294 28.75 56.06 5.52
N ASP H 295 27.54 56.59 5.63
CA ASP H 295 27.24 57.66 6.58
C ASP H 295 26.98 57.06 7.96
N GLU H 296 26.49 57.88 8.89
CA GLU H 296 26.13 57.39 10.21
C GLU H 296 24.94 56.45 10.19
N HIS H 297 24.18 56.40 9.09
CA HIS H 297 23.08 55.47 8.92
C HIS H 297 23.52 54.10 8.41
N TYR H 298 24.82 53.91 8.19
CA TYR H 298 25.35 52.72 7.50
C TYR H 298 24.73 52.60 6.11
N ARG H 299 24.47 53.75 5.49
CA ARG H 299 23.86 53.83 4.17
C ARG H 299 24.86 54.37 3.17
N THR H 300 24.95 53.72 2.01
CA THR H 300 25.86 54.15 0.96
C THR H 300 25.30 55.40 0.30
N GLU H 301 25.97 55.88 -0.75
CA GLU H 301 25.46 57.01 -1.51
C GLU H 301 24.13 56.68 -2.16
N VAL H 302 24.00 55.45 -2.67
CA VAL H 302 22.71 54.98 -3.17
C VAL H 302 21.74 54.86 -1.99
N SER H 303 20.51 55.31 -2.18
CA SER H 303 19.55 55.37 -1.09
C SER H 303 19.16 53.98 -0.59
N ASN H 304 19.02 53.01 -1.49
CA ASN H 304 18.51 51.69 -1.13
C ASN H 304 19.60 50.64 -0.94
N ILE H 305 20.86 51.05 -0.90
CA ILE H 305 21.98 50.13 -0.72
C ILE H 305 22.68 50.49 0.59
N TYR H 306 22.88 49.47 1.44
CA TYR H 306 23.49 49.65 2.74
C TYR H 306 24.68 48.72 2.89
N ALA H 307 25.74 49.20 3.55
CA ALA H 307 26.93 48.41 3.82
C ALA H 307 27.24 48.47 5.31
N ALA H 308 27.58 47.31 5.87
CA ALA H 308 27.88 47.21 7.29
C ALA H 308 28.85 46.07 7.54
N GLY H 309 29.48 46.11 8.70
CA GLY H 309 30.37 45.04 9.12
C GLY H 309 31.83 45.32 8.80
N ASP H 310 32.59 44.22 8.65
CA ASP H 310 34.02 44.32 8.39
C ASP H 310 34.32 44.93 7.03
N VAL H 311 33.34 44.96 6.12
CA VAL H 311 33.54 45.58 4.82
C VAL H 311 33.87 47.06 4.94
N ILE H 312 33.53 47.69 6.06
CA ILE H 312 33.88 49.08 6.29
C ILE H 312 35.25 49.16 6.95
N PRO H 315 35.87 49.17 12.51
CA PRO H 315 36.69 48.61 13.59
C PRO H 315 37.11 47.17 13.32
N SER H 316 36.38 46.49 12.43
CA SER H 316 36.68 45.10 12.04
C SER H 316 36.66 44.17 13.25
N LEU H 317 35.52 44.11 13.93
CA LEU H 317 35.31 43.23 15.07
C LEU H 317 34.01 42.48 14.88
N ALA H 318 34.01 41.19 15.25
CA ALA H 318 32.86 40.33 14.96
C ALA H 318 31.60 40.83 15.67
N SER H 319 31.70 41.13 16.98
CA SER H 319 30.56 41.68 17.69
C SER H 319 30.20 43.05 17.16
N ALA H 320 31.21 43.87 16.86
CA ALA H 320 30.96 45.18 16.27
C ALA H 320 30.29 45.05 14.92
N ALA H 321 30.73 44.09 14.10
CA ALA H 321 30.10 43.87 12.80
C ALA H 321 28.65 43.42 12.95
N TYR H 322 28.39 42.52 13.90
CA TYR H 322 27.03 42.05 14.13
C TYR H 322 26.12 43.20 14.55
N ASP H 323 26.59 44.03 15.48
CA ASP H 323 25.79 45.17 15.93
C ASP H 323 25.62 46.19 14.81
N GLN H 324 26.64 46.37 13.99
CA GLN H 324 26.54 47.28 12.84
C GLN H 324 25.49 46.79 11.85
N GLY H 325 25.47 45.49 11.57
CA GLY H 325 24.47 44.95 10.67
C GLY H 325 23.06 45.09 11.23
N ARG H 326 22.90 44.82 12.53
CA ARG H 326 21.58 45.01 13.14
C ARG H 326 21.16 46.47 13.10
N SER H 327 22.10 47.38 13.33
CA SER H 327 21.79 48.81 13.28
C SER H 327 21.41 49.24 11.86
N ALA H 328 22.11 48.71 10.85
CA ALA H 328 21.75 49.03 9.48
C ALA H 328 20.37 48.50 9.12
N ALA H 329 20.05 47.29 9.58
CA ALA H 329 18.71 46.75 9.35
C ALA H 329 17.65 47.60 10.03
N GLY H 330 17.93 48.05 11.26
CA GLY H 330 17.00 48.94 11.95
C GLY H 330 16.84 50.26 11.22
N SER H 331 17.93 50.78 10.65
CA SER H 331 17.85 51.99 9.85
C SER H 331 16.96 51.78 8.62
N ILE H 332 17.06 50.61 8.00
CA ILE H 332 16.23 50.30 6.84
C ILE H 332 14.76 50.30 7.24
N THR H 333 14.43 49.69 8.37
CA THR H 333 13.05 49.52 8.81
C THR H 333 12.63 50.56 9.85
N GLU H 334 13.47 51.57 10.09
CA GLU H 334 13.19 52.62 11.09
C GLU H 334 12.85 52.03 12.45
N SER H 337 15.19 52.49 16.58
CA SER H 337 15.82 51.18 16.68
C SER H 337 17.16 51.17 15.94
N TRP H 338 17.78 52.34 15.83
CA TRP H 338 19.05 52.49 15.14
C TRP H 338 20.03 53.24 16.03
N ARG H 339 21.26 52.72 16.11
CA ARG H 339 22.35 53.39 16.81
C ARG H 339 23.63 53.25 16.01
N PHE H 340 24.54 54.19 16.19
CA PHE H 340 25.83 54.14 15.51
C PHE H 340 26.85 53.45 16.41
N VAL H 341 27.42 52.34 15.92
CA VAL H 341 28.38 51.56 16.69
C VAL H 341 29.71 52.32 16.64
N ASP H 342 30.03 53.02 17.73
CA ASP H 342 31.25 53.81 17.80
C ASP H 342 32.16 53.42 18.95
N ASP H 343 31.60 53.14 20.13
CA ASP H 343 32.41 52.82 21.32
C ASP H 343 32.51 51.29 21.43
N VAL H 344 33.42 50.73 20.66
CA VAL H 344 33.67 49.29 20.63
C VAL H 344 34.79 48.98 21.60
N PRO H 345 34.55 48.15 22.63
CA PRO H 345 35.64 47.78 23.55
C PRO H 345 36.63 46.86 22.84
N THR H 346 37.88 47.30 22.73
CA THR H 346 38.88 46.52 22.01
C THR H 346 39.27 45.29 22.82
N GLY H 347 39.45 44.17 22.12
CA GLY H 347 39.82 42.92 22.77
C GLY H 347 40.80 42.11 21.95
N ILE H 348 41.95 41.77 22.55
CA ILE H 348 42.98 40.96 21.91
C ILE H 348 43.10 39.67 22.70
N TYR H 349 42.73 38.56 22.08
CA TYR H 349 42.66 37.28 22.77
C TYR H 349 43.98 36.51 22.65
N THR H 350 45.02 37.08 23.26
CA THR H 350 46.30 36.41 23.38
C THR H 350 46.31 35.60 24.68
N ILE H 351 47.48 35.12 25.08
CA ILE H 351 47.68 34.39 26.33
C ILE H 351 48.64 35.19 27.20
N PRO H 352 48.11 35.94 28.19
CA PRO H 352 46.71 36.08 28.56
C PRO H 352 45.97 37.13 27.73
N GLU H 353 44.68 37.33 27.96
CA GLU H 353 43.88 38.21 27.12
C GLU H 353 44.09 39.68 27.50
N ILE H 354 43.63 40.56 26.62
CA ILE H 354 43.69 42.00 26.82
C ILE H 354 42.35 42.59 26.41
N SER H 355 41.85 43.53 27.19
CA SER H 355 40.64 44.24 26.80
C SER H 355 40.71 45.67 27.33
N SER H 356 40.02 46.57 26.63
CA SER H 356 40.05 47.97 27.00
C SER H 356 38.80 48.68 26.48
N VAL H 357 38.41 49.73 27.19
CA VAL H 357 37.26 50.54 26.81
C VAL H 357 37.53 51.97 27.30
N GLY H 358 37.14 52.94 26.49
CA GLY H 358 37.33 54.33 26.85
C GLY H 358 38.71 54.85 26.48
N LYS H 359 38.97 56.08 26.92
CA LYS H 359 40.22 56.75 26.60
C LYS H 359 41.39 56.10 27.34
N THR H 360 42.55 56.12 26.70
CA THR H 360 43.77 55.63 27.31
C THR H 360 44.38 56.74 28.17
N GLU H 361 45.52 56.43 28.81
CA GLU H 361 46.15 57.42 29.68
C GLU H 361 46.82 58.52 28.87
N ARG H 362 47.31 58.21 27.68
CA ARG H 362 47.99 59.22 26.87
C ARG H 362 47.01 60.25 26.35
N GLU H 363 45.83 59.81 25.91
CA GLU H 363 44.81 60.75 25.46
C GLU H 363 44.33 61.64 26.60
N LEU H 364 44.16 61.05 27.79
CA LEU H 364 43.75 61.85 28.94
C LEU H 364 44.83 62.86 29.32
N THR H 365 46.10 62.47 29.25
CA THR H 365 47.18 63.41 29.51
C THR H 365 47.19 64.53 28.48
N GLN H 366 46.98 64.20 27.20
CA GLN H 366 46.95 65.22 26.16
C GLN H 366 45.79 66.18 26.37
N ALA H 367 44.64 65.67 26.79
CA ALA H 367 43.46 66.51 27.04
C ALA H 367 43.54 67.25 28.36
N LYS H 368 44.56 67.00 29.18
CA LYS H 368 44.77 67.68 30.46
C LYS H 368 43.60 67.47 31.41
N VAL H 369 42.93 66.33 31.32
CA VAL H 369 41.86 65.99 32.25
C VAL H 369 42.48 65.50 33.56
N PRO H 370 42.12 66.08 34.70
CA PRO H 370 42.70 65.64 35.97
C PRO H 370 42.15 64.31 36.43
N TYR H 371 42.72 63.22 35.91
CA TYR H 371 42.25 61.87 36.24
C TYR H 371 43.15 61.25 37.30
N GLU H 372 42.81 60.01 37.67
CA GLU H 372 43.60 59.25 38.62
C GLU H 372 43.47 57.77 38.28
N VAL H 373 44.43 56.99 38.77
CA VAL H 373 44.60 55.59 38.38
C VAL H 373 44.39 54.71 39.60
N GLY H 374 43.52 53.70 39.45
CA GLY H 374 43.36 52.67 40.46
C GLY H 374 43.73 51.31 39.90
N LYS H 375 44.67 50.63 40.56
CA LYS H 375 45.21 49.38 40.05
C LYS H 375 44.85 48.21 40.96
N ALA H 376 44.61 47.06 40.35
CA ALA H 376 44.38 45.81 41.06
C ALA H 376 45.19 44.74 40.35
N PHE H 377 46.21 44.21 41.01
CA PHE H 377 47.12 43.25 40.39
C PHE H 377 46.61 41.83 40.61
N PHE H 378 46.59 41.04 39.53
CA PHE H 378 46.02 39.71 39.59
C PHE H 378 46.85 38.76 40.45
N LYS H 379 48.13 39.05 40.68
CA LYS H 379 48.94 38.17 41.52
C LYS H 379 48.41 38.08 42.93
N GLY H 380 47.80 39.15 43.44
CA GLY H 380 47.15 39.14 44.72
C GLY H 380 45.70 38.72 44.70
N MET H 381 45.17 38.36 43.54
CA MET H 381 43.77 38.00 43.41
C MET H 381 43.58 36.52 43.74
N ALA H 382 42.60 36.23 44.60
CA ALA H 382 42.36 34.84 45.01
C ALA H 382 41.93 33.99 43.81
N ARG H 383 41.04 34.54 42.97
CA ARG H 383 40.59 33.79 41.80
C ARG H 383 41.73 33.57 40.82
N ALA H 384 42.58 34.58 40.61
CA ALA H 384 43.72 34.41 39.71
C ALA H 384 44.71 33.40 40.26
N GLN H 385 44.98 33.43 41.57
CA GLN H 385 45.87 32.45 42.17
C GLN H 385 45.30 31.04 42.04
N ILE H 386 43.99 30.88 42.28
CA ILE H 386 43.38 29.55 42.23
C ILE H 386 43.27 29.07 40.79
N ALA H 387 43.29 30.00 39.82
CA ALA H 387 43.28 29.60 38.42
C ALA H 387 44.69 29.33 37.90
N VAL H 388 45.70 29.47 38.78
CA VAL H 388 47.10 29.19 38.48
C VAL H 388 47.66 30.25 37.54
N GLU H 389 46.79 31.12 37.03
CA GLU H 389 47.19 32.20 36.14
C GLU H 389 47.33 33.46 36.99
N LYS H 390 48.57 33.79 37.35
CA LYS H 390 48.85 34.90 38.26
C LYS H 390 49.23 36.19 37.54
N ALA H 391 49.83 36.11 36.36
CA ALA H 391 50.24 37.31 35.65
C ALA H 391 49.03 38.09 35.17
N GLY H 392 49.08 39.41 35.34
CA GLY H 392 47.99 40.27 34.90
C GLY H 392 47.70 41.43 35.82
N MET H 393 46.88 42.36 35.35
CA MET H 393 46.53 43.55 36.13
C MET H 393 45.24 44.14 35.57
N LEU H 394 44.60 44.98 36.39
CA LEU H 394 43.41 45.71 35.99
C LEU H 394 43.57 47.17 36.40
N LYS H 395 43.38 48.07 35.44
CA LYS H 395 43.58 49.51 35.66
C LYS H 395 42.29 50.24 35.39
N ILE H 396 41.91 51.13 36.29
CA ILE H 396 40.72 51.98 36.13
C ILE H 396 41.17 53.43 36.18
N LEU H 397 40.83 54.17 35.12
CA LEU H 397 41.07 55.62 35.08
C LEU H 397 39.77 56.32 35.45
N PHE H 398 39.80 57.12 36.52
CA PHE H 398 38.60 57.79 36.99
C PHE H 398 38.89 59.27 37.23
N HIS H 399 37.90 60.11 36.92
CA HIS H 399 38.03 61.54 37.14
C HIS H 399 38.25 61.81 38.63
N ARG H 400 39.24 62.65 38.92
CA ARG H 400 39.65 62.86 40.32
C ARG H 400 38.58 63.59 41.13
N GLU H 401 37.87 64.54 40.52
CA GLU H 401 36.90 65.36 41.24
C GLU H 401 35.52 64.70 41.30
N THR H 402 34.93 64.41 40.15
CA THR H 402 33.57 63.90 40.08
C THR H 402 33.49 62.38 40.10
N LEU H 403 34.62 61.69 40.21
CA LEU H 403 34.67 60.22 40.28
C LEU H 403 34.06 59.59 39.03
N GLU H 404 34.21 60.24 37.88
CA GLU H 404 33.68 59.71 36.64
C GLU H 404 34.72 58.83 35.94
N ILE H 405 34.31 57.64 35.54
CA ILE H 405 35.22 56.67 34.93
C ILE H 405 35.45 57.05 33.48
N LEU H 406 36.71 57.35 33.14
CA LEU H 406 37.09 57.76 31.80
C LEU H 406 37.77 56.67 30.99
N GLY H 407 38.25 55.61 31.63
CA GLY H 407 38.90 54.54 30.91
C GLY H 407 39.14 53.30 31.75
N VAL H 408 38.86 52.13 31.18
CA VAL H 408 39.07 50.85 31.85
C VAL H 408 39.96 49.98 30.99
N HIS H 409 41.04 49.47 31.57
CA HIS H 409 41.98 48.60 30.87
C HIS H 409 42.23 47.37 31.72
N CYS H 410 42.19 46.19 31.10
CA CYS H 410 42.47 44.95 31.82
C CYS H 410 43.33 44.04 30.95
N PHE H 411 44.22 43.31 31.59
CA PHE H 411 45.12 42.38 30.91
C PHE H 411 45.38 41.21 31.84
N GLY H 412 45.00 40.03 31.42
CA GLY H 412 45.22 38.84 32.22
C GLY H 412 44.19 37.78 31.89
N TYR H 413 43.75 37.08 32.95
CA TYR H 413 42.78 36.01 32.81
C TYR H 413 41.36 36.57 32.85
N GLN H 414 40.53 36.15 31.89
CA GLN H 414 39.14 36.59 31.78
C GLN H 414 39.04 38.10 31.66
N ALA H 415 40.00 38.71 30.94
CA ALA H 415 40.02 40.16 30.81
C ALA H 415 38.81 40.67 30.05
N SER H 416 38.45 40.01 28.95
CA SER H 416 37.33 40.46 28.14
C SER H 416 36.01 40.42 28.91
N GLU H 417 35.79 39.35 29.68
CA GLU H 417 34.57 39.27 30.48
C GLU H 417 34.61 40.21 31.67
N ILE H 418 35.81 40.53 32.16
CA ILE H 418 35.93 41.45 33.29
C ILE H 418 35.59 42.88 32.86
N VAL H 419 36.06 43.28 31.68
CA VAL H 419 35.89 44.66 31.22
C VAL H 419 34.42 45.03 31.04
N HIS H 420 33.54 44.04 30.87
CA HIS H 420 32.14 44.33 30.62
C HIS H 420 31.47 45.06 31.77
N ILE H 421 31.84 44.75 33.02
CA ILE H 421 31.24 45.44 34.16
C ILE H 421 31.64 46.92 34.16
N GLY H 422 32.92 47.20 33.91
CA GLY H 422 33.35 48.58 33.81
C GLY H 422 32.68 49.31 32.65
N GLN H 423 32.46 48.61 31.54
CA GLN H 423 31.74 49.21 30.42
C GLN H 423 30.30 49.52 30.81
N ALA H 424 29.65 48.60 31.53
CA ALA H 424 28.26 48.82 31.95
C ALA H 424 28.15 50.03 32.87
N ILE H 425 29.09 50.17 33.80
CA ILE H 425 29.11 51.35 34.65
C ILE H 425 29.41 52.60 33.83
N MET H 426 30.28 52.46 32.82
CA MET H 426 30.70 53.61 32.02
C MET H 426 29.53 54.27 31.31
N ASN H 427 28.64 53.47 30.70
CA ASN H 427 27.60 54.01 29.84
C ASN H 427 26.52 54.76 30.60
N GLN H 428 26.52 54.72 31.94
CA GLN H 428 25.54 55.45 32.71
C GLN H 428 25.76 56.95 32.56
N LYS H 429 24.72 57.71 32.86
CA LYS H 429 24.69 59.16 32.62
C LYS H 429 24.88 59.90 33.93
N GLY H 430 25.68 60.96 33.91
CA GLY H 430 25.81 61.84 35.06
C GLY H 430 26.43 61.14 36.26
N GLU H 431 25.85 61.39 37.44
CA GLU H 431 26.40 60.89 38.68
C GLU H 431 26.26 59.37 38.81
N ALA H 432 25.38 58.76 38.01
CA ALA H 432 25.23 57.30 38.07
C ALA H 432 26.51 56.59 37.69
N ASN H 433 27.21 57.10 36.67
CA ASN H 433 28.50 56.56 36.25
C ASN H 433 29.57 57.08 37.21
N THR H 434 29.69 56.42 38.36
CA THR H 434 30.63 56.81 39.40
C THR H 434 31.45 55.62 39.85
N LEU H 435 32.68 55.90 40.28
CA LEU H 435 33.56 54.85 40.78
C LEU H 435 33.01 54.24 42.07
N LYS H 436 32.43 55.06 42.95
CA LYS H 436 31.95 54.60 44.25
C LYS H 436 30.91 53.49 44.15
N TYR H 437 30.36 53.23 42.96
CA TYR H 437 29.50 52.08 42.79
C TYR H 437 30.20 50.79 43.21
N PHE H 438 31.47 50.65 42.83
CA PHE H 438 32.22 49.46 43.21
C PHE H 438 32.40 49.35 44.72
N ILE H 439 32.20 50.45 45.45
CA ILE H 439 32.22 50.39 46.90
C ILE H 439 30.83 50.15 47.48
N ASN H 440 29.78 50.47 46.72
CA ASN H 440 28.41 50.39 47.21
C ASN H 440 27.68 49.14 46.75
N THR H 441 28.38 48.18 46.15
CA THR H 441 27.77 46.96 45.66
C THR H 441 28.63 45.76 46.05
N THR H 442 27.97 44.67 46.40
CA THR H 442 28.65 43.43 46.77
C THR H 442 28.73 42.50 45.57
N PHE H 443 29.91 41.97 45.32
CA PHE H 443 30.15 41.09 44.19
C PHE H 443 30.23 39.64 44.67
N ASN H 444 30.46 38.74 43.73
CA ASN H 444 30.68 37.34 44.03
C ASN H 444 32.15 37.09 44.34
N TYR H 445 32.41 36.26 45.36
CA TYR H 445 33.75 36.00 45.81
C TYR H 445 33.88 34.49 46.07
N PRO H 446 34.99 33.87 45.66
CA PRO H 446 36.15 34.47 44.97
C PRO H 446 36.01 34.50 43.44
N THR H 447 35.94 35.71 42.88
CA THR H 447 35.97 35.90 41.43
C THR H 447 36.96 37.02 41.12
N MET H 448 37.23 37.21 39.82
CA MET H 448 38.05 38.33 39.40
C MET H 448 37.30 39.65 39.41
N ALA H 449 35.96 39.62 39.47
CA ALA H 449 35.19 40.85 39.57
C ALA H 449 35.52 41.60 40.86
N GLU H 450 35.82 40.87 41.93
CA GLU H 450 36.25 41.51 43.17
C GLU H 450 37.49 42.38 42.95
N ALA H 451 38.29 42.05 41.93
CA ALA H 451 39.43 42.88 41.58
C ALA H 451 39.00 44.33 41.39
N TYR H 452 37.86 44.54 40.72
CA TYR H 452 37.34 45.89 40.55
C TYR H 452 37.28 46.62 41.88
N ARG H 453 36.70 45.97 42.89
CA ARG H 453 36.60 46.56 44.21
C ARG H 453 37.97 47.02 44.68
N VAL H 454 38.97 46.13 44.60
CA VAL H 454 40.31 46.47 45.05
C VAL H 454 40.80 47.70 44.29
N ALA H 455 40.65 47.67 42.96
CA ALA H 455 41.09 48.80 42.15
C ALA H 455 40.44 50.09 42.63
N ALA H 456 39.13 50.04 42.91
CA ALA H 456 38.44 51.23 43.37
C ALA H 456 39.08 51.77 44.63
N TYR H 457 39.38 50.89 45.59
CA TYR H 457 40.03 51.34 46.81
C TYR H 457 41.40 51.92 46.50
N ASP H 458 42.15 51.26 45.60
CA ASP H 458 43.45 51.77 45.22
C ASP H 458 43.36 53.15 44.57
N GLY H 459 42.17 53.51 44.09
CA GLY H 459 41.94 54.86 43.62
C GLY H 459 41.59 55.80 44.76
N LEU H 460 40.70 55.33 45.65
CA LEU H 460 40.20 56.20 46.71
C LEU H 460 41.29 56.61 47.69
N ASN H 461 42.32 55.77 47.88
CA ASN H 461 43.44 56.17 48.70
C ASN H 461 44.22 57.32 48.07
N ARG H 462 44.34 57.33 46.73
CA ARG H 462 45.02 58.43 46.05
C ARG H 462 44.18 59.69 45.99
N LEU H 463 42.90 59.62 46.33
CA LEU H 463 42.01 60.78 46.31
C LEU H 463 42.02 61.45 47.67
N PHE H 464 42.16 62.77 47.69
CA PHE H 464 42.16 63.52 48.94
C PHE H 464 41.19 64.71 48.85
N TYR I 4 -35.91 -3.53 16.01
CA TYR I 4 -34.91 -4.58 16.08
C TYR I 4 -34.81 -5.12 17.50
N ASN I 5 -34.40 -6.39 17.62
CA ASN I 5 -34.24 -7.05 18.91
C ASN I 5 -32.84 -7.63 19.01
N TYR I 6 -32.23 -7.46 20.18
CA TYR I 6 -30.87 -7.93 20.44
C TYR I 6 -30.77 -8.32 21.91
N ASP I 7 -29.57 -8.72 22.32
CA ASP I 7 -29.29 -8.98 23.74
C ASP I 7 -28.42 -7.90 24.36
N VAL I 8 -27.31 -7.55 23.71
CA VAL I 8 -26.42 -6.50 24.20
C VAL I 8 -26.29 -5.44 23.12
N VAL I 9 -26.57 -4.19 23.48
CA VAL I 9 -26.45 -3.06 22.58
C VAL I 9 -25.39 -2.12 23.13
N VAL I 10 -24.38 -1.81 22.32
CA VAL I 10 -23.25 -0.99 22.71
C VAL I 10 -23.40 0.38 22.06
N ILE I 11 -23.13 1.43 22.82
CA ILE I 11 -23.15 2.79 22.31
C ILE I 11 -21.70 3.26 22.17
N GLY I 12 -21.30 3.60 20.94
CA GLY I 12 -19.95 4.02 20.68
C GLY I 12 -19.02 2.87 20.34
N THR I 13 -18.24 3.01 19.27
CA THR I 13 -17.34 1.97 18.80
C THR I 13 -15.88 2.25 19.18
N GLY I 14 -15.65 2.81 20.35
CA GLY I 14 -14.30 3.02 20.84
C GLY I 14 -13.72 1.74 21.41
N PRO I 15 -12.56 1.83 22.05
CA PRO I 15 -11.95 0.62 22.63
C PRO I 15 -12.86 -0.06 23.64
N ALA I 16 -13.54 0.72 24.50
CA ALA I 16 -14.45 0.13 25.47
C ALA I 16 -15.63 -0.55 24.78
N GLY I 17 -16.25 0.15 23.83
CA GLY I 17 -17.38 -0.43 23.12
C GLY I 17 -17.01 -1.64 22.31
N GLU I 18 -15.88 -1.56 21.59
CA GLU I 18 -15.44 -2.69 20.79
C GLU I 18 -15.13 -3.90 21.67
N GLY I 19 -14.44 -3.67 22.78
CA GLY I 19 -14.14 -4.78 23.69
C GLY I 19 -15.40 -5.39 24.28
N ALA I 20 -16.34 -4.55 24.70
CA ALA I 20 -17.58 -5.05 25.28
C ALA I 20 -18.35 -5.88 24.26
N ALA I 21 -18.47 -5.37 23.03
CA ALA I 21 -19.20 -6.08 22.00
C ALA I 21 -18.53 -7.41 21.65
N MET I 22 -17.20 -7.42 21.55
CA MET I 22 -16.51 -8.66 21.22
C MET I 22 -16.64 -9.69 22.35
N ASN I 23 -16.53 -9.26 23.60
CA ASN I 23 -16.71 -10.21 24.69
C ASN I 23 -18.13 -10.75 24.71
N ALA I 24 -19.11 -9.88 24.43
CA ALA I 24 -20.50 -10.32 24.42
C ALA I 24 -20.77 -11.32 23.29
N VAL I 25 -20.25 -11.05 22.09
CA VAL I 25 -20.45 -11.99 20.99
C VAL I 25 -19.65 -13.27 21.23
N LYS I 26 -18.56 -13.20 21.99
CA LYS I 26 -17.84 -14.41 22.36
C LYS I 26 -18.70 -15.31 23.24
N ALA I 27 -19.60 -14.71 24.03
CA ALA I 27 -20.52 -15.47 24.87
C ALA I 27 -21.65 -16.10 24.08
N GLY I 28 -21.83 -15.73 22.81
CA GLY I 28 -22.87 -16.31 21.98
C GLY I 28 -24.15 -15.50 21.88
N ARG I 29 -24.22 -14.33 22.51
CA ARG I 29 -25.41 -13.51 22.46
C ARG I 29 -25.52 -12.79 21.12
N LYS I 30 -26.68 -12.17 20.90
CA LYS I 30 -26.94 -11.36 19.71
C LYS I 30 -26.70 -9.91 20.08
N VAL I 31 -25.78 -9.26 19.37
CA VAL I 31 -25.20 -8.00 19.82
C VAL I 31 -25.24 -6.97 18.69
N ALA I 32 -25.52 -5.72 19.06
CA ALA I 32 -25.52 -4.62 18.11
C ALA I 32 -24.69 -3.47 18.66
N VAL I 33 -24.18 -2.64 17.76
CA VAL I 33 -23.35 -1.50 18.11
C VAL I 33 -23.84 -0.27 17.35
N VAL I 34 -23.80 0.88 18.02
CA VAL I 34 -24.22 2.16 17.45
C VAL I 34 -23.12 3.18 17.69
N ASP I 35 -22.77 3.93 16.65
CA ASP I 35 -21.77 4.98 16.75
C ASP I 35 -22.16 6.12 15.84
N ASP I 36 -22.16 7.35 16.39
CA ASP I 36 -22.59 8.51 15.62
C ASP I 36 -21.61 8.91 14.52
N ARG I 37 -20.36 8.46 14.59
CA ARG I 37 -19.42 8.77 13.52
C ARG I 37 -19.71 7.91 12.29
N PRO I 38 -19.41 8.42 11.09
CA PRO I 38 -19.62 7.61 9.88
C PRO I 38 -18.71 6.40 9.78
N GLN I 39 -17.66 6.32 10.60
CA GLN I 39 -16.73 5.19 10.55
C GLN I 39 -16.47 4.68 11.96
N VAL I 40 -16.08 3.40 12.05
CA VAL I 40 -15.87 2.75 13.33
C VAL I 40 -14.48 3.11 13.87
N GLY I 41 -14.41 3.29 15.18
CA GLY I 41 -13.14 3.55 15.85
C GLY I 41 -13.19 4.67 16.85
N GLY I 42 -13.99 5.71 16.59
CA GLY I 42 -14.13 6.79 17.54
C GLY I 42 -12.86 7.62 17.70
N ASN I 43 -12.76 8.26 18.86
CA ASN I 43 -11.57 9.04 19.18
C ASN I 43 -10.33 8.17 19.33
N CYS I 44 -10.52 6.84 19.43
CA CYS I 44 -9.38 5.94 19.47
C CYS I 44 -8.55 6.03 18.18
N THR I 45 -9.20 6.34 17.07
CA THR I 45 -8.55 6.31 15.77
C THR I 45 -8.76 7.56 14.94
N HIS I 46 -9.83 8.32 15.17
CA HIS I 46 -10.22 9.40 14.28
C HIS I 46 -9.63 10.75 14.68
N LEU I 47 -9.71 11.12 15.96
CA LEU I 47 -9.26 12.43 16.40
C LEU I 47 -8.29 12.39 17.58
N GLY I 48 -8.07 11.23 18.20
CA GLY I 48 -7.27 11.15 19.40
C GLY I 48 -5.96 10.42 19.25
N THR I 49 -5.95 9.14 19.66
CA THR I 49 -4.70 8.39 19.78
C THR I 49 -3.98 8.28 18.46
N ILE I 50 -4.66 7.81 17.42
CA ILE I 50 -3.98 7.52 16.15
C ILE I 50 -3.42 8.76 15.47
N PRO I 51 -4.18 9.85 15.29
CA PRO I 51 -3.58 11.03 14.62
C PRO I 51 -2.44 11.63 15.40
N SER I 52 -2.60 11.78 16.71
CA SER I 52 -1.54 12.35 17.54
C SER I 52 -0.29 11.47 17.51
N LYS I 53 -0.47 10.15 17.54
CA LYS I 53 0.69 9.25 17.54
C LYS I 53 1.39 9.26 16.19
N ALA I 54 0.63 9.30 15.10
CA ALA I 54 1.25 9.43 13.78
C ALA I 54 2.03 10.74 13.67
N LEU I 55 1.45 11.84 14.18
CA LEU I 55 2.14 13.11 14.18
C LEU I 55 3.43 13.04 14.99
N ARG I 56 3.36 12.42 16.17
CA ARG I 56 4.54 12.33 17.03
C ARG I 56 5.63 11.48 16.39
N HIS I 57 5.25 10.35 15.78
CA HIS I 57 6.24 9.50 15.14
C HIS I 57 6.87 10.20 13.94
N SER I 58 6.08 10.92 13.15
CA SER I 58 6.63 11.67 12.04
C SER I 58 7.57 12.76 12.53
N VAL I 59 7.21 13.45 13.63
CA VAL I 59 8.07 14.48 14.17
C VAL I 59 9.39 13.87 14.66
N ARG I 60 9.32 12.73 15.33
CA ARG I 60 10.53 12.07 15.81
C ARG I 60 11.42 11.65 14.64
N GLN I 61 10.82 11.11 13.58
CA GLN I 61 11.60 10.72 12.40
C GLN I 61 12.24 11.94 11.75
N ILE I 62 11.51 13.06 11.70
CA ILE I 62 12.06 14.30 11.17
C ILE I 62 13.26 14.75 11.99
N MET I 63 13.13 14.68 13.32
CA MET I 63 14.22 15.09 14.20
C MET I 63 15.44 14.21 14.01
N GLN I 64 15.24 12.89 13.89
CA GLN I 64 16.36 11.99 13.66
C GLN I 64 17.01 12.25 12.31
N TYR I 65 16.21 12.53 11.28
CA TYR I 65 16.76 12.80 9.95
C TYR I 65 17.59 14.09 9.96
N ASN I 66 17.10 15.12 10.65
CA ASN I 66 17.81 16.39 10.67
C ASN I 66 19.15 16.27 11.40
N ASN I 67 19.19 15.49 12.48
CA ASN I 67 20.40 15.32 13.27
C ASN I 67 21.24 14.14 12.83
N ASN I 68 20.88 13.49 11.72
CA ASN I 68 21.62 12.35 11.20
C ASN I 68 22.78 12.83 10.34
N PRO I 69 24.01 12.43 10.63
CA PRO I 69 25.14 12.81 9.76
C PRO I 69 25.00 12.29 8.34
N LEU I 70 24.14 11.30 8.09
CA LEU I 70 23.91 10.83 6.74
C LEU I 70 23.40 11.93 5.83
N PHE I 71 22.68 12.89 6.41
CA PHE I 71 22.14 14.01 5.63
C PHE I 71 22.58 15.35 6.22
N TRP I 79 12.64 23.19 6.32
CA TRP I 79 11.63 22.68 7.25
C TRP I 79 10.57 21.87 6.50
N PHE I 80 9.61 21.34 7.26
CA PHE I 80 8.55 20.50 6.70
C PHE I 80 7.19 21.12 7.05
N SER I 81 6.31 21.18 6.06
CA SER I 81 4.98 21.73 6.26
C SER I 81 4.15 20.81 7.16
N PHE I 82 3.25 21.42 7.93
CA PHE I 82 2.43 20.65 8.86
C PHE I 82 1.53 19.67 8.13
N ALA I 83 0.99 20.07 6.97
CA ALA I 83 0.12 19.19 6.21
C ALA I 83 0.85 17.94 5.75
N ASP I 84 2.10 18.09 5.30
CA ASP I 84 2.89 16.93 4.87
C ASP I 84 3.14 15.99 6.04
N VAL I 85 3.42 16.53 7.22
CA VAL I 85 3.64 15.69 8.40
C VAL I 85 2.36 14.96 8.77
N LEU I 86 1.22 15.65 8.72
CA LEU I 86 -0.05 15.03 9.10
C LEU I 86 -0.52 14.02 8.05
N LYS I 87 -0.02 14.12 6.81
CA LYS I 87 -0.48 13.25 5.74
C LYS I 87 -0.13 11.78 5.99
N SER I 88 0.76 11.49 6.94
CA SER I 88 1.10 10.11 7.23
C SER I 88 0.03 9.40 8.05
N ALA I 89 -0.98 10.13 8.54
CA ALA I 89 -1.96 9.54 9.44
C ALA I 89 -3.18 8.97 8.70
N GLU I 90 -3.45 9.44 7.48
CA GLU I 90 -4.65 8.99 6.80
C GLU I 90 -4.60 7.52 6.43
N GLN I 91 -3.44 7.04 5.99
CA GLN I 91 -3.33 5.62 5.65
C GLN I 91 -3.39 4.75 6.91
N VAL I 92 -2.84 5.24 8.02
CA VAL I 92 -2.92 4.49 9.27
C VAL I 92 -4.36 4.38 9.75
N ILE I 93 -5.10 5.50 9.72
CA ILE I 93 -6.49 5.47 10.17
C ILE I 93 -7.34 4.62 9.22
N ALA I 94 -7.04 4.67 7.92
CA ALA I 94 -7.76 3.82 6.97
C ALA I 94 -7.52 2.35 7.26
N LYS I 95 -6.26 1.98 7.51
CA LYS I 95 -5.96 0.58 7.82
C LYS I 95 -6.65 0.15 9.11
N GLN I 96 -6.62 1.00 10.13
CA GLN I 96 -7.25 0.64 11.40
C GLN I 96 -8.76 0.50 11.27
N VAL I 97 -9.40 1.42 10.55
CA VAL I 97 -10.85 1.35 10.40
C VAL I 97 -11.23 0.14 9.56
N SER I 98 -10.43 -0.19 8.53
CA SER I 98 -10.70 -1.39 7.75
C SER I 98 -10.56 -2.64 8.60
N SER I 99 -9.52 -2.69 9.44
CA SER I 99 -9.33 -3.85 10.30
C SER I 99 -10.47 -4.01 11.29
N ARG I 100 -10.92 -2.91 11.90
CA ARG I 100 -12.00 -3.00 12.87
C ARG I 100 -13.34 -3.32 12.19
N THR I 101 -13.56 -2.79 10.99
CA THR I 101 -14.76 -3.15 10.24
C THR I 101 -14.76 -4.63 9.89
N GLY I 102 -13.61 -5.17 9.48
CA GLY I 102 -13.53 -6.60 9.25
C GLY I 102 -13.75 -7.41 10.52
N TYR I 103 -13.23 -6.93 11.64
CA TYR I 103 -13.45 -7.60 12.92
C TYR I 103 -14.93 -7.68 13.25
N TYR I 104 -15.65 -6.56 13.08
CA TYR I 104 -17.08 -6.54 13.33
C TYR I 104 -17.84 -7.42 12.34
N ALA I 105 -17.44 -7.41 11.07
CA ALA I 105 -18.16 -8.17 10.06
C ALA I 105 -17.99 -9.67 10.28
N ARG I 106 -16.80 -10.11 10.66
CA ARG I 106 -16.55 -11.54 10.80
C ARG I 106 -17.39 -12.17 11.90
N ASN I 107 -17.53 -11.50 13.05
CA ASN I 107 -18.35 -12.01 14.13
C ASN I 107 -19.81 -11.57 14.04
N ARG I 108 -20.17 -10.88 12.95
CA ARG I 108 -21.57 -10.56 12.62
C ARG I 108 -22.22 -9.71 13.71
N ILE I 109 -21.72 -8.48 13.85
CA ILE I 109 -22.35 -7.46 14.68
C ILE I 109 -22.88 -6.36 13.76
N ASP I 110 -24.19 -6.11 13.84
CA ASP I 110 -24.79 -5.07 13.01
C ASP I 110 -24.45 -3.71 13.60
N THR I 111 -24.24 -2.72 12.73
CA THR I 111 -23.85 -1.38 13.14
C THR I 111 -24.84 -0.35 12.61
N PHE I 112 -24.93 0.77 13.33
CA PHE I 112 -25.82 1.88 13.00
C PHE I 112 -25.04 3.19 13.16
N PHE I 113 -24.86 3.91 12.06
CA PHE I 113 -24.05 5.13 12.07
C PHE I 113 -24.95 6.34 12.34
N GLY I 114 -25.35 6.47 13.60
CA GLY I 114 -26.22 7.57 13.98
C GLY I 114 -26.19 7.81 15.47
N THR I 115 -26.60 9.02 15.85
CA THR I 115 -26.67 9.38 17.26
C THR I 115 -27.68 8.53 17.99
N ALA I 116 -27.31 8.05 19.17
CA ALA I 116 -28.17 7.19 19.98
C ALA I 116 -28.73 7.98 21.15
N SER I 117 -30.04 7.88 21.36
CA SER I 117 -30.73 8.57 22.42
C SER I 117 -31.61 7.59 23.18
N PHE I 118 -31.84 7.86 24.46
CA PHE I 118 -32.59 6.97 25.33
C PHE I 118 -34.06 7.39 25.40
N CYS I 119 -34.94 6.41 25.36
CA CYS I 119 -36.38 6.63 25.52
C CYS I 119 -36.95 5.89 26.72
N ASP I 120 -36.49 4.66 26.97
CA ASP I 120 -36.93 3.88 28.11
C ASP I 120 -35.79 2.98 28.56
N GLU I 121 -36.10 1.98 29.37
CA GLU I 121 -35.08 1.10 29.92
C GLU I 121 -34.62 0.04 28.94
N HIS I 122 -35.33 -0.18 27.83
CA HIS I 122 -34.97 -1.24 26.90
C HIS I 122 -34.92 -0.80 25.44
N THR I 123 -35.51 0.34 25.08
CA THR I 123 -35.54 0.76 23.69
C THR I 123 -34.82 2.09 23.55
N ILE I 124 -34.14 2.26 22.41
CA ILE I 124 -33.40 3.48 22.10
C ILE I 124 -33.78 3.96 20.71
N GLU I 125 -33.49 5.23 20.45
CA GLU I 125 -33.73 5.85 19.16
C GLU I 125 -32.39 6.20 18.52
N VAL I 126 -32.19 5.72 17.29
CA VAL I 126 -30.99 6.03 16.53
C VAL I 126 -31.39 6.97 15.40
N VAL I 127 -30.79 8.15 15.39
CA VAL I 127 -31.11 9.21 14.43
C VAL I 127 -29.86 9.52 13.62
N HIS I 128 -29.96 9.39 12.31
CA HIS I 128 -28.85 9.67 11.40
C HIS I 128 -29.01 11.07 10.80
N LEU I 129 -28.04 11.45 9.97
CA LEU I 129 -28.03 12.78 9.38
C LEU I 129 -29.14 12.95 8.34
N ASN I 130 -29.65 11.84 7.80
CA ASN I 130 -30.67 11.94 6.76
C ASN I 130 -32.05 12.22 7.37
N GLY I 131 -32.16 12.16 8.69
CA GLY I 131 -33.46 12.08 9.33
C GLY I 131 -33.91 10.66 9.61
N MET I 132 -33.01 9.70 9.44
CA MET I 132 -33.29 8.31 9.73
C MET I 132 -33.74 8.15 11.17
N VAL I 133 -34.77 7.33 11.39
CA VAL I 133 -35.20 7.00 12.74
C VAL I 133 -35.31 5.48 12.85
N GLU I 134 -34.51 4.89 13.73
CA GLU I 134 -34.56 3.46 13.99
C GLU I 134 -34.65 3.19 15.49
N THR I 135 -35.13 2.00 15.82
CA THR I 135 -35.37 1.60 17.21
C THR I 135 -34.66 0.29 17.51
N LEU I 136 -33.92 0.26 18.60
CA LEU I 136 -33.23 -0.94 19.06
C LEU I 136 -33.73 -1.32 20.44
N VAL I 137 -33.96 -2.62 20.63
CA VAL I 137 -34.41 -3.18 21.90
C VAL I 137 -33.46 -4.31 22.29
N ALA I 138 -32.98 -4.28 23.53
CA ALA I 138 -32.11 -5.34 24.02
C ALA I 138 -32.20 -5.42 25.54
N LYS I 139 -31.79 -6.56 26.08
CA LYS I 139 -31.85 -6.76 27.53
C LYS I 139 -30.72 -6.03 28.24
N GLN I 140 -29.53 -6.00 27.63
CA GLN I 140 -28.36 -5.41 28.26
C GLN I 140 -27.78 -4.32 27.38
N PHE I 141 -27.37 -3.22 28.01
CA PHE I 141 -26.83 -2.06 27.31
C PHE I 141 -25.47 -1.72 27.86
N VAL I 142 -24.58 -1.26 26.98
CA VAL I 142 -23.24 -0.80 27.34
C VAL I 142 -23.09 0.63 26.84
N ILE I 143 -22.66 1.53 27.73
CA ILE I 143 -22.51 2.95 27.41
C ILE I 143 -21.02 3.24 27.32
N ALA I 144 -20.56 3.59 26.11
CA ALA I 144 -19.17 3.94 25.86
C ALA I 144 -19.09 5.20 25.01
N THR I 145 -19.87 6.21 25.39
CA THR I 145 -19.92 7.46 24.63
C THR I 145 -18.66 8.30 24.79
N GLY I 146 -17.76 7.92 25.69
CA GLY I 146 -16.49 8.63 25.79
C GLY I 146 -16.67 10.05 26.27
N SER I 147 -15.86 10.95 25.72
CA SER I 147 -15.91 12.36 26.11
C SER I 147 -15.50 13.22 24.92
N ARG I 148 -15.61 14.52 25.12
CA ARG I 148 -15.27 15.56 24.15
C ARG I 148 -14.41 16.59 24.85
N PRO I 149 -13.63 17.37 24.10
CA PRO I 149 -12.83 18.43 24.72
C PRO I 149 -13.70 19.41 25.50
N TYR I 150 -13.22 19.80 26.68
CA TYR I 150 -13.97 20.73 27.51
C TYR I 150 -13.86 22.13 26.91
N ARG I 151 -15.02 22.73 26.63
CA ARG I 151 -15.09 24.02 25.94
C ARG I 151 -15.71 25.07 26.84
N PRO I 152 -14.91 25.93 27.49
CA PRO I 152 -15.49 27.01 28.29
C PRO I 152 -16.21 28.01 27.42
N ALA I 153 -17.24 28.64 28.01
CA ALA I 153 -18.08 29.57 27.26
C ALA I 153 -17.30 30.80 26.82
N ASP I 154 -16.43 31.32 27.68
CA ASP I 154 -15.75 32.58 27.43
C ASP I 154 -14.61 32.47 26.40
N VAL I 155 -14.45 31.32 25.76
CA VAL I 155 -13.42 31.12 24.75
C VAL I 155 -14.11 31.00 23.40
N ASP I 156 -13.74 31.87 22.47
CA ASP I 156 -14.32 31.89 21.12
C ASP I 156 -13.62 30.81 20.31
N PHE I 157 -14.14 29.58 20.40
CA PHE I 157 -13.58 28.48 19.63
C PHE I 157 -13.92 28.57 18.14
N THR I 158 -14.85 29.44 17.77
CA THR I 158 -15.14 29.65 16.36
C THR I 158 -14.07 30.50 15.69
N HIS I 159 -13.18 31.11 16.46
CA HIS I 159 -12.09 31.89 15.89
C HIS I 159 -11.15 30.96 15.12
N PRO I 160 -10.71 31.34 13.92
CA PRO I 160 -9.83 30.45 13.14
C PRO I 160 -8.50 30.16 13.81
N ARG I 161 -8.00 31.05 14.67
CA ARG I 161 -6.70 30.89 15.28
C ARG I 161 -6.75 30.24 16.66
N ILE I 162 -7.93 29.83 17.11
CA ILE I 162 -8.12 29.17 18.40
C ILE I 162 -8.58 27.74 18.13
N TYR I 163 -7.88 26.77 18.72
CA TYR I 163 -8.14 25.36 18.47
C TYR I 163 -8.28 24.62 19.80
N ASP I 164 -8.82 23.41 19.70
CA ASP I 164 -8.91 22.47 20.81
C ASP I 164 -8.16 21.20 20.42
N SER I 165 -8.30 20.16 21.25
CA SER I 165 -7.61 18.90 20.98
C SER I 165 -8.09 18.24 19.70
N ASP I 166 -9.23 18.66 19.15
CA ASP I 166 -9.78 18.09 17.93
C ASP I 166 -9.47 18.96 16.70
N THR I 167 -9.80 20.25 16.75
CA THR I 167 -9.61 21.13 15.60
C THR I 167 -8.15 21.48 15.35
N ILE I 168 -7.24 21.14 16.26
CA ILE I 168 -5.83 21.45 16.07
C ILE I 168 -5.29 20.74 14.84
N LEU I 169 -5.82 19.56 14.52
CA LEU I 169 -5.40 18.86 13.32
C LEU I 169 -5.81 19.57 12.04
N SER I 170 -6.75 20.52 12.13
CA SER I 170 -7.17 21.31 10.98
C SER I 170 -6.18 22.40 10.62
N LEU I 171 -5.05 22.50 11.33
CA LEU I 171 -4.04 23.49 11.01
C LEU I 171 -3.50 23.29 9.61
N GLY I 172 -3.43 24.38 8.85
CA GLY I 172 -2.97 24.32 7.48
C GLY I 172 -1.56 24.84 7.28
N HIS I 173 -0.94 25.35 8.34
CA HIS I 173 0.41 25.88 8.25
C HIS I 173 1.05 25.82 9.63
N THR I 174 2.35 25.59 9.65
CA THR I 174 3.09 25.55 10.91
C THR I 174 3.21 26.95 11.47
N PRO I 175 2.69 27.21 12.67
CA PRO I 175 2.77 28.57 13.23
C PRO I 175 4.19 28.92 13.66
N ARG I 176 4.44 30.22 13.74
CA ARG I 176 5.73 30.70 14.24
C ARG I 176 5.82 30.55 15.75
N ARG I 177 4.72 30.82 16.46
CA ARG I 177 4.64 30.64 17.90
C ARG I 177 3.33 29.95 18.24
N LEU I 178 3.20 29.53 19.50
CA LEU I 178 2.00 28.81 19.92
C LEU I 178 1.90 28.86 21.44
N ILE I 179 0.66 28.72 21.92
CA ILE I 179 0.36 28.69 23.35
C ILE I 179 -0.50 27.47 23.64
N ILE I 180 -0.13 26.72 24.67
CA ILE I 180 -0.89 25.55 25.11
C ILE I 180 -1.34 25.79 26.54
N TYR I 181 -2.63 25.64 26.78
CA TYR I 181 -3.20 25.77 28.12
C TYR I 181 -3.56 24.39 28.67
N GLY I 182 -3.21 24.16 29.93
CA GLY I 182 -3.42 22.87 30.54
C GLY I 182 -2.21 21.97 30.42
N ALA I 183 -1.68 21.51 31.55
CA ALA I 183 -0.50 20.66 31.58
C ALA I 183 -0.85 19.18 31.62
N GLY I 184 -1.99 18.80 31.05
CA GLY I 184 -2.40 17.42 31.03
C GLY I 184 -1.57 16.60 30.06
N VAL I 185 -1.96 15.32 29.94
CA VAL I 185 -1.24 14.40 29.06
C VAL I 185 -1.30 14.90 27.63
N ILE I 186 -2.49 15.29 27.17
CA ILE I 186 -2.66 15.77 25.80
C ILE I 186 -1.85 17.05 25.58
N GLY I 187 -1.90 17.97 26.55
CA GLY I 187 -1.16 19.21 26.41
C GLY I 187 0.33 19.00 26.31
N CYS I 188 0.87 18.16 27.19
CA CYS I 188 2.31 17.88 27.16
C CYS I 188 2.70 17.16 25.87
N GLU I 189 1.88 16.21 25.42
CA GLU I 189 2.18 15.50 24.18
C GLU I 189 2.22 16.45 23.00
N TYR I 190 1.22 17.33 22.90
CA TYR I 190 1.20 18.30 21.80
C TYR I 190 2.35 19.29 21.90
N ALA I 191 2.69 19.72 23.12
CA ALA I 191 3.82 20.62 23.29
C ALA I 191 5.11 19.97 22.81
N SER I 192 5.33 18.70 23.18
CA SER I 192 6.52 18.00 22.72
C SER I 192 6.53 17.84 21.21
N ILE I 193 5.39 17.49 20.63
CA ILE I 193 5.33 17.29 19.18
C ILE I 193 5.64 18.60 18.44
N PHE I 194 5.01 19.69 18.87
CA PHE I 194 5.22 20.97 18.20
C PHE I 194 6.65 21.48 18.42
N SER I 195 7.21 21.26 19.61
CA SER I 195 8.60 21.63 19.83
C SER I 195 9.53 20.83 18.91
N GLY I 196 9.23 19.55 18.72
CA GLY I 196 9.96 18.78 17.72
C GLY I 196 9.83 19.36 16.33
N LEU I 197 8.63 19.85 15.99
CA LEU I 197 8.42 20.51 14.70
C LEU I 197 9.20 21.81 14.57
N GLY I 198 9.58 22.45 15.68
CA GLY I 198 10.36 23.67 15.61
C GLY I 198 9.56 24.94 15.77
N VAL I 199 8.68 24.99 16.75
CA VAL I 199 7.89 26.17 17.07
C VAL I 199 8.01 26.45 18.56
N LEU I 200 8.17 27.72 18.92
CA LEU I 200 8.32 28.13 20.31
C LEU I 200 6.99 27.97 21.03
N VAL I 201 6.85 26.88 21.78
CA VAL I 201 5.63 26.58 22.50
C VAL I 201 5.72 27.17 23.90
N ASP I 202 4.65 27.80 24.36
CA ASP I 202 4.56 28.37 25.69
C ASP I 202 3.49 27.61 26.47
N LEU I 203 3.91 26.51 27.09
CA LEU I 203 2.99 25.70 27.87
C LEU I 203 2.57 26.43 29.14
N ILE I 204 1.28 26.38 29.46
CA ILE I 204 0.72 27.05 30.62
C ILE I 204 0.15 25.99 31.55
N ASP I 205 0.51 26.05 32.82
CA ASP I 205 0.10 25.07 33.81
C ASP I 205 -0.60 25.76 34.98
N ASN I 206 -1.64 25.10 35.49
CA ASN I 206 -2.36 25.58 36.66
C ASN I 206 -1.68 25.19 37.97
N ARG I 207 -0.71 24.28 37.93
CA ARG I 207 -0.01 23.81 39.10
C ARG I 207 1.44 24.27 39.06
N ASP I 208 2.20 23.90 40.10
CA ASP I 208 3.59 24.27 40.20
C ASP I 208 4.54 23.23 39.62
N GLN I 209 4.07 22.00 39.43
CA GLN I 209 4.89 20.91 38.89
C GLN I 209 4.13 20.20 37.79
N LEU I 210 4.81 19.94 36.68
CA LEU I 210 4.19 19.24 35.56
C LEU I 210 3.90 17.80 35.94
N LEU I 211 2.64 17.38 35.76
CA LEU I 211 2.20 16.02 36.05
C LEU I 211 2.59 15.61 37.47
N SER I 212 1.97 16.31 38.42
CA SER I 212 2.27 16.08 39.83
C SER I 212 1.97 14.64 40.28
N PHE I 213 1.09 13.94 39.57
CA PHE I 213 0.82 12.55 39.92
C PHE I 213 1.95 11.61 39.54
N LEU I 214 2.93 12.09 38.77
CA LEU I 214 4.10 11.30 38.43
C LEU I 214 5.18 11.46 39.48
N ASP I 215 6.29 10.76 39.28
CA ASP I 215 7.43 10.87 40.18
C ASP I 215 8.11 12.23 40.01
N ASP I 216 8.74 12.70 41.09
CA ASP I 216 9.38 14.00 41.06
C ASP I 216 10.55 14.03 40.09
N GLU I 217 11.37 12.97 40.09
CA GLU I 217 12.53 12.94 39.19
C GLU I 217 12.11 12.90 37.73
N ILE I 218 11.10 12.08 37.41
CA ILE I 218 10.65 11.97 36.03
C ILE I 218 10.08 13.30 35.56
N SER I 219 9.27 13.95 36.39
CA SER I 219 8.70 15.25 36.03
C SER I 219 9.79 16.29 35.84
N ASP I 220 10.81 16.29 36.72
CA ASP I 220 11.91 17.23 36.60
C ASP I 220 12.68 17.02 35.30
N SER I 221 12.95 15.75 34.96
CA SER I 221 13.65 15.47 33.71
C SER I 221 12.84 15.89 32.50
N LEU I 222 11.53 15.61 32.52
CA LEU I 222 10.67 16.03 31.41
C LEU I 222 10.65 17.55 31.28
N SER I 223 10.55 18.27 32.40
CA SER I 223 10.56 19.72 32.36
C SER I 223 11.88 20.25 31.82
N TYR I 224 13.01 19.64 32.24
CA TYR I 224 14.30 20.07 31.74
C TYR I 224 14.40 19.88 30.24
N HIS I 225 13.95 18.72 29.74
CA HIS I 225 14.01 18.48 28.30
C HIS I 225 13.10 19.43 27.53
N LEU I 226 11.89 19.65 28.03
CA LEU I 226 10.97 20.57 27.35
C LEU I 226 11.55 21.98 27.30
N ARG I 227 12.10 22.46 28.42
CA ARG I 227 12.71 23.78 28.43
C ARG I 227 13.90 23.85 27.49
N ASN I 228 14.70 22.78 27.44
CA ASN I 228 15.81 22.72 26.48
C ASN I 228 15.31 22.64 25.04
N ASN I 229 14.04 22.31 24.83
CA ASN I 229 13.49 22.25 23.47
C ASN I 229 12.45 23.35 23.24
N ASN I 230 12.75 24.55 23.72
CA ASN I 230 12.01 25.79 23.47
C ASN I 230 10.63 25.83 24.13
N VAL I 231 10.25 24.83 24.92
CA VAL I 231 8.96 24.83 25.60
C VAL I 231 9.11 25.68 26.87
N LEU I 232 8.77 26.96 26.75
CA LEU I 232 8.80 27.86 27.90
C LEU I 232 7.61 27.54 28.80
N ILE I 233 7.88 26.97 29.97
CA ILE I 233 6.85 26.50 30.88
C ILE I 233 6.67 27.54 31.98
N ARG I 234 5.44 28.01 32.15
CA ARG I 234 5.08 28.94 33.23
C ARG I 234 4.14 28.22 34.19
N HIS I 235 4.52 28.21 35.48
CA HIS I 235 3.80 27.47 36.49
C HIS I 235 2.88 28.38 37.29
N ASN I 236 1.89 27.75 37.94
CA ASN I 236 0.93 28.44 38.82
C ASN I 236 0.24 29.59 38.09
N GLU I 237 -0.51 29.22 37.05
CA GLU I 237 -1.17 30.21 36.19
C GLU I 237 -2.63 29.87 36.01
N GLU I 238 -3.44 30.90 35.86
CA GLU I 238 -4.88 30.75 35.57
C GLU I 238 -5.27 31.82 34.58
N TYR I 239 -5.92 31.41 33.49
CA TYR I 239 -6.28 32.36 32.44
C TYR I 239 -7.35 33.33 32.91
N GLU I 240 -7.29 34.54 32.38
CA GLU I 240 -8.29 35.57 32.67
C GLU I 240 -9.12 35.94 31.45
N ARG I 241 -8.49 36.17 30.30
CA ARG I 241 -9.24 36.57 29.12
C ARG I 241 -8.45 36.27 27.85
N VAL I 242 -9.07 35.59 26.91
CA VAL I 242 -8.45 35.20 25.64
C VAL I 242 -9.01 36.10 24.54
N GLU I 243 -8.14 36.61 23.68
CA GLU I 243 -8.51 37.53 22.62
C GLU I 243 -7.95 37.04 21.30
N GLY I 244 -8.80 36.98 20.28
CA GLY I 244 -8.39 36.55 18.95
C GLY I 244 -8.25 37.73 18.02
N LEU I 245 -7.15 37.76 17.29
CA LEU I 245 -6.85 38.82 16.33
C LEU I 245 -6.74 38.24 14.92
N ASP I 246 -6.48 39.13 13.96
CA ASP I 246 -6.30 38.69 12.59
C ASP I 246 -5.03 37.88 12.41
N ASN I 247 -3.97 38.23 13.15
CA ASN I 247 -2.68 37.59 12.99
C ASN I 247 -2.29 36.66 14.14
N GLY I 248 -2.72 36.94 15.36
CA GLY I 248 -2.33 36.13 16.49
C GLY I 248 -3.41 36.07 17.56
N VAL I 249 -3.08 35.39 18.65
CA VAL I 249 -3.97 35.23 19.80
C VAL I 249 -3.24 35.75 21.03
N ILE I 250 -3.93 36.57 21.82
CA ILE I 250 -3.35 37.19 23.01
C ILE I 250 -4.11 36.67 24.23
N LEU I 251 -3.39 36.05 25.16
CA LEU I 251 -3.97 35.55 26.39
C LEU I 251 -3.51 36.43 27.55
N HIS I 252 -4.48 37.00 28.26
CA HIS I 252 -4.23 37.77 29.48
C HIS I 252 -4.47 36.84 30.66
N LEU I 253 -3.42 36.57 31.42
CA LEU I 253 -3.48 35.71 32.59
C LEU I 253 -3.92 36.51 33.81
N LYS I 254 -4.40 35.78 34.83
CA LYS I 254 -4.79 36.44 36.07
C LYS I 254 -3.61 37.06 36.79
N SER I 255 -2.40 36.54 36.56
CA SER I 255 -1.21 37.10 37.20
C SER I 255 -0.79 38.41 36.58
N GLY I 256 -1.38 38.80 35.44
CA GLY I 256 -1.05 40.04 34.77
C GLY I 256 -0.19 39.90 33.54
N LYS I 257 0.33 38.71 33.25
CA LYS I 257 1.13 38.51 32.05
C LYS I 257 0.25 38.39 30.82
N LYS I 258 0.67 39.00 29.73
CA LYS I 258 -0.01 38.90 28.44
C LYS I 258 0.91 38.18 27.47
N ILE I 259 0.43 37.08 26.90
CA ILE I 259 1.23 36.25 26.00
C ILE I 259 0.58 36.26 24.63
N LYS I 260 1.35 36.64 23.61
CA LYS I 260 0.88 36.70 22.24
C LYS I 260 1.54 35.60 21.42
N ALA I 261 0.75 34.87 20.64
CA ALA I 261 1.26 33.82 19.77
C ALA I 261 0.57 33.92 18.42
N ASP I 262 0.96 33.05 17.50
CA ASP I 262 0.32 32.96 16.19
C ASP I 262 -0.75 31.88 16.15
N ALA I 263 -1.04 31.22 17.26
CA ALA I 263 -2.06 30.20 17.34
C ALA I 263 -2.41 29.99 18.81
N PHE I 264 -3.30 29.04 19.08
CA PHE I 264 -3.72 28.76 20.45
C PHE I 264 -4.35 27.38 20.48
N LEU I 265 -4.02 26.61 21.53
CA LEU I 265 -4.54 25.26 21.70
C LEU I 265 -5.01 25.09 23.13
N TRP I 266 -6.21 24.54 23.31
CA TRP I 266 -6.78 24.28 24.62
C TRP I 266 -6.79 22.78 24.87
N SER I 267 -6.22 22.37 26.01
CA SER I 267 -6.15 20.96 26.37
C SER I 267 -6.45 20.74 27.85
N ASN I 268 -7.31 21.56 28.42
CA ASN I 268 -7.62 21.52 29.85
C ASN I 268 -8.87 20.68 30.07
N GLY I 269 -8.67 19.38 30.31
CA GLY I 269 -9.75 18.51 30.70
C GLY I 269 -10.67 18.06 29.58
N ARG I 270 -11.55 17.11 29.89
CA ARG I 270 -12.52 16.60 28.94
C ARG I 270 -13.84 16.38 29.67
N THR I 271 -14.94 16.48 28.93
CA THR I 271 -16.29 16.35 29.49
C THR I 271 -17.01 15.20 28.80
N GLY I 272 -17.66 14.35 29.60
CA GLY I 272 -18.28 13.16 29.04
C GLY I 272 -19.42 13.49 28.10
N ASN I 273 -19.66 12.58 27.16
CA ASN I 273 -20.70 12.76 26.14
C ASN I 273 -21.99 12.14 26.64
N THR I 274 -22.79 12.96 27.32
CA THR I 274 -24.08 12.54 27.85
C THR I 274 -25.21 13.52 27.57
N ASP I 275 -24.93 14.68 26.96
CA ASP I 275 -25.96 15.67 26.73
C ASP I 275 -27.01 15.16 25.74
N LYS I 276 -26.56 14.52 24.66
CA LYS I 276 -27.49 14.04 23.64
C LYS I 276 -28.02 12.64 23.93
N LEU I 277 -27.52 11.96 24.96
CA LEU I 277 -27.97 10.61 25.25
C LEU I 277 -29.40 10.60 25.81
N GLY I 278 -29.84 11.69 26.42
CA GLY I 278 -31.14 11.71 27.07
C GLY I 278 -31.15 10.86 28.32
N LEU I 279 -30.25 11.18 29.25
CA LEU I 279 -30.07 10.35 30.44
C LEU I 279 -31.28 10.43 31.36
N GLU I 280 -32.04 11.52 31.32
CA GLU I 280 -33.20 11.66 32.20
C GLU I 280 -34.33 10.70 31.81
N ASN I 281 -34.32 10.18 30.58
CA ASN I 281 -35.38 9.28 30.14
C ASN I 281 -35.33 7.92 30.83
N ILE I 282 -34.26 7.61 31.54
CA ILE I 282 -34.12 6.34 32.23
C ILE I 282 -33.95 6.50 33.74
N GLY I 283 -33.78 7.72 34.22
CA GLY I 283 -33.62 7.97 35.64
C GLY I 283 -32.18 8.12 36.11
N LEU I 284 -31.22 8.15 35.19
CA LEU I 284 -29.82 8.32 35.54
C LEU I 284 -29.39 9.76 35.36
N LYS I 285 -28.38 10.16 36.14
CA LYS I 285 -27.87 11.53 36.10
C LYS I 285 -26.34 11.49 36.05
N ALA I 286 -25.78 12.49 35.37
CA ALA I 286 -24.34 12.64 35.22
C ALA I 286 -23.87 13.90 35.95
N ASN I 287 -22.65 13.85 36.46
CA ASN I 287 -22.08 14.97 37.19
C ASN I 287 -21.68 16.08 36.23
N GLY I 288 -21.04 17.12 36.78
CA GLY I 288 -20.63 18.25 35.96
C GLY I 288 -19.61 17.88 34.91
N ARG I 289 -18.88 16.79 35.12
CA ARG I 289 -17.89 16.31 34.15
C ARG I 289 -18.51 15.41 33.09
N GLY I 290 -19.82 15.17 33.14
CA GLY I 290 -20.45 14.28 32.19
C GLY I 290 -20.12 12.82 32.38
N GLN I 291 -19.76 12.43 33.60
CA GLN I 291 -19.36 11.06 33.90
C GLN I 291 -20.47 10.34 34.65
N ILE I 292 -20.52 9.02 34.48
CA ILE I 292 -21.55 8.18 35.07
C ILE I 292 -20.93 7.31 36.15
N GLN I 293 -21.53 7.33 37.34
CA GLN I 293 -21.03 6.51 38.44
C GLN I 293 -21.30 5.04 38.17
N VAL I 294 -20.27 4.21 38.39
CA VAL I 294 -20.38 2.77 38.21
C VAL I 294 -19.75 2.07 39.41
N ASP I 295 -20.15 0.82 39.61
CA ASP I 295 -19.64 0.02 40.71
C ASP I 295 -18.40 -0.75 40.25
N GLU I 296 -17.95 -1.70 41.07
CA GLU I 296 -16.82 -2.54 40.68
C GLU I 296 -17.16 -3.47 39.54
N HIS I 297 -18.44 -3.67 39.25
CA HIS I 297 -18.90 -4.45 38.11
C HIS I 297 -19.15 -3.58 36.88
N TYR I 298 -18.82 -2.29 36.95
CA TYR I 298 -19.13 -1.33 35.88
C TYR I 298 -20.63 -1.30 35.57
N ARG I 299 -21.45 -1.44 36.59
CA ARG I 299 -22.90 -1.36 36.48
C ARG I 299 -23.37 -0.11 37.20
N THR I 300 -24.27 0.64 36.55
CA THR I 300 -24.81 1.86 37.14
C THR I 300 -25.93 1.49 38.10
N GLU I 301 -26.71 2.50 38.52
CA GLU I 301 -27.85 2.24 39.40
C GLU I 301 -28.85 1.32 38.73
N VAL I 302 -29.13 1.52 37.45
CA VAL I 302 -29.99 0.63 36.70
C VAL I 302 -29.29 -0.72 36.53
N SER I 303 -30.02 -1.80 36.81
CA SER I 303 -29.40 -3.13 36.82
C SER I 303 -28.96 -3.56 35.43
N ASN I 304 -29.69 -3.19 34.39
CA ASN I 304 -29.39 -3.61 33.03
C ASN I 304 -28.62 -2.55 32.24
N ILE I 305 -28.17 -1.49 32.89
CA ILE I 305 -27.42 -0.43 32.24
C ILE I 305 -25.99 -0.48 32.74
N TYR I 306 -25.04 -0.57 31.81
CA TYR I 306 -23.63 -0.67 32.13
C TYR I 306 -22.85 0.43 31.41
N ALA I 307 -21.97 1.10 32.15
CA ALA I 307 -21.12 2.14 31.59
C ALA I 307 -19.66 1.76 31.84
N ALA I 308 -18.84 1.94 30.82
CA ALA I 308 -17.42 1.58 30.91
C ALA I 308 -16.61 2.51 30.01
N GLY I 309 -15.32 2.58 30.30
CA GLY I 309 -14.42 3.39 29.50
C GLY I 309 -14.31 4.83 29.99
N ASP I 310 -13.78 5.65 29.09
CA ASP I 310 -13.50 7.06 29.41
C ASP I 310 -14.76 7.82 29.83
N VAL I 311 -15.94 7.34 29.44
CA VAL I 311 -17.18 7.98 29.84
C VAL I 311 -17.35 7.98 31.36
N ILE I 312 -16.75 7.01 32.06
CA ILE I 312 -16.82 6.98 33.52
C ILE I 312 -15.78 7.88 34.17
N GLY I 313 -14.86 8.45 33.40
CA GLY I 313 -13.84 9.32 33.94
C GLY I 313 -12.49 8.66 34.08
N TRP I 314 -12.13 8.29 35.30
CA TRP I 314 -10.84 7.65 35.54
C TRP I 314 -10.79 6.30 34.84
N PRO I 315 -9.65 5.94 34.22
CA PRO I 315 -8.42 6.71 34.08
C PRO I 315 -8.30 7.43 32.74
N SER I 316 -9.34 7.34 31.90
CA SER I 316 -9.36 7.99 30.58
C SER I 316 -8.18 7.55 29.73
N LEU I 317 -7.94 6.24 29.70
CA LEU I 317 -6.88 5.66 28.89
C LEU I 317 -7.49 4.63 27.95
N ALA I 318 -7.11 4.70 26.67
CA ALA I 318 -7.78 3.90 25.65
C ALA I 318 -7.63 2.41 25.90
N SER I 319 -6.43 1.96 26.25
CA SER I 319 -6.24 0.56 26.60
C SER I 319 -7.00 0.22 27.89
N ALA I 320 -6.94 1.12 28.87
CA ALA I 320 -7.71 0.92 30.09
C ALA I 320 -9.20 0.92 29.80
N ALA I 321 -9.66 1.78 28.89
CA ALA I 321 -11.06 1.78 28.50
C ALA I 321 -11.45 0.47 27.83
N TYR I 322 -10.58 -0.05 26.97
CA TYR I 322 -10.83 -1.33 26.33
C TYR I 322 -10.97 -2.44 27.36
N ASP I 323 -10.06 -2.48 28.32
CA ASP I 323 -10.13 -3.50 29.36
C ASP I 323 -11.37 -3.32 30.24
N GLN I 324 -11.75 -2.07 30.52
CA GLN I 324 -12.95 -1.81 31.32
C GLN I 324 -14.20 -2.27 30.60
N GLY I 325 -14.28 -2.00 29.29
CA GLY I 325 -15.41 -2.49 28.52
C GLY I 325 -15.46 -4.01 28.45
N ARG I 326 -14.29 -4.63 28.32
CA ARG I 326 -14.22 -6.10 28.34
C ARG I 326 -14.73 -6.65 29.67
N SER I 327 -14.32 -6.03 30.78
CA SER I 327 -14.77 -6.49 32.09
C SER I 327 -16.25 -6.23 32.29
N ALA I 328 -16.77 -5.12 31.76
CA ALA I 328 -18.20 -4.84 31.85
C ALA I 328 -19.01 -5.87 31.07
N ALA I 329 -18.54 -6.25 29.88
CA ALA I 329 -19.21 -7.29 29.12
C ALA I 329 -19.15 -8.63 29.85
N GLY I 330 -18.00 -8.93 30.45
CA GLY I 330 -17.89 -10.15 31.25
C GLY I 330 -18.86 -10.17 32.42
N SER I 331 -19.02 -9.02 33.08
CA SER I 331 -20.00 -8.91 34.16
C SER I 331 -21.41 -9.10 33.64
N ILE I 332 -21.70 -8.55 32.46
CA ILE I 332 -23.03 -8.73 31.85
C ILE I 332 -23.29 -10.21 31.60
N THR I 333 -22.31 -10.90 31.04
CA THR I 333 -22.43 -12.33 30.79
C THR I 333 -22.14 -13.18 32.02
N GLU I 334 -21.49 -12.61 33.03
CA GLU I 334 -21.17 -13.32 34.28
C GLU I 334 -20.42 -14.63 34.01
N ASN I 335 -19.45 -14.55 33.10
CA ASN I 335 -18.65 -15.71 32.72
C ASN I 335 -17.26 -15.70 33.36
N ASP I 336 -17.13 -15.11 34.54
CA ASP I 336 -15.94 -15.11 35.38
C ASP I 336 -14.84 -14.20 34.82
N SER I 337 -15.04 -13.64 33.62
CA SER I 337 -14.03 -12.83 32.97
C SER I 337 -13.95 -11.41 33.51
N TRP I 338 -14.85 -11.02 34.41
CA TRP I 338 -14.83 -9.68 34.98
C TRP I 338 -13.61 -9.47 35.86
N ARG I 339 -13.06 -8.25 35.81
CA ARG I 339 -11.96 -7.86 36.69
C ARG I 339 -11.90 -6.34 36.70
N PHE I 340 -11.96 -5.74 37.88
CA PHE I 340 -11.96 -4.28 38.00
C PHE I 340 -10.61 -3.73 37.59
N VAL I 341 -10.61 -2.87 36.56
CA VAL I 341 -9.37 -2.32 36.01
C VAL I 341 -8.99 -1.10 36.85
N ASP I 342 -8.01 -1.26 37.72
CA ASP I 342 -7.58 -0.16 38.60
C ASP I 342 -6.10 0.14 38.49
N ASP I 343 -5.25 -0.87 38.35
CA ASP I 343 -3.80 -0.67 38.31
C ASP I 343 -3.34 -0.51 36.86
N VAL I 344 -3.68 0.64 36.30
CA VAL I 344 -3.35 0.97 34.91
C VAL I 344 -1.96 1.61 34.90
N PRO I 345 -1.01 1.07 34.15
CA PRO I 345 0.32 1.71 34.05
C PRO I 345 0.22 3.00 33.24
N THR I 346 0.50 4.12 33.90
CA THR I 346 0.37 5.42 33.24
C THR I 346 1.44 5.59 32.17
N GLY I 347 1.06 6.17 31.04
CA GLY I 347 1.96 6.39 29.93
C GLY I 347 1.74 7.72 29.23
N ILE I 348 2.79 8.52 29.11
CA ILE I 348 2.75 9.81 28.44
C ILE I 348 3.64 9.71 27.21
N TYR I 349 3.06 9.93 26.04
CA TYR I 349 3.80 9.76 24.77
C TYR I 349 4.32 11.10 24.27
N THR I 350 5.26 11.67 25.02
CA THR I 350 6.01 12.83 24.57
C THR I 350 7.28 12.37 23.86
N ILE I 351 8.18 13.29 23.56
CA ILE I 351 9.47 12.98 22.96
C ILE I 351 10.55 13.36 23.98
N PRO I 352 11.13 12.41 24.70
CA PRO I 352 10.89 10.95 24.65
C PRO I 352 9.72 10.53 25.52
N GLU I 353 9.42 9.23 25.60
CA GLU I 353 8.23 8.76 26.27
C GLU I 353 8.44 8.68 27.79
N ILE I 354 7.33 8.52 28.51
CA ILE I 354 7.34 8.37 29.96
C ILE I 354 6.35 7.28 30.31
N SER I 355 6.69 6.42 31.27
CA SER I 355 5.70 5.48 31.76
C SER I 355 6.03 5.08 33.19
N SER I 356 5.00 4.62 33.90
CA SER I 356 5.15 4.27 35.31
C SER I 356 4.08 3.26 35.69
N VAL I 357 4.40 2.45 36.70
CA VAL I 357 3.48 1.46 37.24
C VAL I 357 3.79 1.27 38.72
N GLY I 358 2.74 1.38 39.54
CA GLY I 358 2.92 1.22 40.97
C GLY I 358 3.09 2.54 41.69
N LYS I 359 3.57 2.44 42.93
CA LYS I 359 3.75 3.61 43.78
C LYS I 359 4.92 4.46 43.30
N THR I 360 4.85 5.76 43.58
CA THR I 360 5.95 6.67 43.33
C THR I 360 6.82 6.77 44.58
N GLU I 361 7.86 7.60 44.51
CA GLU I 361 8.73 7.78 45.66
C GLU I 361 8.05 8.63 46.73
N ARG I 362 7.16 9.53 46.32
CA ARG I 362 6.46 10.37 47.28
C ARG I 362 5.50 9.57 48.14
N GLU I 363 4.70 8.71 47.51
CA GLU I 363 3.77 7.88 48.26
C GLU I 363 4.52 6.89 49.15
N LEU I 364 5.62 6.32 48.65
CA LEU I 364 6.42 5.41 49.47
C LEU I 364 7.02 6.13 50.68
N THR I 365 7.50 7.37 50.48
CA THR I 365 8.01 8.14 51.61
C THR I 365 6.90 8.45 52.61
N GLN I 366 5.71 8.80 52.11
CA GLN I 366 4.59 9.09 53.01
C GLN I 366 4.19 7.86 53.80
N ALA I 367 4.21 6.69 53.18
CA ALA I 367 3.81 5.45 53.85
C ALA I 367 4.93 4.83 54.67
N LYS I 368 6.12 5.45 54.68
CA LYS I 368 7.26 4.98 55.49
C LYS I 368 7.66 3.55 55.15
N VAL I 369 7.53 3.17 53.89
CA VAL I 369 7.94 1.83 53.46
C VAL I 369 9.46 1.82 53.29
N PRO I 370 10.18 0.88 53.90
CA PRO I 370 11.63 0.84 53.75
C PRO I 370 12.05 0.35 52.37
N TYR I 371 12.03 1.26 51.40
CA TYR I 371 12.33 0.93 50.02
C TYR I 371 13.76 1.32 49.66
N GLU I 372 14.15 1.00 48.43
CA GLU I 372 15.46 1.38 47.90
C GLU I 372 15.31 1.59 46.40
N VAL I 373 16.25 2.37 45.84
CA VAL I 373 16.17 2.86 44.48
C VAL I 373 17.31 2.25 43.67
N GLY I 374 16.96 1.66 42.53
CA GLY I 374 17.94 1.21 41.56
C GLY I 374 17.79 1.94 40.25
N LYS I 375 18.84 2.61 39.80
CA LYS I 375 18.77 3.46 38.62
C LYS I 375 19.59 2.88 37.47
N ALA I 376 19.17 3.22 36.25
CA ALA I 376 19.88 2.82 35.04
C ALA I 376 19.73 3.95 34.03
N PHE I 377 20.84 4.59 33.66
CA PHE I 377 20.80 5.75 32.80
C PHE I 377 21.03 5.34 31.35
N PHE I 378 20.19 5.88 30.46
CA PHE I 378 20.24 5.51 29.05
C PHE I 378 21.47 6.06 28.35
N LYS I 379 22.17 7.03 28.96
CA LYS I 379 23.32 7.64 28.29
C LYS I 379 24.45 6.66 28.07
N GLY I 380 24.64 5.72 29.00
CA GLY I 380 25.72 4.75 28.88
C GLY I 380 25.26 3.43 28.30
N MET I 381 24.20 3.48 27.51
CA MET I 381 23.55 2.27 26.99
C MET I 381 23.94 2.02 25.54
N ALA I 382 24.31 0.78 25.23
CA ALA I 382 24.65 0.42 23.86
C ALA I 382 23.47 0.61 22.93
N ARG I 383 22.28 0.15 23.34
CA ARG I 383 21.11 0.27 22.49
C ARG I 383 20.66 1.72 22.36
N ALA I 384 20.66 2.47 23.47
CA ALA I 384 20.23 3.86 23.41
C ALA I 384 21.17 4.71 22.57
N GLN I 385 22.48 4.51 22.74
CA GLN I 385 23.44 5.23 21.90
C GLN I 385 23.34 4.81 20.44
N ILE I 386 23.13 3.52 20.20
CA ILE I 386 23.03 3.02 18.84
C ILE I 386 21.76 3.55 18.16
N ALA I 387 20.75 3.89 18.96
CA ALA I 387 19.55 4.52 18.45
C ALA I 387 19.62 6.05 18.50
N VAL I 388 20.74 6.61 18.96
CA VAL I 388 20.96 8.05 19.04
C VAL I 388 19.91 8.65 19.97
N GLU I 389 19.71 8.03 21.12
CA GLU I 389 18.81 8.53 22.16
C GLU I 389 19.62 8.63 23.45
N LYS I 390 20.29 9.77 23.63
CA LYS I 390 21.20 9.93 24.77
C LYS I 390 20.45 10.19 26.08
N ALA I 391 19.27 10.80 26.02
CA ALA I 391 18.56 11.18 27.23
C ALA I 391 17.63 10.07 27.69
N GLY I 392 17.39 10.01 28.99
CA GLY I 392 16.48 9.07 29.58
C GLY I 392 17.07 8.38 30.80
N MET I 393 16.17 7.81 31.59
CA MET I 393 16.56 7.09 32.80
C MET I 393 15.47 6.07 33.14
N LEU I 394 15.87 5.06 33.91
CA LEU I 394 14.94 4.06 34.43
C LEU I 394 15.18 3.91 35.92
N LYS I 395 14.09 3.94 36.69
CA LYS I 395 14.17 3.84 38.15
C LYS I 395 13.28 2.70 38.62
N ILE I 396 13.82 1.86 39.50
CA ILE I 396 13.08 0.75 40.10
C ILE I 396 13.08 0.94 41.61
N LEU I 397 11.89 0.98 42.20
CA LEU I 397 11.73 1.04 43.65
C LEU I 397 11.46 -0.38 44.15
N PHE I 398 12.31 -0.88 45.03
CA PHE I 398 12.18 -2.24 45.52
C PHE I 398 12.31 -2.28 47.02
N HIS I 399 11.53 -3.17 47.66
CA HIS I 399 11.61 -3.34 49.10
C HIS I 399 12.99 -3.84 49.49
N ARG I 400 13.53 -3.31 50.59
CA ARG I 400 14.90 -3.64 50.97
C ARG I 400 15.01 -5.09 51.44
N GLU I 401 14.07 -5.55 52.26
CA GLU I 401 14.16 -6.88 52.86
C GLU I 401 13.59 -7.96 51.94
N THR I 402 12.32 -7.84 51.58
CA THR I 402 11.64 -8.84 50.76
C THR I 402 11.99 -8.75 49.29
N LEU I 403 12.69 -7.70 48.86
CA LEU I 403 13.08 -7.48 47.47
C LEU I 403 11.88 -7.39 46.53
N GLU I 404 10.71 -7.04 47.07
CA GLU I 404 9.52 -6.88 46.23
C GLU I 404 9.54 -5.51 45.55
N ILE I 405 9.12 -5.50 44.29
CA ILE I 405 9.08 -4.26 43.52
C ILE I 405 7.80 -3.50 43.86
N LEU I 406 7.97 -2.28 44.37
CA LEU I 406 6.84 -1.43 44.75
C LEU I 406 6.55 -0.33 43.75
N GLY I 407 7.42 -0.10 42.78
CA GLY I 407 7.19 0.91 41.77
C GLY I 407 8.25 0.93 40.68
N VAL I 408 7.82 1.04 39.42
CA VAL I 408 8.72 1.09 38.28
C VAL I 408 8.41 2.37 37.50
N HIS I 409 9.43 3.20 37.28
CA HIS I 409 9.28 4.44 36.54
C HIS I 409 10.39 4.53 35.51
N CYS I 410 10.01 4.76 34.25
CA CYS I 410 11.02 4.89 33.20
C CYS I 410 10.67 6.08 32.32
N PHE I 411 11.71 6.73 31.81
CA PHE I 411 11.56 7.88 30.93
C PHE I 411 12.68 7.82 29.91
N GLY I 412 12.31 7.96 28.64
CA GLY I 412 13.30 7.97 27.58
C GLY I 412 12.79 7.20 26.36
N TYR I 413 13.68 6.40 25.80
CA TYR I 413 13.40 5.67 24.57
C TYR I 413 12.73 4.34 24.90
N GLN I 414 11.62 4.05 24.21
CA GLN I 414 10.87 2.80 24.37
C GLN I 414 10.40 2.60 25.81
N ALA I 415 9.97 3.69 26.45
CA ALA I 415 9.60 3.63 27.86
C ALA I 415 8.40 2.73 28.10
N SER I 416 7.34 2.91 27.30
CA SER I 416 6.12 2.13 27.49
C SER I 416 6.37 0.65 27.29
N GLU I 417 7.16 0.28 26.27
CA GLU I 417 7.46 -1.13 26.03
C GLU I 417 8.37 -1.70 27.12
N ILE I 418 9.25 -0.88 27.70
CA ILE I 418 10.14 -1.35 28.75
C ILE I 418 9.36 -1.62 30.03
N VAL I 419 8.42 -0.73 30.37
CA VAL I 419 7.72 -0.82 31.65
C VAL I 419 6.92 -2.11 31.77
N HIS I 420 6.58 -2.76 30.65
CA HIS I 420 5.74 -3.95 30.69
C HIS I 420 6.39 -5.11 31.44
N ILE I 421 7.71 -5.31 31.27
CA ILE I 421 8.37 -6.41 31.98
C ILE I 421 8.35 -6.17 33.48
N GLY I 422 8.63 -4.94 33.91
CA GLY I 422 8.53 -4.61 35.31
C GLY I 422 7.13 -4.80 35.85
N GLN I 423 6.12 -4.47 35.04
CA GLN I 423 4.74 -4.72 35.43
C GLN I 423 4.47 -6.21 35.59
N ALA I 424 4.97 -7.03 34.66
CA ALA I 424 4.76 -8.46 34.72
C ALA I 424 5.40 -9.05 35.97
N ILE I 425 6.61 -8.60 36.32
CA ILE I 425 7.24 -9.07 37.55
C ILE I 425 6.47 -8.56 38.76
N MET I 426 5.93 -7.34 38.68
CA MET I 426 5.18 -6.76 39.79
C MET I 426 3.96 -7.61 40.16
N ASN I 427 3.21 -8.07 39.16
CA ASN I 427 1.93 -8.72 39.40
C ASN I 427 2.07 -10.10 40.03
N GLN I 428 3.28 -10.65 40.11
CA GLN I 428 3.47 -11.94 40.74
C GLN I 428 3.21 -11.86 42.23
N LYS I 429 2.88 -13.00 42.82
CA LYS I 429 2.43 -13.08 44.21
C LYS I 429 3.56 -13.57 45.11
N GLY I 430 3.73 -12.88 46.25
CA GLY I 430 4.66 -13.35 47.25
C GLY I 430 6.10 -13.29 46.80
N GLU I 431 6.84 -14.36 47.07
CA GLU I 431 8.28 -14.40 46.79
C GLU I 431 8.57 -14.37 45.29
N ALA I 432 7.59 -14.68 44.44
CA ALA I 432 7.81 -14.64 43.00
C ALA I 432 8.14 -13.23 42.53
N ASN I 433 7.43 -12.23 43.08
CA ASN I 433 7.68 -10.83 42.75
C ASN I 433 8.93 -10.37 43.52
N THR I 434 10.09 -10.65 42.93
CA THR I 434 11.37 -10.32 43.54
C THR I 434 12.27 -9.65 42.51
N LEU I 435 13.12 -8.74 43.01
CA LEU I 435 14.07 -8.07 42.14
C LEU I 435 15.13 -9.05 41.61
N LYS I 436 15.45 -10.07 42.40
CA LYS I 436 16.51 -11.01 42.02
C LYS I 436 16.18 -11.76 40.74
N TYR I 437 14.91 -11.75 40.30
CA TYR I 437 14.57 -12.31 39.00
C TYR I 437 15.43 -11.71 37.89
N PHE I 438 15.69 -10.39 37.98
CA PHE I 438 16.46 -9.74 36.93
C PHE I 438 17.91 -10.20 36.92
N ILE I 439 18.36 -10.90 37.96
CA ILE I 439 19.69 -11.49 37.95
C ILE I 439 19.65 -12.95 37.52
N ASN I 440 18.51 -13.63 37.68
CA ASN I 440 18.36 -15.04 37.38
C ASN I 440 17.75 -15.29 36.00
N THR I 441 17.63 -14.26 35.18
CA THR I 441 17.05 -14.38 33.84
C THR I 441 17.92 -13.64 32.85
N THR I 442 18.15 -14.27 31.70
CA THR I 442 18.98 -13.69 30.65
C THR I 442 18.11 -13.00 29.62
N PHE I 443 18.38 -11.72 29.38
CA PHE I 443 17.69 -10.94 28.36
C PHE I 443 18.48 -10.99 27.06
N ASN I 444 17.96 -10.32 26.03
CA ASN I 444 18.71 -10.15 24.79
C ASN I 444 19.64 -8.95 24.91
N TYR I 445 20.57 -8.86 23.96
CA TYR I 445 21.57 -7.78 24.00
C TYR I 445 22.10 -7.59 22.59
N PRO I 446 22.24 -6.34 22.13
CA PRO I 446 21.94 -5.09 22.83
C PRO I 446 20.50 -4.64 22.69
N THR I 447 19.75 -4.59 23.79
CA THR I 447 18.38 -4.10 23.79
C THR I 447 18.21 -3.07 24.90
N MET I 448 17.04 -2.45 24.93
CA MET I 448 16.72 -1.54 26.03
C MET I 448 16.36 -2.30 27.31
N ALA I 449 15.96 -3.56 27.19
CA ALA I 449 15.59 -4.34 28.37
C ALA I 449 16.78 -4.57 29.30
N GLU I 450 18.01 -4.54 28.75
CA GLU I 450 19.20 -4.74 29.56
C GLU I 450 19.26 -3.74 30.71
N ALA I 451 18.66 -2.56 30.53
CA ALA I 451 18.51 -1.59 31.61
C ALA I 451 18.14 -2.27 32.92
N TYR I 452 17.09 -3.09 32.90
CA TYR I 452 16.62 -3.72 34.12
C TYR I 452 17.76 -4.42 34.85
N ARG I 453 18.51 -5.25 34.12
CA ARG I 453 19.67 -5.91 34.68
C ARG I 453 20.55 -4.91 35.40
N VAL I 454 21.06 -3.91 34.68
CA VAL I 454 21.91 -2.89 35.28
C VAL I 454 21.19 -2.26 36.46
N ALA I 455 19.93 -1.86 36.24
CA ALA I 455 19.17 -1.22 37.31
C ALA I 455 19.12 -2.12 38.54
N ALA I 456 18.85 -3.41 38.31
CA ALA I 456 18.79 -4.34 39.44
C ALA I 456 20.08 -4.30 40.24
N TYR I 457 21.22 -4.36 39.55
CA TYR I 457 22.48 -4.30 40.28
C TYR I 457 22.63 -2.98 41.02
N ASP I 458 22.27 -1.87 40.36
CA ASP I 458 22.36 -0.57 41.00
C ASP I 458 21.47 -0.49 42.23
N GLY I 459 20.48 -1.37 42.33
CA GLY I 459 19.72 -1.48 43.55
C GLY I 459 20.43 -2.32 44.58
N LEU I 460 20.86 -3.53 44.19
CA LEU I 460 21.39 -4.46 45.18
C LEU I 460 22.78 -4.07 45.65
N ASN I 461 23.45 -3.15 44.95
CA ASN I 461 24.69 -2.61 45.47
C ASN I 461 24.44 -1.66 46.63
N ARG I 462 23.27 -1.00 46.66
CA ARG I 462 22.94 -0.10 47.75
C ARG I 462 22.54 -0.84 49.02
N LEU I 463 22.14 -2.11 48.91
CA LEU I 463 21.82 -2.91 50.08
C LEU I 463 23.10 -3.59 50.59
N PHE I 464 23.30 -3.54 51.90
CA PHE I 464 24.51 -4.08 52.51
C PHE I 464 24.38 -5.58 52.77
N VAL J 3 55.97 -8.62 38.62
CA VAL J 3 55.14 -9.66 39.21
C VAL J 3 54.02 -9.03 40.05
N TYR J 4 52.79 -9.42 39.78
CA TYR J 4 51.63 -8.90 40.50
C TYR J 4 50.85 -10.07 41.10
N ASN J 5 50.15 -9.78 42.19
CA ASN J 5 49.36 -10.78 42.91
C ASN J 5 47.94 -10.28 43.07
N TYR J 6 46.97 -11.18 42.86
CA TYR J 6 45.57 -10.83 42.97
C TYR J 6 44.81 -12.05 43.51
N ASP J 7 43.50 -11.89 43.66
CA ASP J 7 42.62 -12.98 44.05
C ASP J 7 41.93 -13.62 42.85
N VAL J 8 41.35 -12.81 41.98
CA VAL J 8 40.67 -13.29 40.78
C VAL J 8 41.28 -12.57 39.57
N VAL J 9 41.74 -13.36 38.59
CA VAL J 9 42.28 -12.83 37.36
C VAL J 9 41.41 -13.29 36.20
N VAL J 10 40.92 -12.34 35.42
CA VAL J 10 40.03 -12.60 34.29
C VAL J 10 40.81 -12.38 33.00
N ILE J 11 40.65 -13.29 32.05
CA ILE J 11 41.26 -13.17 30.73
C ILE J 11 40.17 -12.79 29.75
N GLY J 12 40.37 -11.70 29.02
CA GLY J 12 39.36 -11.21 28.10
C GLY J 12 38.46 -10.17 28.73
N THR J 13 38.17 -9.10 27.98
CA THR J 13 37.37 -7.98 28.48
C THR J 13 36.00 -7.93 27.81
N GLY J 14 35.52 -9.06 27.29
CA GLY J 14 34.21 -9.13 26.70
C GLY J 14 33.12 -9.18 27.75
N PRO J 15 31.88 -9.44 27.33
CA PRO J 15 30.78 -9.51 28.32
C PRO J 15 31.01 -10.53 29.41
N ALA J 16 31.53 -11.71 29.05
CA ALA J 16 31.81 -12.73 30.06
C ALA J 16 32.87 -12.25 31.04
N GLY J 17 33.99 -11.74 30.51
CA GLY J 17 35.05 -11.26 31.38
C GLY J 17 34.63 -10.07 32.22
N GLU J 18 33.92 -9.12 31.61
CA GLU J 18 33.46 -7.95 32.36
C GLU J 18 32.52 -8.37 33.48
N GLY J 19 31.57 -9.24 33.18
CA GLY J 19 30.64 -9.69 34.21
C GLY J 19 31.35 -10.43 35.33
N ALA J 20 32.26 -11.34 34.98
CA ALA J 20 32.98 -12.10 35.99
C ALA J 20 33.82 -11.17 36.88
N ALA J 21 34.54 -10.25 36.27
CA ALA J 21 35.40 -9.35 37.04
C ALA J 21 34.58 -8.43 37.94
N MET J 22 33.49 -7.87 37.42
CA MET J 22 32.69 -6.95 38.24
C MET J 22 32.00 -7.69 39.37
N ASN J 23 31.48 -8.90 39.11
CA ASN J 23 30.86 -9.68 40.18
C ASN J 23 31.89 -10.08 41.23
N ALA J 24 33.10 -10.45 40.80
CA ALA J 24 34.13 -10.82 41.75
C ALA J 24 34.58 -9.65 42.61
N VAL J 25 34.76 -8.47 42.00
CA VAL J 25 35.16 -7.31 42.78
C VAL J 25 34.01 -6.82 43.65
N LYS J 26 32.77 -7.16 43.28
CA LYS J 26 31.64 -6.85 44.15
C LYS J 26 31.71 -7.64 45.45
N ALA J 27 32.26 -8.86 45.41
CA ALA J 27 32.36 -9.71 46.59
C ALA J 27 33.44 -9.25 47.56
N GLY J 28 34.18 -8.18 47.25
CA GLY J 28 35.20 -7.67 48.14
C GLY J 28 36.61 -8.14 47.85
N ARG J 29 36.80 -9.02 46.88
CA ARG J 29 38.12 -9.52 46.55
C ARG J 29 38.89 -8.49 45.72
N LYS J 30 40.13 -8.84 45.38
CA LYS J 30 40.96 -8.03 44.50
C LYS J 30 41.08 -8.75 43.16
N VAL J 31 40.73 -8.05 42.08
CA VAL J 31 40.61 -8.67 40.77
C VAL J 31 41.44 -7.90 39.75
N ALA J 32 41.77 -8.59 38.66
CA ALA J 32 42.49 -8.00 37.55
C ALA J 32 41.91 -8.52 36.23
N VAL J 33 42.10 -7.75 35.17
CA VAL J 33 41.60 -8.10 33.85
C VAL J 33 42.74 -8.02 32.84
N VAL J 34 42.78 -8.97 31.92
CA VAL J 34 43.82 -9.04 30.89
C VAL J 34 43.16 -9.32 29.54
N ASP J 35 43.60 -8.60 28.51
CA ASP J 35 43.16 -8.87 27.15
C ASP J 35 44.22 -8.39 26.18
N ASP J 36 44.19 -8.93 24.97
CA ASP J 36 45.18 -8.60 23.95
C ASP J 36 44.79 -7.40 23.11
N ARG J 37 43.57 -6.90 23.24
CA ARG J 37 43.15 -5.74 22.46
C ARG J 37 43.72 -4.46 23.05
N PRO J 38 43.98 -3.45 22.20
CA PRO J 38 44.44 -2.15 22.72
C PRO J 38 43.37 -1.39 23.49
N GLN J 39 42.12 -1.86 23.50
CA GLN J 39 41.04 -1.23 24.24
C GLN J 39 40.15 -2.30 24.86
N VAL J 40 39.41 -1.90 25.88
CA VAL J 40 38.49 -2.79 26.56
C VAL J 40 37.21 -2.92 25.74
N GLY J 41 36.37 -3.90 26.10
CA GLY J 41 35.09 -4.13 25.43
C GLY J 41 34.93 -5.54 24.89
N GLY J 42 36.00 -6.13 24.40
CA GLY J 42 35.94 -7.47 23.85
C GLY J 42 35.50 -7.51 22.40
N ASN J 43 35.34 -8.73 21.89
CA ASN J 43 34.91 -8.92 20.51
C ASN J 43 33.50 -8.40 20.28
N CYS J 44 32.64 -8.48 21.31
CA CYS J 44 31.25 -8.05 21.15
C CYS J 44 31.17 -6.57 20.82
N THR J 45 31.92 -5.74 21.52
CA THR J 45 31.82 -4.29 21.37
C THR J 45 32.77 -3.72 20.32
N HIS J 46 33.68 -4.53 19.78
CA HIS J 46 34.66 -4.06 18.80
C HIS J 46 34.45 -4.65 17.41
N LEU J 47 34.12 -5.94 17.33
CA LEU J 47 33.86 -6.59 16.06
C LEU J 47 32.59 -7.42 16.04
N GLY J 48 31.87 -7.54 17.16
CA GLY J 48 30.71 -8.40 17.24
C GLY J 48 29.39 -7.68 17.27
N THR J 49 28.83 -7.51 18.48
CA THR J 49 27.49 -6.96 18.62
C THR J 49 27.40 -5.55 18.04
N ILE J 50 28.15 -4.61 18.61
CA ILE J 50 27.97 -3.18 18.37
C ILE J 50 28.15 -2.81 16.89
N PRO J 51 29.23 -3.22 16.21
CA PRO J 51 29.38 -2.78 14.80
C PRO J 51 28.28 -3.28 13.89
N SER J 52 27.97 -4.58 13.95
CA SER J 52 26.94 -5.14 13.08
C SER J 52 25.57 -4.56 13.43
N LYS J 53 25.30 -4.36 14.72
CA LYS J 53 24.01 -3.78 15.11
C LYS J 53 23.88 -2.33 14.63
N ALA J 54 24.96 -1.55 14.73
CA ALA J 54 24.92 -0.19 14.20
C ALA J 54 24.72 -0.18 12.70
N LEU J 55 25.40 -1.09 12.00
CA LEU J 55 25.20 -1.20 10.56
C LEU J 55 23.75 -1.53 10.23
N ARG J 56 23.17 -2.48 10.97
CA ARG J 56 21.79 -2.88 10.73
C ARG J 56 20.82 -1.73 11.00
N HIS J 57 21.04 -1.00 12.09
CA HIS J 57 20.13 0.10 12.43
C HIS J 57 20.24 1.23 11.41
N SER J 58 21.46 1.55 10.97
CA SER J 58 21.62 2.58 9.95
C SER J 58 21.00 2.14 8.63
N VAL J 59 21.13 0.86 8.28
CA VAL J 59 20.51 0.34 7.07
C VAL J 59 18.99 0.44 7.17
N ARG J 60 18.43 0.11 8.34
CA ARG J 60 17.00 0.24 8.53
C ARG J 60 16.55 1.69 8.41
N GLN J 61 17.30 2.62 8.98
CA GLN J 61 16.96 4.03 8.86
C GLN J 61 17.02 4.48 7.41
N ILE J 62 18.02 4.02 6.67
CA ILE J 62 18.13 4.36 5.25
C ILE J 62 16.93 3.81 4.48
N MET J 63 16.54 2.58 4.79
CA MET J 63 15.38 1.97 4.13
C MET J 63 14.11 2.76 4.41
N GLN J 64 13.90 3.16 5.66
CA GLN J 64 12.72 3.95 6.00
C GLN J 64 12.75 5.31 5.32
N TYR J 65 13.93 5.95 5.27
CA TYR J 65 14.04 7.25 4.61
C TYR J 65 13.73 7.13 3.12
N ASN J 66 14.24 6.08 2.46
CA ASN J 66 13.99 5.91 1.03
C ASN J 66 12.53 5.57 0.76
N ASN J 67 11.94 4.69 1.57
CA ASN J 67 10.58 4.23 1.34
C ASN J 67 9.52 5.26 1.74
N ASN J 68 9.79 6.08 2.75
CA ASN J 68 8.78 7.02 3.23
C ASN J 68 8.50 8.09 2.17
N PRO J 69 7.24 8.38 1.86
CA PRO J 69 6.94 9.39 0.83
C PRO J 69 7.29 10.81 1.24
N LEU J 70 7.33 11.09 2.55
CA LEU J 70 7.53 12.48 3.00
C LEU J 70 8.89 13.01 2.58
N PHE J 71 9.95 12.21 2.70
CA PHE J 71 11.27 12.66 2.29
C PHE J 71 11.49 12.63 0.79
N ARG J 72 10.59 12.00 0.03
CA ARG J 72 10.73 11.97 -1.42
C ARG J 72 10.32 13.28 -2.07
N GLN J 73 9.59 14.14 -1.36
CA GLN J 73 9.27 15.46 -1.89
C GLN J 73 10.51 16.31 -2.05
N ILE J 74 11.48 16.18 -1.13
CA ILE J 74 12.71 16.96 -1.23
C ILE J 74 13.53 16.51 -2.43
N GLY J 75 13.65 15.21 -2.65
CA GLY J 75 14.45 14.71 -3.74
C GLY J 75 14.20 13.24 -3.98
N GLU J 76 14.86 12.73 -5.01
CA GLU J 76 14.73 11.33 -5.40
C GLU J 76 15.42 10.43 -4.38
N PRO J 77 15.09 9.14 -4.38
CA PRO J 77 15.76 8.21 -3.44
C PRO J 77 17.27 8.26 -3.59
N ARG J 78 17.96 8.23 -2.45
CA ARG J 78 19.40 8.43 -2.39
C ARG J 78 20.07 7.16 -1.89
N TRP J 79 21.12 6.74 -2.58
CA TRP J 79 21.97 5.64 -2.14
C TRP J 79 23.23 6.17 -1.49
N PHE J 80 23.79 5.39 -0.58
CA PHE J 80 24.92 5.82 0.24
C PHE J 80 26.04 4.79 0.20
N SER J 81 27.27 5.28 0.29
CA SER J 81 28.43 4.40 0.28
C SER J 81 28.53 3.61 1.58
N PHE J 82 29.26 2.49 1.51
CA PHE J 82 29.39 1.63 2.68
C PHE J 82 30.18 2.32 3.79
N ALA J 83 31.15 3.15 3.43
CA ALA J 83 31.92 3.87 4.44
C ALA J 83 31.06 4.83 5.24
N ASP J 84 30.16 5.56 4.56
CA ASP J 84 29.33 6.53 5.24
C ASP J 84 28.38 5.86 6.23
N VAL J 85 27.74 4.76 5.82
CA VAL J 85 26.83 4.06 6.72
C VAL J 85 27.60 3.39 7.85
N LEU J 86 28.81 2.92 7.56
CA LEU J 86 29.64 2.29 8.60
C LEU J 86 30.11 3.31 9.64
N LYS J 87 30.33 4.56 9.22
CA LYS J 87 30.93 5.57 10.09
C LYS J 87 30.09 5.85 11.33
N SER J 88 28.81 5.50 11.33
CA SER J 88 27.96 5.78 12.49
C SER J 88 28.33 4.94 13.70
N ALA J 89 29.17 3.91 13.54
CA ALA J 89 29.46 3.00 14.65
C ALA J 89 30.65 3.45 15.49
N GLU J 90 31.49 4.35 14.96
CA GLU J 90 32.70 4.73 15.68
C GLU J 90 32.36 5.51 16.96
N GLN J 91 31.38 6.42 16.89
CA GLN J 91 30.98 7.14 18.09
C GLN J 91 30.37 6.20 19.12
N VAL J 92 29.60 5.21 18.68
CA VAL J 92 28.97 4.27 19.60
C VAL J 92 30.03 3.41 20.29
N ILE J 93 31.00 2.91 19.53
CA ILE J 93 32.03 2.08 20.14
C ILE J 93 32.91 2.90 21.06
N ALA J 94 33.17 4.17 20.71
CA ALA J 94 33.93 5.04 21.60
C ALA J 94 33.19 5.27 22.91
N LYS J 95 31.89 5.54 22.84
CA LYS J 95 31.10 5.72 24.05
C LYS J 95 31.10 4.47 24.90
N GLN J 96 30.94 3.30 24.27
CA GLN J 96 30.88 2.05 25.02
C GLN J 96 32.22 1.75 25.69
N VAL J 97 33.33 1.95 24.97
CA VAL J 97 34.63 1.66 25.56
C VAL J 97 34.94 2.65 26.68
N SER J 98 34.53 3.91 26.52
CA SER J 98 34.72 4.88 27.60
C SER J 98 33.91 4.49 28.83
N SER J 99 32.66 4.05 28.63
CA SER J 99 31.82 3.64 29.75
C SER J 99 32.42 2.43 30.46
N ARG J 100 32.89 1.45 29.70
CA ARG J 100 33.47 0.25 30.32
C ARG J 100 34.77 0.58 31.05
N THR J 101 35.59 1.45 30.48
CA THR J 101 36.80 1.88 31.17
C THR J 101 36.48 2.61 32.46
N GLY J 102 35.46 3.46 32.44
CA GLY J 102 35.02 4.12 33.66
C GLY J 102 34.51 3.14 34.69
N TYR J 103 33.76 2.13 34.25
CA TYR J 103 33.29 1.09 35.17
C TYR J 103 34.46 0.37 35.82
N TYR J 104 35.48 0.03 35.03
CA TYR J 104 36.65 -0.64 35.59
C TYR J 104 37.41 0.26 36.55
N ALA J 105 37.57 1.55 36.20
CA ALA J 105 38.36 2.44 37.02
C ALA J 105 37.65 2.77 38.34
N ARG J 106 36.32 2.89 38.31
CA ARG J 106 35.58 3.24 39.52
C ARG J 106 35.71 2.16 40.59
N ASN J 107 35.78 0.89 40.19
CA ASN J 107 35.92 -0.22 41.13
C ASN J 107 37.38 -0.51 41.46
N ARG J 108 38.32 0.26 40.91
CA ARG J 108 39.75 0.05 41.12
C ARG J 108 40.16 -1.37 40.70
N ILE J 109 39.97 -1.63 39.41
CA ILE J 109 40.30 -2.90 38.79
C ILE J 109 41.49 -2.69 37.87
N ASP J 110 42.56 -3.46 38.10
CA ASP J 110 43.77 -3.33 37.29
C ASP J 110 43.59 -3.99 35.94
N THR J 111 44.08 -3.33 34.90
CA THR J 111 43.98 -3.81 33.53
C THR J 111 45.38 -4.01 32.95
N PHE J 112 45.50 -5.03 32.10
CA PHE J 112 46.76 -5.37 31.45
C PHE J 112 46.47 -5.67 29.98
N PHE J 113 47.04 -4.86 29.09
CA PHE J 113 46.74 -4.95 27.66
C PHE J 113 47.84 -5.74 26.97
N GLY J 114 47.76 -7.06 27.11
CA GLY J 114 48.74 -7.94 26.50
C GLY J 114 48.18 -9.33 26.29
N THR J 115 48.84 -10.08 25.42
CA THR J 115 48.42 -11.45 25.13
C THR J 115 48.72 -12.36 26.31
N ALA J 116 47.68 -12.88 26.93
CA ALA J 116 47.85 -13.75 28.08
C ALA J 116 48.37 -15.12 27.65
N SER J 117 49.21 -15.72 28.50
CA SER J 117 49.77 -17.04 28.23
C SER J 117 49.98 -17.75 29.56
N PHE J 118 49.70 -19.05 29.57
CA PHE J 118 49.81 -19.84 30.80
C PHE J 118 51.23 -20.38 30.96
N CYS J 119 51.72 -20.34 32.20
CA CYS J 119 53.01 -20.92 32.54
C CYS J 119 52.89 -22.05 33.55
N ASP J 120 52.06 -21.89 34.57
CA ASP J 120 51.80 -22.96 35.54
C ASP J 120 50.33 -22.84 35.96
N GLU J 121 49.99 -23.57 37.02
CA GLU J 121 48.60 -23.65 37.46
C GLU J 121 48.13 -22.41 38.22
N HIS J 122 49.01 -21.47 38.53
CA HIS J 122 48.62 -20.31 39.32
C HIS J 122 49.09 -18.97 38.79
N THR J 123 49.83 -18.92 37.68
CA THR J 123 50.31 -17.66 37.14
C THR J 123 50.15 -17.63 35.63
N ILE J 124 50.11 -16.42 35.09
CA ILE J 124 50.11 -16.18 33.66
C ILE J 124 51.07 -15.04 33.36
N GLU J 125 51.89 -15.22 32.32
CA GLU J 125 52.86 -14.22 31.87
C GLU J 125 52.29 -13.49 30.67
N VAL J 126 51.82 -12.27 30.87
CA VAL J 126 51.24 -11.49 29.79
C VAL J 126 52.35 -10.97 28.89
N VAL J 127 52.08 -10.91 27.59
CA VAL J 127 53.04 -10.45 26.59
C VAL J 127 52.41 -9.30 25.82
N HIS J 128 53.04 -8.13 25.88
CA HIS J 128 52.61 -6.99 25.08
C HIS J 128 53.26 -7.04 23.70
N LEU J 129 52.91 -6.06 22.86
CA LEU J 129 53.55 -5.97 21.56
C LEU J 129 55.04 -5.64 21.67
N ASN J 130 55.42 -4.89 22.71
CA ASN J 130 56.81 -4.48 22.92
C ASN J 130 57.61 -5.44 23.82
N GLY J 131 56.99 -6.49 24.35
CA GLY J 131 57.76 -7.54 24.99
C GLY J 131 57.69 -7.66 26.50
N MET J 132 56.49 -7.53 27.07
CA MET J 132 56.31 -7.74 28.50
C MET J 132 56.38 -9.21 28.87
N VAL J 133 57.02 -9.49 30.01
CA VAL J 133 57.16 -10.85 30.52
C VAL J 133 56.72 -10.87 31.98
N GLU J 134 56.23 -9.73 32.48
CA GLU J 134 55.76 -9.67 33.85
C GLU J 134 54.51 -10.53 34.03
N THR J 135 54.42 -11.21 35.17
CA THR J 135 53.42 -12.23 35.40
C THR J 135 52.43 -11.81 36.48
N LEU J 136 51.29 -12.50 36.48
CA LEU J 136 50.24 -12.31 37.46
C LEU J 136 49.94 -13.65 38.11
N VAL J 137 49.86 -13.65 39.45
CA VAL J 137 49.56 -14.83 40.23
C VAL J 137 48.27 -14.57 41.02
N ALA J 138 47.30 -15.47 40.88
CA ALA J 138 46.03 -15.32 41.59
C ALA J 138 45.54 -16.69 42.02
N LYS J 139 44.72 -16.69 43.07
CA LYS J 139 44.13 -17.93 43.55
C LYS J 139 43.07 -18.46 42.60
N GLN J 140 42.31 -17.58 41.96
CA GLN J 140 41.23 -17.97 41.08
C GLN J 140 41.37 -17.31 39.72
N PHE J 141 41.07 -18.07 38.67
CA PHE J 141 41.22 -17.63 37.29
C PHE J 141 39.89 -17.79 36.56
N VAL J 142 39.61 -16.85 35.66
CA VAL J 142 38.45 -16.92 34.77
C VAL J 142 38.95 -16.79 33.34
N ILE J 143 38.55 -17.72 32.49
CA ILE J 143 38.97 -17.74 31.09
C ILE J 143 37.78 -17.32 30.25
N ALA J 144 37.89 -16.14 29.63
CA ALA J 144 36.86 -15.59 28.76
C ALA J 144 37.49 -15.06 27.49
N THR J 145 38.36 -15.88 26.88
CA THR J 145 39.05 -15.49 25.65
C THR J 145 38.12 -15.42 24.45
N GLY J 146 36.88 -15.90 24.58
CA GLY J 146 35.93 -15.75 23.49
C GLY J 146 36.25 -16.66 22.32
N SER J 147 36.03 -16.14 21.11
CA SER J 147 36.24 -16.91 19.90
C SER J 147 36.62 -15.98 18.76
N ARG J 148 36.98 -16.59 17.64
CA ARG J 148 37.35 -15.91 16.42
C ARG J 148 36.63 -16.60 15.26
N PRO J 149 36.45 -15.89 14.14
CA PRO J 149 35.83 -16.54 12.97
C PRO J 149 36.64 -17.74 12.52
N TYR J 150 35.94 -18.82 12.20
CA TYR J 150 36.60 -20.03 11.74
C TYR J 150 37.16 -19.82 10.34
N ARG J 151 38.39 -20.26 10.12
CA ARG J 151 39.09 -20.05 8.85
C ARG J 151 39.53 -21.39 8.27
N PRO J 152 38.89 -21.87 7.20
CA PRO J 152 39.38 -23.08 6.54
C PRO J 152 40.73 -22.85 5.89
N ALA J 153 41.52 -23.93 5.81
CA ALA J 153 42.88 -23.81 5.30
C ALA J 153 42.90 -23.51 3.80
N ASP J 154 41.92 -24.03 3.07
CA ASP J 154 41.91 -23.93 1.61
C ASP J 154 41.35 -22.62 1.09
N VAL J 155 40.90 -21.73 1.96
CA VAL J 155 40.35 -20.44 1.55
C VAL J 155 41.41 -19.38 1.78
N ASP J 156 41.78 -18.67 0.72
CA ASP J 156 42.80 -17.62 0.78
C ASP J 156 42.14 -16.34 1.26
N PHE J 157 42.10 -16.16 2.58
CA PHE J 157 41.52 -14.96 3.16
C PHE J 157 42.37 -13.72 2.92
N THR J 158 43.63 -13.89 2.52
CA THR J 158 44.48 -12.74 2.23
C THR J 158 44.05 -12.00 0.97
N HIS J 159 43.19 -12.61 0.16
CA HIS J 159 42.70 -11.93 -1.03
C HIS J 159 41.87 -10.72 -0.64
N PRO J 160 42.02 -9.58 -1.33
CA PRO J 160 41.25 -8.39 -0.95
C PRO J 160 39.76 -8.53 -1.15
N ARG J 161 39.31 -9.50 -1.95
CA ARG J 161 37.89 -9.66 -2.23
C ARG J 161 37.23 -10.77 -1.41
N ILE J 162 37.93 -11.33 -0.42
CA ILE J 162 37.39 -12.37 0.42
C ILE J 162 37.47 -11.89 1.88
N TYR J 163 36.36 -11.99 2.59
CA TYR J 163 36.26 -11.50 3.95
C TYR J 163 35.60 -12.53 4.85
N ASP J 164 35.74 -12.34 6.15
CA ASP J 164 35.06 -13.11 7.17
C ASP J 164 34.17 -12.17 7.99
N SER J 165 33.62 -12.69 9.09
CA SER J 165 32.74 -11.88 9.91
C SER J 165 33.46 -10.70 10.56
N ASP J 166 34.78 -10.72 10.59
CA ASP J 166 35.57 -9.63 11.18
C ASP J 166 36.08 -8.66 10.13
N THR J 167 36.76 -9.14 9.10
CA THR J 167 37.36 -8.27 8.10
C THR J 167 36.34 -7.65 7.16
N ILE J 168 35.06 -8.06 7.23
CA ILE J 168 34.05 -7.49 6.35
C ILE J 168 33.89 -6.00 6.59
N LEU J 169 34.15 -5.55 7.82
CA LEU J 169 34.08 -4.12 8.12
C LEU J 169 35.14 -3.32 7.38
N SER J 170 36.19 -3.98 6.87
CA SER J 170 37.23 -3.31 6.11
C SER J 170 36.78 -2.92 4.72
N LEU J 171 35.58 -3.33 4.30
CA LEU J 171 35.08 -2.98 2.98
C LEU J 171 35.02 -1.47 2.80
N GLY J 172 35.49 -1.00 1.64
CA GLY J 172 35.54 0.42 1.37
C GLY J 172 34.44 0.90 0.45
N HIS J 173 34.02 0.06 -0.48
CA HIS J 173 32.98 0.41 -1.44
C HIS J 173 31.88 -0.64 -1.40
N THR J 174 30.66 -0.21 -1.70
CA THR J 174 29.52 -1.11 -1.71
C THR J 174 29.61 -2.03 -2.93
N PRO J 175 29.66 -3.34 -2.75
CA PRO J 175 29.78 -4.24 -3.91
C PRO J 175 28.47 -4.31 -4.69
N ARG J 176 28.60 -4.65 -5.97
CA ARG J 176 27.41 -4.87 -6.79
C ARG J 176 26.72 -6.18 -6.42
N ARG J 177 27.50 -7.24 -6.20
CA ARG J 177 26.97 -8.52 -5.77
C ARG J 177 27.81 -9.01 -4.60
N LEU J 178 27.25 -9.99 -3.87
CA LEU J 178 27.91 -10.52 -2.69
C LEU J 178 27.47 -11.96 -2.45
N ILE J 179 28.42 -12.80 -2.07
CA ILE J 179 28.17 -14.19 -1.73
C ILE J 179 28.44 -14.38 -0.24
N ILE J 180 27.48 -14.96 0.47
CA ILE J 180 27.61 -15.25 1.88
C ILE J 180 27.51 -16.76 2.06
N TYR J 181 28.52 -17.36 2.67
CA TYR J 181 28.56 -18.79 2.93
C TYR J 181 28.28 -19.04 4.40
N GLY J 182 27.41 -20.00 4.69
CA GLY J 182 26.99 -20.28 6.05
C GLY J 182 25.72 -19.53 6.41
N ALA J 183 24.66 -20.27 6.72
CA ALA J 183 23.37 -19.69 7.04
C ALA J 183 23.16 -19.51 8.53
N GLY J 184 24.24 -19.27 9.27
CA GLY J 184 24.14 -19.03 10.69
C GLY J 184 23.50 -17.69 11.01
N VAL J 185 23.53 -17.34 12.30
CA VAL J 185 22.97 -16.07 12.75
C VAL J 185 23.71 -14.91 12.11
N ILE J 186 25.03 -14.98 12.11
CA ILE J 186 25.85 -13.91 11.53
C ILE J 186 25.60 -13.80 10.04
N GLY J 187 25.53 -14.94 9.34
CA GLY J 187 25.30 -14.91 7.90
C GLY J 187 23.96 -14.30 7.56
N CYS J 188 22.90 -14.69 8.28
CA CYS J 188 21.58 -14.13 8.02
C CYS J 188 21.53 -12.65 8.34
N GLU J 189 22.15 -12.22 9.45
CA GLU J 189 22.18 -10.81 9.79
C GLU J 189 22.87 -10.00 8.70
N TYR J 190 24.04 -10.46 8.24
CA TYR J 190 24.75 -9.71 7.21
C TYR J 190 24.00 -9.73 5.89
N ALA J 191 23.36 -10.86 5.55
CA ALA J 191 22.57 -10.91 4.33
C ALA J 191 21.43 -9.91 4.37
N SER J 192 20.74 -9.83 5.51
CA SER J 192 19.65 -8.86 5.65
C SER J 192 20.17 -7.43 5.56
N ILE J 193 21.31 -7.14 6.22
CA ILE J 193 21.86 -5.80 6.19
C ILE J 193 22.24 -5.39 4.77
N PHE J 194 22.94 -6.28 4.06
CA PHE J 194 23.37 -5.95 2.71
C PHE J 194 22.19 -5.87 1.74
N SER J 195 21.15 -6.69 1.95
CA SER J 195 19.94 -6.54 1.15
C SER J 195 19.28 -5.19 1.39
N GLY J 196 19.23 -4.76 2.66
CA GLY J 196 18.73 -3.43 2.95
C GLY J 196 19.56 -2.34 2.28
N LEU J 197 20.88 -2.55 2.21
CA LEU J 197 21.72 -1.62 1.46
C LEU J 197 21.40 -1.62 -0.03
N GLY J 198 20.90 -2.72 -0.57
CA GLY J 198 20.51 -2.77 -1.96
C GLY J 198 21.49 -3.48 -2.87
N VAL J 199 22.01 -4.62 -2.42
CA VAL J 199 22.94 -5.43 -3.20
C VAL J 199 22.36 -6.83 -3.35
N LEU J 200 22.66 -7.46 -4.48
CA LEU J 200 22.15 -8.80 -4.77
C LEU J 200 22.96 -9.81 -3.98
N VAL J 201 22.42 -10.26 -2.85
CA VAL J 201 23.10 -11.22 -1.98
C VAL J 201 22.69 -12.63 -2.40
N ASP J 202 23.68 -13.52 -2.46
CA ASP J 202 23.45 -14.93 -2.80
C ASP J 202 23.83 -15.76 -1.57
N LEU J 203 22.86 -15.94 -0.68
CA LEU J 203 23.10 -16.68 0.55
C LEU J 203 23.22 -18.18 0.24
N ILE J 204 24.20 -18.83 0.84
CA ILE J 204 24.44 -20.26 0.64
C ILE J 204 24.26 -20.96 1.98
N ASP J 205 23.48 -22.04 1.98
CA ASP J 205 23.16 -22.79 3.19
C ASP J 205 23.53 -24.25 2.99
N ASN J 206 24.08 -24.85 4.04
CA ASN J 206 24.39 -26.28 4.05
C ASN J 206 23.22 -27.14 4.48
N ARG J 207 22.13 -26.54 4.96
CA ARG J 207 20.93 -27.24 5.37
C ARG J 207 19.79 -26.94 4.41
N ASP J 208 18.71 -27.71 4.55
CA ASP J 208 17.54 -27.53 3.71
C ASP J 208 16.62 -26.41 4.20
N GLN J 209 16.77 -25.98 5.45
CA GLN J 209 15.93 -24.94 6.02
C GLN J 209 16.79 -23.97 6.81
N LEU J 210 16.54 -22.68 6.63
CA LEU J 210 17.28 -21.66 7.35
C LEU J 210 16.95 -21.70 8.83
N LEU J 211 17.98 -21.77 9.68
CA LEU J 211 17.83 -21.78 11.13
C LEU J 211 16.87 -22.88 11.57
N SER J 212 17.28 -24.12 11.33
CA SER J 212 16.45 -25.28 11.65
C SER J 212 16.11 -25.36 13.13
N PHE J 213 16.94 -24.81 14.01
CA PHE J 213 16.65 -24.82 15.44
C PHE J 213 15.50 -23.89 15.81
N LEU J 214 15.07 -23.01 14.91
CA LEU J 214 13.94 -22.14 15.15
C LEU J 214 12.64 -22.83 14.73
N ASP J 215 11.52 -22.19 15.05
CA ASP J 215 10.22 -22.70 14.62
C ASP J 215 10.10 -22.64 13.10
N ASP J 216 9.36 -23.59 12.54
CA ASP J 216 9.27 -23.70 11.09
C ASP J 216 8.63 -22.47 10.47
N GLU J 217 7.58 -21.93 11.11
CA GLU J 217 6.94 -20.74 10.57
C GLU J 217 7.87 -19.53 10.57
N ILE J 218 8.64 -19.35 11.64
CA ILE J 218 9.56 -18.22 11.69
C ILE J 218 10.60 -18.33 10.58
N SER J 219 11.14 -19.54 10.39
CA SER J 219 12.12 -19.74 9.32
C SER J 219 11.50 -19.48 7.95
N ASP J 220 10.28 -19.98 7.72
CA ASP J 220 9.63 -19.77 6.42
C ASP J 220 9.37 -18.30 6.16
N SER J 221 8.88 -17.57 7.17
CA SER J 221 8.63 -16.15 7.00
C SER J 221 9.92 -15.38 6.75
N LEU J 222 10.99 -15.71 7.48
CA LEU J 222 12.27 -15.07 7.25
C LEU J 222 12.77 -15.34 5.83
N SER J 223 12.63 -16.59 5.36
CA SER J 223 13.06 -16.93 4.02
C SER J 223 12.25 -16.15 2.98
N TYR J 224 10.94 -16.06 3.17
CA TYR J 224 10.11 -15.32 2.21
C TYR J 224 10.49 -13.85 2.17
N HIS J 225 10.72 -13.25 3.36
CA HIS J 225 11.09 -11.84 3.39
C HIS J 225 12.46 -11.61 2.75
N LEU J 226 13.41 -12.50 3.00
CA LEU J 226 14.72 -12.38 2.36
C LEU J 226 14.62 -12.51 0.85
N ARG J 227 13.81 -13.46 0.37
CA ARG J 227 13.64 -13.62 -1.07
C ARG J 227 12.99 -12.39 -1.69
N ASN J 228 11.97 -11.83 -1.03
CA ASN J 228 11.39 -10.57 -1.50
C ASN J 228 12.39 -9.43 -1.45
N ASN J 229 13.38 -9.50 -0.55
CA ASN J 229 14.46 -8.52 -0.52
C ASN J 229 15.58 -8.88 -1.48
N ASN J 230 15.30 -9.65 -2.52
CA ASN J 230 16.19 -10.06 -3.61
C ASN J 230 17.40 -10.85 -3.12
N VAL J 231 17.32 -11.41 -1.91
CA VAL J 231 18.33 -12.33 -1.43
C VAL J 231 18.02 -13.72 -1.96
N LEU J 232 18.96 -14.32 -2.67
CA LEU J 232 18.77 -15.67 -3.20
C LEU J 232 19.33 -16.68 -2.21
N ILE J 233 18.47 -17.59 -1.76
CA ILE J 233 18.84 -18.61 -0.77
C ILE J 233 18.92 -19.94 -1.47
N ARG J 234 20.11 -20.54 -1.48
CA ARG J 234 20.32 -21.87 -2.04
C ARG J 234 20.51 -22.87 -0.91
N HIS J 235 19.74 -23.95 -0.95
CA HIS J 235 19.67 -24.92 0.14
C HIS J 235 20.46 -26.18 -0.22
N ASN J 236 20.97 -26.85 0.83
CA ASN J 236 21.68 -28.11 0.70
C ASN J 236 22.87 -27.97 -0.26
N GLU J 237 23.82 -27.11 0.14
CA GLU J 237 25.00 -26.83 -0.66
C GLU J 237 26.25 -27.01 0.20
N GLU J 238 27.31 -27.50 -0.46
CA GLU J 238 28.62 -27.64 0.17
C GLU J 238 29.66 -27.07 -0.79
N TYR J 239 30.52 -26.20 -0.27
CA TYR J 239 31.52 -25.57 -1.12
C TYR J 239 32.60 -26.57 -1.52
N GLU J 240 33.07 -26.43 -2.76
CA GLU J 240 34.18 -27.24 -3.27
C GLU J 240 35.46 -26.44 -3.37
N ARG J 241 35.40 -25.22 -3.92
CA ARG J 241 36.58 -24.38 -4.01
C ARG J 241 36.16 -22.92 -4.16
N VAL J 242 37.07 -22.02 -3.77
CA VAL J 242 36.87 -20.58 -3.90
C VAL J 242 38.06 -20.01 -4.66
N GLU J 243 37.78 -19.18 -5.66
CA GLU J 243 38.81 -18.58 -6.50
C GLU J 243 38.66 -17.08 -6.47
N GLY J 244 39.77 -16.38 -6.23
CA GLY J 244 39.74 -14.94 -6.14
C GLY J 244 40.35 -14.25 -7.35
N LEU J 245 39.50 -13.70 -8.20
CA LEU J 245 39.94 -12.93 -9.37
C LEU J 245 39.86 -11.45 -9.06
N ASP J 246 40.52 -10.65 -9.92
CA ASP J 246 40.53 -9.21 -9.71
C ASP J 246 39.13 -8.60 -9.83
N ASN J 247 38.33 -9.07 -10.79
CA ASN J 247 37.00 -8.51 -10.97
C ASN J 247 36.03 -9.00 -9.89
N GLY J 248 36.19 -10.24 -9.44
CA GLY J 248 35.29 -10.78 -8.44
C GLY J 248 35.72 -12.15 -7.99
N VAL J 249 34.95 -12.70 -7.06
CA VAL J 249 35.21 -14.02 -6.48
C VAL J 249 34.25 -15.02 -7.11
N ILE J 250 34.80 -16.18 -7.50
CA ILE J 250 34.02 -17.25 -8.12
C ILE J 250 34.08 -18.46 -7.19
N LEU J 251 32.91 -18.93 -6.77
CA LEU J 251 32.79 -20.08 -5.90
C LEU J 251 32.28 -21.27 -6.69
N HIS J 252 33.03 -22.36 -6.65
CA HIS J 252 32.64 -23.63 -7.25
C HIS J 252 32.06 -24.51 -6.15
N LEU J 253 30.78 -24.83 -6.27
CA LEU J 253 30.10 -25.66 -5.29
C LEU J 253 30.19 -27.13 -5.65
N LYS J 254 30.02 -27.99 -4.65
CA LYS J 254 30.06 -29.43 -4.88
C LYS J 254 28.89 -29.90 -5.73
N SER J 255 27.77 -29.17 -5.70
CA SER J 255 26.61 -29.53 -6.50
C SER J 255 26.81 -29.26 -7.99
N GLY J 256 27.85 -28.52 -8.37
CA GLY J 256 28.13 -28.22 -9.75
C GLY J 256 27.85 -26.80 -10.17
N LYS J 257 27.45 -25.93 -9.26
CA LYS J 257 27.16 -24.55 -9.60
C LYS J 257 28.40 -23.67 -9.41
N LYS J 258 28.58 -22.71 -10.33
CA LYS J 258 29.63 -21.71 -10.23
C LYS J 258 28.96 -20.36 -10.05
N ILE J 259 29.27 -19.69 -8.94
CA ILE J 259 28.63 -18.42 -8.59
C ILE J 259 29.70 -17.34 -8.52
N LYS J 260 29.53 -16.27 -9.28
CA LYS J 260 30.48 -15.17 -9.34
C LYS J 260 29.87 -13.93 -8.72
N ALA J 261 30.64 -13.25 -7.87
CA ALA J 261 30.19 -12.02 -7.24
C ALA J 261 31.36 -11.04 -7.18
N ASP J 262 31.10 -9.88 -6.59
CA ASP J 262 32.14 -8.85 -6.41
C ASP J 262 32.76 -8.90 -5.02
N ALA J 263 32.36 -9.85 -4.18
CA ALA J 263 32.92 -9.98 -2.83
C ALA J 263 32.61 -11.40 -2.34
N PHE J 264 32.93 -11.64 -1.07
CA PHE J 264 32.69 -12.95 -0.47
C PHE J 264 32.77 -12.80 1.04
N LEU J 265 31.86 -13.47 1.75
CA LEU J 265 31.81 -13.45 3.20
C LEU J 265 31.72 -14.88 3.71
N TRP J 266 32.44 -15.16 4.80
CA TRP J 266 32.42 -16.46 5.45
C TRP J 266 31.82 -16.30 6.84
N SER J 267 30.80 -17.11 7.15
CA SER J 267 30.14 -17.06 8.44
C SER J 267 29.81 -18.46 8.96
N ASN J 268 30.62 -19.46 8.58
CA ASN J 268 30.36 -20.85 8.94
C ASN J 268 31.14 -21.18 10.21
N GLY J 269 30.49 -20.96 11.36
CA GLY J 269 31.06 -21.37 12.63
C GLY J 269 32.17 -20.45 13.11
N ARG J 270 32.67 -20.76 14.31
CA ARG J 270 33.73 -20.01 14.94
C ARG J 270 34.58 -20.96 15.78
N THR J 271 35.81 -20.53 16.06
CA THR J 271 36.78 -21.34 16.80
C THR J 271 37.19 -20.61 18.07
N GLY J 272 37.27 -21.34 19.16
CA GLY J 272 37.63 -20.72 20.43
C GLY J 272 39.06 -20.22 20.43
N ASN J 273 39.29 -19.17 21.23
CA ASN J 273 40.61 -18.54 21.35
C ASN J 273 41.39 -19.25 22.46
N THR J 274 41.94 -20.41 22.13
CA THR J 274 42.66 -21.22 23.11
C THR J 274 44.05 -21.64 22.67
N ASP J 275 44.39 -21.54 21.39
CA ASP J 275 45.71 -21.99 20.92
C ASP J 275 46.82 -21.15 21.56
N LYS J 276 46.63 -19.84 21.62
CA LYS J 276 47.64 -18.95 22.21
C LYS J 276 47.68 -19.02 23.72
N LEU J 277 46.71 -19.68 24.36
CA LEU J 277 46.65 -19.69 25.82
C LEU J 277 47.73 -20.56 26.44
N GLY J 278 48.23 -21.56 25.71
CA GLY J 278 49.16 -22.51 26.28
C GLY J 278 48.53 -23.33 27.38
N LEU J 279 47.33 -23.86 27.11
CA LEU J 279 46.56 -24.57 28.13
C LEU J 279 47.26 -25.85 28.59
N GLU J 280 48.10 -26.44 27.73
CA GLU J 280 48.73 -27.70 28.09
C GLU J 280 49.64 -27.58 29.31
N ASN J 281 50.01 -26.36 29.70
CA ASN J 281 50.80 -26.17 30.90
C ASN J 281 50.02 -26.45 32.18
N ILE J 282 48.69 -26.52 32.12
CA ILE J 282 47.87 -26.80 33.29
C ILE J 282 47.07 -28.08 33.16
N GLY J 283 47.36 -28.92 32.17
CA GLY J 283 46.68 -30.18 32.00
C GLY J 283 45.32 -30.09 31.34
N LEU J 284 44.94 -28.93 30.83
CA LEU J 284 43.65 -28.79 30.16
C LEU J 284 43.81 -29.01 28.66
N LYS J 285 42.71 -29.43 28.03
CA LYS J 285 42.69 -29.72 26.61
C LYS J 285 41.49 -29.05 25.96
N ALA J 286 41.64 -28.67 24.69
CA ALA J 286 40.59 -28.04 23.91
C ALA J 286 40.24 -28.93 22.73
N ASN J 287 38.95 -28.98 22.40
CA ASN J 287 38.47 -29.81 21.30
C ASN J 287 38.85 -29.20 19.97
N GLY J 288 38.38 -29.83 18.89
CA GLY J 288 38.70 -29.35 17.56
C GLY J 288 38.13 -27.96 17.27
N ARG J 289 37.06 -27.59 17.95
CA ARG J 289 36.45 -26.27 17.79
C ARG J 289 37.06 -25.23 18.72
N GLY J 290 38.06 -25.60 19.51
CA GLY J 290 38.70 -24.65 20.40
C GLY J 290 37.93 -24.32 21.66
N GLN J 291 36.92 -25.12 22.00
CA GLN J 291 36.12 -24.87 23.19
C GLN J 291 36.69 -25.64 24.38
N ILE J 292 36.27 -25.21 25.57
CA ILE J 292 36.73 -25.78 26.84
C ILE J 292 35.54 -26.36 27.57
N GLN J 293 35.68 -27.62 27.99
CA GLN J 293 34.60 -28.30 28.70
C GLN J 293 34.55 -27.82 30.15
N VAL J 294 33.35 -27.46 30.62
CA VAL J 294 33.14 -27.03 32.00
C VAL J 294 31.92 -27.76 32.55
N ASP J 295 31.83 -27.80 33.88
CA ASP J 295 30.74 -28.46 34.56
C ASP J 295 29.58 -27.49 34.74
N GLU J 296 28.60 -27.87 35.57
CA GLU J 296 27.47 -27.00 35.85
C GLU J 296 27.87 -25.72 36.56
N HIS J 297 29.02 -25.71 37.23
CA HIS J 297 29.52 -24.54 37.94
C HIS J 297 30.50 -23.73 37.10
N TYR J 298 30.59 -24.01 35.80
CA TYR J 298 31.52 -23.34 34.89
C TYR J 298 32.97 -23.50 35.36
N ARG J 299 33.29 -24.66 35.90
CA ARG J 299 34.63 -24.99 36.36
C ARG J 299 35.21 -26.10 35.50
N THR J 300 36.47 -25.93 35.09
CA THR J 300 37.15 -26.93 34.29
C THR J 300 37.63 -28.07 35.20
N GLU J 301 38.48 -28.95 34.66
CA GLU J 301 39.02 -30.05 35.47
C GLU J 301 39.83 -29.53 36.64
N VAL J 302 40.65 -28.49 36.41
CA VAL J 302 41.37 -27.86 37.50
C VAL J 302 40.38 -27.11 38.39
N SER J 303 40.54 -27.25 39.71
CA SER J 303 39.56 -26.70 40.63
C SER J 303 39.58 -25.17 40.66
N ASN J 304 40.73 -24.55 40.38
CA ASN J 304 40.85 -23.11 40.44
C ASN J 304 40.82 -22.45 39.07
N ILE J 305 40.45 -23.20 38.02
CA ILE J 305 40.39 -22.67 36.66
C ILE J 305 38.93 -22.69 36.23
N TYR J 306 38.42 -21.53 35.81
CA TYR J 306 37.04 -21.37 35.40
C TYR J 306 36.99 -20.74 34.02
N ALA J 307 35.99 -21.13 33.23
CA ALA J 307 35.81 -20.60 31.88
C ALA J 307 34.33 -20.28 31.65
N ALA J 308 34.08 -19.24 30.87
CA ALA J 308 32.72 -18.84 30.55
C ALA J 308 32.74 -18.03 29.26
N GLY J 309 31.56 -17.92 28.63
CA GLY J 309 31.42 -17.11 27.44
C GLY J 309 31.51 -17.89 26.14
N ASP J 310 32.01 -17.23 25.09
CA ASP J 310 32.12 -17.88 23.78
C ASP J 310 33.12 -19.02 23.78
N VAL J 311 34.08 -19.00 24.71
CA VAL J 311 35.04 -20.10 24.79
C VAL J 311 34.35 -21.40 25.16
N ILE J 312 33.20 -21.31 25.86
CA ILE J 312 32.43 -22.51 26.15
C ILE J 312 31.75 -23.04 24.89
N GLY J 313 31.38 -22.15 23.98
CA GLY J 313 30.65 -22.59 22.79
C GLY J 313 29.20 -22.16 22.89
N TRP J 314 28.29 -23.06 22.49
CA TRP J 314 26.87 -22.77 22.57
C TRP J 314 26.49 -22.49 24.02
N PRO J 315 25.60 -21.52 24.29
CA PRO J 315 24.82 -20.67 23.37
C PRO J 315 25.65 -19.70 22.52
N SER J 316 26.81 -19.26 23.00
CA SER J 316 27.66 -18.29 22.29
C SER J 316 26.89 -17.01 21.99
N LEU J 317 26.23 -16.47 23.03
CA LEU J 317 25.47 -15.24 22.93
C LEU J 317 26.03 -14.23 23.92
N ALA J 318 26.12 -12.97 23.49
CA ALA J 318 26.82 -11.95 24.28
C ALA J 318 26.16 -11.77 25.64
N SER J 319 24.84 -11.66 25.68
CA SER J 319 24.15 -11.61 26.97
C SER J 319 24.32 -12.92 27.73
N ALA J 320 24.22 -14.05 27.03
CA ALA J 320 24.46 -15.34 27.65
C ALA J 320 25.89 -15.44 28.15
N ALA J 321 26.85 -14.91 27.39
CA ALA J 321 28.23 -14.90 27.84
C ALA J 321 28.41 -14.07 29.10
N TYR J 322 27.77 -12.90 29.14
CA TYR J 322 27.85 -12.04 30.33
C TYR J 322 27.27 -12.74 31.54
N ASP J 323 26.11 -13.39 31.37
CA ASP J 323 25.49 -14.09 32.48
C ASP J 323 26.33 -15.29 32.91
N GLN J 324 26.97 -15.98 31.96
CA GLN J 324 27.85 -17.09 32.29
C GLN J 324 29.06 -16.59 33.08
N GLY J 325 29.61 -15.44 32.71
CA GLY J 325 30.70 -14.87 33.48
C GLY J 325 30.27 -14.50 34.89
N ARG J 326 29.07 -13.91 35.03
CA ARG J 326 28.55 -13.62 36.36
C ARG J 326 28.40 -14.89 37.18
N SER J 327 27.89 -15.96 36.57
CA SER J 327 27.71 -17.21 37.29
C SER J 327 29.04 -17.83 37.68
N ALA J 328 30.05 -17.74 36.80
CA ALA J 328 31.37 -18.26 37.12
C ALA J 328 31.99 -17.48 38.28
N ALA J 329 31.84 -16.15 38.28
CA ALA J 329 32.34 -15.36 39.40
C ALA J 329 31.61 -15.73 40.69
N GLY J 330 30.30 -15.95 40.60
CA GLY J 330 29.55 -16.37 41.79
C GLY J 330 30.01 -17.72 42.31
N SER J 331 30.29 -18.66 41.40
CA SER J 331 30.83 -19.96 41.81
C SER J 331 32.19 -19.80 42.48
N ILE J 332 33.04 -18.93 41.94
CA ILE J 332 34.34 -18.70 42.53
C ILE J 332 34.20 -18.13 43.94
N THR J 333 33.31 -17.14 44.11
CA THR J 333 33.11 -16.52 45.41
C THR J 333 32.09 -17.24 46.28
N GLU J 334 31.30 -18.14 45.71
CA GLU J 334 30.29 -18.91 46.46
C GLU J 334 29.35 -17.98 47.22
N ASN J 335 28.86 -16.95 46.53
CA ASN J 335 27.98 -15.96 47.14
C ASN J 335 26.54 -16.09 46.66
N ASP J 336 26.09 -17.31 46.37
CA ASP J 336 24.69 -17.67 46.10
C ASP J 336 24.29 -17.17 44.71
N SER J 337 25.15 -16.39 44.05
CA SER J 337 24.84 -15.80 42.75
C SER J 337 25.11 -16.75 41.58
N TRP J 338 25.25 -18.05 41.82
CA TRP J 338 25.47 -19.00 40.74
C TRP J 338 24.16 -19.45 40.13
N ARG J 339 24.16 -19.62 38.80
CA ARG J 339 23.02 -20.18 38.09
C ARG J 339 23.49 -20.66 36.73
N PHE J 340 22.99 -21.81 36.29
CA PHE J 340 23.39 -22.34 35.00
C PHE J 340 22.57 -21.67 33.90
N VAL J 341 23.24 -20.90 33.04
CA VAL J 341 22.57 -20.14 31.99
C VAL J 341 22.19 -21.12 30.89
N ASP J 342 20.93 -21.53 30.86
CA ASP J 342 20.45 -22.49 29.88
C ASP J 342 19.26 -21.99 29.07
N ASP J 343 18.33 -21.27 29.70
CA ASP J 343 17.12 -20.80 29.03
C ASP J 343 17.36 -19.43 28.40
N VAL J 344 18.39 -19.38 27.56
CA VAL J 344 18.78 -18.16 26.87
C VAL J 344 17.82 -17.96 25.69
N PRO J 345 17.16 -16.82 25.58
CA PRO J 345 16.26 -16.60 24.44
C PRO J 345 17.04 -16.38 23.15
N THR J 346 16.65 -17.12 22.11
CA THR J 346 17.30 -16.99 20.82
C THR J 346 16.88 -15.70 20.14
N GLY J 347 17.87 -14.94 19.68
CA GLY J 347 17.61 -13.68 19.00
C GLY J 347 18.43 -13.49 17.73
N ILE J 348 17.74 -13.31 16.60
CA ILE J 348 18.38 -13.11 15.30
C ILE J 348 18.06 -11.69 14.85
N TYR J 349 19.10 -10.90 14.63
CA TYR J 349 18.93 -9.48 14.31
C TYR J 349 19.01 -9.24 12.81
N THR J 350 18.03 -9.77 12.10
CA THR J 350 17.83 -9.46 10.70
C THR J 350 16.82 -8.33 10.58
N ILE J 351 16.44 -7.98 9.36
CA ILE J 351 15.41 -6.96 9.14
C ILE J 351 14.21 -7.65 8.50
N PRO J 352 13.12 -7.87 9.24
CA PRO J 352 12.88 -7.52 10.65
C PRO J 352 13.48 -8.54 11.61
N GLU J 353 13.42 -8.27 12.92
CA GLU J 353 14.10 -9.09 13.90
C GLU J 353 13.32 -10.39 14.16
N ILE J 354 14.00 -11.33 14.81
CA ILE J 354 13.43 -12.61 15.18
C ILE J 354 13.82 -12.92 16.62
N SER J 355 12.87 -13.42 17.42
CA SER J 355 13.22 -13.86 18.75
C SER J 355 12.32 -15.01 19.14
N SER J 356 12.82 -15.86 20.05
CA SER J 356 12.08 -17.03 20.49
C SER J 356 12.58 -17.45 21.86
N VAL J 357 11.69 -18.06 22.63
CA VAL J 357 12.01 -18.56 23.96
C VAL J 357 11.16 -19.78 24.22
N GLY J 358 11.77 -20.83 24.76
CA GLY J 358 11.04 -22.04 25.07
C GLY J 358 10.95 -23.00 23.90
N LYS J 359 10.03 -23.95 24.03
CA LYS J 359 9.87 -25.00 23.04
C LYS J 359 9.28 -24.46 21.75
N THR J 360 9.63 -25.10 20.64
CA THR J 360 9.04 -24.81 19.35
C THR J 360 7.84 -25.74 19.12
N GLU J 361 7.24 -25.64 17.93
CA GLU J 361 6.09 -26.48 17.62
C GLU J 361 6.53 -27.92 17.30
N ARG J 362 7.68 -28.07 16.65
CA ARG J 362 8.16 -29.41 16.30
C ARG J 362 8.47 -30.24 17.54
N GLU J 363 9.13 -29.63 18.53
CA GLU J 363 9.45 -30.36 19.76
C GLU J 363 8.19 -30.71 20.53
N LEU J 364 7.22 -29.79 20.57
CA LEU J 364 5.96 -30.08 21.25
C LEU J 364 5.21 -31.21 20.55
N THR J 365 5.20 -31.22 19.22
CA THR J 365 4.57 -32.31 18.48
C THR J 365 5.27 -33.63 18.75
N GLN J 366 6.61 -33.63 18.77
CA GLN J 366 7.35 -34.85 19.07
C GLN J 366 7.05 -35.36 20.48
N ALA J 367 6.91 -34.44 21.44
CA ALA J 367 6.64 -34.81 22.82
C ALA J 367 5.16 -35.04 23.09
N LYS J 368 4.30 -34.85 22.08
CA LYS J 368 2.86 -35.10 22.20
C LYS J 368 2.22 -34.26 23.30
N VAL J 369 2.72 -33.04 23.49
CA VAL J 369 2.14 -32.14 24.50
C VAL J 369 0.84 -31.56 23.94
N PRO J 370 -0.27 -31.65 24.67
CA PRO J 370 -1.53 -31.08 24.16
C PRO J 370 -1.54 -29.56 24.26
N TYR J 371 -0.96 -28.89 23.28
CA TYR J 371 -0.83 -27.44 23.28
C TYR J 371 -1.81 -26.81 22.30
N GLU J 372 -1.82 -25.48 22.26
CA GLU J 372 -2.64 -24.72 21.34
C GLU J 372 -1.89 -23.45 20.97
N VAL J 373 -2.27 -22.87 19.84
CA VAL J 373 -1.54 -21.77 19.22
C VAL J 373 -2.41 -20.53 19.22
N GLY J 374 -1.88 -19.43 19.75
CA GLY J 374 -2.51 -18.13 19.65
C GLY J 374 -1.67 -17.18 18.84
N LYS J 375 -2.21 -16.66 17.74
CA LYS J 375 -1.46 -15.86 16.80
C LYS J 375 -1.96 -14.43 16.76
N ALA J 376 -1.02 -13.49 16.64
CA ALA J 376 -1.34 -12.07 16.49
C ALA J 376 -0.45 -11.53 15.38
N PHE J 377 -1.06 -11.05 14.29
CA PHE J 377 -0.32 -10.61 13.13
C PHE J 377 -0.04 -9.11 13.22
N PHE J 378 1.21 -8.74 12.95
CA PHE J 378 1.64 -7.35 13.08
C PHE J 378 0.98 -6.43 12.06
N LYS J 379 0.46 -6.98 10.96
CA LYS J 379 -0.15 -6.14 9.93
C LYS J 379 -1.36 -5.37 10.47
N GLY J 380 -2.10 -5.99 11.39
CA GLY J 380 -3.21 -5.32 12.04
C GLY J 380 -2.86 -4.54 13.28
N MET J 381 -1.58 -4.46 13.64
CA MET J 381 -1.16 -3.76 14.84
C MET J 381 -1.07 -2.27 14.57
N ALA J 382 -1.66 -1.46 15.46
CA ALA J 382 -1.66 -0.01 15.26
C ALA J 382 -0.24 0.55 15.29
N ARG J 383 0.56 0.12 16.27
CA ARG J 383 1.93 0.62 16.37
C ARG J 383 2.75 0.22 15.15
N ALA J 384 2.54 -1.01 14.66
CA ALA J 384 3.23 -1.43 13.44
C ALA J 384 2.82 -0.58 12.24
N GLN J 385 1.53 -0.26 12.13
CA GLN J 385 1.08 0.59 11.04
C GLN J 385 1.69 1.98 11.12
N ILE J 386 1.77 2.56 12.33
CA ILE J 386 2.40 3.86 12.48
C ILE J 386 3.88 3.79 12.13
N ALA J 387 4.56 2.74 12.59
CA ALA J 387 5.99 2.59 12.31
C ALA J 387 6.23 1.98 10.93
N VAL J 388 5.17 1.85 10.12
CA VAL J 388 5.19 1.42 8.72
C VAL J 388 5.88 0.06 8.57
N GLU J 389 6.08 -0.64 9.69
CA GLU J 389 6.62 -2.00 9.66
C GLU J 389 5.46 -2.97 9.73
N LYS J 390 4.72 -3.06 8.62
CA LYS J 390 3.52 -3.89 8.58
C LYS J 390 3.85 -5.37 8.63
N ALA J 391 4.98 -5.78 8.07
CA ALA J 391 5.35 -7.20 8.07
C ALA J 391 5.70 -7.66 9.48
N GLY J 392 5.25 -8.86 9.82
CA GLY J 392 5.54 -9.43 11.12
C GLY J 392 4.43 -10.30 11.66
N MET J 393 4.74 -11.08 12.69
CA MET J 393 3.76 -11.97 13.31
C MET J 393 4.24 -12.33 14.71
N LEU J 394 3.34 -12.91 15.48
CA LEU J 394 3.65 -13.33 16.85
C LEU J 394 2.84 -14.58 17.17
N LYS J 395 3.49 -15.60 17.73
CA LYS J 395 2.86 -16.87 18.04
C LYS J 395 3.13 -17.23 19.48
N ILE J 396 2.10 -17.70 20.18
CA ILE J 396 2.20 -18.15 21.56
C ILE J 396 1.71 -19.58 21.65
N LEU J 397 2.53 -20.46 22.20
CA LEU J 397 2.15 -21.85 22.44
C LEU J 397 1.76 -21.99 23.90
N PHE J 398 0.52 -22.38 24.16
CA PHE J 398 0.02 -22.49 25.53
C PHE J 398 -0.66 -23.82 25.74
N HIS J 399 -0.48 -24.39 26.93
CA HIS J 399 -1.10 -25.66 27.25
C HIS J 399 -2.62 -25.56 27.14
N ARG J 400 -3.23 -26.54 26.48
CA ARG J 400 -4.65 -26.45 26.17
C ARG J 400 -5.54 -26.70 27.39
N GLU J 401 -5.01 -27.30 28.45
CA GLU J 401 -5.77 -27.57 29.67
C GLU J 401 -5.37 -26.66 30.82
N THR J 402 -4.09 -26.63 31.18
CA THR J 402 -3.63 -25.82 32.30
C THR J 402 -3.36 -24.37 31.92
N LEU J 403 -3.47 -24.01 30.64
CA LEU J 403 -3.22 -22.66 30.14
C LEU J 403 -1.79 -22.19 30.42
N GLU J 404 -0.87 -23.12 30.61
CA GLU J 404 0.52 -22.78 30.87
C GLU J 404 1.27 -22.53 29.55
N ILE J 405 2.04 -21.45 29.50
CA ILE J 405 2.79 -21.10 28.30
C ILE J 405 4.01 -22.00 28.20
N LEU J 406 4.18 -22.63 27.04
CA LEU J 406 5.32 -23.51 26.80
C LEU J 406 6.34 -22.93 25.84
N GLY J 407 5.99 -21.86 25.12
CA GLY J 407 6.92 -21.24 24.21
C GLY J 407 6.37 -20.00 23.55
N VAL J 408 7.24 -19.02 23.29
CA VAL J 408 6.86 -17.76 22.65
C VAL J 408 7.79 -17.53 21.48
N HIS J 409 7.22 -17.22 20.32
CA HIS J 409 7.99 -16.91 19.12
C HIS J 409 7.46 -15.63 18.50
N CYS J 410 8.37 -14.74 18.10
CA CYS J 410 7.98 -13.48 17.48
C CYS J 410 8.93 -13.16 16.35
N PHE J 411 8.38 -12.60 15.28
CA PHE J 411 9.15 -12.19 14.11
C PHE J 411 8.57 -10.89 13.58
N GLY J 412 9.35 -9.85 13.56
CA GLY J 412 8.88 -8.57 13.07
C GLY J 412 9.64 -7.43 13.73
N TYR J 413 8.91 -6.33 13.95
CA TYR J 413 9.48 -5.14 14.55
C TYR J 413 9.46 -5.24 16.07
N GLN J 414 10.56 -4.88 16.71
CA GLN J 414 10.70 -4.91 18.17
C GLN J 414 10.44 -6.31 18.73
N ALA J 415 10.95 -7.33 18.04
CA ALA J 415 10.72 -8.71 18.47
C ALA J 415 11.47 -9.01 19.76
N SER J 416 12.74 -8.59 19.85
CA SER J 416 13.55 -8.91 21.02
C SER J 416 12.97 -8.28 22.27
N GLU J 417 12.52 -7.03 22.18
CA GLU J 417 11.91 -6.36 23.33
C GLU J 417 10.55 -6.95 23.68
N ILE J 418 9.82 -7.46 22.69
CA ILE J 418 8.51 -8.06 22.95
C ILE J 418 8.66 -9.39 23.68
N VAL J 419 9.60 -10.23 23.24
CA VAL J 419 9.71 -11.59 23.77
C VAL J 419 10.00 -11.60 25.26
N HIS J 420 10.55 -10.52 25.80
CA HIS J 420 10.92 -10.49 27.21
C HIS J 420 9.71 -10.65 28.14
N ILE J 421 8.56 -10.06 27.77
CA ILE J 421 7.37 -10.18 28.61
C ILE J 421 6.90 -11.64 28.67
N GLY J 422 6.86 -12.30 27.52
CA GLY J 422 6.50 -13.71 27.50
C GLY J 422 7.50 -14.57 28.24
N GLN J 423 8.78 -14.22 28.16
CA GLN J 423 9.79 -14.94 28.92
C GLN J 423 9.57 -14.76 30.42
N ALA J 424 9.23 -13.55 30.84
CA ALA J 424 8.98 -13.29 32.26
C ALA J 424 7.78 -14.09 32.76
N ILE J 425 6.71 -14.14 31.97
CA ILE J 425 5.53 -14.88 32.41
C ILE J 425 5.81 -16.38 32.37
N MET J 426 6.57 -16.85 31.39
CA MET J 426 6.87 -18.27 31.28
C MET J 426 7.66 -18.79 32.46
N ASN J 427 8.60 -17.98 32.97
CA ASN J 427 9.49 -18.41 34.03
C ASN J 427 8.79 -18.61 35.37
N GLN J 428 7.54 -18.18 35.50
CA GLN J 428 6.81 -18.38 36.74
C GLN J 428 6.50 -19.85 36.96
N LYS J 429 6.20 -20.19 38.21
CA LYS J 429 6.02 -21.58 38.62
C LYS J 429 4.54 -21.91 38.78
N GLY J 430 4.13 -23.04 38.22
CA GLY J 430 2.79 -23.54 38.43
C GLY J 430 1.74 -22.66 37.78
N GLU J 431 0.62 -22.46 38.48
CA GLU J 431 -0.50 -21.71 37.95
C GLU J 431 -0.17 -20.24 37.70
N ALA J 432 0.93 -19.73 38.28
CA ALA J 432 1.31 -18.36 38.04
C ALA J 432 1.65 -18.13 36.56
N ASN J 433 2.33 -19.09 35.94
CA ASN J 433 2.66 -19.02 34.52
C ASN J 433 1.42 -19.47 33.73
N THR J 434 0.55 -18.51 33.46
CA THR J 434 -0.70 -18.77 32.75
C THR J 434 -0.91 -17.73 31.66
N LEU J 435 -1.56 -18.16 30.58
CA LEU J 435 -1.91 -17.23 29.51
C LEU J 435 -2.92 -16.20 29.97
N LYS J 436 -3.76 -16.55 30.95
CA LYS J 436 -4.83 -15.66 31.40
C LYS J 436 -4.30 -14.37 32.01
N TYR J 437 -3.01 -14.31 32.34
CA TYR J 437 -2.43 -13.04 32.77
C TYR J 437 -2.59 -11.98 31.68
N PHE J 438 -2.35 -12.37 30.42
CA PHE J 438 -2.38 -11.42 29.32
C PHE J 438 -3.76 -10.83 29.10
N ILE J 439 -4.79 -11.45 29.67
CA ILE J 439 -6.15 -10.91 29.59
C ILE J 439 -6.58 -10.23 30.88
N ASN J 440 -5.88 -10.48 31.99
CA ASN J 440 -6.19 -9.88 33.28
C ASN J 440 -5.25 -8.73 33.63
N THR J 441 -4.49 -8.22 32.66
CA THR J 441 -3.54 -7.15 32.90
C THR J 441 -3.74 -6.07 31.84
N THR J 442 -3.53 -4.81 32.24
CA THR J 442 -3.72 -3.67 31.35
C THR J 442 -2.38 -3.25 30.76
N PHE J 443 -2.32 -3.17 29.44
CA PHE J 443 -1.15 -2.71 28.71
C PHE J 443 -1.35 -1.27 28.27
N ASN J 444 -0.42 -0.79 27.45
CA ASN J 444 -0.53 0.54 26.84
C ASN J 444 -1.02 0.41 25.41
N TYR J 445 -1.31 1.57 24.81
CA TYR J 445 -1.88 1.62 23.47
C TYR J 445 -1.61 3.00 22.90
N PRO J 446 -0.98 3.10 21.72
CA PRO J 446 -0.48 2.01 20.87
C PRO J 446 0.85 1.46 21.34
N THR J 447 0.96 0.13 21.42
CA THR J 447 2.18 -0.52 21.83
C THR J 447 2.22 -1.92 21.22
N MET J 448 3.44 -2.39 20.96
CA MET J 448 3.61 -3.77 20.50
C MET J 448 3.11 -4.78 21.51
N ALA J 449 3.23 -4.48 22.81
CA ALA J 449 2.90 -5.46 23.85
C ALA J 449 1.44 -5.89 23.78
N GLU J 450 0.54 -4.98 23.40
CA GLU J 450 -0.88 -5.34 23.33
C GLU J 450 -1.15 -6.38 22.26
N ALA J 451 -0.20 -6.59 21.33
CA ALA J 451 -0.31 -7.72 20.40
C ALA J 451 -0.45 -9.02 21.16
N TYR J 452 0.32 -9.17 22.26
CA TYR J 452 0.15 -10.28 23.16
C TYR J 452 -1.32 -10.47 23.51
N ARG J 453 -1.97 -9.39 23.93
CA ARG J 453 -3.40 -9.43 24.25
C ARG J 453 -4.19 -10.05 23.10
N VAL J 454 -3.95 -9.56 21.88
CA VAL J 454 -4.66 -10.09 20.71
C VAL J 454 -4.40 -11.59 20.60
N ALA J 455 -3.13 -11.98 20.72
CA ALA J 455 -2.79 -13.39 20.64
C ALA J 455 -3.57 -14.19 21.68
N ALA J 456 -3.66 -13.64 22.90
CA ALA J 456 -4.42 -14.31 23.95
C ALA J 456 -5.84 -14.62 23.49
N TYR J 457 -6.50 -13.63 22.87
CA TYR J 457 -7.84 -13.87 22.37
C TYR J 457 -7.83 -14.98 21.33
N ASP J 458 -6.89 -14.93 20.40
CA ASP J 458 -6.81 -15.97 19.37
C ASP J 458 -6.52 -17.34 19.97
N GLY J 459 -6.04 -17.38 21.20
CA GLY J 459 -5.94 -18.66 21.89
C GLY J 459 -7.25 -19.04 22.55
N LEU J 460 -7.86 -18.10 23.26
CA LEU J 460 -9.05 -18.42 24.05
C LEU J 460 -10.26 -18.75 23.18
N ASN J 461 -10.24 -18.35 21.91
CA ASN J 461 -11.33 -18.71 21.01
C ASN J 461 -11.20 -20.15 20.52
N ARG J 462 -10.04 -20.77 20.74
CA ARG J 462 -9.81 -22.15 20.32
C ARG J 462 -10.04 -23.16 21.44
N LEU J 463 -10.91 -22.83 22.39
CA LEU J 463 -11.22 -23.75 23.49
C LEU J 463 -12.71 -24.04 23.54
N TYR K 6 -49.14 -53.72 -75.15
CA TYR K 6 -50.15 -54.71 -74.78
C TYR K 6 -49.91 -56.03 -75.50
N ASP K 7 -50.76 -57.01 -75.21
CA ASP K 7 -50.68 -58.32 -75.86
C ASP K 7 -51.65 -58.44 -77.03
N VAL K 8 -52.90 -58.03 -76.84
CA VAL K 8 -53.93 -58.08 -77.87
C VAL K 8 -54.56 -56.71 -77.98
N VAL K 9 -54.67 -56.20 -79.21
CA VAL K 9 -55.32 -54.93 -79.47
C VAL K 9 -56.50 -55.17 -80.40
N VAL K 10 -57.68 -54.71 -79.99
CA VAL K 10 -58.92 -54.88 -80.73
C VAL K 10 -59.30 -53.54 -81.33
N ILE K 11 -59.74 -53.55 -82.59
CA ILE K 11 -60.24 -52.36 -83.26
C ILE K 11 -61.74 -52.50 -83.41
N GLY K 12 -62.48 -51.51 -82.92
CA GLY K 12 -63.93 -51.56 -82.93
C GLY K 12 -64.48 -52.16 -81.65
N THR K 13 -65.40 -51.44 -81.00
CA THR K 13 -65.95 -51.86 -79.72
C THR K 13 -67.39 -52.34 -79.87
N GLY K 14 -67.68 -53.04 -80.96
CA GLY K 14 -68.98 -53.64 -81.16
C GLY K 14 -69.08 -54.99 -80.49
N PRO K 15 -70.10 -55.77 -80.84
CA PRO K 15 -70.21 -57.12 -80.27
C PRO K 15 -68.99 -57.98 -80.56
N ALA K 16 -68.46 -57.91 -81.79
CA ALA K 16 -67.28 -58.70 -82.14
C ALA K 16 -66.07 -58.26 -81.34
N GLY K 17 -65.84 -56.95 -81.27
CA GLY K 17 -64.69 -56.44 -80.53
C GLY K 17 -64.79 -56.74 -79.05
N GLU K 18 -65.98 -56.54 -78.47
CA GLU K 18 -66.16 -56.81 -77.05
C GLU K 18 -65.98 -58.29 -76.75
N GLY K 19 -66.54 -59.16 -77.60
CA GLY K 19 -66.37 -60.59 -77.38
C GLY K 19 -64.93 -61.02 -77.49
N ALA K 20 -64.21 -60.51 -78.50
CA ALA K 20 -62.80 -60.84 -78.66
C ALA K 20 -61.99 -60.36 -77.46
N ALA K 21 -62.24 -59.13 -77.01
CA ALA K 21 -61.51 -58.60 -75.87
C ALA K 21 -61.77 -59.39 -74.61
N MET K 22 -63.05 -59.75 -74.36
CA MET K 22 -63.38 -60.52 -73.17
C MET K 22 -62.76 -61.90 -73.21
N ASN K 23 -62.81 -62.57 -74.37
CA ASN K 23 -62.22 -63.91 -74.47
C ASN K 23 -60.70 -63.85 -74.32
N ALA K 24 -60.06 -62.82 -74.87
CA ALA K 24 -58.62 -62.69 -74.76
C ALA K 24 -58.20 -62.40 -73.33
N VAL K 25 -58.91 -61.48 -72.66
CA VAL K 25 -58.58 -61.18 -71.26
C VAL K 25 -58.91 -62.36 -70.36
N LYS K 26 -59.81 -63.23 -70.80
CA LYS K 26 -60.09 -64.46 -70.06
C LYS K 26 -58.87 -65.38 -70.06
N ALA K 27 -58.11 -65.40 -71.16
CA ALA K 27 -56.90 -66.20 -71.25
C ALA K 27 -55.75 -65.64 -70.45
N GLY K 28 -55.87 -64.43 -69.90
CA GLY K 28 -54.84 -63.83 -69.09
C GLY K 28 -54.01 -62.76 -69.78
N ARG K 29 -54.13 -62.62 -71.10
CA ARG K 29 -53.36 -61.63 -71.82
C ARG K 29 -53.88 -60.22 -71.52
N LYS K 30 -52.95 -59.27 -71.43
CA LYS K 30 -53.30 -57.87 -71.25
C LYS K 30 -53.77 -57.31 -72.58
N VAL K 31 -55.01 -56.81 -72.62
CA VAL K 31 -55.67 -56.45 -73.87
C VAL K 31 -56.10 -55.00 -73.82
N ALA K 32 -56.31 -54.42 -75.01
CA ALA K 32 -56.78 -53.06 -75.14
C ALA K 32 -57.71 -52.97 -76.35
N VAL K 33 -58.58 -51.96 -76.33
CA VAL K 33 -59.55 -51.75 -77.40
C VAL K 33 -59.45 -50.31 -77.90
N VAL K 34 -59.80 -50.12 -79.17
CA VAL K 34 -59.77 -48.82 -79.82
C VAL K 34 -61.04 -48.65 -80.64
N ASP K 35 -61.63 -47.46 -80.58
CA ASP K 35 -62.81 -47.14 -81.38
C ASP K 35 -62.82 -45.64 -81.66
N ASP K 36 -63.54 -45.25 -82.71
CA ASP K 36 -63.63 -43.86 -83.11
C ASP K 36 -64.80 -43.13 -82.47
N ARG K 37 -65.81 -43.86 -81.98
CA ARG K 37 -66.93 -43.23 -81.31
C ARG K 37 -66.51 -42.75 -79.91
N PRO K 38 -67.14 -41.67 -79.43
CA PRO K 38 -66.83 -41.20 -78.06
C PRO K 38 -67.22 -42.19 -76.97
N GLN K 39 -68.12 -43.13 -77.26
CA GLN K 39 -68.57 -44.10 -76.28
C GLN K 39 -68.49 -45.51 -76.85
N VAL K 40 -68.34 -46.49 -75.96
CA VAL K 40 -68.25 -47.89 -76.33
C VAL K 40 -69.63 -48.39 -76.72
N GLY K 41 -69.69 -49.56 -77.36
CA GLY K 41 -70.94 -50.15 -77.77
C GLY K 41 -70.99 -50.48 -79.25
N GLY K 42 -70.40 -49.63 -80.08
CA GLY K 42 -70.35 -49.87 -81.50
C GLY K 42 -71.65 -49.52 -82.20
N ASN K 43 -71.68 -49.85 -83.50
CA ASN K 43 -72.85 -49.56 -84.33
C ASN K 43 -74.08 -50.32 -83.85
N CYS K 44 -73.88 -51.53 -83.30
CA CYS K 44 -75.02 -52.33 -82.87
C CYS K 44 -75.84 -51.62 -81.79
N THR K 45 -75.16 -51.04 -80.81
CA THR K 45 -75.83 -50.34 -79.72
C THR K 45 -76.18 -48.89 -80.07
N HIS K 46 -75.25 -48.15 -80.68
CA HIS K 46 -75.48 -46.74 -80.93
C HIS K 46 -76.41 -46.52 -82.12
N LEU K 47 -76.30 -47.33 -83.16
CA LEU K 47 -77.06 -47.11 -84.39
C LEU K 47 -77.70 -48.36 -84.97
N GLY K 48 -77.48 -49.54 -84.39
CA GLY K 48 -77.97 -50.77 -85.00
C GLY K 48 -79.06 -51.49 -84.23
N THR K 49 -78.67 -52.52 -83.47
CA THR K 49 -79.64 -53.38 -82.80
C THR K 49 -80.52 -52.59 -81.84
N ILE K 50 -79.89 -51.82 -80.94
CA ILE K 50 -80.64 -51.16 -79.88
C ILE K 50 -81.64 -50.14 -80.41
N PRO K 51 -81.26 -49.20 -81.29
CA PRO K 51 -82.26 -48.21 -81.75
C PRO K 51 -83.42 -48.83 -82.50
N SER K 52 -83.14 -49.74 -83.44
CA SER K 52 -84.22 -50.36 -84.21
C SER K 52 -85.11 -51.20 -83.31
N LYS K 53 -84.52 -51.96 -82.38
CA LYS K 53 -85.32 -52.79 -81.48
C LYS K 53 -86.19 -51.93 -80.57
N ALA K 54 -85.64 -50.84 -80.03
CA ALA K 54 -86.43 -49.96 -79.18
C ALA K 54 -87.56 -49.31 -79.97
N LEU K 55 -87.28 -48.87 -81.20
CA LEU K 55 -88.32 -48.27 -82.03
C LEU K 55 -89.43 -49.28 -82.32
N ARG K 56 -89.05 -50.52 -82.64
CA ARG K 56 -90.05 -51.55 -82.91
C ARG K 56 -90.89 -51.84 -81.68
N HIS K 57 -90.25 -51.93 -80.51
CA HIS K 57 -91.01 -52.21 -79.29
C HIS K 57 -91.97 -51.07 -78.96
N SER K 58 -91.51 -49.82 -79.11
CA SER K 58 -92.39 -48.69 -78.85
C SER K 58 -93.56 -48.67 -79.83
N VAL K 59 -93.29 -48.96 -81.10
CA VAL K 59 -94.37 -48.99 -82.10
C VAL K 59 -95.36 -50.09 -81.78
N ARG K 60 -94.87 -51.26 -81.37
CA ARG K 60 -95.77 -52.35 -80.99
C ARG K 60 -96.62 -51.98 -79.79
N GLN K 61 -96.02 -51.32 -78.79
CA GLN K 61 -96.80 -50.88 -77.64
C GLN K 61 -97.86 -49.86 -78.03
N ILE K 62 -97.50 -48.93 -78.92
CA ILE K 62 -98.46 -47.93 -79.38
C ILE K 62 -99.62 -48.60 -80.11
N MET K 63 -99.30 -49.56 -80.97
CA MET K 63 -100.33 -50.27 -81.73
C MET K 63 -101.25 -51.06 -80.79
N GLN K 64 -100.67 -51.75 -79.81
CA GLN K 64 -101.48 -52.55 -78.91
C GLN K 64 -102.34 -51.68 -78.01
N TYR K 65 -101.85 -50.49 -77.64
CA TYR K 65 -102.67 -49.57 -76.85
C TYR K 65 -103.80 -49.01 -77.69
N ASN K 66 -103.52 -48.66 -78.94
CA ASN K 66 -104.56 -48.11 -79.82
C ASN K 66 -105.64 -49.15 -80.13
N ASN K 67 -105.24 -50.40 -80.37
CA ASN K 67 -106.19 -51.42 -80.77
C ASN K 67 -106.89 -52.11 -79.59
N ASN K 68 -106.45 -51.84 -78.37
CA ASN K 68 -107.07 -52.47 -77.21
C ASN K 68 -108.33 -51.70 -76.82
N PRO K 69 -109.49 -52.36 -76.78
CA PRO K 69 -110.72 -51.66 -76.37
C PRO K 69 -110.69 -51.16 -74.93
N LEU K 70 -109.84 -51.75 -74.08
CA LEU K 70 -109.77 -51.31 -72.68
C LEU K 70 -109.29 -49.87 -72.57
N PHE K 71 -108.28 -49.49 -73.36
CA PHE K 71 -107.74 -48.14 -73.30
C PHE K 71 -108.54 -47.13 -74.09
N ARG K 72 -109.51 -47.57 -74.91
CA ARG K 72 -110.32 -46.63 -75.66
C ARG K 72 -111.23 -45.82 -74.75
N GLN K 73 -111.72 -46.43 -73.67
CA GLN K 73 -112.55 -45.69 -72.72
C GLN K 73 -111.74 -44.65 -71.97
N ILE K 74 -110.42 -44.82 -71.88
CA ILE K 74 -109.57 -43.82 -71.24
C ILE K 74 -109.49 -42.57 -72.11
N GLY K 75 -109.37 -42.74 -73.42
CA GLY K 75 -109.33 -41.60 -74.32
C GLY K 75 -109.30 -42.07 -75.76
N GLU K 76 -109.51 -41.11 -76.66
CA GLU K 76 -109.48 -41.39 -78.08
C GLU K 76 -108.04 -41.68 -78.52
N PRO K 77 -107.87 -42.40 -79.64
CA PRO K 77 -106.52 -42.66 -80.14
C PRO K 77 -105.77 -41.36 -80.42
N ARG K 78 -104.48 -41.34 -80.07
CA ARG K 78 -103.62 -40.19 -80.26
C ARG K 78 -102.45 -40.59 -81.16
N TRP K 79 -102.19 -39.80 -82.18
CA TRP K 79 -101.01 -40.02 -83.01
C TRP K 79 -99.77 -39.49 -82.30
N PHE K 80 -98.68 -40.26 -82.38
CA PHE K 80 -97.47 -40.00 -81.62
C PHE K 80 -96.39 -39.45 -82.54
N SER K 81 -95.78 -38.34 -82.11
CA SER K 81 -94.66 -37.79 -82.86
C SER K 81 -93.45 -38.72 -82.79
N PHE K 82 -92.61 -38.66 -83.83
CA PHE K 82 -91.47 -39.56 -83.90
C PHE K 82 -90.47 -39.30 -82.78
N ALA K 83 -90.39 -38.06 -82.29
CA ALA K 83 -89.47 -37.74 -81.21
C ALA K 83 -89.83 -38.48 -79.93
N ASP K 84 -91.13 -38.53 -79.60
CA ASP K 84 -91.57 -39.22 -78.40
C ASP K 84 -91.33 -40.72 -78.50
N VAL K 85 -91.51 -41.29 -79.70
CA VAL K 85 -91.22 -42.70 -79.89
C VAL K 85 -89.73 -42.97 -79.75
N LEU K 86 -88.90 -42.08 -80.29
CA LEU K 86 -87.45 -42.28 -80.28
C LEU K 86 -86.86 -42.09 -78.89
N LYS K 87 -87.41 -41.18 -78.08
CA LYS K 87 -86.80 -40.84 -76.81
C LYS K 87 -86.78 -42.02 -75.84
N SER K 88 -87.55 -43.08 -76.10
CA SER K 88 -87.48 -44.26 -75.26
C SER K 88 -86.20 -45.05 -75.45
N ALA K 89 -85.39 -44.71 -76.46
CA ALA K 89 -84.22 -45.50 -76.78
C ALA K 89 -82.93 -44.96 -76.14
N GLU K 90 -82.90 -43.67 -75.82
CA GLU K 90 -81.67 -43.09 -75.27
C GLU K 90 -81.37 -43.64 -73.88
N GLN K 91 -82.42 -43.92 -73.09
CA GLN K 91 -82.21 -44.51 -71.77
C GLN K 91 -81.57 -45.90 -71.90
N VAL K 92 -82.07 -46.71 -72.83
CA VAL K 92 -81.50 -48.04 -73.05
C VAL K 92 -80.08 -47.94 -73.56
N ILE K 93 -79.82 -46.98 -74.46
CA ILE K 93 -78.47 -46.79 -74.98
C ILE K 93 -77.51 -46.43 -73.85
N ALA K 94 -77.93 -45.50 -72.98
CA ALA K 94 -77.08 -45.08 -71.87
C ALA K 94 -76.83 -46.24 -70.91
N LYS K 95 -77.87 -47.03 -70.61
CA LYS K 95 -77.70 -48.17 -69.72
C LYS K 95 -76.74 -49.20 -70.30
N GLN K 96 -76.89 -49.50 -71.60
CA GLN K 96 -76.00 -50.46 -72.24
C GLN K 96 -74.56 -49.95 -72.27
N VAL K 97 -74.38 -48.66 -72.55
CA VAL K 97 -73.04 -48.08 -72.56
C VAL K 97 -72.42 -48.16 -71.18
N SER K 98 -73.19 -47.83 -70.14
CA SER K 98 -72.68 -47.92 -68.78
C SER K 98 -72.30 -49.35 -68.41
N SER K 99 -73.14 -50.31 -68.79
CA SER K 99 -72.85 -51.71 -68.49
C SER K 99 -71.59 -52.18 -69.20
N ARG K 100 -71.43 -51.80 -70.48
CA ARG K 100 -70.25 -52.23 -71.23
C ARG K 100 -68.98 -51.58 -70.71
N THR K 101 -69.06 -50.29 -70.32
CA THR K 101 -67.91 -49.64 -69.71
C THR K 101 -67.57 -50.28 -68.37
N GLY K 102 -68.58 -50.71 -67.62
CA GLY K 102 -68.32 -51.45 -66.39
C GLY K 102 -67.64 -52.77 -66.65
N TYR K 103 -68.07 -53.47 -67.70
CA TYR K 103 -67.40 -54.72 -68.09
C TYR K 103 -65.94 -54.46 -68.43
N TYR K 104 -65.67 -53.40 -69.19
CA TYR K 104 -64.30 -53.11 -69.59
C TYR K 104 -63.43 -52.70 -68.41
N ALA K 105 -63.93 -51.82 -67.55
CA ALA K 105 -63.15 -51.35 -66.41
C ALA K 105 -62.94 -52.46 -65.39
N ARG K 106 -63.92 -53.36 -65.25
CA ARG K 106 -63.79 -54.46 -64.31
C ARG K 106 -62.64 -55.39 -64.69
N ASN K 107 -62.49 -55.68 -65.97
CA ASN K 107 -61.42 -56.53 -66.47
C ASN K 107 -60.12 -55.77 -66.73
N ARG K 108 -60.12 -54.45 -66.50
CA ARG K 108 -58.93 -53.61 -66.67
C ARG K 108 -58.43 -53.66 -68.11
N ILE K 109 -59.31 -53.30 -69.03
CA ILE K 109 -59.01 -53.24 -70.46
C ILE K 109 -58.92 -51.78 -70.86
N ASP K 110 -57.77 -51.37 -71.37
CA ASP K 110 -57.55 -49.98 -71.77
C ASP K 110 -58.34 -49.67 -73.03
N THR K 111 -58.86 -48.45 -73.11
CA THR K 111 -59.65 -47.99 -74.24
C THR K 111 -59.06 -46.71 -74.81
N PHE K 112 -59.18 -46.55 -76.13
CA PHE K 112 -58.70 -45.36 -76.81
C PHE K 112 -59.79 -44.90 -77.77
N PHE K 113 -60.35 -43.72 -77.52
CA PHE K 113 -61.47 -43.20 -78.30
C PHE K 113 -60.94 -42.33 -79.44
N GLY K 114 -60.51 -43.01 -80.50
CA GLY K 114 -60.02 -42.31 -81.68
C GLY K 114 -59.91 -43.25 -82.86
N THR K 115 -59.82 -42.65 -84.04
CA THR K 115 -59.68 -43.43 -85.27
C THR K 115 -58.31 -44.10 -85.31
N ALA K 116 -58.29 -45.37 -85.71
CA ALA K 116 -57.08 -46.17 -85.72
C ALA K 116 -56.60 -46.37 -87.15
N SER K 117 -55.32 -46.12 -87.38
CA SER K 117 -54.70 -46.32 -88.69
C SER K 117 -53.47 -47.19 -88.54
N PHE K 118 -53.31 -48.15 -89.45
CA PHE K 118 -52.20 -49.08 -89.38
C PHE K 118 -50.92 -48.45 -89.92
N CYS K 119 -49.82 -48.66 -89.21
CA CYS K 119 -48.51 -48.18 -89.61
C CYS K 119 -47.61 -49.32 -90.09
N ASP K 120 -47.51 -50.39 -89.31
CA ASP K 120 -46.78 -51.58 -89.72
C ASP K 120 -47.53 -52.80 -89.18
N GLU K 121 -46.89 -53.96 -89.21
CA GLU K 121 -47.54 -55.19 -88.80
C GLU K 121 -47.85 -55.25 -87.30
N HIS K 122 -47.28 -54.34 -86.50
CA HIS K 122 -47.51 -54.36 -85.06
C HIS K 122 -47.73 -52.98 -84.45
N THR K 123 -47.79 -51.91 -85.24
CA THR K 123 -47.94 -50.57 -84.71
C THR K 123 -49.14 -49.89 -85.35
N ILE K 124 -49.96 -49.23 -84.52
CA ILE K 124 -51.10 -48.48 -84.98
C ILE K 124 -51.05 -47.08 -84.38
N GLU K 125 -51.66 -46.12 -85.06
CA GLU K 125 -51.72 -44.74 -84.61
C GLU K 125 -53.19 -44.38 -84.38
N VAL K 126 -53.46 -43.77 -83.23
CA VAL K 126 -54.82 -43.40 -82.83
C VAL K 126 -54.92 -41.88 -82.86
N VAL K 127 -55.86 -41.37 -83.65
CA VAL K 127 -56.08 -39.93 -83.81
C VAL K 127 -57.39 -39.57 -83.14
N HIS K 128 -57.35 -38.57 -82.28
CA HIS K 128 -58.55 -38.12 -81.56
C HIS K 128 -59.13 -36.87 -82.23
N GLY K 131 -55.95 -33.92 -83.94
CA GLY K 131 -54.69 -34.56 -84.25
C GLY K 131 -53.97 -35.13 -83.04
N MET K 132 -54.11 -36.45 -82.86
CA MET K 132 -53.41 -37.16 -81.81
C MET K 132 -52.73 -38.40 -82.38
N VAL K 133 -51.68 -38.84 -81.69
CA VAL K 133 -50.86 -39.98 -82.10
C VAL K 133 -50.47 -40.76 -80.85
N GLU K 134 -51.01 -41.96 -80.70
CA GLU K 134 -50.56 -42.92 -79.69
C GLU K 134 -50.11 -44.19 -80.42
N THR K 135 -48.82 -44.26 -80.72
CA THR K 135 -48.27 -45.49 -81.30
C THR K 135 -48.31 -46.60 -80.26
N LEU K 136 -48.93 -47.72 -80.63
CA LEU K 136 -49.09 -48.87 -79.74
C LEU K 136 -48.57 -50.12 -80.42
N VAL K 137 -47.86 -50.96 -79.66
CA VAL K 137 -47.32 -52.22 -80.16
C VAL K 137 -47.99 -53.35 -79.39
N ALA K 138 -48.46 -54.35 -80.12
CA ALA K 138 -49.09 -55.53 -79.53
C ALA K 138 -48.69 -56.76 -80.31
N LYS K 139 -48.71 -57.91 -79.63
CA LYS K 139 -48.37 -59.16 -80.29
C LYS K 139 -49.47 -59.60 -81.25
N GLN K 140 -50.73 -59.33 -80.92
CA GLN K 140 -51.85 -59.76 -81.73
C GLN K 140 -52.84 -58.62 -81.97
N PHE K 141 -53.44 -58.64 -83.15
CA PHE K 141 -54.39 -57.63 -83.59
C PHE K 141 -55.71 -58.30 -83.97
N VAL K 142 -56.82 -57.68 -83.59
CA VAL K 142 -58.16 -58.12 -83.96
C VAL K 142 -58.85 -56.96 -84.66
N ILE K 143 -59.41 -57.24 -85.84
CA ILE K 143 -60.06 -56.21 -86.66
C ILE K 143 -61.55 -56.46 -86.62
N ALA K 144 -62.29 -55.54 -86.01
CA ALA K 144 -63.74 -55.59 -85.92
C ALA K 144 -64.34 -54.22 -86.24
N THR K 145 -63.87 -53.62 -87.33
CA THR K 145 -64.29 -52.26 -87.69
C THR K 145 -65.75 -52.19 -88.13
N GLY K 146 -66.41 -53.33 -88.35
CA GLY K 146 -67.82 -53.28 -88.71
C GLY K 146 -68.04 -52.77 -90.11
N SER K 147 -69.16 -52.08 -90.31
CA SER K 147 -69.52 -51.58 -91.62
C SER K 147 -70.39 -50.33 -91.47
N ARG K 148 -70.66 -49.70 -92.60
CA ARG K 148 -71.46 -48.48 -92.70
C ARG K 148 -72.46 -48.66 -93.82
N PRO K 149 -73.53 -47.87 -93.83
CA PRO K 149 -74.49 -47.94 -94.94
C PRO K 149 -73.82 -47.62 -96.27
N TYR K 150 -74.20 -48.35 -97.31
CA TYR K 150 -73.65 -48.12 -98.63
C TYR K 150 -74.19 -46.81 -99.20
N ARG K 151 -73.29 -45.97 -99.70
CA ARG K 151 -73.65 -44.64 -100.19
C ARG K 151 -73.33 -44.50 -101.67
N PRO K 152 -74.32 -44.65 -102.55
CA PRO K 152 -74.09 -44.39 -103.97
C PRO K 152 -73.78 -42.91 -104.22
N ALA K 153 -72.94 -42.67 -105.23
CA ALA K 153 -72.49 -41.31 -105.51
C ALA K 153 -73.63 -40.46 -106.06
N ASP K 154 -74.54 -41.04 -106.83
CA ASP K 154 -75.60 -40.29 -107.49
C ASP K 154 -76.75 -39.92 -106.56
N VAL K 155 -76.69 -40.28 -105.28
CA VAL K 155 -77.72 -39.94 -104.31
C VAL K 155 -77.16 -38.88 -103.37
N ASP K 156 -77.85 -37.74 -103.29
CA ASP K 156 -77.41 -36.62 -102.47
C ASP K 156 -77.99 -36.78 -101.07
N PHE K 157 -77.24 -37.47 -100.21
CA PHE K 157 -77.63 -37.66 -98.82
C PHE K 157 -77.61 -36.37 -98.02
N THR K 158 -76.92 -35.33 -98.49
CA THR K 158 -76.91 -34.05 -97.79
C THR K 158 -78.27 -33.38 -97.79
N HIS K 159 -79.18 -33.79 -98.66
CA HIS K 159 -80.51 -33.23 -98.67
C HIS K 159 -81.24 -33.58 -97.37
N PRO K 160 -81.93 -32.62 -96.75
CA PRO K 160 -82.60 -32.92 -95.47
C PRO K 160 -83.69 -33.97 -95.57
N ARG K 161 -84.23 -34.21 -96.76
CA ARG K 161 -85.34 -35.15 -96.94
C ARG K 161 -84.87 -36.53 -97.37
N ILE K 162 -83.57 -36.77 -97.44
CA ILE K 162 -83.01 -38.07 -97.83
C ILE K 162 -82.18 -38.60 -96.68
N TYR K 163 -82.44 -39.84 -96.28
CA TYR K 163 -81.77 -40.46 -95.15
C TYR K 163 -81.29 -41.85 -95.53
N ASP K 164 -80.38 -42.37 -94.71
CA ASP K 164 -79.92 -43.75 -94.79
C ASP K 164 -80.28 -44.45 -93.48
N SER K 165 -79.77 -45.67 -93.31
CA SER K 165 -80.11 -46.45 -92.11
C SER K 165 -79.59 -45.80 -90.84
N ASP K 166 -78.62 -44.88 -90.95
CA ASP K 166 -78.07 -44.19 -89.78
C ASP K 166 -78.72 -42.83 -89.54
N THR K 167 -78.87 -42.02 -90.59
CA THR K 167 -79.44 -40.69 -90.44
C THR K 167 -80.96 -40.71 -90.28
N ILE K 168 -81.61 -41.87 -90.46
CA ILE K 168 -83.06 -41.94 -90.28
C ILE K 168 -83.44 -41.61 -88.85
N LEU K 169 -82.54 -41.87 -87.89
CA LEU K 169 -82.81 -41.53 -86.50
C LEU K 169 -82.80 -40.03 -86.26
N SER K 170 -82.35 -39.23 -87.24
CA SER K 170 -82.36 -37.78 -87.10
C SER K 170 -83.69 -37.15 -87.44
N LEU K 171 -84.70 -37.95 -87.81
CA LEU K 171 -86.01 -37.41 -88.14
C LEU K 171 -86.62 -36.72 -86.91
N GLY K 172 -87.25 -35.57 -87.16
CA GLY K 172 -87.83 -34.79 -86.09
C GLY K 172 -89.34 -34.87 -86.02
N HIS K 173 -89.99 -35.02 -87.17
CA HIS K 173 -91.45 -35.09 -87.25
C HIS K 173 -91.85 -36.32 -88.04
N THR K 174 -93.03 -36.84 -87.74
CA THR K 174 -93.53 -38.02 -88.42
C THR K 174 -93.95 -37.66 -89.84
N PRO K 175 -93.38 -38.30 -90.86
CA PRO K 175 -93.77 -37.98 -92.24
C PRO K 175 -95.16 -38.50 -92.56
N ARG K 176 -95.76 -37.93 -93.62
CA ARG K 176 -97.05 -38.41 -94.07
C ARG K 176 -96.90 -39.55 -95.07
N ARG K 177 -95.80 -39.56 -95.82
CA ARG K 177 -95.47 -40.63 -96.74
C ARG K 177 -93.98 -40.94 -96.63
N LEU K 178 -93.57 -42.08 -97.19
CA LEU K 178 -92.20 -42.52 -97.08
C LEU K 178 -91.90 -43.52 -98.19
N ILE K 179 -90.69 -43.44 -98.74
CA ILE K 179 -90.17 -44.38 -99.71
C ILE K 179 -88.93 -45.05 -99.12
N ILE K 180 -88.92 -46.37 -99.13
CA ILE K 180 -87.79 -47.16 -98.64
C ILE K 180 -87.25 -47.98 -99.80
N TYR K 181 -85.97 -47.81 -100.09
CA TYR K 181 -85.30 -48.52 -101.18
C TYR K 181 -84.46 -49.66 -100.62
N GLY K 182 -84.59 -50.83 -101.23
CA GLY K 182 -83.91 -52.02 -100.75
C GLY K 182 -84.77 -52.82 -99.80
N ALA K 183 -84.99 -54.09 -100.12
CA ALA K 183 -85.85 -54.97 -99.33
C ALA K 183 -85.06 -55.87 -98.39
N GLY K 184 -83.94 -55.37 -97.86
CA GLY K 184 -83.16 -56.14 -96.93
C GLY K 184 -83.81 -56.23 -95.56
N VAL K 185 -83.08 -56.83 -94.63
CA VAL K 185 -83.56 -56.99 -93.27
C VAL K 185 -83.84 -55.62 -92.64
N ILE K 186 -82.89 -54.70 -92.79
CA ILE K 186 -83.06 -53.36 -92.25
C ILE K 186 -84.24 -52.66 -92.92
N GLY K 187 -84.34 -52.78 -94.24
CA GLY K 187 -85.43 -52.14 -94.96
C GLY K 187 -86.79 -52.65 -94.53
N CYS K 188 -86.93 -53.98 -94.43
CA CYS K 188 -88.20 -54.56 -93.99
C CYS K 188 -88.51 -54.16 -92.56
N GLU K 189 -87.51 -54.15 -91.68
CA GLU K 189 -87.75 -53.77 -90.29
C GLU K 189 -88.24 -52.34 -90.20
N TYR K 190 -87.58 -51.42 -90.91
CA TYR K 190 -88.00 -50.01 -90.87
C TYR K 190 -89.36 -49.82 -91.52
N ALA K 191 -89.64 -50.55 -92.61
CA ALA K 191 -90.95 -50.45 -93.24
C ALA K 191 -92.04 -50.90 -92.27
N SER K 192 -91.81 -52.01 -91.57
CA SER K 192 -92.80 -52.47 -90.60
C SER K 192 -92.97 -51.48 -89.46
N ILE K 193 -91.87 -50.91 -88.96
CA ILE K 193 -91.95 -49.95 -87.86
C ILE K 193 -92.75 -48.72 -88.28
N PHE K 194 -92.44 -48.17 -89.46
CA PHE K 194 -93.13 -46.97 -89.92
C PHE K 194 -94.59 -47.27 -90.23
N SER K 195 -94.89 -48.44 -90.80
CA SER K 195 -96.28 -48.82 -91.02
C SER K 195 -97.04 -48.92 -89.71
N GLY K 196 -96.40 -49.47 -88.67
CA GLY K 196 -97.01 -49.46 -87.35
C GLY K 196 -97.24 -48.06 -86.84
N LEU K 197 -96.32 -47.14 -87.14
CA LEU K 197 -96.52 -45.73 -86.77
C LEU K 197 -97.67 -45.09 -87.53
N GLY K 198 -98.05 -45.61 -88.69
CA GLY K 198 -99.18 -45.09 -89.43
C GLY K 198 -98.85 -44.20 -90.60
N VAL K 199 -97.68 -44.36 -91.23
CA VAL K 199 -97.28 -43.58 -92.39
C VAL K 199 -97.25 -44.49 -93.61
N LEU K 200 -97.77 -44.00 -94.72
CA LEU K 200 -97.78 -44.75 -95.98
C LEU K 200 -96.36 -45.06 -96.43
N VAL K 201 -96.02 -46.34 -96.53
CA VAL K 201 -94.69 -46.79 -96.93
C VAL K 201 -94.76 -47.40 -98.31
N ASP K 202 -93.85 -46.99 -99.19
CA ASP K 202 -93.74 -47.50 -100.55
C ASP K 202 -92.42 -48.24 -100.67
N LEU K 203 -92.47 -49.54 -100.38
CA LEU K 203 -91.26 -50.36 -100.41
C LEU K 203 -90.92 -50.78 -101.82
N ILE K 204 -89.65 -50.71 -102.17
CA ILE K 204 -89.14 -51.07 -103.49
C ILE K 204 -88.18 -52.23 -103.34
N ASP K 205 -88.43 -53.30 -104.09
CA ASP K 205 -87.59 -54.50 -104.06
C ASP K 205 -87.07 -54.79 -105.46
N ASN K 206 -85.78 -55.10 -105.55
CA ASN K 206 -85.16 -55.45 -106.82
C ASN K 206 -85.43 -56.88 -107.24
N ARG K 207 -85.98 -57.70 -106.34
CA ARG K 207 -86.30 -59.09 -106.63
C ARG K 207 -87.81 -59.29 -106.63
N ASP K 208 -88.23 -60.44 -107.16
CA ASP K 208 -89.66 -60.75 -107.25
C ASP K 208 -90.24 -61.19 -105.91
N GLN K 209 -89.41 -61.62 -104.96
CA GLN K 209 -89.88 -62.12 -103.68
C GLN K 209 -89.06 -61.51 -102.55
N LEU K 210 -89.75 -61.04 -101.51
CA LEU K 210 -89.08 -60.50 -100.35
C LEU K 210 -88.29 -61.59 -99.63
N LEU K 211 -87.01 -61.31 -99.35
CA LEU K 211 -86.13 -62.23 -98.65
C LEU K 211 -86.14 -63.62 -99.30
N SER K 212 -85.62 -63.65 -100.53
CA SER K 212 -85.65 -64.87 -101.33
C SER K 212 -84.94 -66.02 -100.63
N PHE K 213 -83.96 -65.73 -99.77
CA PHE K 213 -83.28 -66.78 -99.03
C PHE K 213 -84.15 -67.40 -97.95
N LEU K 214 -85.31 -66.81 -97.66
CA LEU K 214 -86.21 -67.33 -96.64
C LEU K 214 -87.23 -68.27 -97.25
N ASP K 215 -88.08 -68.85 -96.40
CA ASP K 215 -89.13 -69.74 -96.87
C ASP K 215 -90.16 -68.98 -97.69
N ASP K 216 -90.70 -69.64 -98.71
CA ASP K 216 -91.70 -69.01 -99.57
C ASP K 216 -92.96 -68.65 -98.79
N GLU K 217 -93.42 -69.58 -97.93
CA GLU K 217 -94.62 -69.30 -97.14
C GLU K 217 -94.40 -68.13 -96.19
N ILE K 218 -93.23 -68.08 -95.54
CA ILE K 218 -92.94 -67.00 -94.60
C ILE K 218 -92.89 -65.66 -95.34
N SER K 219 -92.23 -65.63 -96.50
CA SER K 219 -92.15 -64.40 -97.28
C SER K 219 -93.53 -63.96 -97.76
N ASP K 220 -94.36 -64.91 -98.19
CA ASP K 220 -95.71 -64.56 -98.63
C ASP K 220 -96.54 -64.02 -97.47
N SER K 221 -96.40 -64.61 -96.29
CA SER K 221 -97.12 -64.10 -95.12
C SER K 221 -96.66 -62.69 -94.77
N LEU K 222 -95.34 -62.44 -94.83
CA LEU K 222 -94.82 -61.10 -94.57
C LEU K 222 -95.38 -60.10 -95.58
N SER K 223 -95.40 -60.47 -96.86
CA SER K 223 -95.92 -59.58 -97.88
C SER K 223 -97.41 -59.31 -97.67
N TYR K 224 -98.18 -60.34 -97.30
CA TYR K 224 -99.60 -60.17 -97.06
C TYR K 224 -99.84 -59.22 -95.89
N HIS K 225 -99.10 -59.41 -94.80
CA HIS K 225 -99.27 -58.55 -93.64
C HIS K 225 -98.87 -57.11 -93.96
N LEU K 226 -97.76 -56.93 -94.69
CA LEU K 226 -97.35 -55.58 -95.07
C LEU K 226 -98.37 -54.90 -95.96
N ARG K 227 -98.93 -55.64 -96.92
CA ARG K 227 -99.98 -55.07 -97.77
C ARG K 227 -101.21 -54.71 -96.95
N ASN K 228 -101.53 -55.52 -95.94
CA ASN K 228 -102.62 -55.19 -95.03
C ASN K 228 -102.26 -54.04 -94.09
N ASN K 229 -100.99 -53.67 -94.00
CA ASN K 229 -100.58 -52.59 -93.11
C ASN K 229 -100.05 -51.38 -93.88
N ASN K 230 -100.74 -51.03 -94.97
CA ASN K 230 -100.50 -49.81 -95.73
C ASN K 230 -99.16 -49.78 -96.43
N VAL K 231 -98.39 -50.86 -96.35
CA VAL K 231 -97.11 -50.95 -97.05
C VAL K 231 -97.37 -51.45 -98.46
N LEU K 232 -96.99 -50.66 -99.47
CA LEU K 232 -97.15 -51.02 -100.87
C LEU K 232 -95.79 -51.48 -101.39
N ILE K 233 -95.68 -52.77 -101.70
CA ILE K 233 -94.42 -53.37 -102.11
C ILE K 233 -94.43 -53.51 -103.62
N ARG K 234 -93.40 -52.95 -104.27
CA ARG K 234 -93.23 -53.08 -105.72
C ARG K 234 -92.00 -53.93 -105.98
N HIS K 235 -92.18 -55.02 -106.72
CA HIS K 235 -91.14 -56.01 -106.94
C HIS K 235 -90.45 -55.79 -108.28
N ASN K 236 -89.19 -56.25 -108.34
CA ASN K 236 -88.39 -56.22 -109.57
C ASN K 236 -88.28 -54.81 -110.13
N GLU K 237 -87.78 -53.89 -109.31
CA GLU K 237 -87.59 -52.51 -109.71
C GLU K 237 -86.19 -52.05 -109.31
N GLU K 238 -85.59 -51.20 -110.14
CA GLU K 238 -84.27 -50.64 -109.89
C GLU K 238 -84.34 -49.14 -110.13
N TYR K 239 -83.75 -48.37 -109.21
CA TYR K 239 -83.85 -46.93 -109.29
C TYR K 239 -83.07 -46.37 -110.48
N GLU K 240 -83.60 -45.33 -111.08
CA GLU K 240 -82.92 -44.59 -112.15
C GLU K 240 -82.44 -43.22 -111.71
N ARG K 241 -83.25 -42.49 -110.94
CA ARG K 241 -82.85 -41.17 -110.47
C ARG K 241 -83.60 -40.86 -109.19
N VAL K 242 -82.95 -40.10 -108.30
CA VAL K 242 -83.56 -39.60 -107.07
C VAL K 242 -83.46 -38.09 -107.07
N GLU K 243 -84.58 -37.40 -106.86
CA GLU K 243 -84.63 -35.95 -106.85
C GLU K 243 -85.19 -35.48 -105.52
N GLY K 244 -84.49 -34.54 -104.88
CA GLY K 244 -84.95 -33.99 -103.63
C GLY K 244 -85.58 -32.63 -103.77
N LEU K 245 -86.91 -32.58 -103.71
CA LEU K 245 -87.64 -31.33 -103.80
C LEU K 245 -87.70 -30.64 -102.44
N ASP K 246 -88.29 -29.46 -102.40
CA ASP K 246 -88.41 -28.72 -101.15
C ASP K 246 -89.43 -29.37 -100.22
N ASN K 247 -90.48 -29.96 -100.78
CA ASN K 247 -91.56 -30.56 -100.01
C ASN K 247 -91.74 -32.04 -100.31
N GLY K 248 -90.66 -32.74 -100.62
CA GLY K 248 -90.75 -34.16 -100.85
C GLY K 248 -89.57 -34.66 -101.67
N VAL K 249 -89.58 -35.98 -101.88
CA VAL K 249 -88.57 -36.67 -102.67
C VAL K 249 -89.27 -37.49 -103.75
N ILE K 250 -88.77 -37.38 -104.98
CA ILE K 250 -89.35 -38.07 -106.12
C ILE K 250 -88.32 -39.05 -106.66
N LEU K 251 -88.71 -40.32 -106.75
CA LEU K 251 -87.86 -41.38 -107.27
C LEU K 251 -88.37 -41.79 -108.64
N HIS K 252 -87.50 -41.69 -109.65
CA HIS K 252 -87.78 -42.16 -111.00
C HIS K 252 -87.15 -43.53 -111.16
N LEU K 253 -87.98 -44.53 -111.44
CA LEU K 253 -87.53 -45.91 -111.55
C LEU K 253 -87.14 -46.23 -113.00
N LYS K 254 -86.48 -47.38 -113.16
CA LYS K 254 -86.08 -47.82 -114.49
C LYS K 254 -87.28 -48.20 -115.36
N SER K 255 -88.33 -48.74 -114.74
CA SER K 255 -89.53 -49.11 -115.47
C SER K 255 -90.34 -47.91 -115.95
N GLY K 256 -90.00 -46.70 -115.50
CA GLY K 256 -90.72 -45.49 -115.87
C GLY K 256 -91.65 -44.97 -114.82
N LYS K 257 -91.88 -45.70 -113.73
CA LYS K 257 -92.75 -45.25 -112.67
C LYS K 257 -92.06 -44.19 -111.82
N LYS K 258 -92.81 -43.15 -111.44
CA LYS K 258 -92.32 -42.08 -110.60
C LYS K 258 -93.11 -42.08 -109.30
N ILE K 259 -92.41 -42.13 -108.18
CA ILE K 259 -93.03 -42.20 -106.85
C ILE K 259 -92.59 -41.00 -106.03
N LYS K 260 -93.57 -40.27 -105.51
CA LYS K 260 -93.31 -39.07 -104.71
C LYS K 260 -93.70 -39.34 -103.26
N ALA K 261 -92.84 -38.96 -102.32
CA ALA K 261 -93.12 -39.13 -100.91
C ALA K 261 -92.57 -37.94 -100.13
N ASP K 262 -92.76 -37.97 -98.82
CA ASP K 262 -92.27 -36.91 -97.94
C ASP K 262 -90.80 -37.07 -97.58
N ALA K 263 -90.27 -38.29 -97.60
CA ALA K 263 -88.88 -38.52 -97.24
C ALA K 263 -88.36 -39.70 -98.06
N PHE K 264 -87.13 -40.12 -97.76
CA PHE K 264 -86.49 -41.21 -98.47
C PHE K 264 -85.51 -41.90 -97.53
N LEU K 265 -85.50 -43.23 -97.57
CA LEU K 265 -84.62 -44.03 -96.74
C LEU K 265 -83.91 -45.06 -97.61
N TRP K 266 -82.59 -45.16 -97.47
CA TRP K 266 -81.77 -46.10 -98.22
C TRP K 266 -81.31 -47.22 -97.31
N SER K 267 -81.54 -48.46 -97.74
CA SER K 267 -81.13 -49.64 -96.97
C SER K 267 -80.59 -50.73 -97.87
N ASN K 268 -79.95 -50.36 -98.98
CA ASN K 268 -79.46 -51.32 -99.97
C ASN K 268 -77.97 -51.51 -99.78
N GLY K 269 -77.61 -52.60 -99.10
CA GLY K 269 -76.21 -52.98 -98.96
C GLY K 269 -75.46 -52.21 -97.90
N ARG K 270 -74.31 -52.75 -97.52
CA ARG K 270 -73.42 -52.12 -96.56
C ARG K 270 -71.99 -52.28 -97.04
N THR K 271 -71.14 -51.33 -96.63
CA THR K 271 -69.73 -51.31 -97.04
C THR K 271 -68.85 -51.34 -95.81
N GLY K 272 -67.79 -52.15 -95.86
CA GLY K 272 -66.88 -52.24 -94.72
C GLY K 272 -66.14 -50.94 -94.48
N ASN K 273 -65.82 -50.70 -93.21
CA ASN K 273 -65.13 -49.48 -92.79
C ASN K 273 -63.63 -49.78 -92.71
N THR K 274 -62.97 -49.72 -93.87
CA THR K 274 -61.54 -49.97 -93.96
C THR K 274 -60.77 -48.87 -94.67
N ASP K 275 -61.45 -47.82 -95.15
CA ASP K 275 -60.74 -46.75 -95.87
C ASP K 275 -59.76 -46.03 -94.96
N LYS K 276 -60.16 -45.75 -93.71
CA LYS K 276 -59.29 -45.05 -92.78
C LYS K 276 -58.31 -45.99 -92.07
N LEU K 277 -58.46 -47.30 -92.23
CA LEU K 277 -57.57 -48.24 -91.55
C LEU K 277 -56.16 -48.21 -92.12
N GLY K 278 -56.01 -47.95 -93.41
CA GLY K 278 -54.71 -47.99 -94.05
C GLY K 278 -54.13 -49.39 -94.07
N LEU K 279 -54.95 -50.36 -94.43
CA LEU K 279 -54.52 -51.77 -94.41
C LEU K 279 -53.45 -52.07 -95.46
N GLU K 280 -53.24 -51.17 -96.42
CA GLU K 280 -52.21 -51.40 -97.43
C GLU K 280 -50.81 -51.37 -96.85
N ASN K 281 -50.64 -50.80 -95.65
CA ASN K 281 -49.33 -50.73 -95.02
C ASN K 281 -48.85 -52.09 -94.50
N ILE K 282 -49.72 -53.09 -94.48
CA ILE K 282 -49.37 -54.43 -94.00
C ILE K 282 -49.62 -55.50 -95.07
N GLY K 283 -49.98 -55.09 -96.28
CA GLY K 283 -50.15 -56.02 -97.37
C GLY K 283 -51.53 -56.59 -97.57
N LEU K 284 -52.47 -56.30 -96.67
CA LEU K 284 -53.84 -56.79 -96.84
C LEU K 284 -54.58 -55.96 -97.88
N LYS K 285 -55.56 -56.60 -98.51
CA LYS K 285 -56.40 -55.94 -99.51
C LYS K 285 -57.86 -56.28 -99.23
N ALA K 286 -58.73 -55.33 -99.57
CA ALA K 286 -60.17 -55.47 -99.36
C ALA K 286 -60.87 -55.43 -100.70
N ASN K 287 -61.99 -56.15 -100.80
CA ASN K 287 -62.76 -56.19 -102.03
C ASN K 287 -63.57 -54.90 -102.21
N GLY K 288 -64.42 -54.89 -103.23
CA GLY K 288 -65.23 -53.71 -103.50
C GLY K 288 -66.19 -53.36 -102.39
N ARG K 289 -66.66 -54.38 -101.65
CA ARG K 289 -67.58 -54.16 -100.55
C ARG K 289 -66.87 -53.82 -99.24
N GLY K 290 -65.54 -53.77 -99.24
CA GLY K 290 -64.81 -53.47 -98.02
C GLY K 290 -64.67 -54.62 -97.06
N GLN K 291 -65.01 -55.84 -97.48
CA GLN K 291 -64.92 -57.00 -96.63
C GLN K 291 -63.50 -57.57 -96.67
N ILE K 292 -63.14 -58.28 -95.61
CA ILE K 292 -61.81 -58.85 -95.45
C ILE K 292 -61.92 -60.37 -95.49
N GLN K 293 -61.14 -61.00 -96.37
CA GLN K 293 -61.12 -62.45 -96.47
C GLN K 293 -60.48 -63.06 -95.24
N VAL K 294 -61.13 -64.07 -94.68
CA VAL K 294 -60.63 -64.78 -93.51
C VAL K 294 -60.82 -66.28 -93.72
N ASP K 295 -60.05 -67.06 -92.99
CA ASP K 295 -60.11 -68.52 -93.06
C ASP K 295 -61.12 -69.03 -92.04
N GLU K 296 -61.13 -70.35 -91.82
CA GLU K 296 -61.98 -70.93 -90.79
C GLU K 296 -61.56 -70.51 -89.39
N HIS K 297 -60.33 -70.02 -89.23
CA HIS K 297 -59.84 -69.51 -87.95
C HIS K 297 -59.97 -68.00 -87.83
N TYR K 298 -60.67 -67.36 -88.78
CA TYR K 298 -60.86 -65.92 -88.79
C TYR K 298 -59.53 -65.17 -88.82
N ARG K 299 -58.56 -65.74 -89.54
CA ARG K 299 -57.24 -65.16 -89.68
C ARG K 299 -57.07 -64.61 -91.08
N THR K 300 -56.52 -63.40 -91.17
CA THR K 300 -56.28 -62.76 -92.46
C THR K 300 -55.06 -63.40 -93.11
N GLU K 301 -54.62 -62.85 -94.25
CA GLU K 301 -53.40 -63.34 -94.89
C GLU K 301 -52.20 -63.17 -93.98
N VAL K 302 -52.12 -62.03 -93.29
CA VAL K 302 -51.09 -61.86 -92.26
C VAL K 302 -51.40 -62.78 -91.09
N SER K 303 -50.39 -63.49 -90.61
CA SER K 303 -50.63 -64.53 -89.61
C SER K 303 -50.94 -63.95 -88.23
N ASN K 304 -50.50 -62.73 -87.96
CA ASN K 304 -50.65 -62.14 -86.64
C ASN K 304 -51.84 -61.19 -86.52
N ILE K 305 -52.66 -61.08 -87.56
CA ILE K 305 -53.80 -60.17 -87.57
C ILE K 305 -55.06 -60.94 -87.91
N TYR K 306 -56.09 -60.78 -87.10
CA TYR K 306 -57.35 -61.50 -87.25
C TYR K 306 -58.49 -60.52 -87.45
N ALA K 307 -59.51 -60.96 -88.19
CA ALA K 307 -60.68 -60.15 -88.47
C ALA K 307 -61.95 -60.94 -88.16
N ALA K 308 -62.95 -60.26 -87.62
CA ALA K 308 -64.22 -60.91 -87.27
C ALA K 308 -65.33 -59.87 -87.28
N GLY K 309 -66.56 -60.36 -87.34
CA GLY K 309 -67.72 -59.49 -87.32
C GLY K 309 -68.15 -59.04 -88.69
N ASP K 310 -68.86 -57.91 -88.71
CA ASP K 310 -69.41 -57.37 -89.96
C ASP K 310 -68.32 -57.04 -90.96
N VAL K 311 -67.07 -56.87 -90.51
CA VAL K 311 -65.97 -56.61 -91.43
C VAL K 311 -65.73 -57.78 -92.37
N ILE K 312 -66.21 -58.98 -92.02
CA ILE K 312 -66.05 -60.14 -92.91
C ILE K 312 -67.27 -60.36 -93.79
N GLY K 313 -68.37 -59.66 -93.55
CA GLY K 313 -69.55 -59.76 -94.42
C GLY K 313 -70.62 -60.68 -93.81
N TRP K 314 -70.89 -61.79 -94.49
CA TRP K 314 -71.93 -62.70 -94.05
C TRP K 314 -71.55 -63.31 -92.70
N PRO K 315 -72.51 -63.50 -91.78
CA PRO K 315 -73.94 -63.19 -91.89
C PRO K 315 -74.30 -61.79 -91.41
N SER K 316 -73.34 -61.06 -90.83
CA SER K 316 -73.56 -59.69 -90.37
C SER K 316 -74.70 -59.61 -89.36
N LEU K 317 -74.56 -60.35 -88.26
CA LEU K 317 -75.52 -60.36 -87.18
C LEU K 317 -74.81 -60.08 -85.86
N ALA K 318 -75.50 -59.39 -84.96
CA ALA K 318 -74.87 -58.97 -83.71
C ALA K 318 -74.41 -60.17 -82.88
N SER K 319 -75.30 -61.14 -82.68
CA SER K 319 -74.90 -62.37 -81.98
C SER K 319 -73.84 -63.11 -82.78
N ALA K 320 -74.00 -63.17 -84.10
CA ALA K 320 -72.99 -63.81 -84.95
C ALA K 320 -71.66 -63.07 -84.87
N ALA K 321 -71.70 -61.73 -84.84
CA ALA K 321 -70.46 -60.97 -84.71
C ALA K 321 -69.78 -61.23 -83.37
N TYR K 322 -70.56 -61.28 -82.29
CA TYR K 322 -70.01 -61.55 -80.98
C TYR K 322 -69.36 -62.94 -80.92
N ASP K 323 -70.06 -63.93 -81.48
CA ASP K 323 -69.50 -65.29 -81.50
C ASP K 323 -68.25 -65.36 -82.37
N GLN K 324 -68.25 -64.66 -83.51
CA GLN K 324 -67.07 -64.64 -84.37
C GLN K 324 -65.89 -64.00 -83.66
N GLY K 325 -66.12 -62.90 -82.94
CA GLY K 325 -65.04 -62.29 -82.19
C GLY K 325 -64.49 -63.19 -81.10
N ARG K 326 -65.38 -63.86 -80.38
CA ARG K 326 -64.94 -64.80 -79.35
C ARG K 326 -64.14 -65.94 -79.96
N SER K 327 -64.60 -66.47 -81.10
CA SER K 327 -63.88 -67.55 -81.76
C SER K 327 -62.52 -67.09 -82.27
N ALA K 328 -62.43 -65.87 -82.80
CA ALA K 328 -61.15 -65.34 -83.25
C ALA K 328 -60.19 -65.17 -82.08
N ALA K 329 -60.68 -64.67 -80.95
CA ALA K 329 -59.84 -64.56 -79.76
C ALA K 329 -59.38 -65.94 -79.29
N GLY K 330 -60.27 -66.93 -79.33
CA GLY K 330 -59.89 -68.27 -78.96
C GLY K 330 -58.82 -68.84 -79.89
N SER K 331 -58.94 -68.57 -81.19
CA SER K 331 -57.93 -68.99 -82.14
C SER K 331 -56.59 -68.32 -81.85
N ILE K 332 -56.62 -67.04 -81.49
CA ILE K 332 -55.40 -66.33 -81.13
C ILE K 332 -54.75 -66.97 -79.91
N THR K 333 -55.57 -67.30 -78.90
CA THR K 333 -55.05 -67.93 -77.68
C THR K 333 -54.91 -69.43 -77.80
N GLU K 334 -55.61 -70.07 -78.74
CA GLU K 334 -55.59 -71.52 -78.91
C GLU K 334 -55.94 -72.24 -77.61
N ASN K 335 -57.05 -71.81 -77.00
CA ASN K 335 -57.54 -72.39 -75.76
C ASN K 335 -58.63 -73.43 -75.98
N ASP K 336 -58.71 -74.00 -77.19
CA ASP K 336 -59.69 -75.01 -77.58
C ASP K 336 -61.12 -74.51 -77.49
N SER K 337 -61.34 -73.21 -77.34
CA SER K 337 -62.68 -72.64 -77.27
C SER K 337 -63.18 -72.16 -78.62
N TRP K 338 -62.40 -72.32 -79.68
CA TRP K 338 -62.80 -71.87 -81.00
C TRP K 338 -63.92 -72.73 -81.55
N ARG K 339 -64.81 -72.11 -82.32
CA ARG K 339 -65.85 -72.80 -83.08
C ARG K 339 -66.23 -71.91 -84.24
N PHE K 340 -66.38 -72.50 -85.43
CA PHE K 340 -66.65 -71.72 -86.62
C PHE K 340 -68.12 -71.31 -86.66
N VAL K 341 -68.37 -70.01 -86.73
CA VAL K 341 -69.73 -69.48 -86.75
C VAL K 341 -70.28 -69.71 -88.16
N ASP K 342 -71.03 -70.77 -88.34
CA ASP K 342 -71.62 -71.12 -89.63
C ASP K 342 -73.14 -71.21 -89.59
N ASP K 343 -73.69 -71.78 -88.52
CA ASP K 343 -75.13 -71.89 -88.36
C ASP K 343 -75.62 -70.74 -87.50
N VAL K 344 -76.26 -69.76 -88.12
CA VAL K 344 -76.81 -68.60 -87.43
C VAL K 344 -78.30 -68.55 -87.74
N PRO K 345 -79.19 -68.63 -86.74
CA PRO K 345 -80.62 -68.56 -87.01
C PRO K 345 -81.01 -67.16 -87.48
N THR K 346 -81.39 -67.07 -88.76
CA THR K 346 -81.74 -65.77 -89.32
C THR K 346 -82.97 -65.21 -88.62
N GLY K 347 -82.92 -63.91 -88.32
CA GLY K 347 -84.01 -63.28 -87.60
C GLY K 347 -84.27 -61.86 -88.05
N ILE K 348 -85.53 -61.57 -88.37
CA ILE K 348 -85.96 -60.24 -88.80
C ILE K 348 -87.00 -59.74 -87.81
N TYR K 349 -86.72 -58.59 -87.20
CA TYR K 349 -87.59 -58.03 -86.16
C TYR K 349 -88.56 -57.02 -86.76
N THR K 350 -89.47 -57.51 -87.58
CA THR K 350 -90.59 -56.74 -88.07
C THR K 350 -91.77 -56.92 -87.11
N ILE K 351 -92.95 -56.46 -87.51
CA ILE K 351 -94.16 -56.65 -86.72
C ILE K 351 -95.13 -57.50 -87.53
N PRO K 352 -95.26 -58.80 -87.24
CA PRO K 352 -94.60 -59.56 -86.18
C PRO K 352 -93.21 -60.04 -86.58
N GLU K 353 -92.48 -60.71 -85.69
CA GLU K 353 -91.11 -61.10 -85.95
C GLU K 353 -91.06 -62.36 -86.83
N ILE K 354 -89.87 -62.64 -87.35
CA ILE K 354 -89.63 -63.82 -88.17
C ILE K 354 -88.28 -64.42 -87.78
N SER K 355 -88.22 -65.74 -87.69
CA SER K 355 -86.95 -66.40 -87.44
C SER K 355 -86.94 -67.73 -88.19
N SER K 356 -85.73 -68.21 -88.47
CA SER K 356 -85.56 -69.47 -89.18
C SER K 356 -84.20 -70.06 -88.88
N VAL K 357 -84.15 -71.39 -88.84
CA VAL K 357 -82.91 -72.12 -88.61
C VAL K 357 -82.93 -73.36 -89.51
N GLY K 358 -81.78 -73.65 -90.12
CA GLY K 358 -81.64 -74.82 -90.94
C GLY K 358 -82.09 -74.62 -92.38
N LYS K 359 -82.23 -75.75 -93.06
CA LYS K 359 -82.57 -75.74 -94.48
C LYS K 359 -84.00 -75.25 -94.71
N THR K 360 -84.20 -74.57 -95.82
CA THR K 360 -85.52 -74.13 -96.24
C THR K 360 -86.23 -75.25 -96.99
N GLU K 361 -87.48 -75.02 -97.37
CA GLU K 361 -88.24 -76.05 -98.08
C GLU K 361 -87.79 -76.19 -99.52
N ARG K 362 -87.32 -75.09 -100.12
CA ARG K 362 -86.88 -75.14 -101.52
C ARG K 362 -85.61 -75.98 -101.64
N GLU K 363 -84.66 -75.81 -100.72
CA GLU K 363 -83.45 -76.61 -100.74
C GLU K 363 -83.75 -78.09 -100.50
N LEU K 364 -84.67 -78.38 -99.58
CA LEU K 364 -85.06 -79.76 -99.34
C LEU K 364 -85.70 -80.38 -100.57
N THR K 365 -86.56 -79.61 -101.26
CA THR K 365 -87.16 -80.11 -102.49
C THR K 365 -86.12 -80.36 -103.56
N GLN K 366 -85.15 -79.45 -103.69
CA GLN K 366 -84.09 -79.62 -104.68
C GLN K 366 -83.23 -80.84 -104.37
N ALA K 367 -82.99 -81.09 -103.09
CA ALA K 367 -82.17 -82.23 -102.68
C ALA K 367 -82.95 -83.54 -102.61
N LYS K 368 -84.26 -83.50 -102.85
CA LYS K 368 -85.12 -84.70 -102.87
C LYS K 368 -85.05 -85.45 -101.53
N VAL K 369 -84.93 -84.72 -100.44
CA VAL K 369 -84.95 -85.33 -99.11
C VAL K 369 -86.40 -85.67 -98.74
N PRO K 370 -86.69 -86.91 -98.33
CA PRO K 370 -88.06 -87.25 -97.96
C PRO K 370 -88.47 -86.62 -96.64
N TYR K 371 -88.85 -85.35 -96.68
CA TYR K 371 -89.21 -84.59 -95.48
C TYR K 371 -90.73 -84.53 -95.33
N GLU K 372 -91.17 -83.91 -94.23
CA GLU K 372 -92.58 -83.69 -93.97
C GLU K 372 -92.72 -82.44 -93.12
N VAL K 373 -93.91 -81.86 -93.16
CA VAL K 373 -94.19 -80.55 -92.60
C VAL K 373 -95.17 -80.68 -91.44
N GLY K 374 -94.81 -80.12 -90.29
CA GLY K 374 -95.73 -79.99 -89.18
C GLY K 374 -96.01 -78.53 -88.88
N LYS K 375 -97.28 -78.13 -88.98
CA LYS K 375 -97.66 -76.73 -88.88
C LYS K 375 -98.47 -76.48 -87.61
N ALA K 376 -98.25 -75.30 -87.02
CA ALA K 376 -99.01 -74.86 -85.85
C ALA K 376 -99.34 -73.39 -86.05
N PHE K 377 -100.63 -73.07 -86.12
CA PHE K 377 -101.07 -71.71 -86.38
C PHE K 377 -101.30 -70.97 -85.07
N PHE K 378 -100.75 -69.75 -84.99
CA PHE K 378 -100.82 -68.98 -83.76
C PHE K 378 -102.23 -68.52 -83.42
N LYS K 379 -103.13 -68.47 -84.41
CA LYS K 379 -104.48 -67.98 -84.17
C LYS K 379 -105.22 -68.86 -83.16
N GLY K 380 -104.94 -70.17 -83.16
CA GLY K 380 -105.52 -71.07 -82.18
C GLY K 380 -104.73 -71.23 -80.91
N MET K 381 -103.52 -70.70 -80.84
CA MET K 381 -102.68 -70.84 -79.67
C MET K 381 -103.22 -70.00 -78.53
N ALA K 382 -103.27 -70.58 -77.32
CA ALA K 382 -103.83 -69.88 -76.17
C ALA K 382 -102.99 -68.67 -75.79
N ARG K 383 -101.66 -68.82 -75.79
CA ARG K 383 -100.79 -67.72 -75.40
C ARG K 383 -100.90 -66.57 -76.40
N ALA K 384 -100.94 -66.88 -77.70
CA ALA K 384 -101.09 -65.84 -78.71
C ALA K 384 -102.44 -65.13 -78.56
N GLN K 385 -103.50 -65.89 -78.28
CA GLN K 385 -104.81 -65.28 -78.09
C GLN K 385 -104.83 -64.35 -76.87
N ILE K 386 -104.22 -64.78 -75.77
CA ILE K 386 -104.16 -63.94 -74.58
C ILE K 386 -103.23 -62.75 -74.81
N ALA K 387 -102.32 -62.85 -75.77
CA ALA K 387 -101.45 -61.74 -76.14
C ALA K 387 -102.07 -60.83 -77.18
N VAL K 388 -103.26 -61.15 -77.68
CA VAL K 388 -103.98 -60.38 -78.69
C VAL K 388 -103.12 -60.29 -79.95
N GLU K 389 -102.37 -61.36 -80.23
CA GLU K 389 -101.58 -61.48 -81.45
C GLU K 389 -102.07 -62.73 -82.17
N LYS K 390 -103.13 -62.57 -82.98
CA LYS K 390 -103.78 -63.69 -83.64
C LYS K 390 -103.16 -64.06 -84.98
N ALA K 391 -102.18 -63.30 -85.45
CA ALA K 391 -101.54 -63.57 -86.73
C ALA K 391 -100.17 -64.18 -86.51
N GLY K 392 -99.89 -65.26 -87.22
CA GLY K 392 -98.62 -65.94 -87.14
C GLY K 392 -98.76 -67.43 -87.35
N MET K 393 -97.66 -68.07 -87.74
CA MET K 393 -97.63 -69.51 -87.98
C MET K 393 -96.24 -70.04 -87.69
N LEU K 394 -96.16 -71.34 -87.45
CA LEU K 394 -94.91 -72.02 -87.18
C LEU K 394 -94.86 -73.30 -87.99
N LYS K 395 -93.73 -73.55 -88.65
CA LYS K 395 -93.55 -74.69 -89.52
C LYS K 395 -92.28 -75.45 -89.14
N ILE K 396 -92.39 -76.76 -88.98
CA ILE K 396 -91.26 -77.62 -88.65
C ILE K 396 -91.10 -78.63 -89.77
N LEU K 397 -89.89 -78.69 -90.33
CA LEU K 397 -89.56 -79.67 -91.36
C LEU K 397 -88.80 -80.82 -90.70
N PHE K 398 -89.34 -82.03 -90.80
CA PHE K 398 -88.74 -83.18 -90.15
C PHE K 398 -88.64 -84.34 -91.14
N HIS K 399 -87.55 -85.09 -91.02
CA HIS K 399 -87.36 -86.25 -91.88
C HIS K 399 -88.48 -87.27 -91.65
N ARG K 400 -89.03 -87.79 -92.75
CA ARG K 400 -90.22 -88.63 -92.65
C ARG K 400 -89.93 -90.03 -92.14
N GLU K 401 -88.65 -90.43 -92.10
CA GLU K 401 -88.27 -91.76 -91.65
C GLU K 401 -87.48 -91.73 -90.36
N THR K 402 -86.38 -90.97 -90.31
CA THR K 402 -85.54 -90.87 -89.12
C THR K 402 -86.05 -89.86 -88.11
N LEU K 403 -87.08 -89.10 -88.45
CA LEU K 403 -87.70 -88.10 -87.57
C LEU K 403 -86.70 -87.03 -87.13
N GLU K 404 -85.65 -86.80 -87.92
CA GLU K 404 -84.71 -85.74 -87.61
C GLU K 404 -85.20 -84.41 -88.17
N ILE K 405 -84.74 -83.32 -87.57
CA ILE K 405 -85.20 -81.98 -87.93
C ILE K 405 -84.28 -81.42 -89.00
N LEU K 406 -84.87 -80.98 -90.12
CA LEU K 406 -84.12 -80.41 -91.24
C LEU K 406 -84.31 -78.91 -91.37
N GLY K 407 -85.30 -78.33 -90.69
CA GLY K 407 -85.51 -76.89 -90.75
C GLY K 407 -86.69 -76.42 -89.92
N VAL K 408 -86.51 -75.33 -89.19
CA VAL K 408 -87.57 -74.76 -88.35
C VAL K 408 -87.76 -73.30 -88.76
N HIS K 409 -88.98 -72.96 -89.16
CA HIS K 409 -89.32 -71.61 -89.58
C HIS K 409 -90.50 -71.12 -88.75
N CYS K 410 -90.37 -69.93 -88.17
CA CYS K 410 -91.44 -69.37 -87.37
C CYS K 410 -91.67 -67.91 -87.76
N PHE K 411 -92.94 -67.51 -87.74
CA PHE K 411 -93.33 -66.14 -88.05
C PHE K 411 -94.50 -65.77 -87.16
N GLY K 412 -94.34 -64.72 -86.38
CA GLY K 412 -95.40 -64.28 -85.49
C GLY K 412 -94.82 -63.62 -84.26
N TYR K 413 -95.51 -63.84 -83.14
CA TYR K 413 -95.14 -63.23 -81.87
C TYR K 413 -94.06 -64.06 -81.18
N GLN K 414 -92.99 -63.38 -80.75
CA GLN K 414 -91.88 -64.01 -80.04
C GLN K 414 -91.26 -65.15 -80.86
N ALA K 415 -91.06 -64.91 -82.16
CA ALA K 415 -90.46 -65.92 -83.02
C ALA K 415 -89.00 -66.17 -82.67
N SER K 416 -88.25 -65.09 -82.42
CA SER K 416 -86.83 -65.24 -82.10
C SER K 416 -86.62 -65.97 -80.79
N GLU K 417 -87.49 -65.74 -79.80
CA GLU K 417 -87.36 -66.41 -78.52
C GLU K 417 -87.96 -67.81 -78.52
N ILE K 418 -88.63 -68.20 -79.60
CA ILE K 418 -89.19 -69.54 -79.68
C ILE K 418 -88.39 -70.45 -80.63
N VAL K 419 -87.57 -69.86 -81.50
CA VAL K 419 -86.76 -70.65 -82.42
C VAL K 419 -85.63 -71.35 -81.70
N HIS K 420 -85.29 -70.91 -80.48
CA HIS K 420 -84.10 -71.43 -79.80
C HIS K 420 -84.28 -72.88 -79.36
N ILE K 421 -85.50 -73.27 -78.98
CA ILE K 421 -85.73 -74.67 -78.61
C ILE K 421 -85.52 -75.58 -79.80
N GLY K 422 -86.06 -75.19 -80.96
CA GLY K 422 -85.83 -75.97 -82.17
C GLY K 422 -84.37 -76.00 -82.58
N GLN K 423 -83.67 -74.88 -82.39
CA GLN K 423 -82.24 -74.86 -82.67
C GLN K 423 -81.47 -75.81 -81.76
N ALA K 424 -81.80 -75.81 -80.46
CA ALA K 424 -81.12 -76.69 -79.53
C ALA K 424 -81.38 -78.15 -79.84
N ILE K 425 -82.62 -78.48 -80.21
CA ILE K 425 -82.92 -79.85 -80.62
C ILE K 425 -82.17 -80.20 -81.92
N MET K 426 -82.04 -79.23 -82.82
CA MET K 426 -81.37 -79.46 -84.09
C MET K 426 -79.91 -79.87 -83.90
N ASN K 427 -79.19 -79.15 -83.04
CA ASN K 427 -77.74 -79.35 -82.90
C ASN K 427 -77.37 -80.68 -82.27
N GLN K 428 -78.35 -81.41 -81.72
CA GLN K 428 -78.06 -82.70 -81.13
C GLN K 428 -77.65 -83.70 -82.20
N LYS K 429 -76.92 -84.74 -81.78
CA LYS K 429 -76.31 -85.69 -82.69
C LYS K 429 -77.10 -86.99 -82.72
N GLY K 430 -77.24 -87.56 -83.92
CA GLY K 430 -77.84 -88.87 -84.06
C GLY K 430 -79.32 -88.86 -83.68
N GLU K 431 -79.74 -89.90 -82.96
CA GLU K 431 -81.14 -90.07 -82.60
C GLU K 431 -81.62 -88.99 -81.64
N ALA K 432 -80.71 -88.27 -80.99
CA ALA K 432 -81.12 -87.22 -80.06
C ALA K 432 -81.91 -86.13 -80.77
N ASN K 433 -81.48 -85.75 -81.98
CA ASN K 433 -82.20 -84.78 -82.79
C ASN K 433 -83.42 -85.48 -83.40
N THR K 434 -84.48 -85.57 -82.61
CA THR K 434 -85.71 -86.26 -83.01
C THR K 434 -86.92 -85.39 -82.72
N LEU K 435 -87.98 -85.59 -83.51
CA LEU K 435 -89.22 -84.87 -83.29
C LEU K 435 -89.96 -85.40 -82.06
N LYS K 436 -89.75 -86.67 -81.72
CA LYS K 436 -90.48 -87.28 -80.61
C LYS K 436 -90.20 -86.58 -79.28
N TYR K 437 -89.05 -85.91 -79.15
CA TYR K 437 -88.79 -85.12 -77.96
C TYR K 437 -89.93 -84.15 -77.68
N PHE K 438 -90.44 -83.51 -78.75
CA PHE K 438 -91.50 -82.51 -78.58
C PHE K 438 -92.81 -83.12 -78.08
N ILE K 439 -92.96 -84.44 -78.12
CA ILE K 439 -94.14 -85.07 -77.53
C ILE K 439 -93.80 -85.81 -76.23
N ASN K 440 -92.54 -85.87 -75.83
CA ASN K 440 -92.17 -86.59 -74.62
C ASN K 440 -92.00 -85.64 -73.43
N THR K 441 -91.11 -84.66 -73.54
CA THR K 441 -90.87 -83.73 -72.46
C THR K 441 -92.00 -82.70 -72.39
N THR K 442 -92.59 -82.58 -71.19
CA THR K 442 -93.69 -81.65 -71.00
C THR K 442 -93.20 -80.21 -71.05
N PHE K 443 -94.08 -79.32 -71.50
CA PHE K 443 -93.79 -77.89 -71.58
C PHE K 443 -94.66 -77.14 -70.58
N ASN K 444 -94.41 -75.84 -70.48
CA ASN K 444 -95.27 -74.98 -69.68
C ASN K 444 -96.58 -74.72 -70.43
N TYR K 445 -97.55 -74.13 -69.71
CA TYR K 445 -98.84 -73.84 -70.32
C TYR K 445 -99.55 -72.82 -69.46
N PRO K 446 -100.10 -71.75 -70.04
CA PRO K 446 -100.10 -71.41 -71.47
C PRO K 446 -98.87 -70.59 -71.88
N THR K 447 -98.10 -71.08 -72.84
CA THR K 447 -96.96 -70.34 -73.37
C THR K 447 -96.85 -70.63 -74.86
N MET K 448 -95.96 -69.88 -75.52
CA MET K 448 -95.78 -70.03 -76.96
C MET K 448 -95.14 -71.36 -77.34
N ALA K 449 -94.23 -71.88 -76.51
CA ALA K 449 -93.55 -73.13 -76.84
C ALA K 449 -94.52 -74.28 -76.99
N GLU K 450 -95.70 -74.18 -76.39
CA GLU K 450 -96.73 -75.22 -76.55
C GLU K 450 -97.04 -75.45 -78.01
N ALA K 451 -96.92 -74.42 -78.85
CA ALA K 451 -97.15 -74.57 -80.28
C ALA K 451 -96.32 -75.71 -80.85
N TYR K 452 -95.07 -75.82 -80.41
CA TYR K 452 -94.20 -76.91 -80.86
C TYR K 452 -94.91 -78.25 -80.68
N ARG K 453 -95.45 -78.50 -79.50
CA ARG K 453 -96.23 -79.71 -79.25
C ARG K 453 -97.25 -79.94 -80.35
N VAL K 454 -98.09 -78.93 -80.60
CA VAL K 454 -99.11 -79.05 -81.63
C VAL K 454 -98.46 -79.40 -82.96
N ALA K 455 -97.41 -78.67 -83.32
CA ALA K 455 -96.72 -78.93 -84.57
C ALA K 455 -96.27 -80.38 -84.64
N ALA K 456 -95.71 -80.88 -83.54
CA ALA K 456 -95.25 -82.26 -83.51
C ALA K 456 -96.40 -83.21 -83.83
N TYR K 457 -97.56 -82.99 -83.21
CA TYR K 457 -98.71 -83.81 -83.53
C TYR K 457 -99.11 -83.65 -84.99
N ASP K 458 -99.08 -82.41 -85.48
CA ASP K 458 -99.43 -82.18 -86.89
C ASP K 458 -98.46 -82.88 -87.82
N GLY K 459 -97.28 -83.25 -87.32
CA GLY K 459 -96.37 -84.05 -88.09
C GLY K 459 -96.74 -85.52 -88.04
N LEU K 460 -97.03 -86.02 -86.83
CA LEU K 460 -97.24 -87.45 -86.65
C LEU K 460 -98.52 -87.94 -87.32
N ASN K 461 -99.44 -87.03 -87.63
CA ASN K 461 -100.64 -87.44 -88.38
C ASN K 461 -100.31 -87.77 -89.82
N ARG K 462 -99.20 -87.25 -90.34
CA ARG K 462 -98.82 -87.45 -91.74
C ARG K 462 -97.86 -88.62 -91.92
N LEU K 463 -97.89 -89.60 -91.04
CA LEU K 463 -97.03 -90.78 -91.17
C LEU K 463 -97.84 -92.02 -91.52
N VAL L 3 54.60 24.65 80.96
CA VAL L 3 55.27 23.62 81.74
C VAL L 3 56.33 22.93 80.88
N TYR L 4 57.55 22.86 81.41
CA TYR L 4 58.67 22.23 80.73
C TYR L 4 59.35 21.25 81.67
N ASN L 5 59.97 20.22 81.09
CA ASN L 5 60.63 19.18 81.85
C ASN L 5 62.09 19.09 81.43
N TYR L 6 62.98 19.08 82.42
CA TYR L 6 64.41 18.98 82.19
C TYR L 6 65.03 18.21 83.35
N ASP L 7 66.25 17.72 83.13
CA ASP L 7 67.00 17.04 84.18
C ASP L 7 67.81 18.00 85.05
N VAL L 8 68.36 19.06 84.45
CA VAL L 8 69.15 20.05 85.16
C VAL L 8 68.63 21.43 84.80
N VAL L 9 68.34 22.23 85.82
CA VAL L 9 67.92 23.62 85.63
C VAL L 9 68.94 24.52 86.33
N VAL L 10 69.25 25.64 85.68
CA VAL L 10 70.24 26.59 86.18
C VAL L 10 69.58 27.95 86.28
N ILE L 11 69.81 28.64 87.38
CA ILE L 11 69.32 30.01 87.59
C ILE L 11 70.50 30.95 87.51
N GLY L 12 70.46 31.86 86.53
CA GLY L 12 71.57 32.78 86.31
C GLY L 12 72.51 32.29 85.24
N THR L 13 72.75 33.12 84.22
CA THR L 13 73.63 32.77 83.10
C THR L 13 75.00 33.39 83.23
N GLY L 14 75.47 33.61 84.45
CA GLY L 14 76.81 34.13 84.69
C GLY L 14 77.84 33.02 84.55
N PRO L 15 79.09 33.33 84.92
CA PRO L 15 80.15 32.30 84.80
C PRO L 15 79.84 31.02 85.56
N ALA L 16 79.28 31.13 86.77
CA ALA L 16 78.91 29.95 87.53
C ALA L 16 77.81 29.17 86.81
N GLY L 17 76.75 29.86 86.42
CA GLY L 17 75.66 29.20 85.71
C GLY L 17 76.09 28.64 84.37
N GLU L 18 76.90 29.39 83.62
CA GLU L 18 77.39 28.92 82.33
C GLU L 18 78.23 27.68 82.48
N GLY L 19 79.16 27.68 83.46
CA GLY L 19 79.98 26.51 83.68
C GLY L 19 79.17 25.31 84.12
N ALA L 20 78.21 25.52 85.02
CA ALA L 20 77.36 24.42 85.47
C ALA L 20 76.57 23.84 84.31
N ALA L 21 75.97 24.70 83.49
CA ALA L 21 75.18 24.22 82.36
C ALA L 21 76.02 23.47 81.35
N MET L 22 77.21 24.00 81.04
CA MET L 22 78.06 23.35 80.04
C MET L 22 78.57 22.01 80.56
N ASN L 23 78.95 21.94 81.83
CA ASN L 23 79.40 20.67 82.40
C ASN L 23 78.27 19.66 82.45
N ALA L 24 77.06 20.12 82.80
CA ALA L 24 75.92 19.20 82.85
C ALA L 24 75.57 18.67 81.47
N VAL L 25 75.54 19.55 80.46
CA VAL L 25 75.22 19.11 79.11
C VAL L 25 76.34 18.25 78.53
N LYS L 26 77.56 18.43 79.03
CA LYS L 26 78.65 17.55 78.62
C LYS L 26 78.40 16.11 79.04
N ALA L 27 77.84 15.90 80.23
CA ALA L 27 77.54 14.57 80.73
C ALA L 27 76.42 13.89 79.96
N GLY L 28 75.67 14.62 79.13
CA GLY L 28 74.61 14.03 78.33
C GLY L 28 73.21 14.24 78.86
N ARG L 29 73.03 15.02 79.92
CA ARG L 29 71.72 15.28 80.48
C ARG L 29 70.99 16.35 79.67
N LYS L 30 69.78 16.69 80.11
CA LYS L 30 69.00 17.78 79.52
C LYS L 30 69.09 18.98 80.44
N VAL L 31 69.59 20.10 79.90
CA VAL L 31 69.91 21.28 80.70
C VAL L 31 69.12 22.47 80.19
N ALA L 32 68.63 23.28 81.13
CA ALA L 32 67.97 24.53 80.82
C ALA L 32 68.53 25.63 81.70
N VAL L 33 68.50 26.86 81.20
CA VAL L 33 69.03 28.02 81.90
C VAL L 33 67.98 29.12 81.93
N VAL L 34 67.89 29.82 83.07
CA VAL L 34 66.95 30.91 83.26
C VAL L 34 67.72 32.11 83.81
N ASP L 35 67.48 33.28 83.23
CA ASP L 35 68.12 34.51 83.68
C ASP L 35 67.17 35.67 83.46
N ASP L 36 66.98 36.49 84.50
CA ASP L 36 66.06 37.62 84.40
C ASP L 36 66.55 38.70 83.44
N ARG L 37 67.84 38.71 83.09
CA ARG L 37 68.34 39.68 82.14
C ARG L 37 67.93 39.28 80.72
N PRO L 38 67.73 40.26 79.83
CA PRO L 38 67.39 39.94 78.43
C PRO L 38 68.49 39.21 77.68
N GLN L 39 69.73 39.25 78.16
CA GLN L 39 70.85 38.61 77.47
C GLN L 39 71.67 37.81 78.48
N VAL L 40 72.34 36.79 77.97
CA VAL L 40 73.19 35.93 78.79
C VAL L 40 74.48 36.67 79.12
N GLY L 41 75.24 36.16 80.09
CA GLY L 41 76.51 36.74 80.51
C GLY L 41 76.60 36.98 82.00
N GLY L 42 75.48 37.32 82.64
CA GLY L 42 75.49 37.57 84.07
C GLY L 42 76.15 38.91 84.39
N ASN L 43 76.48 39.06 85.68
CA ASN L 43 77.12 40.29 86.14
C ASN L 43 78.55 40.43 85.64
N CYS L 44 79.20 39.33 85.27
CA CYS L 44 80.59 39.40 84.81
C CYS L 44 80.72 40.22 83.54
N THR L 45 79.75 40.09 82.63
CA THR L 45 79.81 40.74 81.33
C THR L 45 79.03 42.05 81.26
N HIS L 46 77.84 42.10 81.85
CA HIS L 46 76.94 43.23 81.62
C HIS L 46 77.28 44.45 82.47
N LEU L 47 77.42 44.29 83.78
CA LEU L 47 77.59 45.42 84.67
C LEU L 47 78.77 45.33 85.62
N GLY L 48 79.48 44.21 85.67
CA GLY L 48 80.54 44.03 86.65
C GLY L 48 81.95 43.97 86.08
N THR L 49 82.46 42.75 85.93
CA THR L 49 83.86 42.54 85.61
C THR L 49 84.24 43.18 84.27
N ILE L 50 83.49 42.86 83.22
CA ILE L 50 83.88 43.29 81.88
C ILE L 50 83.86 44.81 81.73
N PRO L 51 82.80 45.53 82.14
CA PRO L 51 82.85 47.00 82.01
C PRO L 51 83.96 47.64 82.80
N SER L 52 84.20 47.17 84.03
CA SER L 52 85.26 47.75 84.85
C SER L 52 86.63 47.50 84.24
N LYS L 53 86.85 46.28 83.73
CA LYS L 53 88.13 45.97 83.11
C LYS L 53 88.34 46.77 81.83
N ALA L 54 87.29 46.93 81.03
CA ALA L 54 87.40 47.74 79.82
C ALA L 54 87.71 49.19 80.16
N LEU L 55 87.04 49.74 81.19
CA LEU L 55 87.31 51.11 81.60
C LEU L 55 88.75 51.25 82.10
N ARG L 56 89.22 50.27 82.87
CA ARG L 56 90.60 50.32 83.36
C ARG L 56 91.60 50.27 82.21
N HIS L 57 91.35 49.40 81.22
CA HIS L 57 92.26 49.32 80.08
C HIS L 57 92.26 50.61 79.27
N SER L 58 91.08 51.21 79.07
CA SER L 58 91.02 52.48 78.35
C SER L 58 91.74 53.58 79.11
N VAL L 59 91.59 53.61 80.44
CA VAL L 59 92.27 54.60 81.25
C VAL L 59 93.78 54.42 81.17
N ARG L 60 94.25 53.16 81.23
CA ARG L 60 95.67 52.90 81.11
C ARG L 60 96.20 53.32 79.75
N GLN L 61 95.43 53.06 78.69
CA GLN L 61 95.84 53.48 77.35
C GLN L 61 95.93 55.00 77.26
N ILE L 62 94.97 55.70 77.87
CA ILE L 62 94.99 57.16 77.87
C ILE L 62 96.22 57.67 78.61
N MET L 63 96.51 57.06 79.76
CA MET L 63 97.68 57.47 80.55
C MET L 63 98.97 57.23 79.77
N GLN L 64 99.06 56.08 79.09
CA GLN L 64 100.25 55.78 78.30
C GLN L 64 100.40 56.75 77.13
N TYR L 65 99.31 57.09 76.47
CA TYR L 65 99.35 58.06 75.38
C TYR L 65 99.80 59.43 75.88
N ASN L 66 99.30 59.84 77.06
CA ASN L 66 99.68 61.12 77.61
C ASN L 66 101.15 61.13 78.03
N ASN L 67 101.65 60.01 78.53
CA ASN L 67 103.01 59.93 79.03
C ASN L 67 104.02 59.50 77.96
N ASN L 68 103.57 59.15 76.76
CA ASN L 68 104.49 58.73 75.71
C ASN L 68 105.07 59.95 74.99
N PRO L 69 106.40 60.14 75.03
CA PRO L 69 106.97 61.31 74.32
C PRO L 69 106.76 61.29 72.82
N LEU L 70 106.54 60.11 72.23
CA LEU L 70 106.38 60.03 70.78
C LEU L 70 105.12 60.76 70.32
N PHE L 71 104.02 60.62 71.04
CA PHE L 71 102.76 61.26 70.66
C PHE L 71 102.75 62.76 70.92
N ARG L 72 103.73 63.29 71.64
CA ARG L 72 103.81 64.74 71.83
C ARG L 72 104.06 65.48 70.53
N GLN L 73 104.85 64.90 69.62
CA GLN L 73 105.03 65.51 68.30
C GLN L 73 103.73 65.55 67.52
N ILE L 74 102.92 64.49 67.61
CA ILE L 74 101.64 64.46 66.91
C ILE L 74 100.70 65.53 67.46
N GLY L 75 100.64 65.67 68.78
CA GLY L 75 99.79 66.67 69.37
C GLY L 75 99.99 66.73 70.87
N GLU L 76 99.37 67.74 71.47
CA GLU L 76 99.46 67.95 72.91
C GLU L 76 98.53 67.01 73.67
N PRO L 77 98.78 66.78 74.96
CA PRO L 77 97.88 65.92 75.73
C PRO L 77 96.46 66.48 75.76
N ARG L 78 95.49 65.58 75.72
CA ARG L 78 94.08 65.93 75.66
C ARG L 78 93.35 65.38 76.87
N TRP L 79 92.38 66.14 77.36
CA TRP L 79 91.53 65.68 78.46
C TRP L 79 90.31 64.96 77.90
N PHE L 80 90.02 63.79 78.46
CA PHE L 80 88.97 62.91 77.94
C PHE L 80 87.78 62.90 78.89
N SER L 81 86.59 62.84 78.32
CA SER L 81 85.36 62.75 79.11
C SER L 81 85.12 61.30 79.54
N PHE L 82 83.92 61.04 80.04
CA PHE L 82 83.59 59.71 80.55
C PHE L 82 82.82 58.87 79.54
N ALA L 83 81.93 59.48 78.76
CA ALA L 83 81.10 58.73 77.83
C ALA L 83 81.94 58.07 76.73
N ASP L 84 82.90 58.81 76.16
CA ASP L 84 83.73 58.25 75.09
C ASP L 84 84.56 57.08 75.59
N VAL L 85 85.12 57.19 76.80
CA VAL L 85 85.91 56.10 77.37
C VAL L 85 85.04 54.87 77.58
N LEU L 86 83.84 55.05 78.12
CA LEU L 86 82.97 53.91 78.39
C LEU L 86 82.38 53.33 77.11
N LYS L 87 82.39 54.09 76.02
CA LYS L 87 81.80 53.61 74.77
C LYS L 87 82.52 52.37 74.25
N SER L 88 83.79 52.20 74.59
CA SER L 88 84.55 51.06 74.09
C SER L 88 84.07 49.73 74.67
N ALA L 89 83.40 49.74 75.82
CA ALA L 89 83.01 48.51 76.49
C ALA L 89 81.83 47.81 75.83
N GLU L 90 80.96 48.54 75.13
CA GLU L 90 79.76 47.94 74.57
C GLU L 90 80.11 46.91 73.49
N GLN L 91 81.13 47.19 72.69
CA GLN L 91 81.56 46.21 71.68
C GLN L 91 82.04 44.93 72.33
N VAL L 92 82.82 45.06 73.42
CA VAL L 92 83.32 43.89 74.12
C VAL L 92 82.17 43.08 74.71
N ILE L 93 81.20 43.75 75.35
CA ILE L 93 80.09 43.02 75.94
C ILE L 93 79.24 42.37 74.85
N ALA L 94 79.09 43.02 73.70
CA ALA L 94 78.33 42.43 72.60
C ALA L 94 79.03 41.18 72.08
N LYS L 95 80.35 41.24 71.90
CA LYS L 95 81.08 40.06 71.47
C LYS L 95 80.97 38.93 72.49
N GLN L 96 81.06 39.27 73.78
CA GLN L 96 80.99 38.25 74.82
C GLN L 96 79.62 37.59 74.85
N VAL L 97 78.54 38.38 74.77
CA VAL L 97 77.21 37.80 74.81
C VAL L 97 76.93 36.97 73.56
N SER L 98 77.45 37.42 72.40
CA SER L 98 77.30 36.63 71.19
C SER L 98 78.03 35.29 71.31
N SER L 99 79.24 35.31 71.86
CA SER L 99 79.99 34.07 72.04
C SER L 99 79.28 33.13 73.01
N ARG L 100 78.75 33.67 74.11
CA ARG L 100 78.08 32.82 75.09
C ARG L 100 76.77 32.27 74.53
N THR L 101 76.05 33.08 73.74
CA THR L 101 74.84 32.58 73.09
C THR L 101 75.17 31.48 72.10
N GLY L 102 76.27 31.63 71.35
CA GLY L 102 76.70 30.55 70.47
C GLY L 102 77.06 29.29 71.24
N TYR L 103 77.73 29.45 72.37
CA TYR L 103 78.06 28.30 73.23
C TYR L 103 76.79 27.59 73.68
N TYR L 104 75.79 28.36 74.12
CA TYR L 104 74.53 27.76 74.56
C TYR L 104 73.81 27.07 73.40
N ALA L 105 73.78 27.71 72.23
CA ALA L 105 73.01 27.16 71.11
C ALA L 105 73.66 25.91 70.54
N ARG L 106 74.99 25.88 70.44
CA ARG L 106 75.66 24.71 69.89
C ARG L 106 75.46 23.48 70.76
N ASN L 107 75.36 23.66 72.07
CA ASN L 107 75.13 22.56 72.99
C ASN L 107 73.65 22.23 73.16
N ARG L 108 72.77 22.97 72.47
CA ARG L 108 71.32 22.73 72.51
C ARG L 108 70.78 22.82 73.94
N ILE L 109 70.97 23.99 74.54
CA ILE L 109 70.51 24.29 75.90
C ILE L 109 69.43 25.36 75.80
N ASP L 110 68.25 25.07 76.34
CA ASP L 110 67.15 26.01 76.29
C ASP L 110 67.39 27.16 77.26
N THR L 111 67.01 28.37 76.84
CA THR L 111 67.16 29.57 77.65
C THR L 111 65.78 30.18 77.91
N PHE L 112 65.64 30.76 79.10
CA PHE L 112 64.40 31.41 79.51
C PHE L 112 64.74 32.74 80.14
N PHE L 113 64.18 33.82 79.58
CA PHE L 113 64.51 35.17 80.03
C PHE L 113 63.37 35.69 80.91
N GLY L 114 63.49 35.40 82.20
CA GLY L 114 62.52 35.86 83.17
C GLY L 114 62.98 35.60 84.58
N THR L 115 62.36 36.30 85.52
CA THR L 115 62.68 36.12 86.93
C THR L 115 62.25 34.74 87.40
N ALA L 116 63.09 34.09 88.20
CA ALA L 116 62.82 32.75 88.69
C ALA L 116 62.25 32.81 90.11
N SER L 117 61.20 32.04 90.35
CA SER L 117 60.60 31.90 91.66
C SER L 117 60.40 30.43 91.98
N PHE L 118 60.54 30.08 93.26
CA PHE L 118 60.43 28.69 93.67
C PHE L 118 58.99 28.35 94.09
N CYS L 119 58.48 27.24 93.59
CA CYS L 119 57.18 26.71 93.98
C CYS L 119 57.29 25.46 94.83
N ASP L 120 58.10 24.50 94.42
CA ASP L 120 58.31 23.27 95.19
C ASP L 120 59.74 22.81 94.95
N GLU L 121 60.01 21.55 95.30
CA GLU L 121 61.36 21.00 95.19
C GLU L 121 61.71 20.54 93.79
N HIS L 122 60.76 20.60 92.84
CA HIS L 122 61.01 20.18 91.47
C HIS L 122 60.48 21.14 90.42
N THR L 123 59.81 22.22 90.81
CA THR L 123 59.20 23.14 89.85
C THR L 123 59.60 24.57 90.17
N ILE L 124 59.85 25.36 89.13
CA ILE L 124 60.20 26.76 89.27
C ILE L 124 59.39 27.56 88.25
N GLU L 125 58.82 28.67 88.70
CA GLU L 125 58.01 29.54 87.87
C GLU L 125 58.91 30.62 87.27
N VAL L 126 58.85 30.77 85.95
CA VAL L 126 59.60 31.79 85.22
C VAL L 126 58.61 32.89 84.84
N VAL L 127 58.84 34.10 85.36
CA VAL L 127 57.95 35.22 85.15
C VAL L 127 58.63 36.22 84.23
N HIS L 128 58.06 36.40 83.04
CA HIS L 128 58.54 37.44 82.14
C HIS L 128 57.93 38.78 82.55
N LEU L 129 58.45 39.85 81.93
CA LEU L 129 57.83 41.16 82.10
C LEU L 129 56.44 41.18 81.47
N ASN L 130 56.17 40.28 80.53
CA ASN L 130 54.85 40.20 79.95
C ASN L 130 53.88 39.43 80.85
N GLY L 131 54.40 38.70 81.84
CA GLY L 131 53.55 38.07 82.86
C GLY L 131 53.43 36.56 82.82
N MET L 132 54.46 35.83 82.39
CA MET L 132 54.35 34.40 82.19
C MET L 132 54.56 33.65 83.50
N VAL L 133 54.20 32.37 83.55
CA VAL L 133 54.37 31.62 84.81
C VAL L 133 55.02 30.24 84.57
N VAL L 142 70.43 24.23 90.00
CA VAL L 142 71.63 25.02 90.25
C VAL L 142 71.24 26.47 90.52
N ILE L 143 71.63 26.99 91.68
CA ILE L 143 71.33 28.35 92.09
C ILE L 143 72.61 29.17 91.94
N ALA L 144 72.61 30.11 91.00
CA ALA L 144 73.74 31.00 90.73
C ALA L 144 73.27 32.43 90.56
N THR L 145 72.41 32.88 91.49
CA THR L 145 71.81 34.20 91.38
C THR L 145 72.79 35.34 91.58
N GLY L 146 73.98 35.07 92.11
CA GLY L 146 74.95 36.14 92.32
C GLY L 146 74.49 37.10 93.40
N SER L 147 74.86 38.37 93.23
CA SER L 147 74.51 39.39 94.20
C SER L 147 74.42 40.74 93.51
N ARG L 148 73.99 41.74 94.28
CA ARG L 148 73.84 43.12 93.87
C ARG L 148 74.50 44.00 94.92
N PRO L 149 74.83 45.25 94.56
CA PRO L 149 75.44 46.14 95.56
C PRO L 149 74.54 46.33 96.76
N TYR L 150 75.14 46.33 97.95
CA TYR L 150 74.38 46.49 99.19
C TYR L 150 73.87 47.92 99.28
N ARG L 151 72.57 48.06 99.56
CA ARG L 151 71.91 49.36 99.57
C ARG L 151 71.31 49.63 100.94
N PRO L 152 72.03 50.33 101.83
CA PRO L 152 71.42 50.72 103.10
C PRO L 152 70.31 51.74 102.92
N ALA L 153 69.35 51.72 103.84
CA ALA L 153 68.19 52.59 103.72
C ALA L 153 68.57 54.06 103.87
N ASP L 154 69.53 54.36 104.75
CA ASP L 154 69.89 55.73 105.05
C ASP L 154 70.68 56.42 103.94
N VAL L 155 70.87 55.78 102.79
CA VAL L 155 71.57 56.36 101.66
C VAL L 155 70.55 56.61 100.55
N ASP L 156 70.48 57.86 100.09
CA ASP L 156 69.54 58.25 99.03
C ASP L 156 70.18 57.96 97.68
N PHE L 157 70.06 56.69 97.25
CA PHE L 157 70.65 56.27 95.99
C PHE L 157 69.94 56.87 94.78
N THR L 158 68.66 57.23 94.92
CA THR L 158 67.91 57.82 93.81
C THR L 158 68.39 59.22 93.45
N HIS L 159 69.23 59.84 94.28
CA HIS L 159 69.77 61.15 93.96
C HIS L 159 70.65 61.04 92.71
N PRO L 160 70.59 62.02 91.80
CA PRO L 160 71.40 61.93 90.57
C PRO L 160 72.89 61.91 90.82
N ARG L 161 73.36 62.39 91.96
CA ARG L 161 74.78 62.41 92.28
C ARG L 161 75.20 61.31 93.24
N ILE L 162 74.36 60.31 93.46
CA ILE L 162 74.67 59.16 94.32
C ILE L 162 74.63 57.91 93.46
N TYR L 163 75.72 57.13 93.51
CA TYR L 163 75.85 55.94 92.68
C TYR L 163 76.37 54.78 93.52
N ASP L 164 76.13 53.57 93.02
CA ASP L 164 76.73 52.35 93.54
C ASP L 164 77.58 51.73 92.43
N SER L 165 78.05 50.51 92.66
CA SER L 165 78.94 49.86 91.70
C SER L 165 78.26 49.56 90.38
N ASP L 166 76.94 49.64 90.31
CA ASP L 166 76.19 49.34 89.09
C ASP L 166 75.81 50.58 88.30
N THR L 167 75.20 51.58 88.95
CA THR L 167 74.76 52.77 88.23
C THR L 167 75.86 53.79 88.02
N ILE L 168 77.07 53.51 88.51
CA ILE L 168 78.19 54.41 88.27
C ILE L 168 78.49 54.51 86.77
N LEU L 169 78.21 53.43 86.02
CA LEU L 169 78.37 53.46 84.57
C LEU L 169 77.38 54.40 83.90
N SER L 170 76.31 54.79 84.60
CA SER L 170 75.35 55.75 84.05
C SER L 170 75.88 57.17 84.03
N LEU L 171 77.04 57.42 84.63
CA LEU L 171 77.62 58.76 84.65
C LEU L 171 77.90 59.24 83.22
N GLY L 172 77.55 60.50 82.96
CA GLY L 172 77.72 61.08 81.64
C GLY L 172 78.77 62.17 81.61
N HIS L 173 78.94 62.88 82.71
CA HIS L 173 79.90 63.97 82.81
C HIS L 173 81.00 63.59 83.79
N THR L 174 82.23 63.98 83.47
CA THR L 174 83.37 63.66 84.33
C THR L 174 83.32 64.52 85.58
N PRO L 175 83.25 63.92 86.77
CA PRO L 175 83.23 64.73 88.00
C PRO L 175 84.63 65.21 88.36
N ARG L 176 84.66 66.43 88.90
CA ARG L 176 85.94 67.00 89.35
C ARG L 176 86.45 66.30 90.60
N ARG L 177 85.55 66.03 91.56
CA ARG L 177 85.90 65.35 92.80
C ARG L 177 84.88 64.26 93.08
N LEU L 178 85.30 63.26 93.86
CA LEU L 178 84.45 62.10 94.13
C LEU L 178 84.87 61.46 95.45
N ILE L 179 83.89 60.94 96.18
CA ILE L 179 84.12 60.14 97.37
C ILE L 179 83.73 58.71 97.07
N ILE L 180 84.60 57.76 97.41
CA ILE L 180 84.32 56.34 97.29
C ILE L 180 84.36 55.73 98.68
N TYR L 181 83.25 55.11 99.09
CA TYR L 181 83.15 54.50 100.41
C TYR L 181 83.33 52.99 100.28
N GLY L 182 84.10 52.41 101.20
CA GLY L 182 84.40 51.00 101.15
C GLY L 182 85.70 50.73 100.43
N ALA L 183 86.67 50.14 101.14
CA ALA L 183 87.99 49.86 100.61
C ALA L 183 88.09 48.45 100.02
N GLY L 184 86.98 47.91 99.53
CA GLY L 184 86.98 46.59 98.95
C GLY L 184 87.68 46.55 97.59
N VAL L 185 87.60 45.37 96.97
CA VAL L 185 88.22 45.20 95.65
C VAL L 185 87.60 46.15 94.64
N ILE L 186 86.26 46.17 94.58
CA ILE L 186 85.58 47.04 93.63
C ILE L 186 85.86 48.50 93.92
N GLY L 187 85.82 48.89 95.20
CA GLY L 187 86.03 50.28 95.56
C GLY L 187 87.42 50.77 95.20
N CYS L 188 88.45 49.98 95.54
CA CYS L 188 89.81 50.39 95.24
C CYS L 188 90.08 50.37 93.74
N GLU L 189 89.52 49.39 93.03
CA GLU L 189 89.67 49.34 91.57
C GLU L 189 89.06 50.58 90.93
N TYR L 190 87.85 50.96 91.37
CA TYR L 190 87.22 52.15 90.82
C TYR L 190 87.97 53.42 91.20
N ALA L 191 88.54 53.45 92.42
CA ALA L 191 89.33 54.60 92.83
C ALA L 191 90.55 54.76 91.93
N SER L 192 91.24 53.65 91.64
CA SER L 192 92.39 53.71 90.74
C SER L 192 91.96 54.13 89.34
N ILE L 193 90.84 53.61 88.85
CA ILE L 193 90.38 53.94 87.51
C ILE L 193 90.06 55.44 87.40
N PHE L 194 89.36 55.97 88.41
CA PHE L 194 89.02 57.39 88.40
C PHE L 194 90.26 58.26 88.58
N SER L 195 91.24 57.79 89.36
CA SER L 195 92.48 58.53 89.51
C SER L 195 93.24 58.61 88.19
N GLY L 196 93.19 57.52 87.41
CA GLY L 196 93.86 57.53 86.11
C GLY L 196 93.31 58.57 85.17
N LEU L 197 92.05 59.00 85.38
CA LEU L 197 91.42 60.01 84.55
C LEU L 197 91.64 61.42 85.06
N GLY L 198 92.43 61.61 86.11
CA GLY L 198 92.65 62.93 86.65
C GLY L 198 91.52 63.45 87.52
N VAL L 199 90.92 62.60 88.33
CA VAL L 199 89.81 62.97 89.20
C VAL L 199 90.28 62.86 90.64
N LEU L 200 90.03 63.91 91.43
CA LEU L 200 90.38 63.93 92.84
C LEU L 200 89.46 62.97 93.58
N VAL L 201 89.98 61.81 93.96
CA VAL L 201 89.20 60.77 94.63
C VAL L 201 89.54 60.79 96.12
N ASP L 202 88.49 60.71 96.95
CA ASP L 202 88.62 60.66 98.40
C ASP L 202 88.15 59.28 98.84
N LEU L 203 89.09 58.35 98.96
CA LEU L 203 88.75 56.99 99.37
C LEU L 203 88.61 56.91 100.88
N ILE L 204 87.57 56.22 101.34
CA ILE L 204 87.24 56.08 102.75
C ILE L 204 87.32 54.61 103.12
N ASP L 205 88.08 54.31 104.17
CA ASP L 205 88.23 52.94 104.66
C ASP L 205 87.85 52.90 106.14
N ASN L 206 87.02 51.93 106.51
CA ASN L 206 86.63 51.76 107.90
C ASN L 206 87.75 51.19 108.76
N ARG L 207 88.75 50.55 108.15
CA ARG L 207 89.86 49.97 108.87
C ARG L 207 91.10 50.85 108.71
N ASP L 208 92.20 50.42 109.35
CA ASP L 208 93.44 51.18 109.33
C ASP L 208 94.33 50.83 108.15
N GLN L 209 94.08 49.73 107.45
CA GLN L 209 94.91 49.30 106.33
C GLN L 209 94.01 48.99 105.13
N LEU L 210 94.48 49.38 103.95
CA LEU L 210 93.76 49.10 102.71
C LEU L 210 93.97 47.64 102.33
N LEU L 211 92.87 46.89 102.23
CA LEU L 211 92.88 45.48 101.86
C LEU L 211 93.85 44.70 102.76
N SER L 212 93.48 44.65 104.04
CA SER L 212 94.34 44.05 105.06
C SER L 212 94.63 42.58 104.80
N PHE L 213 93.80 41.90 103.99
CA PHE L 213 94.00 40.48 103.76
C PHE L 213 95.13 40.20 102.77
N LEU L 214 95.71 41.23 102.13
CA LEU L 214 96.89 41.05 101.32
C LEU L 214 98.15 41.20 102.19
N ASP L 215 99.31 41.12 101.55
CA ASP L 215 100.57 41.32 102.24
C ASP L 215 100.69 42.77 102.70
N ASP L 216 101.36 42.96 103.85
CA ASP L 216 101.53 44.31 104.38
C ASP L 216 102.34 45.19 103.44
N GLU L 217 103.43 44.66 102.89
CA GLU L 217 104.24 45.45 101.97
C GLU L 217 103.48 45.77 100.69
N ILE L 218 102.72 44.81 100.17
CA ILE L 218 101.92 45.05 98.96
C ILE L 218 100.89 46.14 99.21
N SER L 219 100.19 46.06 100.36
CA SER L 219 99.20 47.07 100.70
C SER L 219 99.84 48.43 100.88
N ASP L 220 101.02 48.48 101.51
CA ASP L 220 101.70 49.76 101.70
C ASP L 220 102.12 50.36 100.37
N SER L 221 102.63 49.54 99.45
CA SER L 221 103.01 50.05 98.13
C SER L 221 101.79 50.55 97.36
N LEU L 222 100.68 49.80 97.43
CA LEU L 222 99.46 50.25 96.76
C LEU L 222 98.97 51.56 97.33
N SER L 223 99.00 51.70 98.66
CA SER L 223 98.58 52.95 99.29
C SER L 223 99.49 54.10 98.89
N TYR L 224 100.80 53.86 98.83
CA TYR L 224 101.74 54.90 98.41
C TYR L 224 101.45 55.34 96.97
N HIS L 225 101.21 54.39 96.08
CA HIS L 225 100.91 54.74 94.70
C HIS L 225 99.60 55.51 94.59
N LEU L 226 98.57 55.08 95.33
CA LEU L 226 97.29 55.80 95.30
C LEU L 226 97.44 57.21 95.84
N ARG L 227 98.21 57.38 96.93
CA ARG L 227 98.45 58.73 97.45
C ARG L 227 99.19 59.59 96.45
N ASN L 228 100.18 59.01 95.75
CA ASN L 228 100.90 59.75 94.73
C ASN L 228 100.07 59.95 93.47
N ASN L 229 98.92 59.31 93.37
CA ASN L 229 98.08 59.47 92.18
C ASN L 229 96.75 60.15 92.52
N ASN L 230 96.82 61.20 93.36
CA ASN L 230 95.71 62.10 93.66
C ASN L 230 94.58 61.45 94.44
N VAL L 231 94.77 60.22 94.93
CA VAL L 231 93.78 59.57 95.76
C VAL L 231 94.12 59.83 97.22
N LEU L 232 93.19 60.46 97.94
CA LEU L 232 93.36 60.74 99.37
C LEU L 232 92.68 59.64 100.16
N ILE L 233 93.47 58.83 100.85
CA ILE L 233 92.97 57.67 101.58
C ILE L 233 92.79 58.06 103.05
N ARG L 234 91.58 57.88 103.56
CA ARG L 234 91.27 58.15 104.95
C ARG L 234 90.96 56.85 105.66
N HIS L 235 91.67 56.59 106.76
CA HIS L 235 91.59 55.32 107.47
C HIS L 235 90.83 55.50 108.77
N ASN L 236 90.25 54.39 109.25
CA ASN L 236 89.49 54.36 110.50
C ASN L 236 88.37 55.40 110.49
N GLU L 237 87.65 55.48 109.37
CA GLU L 237 86.57 56.45 109.19
C GLU L 237 85.27 55.71 108.91
N GLU L 238 84.21 56.11 109.61
CA GLU L 238 82.88 55.54 109.41
C GLU L 238 81.90 56.66 109.16
N TYR L 239 81.03 56.46 108.17
CA TYR L 239 80.09 57.50 107.77
C TYR L 239 79.01 57.69 108.82
N GLU L 240 78.50 58.92 108.91
CA GLU L 240 77.38 59.25 109.78
C GLU L 240 76.19 59.81 109.03
N ARG L 241 76.42 60.47 107.88
CA ARG L 241 75.34 61.05 107.11
C ARG L 241 75.82 61.36 105.69
N VAL L 242 74.91 61.20 104.73
CA VAL L 242 75.15 61.55 103.34
C VAL L 242 74.08 62.55 102.91
N GLU L 243 74.50 63.69 102.37
CA GLU L 243 73.59 64.75 101.96
C GLU L 243 73.80 65.03 100.47
N GLY L 244 72.71 65.01 99.71
CA GLY L 244 72.76 65.26 98.28
C GLY L 244 72.39 66.70 97.96
N LEU L 245 73.27 67.37 97.22
CA LEU L 245 73.05 68.73 96.78
C LEU L 245 73.00 68.77 95.26
N ASP L 246 72.48 69.89 94.73
CA ASP L 246 72.44 70.07 93.28
C ASP L 246 73.84 70.21 92.70
N ASN L 247 74.77 70.76 93.49
CA ASN L 247 76.14 70.98 93.04
C ASN L 247 77.07 69.82 93.35
N GLY L 248 76.72 68.98 94.32
CA GLY L 248 77.59 67.89 94.71
C GLY L 248 76.97 67.09 95.84
N VAL L 249 77.84 66.33 96.51
CA VAL L 249 77.46 65.46 97.62
C VAL L 249 78.38 65.74 98.80
N ILE L 250 77.79 65.83 99.98
CA ILE L 250 78.54 66.10 101.21
C ILE L 250 78.39 64.90 102.13
N LEU L 251 79.51 64.30 102.51
CA LEU L 251 79.54 63.14 103.40
C LEU L 251 80.10 63.57 104.75
N HIS L 252 79.32 63.35 105.80
CA HIS L 252 79.75 63.58 107.17
C HIS L 252 80.08 62.23 107.79
N LEU L 253 81.30 62.10 108.30
CA LEU L 253 81.74 60.88 108.96
C LEU L 253 81.57 61.00 110.47
N LYS L 254 81.63 59.86 111.15
CA LYS L 254 81.48 59.86 112.61
C LYS L 254 82.65 60.56 113.29
N SER L 255 83.80 60.65 112.63
CA SER L 255 84.94 61.35 113.20
C SER L 255 84.74 62.87 113.24
N GLY L 256 83.87 63.42 112.41
CA GLY L 256 83.57 64.84 112.41
C GLY L 256 84.02 65.59 111.18
N LYS L 257 84.68 64.93 110.23
CA LYS L 257 85.16 65.59 109.03
C LYS L 257 84.14 65.48 107.91
N LYS L 258 83.86 66.61 107.27
CA LYS L 258 82.91 66.69 106.16
C LYS L 258 83.68 66.78 104.86
N ILE L 259 83.30 65.95 103.89
CA ILE L 259 83.93 65.92 102.57
C ILE L 259 82.89 66.22 101.52
N LYS L 260 83.14 67.24 100.72
CA LYS L 260 82.21 67.66 99.66
C LYS L 260 82.85 67.40 98.30
N ALA L 261 82.08 66.82 97.39
CA ALA L 261 82.57 66.54 96.04
C ALA L 261 81.41 66.66 95.06
N ASP L 262 81.62 66.15 93.84
CA ASP L 262 80.62 66.22 92.78
C ASP L 262 79.80 64.94 92.64
N ALA L 263 80.15 63.89 93.37
CA ALA L 263 79.44 62.62 93.25
C ALA L 263 79.75 61.76 94.48
N PHE L 264 79.27 60.52 94.46
CA PHE L 264 79.49 59.59 95.55
C PHE L 264 79.32 58.18 95.02
N LEU L 265 80.17 57.27 95.50
CA LEU L 265 80.14 55.87 95.08
C LEU L 265 80.14 54.97 96.31
N TRP L 266 79.27 53.96 96.31
CA TRP L 266 79.17 53.00 97.40
C TRP L 266 79.61 51.63 96.91
N SER L 267 80.56 51.03 97.63
CA SER L 267 81.10 49.72 97.26
C SER L 267 81.33 48.85 98.48
N ASN L 268 80.55 49.05 99.55
CA ASN L 268 80.76 48.34 100.81
C ASN L 268 79.83 47.13 100.85
N GLY L 269 80.35 45.98 100.42
CA GLY L 269 79.62 44.73 100.52
C GLY L 269 78.60 44.51 99.43
N ARG L 270 78.06 43.29 99.37
CA ARG L 270 77.05 42.92 98.38
C ARG L 270 76.03 42.01 99.04
N THR L 271 74.81 42.02 98.50
CA THR L 271 73.71 41.22 99.01
C THR L 271 73.19 40.32 97.90
N GLY L 272 73.00 39.04 98.23
CA GLY L 272 72.57 38.09 97.21
C GLY L 272 71.15 38.36 96.76
N ASN L 273 70.89 38.02 95.49
CA ASN L 273 69.56 38.21 94.89
C ASN L 273 68.78 36.90 95.03
N THR L 274 68.43 36.59 96.28
CA THR L 274 67.64 35.39 96.58
C THR L 274 66.27 35.69 97.16
N ASP L 275 65.97 36.95 97.50
CA ASP L 275 64.65 37.27 98.03
C ASP L 275 63.56 37.03 97.00
N LYS L 276 63.81 37.42 95.75
CA LYS L 276 62.83 37.20 94.69
C LYS L 276 62.69 35.75 94.29
N LEU L 277 63.64 34.89 94.68
CA LEU L 277 63.54 33.47 94.35
C LEU L 277 62.49 32.78 95.19
N GLY L 278 62.27 33.24 96.43
CA GLY L 278 61.31 32.59 97.30
C GLY L 278 61.85 31.30 97.89
N LEU L 279 62.94 31.39 98.65
CA LEU L 279 63.56 30.21 99.22
C LEU L 279 62.71 29.56 100.30
N GLU L 280 61.74 30.28 100.86
CA GLU L 280 60.88 29.72 101.89
C GLU L 280 59.99 28.61 101.36
N ASN L 281 59.77 28.55 100.04
CA ASN L 281 58.93 27.51 99.46
C ASN L 281 59.62 26.16 99.40
N ILE L 282 60.92 26.10 99.68
CA ILE L 282 61.67 24.85 99.73
C ILE L 282 62.38 24.64 101.06
N GLY L 283 62.10 25.47 102.06
CA GLY L 283 62.73 25.33 103.35
C GLY L 283 64.09 25.97 103.48
N LEU L 284 64.62 26.56 102.41
CA LEU L 284 65.92 27.20 102.47
C LEU L 284 65.82 28.58 103.10
N LYS L 285 66.90 29.00 103.76
CA LYS L 285 66.98 30.30 104.41
C LYS L 285 68.29 30.97 104.04
N ALA L 286 68.24 32.30 103.93
CA ALA L 286 69.40 33.11 103.60
C ALA L 286 69.77 33.99 104.78
N ASN L 287 71.07 34.23 104.95
CA ASN L 287 71.57 35.04 106.06
C ASN L 287 71.32 36.52 105.75
N GLY L 288 71.86 37.39 106.60
CA GLY L 288 71.68 38.82 106.40
C GLY L 288 72.28 39.32 105.10
N ARG L 289 73.39 38.72 104.67
CA ARG L 289 74.02 39.07 103.41
C ARG L 289 73.39 38.36 102.22
N GLY L 290 72.40 37.50 102.44
CA GLY L 290 71.77 36.79 101.34
C GLY L 290 72.60 35.68 100.75
N GLN L 291 73.55 35.14 101.50
CA GLN L 291 74.44 34.09 101.00
C GLN L 291 73.98 32.74 101.54
N ILE L 292 73.75 31.80 100.62
CA ILE L 292 73.26 30.47 100.97
C ILE L 292 74.43 29.60 101.40
N GLN L 293 74.30 28.98 102.57
CA GLN L 293 75.34 28.08 103.07
C GLN L 293 75.33 26.77 102.28
N VAL L 294 76.52 26.33 101.87
CA VAL L 294 76.66 25.10 101.09
C VAL L 294 77.80 24.29 101.67
N ASP L 295 77.77 22.98 101.40
CA ASP L 295 78.79 22.06 101.89
C ASP L 295 79.91 21.93 100.86
N GLU L 296 80.78 20.94 101.05
CA GLU L 296 81.89 20.72 100.12
C GLU L 296 81.43 20.31 98.73
N HIS L 297 80.20 19.82 98.60
CA HIS L 297 79.63 19.45 97.31
C HIS L 297 78.82 20.57 96.68
N TYR L 298 78.83 21.76 97.29
CA TYR L 298 78.01 22.89 96.86
C TYR L 298 76.52 22.53 96.83
N ARG L 299 76.10 21.72 97.79
CA ARG L 299 74.71 21.32 97.95
C ARG L 299 74.05 22.19 99.01
N THR L 300 72.77 22.48 98.83
CA THR L 300 72.00 23.18 99.84
C THR L 300 71.53 22.16 100.88
N GLU L 301 70.61 22.58 101.76
CA GLU L 301 70.05 21.66 102.73
C GLU L 301 69.28 20.53 102.03
N VAL L 302 68.54 20.86 100.97
CA VAL L 302 67.89 19.84 100.17
C VAL L 302 68.93 19.07 99.38
N SER L 303 68.74 17.75 99.29
CA SER L 303 69.74 16.89 98.66
C SER L 303 69.84 17.10 97.15
N ASN L 304 68.73 17.50 96.52
CA ASN L 304 68.70 17.62 95.06
C ASN L 304 68.88 19.05 94.57
N ILE L 305 69.14 19.99 95.47
CA ILE L 305 69.26 21.41 95.12
C ILE L 305 70.70 21.84 95.36
N TYR L 306 71.32 22.44 94.36
CA TYR L 306 72.72 22.84 94.40
C TYR L 306 72.84 24.35 94.25
N ALA L 307 73.75 24.94 95.04
CA ALA L 307 74.05 26.36 94.96
C ALA L 307 75.55 26.55 94.87
N ALA L 308 75.98 27.41 93.95
CA ALA L 308 77.40 27.65 93.75
C ALA L 308 77.60 29.03 93.14
N GLY L 309 78.84 29.52 93.21
CA GLY L 309 79.15 30.81 92.65
C GLY L 309 78.99 31.94 93.66
N ASP L 310 78.80 33.15 93.14
CA ASP L 310 78.71 34.34 93.98
C ASP L 310 77.53 34.27 94.94
N VAL L 311 76.55 33.40 94.68
CA VAL L 311 75.44 33.23 95.60
C VAL L 311 75.90 32.74 96.96
N ILE L 312 77.06 32.08 97.02
CA ILE L 312 77.60 31.64 98.31
C ILE L 312 78.46 32.70 98.97
N GLY L 313 78.73 33.80 98.29
CA GLY L 313 79.51 34.90 98.86
C GLY L 313 81.00 34.74 98.57
N TRP L 314 81.77 34.38 99.60
CA TRP L 314 83.20 34.22 99.45
C TRP L 314 83.51 33.09 98.46
N PRO L 315 84.51 33.26 97.58
CA PRO L 315 85.41 34.42 97.44
C PRO L 315 84.89 35.47 96.47
N SER L 316 83.80 35.19 95.75
CA SER L 316 83.19 36.14 94.81
C SER L 316 84.16 36.58 93.73
N LEU L 317 84.66 35.62 92.97
CA LEU L 317 85.55 35.87 91.83
C LEU L 317 84.99 35.18 90.59
N ALA L 318 85.18 35.82 89.44
CA ALA L 318 84.61 35.29 88.20
C ALA L 318 85.15 33.91 87.87
N SER L 319 86.47 33.76 87.89
CA SER L 319 87.07 32.44 87.67
C SER L 319 86.67 31.47 88.77
N ALA L 320 86.67 31.93 90.01
CA ALA L 320 86.23 31.08 91.12
C ALA L 320 84.78 30.68 90.98
N ALA L 321 83.92 31.62 90.55
CA ALA L 321 82.51 31.29 90.34
C ALA L 321 82.34 30.27 89.23
N TYR L 322 83.08 30.43 88.13
CA TYR L 322 82.98 29.48 87.02
C TYR L 322 83.42 28.09 87.46
N ASP L 323 84.54 28.02 88.20
CA ASP L 323 85.02 26.73 88.68
C ASP L 323 84.05 26.12 89.67
N GLN L 324 83.45 26.94 90.53
CA GLN L 324 82.47 26.44 91.49
C GLN L 324 81.23 25.90 90.78
N GLY L 325 80.77 26.58 89.73
CA GLY L 325 79.66 26.07 88.95
C GLY L 325 79.99 24.75 88.27
N ARG L 326 81.19 24.65 87.72
CA ARG L 326 81.62 23.38 87.11
C ARG L 326 81.66 22.27 88.15
N SER L 327 82.18 22.57 89.34
CA SER L 327 82.24 21.57 90.40
C SER L 327 80.85 21.16 90.87
N ALA L 328 79.92 22.12 90.95
CA ALA L 328 78.56 21.80 91.33
C ALA L 328 77.88 20.91 90.29
N ALA L 329 78.11 21.20 89.01
CA ALA L 329 77.57 20.35 87.96
C ALA L 329 78.17 18.95 88.04
N GLY L 330 79.48 18.86 88.30
CA GLY L 330 80.10 17.56 88.48
C GLY L 330 79.52 16.79 89.65
N SER L 331 79.27 17.49 90.76
CA SER L 331 78.63 16.85 91.90
C SER L 331 77.24 16.36 91.56
N ILE L 332 76.50 17.14 90.75
CA ILE L 332 75.19 16.71 90.27
C ILE L 332 75.32 15.41 89.48
N THR L 333 76.31 15.36 88.58
CA THR L 333 76.51 14.19 87.74
C THR L 333 77.37 13.12 88.39
N GLU L 334 78.22 13.48 89.35
CA GLU L 334 79.09 12.52 90.05
C GLU L 334 79.94 11.72 89.06
N ASN L 335 80.51 12.43 88.08
CA ASN L 335 81.35 11.82 87.06
C ASN L 335 82.83 12.01 87.36
N ASP L 336 83.19 12.04 88.65
CA ASP L 336 84.58 12.22 89.09
C ASP L 336 85.17 13.52 88.56
N SER L 337 84.35 14.57 88.49
CA SER L 337 84.80 15.89 88.05
C SER L 337 84.60 16.95 89.13
N TRP L 338 84.51 16.54 90.39
CA TRP L 338 84.30 17.48 91.48
C TRP L 338 85.62 17.82 92.16
N ARG L 339 85.78 19.11 92.47
CA ARG L 339 86.94 19.59 93.21
C ARG L 339 86.55 20.89 93.90
N PHE L 340 86.71 20.92 95.23
CA PHE L 340 86.32 22.09 96.01
C PHE L 340 87.23 23.26 95.67
N VAL L 341 86.63 24.37 95.27
CA VAL L 341 87.37 25.56 94.88
C VAL L 341 87.75 26.30 96.16
N ASP L 342 88.97 26.10 96.62
CA ASP L 342 89.46 26.74 97.84
C ASP L 342 90.70 27.60 97.60
N ASP L 343 91.63 27.14 96.77
CA ASP L 343 92.84 27.90 96.47
C ASP L 343 92.53 28.87 95.33
N VAL L 344 92.07 30.06 95.71
CA VAL L 344 91.70 31.10 94.76
C VAL L 344 92.79 32.17 94.79
N PRO L 345 93.56 32.34 93.71
CA PRO L 345 94.59 33.40 93.69
C PRO L 345 93.93 34.77 93.65
N THR L 346 94.09 35.52 94.73
CA THR L 346 93.46 36.83 94.82
C THR L 346 94.05 37.78 93.77
N GLY L 347 93.16 38.50 93.08
CA GLY L 347 93.58 39.41 92.04
C GLY L 347 92.79 40.70 92.02
N ILE L 348 93.49 41.83 92.09
CA ILE L 348 92.88 43.16 92.08
C ILE L 348 93.39 43.89 90.85
N TYR L 349 92.46 44.34 90.01
CA TYR L 349 92.80 44.97 88.73
C TYR L 349 92.85 46.48 88.87
N THR L 350 93.75 46.95 89.73
CA THR L 350 93.99 48.37 89.88
C THR L 350 95.05 48.80 88.86
N ILE L 351 95.56 50.03 89.01
CA ILE L 351 96.63 50.52 88.15
C ILE L 351 97.85 50.80 89.03
N PRO L 352 98.84 49.91 89.07
CA PRO L 352 98.94 48.62 88.35
C PRO L 352 98.23 47.48 89.07
N GLU L 353 98.28 46.26 88.52
CA GLU L 353 97.54 45.14 89.07
C GLU L 353 98.24 44.58 90.30
N ILE L 354 97.49 43.80 91.07
CA ILE L 354 97.98 43.11 92.26
C ILE L 354 97.48 41.68 92.21
N SER L 355 98.35 40.73 92.53
CA SER L 355 97.91 39.33 92.59
C SER L 355 98.70 38.61 93.66
N SER L 356 98.10 37.56 94.21
CA SER L 356 98.74 36.79 95.26
C SER L 356 98.13 35.40 95.33
N VAL L 357 98.92 34.46 95.85
CA VAL L 357 98.50 33.07 96.05
C VAL L 357 99.26 32.52 97.25
N GLY L 358 98.58 31.70 98.04
CA GLY L 358 99.20 31.12 99.21
C GLY L 358 99.19 32.04 100.40
N LYS L 359 99.84 31.59 101.47
CA LYS L 359 99.88 32.33 102.72
C LYS L 359 100.74 33.58 102.57
N THR L 360 100.42 34.59 103.39
CA THR L 360 101.18 35.83 103.42
C THR L 360 102.31 35.72 104.45
N GLU L 361 103.11 36.79 104.55
CA GLU L 361 104.23 36.78 105.49
C GLU L 361 103.75 36.82 106.93
N ARG L 362 102.65 37.51 107.20
CA ARG L 362 102.15 37.61 108.56
C ARG L 362 101.68 36.25 109.08
N GLU L 363 100.95 35.51 108.25
CA GLU L 363 100.49 34.18 108.66
C GLU L 363 101.67 33.23 108.85
N LEU L 364 102.66 33.31 107.97
CA LEU L 364 103.85 32.47 108.12
C LEU L 364 104.59 32.79 109.41
N THR L 365 104.73 34.08 109.73
CA THR L 365 105.38 34.47 110.98
C THR L 365 104.59 33.98 112.19
N GLN L 366 103.27 34.10 112.14
CA GLN L 366 102.43 33.62 113.25
C GLN L 366 102.56 32.11 113.42
N ALA L 367 102.70 31.39 112.32
CA ALA L 367 102.93 29.94 112.37
C ALA L 367 104.38 29.59 112.64
N LYS L 368 105.27 30.58 112.69
CA LYS L 368 106.69 30.37 112.97
C LYS L 368 107.32 29.41 111.98
N VAL L 369 106.93 29.52 110.72
CA VAL L 369 107.55 28.72 109.65
C VAL L 369 108.87 29.38 109.27
N PRO L 370 109.98 28.64 109.26
CA PRO L 370 111.27 29.25 108.90
C PRO L 370 111.37 29.53 107.41
N TYR L 371 110.79 30.65 106.98
CA TYR L 371 110.71 30.99 105.57
C TYR L 371 111.83 31.95 105.18
N GLU L 372 111.82 32.35 103.91
CA GLU L 372 112.75 33.33 103.38
C GLU L 372 112.09 34.01 102.18
N VAL L 373 112.58 35.20 101.86
CA VAL L 373 111.95 36.09 100.89
C VAL L 373 112.90 36.30 99.72
N GLY L 374 112.39 36.10 98.50
CA GLY L 374 113.10 36.45 97.29
C GLY L 374 112.37 37.52 96.52
N LYS L 375 113.01 38.67 96.32
CA LYS L 375 112.37 39.82 95.72
C LYS L 375 112.99 40.14 94.36
N ALA L 376 112.16 40.62 93.45
CA ALA L 376 112.60 41.07 92.13
C ALA L 376 111.85 42.35 91.80
N PHE L 377 112.58 43.45 91.69
CA PHE L 377 111.97 44.76 91.45
C PHE L 377 111.76 44.98 89.96
N PHE L 378 110.57 45.46 89.61
CA PHE L 378 110.23 45.66 88.20
C PHE L 378 111.03 46.80 87.58
N LYS L 379 111.52 47.74 88.39
CA LYS L 379 112.31 48.85 87.84
C LYS L 379 113.61 48.35 87.20
N GLY L 380 114.16 47.25 87.71
CA GLY L 380 115.31 46.63 87.11
C GLY L 380 115.01 45.58 86.06
N MET L 381 113.75 45.43 85.66
CA MET L 381 113.34 44.44 84.68
C MET L 381 113.22 45.11 83.32
N ALA L 382 113.94 44.58 82.33
CA ALA L 382 113.98 45.20 81.01
C ALA L 382 112.59 45.23 80.37
N ARG L 383 111.82 44.15 80.53
CA ARG L 383 110.48 44.10 79.96
C ARG L 383 109.59 45.19 80.55
N ALA L 384 109.67 45.40 81.86
CA ALA L 384 108.88 46.46 82.49
C ALA L 384 109.32 47.83 82.02
N GLN L 385 110.63 48.04 81.85
CA GLN L 385 111.11 49.33 81.34
C GLN L 385 110.62 49.59 79.93
N ILE L 386 110.58 48.55 79.08
CA ILE L 386 110.07 48.72 77.73
C ILE L 386 108.61 49.13 77.75
N ALA L 387 107.81 48.53 78.63
CA ALA L 387 106.39 48.86 78.75
C ALA L 387 106.14 50.21 79.41
N VAL L 388 107.19 50.96 79.73
CA VAL L 388 107.10 52.29 80.33
C VAL L 388 106.36 52.18 81.66
N GLU L 389 106.67 51.13 82.42
CA GLU L 389 106.07 50.90 83.74
C GLU L 389 107.19 50.41 84.67
N LYS L 390 107.82 51.35 85.36
CA LYS L 390 108.94 51.02 86.24
C LYS L 390 108.50 50.56 87.62
N ALA L 391 107.43 51.13 88.16
CA ALA L 391 106.98 50.76 89.50
C ALA L 391 106.44 49.33 89.49
N GLY L 392 106.75 48.59 90.55
CA GLY L 392 106.29 47.23 90.72
C GLY L 392 107.36 46.34 91.33
N MET L 393 106.92 45.24 91.92
CA MET L 393 107.82 44.28 92.54
C MET L 393 107.15 42.92 92.59
N LEU L 394 107.97 41.89 92.71
CA LEU L 394 107.50 40.52 92.85
C LEU L 394 108.19 39.88 94.04
N LYS L 395 107.41 39.28 94.94
CA LYS L 395 107.92 38.68 96.16
C LYS L 395 107.54 37.21 96.20
N ILE L 396 108.51 36.35 96.51
CA ILE L 396 108.30 34.92 96.62
C ILE L 396 108.71 34.49 98.02
N LEU L 397 107.82 33.77 98.70
CA LEU L 397 108.12 33.20 100.01
C LEU L 397 108.45 31.72 99.82
N PHE L 398 109.61 31.30 100.30
CA PHE L 398 110.02 29.91 100.16
C PHE L 398 110.64 29.42 101.46
N HIS L 399 110.37 28.16 101.80
CA HIS L 399 110.93 27.59 103.02
C HIS L 399 112.45 27.58 102.94
N ARG L 400 113.09 28.04 104.01
CA ARG L 400 114.54 28.21 103.99
C ARG L 400 115.28 26.87 104.08
N GLU L 401 114.57 25.78 104.36
CA GLU L 401 115.18 24.46 104.44
C GLU L 401 114.71 23.53 103.33
N THR L 402 113.40 23.35 103.18
CA THR L 402 112.85 22.47 102.16
C THR L 402 112.81 23.10 100.78
N LEU L 403 113.02 24.42 100.68
CA LEU L 403 113.05 25.15 99.41
C LEU L 403 111.73 25.07 98.66
N GLU L 404 110.63 24.76 99.34
CA GLU L 404 109.32 24.74 98.71
C GLU L 404 108.65 26.11 98.83
N ILE L 405 107.78 26.40 97.88
CA ILE L 405 107.13 27.71 97.81
C ILE L 405 105.93 27.73 98.74
N LEU L 406 105.90 28.71 99.64
CA LEU L 406 104.81 28.87 100.60
C LEU L 406 103.86 30.00 100.25
N GLY L 407 104.30 30.99 99.48
CA GLY L 407 103.43 32.09 99.08
C GLY L 407 104.05 32.98 98.03
N VAL L 408 103.26 33.43 97.07
CA VAL L 408 103.72 34.29 95.99
C VAL L 408 102.86 35.55 95.96
N HIS L 409 103.51 36.71 95.93
CA HIS L 409 102.83 37.99 95.83
C HIS L 409 103.50 38.82 94.75
N CYS L 410 102.71 39.44 93.89
CA CYS L 410 103.24 40.29 92.83
C CYS L 410 102.35 41.52 92.66
N PHE L 411 102.98 42.62 92.27
CA PHE L 411 102.29 43.89 92.11
C PHE L 411 102.98 44.68 91.01
N GLY L 412 102.25 44.99 89.95
CA GLY L 412 102.80 45.72 88.84
C GLY L 412 102.05 45.37 87.55
N TYR L 413 102.82 45.28 86.47
CA TYR L 413 102.27 44.97 85.16
C TYR L 413 102.14 43.47 84.96
N GLN L 414 101.00 43.04 84.42
CA GLN L 414 100.74 41.63 84.12
C GLN L 414 100.87 40.76 85.37
N ALA L 415 100.39 41.28 86.50
CA ALA L 415 100.49 40.56 87.76
C ALA L 415 99.71 39.25 87.72
N SER L 416 98.48 39.30 87.21
CA SER L 416 97.65 38.10 87.18
C SER L 416 98.26 37.01 86.31
N GLU L 417 98.80 37.39 85.15
CA GLU L 417 99.45 36.42 84.29
C GLU L 417 100.76 35.91 84.88
N ILE L 418 101.50 36.77 85.57
CA ILE L 418 102.77 36.37 86.16
C ILE L 418 102.56 35.37 87.28
N VAL L 419 101.57 35.62 88.14
CA VAL L 419 101.35 34.78 89.32
C VAL L 419 100.96 33.35 88.95
N HIS L 420 100.48 33.13 87.72
CA HIS L 420 100.03 31.80 87.33
C HIS L 420 101.16 30.78 87.34
N ILE L 421 102.37 31.20 86.97
CA ILE L 421 103.51 30.28 86.98
C ILE L 421 103.81 29.83 88.41
N GLY L 422 103.84 30.78 89.35
CA GLY L 422 104.05 30.43 90.73
C GLY L 422 102.93 29.56 91.28
N GLN L 423 101.70 29.81 90.82
CA GLN L 423 100.58 28.96 91.22
C GLN L 423 100.76 27.53 90.72
N ALA L 424 101.19 27.37 89.47
CA ALA L 424 101.41 26.05 88.90
C ALA L 424 102.52 25.32 89.64
N ILE L 425 103.59 26.03 90.00
CA ILE L 425 104.65 25.43 90.80
C ILE L 425 104.13 25.05 92.18
N MET L 426 103.24 25.89 92.74
CA MET L 426 102.71 25.64 94.09
C MET L 426 101.92 24.33 94.14
N ASN L 427 101.11 24.07 93.12
CA ASN L 427 100.25 22.89 93.13
C ASN L 427 101.02 21.58 93.04
N GLN L 428 102.31 21.63 92.71
CA GLN L 428 103.11 20.42 92.65
C GLN L 428 103.30 19.84 94.06
N LYS L 429 103.51 18.53 94.10
CA LYS L 429 103.58 17.78 95.35
C LYS L 429 105.02 17.38 95.65
N GLY L 430 105.40 17.49 96.92
CA GLY L 430 106.71 17.00 97.35
C GLY L 430 107.83 17.88 96.84
N GLU L 431 108.94 17.23 96.45
CA GLU L 431 110.11 17.96 95.98
C GLU L 431 109.89 18.63 94.63
N ALA L 432 108.79 18.31 93.95
CA ALA L 432 108.49 18.98 92.70
C ALA L 432 108.26 20.47 92.92
N ASN L 433 107.57 20.83 94.01
CA ASN L 433 107.39 22.22 94.38
C ASN L 433 108.69 22.76 94.98
N THR L 434 109.58 23.28 94.14
CA THR L 434 110.88 23.76 94.58
C THR L 434 111.20 25.07 93.88
N LEU L 435 111.97 25.91 94.58
CA LEU L 435 112.43 27.16 93.99
C LEU L 435 113.45 26.93 92.88
N LYS L 436 114.23 25.85 92.99
CA LYS L 436 115.28 25.58 92.02
C LYS L 436 114.75 25.35 90.62
N TYR L 437 113.44 25.10 90.48
CA TYR L 437 112.84 25.01 89.15
C TYR L 437 113.02 26.31 88.39
N PHE L 438 112.85 27.45 89.07
CA PHE L 438 113.02 28.74 88.40
C PHE L 438 114.46 28.99 87.99
N ILE L 439 115.41 28.24 88.53
CA ILE L 439 116.80 28.35 88.11
C ILE L 439 117.14 27.34 87.02
N ASN L 440 116.52 26.16 87.05
CA ASN L 440 116.82 25.08 86.12
C ASN L 440 115.95 25.12 84.87
N THR L 441 115.14 26.15 84.71
CA THR L 441 114.24 26.27 83.56
C THR L 441 114.59 27.53 82.78
N THR L 442 114.58 27.42 81.46
CA THR L 442 114.88 28.54 80.58
C THR L 442 113.61 29.31 80.27
N PHE L 443 113.57 30.58 80.64
CA PHE L 443 112.43 31.44 80.41
C PHE L 443 112.66 32.34 79.20
N ASN L 444 111.57 32.77 78.58
CA ASN L 444 111.65 33.68 77.44
C ASN L 444 112.15 35.04 77.91
N TYR L 445 113.04 35.62 77.10
CA TYR L 445 113.67 36.90 77.45
C TYR L 445 113.67 37.79 76.21
N PRO L 446 113.34 39.08 76.36
CA PRO L 446 112.95 39.77 77.60
C PRO L 446 111.46 39.71 77.88
N THR L 447 111.06 39.01 78.94
CA THR L 447 109.69 38.96 79.40
C THR L 447 109.67 39.10 80.92
N MET L 448 108.50 39.42 81.46
CA MET L 448 108.36 39.59 82.90
C MET L 448 108.53 38.28 83.66
N ALA L 449 108.32 37.13 83.00
CA ALA L 449 108.52 35.85 83.66
C ALA L 449 109.95 35.69 84.16
N GLU L 450 110.91 36.28 83.45
CA GLU L 450 112.31 36.21 83.88
C GLU L 450 112.48 36.80 85.28
N ALA L 451 111.59 37.71 85.69
CA ALA L 451 111.63 38.25 87.04
C ALA L 451 111.65 37.13 88.07
N TYR L 452 110.82 36.10 87.84
CA TYR L 452 110.84 34.91 88.69
C TYR L 452 112.27 34.44 88.94
N ARG L 453 113.02 34.21 87.85
CA ARG L 453 114.41 33.78 87.97
C ARG L 453 115.19 34.70 88.90
N VAL L 454 115.07 36.02 88.68
CA VAL L 454 115.79 36.98 89.50
C VAL L 454 115.43 36.77 90.96
N ALA L 455 114.12 36.67 91.25
CA ALA L 455 113.68 36.44 92.62
C ALA L 455 114.31 35.17 93.17
N ALA L 456 114.34 34.11 92.36
CA ALA L 456 114.97 32.86 92.78
C ALA L 456 116.40 33.12 93.24
N TYR L 457 117.17 33.86 92.43
CA TYR L 457 118.54 34.17 92.82
C TYR L 457 118.55 34.93 94.14
N ASP L 458 117.67 35.92 94.28
CA ASP L 458 117.62 36.69 95.52
C ASP L 458 117.30 35.81 96.71
N GLY L 459 116.59 34.70 96.48
CA GLY L 459 116.36 33.74 97.54
C GLY L 459 117.61 32.95 97.87
N LEU L 460 118.31 32.46 96.84
CA LEU L 460 119.40 31.51 97.07
C LEU L 460 120.57 32.13 97.79
N ASN L 461 120.75 33.45 97.69
CA ASN L 461 121.85 34.10 98.41
C ASN L 461 121.52 34.30 99.87
N ARG L 462 120.25 34.15 100.27
CA ARG L 462 119.83 34.40 101.63
C ARG L 462 119.73 33.13 102.48
N LEU L 463 120.57 32.14 102.21
CA LEU L 463 120.59 30.89 102.97
C LEU L 463 121.87 30.86 103.80
N PHE L 464 121.76 31.23 105.07
CA PHE L 464 122.91 31.22 105.98
C PHE L 464 122.69 30.26 107.13
N TYR M 4 64.47 0.36 17.69
CA TYR M 4 64.55 1.76 17.29
C TYR M 4 65.89 2.05 16.62
N ASN M 5 65.91 3.01 15.70
CA ASN M 5 67.10 3.37 14.95
C ASN M 5 67.28 4.88 14.98
N TYR M 6 68.52 5.31 15.20
CA TYR M 6 68.87 6.73 15.21
C TYR M 6 70.25 6.89 14.60
N ASP M 7 70.76 8.12 14.64
CA ASP M 7 72.10 8.42 14.16
C ASP M 7 73.12 8.54 15.28
N VAL M 8 72.75 9.17 16.38
CA VAL M 8 73.62 9.32 17.54
C VAL M 8 72.84 8.90 18.78
N VAL M 9 73.44 8.02 19.58
CA VAL M 9 72.85 7.59 20.84
C VAL M 9 73.82 7.96 21.96
N VAL M 10 73.30 8.65 22.97
CA VAL M 10 74.09 9.13 24.10
C VAL M 10 73.63 8.41 25.35
N ILE M 11 74.59 8.09 26.23
CA ILE M 11 74.30 7.45 27.50
C ILE M 11 74.59 8.46 28.60
N GLY M 12 73.59 8.71 29.45
CA GLY M 12 73.73 9.71 30.49
C GLY M 12 73.26 11.08 30.05
N THR M 13 72.37 11.69 30.82
CA THR M 13 71.78 12.98 30.49
C THR M 13 72.37 14.12 31.32
N GLY M 14 73.61 13.97 31.76
CA GLY M 14 74.29 15.01 32.49
C GLY M 14 74.79 16.09 31.55
N PRO M 15 75.63 16.99 32.07
CA PRO M 15 76.13 18.08 31.21
C PRO M 15 76.83 17.59 29.95
N ALA M 16 77.64 16.54 30.05
CA ALA M 16 78.31 16.01 28.86
C ALA M 16 77.30 15.43 27.89
N GLY M 17 76.42 14.57 28.39
CA GLY M 17 75.41 13.97 27.53
C GLY M 17 74.45 14.99 26.94
N GLU M 18 74.02 15.96 27.76
CA GLU M 18 73.12 16.99 27.28
C GLU M 18 73.79 17.83 26.20
N GLY M 19 75.03 18.25 26.42
CA GLY M 19 75.72 19.05 25.43
C GLY M 19 75.94 18.28 24.13
N ALA M 20 76.33 17.02 24.24
CA ALA M 20 76.52 16.20 23.05
C ALA M 20 75.22 16.03 22.28
N ALA M 21 74.12 15.75 23.00
CA ALA M 21 72.84 15.56 22.33
C ALA M 21 72.38 16.84 21.64
N MET M 22 72.48 17.99 22.32
CA MET M 22 72.06 19.24 21.69
C MET M 22 72.92 19.59 20.49
N ASN M 23 74.23 19.42 20.60
CA ASN M 23 75.11 19.74 19.47
C ASN M 23 74.85 18.82 18.29
N ALA M 24 74.63 17.53 18.55
CA ALA M 24 74.34 16.59 17.45
C ALA M 24 72.98 16.89 16.83
N VAL M 25 71.99 17.26 17.63
CA VAL M 25 70.69 17.64 17.09
C VAL M 25 70.81 18.88 16.21
N LYS M 26 71.59 19.87 16.64
CA LYS M 26 71.78 21.07 15.83
C LYS M 26 72.42 20.74 14.49
N ALA M 27 73.17 19.64 14.42
CA ALA M 27 73.78 19.21 13.16
C ALA M 27 72.80 18.50 12.23
N GLY M 28 71.59 18.19 12.69
CA GLY M 28 70.57 17.59 11.86
C GLY M 28 70.40 16.10 12.04
N ARG M 29 71.34 15.42 12.70
CA ARG M 29 71.25 13.99 12.89
C ARG M 29 70.15 13.65 13.90
N LYS M 30 69.62 12.44 13.78
CA LYS M 30 68.63 11.94 14.73
C LYS M 30 69.34 11.43 15.97
N VAL M 31 69.01 12.01 17.13
CA VAL M 31 69.74 11.76 18.36
C VAL M 31 68.78 11.28 19.44
N ALA M 32 69.25 10.32 20.23
CA ALA M 32 68.50 9.79 21.35
C ALA M 32 69.40 9.71 22.57
N VAL M 33 68.80 9.76 23.75
CA VAL M 33 69.53 9.73 25.01
C VAL M 33 68.93 8.66 25.92
N VAL M 34 69.79 7.98 26.67
CA VAL M 34 69.38 6.93 27.60
C VAL M 34 70.01 7.21 28.95
N ASP M 35 69.20 7.14 30.01
CA ASP M 35 69.69 7.36 31.36
C ASP M 35 68.90 6.48 32.32
N ASP M 36 69.56 5.99 33.36
CA ASP M 36 68.92 5.09 34.31
C ASP M 36 68.14 5.82 35.40
N ARG M 37 68.32 7.13 35.54
CA ARG M 37 67.53 7.87 36.51
C ARG M 37 66.11 8.08 35.98
N PRO M 38 65.12 8.17 36.89
CA PRO M 38 63.74 8.45 36.46
C PRO M 38 63.57 9.82 35.82
N GLN M 39 64.48 10.76 36.07
CA GLN M 39 64.38 12.11 35.53
C GLN M 39 65.72 12.51 34.91
N VAL M 40 65.64 13.46 33.98
CA VAL M 40 66.83 13.96 33.29
C VAL M 40 67.60 14.88 34.21
N GLY M 41 68.84 15.19 33.83
CA GLY M 41 69.66 16.11 34.61
C GLY M 41 71.03 15.57 34.96
N GLY M 42 71.13 14.27 35.21
CA GLY M 42 72.41 13.70 35.57
C GLY M 42 72.80 14.04 37.00
N ASN M 43 74.08 13.84 37.31
CA ASN M 43 74.59 14.15 38.64
C ASN M 43 74.69 15.64 38.89
N CYS M 44 74.71 16.46 37.84
CA CYS M 44 74.84 17.90 38.01
C CYS M 44 73.64 18.48 38.75
N THR M 45 72.46 17.90 38.56
CA THR M 45 71.22 18.44 39.10
C THR M 45 70.66 17.62 40.26
N HIS M 46 70.66 16.30 40.16
CA HIS M 46 69.92 15.46 41.09
C HIS M 46 70.62 15.30 42.43
N LEU M 47 71.88 14.84 42.43
CA LEU M 47 72.57 14.51 43.66
C LEU M 47 73.93 15.16 43.83
N GLY M 48 74.41 15.92 42.85
CA GLY M 48 75.75 16.47 42.93
C GLY M 48 75.81 17.98 43.07
N THR M 49 76.05 18.67 41.96
CA THR M 49 76.33 20.10 41.98
C THR M 49 75.19 20.88 42.62
N ILE M 50 73.97 20.68 42.14
CA ILE M 50 72.85 21.50 42.58
C ILE M 50 72.53 21.33 44.06
N PRO M 51 72.42 20.12 44.61
CA PRO M 51 72.11 20.02 46.05
C PRO M 51 73.18 20.61 46.95
N SER M 52 74.46 20.34 46.65
CA SER M 52 75.55 20.89 47.45
C SER M 52 75.58 22.41 47.35
N LYS M 53 75.33 22.95 46.15
CA LYS M 53 75.33 24.40 45.98
C LYS M 53 74.17 25.04 46.73
N ALA M 54 72.99 24.41 46.70
CA ALA M 54 71.85 24.93 47.45
C ALA M 54 72.13 24.90 48.95
N LEU M 55 72.75 23.82 49.44
CA LEU M 55 73.13 23.74 50.84
C LEU M 55 74.10 24.85 51.20
N ARG M 56 75.10 25.09 50.35
CA ARG M 56 76.09 26.13 50.61
C ARG M 56 75.43 27.51 50.63
N HIS M 57 74.54 27.78 49.69
CA HIS M 57 73.91 29.09 49.64
C HIS M 57 72.99 29.31 50.84
N SER M 58 72.24 28.27 51.23
CA SER M 58 71.40 28.39 52.42
C SER M 58 72.25 28.61 53.67
N VAL M 59 73.38 27.91 53.78
CA VAL M 59 74.27 28.10 54.91
C VAL M 59 74.83 29.51 54.93
N ARG M 60 75.21 30.03 53.75
CA ARG M 60 75.73 31.40 53.68
C ARG M 60 74.67 32.41 54.09
N GLN M 61 73.43 32.22 53.65
CA GLN M 61 72.35 33.13 54.04
C GLN M 61 72.09 33.04 55.54
N ILE M 62 72.14 31.83 56.11
CA ILE M 62 71.96 31.66 57.54
C ILE M 62 73.05 32.40 58.31
N MET M 63 74.30 32.26 57.85
CA MET M 63 75.41 32.95 58.49
C MET M 63 75.26 34.46 58.41
N GLN M 64 74.83 34.96 57.24
CA GLN M 64 74.62 36.40 57.08
C GLN M 64 73.53 36.90 58.01
N TYR M 65 72.43 36.14 58.12
CA TYR M 65 71.35 36.53 59.03
C TYR M 65 71.83 36.53 60.47
N ASN M 66 72.61 35.52 60.86
CA ASN M 66 73.10 35.44 62.23
C ASN M 66 74.05 36.59 62.56
N ASN M 67 74.93 36.93 61.62
CA ASN M 67 75.94 37.95 61.86
C ASN M 67 75.46 39.36 61.58
N ASN M 68 74.26 39.53 61.03
CA ASN M 68 73.74 40.85 60.75
C ASN M 68 73.08 41.42 62.01
N PRO M 69 73.57 42.54 62.56
CA PRO M 69 72.89 43.12 63.73
C PRO M 69 71.49 43.59 63.45
N LEU M 70 71.14 43.83 62.18
CA LEU M 70 69.80 44.29 61.85
C LEU M 70 68.74 43.25 62.17
N PHE M 71 69.02 41.98 61.90
CA PHE M 71 68.02 40.93 62.09
C PHE M 71 67.81 40.60 63.56
N ARG M 72 68.87 40.56 64.36
CA ARG M 72 68.76 40.23 65.77
C ARG M 72 68.01 41.31 66.54
N PHE M 80 68.12 25.53 63.86
CA PHE M 80 68.24 25.42 62.40
C PHE M 80 68.53 23.98 62.00
N SER M 81 67.48 23.20 61.78
CA SER M 81 67.65 21.79 61.45
C SER M 81 68.16 21.63 60.03
N PHE M 82 68.81 20.48 59.78
CA PHE M 82 69.36 20.20 58.47
C PHE M 82 68.27 20.03 57.42
N ALA M 83 67.12 19.47 57.83
CA ALA M 83 66.04 19.24 56.88
C ALA M 83 65.50 20.55 56.32
N ASP M 84 65.34 21.57 57.17
CA ASP M 84 64.87 22.86 56.70
C ASP M 84 65.85 23.48 55.71
N VAL M 85 67.15 23.34 55.98
CA VAL M 85 68.17 23.86 55.07
C VAL M 85 68.11 23.14 53.73
N LEU M 86 67.96 21.81 53.75
CA LEU M 86 67.99 21.04 52.51
C LEU M 86 66.68 21.17 51.73
N LYS M 87 65.60 21.59 52.39
CA LYS M 87 64.31 21.68 51.71
C LYS M 87 64.34 22.65 50.54
N SER M 88 65.20 23.67 50.60
CA SER M 88 65.23 24.68 49.55
C SER M 88 65.75 24.14 48.22
N ALA M 89 66.46 23.00 48.23
CA ALA M 89 67.06 22.46 47.02
C ALA M 89 66.03 21.81 46.09
N GLU M 90 64.90 21.34 46.63
CA GLU M 90 63.94 20.60 45.82
C GLU M 90 63.32 21.49 44.73
N GLN M 91 63.02 22.74 45.07
CA GLN M 91 62.48 23.65 44.06
C GLN M 91 63.49 23.87 42.94
N VAL M 92 64.77 24.03 43.29
CA VAL M 92 65.80 24.27 42.29
C VAL M 92 65.95 23.04 41.39
N ILE M 93 65.96 21.84 41.97
CA ILE M 93 66.12 20.64 41.15
C ILE M 93 64.89 20.43 40.27
N ALA M 94 63.70 20.77 40.77
CA ALA M 94 62.50 20.66 39.96
C ALA M 94 62.55 21.62 38.77
N LYS M 95 62.96 22.85 39.02
CA LYS M 95 63.08 23.82 37.93
C LYS M 95 64.11 23.37 36.92
N GLN M 96 65.25 22.87 37.38
CA GLN M 96 66.30 22.42 36.47
C GLN M 96 65.83 21.25 35.62
N VAL M 97 65.17 20.26 36.23
CA VAL M 97 64.73 19.10 35.46
C VAL M 97 63.63 19.50 34.48
N SER M 98 62.75 20.42 34.87
CA SER M 98 61.72 20.91 33.96
C SER M 98 62.35 21.62 32.76
N SER M 99 63.34 22.47 33.02
CA SER M 99 64.01 23.19 31.95
C SER M 99 64.72 22.23 31.01
N ARG M 100 65.40 21.23 31.55
CA ARG M 100 66.12 20.28 30.70
C ARG M 100 65.16 19.41 29.90
N THR M 101 64.03 19.02 30.51
CA THR M 101 63.02 18.27 29.78
C THR M 101 62.44 19.11 28.64
N GLY M 102 62.19 20.39 28.89
CA GLY M 102 61.74 21.27 27.83
C GLY M 102 62.76 21.42 26.71
N TYR M 103 64.04 21.53 27.08
CA TYR M 103 65.10 21.61 26.09
C TYR M 103 65.12 20.36 25.22
N TYR M 104 64.99 19.19 25.84
CA TYR M 104 64.97 17.94 25.08
C TYR M 104 63.74 17.85 24.19
N ALA M 105 62.58 18.26 24.70
CA ALA M 105 61.33 18.10 23.96
C ALA M 105 61.25 19.03 22.77
N ARG M 106 61.71 20.29 22.94
CA ARG M 106 61.59 21.26 21.86
C ARG M 106 62.44 20.87 20.66
N ASN M 107 63.50 20.10 20.88
CA ASN M 107 64.35 19.63 19.79
C ASN M 107 63.98 18.24 19.30
N ARG M 108 62.88 17.66 19.81
CA ARG M 108 62.40 16.35 19.39
C ARG M 108 63.47 15.27 19.61
N ILE M 109 63.86 15.12 20.87
CA ILE M 109 64.84 14.13 21.28
C ILE M 109 64.13 13.12 22.20
N ASP M 110 64.20 11.85 21.83
CA ASP M 110 63.56 10.80 22.61
C ASP M 110 64.49 10.34 23.73
N THR M 111 63.92 10.13 24.91
CA THR M 111 64.67 9.68 26.08
C THR M 111 64.14 8.34 26.55
N PHE M 112 65.03 7.53 27.09
CA PHE M 112 64.69 6.19 27.58
C PHE M 112 65.21 6.08 29.02
N PHE M 113 64.27 6.02 29.99
CA PHE M 113 64.63 6.04 31.40
C PHE M 113 64.91 4.63 31.88
N GLY M 114 66.11 4.14 31.56
CA GLY M 114 66.51 2.81 31.97
C GLY M 114 68.00 2.61 31.82
N THR M 115 68.48 1.55 32.49
CA THR M 115 69.89 1.21 32.43
C THR M 115 70.27 0.78 31.01
N ALA M 116 71.47 1.15 30.58
CA ALA M 116 71.95 0.84 29.25
C ALA M 116 73.12 -0.12 29.32
N SER M 117 73.11 -1.13 28.45
CA SER M 117 74.18 -2.11 28.36
C SER M 117 74.56 -2.30 26.91
N PHE M 118 75.84 -2.58 26.68
CA PHE M 118 76.34 -2.76 25.33
C PHE M 118 76.12 -4.19 24.86
N CYS M 119 75.62 -4.32 23.63
CA CYS M 119 75.43 -5.62 22.99
C CYS M 119 76.44 -5.88 21.90
N ASP M 120 76.70 -4.89 21.05
CA ASP M 120 77.74 -4.97 20.03
C ASP M 120 78.26 -3.55 19.79
N GLU M 121 79.00 -3.37 18.70
CA GLU M 121 79.58 -2.06 18.39
C GLU M 121 78.57 -1.08 17.80
N HIS M 122 77.34 -1.52 17.51
CA HIS M 122 76.34 -0.64 16.95
C HIS M 122 74.97 -0.77 17.60
N THR M 123 74.79 -1.69 18.54
CA THR M 123 73.49 -1.92 19.17
C THR M 123 73.65 -2.04 20.67
N ILE M 124 72.72 -1.42 21.42
CA ILE M 124 72.70 -1.50 22.86
C ILE M 124 71.30 -1.91 23.33
N GLU M 125 71.24 -2.44 24.54
CA GLU M 125 70.00 -2.89 25.15
C GLU M 125 69.69 -2.05 26.38
N VAL M 126 68.45 -1.59 26.47
CA VAL M 126 67.98 -0.78 27.59
C VAL M 126 67.05 -1.63 28.45
N VAL M 127 67.38 -1.76 29.72
CA VAL M 127 66.65 -2.58 30.68
C VAL M 127 66.08 -1.68 31.76
N HIS M 128 64.81 -1.90 32.10
CA HIS M 128 64.10 -1.12 33.09
C HIS M 128 63.70 -2.00 34.27
N LEU M 129 63.18 -1.35 35.32
CA LEU M 129 62.66 -2.08 36.46
C LEU M 129 61.37 -2.82 36.13
N ASN M 130 60.62 -2.33 35.14
CA ASN M 130 59.36 -2.96 34.78
C ASN M 130 59.59 -4.19 33.89
N GLY M 131 60.82 -4.39 33.44
CA GLY M 131 61.11 -5.42 32.47
C GLY M 131 61.17 -4.95 31.04
N MET M 132 61.17 -3.64 30.81
CA MET M 132 61.36 -3.11 29.47
C MET M 132 62.68 -3.58 28.89
N VAL M 133 62.65 -4.01 27.63
CA VAL M 133 63.87 -4.27 26.86
C VAL M 133 63.76 -3.49 25.56
N GLU M 134 64.73 -2.60 25.33
CA GLU M 134 64.71 -1.71 24.17
C GLU M 134 66.00 -1.90 23.39
N THR M 135 65.88 -2.07 22.08
CA THR M 135 67.05 -2.19 21.22
C THR M 135 67.33 -0.87 20.54
N LEU M 136 68.53 -0.32 20.76
CA LEU M 136 68.92 0.96 20.18
C LEU M 136 70.08 0.76 19.24
N VAL M 137 69.91 1.22 18.00
CA VAL M 137 70.94 1.12 16.97
C VAL M 137 71.24 2.52 16.45
N ALA M 138 72.50 2.91 16.47
CA ALA M 138 72.91 4.21 15.99
C ALA M 138 74.30 4.12 15.38
N LYS M 139 74.60 5.04 14.47
CA LYS M 139 75.92 5.06 13.84
C LYS M 139 76.98 5.54 14.81
N GLN M 140 76.65 6.48 15.68
CA GLN M 140 77.60 7.08 16.61
C GLN M 140 77.09 6.94 18.04
N PHE M 141 78.03 6.72 18.96
CA PHE M 141 77.71 6.49 20.36
C PHE M 141 78.50 7.47 21.22
N VAL M 142 77.83 8.04 22.22
CA VAL M 142 78.45 8.95 23.18
C VAL M 142 78.31 8.33 24.57
N ILE M 143 79.43 8.21 25.27
CA ILE M 143 79.47 7.60 26.60
C ILE M 143 79.70 8.71 27.61
N ALA M 144 78.69 8.99 28.43
CA ALA M 144 78.75 9.99 29.49
C ALA M 144 78.14 9.43 30.77
N THR M 145 78.54 8.21 31.13
CA THR M 145 77.96 7.52 32.28
C THR M 145 78.34 8.16 33.61
N GLY M 146 79.29 9.09 33.62
CA GLY M 146 79.60 9.78 34.86
C GLY M 146 80.38 8.90 35.83
N SER M 147 80.22 9.19 37.12
CA SER M 147 80.93 8.46 38.16
C SER M 147 80.11 8.48 39.44
N ARG M 148 80.50 7.63 40.37
CA ARG M 148 79.89 7.47 41.68
C ARG M 148 80.97 7.57 42.74
N PRO M 149 80.61 7.87 43.99
CA PRO M 149 81.63 7.93 45.04
C PRO M 149 82.37 6.60 45.18
N TYR M 150 83.68 6.71 45.43
CA TYR M 150 84.49 5.51 45.61
C TYR M 150 84.10 4.80 46.89
N ARG M 151 83.86 3.50 46.78
CA ARG M 151 83.38 2.69 47.90
C ARG M 151 84.32 1.53 48.18
N PRO M 152 85.31 1.70 49.06
CA PRO M 152 86.15 0.56 49.43
C PRO M 152 85.37 -0.49 50.20
N ALA M 153 85.81 -1.73 50.08
CA ALA M 153 85.11 -2.85 50.72
C ALA M 153 85.19 -2.75 52.24
N ASP M 154 86.31 -2.27 52.76
CA ASP M 154 86.54 -2.24 54.20
C ASP M 154 85.78 -1.13 54.92
N VAL M 155 84.85 -0.44 54.25
CA VAL M 155 84.05 0.61 54.88
C VAL M 155 82.60 0.14 54.88
N ASP M 156 81.98 0.18 56.06
CA ASP M 156 80.61 -0.28 56.23
C ASP M 156 79.67 0.88 55.86
N PHE M 157 79.40 1.01 54.56
CA PHE M 157 78.48 2.04 54.09
C PHE M 157 77.04 1.75 54.47
N THR M 158 76.71 0.50 54.81
CA THR M 158 75.34 0.18 55.21
C THR M 158 75.01 0.71 56.60
N HIS M 159 76.01 1.12 57.37
CA HIS M 159 75.76 1.67 58.69
C HIS M 159 75.01 2.99 58.55
N PRO M 160 74.00 3.23 59.39
CA PRO M 160 73.23 4.49 59.28
C PRO M 160 74.07 5.74 59.55
N ARG M 161 75.16 5.63 60.28
CA ARG M 161 75.98 6.79 60.64
C ARG M 161 77.21 6.95 59.77
N ILE M 162 77.33 6.18 58.69
CA ILE M 162 78.43 6.30 57.73
C ILE M 162 77.82 6.69 56.39
N TYR M 163 78.31 7.78 55.81
CA TYR M 163 77.76 8.33 54.58
C TYR M 163 78.86 8.54 53.55
N ASP M 164 78.44 8.75 52.31
CA ASP M 164 79.29 9.17 51.22
C ASP M 164 78.77 10.50 50.67
N SER M 165 79.33 10.95 49.55
CA SER M 165 78.91 12.22 48.98
C SER M 165 77.47 12.20 48.48
N ASP M 166 76.86 11.02 48.37
CA ASP M 166 75.47 10.89 47.94
C ASP M 166 74.51 10.70 49.11
N THR M 167 74.82 9.76 50.01
CA THR M 167 73.93 9.48 51.15
C THR M 167 73.97 10.55 52.22
N ILE M 168 74.92 11.49 52.15
CA ILE M 168 75.00 12.55 53.15
C ILE M 168 73.73 13.41 53.12
N LEU M 169 73.13 13.57 51.94
CA LEU M 169 71.87 14.32 51.84
C LEU M 169 70.73 13.61 52.53
N SER M 170 70.89 12.33 52.88
CA SER M 170 69.86 11.60 53.61
C SER M 170 69.85 11.93 55.10
N LEU M 171 70.75 12.80 55.56
CA LEU M 171 70.80 13.18 56.96
C LEU M 171 69.51 13.86 57.39
N GLY M 172 69.03 13.50 58.59
CA GLY M 172 67.79 14.05 59.09
C GLY M 172 67.97 15.00 60.26
N HIS M 173 69.11 14.90 60.95
CA HIS M 173 69.39 15.75 62.10
C HIS M 173 70.80 16.30 61.97
N THR M 174 71.02 17.47 62.58
CA THR M 174 72.33 18.10 62.55
C THR M 174 73.24 17.45 63.59
N PRO M 175 74.33 16.82 63.18
CA PRO M 175 75.23 16.21 64.16
C PRO M 175 76.04 17.25 64.91
N ARG M 176 76.44 16.90 66.14
CA ARG M 176 77.30 17.78 66.92
C ARG M 176 78.72 17.78 66.38
N ARG M 177 79.22 16.62 65.98
CA ARG M 177 80.55 16.48 65.41
C ARG M 177 80.47 15.66 64.12
N LEU M 178 81.49 15.82 63.28
CA LEU M 178 81.52 15.14 62.00
C LEU M 178 82.97 14.93 61.57
N ILE M 179 83.24 13.77 61.00
CA ILE M 179 84.55 13.42 60.48
C ILE M 179 84.44 13.26 58.96
N ILE M 180 85.26 13.99 58.23
CA ILE M 180 85.27 13.97 56.78
C ILE M 180 86.62 13.43 56.32
N TYR M 181 86.59 12.37 55.51
CA TYR M 181 87.80 11.78 54.96
C TYR M 181 87.97 12.18 53.50
N GLY M 182 89.18 12.56 53.14
CA GLY M 182 89.46 13.04 51.80
C GLY M 182 89.42 14.55 51.72
N ALA M 183 90.56 15.16 51.43
CA ALA M 183 90.69 16.61 51.36
C ALA M 183 90.54 17.14 49.93
N GLY M 184 89.74 16.46 49.11
CA GLY M 184 89.52 16.88 47.74
C GLY M 184 88.61 18.08 47.65
N VAL M 185 88.20 18.38 46.43
CA VAL M 185 87.32 19.52 46.18
C VAL M 185 86.01 19.35 46.94
N ILE M 186 85.38 18.19 46.78
CA ILE M 186 84.08 17.96 47.42
C ILE M 186 84.24 17.85 48.93
N GLY M 187 85.37 17.29 49.39
CA GLY M 187 85.61 17.22 50.82
C GLY M 187 85.71 18.60 51.45
N CYS M 188 86.47 19.49 50.83
CA CYS M 188 86.57 20.86 51.34
C CYS M 188 85.23 21.59 51.27
N GLU M 189 84.48 21.39 50.18
CA GLU M 189 83.18 22.02 50.05
C GLU M 189 82.24 21.59 51.18
N TYR M 190 82.15 20.29 51.42
CA TYR M 190 81.28 19.80 52.49
C TYR M 190 81.78 20.21 53.86
N ALA M 191 83.10 20.25 54.05
CA ALA M 191 83.64 20.71 55.33
C ALA M 191 83.24 22.15 55.60
N SER M 192 83.36 23.01 54.59
CA SER M 192 82.95 24.41 54.76
C SER M 192 81.45 24.52 55.02
N ILE M 193 80.64 23.74 54.28
CA ILE M 193 79.20 23.80 54.44
C ILE M 193 78.78 23.39 55.84
N PHE M 194 79.37 22.30 56.35
CA PHE M 194 79.02 21.84 57.69
C PHE M 194 79.60 22.75 58.76
N SER M 195 80.72 23.41 58.48
CA SER M 195 81.25 24.40 59.41
C SER M 195 80.32 25.59 59.54
N GLY M 196 79.72 26.01 58.42
CA GLY M 196 78.79 27.12 58.46
C GLY M 196 77.57 26.86 59.32
N LEU M 197 77.13 25.60 59.38
CA LEU M 197 75.97 25.24 60.18
C LEU M 197 76.25 25.13 61.67
N GLY M 198 77.53 25.18 62.07
CA GLY M 198 77.87 25.06 63.47
C GLY M 198 78.15 23.64 63.91
N VAL M 199 78.87 22.90 63.06
CA VAL M 199 79.20 21.50 63.33
C VAL M 199 80.72 21.38 63.44
N LEU M 200 81.19 20.74 64.52
CA LEU M 200 82.61 20.51 64.71
C LEU M 200 83.07 19.48 63.68
N VAL M 201 83.83 19.93 62.69
CA VAL M 201 84.28 19.08 61.58
C VAL M 201 85.74 18.70 61.81
N ASP M 202 86.04 17.42 61.67
CA ASP M 202 87.40 16.91 61.79
C ASP M 202 87.84 16.45 60.41
N LEU M 203 88.38 17.37 59.63
CA LEU M 203 88.82 17.07 58.28
C LEU M 203 90.12 16.27 58.31
N ILE M 204 90.20 15.26 57.44
CA ILE M 204 91.35 14.38 57.35
C ILE M 204 91.97 14.52 55.97
N ASP M 205 93.28 14.76 55.94
CA ASP M 205 94.02 14.92 54.69
C ASP M 205 95.17 13.91 54.64
N ASN M 206 95.29 13.23 53.51
CA ASN M 206 96.38 12.28 53.31
C ASN M 206 97.71 12.97 53.04
N ARG M 207 97.70 14.15 52.44
CA ARG M 207 98.92 14.88 52.13
C ARG M 207 99.15 15.99 53.15
N ASP M 208 100.27 16.69 53.01
CA ASP M 208 100.69 17.68 54.00
C ASP M 208 99.95 18.99 53.88
N GLN M 209 99.30 19.27 52.74
CA GLN M 209 98.60 20.52 52.53
C GLN M 209 97.27 20.28 51.84
N LEU M 210 96.31 21.17 52.11
CA LEU M 210 94.99 21.07 51.49
C LEU M 210 95.03 21.61 50.07
N LEU M 211 94.59 20.78 49.12
CA LEU M 211 94.51 21.15 47.71
C LEU M 211 95.86 21.69 47.20
N SER M 212 96.83 20.77 47.19
CA SER M 212 98.19 21.12 46.79
C SER M 212 98.27 21.64 45.37
N PHE M 213 97.30 21.32 44.52
CA PHE M 213 97.31 21.83 43.15
C PHE M 213 96.99 23.32 43.07
N LEU M 214 96.53 23.92 44.16
CA LEU M 214 96.27 25.35 44.21
C LEU M 214 97.53 26.11 44.60
N ASP M 215 97.45 27.43 44.51
CA ASP M 215 98.56 28.27 44.93
C ASP M 215 98.77 28.16 46.44
N ASP M 216 100.03 28.31 46.86
CA ASP M 216 100.36 28.14 48.28
C ASP M 216 99.65 29.16 49.14
N GLU M 217 99.60 30.42 48.71
CA GLU M 217 98.95 31.47 49.50
C GLU M 217 97.45 31.23 49.61
N ILE M 218 96.83 30.82 48.51
CA ILE M 218 95.39 30.54 48.52
C ILE M 218 95.08 29.38 49.47
N SER M 219 95.87 28.31 49.40
CA SER M 219 95.67 27.17 50.29
C SER M 219 95.88 27.57 51.74
N ASP M 220 96.90 28.39 52.01
CA ASP M 220 97.14 28.85 53.38
C ASP M 220 95.97 29.68 53.90
N SER M 221 95.44 30.58 53.07
CA SER M 221 94.29 31.39 53.48
C SER M 221 93.07 30.51 53.74
N LEU M 222 92.82 29.53 52.86
CA LEU M 222 91.69 28.63 53.07
C LEU M 222 91.84 27.83 54.36
N SER M 223 93.06 27.33 54.63
CA SER M 223 93.29 26.59 55.86
C SER M 223 93.12 27.48 57.08
N TYR M 224 93.58 28.73 57.01
CA TYR M 224 93.40 29.66 58.13
C TYR M 224 91.92 29.91 58.40
N HIS M 225 91.14 30.13 57.32
CA HIS M 225 89.71 30.37 57.51
C HIS M 225 89.01 29.15 58.08
N LEU M 226 89.35 27.95 57.58
CA LEU M 226 88.74 26.74 58.10
C LEU M 226 89.09 26.51 59.57
N ARG M 227 90.35 26.77 59.94
CA ARG M 227 90.74 26.65 61.33
C ARG M 227 90.00 27.65 62.20
N ASN M 228 89.82 28.87 61.71
CA ASN M 228 89.08 29.89 62.46
C ASN M 228 87.58 29.62 62.46
N ASN M 229 87.10 28.69 61.64
CA ASN M 229 85.68 28.36 61.55
C ASN M 229 85.39 26.97 62.08
N ASN M 230 86.05 26.59 63.17
CA ASN M 230 85.83 25.37 63.95
C ASN M 230 86.26 24.09 63.22
N VAL M 231 86.74 24.18 61.99
CA VAL M 231 87.21 23.00 61.27
C VAL M 231 88.63 22.69 61.72
N LEU M 232 88.85 21.46 62.19
CA LEU M 232 90.18 21.01 62.60
C LEU M 232 90.77 20.16 61.48
N ILE M 233 91.83 20.67 60.86
CA ILE M 233 92.45 20.02 59.71
C ILE M 233 93.66 19.23 60.20
N ARG M 234 93.67 17.92 59.90
CA ARG M 234 94.79 17.05 60.21
C ARG M 234 95.48 16.66 58.91
N HIS M 235 96.81 16.83 58.88
CA HIS M 235 97.59 16.60 57.68
C HIS M 235 98.41 15.33 57.81
N ASN M 236 98.66 14.70 56.65
CA ASN M 236 99.43 13.46 56.56
C ASN M 236 98.86 12.37 57.46
N GLU M 237 97.58 12.07 57.23
CA GLU M 237 96.87 11.06 58.00
C GLU M 237 96.25 10.05 57.04
N GLU M 238 96.35 8.76 57.40
CA GLU M 238 95.77 7.69 56.62
C GLU M 238 94.90 6.84 57.53
N TYR M 239 93.72 6.47 57.05
CA TYR M 239 92.79 5.68 57.85
C TYR M 239 93.29 4.25 57.99
N GLU M 240 93.02 3.66 59.16
CA GLU M 240 93.31 2.26 59.43
C GLU M 240 92.04 1.44 59.61
N ARG M 241 91.07 1.95 60.37
CA ARG M 241 89.82 1.24 60.58
C ARG M 241 88.71 2.23 60.91
N VAL M 242 87.50 1.91 60.45
CA VAL M 242 86.30 2.69 60.76
C VAL M 242 85.33 1.77 61.50
N GLU M 243 84.89 2.20 62.67
CA GLU M 243 84.03 1.41 63.54
C GLU M 243 82.72 2.16 63.74
N GLY M 244 81.61 1.50 63.42
CA GLY M 244 80.28 2.09 63.54
C GLY M 244 79.65 1.76 64.88
N LEU M 245 79.23 2.81 65.58
CA LEU M 245 78.58 2.68 66.86
C LEU M 245 77.16 3.24 66.79
N ASP M 246 76.37 2.94 67.81
CA ASP M 246 74.99 3.42 67.84
C ASP M 246 74.93 4.93 68.10
N ASN M 247 75.92 5.48 68.79
CA ASN M 247 75.94 6.90 69.09
C ASN M 247 76.94 7.68 68.24
N GLY M 248 77.60 7.03 67.29
CA GLY M 248 78.53 7.73 66.43
C GLY M 248 79.43 6.77 65.67
N VAL M 249 80.52 7.33 65.15
CA VAL M 249 81.50 6.60 64.37
C VAL M 249 82.89 6.93 64.89
N ILE M 250 83.73 5.91 65.06
CA ILE M 250 85.08 6.07 65.57
C ILE M 250 86.06 5.66 64.48
N LEU M 251 86.95 6.58 64.11
CA LEU M 251 87.96 6.32 63.09
C LEU M 251 89.31 6.19 63.76
N HIS M 252 89.97 5.06 63.55
CA HIS M 252 91.33 4.83 64.01
C HIS M 252 92.27 4.98 62.82
N LEU M 253 93.21 5.92 62.93
CA LEU M 253 94.14 6.20 61.86
C LEU M 253 95.39 5.34 61.99
N LYS M 254 96.17 5.29 60.90
CA LYS M 254 97.43 4.54 60.93
C LYS M 254 98.44 5.17 61.87
N SER M 255 98.35 6.49 62.09
CA SER M 255 99.26 7.17 63.00
C SER M 255 98.97 6.85 64.46
N GLY M 256 97.82 6.28 64.77
CA GLY M 256 97.46 5.91 66.13
C GLY M 256 96.39 6.78 66.76
N LYS M 257 95.95 7.84 66.08
CA LYS M 257 94.93 8.71 66.62
C LYS M 257 93.54 8.11 66.41
N LYS M 258 92.70 8.23 67.44
CA LYS M 258 91.32 7.77 67.38
C LYS M 258 90.41 8.99 67.50
N ILE M 259 89.51 9.16 66.54
CA ILE M 259 88.62 10.31 66.50
C ILE M 259 87.18 9.81 66.51
N LYS M 260 86.37 10.32 67.43
CA LYS M 260 84.97 9.94 67.57
C LYS M 260 84.08 11.09 67.14
N ALA M 261 83.05 10.78 66.34
CA ALA M 261 82.11 11.78 65.88
C ALA M 261 80.71 11.19 65.90
N ASP M 262 79.72 12.02 65.58
CA ASP M 262 78.33 11.58 65.48
C ASP M 262 77.96 11.12 64.07
N ALA M 263 78.87 11.27 63.11
CA ALA M 263 78.61 10.86 61.73
C ALA M 263 79.96 10.71 61.02
N PHE M 264 79.91 10.25 59.78
CA PHE M 264 81.11 10.08 58.97
C PHE M 264 80.76 10.30 57.51
N LEU M 265 81.64 11.01 56.80
CA LEU M 265 81.46 11.29 55.39
C LEU M 265 82.72 10.89 54.63
N TRP M 266 82.55 10.16 53.54
CA TRP M 266 83.64 9.73 52.69
C TRP M 266 83.61 10.49 51.38
N SER M 267 84.71 11.17 51.06
CA SER M 267 84.80 11.95 49.83
C SER M 267 86.15 11.75 49.15
N ASN M 268 86.69 10.54 49.17
CA ASN M 268 88.02 10.25 48.63
C ASN M 268 87.86 9.52 47.30
N GLY M 269 87.99 10.25 46.20
CA GLY M 269 87.99 9.66 44.88
C GLY M 269 86.63 9.31 44.34
N ARG M 270 86.55 9.08 43.03
CA ARG M 270 85.31 8.67 42.37
C ARG M 270 85.63 7.57 41.37
N THR M 271 84.66 6.68 41.16
CA THR M 271 84.81 5.55 40.25
C THR M 271 83.75 5.66 39.15
N GLY M 272 84.18 5.50 37.90
CA GLY M 272 83.25 5.58 36.79
C GLY M 272 82.23 4.46 36.82
N ASN M 273 81.03 4.77 36.33
CA ASN M 273 79.93 3.80 36.27
C ASN M 273 79.97 3.11 34.91
N THR M 274 80.97 2.24 34.74
CA THR M 274 81.16 1.53 33.48
C THR M 274 81.00 0.03 33.59
N ASP M 275 80.90 -0.53 34.80
CA ASP M 275 80.75 -1.98 34.93
C ASP M 275 79.45 -2.47 34.30
N LYS M 276 78.35 -1.75 34.53
CA LYS M 276 77.06 -2.13 33.96
C LYS M 276 77.00 -1.93 32.45
N LEU M 277 77.90 -1.15 31.88
CA LEU M 277 77.86 -0.92 30.43
C LEU M 277 78.30 -2.15 29.65
N GLY M 278 79.19 -2.95 30.22
CA GLY M 278 79.70 -4.12 29.52
C GLY M 278 80.69 -3.76 28.44
N LEU M 279 81.83 -3.20 28.84
CA LEU M 279 82.85 -2.80 27.88
C LEU M 279 83.50 -3.98 27.19
N GLU M 280 83.43 -5.17 27.77
CA GLU M 280 83.98 -6.36 27.12
C GLU M 280 83.20 -6.73 25.86
N ASN M 281 81.93 -6.35 25.76
CA ASN M 281 81.12 -6.64 24.58
C ASN M 281 81.50 -5.78 23.38
N ILE M 282 82.33 -4.76 23.56
CA ILE M 282 82.77 -3.90 22.47
C ILE M 282 84.28 -3.87 22.33
N GLY M 283 85.01 -4.66 23.10
CA GLY M 283 86.46 -4.66 23.05
C GLY M 283 87.13 -3.55 23.82
N LEU M 284 86.38 -2.74 24.55
CA LEU M 284 86.93 -1.64 25.32
C LEU M 284 87.29 -2.09 26.73
N LYS M 285 88.23 -1.38 27.35
CA LYS M 285 88.68 -1.67 28.70
C LYS M 285 88.76 -0.37 29.49
N ALA M 286 88.63 -0.51 30.82
CA ALA M 286 88.71 0.61 31.73
C ALA M 286 89.70 0.31 32.85
N ASN M 287 90.30 1.35 33.40
CA ASN M 287 91.27 1.20 34.48
C ASN M 287 90.56 0.84 35.78
N GLY M 288 91.34 0.79 36.86
CA GLY M 288 90.79 0.46 38.16
C GLY M 288 89.82 1.52 38.68
N ARG M 289 89.96 2.76 38.21
CA ARG M 289 89.08 3.84 38.61
C ARG M 289 87.83 3.94 37.73
N GLY M 290 87.67 3.05 36.76
CA GLY M 290 86.51 3.09 35.90
C GLY M 290 86.52 4.18 34.86
N GLN M 291 87.69 4.73 34.52
CA GLN M 291 87.78 5.79 33.53
C GLN M 291 88.04 5.21 32.15
N ILE M 292 87.65 5.96 31.13
CA ILE M 292 87.80 5.57 29.73
C ILE M 292 88.77 6.53 29.06
N GLN M 293 89.84 5.97 28.49
CA GLN M 293 90.82 6.79 27.81
C GLN M 293 90.32 7.19 26.42
N VAL M 294 90.49 8.46 26.08
CA VAL M 294 90.06 9.00 24.79
C VAL M 294 91.17 9.87 24.21
N ASP M 295 91.09 10.10 22.91
CA ASP M 295 92.08 10.89 22.20
C ASP M 295 91.71 12.37 22.28
N GLU M 296 92.40 13.20 21.49
CA GLU M 296 92.09 14.62 21.45
C GLU M 296 90.74 14.91 20.79
N HIS M 297 90.19 13.95 20.05
CA HIS M 297 88.87 14.08 19.45
C HIS M 297 87.77 13.46 20.31
N TYR M 298 88.10 13.07 21.55
CA TYR M 298 87.13 12.46 22.47
C TYR M 298 86.52 11.19 21.89
N ARG M 299 87.34 10.39 21.22
CA ARG M 299 86.94 9.09 20.71
C ARG M 299 87.71 8.00 21.46
N THR M 300 87.05 6.87 21.68
CA THR M 300 87.70 5.72 22.31
C THR M 300 88.55 5.00 21.27
N GLU M 301 89.04 3.81 21.62
CA GLU M 301 89.81 3.02 20.67
C GLU M 301 88.96 2.65 19.45
N VAL M 302 87.70 2.31 19.68
CA VAL M 302 86.77 2.09 18.57
C VAL M 302 86.50 3.41 17.87
N SER M 303 86.49 3.39 16.53
CA SER M 303 86.39 4.62 15.77
C SER M 303 85.01 5.26 15.88
N ASN M 304 83.97 4.47 16.13
CA ASN M 304 82.61 4.96 16.16
C ASN M 304 82.05 5.09 17.57
N ILE M 305 82.90 4.97 18.60
CA ILE M 305 82.48 5.09 19.99
C ILE M 305 83.18 6.29 20.60
N TYR M 306 82.40 7.18 21.22
CA TYR M 306 82.90 8.42 21.80
C TYR M 306 82.58 8.46 23.28
N ALA M 307 83.54 8.96 24.06
CA ALA M 307 83.36 9.14 25.49
C ALA M 307 83.74 10.57 25.87
N ALA M 308 82.97 11.15 26.78
CA ALA M 308 83.20 12.53 27.21
C ALA M 308 82.66 12.72 28.62
N GLY M 309 83.06 13.83 29.24
CA GLY M 309 82.65 14.14 30.58
C GLY M 309 83.63 13.62 31.63
N ASP M 310 83.14 13.55 32.86
CA ASP M 310 83.97 13.08 33.96
C ASP M 310 84.29 11.59 33.86
N VAL M 311 83.58 10.86 32.98
CA VAL M 311 83.86 9.45 32.80
C VAL M 311 85.27 9.21 32.30
N ILE M 312 85.89 10.21 31.66
CA ILE M 312 87.29 10.11 31.26
C ILE M 312 88.24 10.50 32.37
N GLY M 313 87.72 10.99 33.50
CA GLY M 313 88.56 11.34 34.64
C GLY M 313 88.75 12.85 34.76
N TRP M 314 89.98 13.31 34.55
CA TRP M 314 90.30 14.72 34.68
C TRP M 314 89.55 15.53 33.63
N PRO M 315 89.06 16.73 33.97
CA PRO M 315 89.10 17.39 35.28
C PRO M 315 87.87 17.11 36.13
N SER M 316 86.87 16.42 35.58
CA SER M 316 85.64 16.08 36.29
C SER M 316 84.94 17.33 36.85
N LEU M 317 84.62 18.25 35.95
CA LEU M 317 83.91 19.47 36.30
C LEU M 317 82.68 19.61 35.41
N ALA M 318 81.60 20.13 35.99
CA ALA M 318 80.32 20.17 35.28
C ALA M 318 80.41 20.98 33.99
N SER M 319 80.95 22.20 34.07
CA SER M 319 81.14 22.99 32.85
C SER M 319 82.15 22.33 31.93
N ALA M 320 83.23 21.79 32.50
CA ALA M 320 84.22 21.08 31.68
C ALA M 320 83.61 19.86 31.02
N ALA M 321 82.79 19.11 31.75
CA ALA M 321 82.12 17.95 31.16
C ALA M 321 81.15 18.37 30.05
N TYR M 322 80.41 19.45 30.27
CA TYR M 322 79.49 19.95 29.25
C TYR M 322 80.24 20.32 27.98
N ASP M 323 81.35 21.06 28.13
CA ASP M 323 82.16 21.44 26.97
C ASP M 323 82.77 20.21 26.29
N GLN M 324 83.22 19.23 27.08
CA GLN M 324 83.79 18.02 26.52
C GLN M 324 82.76 17.24 25.72
N GLY M 325 81.53 17.13 26.24
CA GLY M 325 80.48 16.47 25.50
C GLY M 325 80.12 17.18 24.22
N ARG M 326 80.05 18.52 24.25
CA ARG M 326 79.78 19.26 23.04
C ARG M 326 80.91 19.10 22.02
N SER M 327 82.16 19.08 22.49
CA SER M 327 83.29 18.86 21.60
C SER M 327 83.26 17.46 20.99
N ALA M 328 82.87 16.46 21.78
CA ALA M 328 82.74 15.11 21.26
C ALA M 328 81.66 15.04 20.19
N ALA M 329 80.53 15.72 20.41
CA ALA M 329 79.49 15.76 19.40
C ALA M 329 79.98 16.46 18.14
N GLY M 330 80.74 17.56 18.29
CA GLY M 330 81.30 18.22 17.14
C GLY M 330 82.27 17.33 16.37
N SER M 331 83.09 16.56 17.09
CA SER M 331 83.97 15.60 16.45
C SER M 331 83.17 14.54 15.69
N ILE M 332 82.05 14.11 16.27
CA ILE M 332 81.18 13.16 15.59
C ILE M 332 80.66 13.76 14.29
N THR M 333 80.22 15.00 14.32
CA THR M 333 79.68 15.66 13.14
C THR M 333 80.76 16.31 12.27
N GLU M 334 81.96 16.53 12.82
CA GLU M 334 83.08 17.13 12.08
C GLU M 334 82.69 18.49 11.49
N ASN M 335 82.02 19.30 12.30
CA ASN M 335 81.62 20.65 11.91
C ASN M 335 82.62 21.70 12.37
N ASP M 336 83.87 21.31 12.61
CA ASP M 336 84.97 22.19 13.02
C ASP M 336 84.79 22.71 14.45
N SER M 337 83.66 22.38 15.09
CA SER M 337 83.40 22.83 16.46
C SER M 337 84.20 22.07 17.50
N TRP M 338 85.03 21.11 17.08
CA TRP M 338 85.87 20.39 18.04
C TRP M 338 86.90 21.33 18.66
N ARG M 339 87.13 21.16 19.96
CA ARG M 339 88.18 21.87 20.67
C ARG M 339 88.45 21.13 21.96
N PHE M 340 89.71 20.73 22.17
CA PHE M 340 90.07 19.98 23.36
C PHE M 340 89.93 20.87 24.58
N VAL M 341 89.17 20.40 25.58
CA VAL M 341 88.88 21.18 26.78
C VAL M 341 90.06 21.00 27.73
N ASP M 342 90.94 21.99 27.78
CA ASP M 342 92.11 21.95 28.65
C ASP M 342 92.15 23.11 29.64
N ASP M 343 91.82 24.32 29.20
CA ASP M 343 91.88 25.49 30.07
C ASP M 343 90.59 25.57 30.88
N VAL M 344 90.55 24.79 31.95
CA VAL M 344 89.41 24.75 32.86
C VAL M 344 89.79 25.52 34.12
N PRO M 345 89.21 26.69 34.38
CA PRO M 345 89.54 27.43 35.61
C PRO M 345 89.00 26.69 36.83
N THR M 346 89.91 26.22 37.67
CA THR M 346 89.51 25.46 38.85
C THR M 346 88.70 26.32 39.80
N GLY M 347 87.64 25.75 40.34
CA GLY M 347 86.75 26.45 41.26
C GLY M 347 86.31 25.60 42.43
N ILE M 348 86.60 26.07 43.64
CA ILE M 348 86.22 25.38 44.86
C ILE M 348 85.19 26.25 45.57
N TYR M 349 83.95 25.77 45.64
CA TYR M 349 82.84 26.58 46.14
C TYR M 349 82.67 26.37 47.65
N THR M 350 83.72 26.71 48.38
CA THR M 350 83.66 26.73 49.84
C THR M 350 83.11 28.09 50.30
N ILE M 351 83.19 28.36 51.60
CA ILE M 351 82.78 29.63 52.15
C ILE M 351 83.99 30.33 52.75
N PRO M 352 84.58 31.32 52.06
CA PRO M 352 84.21 31.88 50.75
C PRO M 352 84.76 31.05 49.59
N GLU M 353 84.48 31.45 48.35
CA GLU M 353 84.84 30.66 47.18
C GLU M 353 86.32 30.84 46.84
N ILE M 354 86.81 29.93 46.00
CA ILE M 354 88.17 29.95 45.49
C ILE M 354 88.11 29.70 43.99
N SER M 355 88.88 30.45 43.21
CA SER M 355 88.94 30.20 41.79
C SER M 355 90.32 30.54 41.27
N SER M 356 90.72 29.87 40.20
CA SER M 356 92.04 30.08 39.61
C SER M 356 92.04 29.67 38.15
N VAL M 357 92.91 30.30 37.39
CA VAL M 357 93.11 29.98 35.97
C VAL M 357 94.57 30.18 35.62
N GLY M 358 95.14 29.21 34.93
CA GLY M 358 96.53 29.29 34.52
C GLY M 358 97.48 28.70 35.54
N LYS M 359 98.77 28.91 35.28
CA LYS M 359 99.82 28.36 36.13
C LYS M 359 99.86 29.06 37.48
N THR M 360 100.39 28.34 38.48
CA THR M 360 100.51 28.87 39.82
C THR M 360 101.87 29.55 40.01
N GLU M 361 102.11 30.04 41.22
CA GLU M 361 103.38 30.72 41.52
C GLU M 361 104.54 29.72 41.58
N ARG M 362 104.29 28.53 42.11
CA ARG M 362 105.36 27.54 42.24
C ARG M 362 105.89 27.11 40.89
N GLU M 363 104.99 26.89 39.92
CA GLU M 363 105.42 26.53 38.57
C GLU M 363 106.21 27.66 37.93
N LEU M 364 105.78 28.90 38.13
CA LEU M 364 106.52 30.05 37.60
C LEU M 364 107.91 30.12 38.20
N THR M 365 108.04 29.91 39.51
CA THR M 365 109.34 29.92 40.15
C THR M 365 110.23 28.80 39.64
N GLN M 366 109.66 27.59 39.47
CA GLN M 366 110.45 26.47 38.99
C GLN M 366 110.93 26.69 37.56
N ALA M 367 110.07 27.27 36.71
CA ALA M 367 110.43 27.55 35.33
C ALA M 367 111.28 28.82 35.18
N LYS M 368 111.47 29.58 36.26
CA LYS M 368 112.31 30.78 36.26
C LYS M 368 111.82 31.82 35.25
N VAL M 369 110.52 31.87 35.03
CA VAL M 369 109.94 32.90 34.16
C VAL M 369 109.94 34.23 34.93
N PRO M 370 110.43 35.32 34.34
CA PRO M 370 110.49 36.59 35.07
C PRO M 370 109.13 37.24 35.23
N TYR M 371 108.39 36.81 36.25
CA TYR M 371 107.03 37.29 36.49
C TYR M 371 107.01 38.32 37.62
N GLU M 372 105.81 38.75 37.98
CA GLU M 372 105.58 39.68 39.07
C GLU M 372 104.15 39.50 39.57
N VAL M 373 103.91 39.95 40.80
CA VAL M 373 102.67 39.69 41.51
C VAL M 373 101.97 41.00 41.79
N GLY M 374 100.68 41.07 41.45
CA GLY M 374 99.84 42.20 41.81
C GLY M 374 98.68 41.76 42.67
N LYS M 375 98.54 42.33 43.86
CA LYS M 375 97.56 41.89 44.83
C LYS M 375 96.52 42.97 45.08
N ALA M 376 95.30 42.53 45.39
CA ALA M 376 94.20 43.42 45.75
C ALA M 376 93.41 42.76 46.86
N PHE M 377 93.42 43.36 48.05
CA PHE M 377 92.81 42.76 49.22
C PHE M 377 91.33 43.15 49.32
N PHE M 378 90.48 42.17 49.62
CA PHE M 378 89.06 42.41 49.71
C PHE M 378 88.66 43.16 50.98
N LYS M 379 89.52 43.20 51.99
CA LYS M 379 89.17 43.84 53.25
C LYS M 379 89.04 45.36 53.10
N GLY M 380 89.78 45.94 52.16
CA GLY M 380 89.71 47.37 51.93
C GLY M 380 88.87 47.72 50.72
N MET M 381 87.85 46.90 50.46
CA MET M 381 87.04 47.01 49.25
C MET M 381 85.65 47.51 49.56
N ALA M 382 85.22 48.53 48.81
CA ALA M 382 83.87 49.07 48.99
C ALA M 382 82.81 48.02 48.70
N ARG M 383 82.94 47.30 47.58
CA ARG M 383 81.95 46.29 47.23
C ARG M 383 81.97 45.13 48.22
N ALA M 384 83.16 44.72 48.67
CA ALA M 384 83.24 43.62 49.63
C ALA M 384 82.76 44.04 51.01
N GLN M 385 83.13 45.24 51.46
CA GLN M 385 82.68 45.71 52.76
C GLN M 385 81.17 45.93 52.77
N ILE M 386 80.61 46.35 51.63
CA ILE M 386 79.17 46.60 51.56
C ILE M 386 78.39 45.29 51.66
N ALA M 387 79.05 44.17 51.37
CA ALA M 387 78.44 42.85 51.47
C ALA M 387 78.79 42.12 52.75
N VAL M 388 79.43 42.80 53.71
CA VAL M 388 79.83 42.23 54.99
C VAL M 388 80.76 41.05 54.73
N GLU M 389 81.67 41.21 53.78
CA GLU M 389 82.69 40.21 53.45
C GLU M 389 84.05 40.88 53.54
N LYS M 390 84.71 40.75 54.69
CA LYS M 390 85.99 41.40 54.94
C LYS M 390 87.19 40.48 54.72
N ALA M 391 86.95 39.25 54.27
CA ALA M 391 88.03 38.28 54.07
C ALA M 391 88.13 37.94 52.58
N GLY M 392 89.36 37.91 52.07
CA GLY M 392 89.61 37.53 50.70
C GLY M 392 90.67 38.40 50.05
N MET M 393 91.13 37.93 48.90
CA MET M 393 92.16 38.63 48.14
C MET M 393 92.11 38.15 46.70
N LEU M 394 92.71 38.95 45.81
CA LEU M 394 92.88 38.59 44.40
C LEU M 394 94.34 38.79 44.04
N LYS M 395 94.94 37.78 43.40
CA LYS M 395 96.34 37.82 43.01
C LYS M 395 96.45 37.61 41.51
N ILE M 396 97.25 38.45 40.85
CA ILE M 396 97.50 38.36 39.42
C ILE M 396 98.98 38.15 39.21
N LEU M 397 99.33 37.09 38.48
CA LEU M 397 100.72 36.83 38.08
C LEU M 397 100.89 37.32 36.64
N PHE M 398 101.69 38.36 36.46
CA PHE M 398 101.86 38.97 35.15
C PHE M 398 103.35 39.05 34.81
N HIS M 399 103.68 38.83 33.54
CA HIS M 399 105.08 38.87 33.14
C HIS M 399 105.68 40.24 33.43
N ARG M 400 106.82 40.25 34.11
CA ARG M 400 107.40 41.50 34.59
C ARG M 400 108.02 42.32 33.48
N GLU M 401 108.16 41.76 32.27
CA GLU M 401 108.72 42.50 31.14
C GLU M 401 107.68 42.70 30.04
N THR M 402 107.05 41.62 29.58
CA THR M 402 106.09 41.69 28.47
C THR M 402 104.66 41.93 28.95
N LEU M 403 104.42 42.00 30.26
CA LEU M 403 103.11 42.29 30.83
C LEU M 403 102.05 41.25 30.47
N GLU M 404 102.47 40.01 30.17
CA GLU M 404 101.52 38.95 29.88
C GLU M 404 101.10 38.25 31.17
N ILE M 405 99.81 37.97 31.28
CA ILE M 405 99.26 37.31 32.46
C ILE M 405 99.45 35.80 32.31
N LEU M 406 100.16 35.20 33.28
CA LEU M 406 100.39 33.77 33.28
C LEU M 406 99.58 33.02 34.33
N GLY M 407 98.90 33.73 35.22
CA GLY M 407 98.08 33.07 36.23
C GLY M 407 97.24 34.04 37.04
N VAL M 408 95.97 33.71 37.23
CA VAL M 408 95.05 34.50 38.04
C VAL M 408 94.50 33.63 39.14
N HIS M 409 94.62 34.09 40.39
CA HIS M 409 94.13 33.38 41.55
C HIS M 409 93.30 34.33 42.39
N CYS M 410 92.11 33.92 42.78
CA CYS M 410 91.27 34.73 43.65
C CYS M 410 90.60 33.85 44.68
N PHE M 411 90.34 34.42 45.86
CA PHE M 411 89.69 33.72 46.96
C PHE M 411 88.89 34.73 47.75
N GLY M 412 87.60 34.51 47.87
CA GLY M 412 86.74 35.40 48.61
C GLY M 412 85.31 35.35 48.06
N TYR M 413 84.69 36.52 48.03
CA TYR M 413 83.30 36.64 47.60
C TYR M 413 83.24 36.82 46.09
N GLN M 414 82.36 36.03 45.45
CA GLN M 414 82.19 36.06 43.98
C GLN M 414 83.51 35.79 43.26
N ALA M 415 84.25 34.79 43.73
CA ALA M 415 85.52 34.45 43.11
C ALA M 415 85.34 33.90 41.70
N SER M 416 84.39 32.97 41.54
CA SER M 416 84.19 32.34 40.24
C SER M 416 83.78 33.35 39.17
N GLU M 417 82.90 34.30 39.52
CA GLU M 417 82.49 35.31 38.56
C GLU M 417 83.61 36.29 38.24
N ILE M 418 84.40 36.69 39.23
CA ILE M 418 85.44 37.68 39.01
C ILE M 418 86.60 37.11 38.19
N VAL M 419 86.92 35.82 38.39
CA VAL M 419 88.06 35.23 37.70
C VAL M 419 87.85 35.18 36.19
N HIS M 420 86.60 35.21 35.73
CA HIS M 420 86.33 35.12 34.30
C HIS M 420 86.93 36.29 33.53
N ILE M 421 87.08 37.46 34.15
CA ILE M 421 87.70 38.59 33.47
C ILE M 421 89.16 38.30 33.18
N GLY M 422 89.89 37.81 34.18
CA GLY M 422 91.27 37.42 33.98
C GLY M 422 91.40 36.29 32.98
N GLN M 423 90.43 35.37 32.98
CA GLN M 423 90.44 34.30 31.99
C GLN M 423 90.26 34.86 30.59
N ALA M 424 89.34 35.80 30.41
CA ALA M 424 89.11 36.39 29.09
C ALA M 424 90.32 37.16 28.60
N ILE M 425 90.97 37.92 29.48
CA ILE M 425 92.17 38.63 29.09
C ILE M 425 93.29 37.64 28.78
N MET M 426 93.35 36.54 29.53
CA MET M 426 94.40 35.53 29.33
C MET M 426 94.34 34.93 27.93
N ASN M 427 93.14 34.60 27.45
CA ASN M 427 92.99 33.88 26.20
C ASN M 427 93.31 34.74 24.98
N GLN M 428 93.49 36.04 25.15
CA GLN M 428 93.83 36.90 24.02
C GLN M 428 95.24 36.57 23.51
N LYS M 429 95.46 36.87 22.23
CA LYS M 429 96.65 36.44 21.51
C LYS M 429 97.73 37.51 21.59
N GLY M 430 98.94 37.08 21.95
CA GLY M 430 100.09 37.96 21.89
C GLY M 430 99.99 39.14 22.84
N GLU M 431 100.30 40.33 22.32
CA GLU M 431 100.34 41.54 23.14
C GLU M 431 98.96 41.93 23.65
N ALA M 432 97.88 41.44 23.03
CA ALA M 432 96.54 41.75 23.51
C ALA M 432 96.35 41.28 24.94
N ASN M 433 96.97 40.16 25.31
CA ASN M 433 96.94 39.67 26.68
C ASN M 433 97.94 40.48 27.50
N THR M 434 97.50 41.67 27.92
CA THR M 434 98.35 42.60 28.65
C THR M 434 97.64 43.07 29.92
N LEU M 435 98.43 43.27 30.98
CA LEU M 435 97.88 43.80 32.22
C LEU M 435 97.39 45.22 32.05
N LYS M 436 98.05 46.00 31.17
CA LYS M 436 97.69 47.41 31.00
C LYS M 436 96.27 47.59 30.52
N TYR M 437 95.64 46.53 29.99
CA TYR M 437 94.22 46.60 29.65
C TYR M 437 93.39 47.06 30.84
N PHE M 438 93.71 46.56 32.03
CA PHE M 438 92.95 46.96 33.21
C PHE M 438 93.17 48.42 33.57
N ILE M 439 94.19 49.06 33.01
CA ILE M 439 94.39 50.49 33.19
C ILE M 439 93.62 51.32 32.16
N ASN M 440 93.45 50.80 30.95
CA ASN M 440 92.78 51.53 29.87
C ASN M 440 91.31 51.16 29.73
N THR M 441 90.75 50.44 30.69
CA THR M 441 89.35 50.00 30.64
C THR M 441 88.60 50.54 31.85
N THR M 442 87.37 50.99 31.60
CA THR M 442 86.52 51.51 32.66
C THR M 442 85.55 50.42 33.11
N PHE M 443 85.61 50.07 34.39
CA PHE M 443 84.72 49.09 34.98
C PHE M 443 83.56 49.80 35.68
N ASN M 444 82.69 49.02 36.30
CA ASN M 444 81.63 49.56 37.13
C ASN M 444 82.13 49.70 38.56
N TYR M 445 81.44 50.55 39.33
CA TYR M 445 81.85 50.80 40.71
C TYR M 445 80.63 51.28 41.48
N PRO M 446 80.37 50.72 42.68
CA PRO M 446 81.16 49.69 43.37
C PRO M 446 80.93 48.29 42.78
N THR M 447 82.02 47.61 42.44
CA THR M 447 81.94 46.28 41.86
C THR M 447 83.21 45.53 42.19
N MET M 448 83.11 44.19 42.25
CA MET M 448 84.27 43.37 42.54
C MET M 448 85.29 43.36 41.42
N ALA M 449 84.87 43.62 40.17
CA ALA M 449 85.82 43.68 39.07
C ALA M 449 86.85 44.79 39.28
N GLU M 450 86.49 45.81 40.05
CA GLU M 450 87.43 46.90 40.32
C GLU M 450 88.71 46.40 40.96
N ALA M 451 88.64 45.26 41.67
CA ALA M 451 89.84 44.61 42.19
C ALA M 451 90.94 44.56 41.14
N TYR M 452 90.59 44.10 39.94
CA TYR M 452 91.57 43.99 38.87
C TYR M 452 92.30 45.32 38.69
N ARG M 453 91.54 46.40 38.55
CA ARG M 453 92.12 47.74 38.47
C ARG M 453 93.16 47.93 39.57
N VAL M 454 92.73 47.81 40.83
CA VAL M 454 93.63 48.01 41.95
C VAL M 454 94.83 47.08 41.80
N ALA M 455 94.56 45.80 41.54
CA ALA M 455 95.64 44.83 41.42
C ALA M 455 96.61 45.26 40.34
N ALA M 456 96.08 45.70 39.19
CA ALA M 456 96.93 46.16 38.10
C ALA M 456 97.89 47.23 38.57
N TYR M 457 97.38 48.22 39.31
CA TYR M 457 98.26 49.28 39.78
C TYR M 457 99.27 48.75 40.78
N ASP M 458 98.85 47.82 41.64
CA ASP M 458 99.81 47.18 42.53
C ASP M 458 100.86 46.41 41.74
N GLY M 459 100.48 45.90 40.57
CA GLY M 459 101.48 45.32 39.69
C GLY M 459 102.42 46.36 39.11
N LEU M 460 101.88 47.52 38.75
CA LEU M 460 102.68 48.51 38.03
C LEU M 460 103.64 49.24 38.94
N ASN M 461 103.27 49.45 40.21
CA ASN M 461 104.14 50.17 41.13
C ASN M 461 105.40 49.39 41.46
N ARG M 462 105.38 48.07 41.29
CA ARG M 462 106.53 47.24 41.58
C ARG M 462 107.53 47.17 40.43
N LEU M 463 107.23 47.78 39.30
CA LEU M 463 108.14 47.78 38.16
C LEU M 463 109.06 49.01 38.18
N VAL N 3 101.99 79.88 53.55
CA VAL N 3 102.10 79.61 52.12
C VAL N 3 102.75 78.26 51.88
N TYR N 4 102.08 77.40 51.12
CA TYR N 4 102.58 76.07 50.81
C TYR N 4 102.75 75.93 49.30
N ASN N 5 103.90 75.39 48.89
CA ASN N 5 104.24 75.23 47.49
C ASN N 5 104.28 73.75 47.15
N TYR N 6 103.64 73.39 46.03
CA TYR N 6 103.60 72.00 45.59
C TYR N 6 103.70 71.98 44.07
N ASP N 7 103.64 70.77 43.50
CA ASP N 7 103.68 70.61 42.05
C ASP N 7 102.28 70.54 41.45
N VAL N 8 101.43 69.67 41.98
CA VAL N 8 100.07 69.53 41.51
C VAL N 8 99.13 69.64 42.71
N VAL N 9 98.11 70.49 42.58
CA VAL N 9 97.09 70.67 43.60
C VAL N 9 95.75 70.25 43.02
N VAL N 10 95.08 69.32 43.69
CA VAL N 10 93.79 68.80 43.26
C VAL N 10 92.72 69.30 44.22
N ILE N 11 91.56 69.67 43.67
CA ILE N 11 90.43 70.13 44.47
C ILE N 11 89.36 69.04 44.40
N GLY N 12 88.91 68.59 45.56
CA GLY N 12 87.97 67.49 45.63
C GLY N 12 88.66 66.16 45.87
N THR N 13 88.20 65.40 46.86
CA THR N 13 88.83 64.15 47.26
C THR N 13 87.97 62.93 46.92
N GLY N 14 87.21 62.99 45.84
CA GLY N 14 86.42 61.87 45.40
C GLY N 14 87.22 60.95 44.50
N PRO N 15 86.53 60.08 43.76
CA PRO N 15 87.24 59.17 42.85
C PRO N 15 88.11 59.90 41.83
N ALA N 16 87.63 61.00 41.27
CA ALA N 16 88.44 61.76 40.32
C ALA N 16 89.67 62.34 41.00
N GLY N 17 89.47 63.01 42.13
CA GLY N 17 90.60 63.59 42.84
C GLY N 17 91.58 62.55 43.35
N GLU N 18 91.05 61.45 43.90
CA GLU N 18 91.92 60.39 44.41
C GLU N 18 92.73 59.78 43.28
N GLY N 19 92.09 59.48 42.15
CA GLY N 19 92.81 58.91 41.03
C GLY N 19 93.87 59.85 40.49
N ALA N 20 93.52 61.14 40.34
CA ALA N 20 94.48 62.12 39.84
C ALA N 20 95.67 62.24 40.78
N ALA N 21 95.41 62.33 42.09
CA ALA N 21 96.49 62.48 43.05
C ALA N 21 97.40 61.26 43.06
N MET N 22 96.82 60.06 43.08
CA MET N 22 97.64 58.86 43.13
C MET N 22 98.44 58.69 41.85
N ASN N 23 97.85 58.97 40.69
CA ASN N 23 98.58 58.88 39.43
C ASN N 23 99.72 59.89 39.39
N ALA N 24 99.46 61.11 39.87
CA ALA N 24 100.50 62.14 39.84
C ALA N 24 101.65 61.80 40.79
N VAL N 25 101.34 61.29 41.98
CA VAL N 25 102.41 60.92 42.90
C VAL N 25 103.13 59.67 42.42
N LYS N 26 102.48 58.87 41.59
CA LYS N 26 103.19 57.77 40.93
C LYS N 26 104.29 58.30 40.03
N ALA N 27 104.06 59.45 39.39
CA ALA N 27 105.06 60.07 38.53
C ALA N 27 106.20 60.73 39.29
N GLY N 28 106.11 60.81 40.62
CA GLY N 28 107.19 61.36 41.42
C GLY N 28 107.00 62.78 41.89
N ARG N 29 105.99 63.49 41.42
CA ARG N 29 105.77 64.87 41.83
C ARG N 29 105.21 64.93 43.25
N LYS N 30 105.13 66.15 43.78
CA LYS N 30 104.55 66.41 45.09
C LYS N 30 103.14 66.94 44.89
N VAL N 31 102.16 66.33 45.56
CA VAL N 31 100.76 66.60 45.27
C VAL N 31 100.03 66.95 46.55
N ALA N 32 99.19 67.98 46.48
CA ALA N 32 98.32 68.37 47.56
C ALA N 32 96.86 68.20 47.14
N VAL N 33 96.01 67.91 48.11
CA VAL N 33 94.58 67.72 47.86
C VAL N 33 93.80 68.60 48.83
N VAL N 34 92.75 69.25 48.31
CA VAL N 34 91.91 70.15 49.09
C VAL N 34 90.46 69.74 48.90
N ASP N 35 89.72 69.68 50.01
CA ASP N 35 88.29 69.37 49.98
C ASP N 35 87.62 70.05 51.15
N ASP N 36 86.50 70.74 50.89
CA ASP N 36 85.78 71.42 51.95
C ASP N 36 85.05 70.47 52.88
N ARG N 37 84.86 69.21 52.49
CA ARG N 37 84.27 68.21 53.37
C ARG N 37 85.20 67.95 54.55
N PRO N 38 84.67 67.85 55.77
CA PRO N 38 85.53 67.55 56.93
C PRO N 38 86.22 66.20 56.86
N GLN N 39 85.72 65.27 56.05
CA GLN N 39 86.32 63.95 55.91
C GLN N 39 86.58 63.66 54.44
N VAL N 40 87.56 62.78 54.20
CA VAL N 40 87.92 62.41 52.84
C VAL N 40 86.87 61.47 52.27
N GLY N 41 86.79 61.42 50.93
CA GLY N 41 85.89 60.51 50.26
C GLY N 41 85.04 61.17 49.19
N GLY N 42 84.63 62.41 49.43
CA GLY N 42 83.77 63.10 48.49
C GLY N 42 82.32 62.63 48.59
N ASN N 43 81.52 63.11 47.63
CA ASN N 43 80.12 62.72 47.59
C ASN N 43 79.94 61.25 47.26
N CYS N 44 80.92 60.62 46.61
CA CYS N 44 80.79 59.21 46.23
C CYS N 44 80.66 58.32 47.45
N THR N 45 81.43 58.60 48.51
CA THR N 45 81.43 57.77 49.71
C THR N 45 80.55 58.31 50.82
N HIS N 46 80.32 59.62 50.88
CA HIS N 46 79.65 60.21 52.03
C HIS N 46 78.15 60.40 51.81
N LEU N 47 77.74 60.84 50.63
CA LEU N 47 76.35 61.16 50.38
C LEU N 47 75.77 60.52 49.12
N GLY N 48 76.59 59.96 48.24
CA GLY N 48 76.11 59.46 46.97
C GLY N 48 76.17 57.96 46.80
N THR N 49 77.23 57.49 46.13
CA THR N 49 77.31 56.10 45.69
C THR N 49 77.22 55.13 46.86
N ILE N 50 78.16 55.23 47.80
CA ILE N 50 78.30 54.26 48.88
C ILE N 50 77.05 54.19 49.76
N PRO N 51 76.50 55.31 50.26
CA PRO N 51 75.31 55.20 51.12
C PRO N 51 74.11 54.61 50.40
N SER N 52 73.84 55.06 49.17
CA SER N 52 72.71 54.54 48.42
C SER N 52 72.87 53.06 48.11
N LYS N 53 74.10 52.64 47.77
CA LYS N 53 74.34 51.23 47.49
C LYS N 53 74.20 50.38 48.74
N ALA N 54 74.65 50.89 49.89
CA ALA N 54 74.45 50.17 51.14
C ALA N 54 72.96 50.04 51.47
N LEU N 55 72.21 51.11 51.25
CA LEU N 55 70.77 51.07 51.45
C LEU N 55 70.12 50.03 50.53
N ARG N 56 70.54 50.01 49.27
CA ARG N 56 70.00 49.05 48.31
C ARG N 56 70.32 47.61 48.72
N HIS N 57 71.55 47.35 49.16
CA HIS N 57 71.92 46.01 49.56
C HIS N 57 71.14 45.58 50.80
N SER N 58 70.97 46.48 51.76
CA SER N 58 70.18 46.15 52.94
C SER N 58 68.74 45.87 52.58
N VAL N 59 68.17 46.65 51.66
CA VAL N 59 66.80 46.42 51.22
C VAL N 59 66.68 45.07 50.51
N ARG N 60 67.67 44.73 49.68
CA ARG N 60 67.66 43.44 49.01
C ARG N 60 67.74 42.30 50.01
N GLN N 61 68.59 42.43 51.03
CA GLN N 61 68.67 41.40 52.06
C GLN N 61 67.36 41.28 52.82
N ILE N 62 66.70 42.41 53.09
CA ILE N 62 65.39 42.39 53.74
C ILE N 62 64.39 41.64 52.88
N MET N 63 64.39 41.92 51.58
CA MET N 63 63.45 41.25 50.67
C MET N 63 63.71 39.75 50.63
N GLN N 64 64.98 39.35 50.56
CA GLN N 64 65.31 37.93 50.56
C GLN N 64 64.90 37.25 51.85
N TYR N 65 65.12 37.91 52.99
CA TYR N 65 64.74 37.33 54.27
C TYR N 65 63.22 37.18 54.37
N ASN N 66 62.47 38.20 53.95
CA ASN N 66 61.02 38.13 54.01
C ASN N 66 60.48 37.06 53.07
N ASN N 67 61.03 36.95 51.86
CA ASN N 67 60.55 36.00 50.88
C ASN N 67 60.99 34.57 51.14
N ASN N 68 62.05 34.37 51.91
CA ASN N 68 62.59 33.04 52.13
C ASN N 68 61.68 32.26 53.07
N PRO N 69 61.15 31.10 52.66
CA PRO N 69 60.34 30.30 53.59
C PRO N 69 61.11 29.78 54.79
N LEU N 70 62.44 29.69 54.71
CA LEU N 70 63.22 29.16 55.81
C LEU N 70 63.10 30.05 57.05
N PHE N 71 63.13 31.35 56.88
CA PHE N 71 63.07 32.30 57.99
C PHE N 71 61.65 32.60 58.44
N ARG N 72 60.64 32.04 57.78
CA ARG N 72 59.26 32.24 58.21
C ARG N 72 58.98 31.58 59.55
N GLN N 73 59.62 30.44 59.80
CA GLN N 73 59.42 29.75 61.07
C GLN N 73 59.99 30.54 62.24
N ILE N 74 61.07 31.27 62.02
CA ILE N 74 61.66 32.09 63.09
C ILE N 74 60.68 33.19 63.50
N GLY N 75 60.05 33.84 62.53
CA GLY N 75 59.12 34.90 62.83
C GLY N 75 58.30 35.29 61.62
N GLU N 76 57.19 35.97 61.89
CA GLU N 76 56.33 36.46 60.82
C GLU N 76 57.00 37.62 60.09
N PRO N 77 56.54 37.93 58.88
CA PRO N 77 57.14 39.07 58.15
C PRO N 77 57.07 40.35 58.97
N ARG N 78 58.17 41.10 58.94
CA ARG N 78 58.34 42.29 59.76
C ARG N 78 58.70 43.48 58.89
N TRP N 79 58.14 44.64 59.22
CA TRP N 79 58.57 45.89 58.64
C TRP N 79 59.73 46.46 59.45
N PHE N 80 60.68 47.08 58.75
CA PHE N 80 61.90 47.56 59.38
C PHE N 80 62.01 49.07 59.23
N SER N 81 62.43 49.72 60.31
CA SER N 81 62.58 51.17 60.32
C SER N 81 63.68 51.60 59.36
N PHE N 82 63.48 52.78 58.76
CA PHE N 82 64.46 53.30 57.80
C PHE N 82 65.80 53.56 58.47
N ALA N 83 65.78 54.04 59.71
CA ALA N 83 67.03 54.31 60.42
C ALA N 83 67.83 53.03 60.65
N ASP N 84 67.15 51.94 61.01
CA ASP N 84 67.84 50.67 61.20
C ASP N 84 68.48 50.18 59.90
N VAL N 85 67.78 50.34 58.78
CA VAL N 85 68.33 49.95 57.50
C VAL N 85 69.53 50.81 57.14
N LEU N 86 69.45 52.12 57.38
CA LEU N 86 70.53 53.02 57.01
C LEU N 86 71.74 52.86 57.94
N LYS N 87 71.53 52.33 59.15
CA LYS N 87 72.61 52.21 60.12
C LYS N 87 73.78 51.38 59.58
N SER N 88 73.50 50.43 58.67
CA SER N 88 74.55 49.57 58.16
C SER N 88 75.60 50.32 57.34
N ALA N 89 75.26 51.49 56.81
CA ALA N 89 76.18 52.24 55.95
C ALA N 89 77.29 52.93 56.74
N GLU N 90 77.10 53.15 58.05
CA GLU N 90 78.11 53.86 58.83
C GLU N 90 79.42 53.08 58.90
N GLN N 91 79.33 51.76 59.12
CA GLN N 91 80.54 50.95 59.17
C GLN N 91 81.27 50.98 57.83
N VAL N 92 80.53 50.86 56.72
CA VAL N 92 81.14 50.87 55.40
C VAL N 92 81.82 52.21 55.12
N ILE N 93 81.15 53.31 55.43
CA ILE N 93 81.73 54.62 55.15
C ILE N 93 82.95 54.86 56.04
N ALA N 94 82.91 54.40 57.30
CA ALA N 94 84.06 54.55 58.17
C ALA N 94 85.25 53.74 57.64
N LYS N 95 85.00 52.50 57.20
CA LYS N 95 86.09 51.69 56.66
C LYS N 95 86.67 52.32 55.40
N GLN N 96 85.81 52.83 54.51
CA GLN N 96 86.30 53.46 53.29
C GLN N 96 87.11 54.71 53.59
N VAL N 97 86.64 55.53 54.54
CA VAL N 97 87.38 56.73 54.91
C VAL N 97 88.73 56.37 55.50
N SER N 98 88.78 55.34 56.36
CA SER N 98 90.04 54.91 56.94
C SER N 98 91.00 54.42 55.85
N SER N 99 90.47 53.63 54.90
CA SER N 99 91.32 53.11 53.83
C SER N 99 91.87 54.24 52.96
N ARG N 100 91.04 55.22 52.62
CA ARG N 100 91.51 56.32 51.78
C ARG N 100 92.51 57.20 52.51
N THR N 101 92.28 57.45 53.81
CA THR N 101 93.24 58.21 54.58
C THR N 101 94.58 57.48 54.68
N GLY N 102 94.53 56.15 54.85
CA GLY N 102 95.76 55.38 54.84
C GLY N 102 96.48 55.44 53.51
N TYR N 103 95.71 55.37 52.41
CA TYR N 103 96.29 55.48 51.08
C TYR N 103 97.00 56.82 50.90
N TYR N 104 96.37 57.90 51.36
CA TYR N 104 97.01 59.21 51.26
C TYR N 104 98.23 59.32 52.17
N ALA N 105 98.14 58.79 53.39
CA ALA N 105 99.23 58.92 54.34
C ALA N 105 100.46 58.15 53.91
N ARG N 106 100.27 56.93 53.39
CA ARG N 106 101.42 56.12 52.98
C ARG N 106 102.16 56.75 51.80
N ASN N 107 101.48 57.57 51.01
CA ASN N 107 102.10 58.26 49.89
C ASN N 107 102.54 59.67 50.23
N ARG N 108 102.48 60.06 51.50
CA ARG N 108 102.86 61.40 51.95
C ARG N 108 102.06 62.48 51.22
N ILE N 109 100.75 62.46 51.45
CA ILE N 109 99.82 63.37 50.79
C ILE N 109 99.28 64.33 51.83
N ASP N 110 99.37 65.64 51.53
CA ASP N 110 98.85 66.66 52.42
C ASP N 110 97.41 66.99 52.06
N THR N 111 96.54 66.99 53.07
CA THR N 111 95.12 67.28 52.89
C THR N 111 94.74 68.54 53.65
N PHE N 112 93.81 69.29 53.09
CA PHE N 112 93.34 70.54 53.68
C PHE N 112 91.81 70.52 53.72
N PHE N 113 91.26 70.58 54.93
CA PHE N 113 89.81 70.52 55.13
C PHE N 113 89.26 71.95 55.11
N GLY N 114 89.10 72.48 53.90
CA GLY N 114 88.59 73.83 53.75
C GLY N 114 88.16 74.09 52.33
N THR N 115 87.39 75.16 52.17
CA THR N 115 86.92 75.56 50.84
C THR N 115 88.07 76.15 50.03
N ALA N 116 88.13 75.78 48.75
CA ALA N 116 89.20 76.23 47.86
C ALA N 116 88.66 77.27 46.89
N SER N 117 89.39 78.37 46.73
CA SER N 117 89.03 79.43 45.80
C SER N 117 90.25 79.82 44.97
N PHE N 118 90.00 80.23 43.74
CA PHE N 118 91.09 80.61 42.85
C PHE N 118 91.37 82.10 42.96
N CYS N 119 92.66 82.45 42.99
CA CYS N 119 93.11 83.83 43.03
C CYS N 119 93.74 84.28 41.71
N ASP N 120 94.62 83.46 41.14
CA ASP N 120 95.23 83.75 39.86
C ASP N 120 95.49 82.42 39.15
N GLU N 121 96.33 82.45 38.12
CA GLU N 121 96.60 81.24 37.35
C GLU N 121 97.38 80.20 38.14
N HIS N 122 98.06 80.59 39.21
CA HIS N 122 98.92 79.66 39.94
C HIS N 122 98.78 79.73 41.47
N THR N 123 97.81 80.47 42.01
CA THR N 123 97.65 80.61 43.44
C THR N 123 96.20 80.40 43.83
N ILE N 124 95.99 79.67 44.93
CA ILE N 124 94.65 79.43 45.46
C ILE N 124 94.64 79.75 46.95
N GLU N 125 93.44 80.04 47.46
CA GLU N 125 93.22 80.31 48.87
C GLU N 125 92.34 79.22 49.45
N VAL N 126 92.78 78.62 50.55
CA VAL N 126 92.00 77.63 51.28
C VAL N 126 91.49 78.28 52.55
N VAL N 127 90.16 78.41 52.64
CA VAL N 127 89.50 79.03 53.80
C VAL N 127 88.95 77.90 54.66
N HIS N 128 89.40 77.87 55.92
CA HIS N 128 88.98 76.83 56.84
C HIS N 128 87.60 77.13 57.41
N LEU N 129 87.06 76.17 58.16
CA LEU N 129 85.76 76.36 58.79
C LEU N 129 85.82 77.38 59.92
N ASN N 130 86.95 77.46 60.62
CA ASN N 130 87.12 78.38 61.74
C ASN N 130 87.64 79.74 61.33
N GLY N 131 87.83 79.97 60.03
CA GLY N 131 88.31 81.24 59.53
C GLY N 131 89.77 81.26 59.12
N MET N 132 90.52 80.20 59.40
CA MET N 132 91.92 80.15 59.00
C MET N 132 92.03 80.16 57.48
N VAL N 133 92.97 80.95 56.97
CA VAL N 133 93.18 81.12 55.54
C VAL N 133 94.61 80.73 55.20
N GLU N 134 94.78 79.88 54.19
CA GLU N 134 96.08 79.45 53.72
C GLU N 134 96.22 79.76 52.24
N THR N 135 97.45 79.96 51.80
CA THR N 135 97.75 80.25 50.40
C THR N 135 98.58 79.10 49.82
N LEU N 136 98.12 78.55 48.71
CA LEU N 136 98.77 77.41 48.07
C LEU N 136 99.17 77.78 46.65
N VAL N 137 100.40 77.42 46.27
CA VAL N 137 100.94 77.71 44.96
C VAL N 137 101.45 76.41 44.34
N ALA N 138 101.00 76.13 43.12
CA ALA N 138 101.45 74.96 42.40
C ALA N 138 101.41 75.24 40.90
N LYS N 139 102.23 74.52 40.15
CA LYS N 139 102.28 74.70 38.71
C LYS N 139 101.07 74.07 38.01
N GLN N 140 100.52 73.00 38.59
CA GLN N 140 99.42 72.27 37.97
C GLN N 140 98.22 72.25 38.91
N PHE N 141 97.03 72.46 38.34
CA PHE N 141 95.79 72.48 39.10
C PHE N 141 94.81 71.50 38.48
N VAL N 142 94.16 70.71 39.34
CA VAL N 142 93.16 69.74 38.92
C VAL N 142 91.84 70.09 39.61
N ILE N 143 90.78 70.22 38.82
CA ILE N 143 89.46 70.56 39.33
C ILE N 143 88.60 69.31 39.31
N ALA N 144 88.24 68.82 40.48
CA ALA N 144 87.37 67.66 40.66
C ALA N 144 86.32 67.96 41.73
N THR N 145 85.72 69.15 41.64
CA THR N 145 84.78 69.60 42.66
C THR N 145 83.42 68.92 42.57
N GLY N 146 83.24 67.98 41.65
CA GLY N 146 82.01 67.21 41.63
C GLY N 146 80.80 68.06 41.30
N SER N 147 79.66 67.69 41.90
CA SER N 147 78.41 68.39 41.65
C SER N 147 77.52 68.27 42.89
N ARG N 148 76.41 68.99 42.84
CA ARG N 148 75.40 69.01 43.89
C ARG N 148 74.04 68.80 43.25
N PRO N 149 73.05 68.34 44.01
CA PRO N 149 71.70 68.21 43.45
C PRO N 149 71.16 69.54 42.96
N TYR N 150 70.51 69.51 41.80
CA TYR N 150 69.96 70.73 41.23
C TYR N 150 68.74 71.18 42.04
N ARG N 151 68.73 72.44 42.46
CA ARG N 151 67.70 72.97 43.34
C ARG N 151 66.97 74.12 42.67
N PRO N 152 65.80 73.89 42.08
CA PRO N 152 65.02 75.01 41.54
C PRO N 152 64.57 75.96 42.64
N ALA N 153 64.49 77.24 42.29
CA ALA N 153 64.14 78.26 43.28
C ALA N 153 62.72 78.08 43.80
N ASP N 154 61.79 77.70 42.92
CA ASP N 154 60.39 77.60 43.29
C ASP N 154 60.08 76.41 44.20
N VAL N 155 61.08 75.62 44.58
CA VAL N 155 60.89 74.48 45.48
C VAL N 155 61.48 74.84 46.83
N ASP N 156 60.64 74.79 47.87
CA ASP N 156 61.07 75.11 49.23
C ASP N 156 61.68 73.86 49.85
N PHE N 157 62.96 73.64 49.58
CA PHE N 157 63.66 72.47 50.11
C PHE N 157 63.82 72.52 51.63
N THR N 158 63.65 73.69 52.24
CA THR N 158 63.75 73.80 53.70
C THR N 158 62.58 73.12 54.41
N HIS N 159 61.54 72.74 53.68
CA HIS N 159 60.42 72.05 54.30
C HIS N 159 60.86 70.69 54.84
N PRO N 160 60.43 70.30 56.03
CA PRO N 160 60.86 69.00 56.58
C PRO N 160 60.41 67.81 55.77
N ARG N 161 59.40 67.95 54.92
CA ARG N 161 58.89 66.84 54.12
C ARG N 161 59.36 66.88 52.68
N ILE N 162 60.34 67.73 52.36
CA ILE N 162 60.92 67.84 51.03
C ILE N 162 62.39 67.48 51.12
N TYR N 163 62.84 66.58 50.26
CA TYR N 163 64.21 66.10 50.27
C TYR N 163 64.78 66.08 48.86
N ASP N 164 66.10 66.05 48.78
CA ASP N 164 66.84 65.91 47.54
C ASP N 164 67.70 64.64 47.62
N SER N 165 68.58 64.47 46.63
CA SER N 165 69.44 63.28 46.59
C SER N 165 70.37 63.19 47.78
N ASP N 166 70.57 64.29 48.51
CA ASP N 166 71.45 64.31 49.67
C ASP N 166 70.70 64.22 51.00
N THR N 167 69.70 65.09 51.19
CA THR N 167 68.96 65.13 52.45
C THR N 167 68.04 63.94 52.65
N ILE N 168 67.84 63.10 51.62
CA ILE N 168 66.96 61.95 51.77
C ILE N 168 67.47 60.99 52.82
N LEU N 169 68.80 60.97 53.04
CA LEU N 169 69.37 60.13 54.08
C LEU N 169 69.03 60.62 55.48
N SER N 170 68.48 61.83 55.60
CA SER N 170 68.07 62.36 56.89
C SER N 170 66.71 61.86 57.33
N LEU N 171 66.07 61.01 56.54
CA LEU N 171 64.75 60.47 56.90
C LEU N 171 64.84 59.69 58.21
N GLY N 172 63.91 59.97 59.12
CA GLY N 172 63.91 59.32 60.42
C GLY N 172 62.91 58.19 60.54
N HIS N 173 61.95 58.13 59.62
CA HIS N 173 60.93 57.09 59.63
C HIS N 173 60.53 56.78 58.20
N THR N 174 60.06 55.56 57.99
CA THR N 174 59.64 55.13 56.66
C THR N 174 58.28 55.74 56.33
N PRO N 175 58.17 56.56 55.28
CA PRO N 175 56.88 57.13 54.94
C PRO N 175 55.94 56.10 54.32
N ARG N 176 54.65 56.34 54.49
CA ARG N 176 53.65 55.43 53.91
C ARG N 176 53.60 55.57 52.40
N ARG N 177 53.85 56.76 51.88
CA ARG N 177 53.87 57.02 50.44
C ARG N 177 55.11 57.85 50.10
N LEU N 178 55.32 58.08 48.81
CA LEU N 178 56.48 58.84 48.35
C LEU N 178 56.25 59.30 46.92
N ILE N 179 56.73 60.50 46.62
CA ILE N 179 56.71 61.06 45.28
C ILE N 179 58.16 61.33 44.88
N ILE N 180 58.56 60.78 43.73
CA ILE N 180 59.91 60.95 43.21
C ILE N 180 59.82 61.62 41.85
N TYR N 181 60.54 62.72 41.68
CA TYR N 181 60.54 63.47 40.43
C TYR N 181 61.85 63.23 39.69
N GLY N 182 61.74 63.00 38.39
CA GLY N 182 62.90 62.72 37.56
C GLY N 182 63.16 61.24 37.41
N ALA N 183 63.22 60.77 36.16
CA ALA N 183 63.46 59.37 35.85
C ALA N 183 64.93 59.07 35.65
N GLY N 184 65.81 59.80 36.32
CA GLY N 184 67.23 59.58 36.20
C GLY N 184 67.67 58.31 36.92
N VAL N 185 68.98 58.07 36.85
CA VAL N 185 69.54 56.88 37.50
C VAL N 185 69.31 56.93 39.01
N ILE N 186 69.56 58.10 39.61
CA ILE N 186 69.34 58.26 41.05
C ILE N 186 67.87 58.07 41.39
N GLY N 187 66.98 58.66 40.60
CA GLY N 187 65.56 58.52 40.86
C GLY N 187 65.10 57.07 40.76
N CYS N 188 65.55 56.37 39.72
CA CYS N 188 65.18 54.97 39.58
C CYS N 188 65.71 54.13 40.73
N GLU N 189 66.97 54.36 41.13
CA GLU N 189 67.55 53.61 42.24
C GLU N 189 66.77 53.83 43.52
N TYR N 190 66.46 55.08 43.84
CA TYR N 190 65.73 55.37 45.07
C TYR N 190 64.29 54.84 45.01
N ALA N 191 63.67 54.92 43.84
CA ALA N 191 62.33 54.35 43.69
C ALA N 191 62.34 52.85 43.94
N SER N 192 63.34 52.16 43.38
CA SER N 192 63.46 50.72 43.61
C SER N 192 63.71 50.41 45.08
N ILE N 193 64.57 51.19 45.73
CA ILE N 193 64.88 50.94 47.15
C ILE N 193 63.64 51.13 48.01
N PHE N 194 62.92 52.23 47.81
CA PHE N 194 61.73 52.49 48.62
C PHE N 194 60.60 51.51 48.30
N SER N 195 60.50 51.05 47.05
CA SER N 195 59.54 50.01 46.72
C SER N 195 59.88 48.71 47.44
N GLY N 196 61.17 48.36 47.49
CA GLY N 196 61.59 47.20 48.25
C GLY N 196 61.29 47.34 49.73
N LEU N 197 61.43 48.55 50.27
CA LEU N 197 61.09 48.79 51.66
C LEU N 197 59.59 48.72 51.91
N GLY N 198 58.77 48.80 50.87
CA GLY N 198 57.33 48.72 51.04
C GLY N 198 56.65 50.08 51.07
N VAL N 199 57.07 50.97 50.17
CA VAL N 199 56.52 52.32 50.07
C VAL N 199 55.91 52.49 48.69
N LEU N 200 54.66 52.97 48.65
CA LEU N 200 53.97 53.22 47.38
C LEU N 200 54.60 54.44 46.71
N VAL N 201 55.56 54.20 45.83
CA VAL N 201 56.30 55.27 45.16
C VAL N 201 55.54 55.67 43.91
N ASP N 202 55.34 56.97 43.73
CA ASP N 202 54.72 57.54 42.54
C ASP N 202 55.82 58.23 41.73
N LEU N 203 56.45 57.46 40.84
CA LEU N 203 57.55 57.99 40.04
C LEU N 203 56.99 58.86 38.91
N ILE N 204 57.62 60.01 38.71
CA ILE N 204 57.21 60.98 37.70
C ILE N 204 58.33 61.10 36.68
N ASP N 205 57.98 61.06 35.40
CA ASP N 205 58.95 61.12 34.32
C ASP N 205 58.55 62.21 33.34
N ASN N 206 59.56 62.87 32.75
CA ASN N 206 59.31 63.90 31.76
C ASN N 206 59.20 63.33 30.35
N ARG N 207 59.72 62.14 30.11
CA ARG N 207 59.68 61.48 28.81
C ARG N 207 58.66 60.35 28.82
N ASP N 208 58.43 59.79 27.64
CA ASP N 208 57.46 58.71 27.50
C ASP N 208 58.03 57.35 27.87
N GLN N 209 59.35 57.23 27.97
CA GLN N 209 59.99 55.95 28.28
C GLN N 209 61.12 56.17 29.28
N LEU N 210 61.21 55.28 30.26
CA LEU N 210 62.27 55.37 31.26
C LEU N 210 63.61 55.07 30.63
N LEU N 211 64.60 55.92 30.88
CA LEU N 211 65.97 55.74 30.40
C LEU N 211 65.99 55.49 28.89
N SER N 212 65.59 56.52 28.15
CA SER N 212 65.51 56.41 26.70
C SER N 212 66.87 56.09 26.06
N PHE N 213 67.97 56.39 26.75
CA PHE N 213 69.29 56.03 26.24
C PHE N 213 69.56 54.53 26.33
N LEU N 214 68.71 53.77 27.01
CA LEU N 214 68.88 52.33 27.14
C LEU N 214 68.08 51.59 26.05
N ASP N 215 68.24 50.28 26.03
CA ASP N 215 67.53 49.45 25.07
C ASP N 215 66.04 49.43 25.39
N ASP N 216 65.22 49.24 24.35
CA ASP N 216 63.77 49.19 24.54
C ASP N 216 63.36 48.03 25.43
N GLU N 217 63.96 46.84 25.20
CA GLU N 217 63.61 45.67 25.98
C GLU N 217 63.95 45.85 27.45
N ILE N 218 65.15 46.38 27.73
CA ILE N 218 65.57 46.58 29.11
C ILE N 218 64.68 47.60 29.81
N SER N 219 64.37 48.70 29.13
CA SER N 219 63.49 49.70 29.73
C SER N 219 62.10 49.14 29.99
N ASP N 220 61.57 48.35 29.05
CA ASP N 220 60.25 47.76 29.24
C ASP N 220 60.25 46.79 30.41
N SER N 221 61.30 45.97 30.54
CA SER N 221 61.39 45.06 31.67
C SER N 221 61.49 45.82 32.99
N LEU N 222 62.28 46.89 33.01
CA LEU N 222 62.39 47.72 34.21
C LEU N 222 61.04 48.31 34.59
N SER N 223 60.31 48.82 33.61
CA SER N 223 58.99 49.41 33.88
C SER N 223 58.02 48.35 34.41
N TYR N 224 58.04 47.16 33.80
CA TYR N 224 57.15 46.09 34.26
C TYR N 224 57.48 45.70 35.70
N HIS N 225 58.77 45.57 36.02
CA HIS N 225 59.16 45.19 37.37
C HIS N 225 58.77 46.26 38.38
N LEU N 226 58.99 47.53 38.05
CA LEU N 226 58.60 48.60 38.95
C LEU N 226 57.10 48.63 39.16
N ARG N 227 56.32 48.44 38.08
CA ARG N 227 54.87 48.40 38.22
C ARG N 227 54.43 47.24 39.10
N ASN N 228 55.07 46.07 38.94
CA ASN N 228 54.75 44.93 39.79
C ASN N 228 55.27 45.09 41.21
N ASN N 229 56.12 46.08 41.45
CA ASN N 229 56.67 46.29 42.78
C ASN N 229 56.15 47.57 43.41
N ASN N 230 54.86 47.86 43.20
CA ASN N 230 54.11 48.96 43.81
C ASN N 230 54.53 50.34 43.31
N VAL N 231 55.49 50.45 42.39
CA VAL N 231 55.88 51.73 41.85
C VAL N 231 54.94 52.09 40.70
N LEU N 232 54.31 53.26 40.80
CA LEU N 232 53.41 53.76 39.77
C LEU N 232 54.15 54.81 38.95
N ILE N 233 54.39 54.50 37.68
CA ILE N 233 55.18 55.36 36.80
C ILE N 233 54.21 56.21 35.98
N ARG N 234 54.42 57.52 36.00
CA ARG N 234 53.64 58.45 35.20
C ARG N 234 54.56 59.12 34.18
N HIS N 235 54.18 59.06 32.92
CA HIS N 235 55.05 59.44 31.81
C HIS N 235 54.62 60.76 31.21
N ASN N 236 55.60 61.47 30.62
CA ASN N 236 55.38 62.74 29.94
C ASN N 236 54.71 63.75 30.86
N GLU N 237 55.38 64.04 31.97
CA GLU N 237 54.86 64.95 32.98
C GLU N 237 55.92 65.98 33.35
N GLU N 238 55.45 67.21 33.55
CA GLU N 238 56.29 68.32 34.00
C GLU N 238 55.62 68.98 35.20
N TYR N 239 56.38 69.20 36.27
CA TYR N 239 55.81 69.76 37.48
C TYR N 239 55.43 71.23 37.26
N GLU N 240 54.34 71.63 37.91
CA GLU N 240 53.87 73.00 37.89
C GLU N 240 53.99 73.68 39.24
N ARG N 241 53.71 72.98 40.34
CA ARG N 241 53.84 73.56 41.66
C ARG N 241 54.02 72.44 42.69
N VAL N 242 54.80 72.72 43.73
CA VAL N 242 55.00 71.81 44.84
C VAL N 242 54.58 72.54 46.12
N GLU N 243 53.73 71.90 46.92
CA GLU N 243 53.22 72.50 48.14
C GLU N 243 53.53 71.57 49.31
N GLY N 244 54.17 72.10 50.34
CA GLY N 244 54.50 71.31 51.51
C GLY N 244 53.52 71.50 52.64
N LEU N 245 52.60 70.55 52.81
CA LEU N 245 51.65 70.60 53.91
C LEU N 245 52.27 70.00 55.17
N ASP N 246 51.53 70.06 56.27
CA ASP N 246 52.02 69.51 57.53
C ASP N 246 52.00 67.99 57.50
N ASN N 247 50.96 67.40 56.91
CA ASN N 247 50.79 65.96 56.88
C ASN N 247 51.27 65.31 55.58
N GLY N 248 51.84 66.08 54.66
CA GLY N 248 52.31 65.50 53.41
C GLY N 248 52.73 66.58 52.44
N VAL N 249 53.05 66.13 51.23
CA VAL N 249 53.47 67.00 50.14
C VAL N 249 52.55 66.76 48.96
N ILE N 250 52.06 67.84 48.36
CA ILE N 250 51.13 67.78 47.24
C ILE N 250 51.80 68.41 46.03
N LEU N 251 51.90 67.64 44.95
CA LEU N 251 52.47 68.11 43.69
C LEU N 251 51.36 68.33 42.69
N HIS N 252 51.29 69.54 42.13
CA HIS N 252 50.37 69.87 41.05
C HIS N 252 51.16 69.86 39.75
N LEU N 253 50.84 68.92 38.87
CA LEU N 253 51.54 68.77 37.62
C LEU N 253 50.95 69.68 36.55
N LYS N 254 51.72 69.91 35.49
CA LYS N 254 51.24 70.75 34.39
C LYS N 254 50.09 70.10 33.66
N SER N 255 50.05 68.76 33.63
CA SER N 255 48.94 68.05 33.00
C SER N 255 47.64 68.18 33.78
N GLY N 256 47.69 68.65 35.02
CA GLY N 256 46.50 68.82 35.84
C GLY N 256 46.40 67.85 37.00
N LYS N 257 47.24 66.82 37.04
CA LYS N 257 47.19 65.85 38.13
C LYS N 257 47.70 66.47 39.43
N LYS N 258 47.05 66.10 40.53
CA LYS N 258 47.47 66.50 41.87
C LYS N 258 47.71 65.24 42.69
N ILE N 259 48.96 65.06 43.13
CA ILE N 259 49.38 63.85 43.82
C ILE N 259 49.83 64.21 45.22
N LYS N 260 49.28 63.52 46.22
CA LYS N 260 49.61 63.75 47.62
C LYS N 260 50.35 62.55 48.18
N ALA N 261 51.43 62.82 48.91
CA ALA N 261 52.21 61.77 49.56
C ALA N 261 52.65 62.25 50.93
N ASP N 262 53.39 61.40 51.64
CA ASP N 262 53.93 61.73 52.94
C ASP N 262 55.37 62.23 52.87
N ALA N 263 55.95 62.33 51.67
CA ALA N 263 57.32 62.80 51.50
C ALA N 263 57.49 63.24 50.06
N PHE N 264 58.71 63.64 49.72
CA PHE N 264 59.02 64.09 48.37
C PHE N 264 60.53 64.02 48.17
N LEU N 265 60.94 63.57 46.98
CA LEU N 265 62.34 63.45 46.62
C LEU N 265 62.56 64.04 45.24
N TRP N 266 63.62 64.85 45.10
CA TRP N 266 63.98 65.48 43.83
C TRP N 266 65.28 64.89 43.32
N SER N 267 65.27 64.41 42.07
CA SER N 267 66.44 63.81 41.47
C SER N 267 66.61 64.24 40.01
N ASN N 268 66.20 65.46 39.69
CA ASN N 268 66.23 65.95 38.30
C ASN N 268 67.53 66.69 38.06
N GLY N 269 68.54 65.94 37.61
CA GLY N 269 69.80 66.54 37.20
C GLY N 269 70.68 66.95 38.37
N ARG N 270 71.87 67.42 38.01
CA ARG N 270 72.86 67.88 38.97
C ARG N 270 73.56 69.12 38.41
N THR N 271 74.04 69.97 39.31
CA THR N 271 74.73 71.20 38.94
C THR N 271 76.15 71.15 39.47
N GLY N 272 77.12 71.49 38.61
CA GLY N 272 78.50 71.44 39.01
C GLY N 272 78.84 72.44 40.10
N ASN N 273 79.76 72.06 40.96
CA ASN N 273 80.21 72.91 42.06
C ASN N 273 81.35 73.78 41.57
N THR N 274 80.98 74.90 40.94
CA THR N 274 81.96 75.82 40.35
C THR N 274 81.77 77.27 40.77
N ASP N 275 80.67 77.63 41.43
CA ASP N 275 80.45 79.01 41.81
C ASP N 275 81.52 79.50 42.80
N LYS N 276 81.87 78.67 43.77
CA LYS N 276 82.88 79.04 44.76
C LYS N 276 84.30 79.01 44.20
N LEU N 277 84.49 78.44 43.01
CA LEU N 277 85.84 78.34 42.46
C LEU N 277 86.39 79.71 42.07
N GLY N 278 85.55 80.61 41.57
CA GLY N 278 86.00 81.89 41.09
C GLY N 278 86.75 81.78 39.78
N LEU N 279 86.10 81.20 38.77
CA LEU N 279 86.73 81.01 37.47
C LEU N 279 86.96 82.32 36.74
N GLU N 280 86.32 83.41 37.18
CA GLU N 280 86.56 84.71 36.56
C GLU N 280 87.98 85.21 36.78
N ASN N 281 88.64 84.76 37.84
CA ASN N 281 90.02 85.16 38.11
C ASN N 281 91.02 84.51 37.19
N ILE N 282 90.61 83.50 36.42
CA ILE N 282 91.50 82.78 35.50
C ILE N 282 91.01 82.80 34.07
N GLY N 283 89.94 83.55 33.77
CA GLY N 283 89.44 83.63 32.42
C GLY N 283 88.51 82.50 32.01
N LEU N 284 88.17 81.60 32.94
CA LEU N 284 87.29 80.48 32.62
C LEU N 284 85.85 80.81 33.00
N LYS N 285 84.92 80.07 32.41
CA LYS N 285 83.50 80.26 32.64
C LYS N 285 82.82 78.91 32.82
N ALA N 286 81.69 78.93 33.52
CA ALA N 286 80.88 77.74 33.76
C ALA N 286 79.52 77.89 33.07
N ASN N 287 79.07 76.81 32.45
CA ASN N 287 77.80 76.83 31.73
C ASN N 287 76.64 76.85 32.73
N GLY N 288 75.41 76.78 32.19
CA GLY N 288 74.23 76.79 33.03
C GLY N 288 74.15 75.59 33.96
N ARG N 289 74.71 74.46 33.55
CA ARG N 289 74.71 73.25 34.35
C ARG N 289 75.88 73.20 35.34
N GLY N 290 76.74 74.21 35.35
CA GLY N 290 77.86 74.23 36.27
C GLY N 290 79.03 73.39 35.85
N GLN N 291 79.05 72.90 34.62
CA GLN N 291 80.14 72.08 34.11
C GLN N 291 81.27 72.96 33.57
N ILE N 292 82.42 72.32 33.33
CA ILE N 292 83.59 72.99 32.81
C ILE N 292 83.99 72.32 31.51
N GLN N 293 84.12 73.12 30.45
CA GLN N 293 84.49 72.57 29.14
C GLN N 293 85.95 72.13 29.14
N VAL N 294 86.19 70.91 28.68
CA VAL N 294 87.53 70.36 28.58
C VAL N 294 87.71 69.74 27.20
N ASP N 295 88.97 69.62 26.78
CA ASP N 295 89.30 69.03 25.50
C ASP N 295 89.47 67.52 25.66
N GLU N 296 90.02 66.85 24.64
CA GLU N 296 90.25 65.42 24.73
C GLU N 296 91.34 65.08 25.75
N HIS N 297 92.14 66.05 26.17
CA HIS N 297 93.17 65.85 27.19
C HIS N 297 92.70 66.25 28.58
N TYR N 298 91.40 66.52 28.76
CA TYR N 298 90.85 66.95 30.04
C TYR N 298 91.52 68.22 30.55
N ARG N 299 91.89 69.09 29.62
CA ARG N 299 92.53 70.36 29.92
C ARG N 299 91.57 71.50 29.66
N THR N 300 91.48 72.43 30.62
CA THR N 300 90.60 73.59 30.49
C THR N 300 91.23 74.60 29.52
N GLU N 301 90.62 75.77 29.42
CA GLU N 301 91.17 76.82 28.57
C GLU N 301 92.56 77.23 29.03
N VAL N 302 92.75 77.34 30.36
CA VAL N 302 94.08 77.58 30.89
C VAL N 302 94.95 76.36 30.66
N SER N 303 96.21 76.59 30.26
CA SER N 303 97.09 75.48 29.91
C SER N 303 97.40 74.59 31.10
N ASN N 304 97.62 75.17 32.27
CA ASN N 304 98.04 74.42 33.45
C ASN N 304 96.89 74.06 34.38
N ILE N 305 95.65 74.29 33.97
CA ILE N 305 94.48 73.99 34.78
C ILE N 305 93.68 72.89 34.08
N TYR N 306 93.40 71.82 34.82
CA TYR N 306 92.72 70.64 34.29
C TYR N 306 91.47 70.36 35.12
N ALA N 307 90.45 69.81 34.46
CA ALA N 307 89.20 69.46 35.11
C ALA N 307 88.83 68.02 34.77
N ALA N 308 88.21 67.33 35.72
CA ALA N 308 87.81 65.95 35.53
C ALA N 308 86.62 65.64 36.43
N GLY N 309 85.95 64.54 36.13
CA GLY N 309 84.79 64.15 36.90
C GLY N 309 83.57 65.01 36.60
N ASP N 310 82.72 65.16 37.60
CA ASP N 310 81.52 65.97 37.47
C ASP N 310 81.85 67.46 37.42
N TRP N 314 78.70 64.74 32.26
CA TRP N 314 78.74 63.48 31.54
C TRP N 314 80.11 62.81 31.66
N PRO N 315 80.11 61.50 31.95
CA PRO N 315 78.95 60.62 32.16
C PRO N 315 78.51 60.59 33.61
N SER N 316 79.20 61.33 34.49
CA SER N 316 78.84 61.45 35.90
C SER N 316 78.77 60.08 36.58
N LEU N 317 79.83 59.29 36.40
CA LEU N 317 79.95 57.99 37.03
C LEU N 317 81.22 57.95 37.86
N ALA N 318 81.13 57.34 39.05
CA ALA N 318 82.25 57.35 39.98
C ALA N 318 83.48 56.67 39.40
N SER N 319 83.31 55.50 38.79
CA SER N 319 84.43 54.86 38.11
C SER N 319 84.89 55.69 36.92
N ALA N 320 83.94 56.24 36.15
CA ALA N 320 84.30 57.10 35.03
C ALA N 320 85.01 58.36 35.52
N ALA N 321 84.56 58.93 36.63
CA ALA N 321 85.25 60.09 37.19
C ALA N 321 86.66 59.73 37.64
N TYR N 322 86.83 58.56 38.25
CA TYR N 322 88.15 58.11 38.68
C TYR N 322 89.07 57.97 37.48
N ASP N 323 88.59 57.34 36.42
CA ASP N 323 89.40 57.18 35.22
C ASP N 323 89.71 58.53 34.57
N GLN N 324 88.75 59.44 34.55
CA GLN N 324 88.98 60.77 33.99
C GLN N 324 90.03 61.53 34.78
N GLY N 325 89.97 61.45 36.11
CA GLY N 325 91.00 62.10 36.92
C GLY N 325 92.37 61.50 36.72
N ARG N 326 92.44 60.17 36.62
CA ARG N 326 93.72 59.52 36.36
C ARG N 326 94.27 59.93 35.00
N SER N 327 93.41 60.00 33.98
CA SER N 327 93.86 60.43 32.66
C SER N 327 94.31 61.88 32.67
N ALA N 328 93.62 62.74 33.41
CA ALA N 328 94.05 64.13 33.52
C ALA N 328 95.40 64.25 34.21
N ALA N 329 95.62 63.46 35.26
CA ALA N 329 96.93 63.45 35.91
C ALA N 329 98.02 62.96 34.95
N GLY N 330 97.71 61.92 34.18
CA GLY N 330 98.66 61.44 33.18
C GLY N 330 98.98 62.49 32.13
N SER N 331 97.95 63.22 31.69
CA SER N 331 98.18 64.31 30.74
C SER N 331 99.06 65.39 31.36
N ILE N 332 98.85 65.69 32.64
CA ILE N 332 99.71 66.65 33.33
C ILE N 332 101.15 66.16 33.34
N THR N 333 101.35 64.89 33.66
CA THR N 333 102.69 64.31 33.71
C THR N 333 103.20 63.83 32.36
N GLU N 334 102.31 63.67 31.38
CA GLU N 334 102.68 63.21 30.03
C GLU N 334 103.47 61.91 30.08
N ASN N 335 103.02 60.98 30.93
CA ASN N 335 103.64 59.67 31.09
C ASN N 335 102.93 58.59 30.27
N ASP N 336 102.32 58.96 29.15
CA ASP N 336 101.66 58.06 28.21
C ASP N 336 100.47 57.32 28.84
N SER N 337 100.00 57.75 30.01
CA SER N 337 98.85 57.14 30.66
C SER N 337 97.54 57.85 30.32
N TRP N 338 97.58 58.87 29.46
CA TRP N 338 96.36 59.55 29.06
C TRP N 338 95.48 58.65 28.21
N ARG N 339 94.18 58.72 28.45
CA ARG N 339 93.20 57.99 27.64
C ARG N 339 91.85 58.66 27.81
N PHE N 340 91.20 58.96 26.69
CA PHE N 340 89.89 59.59 26.73
C PHE N 340 88.86 58.56 27.18
N VAL N 341 88.09 58.90 28.22
CA VAL N 341 87.10 58.00 28.81
C VAL N 341 85.78 58.25 28.09
N ASP N 342 85.43 57.36 27.15
CA ASP N 342 84.18 57.52 26.41
C ASP N 342 83.30 56.27 26.47
N ASP N 343 83.89 55.08 26.46
CA ASP N 343 83.12 53.83 26.43
C ASP N 343 82.87 53.35 27.86
N VAL N 344 82.16 54.18 28.61
CA VAL N 344 81.79 53.88 29.99
C VAL N 344 80.62 52.91 29.96
N PRO N 345 80.72 51.75 30.59
CA PRO N 345 79.57 50.82 30.65
C PRO N 345 78.51 51.35 31.60
N THR N 346 77.32 51.64 31.05
CA THR N 346 76.23 52.16 31.85
C THR N 346 75.79 51.13 32.89
N GLY N 347 75.70 51.55 34.15
CA GLY N 347 75.29 50.67 35.22
C GLY N 347 74.33 51.34 36.19
N ILE N 348 73.14 50.75 36.36
CA ILE N 348 72.10 51.28 37.23
C ILE N 348 71.79 50.23 38.29
N TYR N 349 71.95 50.61 39.56
CA TYR N 349 71.85 49.67 40.68
C TYR N 349 70.46 49.72 41.31
N THR N 350 69.46 49.28 40.54
CA THR N 350 68.12 49.09 41.07
C THR N 350 67.97 47.64 41.52
N ILE N 351 66.74 47.24 41.82
CA ILE N 351 66.44 45.85 42.19
C ILE N 351 65.55 45.25 41.11
N PRO N 352 66.10 44.42 40.22
CA PRO N 352 67.50 43.98 40.12
C PRO N 352 68.36 44.98 39.32
N GLU N 353 69.64 44.70 39.16
CA GLU N 353 70.55 45.65 38.54
C GLU N 353 70.40 45.65 37.02
N ILE N 354 70.96 46.68 36.38
CA ILE N 354 70.92 46.83 34.94
C ILE N 354 72.28 47.31 34.47
N SER N 355 72.77 46.76 33.36
CA SER N 355 74.01 47.24 32.79
C SER N 355 73.98 47.12 31.28
N SER N 356 74.79 47.94 30.63
CA SER N 356 74.85 47.95 29.17
C SER N 356 76.22 48.47 28.74
N VAL N 357 76.66 48.03 27.58
CA VAL N 357 77.93 48.47 27.00
C VAL N 357 77.83 48.39 25.48
N GLY N 358 78.19 49.48 24.82
CA GLY N 358 78.17 49.51 23.37
C GLY N 358 76.85 50.00 22.81
N LYS N 359 76.68 49.76 21.51
CA LYS N 359 75.50 50.23 20.80
C LYS N 359 74.25 49.48 21.24
N THR N 360 73.12 50.18 21.25
CA THR N 360 71.85 49.58 21.57
C THR N 360 71.19 49.02 20.31
N GLU N 361 69.97 48.51 20.47
CA GLU N 361 69.24 47.98 19.32
C GLU N 361 68.74 49.08 18.41
N ARG N 362 68.26 50.19 19.00
CA ARG N 362 67.75 51.29 18.19
C ARG N 362 68.86 51.92 17.35
N GLU N 363 70.05 52.10 17.94
CA GLU N 363 71.16 52.67 17.19
C GLU N 363 71.58 51.77 16.04
N LEU N 364 71.64 50.46 16.29
CA LEU N 364 72.00 49.53 15.22
C LEU N 364 70.95 49.51 14.12
N THR N 365 69.66 49.58 14.49
CA THR N 365 68.61 49.64 13.48
C THR N 365 68.71 50.92 12.66
N GLN N 366 68.99 52.05 13.31
CA GLN N 366 69.14 53.30 12.58
C GLN N 366 70.35 53.26 11.65
N ALA N 367 71.43 52.63 12.09
CA ALA N 367 72.66 52.55 11.29
C ALA N 367 72.61 51.44 10.25
N LYS N 368 71.53 50.66 10.20
CA LYS N 368 71.35 49.61 9.20
C LYS N 368 72.46 48.57 9.25
N VAL N 369 72.98 48.29 10.45
CA VAL N 369 74.00 47.26 10.61
C VAL N 369 73.33 45.88 10.63
N PRO N 370 73.76 44.94 9.79
CA PRO N 370 73.16 43.61 9.81
C PRO N 370 73.60 42.78 11.00
N TYR N 371 72.95 43.00 12.16
CA TYR N 371 73.30 42.33 13.39
C TYR N 371 72.32 41.19 13.69
N GLU N 372 72.54 40.53 14.82
CA GLU N 372 71.66 39.46 15.29
C GLU N 372 71.70 39.45 16.80
N VAL N 373 70.65 38.87 17.39
CA VAL N 373 70.39 38.95 18.82
C VAL N 373 70.46 37.54 19.42
N GLY N 374 71.24 37.40 20.49
CA GLY N 374 71.28 36.18 21.27
C GLY N 374 70.82 36.44 22.69
N LYS N 375 69.80 35.72 23.14
CA LYS N 375 69.19 35.96 24.44
C LYS N 375 69.46 34.81 25.40
N ALA N 376 69.53 35.14 26.68
CA ALA N 376 69.69 34.16 27.75
C ALA N 376 68.84 34.61 28.92
N PHE N 377 67.80 33.86 29.23
CA PHE N 377 66.85 34.25 30.27
C PHE N 377 67.25 33.66 31.61
N PHE N 378 67.17 34.47 32.66
CA PHE N 378 67.59 34.05 33.98
C PHE N 378 66.59 33.09 34.63
N LYS N 379 65.37 32.99 34.10
CA LYS N 379 64.34 32.18 34.75
C LYS N 379 64.70 30.71 34.75
N GLY N 380 65.36 30.22 33.70
CA GLY N 380 65.73 28.82 33.62
C GLY N 380 67.21 28.61 33.87
N MET N 381 67.76 29.38 34.80
CA MET N 381 69.20 29.41 35.04
C MET N 381 69.51 28.87 36.44
N ALA N 382 70.52 28.02 36.52
CA ALA N 382 70.84 27.36 37.78
C ALA N 382 71.22 28.37 38.87
N ARG N 383 72.16 29.27 38.56
CA ARG N 383 72.60 30.24 39.55
C ARG N 383 71.49 31.23 39.90
N ALA N 384 70.74 31.68 38.89
CA ALA N 384 69.64 32.61 39.15
C ALA N 384 68.55 31.96 39.98
N GLN N 385 68.19 30.71 39.67
CA GLN N 385 67.18 30.01 40.47
C GLN N 385 67.68 29.76 41.89
N ILE N 386 68.95 29.38 42.03
CA ILE N 386 69.47 29.07 43.36
C ILE N 386 69.66 30.33 44.19
N ALA N 387 69.75 31.49 43.54
CA ALA N 387 69.79 32.77 44.25
C ALA N 387 68.40 33.35 44.49
N VAL N 388 67.35 32.63 44.09
CA VAL N 388 65.96 33.06 44.25
C VAL N 388 65.77 34.39 43.52
N GLU N 389 66.45 34.55 42.39
CA GLU N 389 66.31 35.71 41.52
C GLU N 389 66.04 35.19 40.12
N LYS N 390 64.77 34.93 39.82
CA LYS N 390 64.39 34.36 38.53
C LYS N 390 64.19 35.42 37.45
N ALA N 391 63.72 36.61 37.82
CA ALA N 391 63.53 37.67 36.84
C ALA N 391 64.87 38.20 36.36
N GLY N 392 65.00 38.38 35.06
CA GLY N 392 66.22 38.90 34.46
C GLY N 392 66.44 38.33 33.08
N MET N 393 67.34 38.97 32.33
CA MET N 393 67.65 38.55 30.97
C MET N 393 69.01 39.13 30.58
N LEU N 394 69.64 38.49 29.59
CA LEU N 394 70.88 38.97 29.01
C LEU N 394 70.75 38.94 27.50
N LYS N 395 71.11 40.04 26.84
CA LYS N 395 71.00 40.16 25.39
C LYS N 395 72.37 40.51 24.82
N ILE N 396 72.76 39.80 23.77
CA ILE N 396 74.03 40.02 23.08
C ILE N 396 73.74 40.36 21.63
N LEU N 397 74.29 41.49 21.17
CA LEU N 397 74.18 41.90 19.78
C LEU N 397 75.49 41.57 19.08
N PHE N 398 75.43 40.74 18.04
CA PHE N 398 76.63 40.32 17.34
C PHE N 398 76.43 40.43 15.84
N HIS N 399 77.49 40.79 15.12
CA HIS N 399 77.40 40.94 13.68
C HIS N 399 77.08 39.60 13.03
N ARG N 400 76.19 39.64 12.04
CA ARG N 400 75.70 38.40 11.45
C ARG N 400 76.71 37.76 10.50
N GLU N 401 77.68 38.53 10.01
CA GLU N 401 78.67 38.02 9.06
C GLU N 401 80.01 37.73 9.73
N THR N 402 80.61 38.73 10.38
CA THR N 402 81.91 38.57 11.00
C THR N 402 81.85 38.05 12.43
N LEU N 403 80.65 37.85 12.98
CA LEU N 403 80.45 37.37 14.35
C LEU N 403 81.06 38.32 15.38
N GLU N 404 81.28 39.58 15.02
CA GLU N 404 81.84 40.53 15.96
C GLU N 404 80.76 41.12 16.83
N ILE N 405 81.10 41.36 18.10
CA ILE N 405 80.13 41.84 19.09
C ILE N 405 80.01 43.35 18.96
N LEU N 406 78.77 43.84 18.90
CA LEU N 406 78.51 45.27 18.79
C LEU N 406 77.88 45.88 20.04
N GLY N 407 77.40 45.06 20.97
CA GLY N 407 76.80 45.58 22.18
C GLY N 407 76.27 44.50 23.10
N VAL N 408 76.36 44.72 24.41
CA VAL N 408 75.90 43.76 25.41
C VAL N 408 74.98 44.49 26.37
N HIS N 409 73.79 43.93 26.60
CA HIS N 409 72.81 44.47 27.52
C HIS N 409 72.40 43.38 28.48
N CYS N 410 72.41 43.68 29.79
CA CYS N 410 72.01 42.71 30.80
C CYS N 410 71.14 43.38 31.83
N PHE N 411 70.19 42.61 32.36
CA PHE N 411 69.27 43.08 33.39
C PHE N 411 68.93 41.90 34.29
N GLY N 412 69.11 42.06 35.58
CA GLY N 412 68.81 41.00 36.52
C GLY N 412 69.81 41.01 37.66
N TYR N 413 70.09 39.80 38.16
CA TYR N 413 70.98 39.62 39.29
C TYR N 413 72.44 39.66 38.82
N GLN N 414 73.25 40.46 39.51
CA GLN N 414 74.69 40.58 39.23
C GLN N 414 74.93 41.00 37.77
N ALA N 415 74.12 41.93 37.27
CA ALA N 415 74.30 42.43 35.92
C ALA N 415 75.62 43.17 35.77
N SER N 416 75.97 44.00 36.76
CA SER N 416 77.21 44.76 36.68
C SER N 416 78.43 43.86 36.68
N GLU N 417 78.43 42.80 37.49
CA GLU N 417 79.58 41.89 37.54
C GLU N 417 79.63 40.95 36.35
N ILE N 418 78.54 40.82 35.60
CA ILE N 418 78.53 39.90 34.46
C ILE N 418 78.76 40.65 33.13
N VAL N 419 78.46 41.94 33.08
CA VAL N 419 78.66 42.69 31.84
C VAL N 419 80.14 42.85 31.52
N HIS N 420 81.03 42.64 32.50
CA HIS N 420 82.44 42.93 32.29
C HIS N 420 83.10 41.92 31.35
N ILE N 421 82.64 40.66 31.35
CA ILE N 421 83.16 39.70 30.39
C ILE N 421 82.83 40.12 28.97
N GLY N 422 81.59 40.53 28.73
CA GLY N 422 81.22 41.01 27.42
C GLY N 422 81.96 42.28 27.03
N GLN N 423 82.19 43.16 28.00
CA GLN N 423 82.97 44.37 27.73
C GLN N 423 84.41 44.03 27.36
N ALA N 424 85.01 43.06 28.06
CA ALA N 424 86.38 42.67 27.77
C ALA N 424 86.49 42.03 26.39
N ILE N 425 85.52 41.18 26.03
CA ILE N 425 85.54 40.59 24.69
C ILE N 425 85.29 41.65 23.64
N MET N 426 84.44 42.64 23.93
CA MET N 426 84.13 43.67 22.95
C MET N 426 85.33 44.53 22.62
N ASN N 427 86.14 44.88 23.63
CA ASN N 427 87.24 45.82 23.43
C ASN N 427 88.35 45.27 22.54
N GLN N 428 88.34 43.97 22.24
CA GLN N 428 89.37 43.39 21.39
C GLN N 428 89.21 43.88 19.96
N LYS N 429 90.29 43.79 19.19
CA LYS N 429 90.36 44.33 17.84
C LYS N 429 90.19 43.22 16.81
N GLY N 430 89.34 43.47 15.82
CA GLY N 430 89.24 42.55 14.68
C GLY N 430 88.66 41.21 15.08
N GLU N 431 89.29 40.14 14.57
CA GLU N 431 88.79 38.79 14.79
C GLU N 431 88.89 38.35 16.25
N ALA N 432 89.74 39.01 17.04
CA ALA N 432 89.84 38.66 18.46
C ALA N 432 88.49 38.89 19.16
N ASN N 433 87.83 39.99 18.84
CA ASN N 433 86.46 40.21 19.28
C ASN N 433 85.53 39.34 18.44
N THR N 434 84.93 38.32 19.05
CA THR N 434 84.05 37.40 18.36
C THR N 434 83.12 36.72 19.35
N LEU N 435 81.93 36.36 18.87
CA LEU N 435 81.01 35.57 19.68
C LEU N 435 81.55 34.15 19.88
N LYS N 436 82.34 33.66 18.93
CA LYS N 436 82.85 32.29 19.00
C LYS N 436 83.75 32.06 20.21
N TYR N 437 84.21 33.13 20.86
CA TYR N 437 84.94 32.95 22.11
C TYR N 437 84.08 32.26 23.15
N PHE N 438 82.79 32.64 23.24
CA PHE N 438 81.92 32.06 24.26
C PHE N 438 81.64 30.59 24.01
N ILE N 439 81.84 30.09 22.79
CA ILE N 439 81.70 28.68 22.51
C ILE N 439 83.02 27.93 22.61
N ASN N 440 84.15 28.64 22.58
CA ASN N 440 85.47 28.02 22.63
C ASN N 440 86.16 28.21 23.98
N THR N 441 85.44 28.65 25.00
CA THR N 441 86.02 28.92 26.31
C THR N 441 85.22 28.19 27.38
N THR N 442 85.94 27.67 28.39
CA THR N 442 85.31 26.96 29.49
C THR N 442 85.12 27.92 30.66
N PHE N 443 83.87 28.05 31.12
CA PHE N 443 83.51 28.91 32.23
C PHE N 443 83.34 28.07 33.50
N ASN N 444 82.87 28.71 34.56
CA ASN N 444 82.57 28.01 35.80
C ASN N 444 81.09 27.60 35.83
N TYR N 445 80.74 26.81 36.84
CA TYR N 445 79.40 26.24 36.92
C TYR N 445 79.11 25.80 38.34
N PRO N 446 77.96 26.17 38.92
CA PRO N 446 76.92 27.04 38.37
C PRO N 446 77.12 28.51 38.74
N THR N 447 77.41 29.36 37.76
CA THR N 447 77.57 30.79 38.00
C THR N 447 76.73 31.56 36.99
N MET N 448 76.78 32.89 37.10
CA MET N 448 76.07 33.75 36.17
C MET N 448 76.69 33.76 34.79
N ALA N 449 78.00 33.60 34.68
CA ALA N 449 78.69 33.73 33.39
C ALA N 449 78.20 32.70 32.38
N GLU N 450 77.65 31.57 32.86
CA GLU N 450 77.11 30.57 31.95
C GLU N 450 76.06 31.17 31.03
N ALA N 451 75.38 32.22 31.48
CA ALA N 451 74.48 33.00 30.64
C ALA N 451 75.07 33.22 29.26
N TYR N 452 76.28 33.80 29.22
CA TYR N 452 76.94 34.09 27.96
C TYR N 452 76.95 32.87 27.06
N ARG N 453 77.40 31.73 27.60
CA ARG N 453 77.41 30.49 26.84
C ARG N 453 76.05 30.26 26.19
N VAL N 454 74.99 30.20 27.01
CA VAL N 454 73.65 29.97 26.48
C VAL N 454 73.32 31.02 25.43
N ALA N 455 73.59 32.29 25.75
CA ALA N 455 73.28 33.37 24.83
C ALA N 455 73.97 33.12 23.50
N ALA N 456 75.23 32.73 23.53
CA ALA N 456 75.98 32.47 22.31
C ALA N 456 75.22 31.48 21.43
N TYR N 457 74.76 30.37 22.01
CA TYR N 457 74.04 29.38 21.22
C TYR N 457 72.73 29.97 20.71
N ASP N 458 72.02 30.72 21.56
CA ASP N 458 70.80 31.38 21.11
C ASP N 458 71.08 32.41 20.04
N GLY N 459 72.34 32.84 19.93
CA GLY N 459 72.75 33.68 18.82
C GLY N 459 73.19 32.84 17.63
N LEU N 460 73.87 31.72 17.90
CA LEU N 460 74.44 30.93 16.81
C LEU N 460 73.38 30.11 16.08
N ASN N 461 72.20 29.94 16.66
CA ASN N 461 71.15 29.19 15.98
C ASN N 461 70.51 30.01 14.86
N ARG N 462 70.55 31.33 14.96
CA ARG N 462 69.87 32.19 13.98
C ARG N 462 70.61 32.25 12.65
N LEU N 463 71.93 32.11 12.63
CA LEU N 463 72.66 32.15 11.37
C LEU N 463 72.37 30.91 10.54
N PHE N 464 72.60 31.02 9.23
CA PHE N 464 72.27 29.94 8.32
C PHE N 464 73.34 29.78 7.25
PA FAD O . -48.43 2.06 -14.19
O1A FAD O . -47.63 1.21 -15.11
O2A FAD O . -49.37 1.29 -13.25
O5B FAD O . -47.50 2.98 -13.31
C5B FAD O . -47.77 3.21 -11.92
C4B FAD O . -46.54 2.95 -11.09
O4B FAD O . -46.51 3.88 -9.98
C3B FAD O . -46.46 1.57 -10.46
O3B FAD O . -45.11 1.13 -10.35
C2B FAD O . -47.09 1.78 -9.09
O2B FAD O . -46.63 0.83 -8.14
C1B FAD O . -46.56 3.17 -8.75
N9A FAD O . -47.38 3.91 -7.81
C8A FAD O . -48.73 3.83 -7.64
N7A FAD O . -49.22 4.61 -6.71
C5A FAD O . -48.10 5.28 -6.23
C6A FAD O . -47.93 6.26 -5.23
N6A FAD O . -48.93 6.75 -4.50
N1A FAD O . -46.67 6.70 -5.00
C2A FAD O . -45.67 6.20 -5.72
N3A FAD O . -45.71 5.28 -6.69
C4A FAD O . -46.96 4.86 -6.90
N1 FAD O . -51.35 -2.12 -22.15
C2 FAD O . -50.90 -2.13 -23.43
O2 FAD O . -50.71 -1.08 -24.06
N3 FAD O . -50.65 -3.33 -24.07
C4 FAD O . -50.80 -4.59 -23.53
O4 FAD O . -50.53 -5.59 -24.19
C4X FAD O . -51.27 -4.57 -22.15
N5 FAD O . -51.44 -5.71 -21.55
C5X FAD O . -51.89 -5.70 -20.24
C6 FAD O . -52.09 -6.91 -19.58
C7 FAD O . -52.54 -6.95 -18.26
C7M FAD O . -52.72 -8.28 -17.58
C8 FAD O . -52.80 -5.74 -17.59
C8M FAD O . -53.29 -5.75 -16.16
C9 FAD O . -52.61 -4.53 -18.24
C9A FAD O . -52.16 -4.50 -19.55
N10 FAD O . -51.96 -3.29 -20.25
C10 FAD O . -51.52 -3.28 -21.55
C1' FAD O . -52.22 -2.00 -19.60
C2' FAD O . -51.00 -1.42 -18.91
O2' FAD O . -50.80 -2.03 -17.63
C3' FAD O . -51.21 0.09 -18.72
O3' FAD O . -51.76 0.63 -19.92
C4' FAD O . -49.93 0.86 -18.36
O4' FAD O . -48.99 -0.03 -17.77
C5' FAD O . -50.21 2.04 -17.45
O5' FAD O . -49.07 2.92 -17.46
P FAD O . -48.79 3.90 -16.26
O1P FAD O . -47.29 4.14 -16.10
O2P FAD O . -49.59 5.14 -16.42
O3P FAD O . -49.30 3.08 -15.01
PA FAD P . 34.97 34.18 59.58
O1A FAD P . 35.88 34.40 58.43
O2A FAD P . 34.44 32.76 59.72
O5B FAD P . 35.66 34.62 60.93
C5B FAD P . 36.06 33.63 61.90
C4B FAD P . 37.45 33.97 62.40
O4B FAD P . 37.36 34.41 63.78
C3B FAD P . 38.43 32.79 62.40
O3B FAD P . 39.75 33.24 62.13
C2B FAD P . 38.30 32.25 63.82
O2B FAD P . 39.46 31.55 64.25
C1B FAD P . 38.15 33.56 64.60
N9A FAD P . 37.51 33.43 65.90
C8A FAD P . 36.27 32.89 66.15
N7A FAD P . 35.95 32.89 67.43
C5A FAD P . 37.05 33.45 68.05
C6A FAD P . 37.35 33.73 69.40
N6A FAD P . 36.51 33.46 70.41
N1A FAD P . 38.53 34.29 69.69
C2A FAD P . 39.37 34.56 68.68
N3A FAD P . 39.20 34.35 67.37
C4A FAD P . 38.02 33.78 67.12
N1 FAD P . 31.03 32.34 51.34
C2 FAD P . 30.97 33.04 50.17
O2 FAD P . 30.64 34.23 50.14
N3 FAD P . 31.31 32.43 48.98
C4 FAD P . 31.71 31.12 48.83
O4 FAD P . 31.99 30.69 47.71
C4X FAD P . 31.76 30.37 50.07
N5 FAD P . 32.14 29.13 50.02
C5X FAD P . 32.19 28.42 51.21
C6 FAD P . 32.59 27.07 51.18
C7 FAD P . 32.65 26.32 52.34
C7M FAD P . 33.09 24.89 52.27
C8 FAD P . 32.32 26.92 53.58
C8M FAD P . 32.38 26.13 54.86
C9 FAD P . 31.92 28.25 53.61
C9A FAD P . 31.86 28.99 52.44
N10 FAD P . 31.46 30.34 52.45
C10 FAD P . 31.41 31.07 51.28
C1' FAD P . 31.09 31.02 53.70
C2' FAD P . 32.28 31.64 54.42
O2' FAD P . 32.91 30.68 55.28
C3' FAD P . 31.79 32.82 55.27
O3' FAD P . 30.94 33.63 54.47
C4' FAD P . 32.92 33.69 55.83
O4' FAD P . 33.97 32.86 56.31
C5' FAD P . 32.43 34.63 56.92
O5' FAD P . 33.39 35.69 57.08
P FAD P . 33.62 36.38 58.48
O1P FAD P . 34.97 37.12 58.51
O2P FAD P . 32.46 37.23 58.83
O3P FAD P . 33.72 35.16 59.47
PA FAD Q . 9.34 7.44 -24.36
O1A FAD Q . 8.66 6.79 -23.22
O2A FAD Q . 10.87 7.44 -24.32
O5B FAD Q . 8.82 8.92 -24.52
C5B FAD Q . 9.74 10.02 -24.68
C4B FAD Q . 10.21 10.48 -23.32
O4B FAD Q . 11.40 11.29 -23.48
C3B FAD Q . 9.23 11.36 -22.57
O3B FAD Q . 9.39 11.21 -21.16
C2B FAD Q . 9.62 12.77 -23.02
O2B FAD Q . 9.26 13.76 -22.07
C1B FAD Q . 11.13 12.63 -23.12
N9A FAD Q . 11.75 13.50 -24.12
C8A FAD Q . 11.28 13.79 -25.36
N7A FAD Q . 12.03 14.62 -26.05
C5A FAD Q . 13.07 14.90 -25.18
C6A FAD Q . 14.22 15.72 -25.31
N6A FAD Q . 14.51 16.43 -26.40
N1A FAD Q . 15.06 15.78 -24.25
C2A FAD Q . 14.78 15.06 -23.16
N3A FAD Q . 13.73 14.25 -22.93
C4A FAD Q . 12.91 14.22 -23.99
N1 FAD Q . 2.38 0.79 -26.68
C2 FAD Q . 2.37 -0.55 -26.38
O2 FAD Q . 3.27 -1.30 -26.77
N3 FAD Q . 1.33 -1.07 -25.63
C4 FAD Q . 0.26 -0.38 -25.13
O4 FAD Q . -0.60 -0.96 -24.47
C4X FAD Q . 0.28 1.04 -25.44
N5 FAD Q . -0.71 1.78 -25.00
C5X FAD Q . -0.68 3.13 -25.31
C6 FAD Q . -1.72 3.94 -24.85
C7 FAD Q . -1.75 5.30 -25.13
C7M FAD Q . -2.88 6.15 -24.62
C8 FAD Q . -0.71 5.87 -25.89
C8M FAD Q . -0.71 7.35 -26.21
C9 FAD Q . 0.32 5.07 -26.35
C9A FAD Q . 0.35 3.71 -26.07
N10 FAD Q . 1.39 2.87 -26.52
C10 FAD Q . 1.38 1.53 -26.23
C1' FAD Q . 2.50 3.41 -27.32
C2' FAD Q . 3.66 3.89 -26.46
O2' FAD Q . 3.46 5.24 -26.06
C3' FAD Q . 4.96 3.81 -27.29
O3' FAD Q . 4.87 2.69 -28.16
C4' FAD Q . 6.22 3.70 -26.46
O4' FAD Q . 5.87 3.39 -25.10
C5' FAD Q . 7.07 4.95 -26.52
O5' FAD Q . 8.44 4.57 -26.80
P FAD Q . 9.64 5.51 -26.38
O1P FAD Q . 10.48 4.84 -25.31
O2P FAD Q . 10.38 5.96 -27.58
O3P FAD Q . 8.90 6.75 -25.72
PA FAD R . -14.16 -38.62 -13.95
O1A FAD R . -14.93 -38.00 -15.05
O2A FAD R . -13.81 -37.66 -12.80
O5B FAD R . -14.91 -39.87 -13.36
C5B FAD R . -16.33 -39.86 -13.10
C4B FAD R . -17.07 -40.31 -14.32
O4B FAD R . -17.35 -41.72 -14.24
C3B FAD R . -18.42 -39.62 -14.55
O3B FAD R . -18.66 -39.41 -15.94
C2B FAD R . -19.40 -40.64 -13.95
O2B FAD R . -20.70 -40.54 -14.52
C1B FAD R . -18.73 -41.95 -14.35
N9A FAD R . -19.10 -43.08 -13.51
C8A FAD R . -18.93 -43.20 -12.15
N7A FAD R . -19.35 -44.33 -11.66
C5A FAD R . -19.83 -45.02 -12.76
C6A FAD R . -20.42 -46.29 -12.92
N6A FAD R . -20.63 -47.13 -11.91
N1A FAD R . -20.79 -46.66 -14.16
C2A FAD R . -20.58 -45.82 -15.17
N3A FAD R . -20.04 -44.61 -15.15
C4A FAD R . -19.68 -44.25 -13.91
N1 FAD R . -8.32 -31.59 -12.38
C2 FAD R . -7.63 -30.72 -13.19
O2 FAD R . -6.97 -31.11 -14.15
N3 FAD R . -7.70 -29.36 -12.93
C4 FAD R . -8.40 -28.75 -11.92
O4 FAD R . -8.37 -27.53 -11.79
C4X FAD R . -9.11 -29.69 -11.06
N5 FAD R . -9.80 -29.19 -10.07
C5X FAD R . -10.49 -30.08 -9.26
C6 FAD R . -11.23 -29.57 -8.19
C7 FAD R . -11.93 -30.43 -7.35
C7M FAD R . -12.73 -29.85 -6.21
C8 FAD R . -11.90 -31.81 -7.57
C8M FAD R . -12.65 -32.77 -6.67
C9 FAD R . -11.16 -32.32 -8.63
C9A FAD R . -10.45 -31.47 -9.48
N10 FAD R . -9.70 -31.95 -10.56
C10 FAD R . -9.01 -31.09 -11.38
C1' FAD R . -9.62 -33.39 -10.85
C2' FAD R . -10.77 -33.89 -11.72
O2' FAD R . -11.87 -34.29 -10.92
C3' FAD R . -10.28 -35.08 -12.54
O3' FAD R . -8.98 -34.79 -13.06
C4' FAD R . -11.21 -35.45 -13.70
O4' FAD R . -12.54 -35.61 -13.20
C5' FAD R . -10.78 -36.71 -14.42
O5' FAD R . -11.82 -37.12 -15.33
P FAD R . -12.01 -38.63 -15.73
O1P FAD R . -12.91 -38.73 -16.96
O2P FAD R . -10.70 -39.31 -15.85
O3P FAD R . -12.81 -39.23 -14.49
PA FAD S . -41.22 -18.21 -62.29
O1A FAD S . -42.16 -18.27 -61.15
O2A FAD S . -40.01 -19.14 -62.21
O5B FAD S . -41.96 -18.47 -63.64
C5B FAD S . -41.58 -19.56 -64.51
C4B FAD S . -42.69 -20.58 -64.57
O4B FAD S . -42.96 -20.89 -65.96
C3B FAD S . -42.37 -21.92 -63.92
O3B FAD S . -43.55 -22.56 -63.46
C2B FAD S . -41.73 -22.70 -65.08
O2B FAD S . -41.84 -24.10 -64.91
C1B FAD S . -42.58 -22.22 -66.25
N9A FAD S . -41.89 -22.24 -67.53
C8A FAD S . -40.56 -22.04 -67.76
N7A FAD S . -40.21 -22.13 -69.02
C5A FAD S . -41.40 -22.40 -69.67
C6A FAD S . -41.71 -22.61 -71.03
N6A FAD S . -40.81 -22.57 -72.01
N1A FAD S . -43.00 -22.86 -71.34
C2A FAD S . -43.90 -22.91 -70.36
N3A FAD S . -43.73 -22.73 -69.05
C4A FAD S . -42.44 -22.48 -68.77
N1 FAD S . -38.14 -14.19 -54.29
C2 FAD S . -38.78 -13.37 -53.42
O2 FAD S . -39.31 -12.31 -53.78
N3 FAD S . -38.87 -13.71 -52.09
C4 FAD S . -38.35 -14.84 -51.51
O4 FAD S . -38.47 -15.03 -50.30
C4X FAD S . -37.66 -15.71 -52.44
N5 FAD S . -37.13 -16.82 -51.98
C5X FAD S . -36.48 -17.65 -52.87
C6 FAD S . -35.91 -18.83 -52.40
C7 FAD S . -35.25 -19.69 -53.25
C7M FAD S . -34.65 -20.96 -52.70
C8 FAD S . -35.15 -19.39 -54.62
C8M FAD S . -34.43 -20.31 -55.57
C9 FAD S . -35.71 -18.21 -55.10
C9A FAD S . -36.37 -17.34 -54.23
N10 FAD S . -36.97 -16.14 -54.69
C10 FAD S . -37.61 -15.30 -53.82
C1' FAD S . -36.89 -15.76 -56.10
C2' FAD S . -37.99 -16.39 -56.96
O2' FAD S . -37.47 -17.49 -57.71
C3' FAD S . -38.55 -15.34 -57.91
O3' FAD S . -38.60 -14.09 -57.24
C4' FAD S . -39.95 -15.67 -58.44
O4' FAD S . -40.47 -16.80 -57.74
C5' FAD S . -39.96 -15.92 -59.94
O5' FAD S . -41.10 -15.24 -60.51
P FAD S . -41.46 -15.42 -62.04
O1P FAD S . -42.95 -15.72 -62.21
O2P FAD S . -40.98 -14.27 -62.83
O3P FAD S . -40.65 -16.73 -62.44
PA FAD T . -98.37 -24.49 -50.94
O1A FAD T . -97.31 -25.53 -51.01
O2A FAD T . -98.01 -23.16 -51.62
O5B FAD T . -99.72 -25.02 -51.53
C5B FAD T . -100.56 -24.19 -52.35
C4B FAD T . -100.72 -24.78 -53.72
O4B FAD T . -102.02 -24.43 -54.25
C3B FAD T . -99.72 -24.30 -54.75
O3B FAD T . -99.47 -25.31 -55.74
C2B FAD T . -100.43 -23.09 -55.36
O2B FAD T . -99.99 -22.82 -56.69
C1B FAD T . -101.88 -23.57 -55.37
N9A FAD T . -102.86 -22.51 -55.26
C8A FAD T . -102.69 -21.27 -54.71
N7A FAD T . -103.76 -20.51 -54.77
C5A FAD T . -104.70 -21.30 -55.40
C6A FAD T . -106.04 -21.07 -55.77
N6A FAD T . -106.70 -19.93 -55.53
N1A FAD T . -106.70 -22.08 -56.40
C2A FAD T . -106.05 -23.21 -56.63
N3A FAD T . -104.79 -23.54 -56.34
C4A FAD T . -104.17 -22.54 -55.72
N1 FAD T . -90.55 -25.75 -45.54
C2 FAD T . -90.09 -26.74 -44.72
O2 FAD T . -90.81 -27.22 -43.83
N3 FAD T . -88.81 -27.22 -44.86
C4 FAD T . -87.89 -26.81 -45.79
O4 FAD T . -86.77 -27.31 -45.82
C4X FAD T . -88.38 -25.76 -46.68
N5 FAD T . -87.58 -25.30 -47.59
C5X FAD T . -88.04 -24.30 -48.43
C6 FAD T . -87.20 -23.80 -49.41
C7 FAD T . -87.62 -22.80 -50.28
C7M FAD T . -86.68 -22.28 -51.34
C8 FAD T . -88.93 -22.29 -50.17
C8M FAD T . -89.42 -21.20 -51.08
C9 FAD T . -89.77 -22.79 -49.18
C9A FAD T . -89.34 -23.78 -48.32
N10 FAD T . -90.18 -24.32 -47.31
C10 FAD T . -89.73 -25.30 -46.47
C1' FAD T . -91.56 -23.81 -47.14
C2' FAD T . -92.58 -24.60 -47.95
O2' FAD T . -92.56 -24.17 -49.32
C3' FAD T . -93.97 -24.34 -47.37
O3' FAD T . -93.95 -24.64 -45.98
C4' FAD T . -95.08 -25.16 -48.04
O4' FAD T . -94.80 -25.29 -49.43
C5' FAD T . -96.44 -24.54 -47.83
O5' FAD T . -97.45 -25.58 -47.86
P FAD T . -98.92 -25.27 -48.31
O1P FAD T . -99.56 -26.50 -48.96
O2P FAD T . -99.70 -24.70 -47.18
O3P FAD T . -98.72 -24.18 -49.42
PA FAD U . -60.68 -53.26 -27.67
O1A FAD U . -61.13 -52.05 -28.39
O2A FAD U . -60.15 -54.39 -28.56
O5B FAD U . -59.58 -52.91 -26.60
C5B FAD U . -58.43 -53.75 -26.39
C4B FAD U . -57.17 -52.93 -26.43
O4B FAD U . -56.21 -53.48 -25.51
C3B FAD U . -56.46 -52.91 -27.78
O3B FAD U . -55.75 -51.68 -27.96
C2B FAD U . -55.50 -54.09 -27.67
O2B FAD U . -54.38 -53.96 -28.53
C1B FAD U . -55.08 -53.97 -26.21
N9A FAD U . -54.66 -55.23 -25.61
C8A FAD U . -54.91 -56.50 -26.07
N7A FAD U . -54.41 -57.46 -25.33
C5A FAD U . -53.77 -56.76 -24.31
C6A FAD U . -53.03 -57.21 -23.19
N6A FAD U . -52.82 -58.49 -22.90
N1A FAD U . -52.53 -56.27 -22.36
C2A FAD U . -52.75 -54.98 -22.64
N3A FAD U . -53.42 -54.45 -23.66
C4A FAD U . -53.91 -55.40 -24.47
N1 FAD U . -68.55 -52.31 -32.86
C2 FAD U . -69.59 -51.42 -32.87
O2 FAD U . -70.20 -51.12 -31.83
N3 FAD U . -69.97 -50.82 -34.04
C4 FAD U . -69.41 -51.02 -35.29
O4 FAD U . -69.84 -50.42 -36.26
C4X FAD U . -68.31 -51.98 -35.28
N5 FAD U . -67.71 -52.23 -36.40
C5X FAD U . -66.66 -53.14 -36.39
C6 FAD U . -66.01 -53.43 -37.59
C7 FAD U . -64.95 -54.34 -37.63
C7M FAD U . -64.28 -54.62 -38.94
C8 FAD U . -64.54 -54.97 -36.44
C8M FAD U . -63.40 -55.95 -36.46
C9 FAD U . -65.18 -54.67 -35.25
C9A FAD U . -66.24 -53.77 -35.22
N10 FAD U . -66.91 -53.46 -34.02
C10 FAD U . -67.96 -52.57 -34.01
C1' FAD U . -66.53 -54.09 -32.74
C2' FAD U . -65.49 -53.30 -31.97
O2' FAD U . -64.19 -53.50 -32.53
C3' FAD U . -65.48 -53.75 -30.51
O3' FAD U . -66.80 -53.61 -29.99
C4' FAD U . -64.50 -53.01 -29.61
O4' FAD U . -63.23 -52.94 -30.26
C5' FAD U . -64.36 -53.66 -28.25
O5' FAD U . -63.98 -52.65 -27.29
P FAD U . -63.00 -52.99 -26.10
O1P FAD U . -62.34 -51.71 -25.57
O2P FAD U . -63.70 -53.80 -25.07
O3P FAD U . -61.87 -53.86 -26.81
PA FAD V . 32.72 37.87 7.15
O1A FAD V . 32.21 36.82 8.06
O2A FAD V . 34.06 37.56 6.47
O5B FAD V . 31.67 38.21 6.04
C5B FAD V . 31.93 37.93 4.65
C4B FAD V . 31.10 36.76 4.18
O4B FAD V . 30.55 37.06 2.88
C3B FAD V . 31.87 35.45 4.01
O3B FAD V . 31.01 34.33 4.23
C2B FAD V . 32.32 35.53 2.55
O2B FAD V . 32.55 34.24 1.99
C1B FAD V . 31.10 36.18 1.91
N9A FAD V . 31.40 36.96 0.71
C8A FAD V . 32.52 37.73 0.47
N7A FAD V . 32.53 38.32 -0.70
C5A FAD V . 31.34 37.90 -1.28
C6A FAD V . 30.75 38.17 -2.54
N6A FAD V . 31.31 38.95 -3.47
N1A FAD V . 29.57 37.59 -2.81
C2A FAD V . 29.00 36.80 -1.89
N3A FAD V . 29.46 36.47 -0.67
C4A FAD V . 30.64 37.06 -0.44
N1 FAD V . 36.88 39.51 15.36
C2 FAD V . 36.44 39.63 16.64
O2 FAD V . 35.56 40.42 16.97
N3 FAD V . 37.00 38.84 17.64
C4 FAD V . 37.99 37.90 17.46
O4 FAD V . 38.41 37.26 18.42
C4X FAD V . 38.46 37.78 16.10
N5 FAD V . 39.39 36.91 15.83
C5X FAD V . 39.83 36.80 14.53
C6 FAD V . 40.83 35.88 14.22
C7 FAD V . 41.30 35.73 12.93
C7M FAD V . 42.38 34.73 12.64
C8 FAD V . 40.75 36.52 11.90
C8M FAD V . 41.25 36.38 10.48
C9 FAD V . 39.76 37.44 12.19
C9A FAD V . 39.29 37.58 13.50
N10 FAD V . 38.27 38.51 13.81
C10 FAD V . 37.83 38.63 15.11
C1' FAD V . 37.67 39.35 12.78
C2' FAD V . 36.42 38.74 12.16
O2' FAD V . 36.78 37.82 11.12
C3' FAD V . 35.56 39.85 11.57
O3' FAD V . 35.27 40.80 12.59
C4' FAD V . 34.24 39.37 10.96
O4' FAD V . 34.51 38.66 9.75
C5' FAD V . 33.27 40.51 10.69
O5' FAD V . 32.04 39.96 10.15
P FAD V . 31.73 40.07 8.61
O1P FAD V . 30.41 39.35 8.31
O2P FAD V . 31.77 41.47 8.15
O3P FAD V . 32.90 39.24 7.94
PA FAD W . -14.17 7.12 22.47
O1A FAD W . -13.46 6.31 21.46
O2A FAD W . -14.12 8.63 22.25
O5B FAD W . -15.67 6.68 22.59
C5B FAD W . -16.73 7.55 22.14
C4B FAD W . -17.37 6.98 20.89
O4B FAD W . -18.81 6.99 21.05
C3B FAD W . -17.10 7.78 19.63
O3B FAD W . -17.11 6.93 18.48
C2B FAD W . -18.27 8.76 19.59
O2B FAD W . -18.55 9.24 18.29
C1B FAD W . -19.39 7.87 20.09
N9A FAD W . -20.50 8.58 20.73
C8A FAD W . -20.41 9.52 21.72
N7A FAD W . -21.58 10.00 22.10
C5A FAD W . -22.49 9.33 21.29
C6A FAD W . -23.89 9.39 21.19
N6A FAD W . -24.66 10.19 21.94
N1A FAD W . -24.49 8.59 20.28
C2A FAD W . -23.73 7.79 19.53
N3A FAD W . -22.40 7.65 19.53
C4A FAD W . -21.84 8.46 20.44
N1 FAD W . -5.43 6.99 25.41
C2 FAD W . -4.52 5.99 25.54
O2 FAD W . -4.76 4.98 26.20
N3 FAD W . -3.28 6.09 24.92
C4 FAD W . -2.86 7.14 24.16
O4 FAD W . -1.73 7.11 23.66
C4X FAD W . -3.83 8.21 24.02
N5 FAD W . -3.50 9.25 23.30
C5X FAD W . -4.43 10.27 23.17
C6 FAD W . -4.10 11.38 22.41
C7 FAD W . -5.00 12.43 22.25
C7M FAD W . -4.61 13.63 21.42
C8 FAD W . -6.26 12.37 22.86
C8M FAD W . -7.26 13.48 22.71
C9 FAD W . -6.60 11.24 23.62
C9A FAD W . -5.69 10.21 23.78
N10 FAD W . -6.00 9.06 24.54
C10 FAD W . -5.10 8.05 24.69
C1' FAD W . -7.30 8.93 25.21
C2' FAD W . -8.34 8.20 24.37
O2' FAD W . -8.93 9.09 23.42
C3' FAD W . -9.43 7.65 25.28
O3' FAD W . -8.81 6.99 26.39
C4' FAD W . -10.38 6.67 24.60
O4' FAD W . -11.20 7.38 23.66
C5' FAD W . -11.25 5.92 25.58
O5' FAD W . -12.15 5.05 24.86
P FAD W . -13.66 5.43 24.66
O1P FAD W . -14.33 4.42 23.71
O2P FAD W . -14.34 5.60 25.96
O3P FAD W . -13.58 6.82 23.90
PA FAD X . 34.68 -12.18 23.50
O1A FAD X . 33.75 -11.04 23.32
O2A FAD X . 35.30 -12.74 22.22
O5B FAD X . 35.85 -11.80 24.50
C5B FAD X . 37.21 -12.20 24.23
C4B FAD X . 38.15 -11.04 24.46
O4B FAD X . 39.43 -11.55 24.91
C3B FAD X . 38.45 -10.21 23.22
O3B FAD X . 38.75 -8.86 23.58
C2B FAD X . 39.70 -10.90 22.66
O2B FAD X . 40.49 -10.03 21.85
C1B FAD X . 40.43 -11.25 23.95
N9A FAD X . 41.32 -12.41 23.84
C8A FAD X . 41.19 -13.48 23.00
N7A FAD X . 42.15 -14.37 23.11
C5A FAD X . 42.99 -13.83 24.08
C6A FAD X . 44.19 -14.28 24.64
N6A FAD X . 44.79 -15.43 24.31
N1A FAD X . 44.77 -13.51 25.59
C2A FAD X . 44.17 -12.36 25.93
N3A FAD X . 43.04 -11.83 25.46
C4A FAD X . 42.49 -12.62 24.54
N1 FAD X . 25.93 -12.11 20.38
C2 FAD X . 24.76 -11.70 20.95
O2 FAD X . 24.39 -12.11 22.06
N3 FAD X . 23.94 -10.81 20.28
C4 FAD X . 24.18 -10.26 19.04
O4 FAD X . 23.38 -9.47 18.55
C4X FAD X . 25.43 -10.69 18.44
N5 FAD X . 25.74 -10.22 17.28
C5X FAD X . 26.94 -10.65 16.70
C6 FAD X . 27.29 -10.15 15.45
C7 FAD X . 28.47 -10.54 14.83
C7M FAD X . 28.82 -9.98 13.48
C8 FAD X . 29.33 -11.44 15.49
C8M FAD X . 30.62 -11.88 14.84
C9 FAD X . 28.98 -11.93 16.74
C9A FAD X . 27.79 -11.54 17.34
N10 FAD X . 27.41 -12.03 18.61
C10 FAD X . 26.24 -11.63 19.19
C1' FAD X . 28.27 -12.98 19.34
C2' FAD X . 29.30 -12.30 20.23
O2' FAD X . 30.51 -12.09 19.50
C3' FAD X . 29.60 -13.19 21.43
O3' FAD X . 28.37 -13.71 21.94
C4' FAD X . 30.35 -12.49 22.56
O4' FAD X . 31.22 -11.52 22.00
C5' FAD X . 31.12 -13.45 23.44
O5' FAD X . 31.58 -12.75 24.62
P FAD X . 32.87 -13.22 25.39
O1P FAD X . 33.37 -12.12 26.33
O2P FAD X . 32.64 -14.52 26.05
O3P FAD X . 33.94 -13.37 24.23
PA FAD Y . -69.71 -52.41 -85.40
O1A FAD Y . -70.78 -52.36 -84.39
O2A FAD Y . -69.82 -51.36 -86.52
O5B FAD Y . -68.29 -52.28 -84.73
C5B FAD Y . -67.30 -51.38 -85.25
C4B FAD Y . -67.24 -50.12 -84.41
O4B FAD Y . -65.92 -49.54 -84.51
C3B FAD Y . -68.20 -49.02 -84.83
O3B FAD Y . -68.58 -48.22 -83.72
C2B FAD Y . -67.36 -48.22 -85.85
O2B FAD Y . -67.78 -46.86 -85.94
C1B FAD Y . -65.97 -48.30 -85.20
N9A FAD Y . -64.87 -48.24 -86.14
C8A FAD Y . -64.93 -48.46 -87.50
N7A FAD Y . -63.78 -48.34 -88.11
C5A FAD Y . -62.89 -48.02 -87.10
C6A FAD Y . -61.52 -47.76 -87.09
N6A FAD Y . -60.74 -47.78 -88.18
N1A FAD Y . -60.94 -47.47 -85.89
C2A FAD Y . -61.70 -47.44 -84.80
N3A FAD Y . -63.01 -47.67 -84.69
C4A FAD Y . -63.56 -47.95 -85.87
N1 FAD Y . -77.90 -57.23 -86.31
C2 FAD Y . -78.53 -58.20 -85.58
O2 FAD Y . -77.97 -59.27 -85.30
N3 FAD Y . -79.82 -58.00 -85.15
C4 FAD Y . -80.59 -56.87 -85.37
O4 FAD Y . -81.73 -56.80 -84.93
C4X FAD Y . -79.91 -55.84 -86.14
N5 FAD Y . -80.56 -54.74 -86.40
C5X FAD Y . -79.91 -53.76 -87.13
C6 FAD Y . -80.59 -52.59 -87.41
C7 FAD Y . -79.99 -51.57 -88.15
C7M FAD Y . -80.75 -50.30 -88.43
C8 FAD Y . -78.67 -51.74 -88.61
C8M FAD Y . -77.98 -50.66 -89.40
C9 FAD Y . -77.99 -52.92 -88.33
C9A FAD Y . -78.60 -53.93 -87.60
N10 FAD Y . -77.93 -55.13 -87.29
C10 FAD Y . -78.57 -56.12 -86.56
C1' FAD Y . -76.56 -55.38 -87.74
C2' FAD Y . -75.51 -54.85 -86.78
O2' FAD Y . -75.05 -53.56 -87.18
C3' FAD Y . -74.33 -55.83 -86.75
O3' FAD Y . -74.81 -57.13 -86.42
C4' FAD Y . -73.22 -55.45 -85.76
O4' FAD Y . -73.30 -54.05 -85.47
C5' FAD Y . -71.84 -55.80 -86.27
O5' FAD Y . -70.91 -55.76 -85.16
P FAD Y . -69.45 -55.21 -85.36
O1P FAD Y . -68.80 -54.92 -84.00
O2P FAD Y . -68.67 -56.13 -86.23
O3P FAD Y . -69.68 -53.84 -86.10
PA FAD Z . 76.39 36.68 88.57
O1A FAD Z . 77.35 37.08 87.50
O2A FAD Z . 75.82 37.83 89.39
O5B FAD Z . 75.20 35.85 87.96
C5B FAD Z . 73.83 36.09 88.35
C4B FAD Z . 73.03 36.48 87.13
O4B FAD Z . 71.70 35.91 87.24
C3B FAD Z . 72.83 37.98 86.94
O3B FAD Z . 72.71 38.30 85.56
C2B FAD Z . 71.52 38.22 87.70
O2B FAD Z . 70.83 39.36 87.21
C1B FAD Z . 70.74 36.95 87.37
N9A FAD Z . 69.78 36.55 88.39
C8A FAD Z . 69.82 36.87 89.73
N7A FAD Z . 68.82 36.39 90.42
C5A FAD Z . 68.06 35.71 89.48
C6A FAD Z . 66.86 34.98 89.57
N6A FAD Z . 66.18 34.79 90.71
N1A FAD Z . 66.38 34.43 88.43
C2A FAD Z . 67.05 34.60 87.29
N3A FAD Z . 68.18 35.27 87.09
C4A FAD Z . 68.64 35.81 88.23
N1 FAD Z . 85.67 38.85 89.52
C2 FAD Z . 86.89 38.49 89.05
O2 FAD Z . 87.29 37.32 89.09
N3 FAD Z . 87.72 39.45 88.50
C4 FAD Z . 87.44 40.80 88.38
O4 FAD Z . 88.27 41.55 87.88
C4X FAD Z . 86.13 41.17 88.88
N5 FAD Z . 85.78 42.42 88.80
C5X FAD Z . 84.54 42.78 89.29
C6 FAD Z . 84.15 44.11 89.21
C7 FAD Z . 82.90 44.52 89.67
C7M FAD Z . 82.51 45.97 89.57
C8 FAD Z . 82.02 43.58 90.23
C8M FAD Z . 80.67 43.99 90.75
C9 FAD Z . 82.41 42.24 90.31
C9A FAD Z . 83.66 41.84 89.84
N10 FAD Z . 84.08 40.50 89.90
C10 FAD Z . 85.32 40.13 89.43
C1' FAD Z . 83.21 39.47 90.47
C2' FAD Z . 82.37 38.74 89.42
O2' FAD Z . 81.50 39.66 88.76
C3' FAD Z . 81.54 37.65 90.11
O3' FAD Z . 82.40 36.87 90.92
C4' FAD Z . 80.80 36.74 89.14
O4' FAD Z . 79.95 37.53 88.30
C5' FAD Z . 79.99 35.68 89.85
O5' FAD Z . 79.31 34.86 88.89
P FAD Z . 77.84 34.35 89.13
O1P FAD Z . 77.22 33.87 87.82
O2P FAD Z . 77.81 33.36 90.23
O3P FAD Z . 77.09 35.67 89.58
PA FAD AA . 76.94 12.73 35.22
O1A FAD AA . 76.21 13.98 35.50
O2A FAD AA . 77.18 11.83 36.43
O5B FAD AA . 76.21 11.89 34.11
C5B FAD AA . 75.99 10.48 34.27
C4B FAD AA . 74.51 10.20 34.35
O4B FAD AA . 74.21 8.97 33.65
C3B FAD AA . 73.98 10.00 35.77
O3B FAD AA . 72.64 10.48 35.90
C2B FAD AA . 74.05 8.47 35.95
O2B FAD AA . 73.12 8.00 36.91
C1B FAD AA . 73.67 8.01 34.54
N9A FAD AA . 74.20 6.70 34.18
C8A FAD AA . 75.30 6.08 34.71
N7A FAD AA . 75.54 4.90 34.19
C5A FAD AA . 74.52 4.72 33.27
C6A FAD AA . 74.20 3.67 32.39
N6A FAD AA . 74.92 2.54 32.30
N1A FAD AA . 73.12 3.82 31.60
C2A FAD AA . 72.40 4.94 31.70
N3A FAD AA . 72.60 6.00 32.48
C4A FAD AA . 73.69 5.82 33.25
N1 FAD AA . 81.43 20.15 39.02
C2 FAD AA . 81.65 21.46 38.74
O2 FAD AA . 82.16 21.84 37.67
N3 FAD AA . 81.30 22.43 39.66
C4 FAD AA . 80.73 22.20 40.89
O4 FAD AA . 80.47 23.15 41.64
C4X FAD AA . 80.50 20.80 41.19
N5 FAD AA . 79.96 20.50 42.34
C5X FAD AA . 79.74 19.15 42.60
C6 FAD AA . 79.16 18.79 43.83
C7 FAD AA . 78.93 17.46 44.14
C7M FAD AA . 78.29 17.11 45.47
C8 FAD AA . 79.27 16.45 43.23
C8M FAD AA . 79.02 15.00 43.54
C9 FAD AA . 79.84 16.81 42.01
C9A FAD AA . 80.07 18.14 41.69
N10 FAD AA . 80.66 18.52 40.47
C10 FAD AA . 80.88 19.85 40.18
C1' FAD AA . 81.03 17.51 39.47
C2' FAD AA . 79.90 17.19 38.49
O2' FAD AA . 78.94 16.34 39.12
C3' FAD AA . 80.48 16.49 37.26
O3' FAD AA . 81.71 17.12 36.92
C4' FAD AA . 79.55 16.50 36.06
O4' FAD AA . 78.22 16.23 36.49
C5' FAD AA . 79.97 15.50 35.00
O5' FAD AA . 78.93 15.38 34.02
P FAD AA . 78.59 14.01 33.33
O1P FAD AA . 77.29 14.09 32.55
O2P FAD AA . 79.76 13.52 32.56
O3P FAD AA . 78.35 13.06 34.58
PA FAD BA . 82.88 64.13 44.41
O1A FAD BA . 82.01 62.99 44.76
O2A FAD BA . 84.32 64.05 44.92
O5B FAD BA . 82.26 65.49 44.92
C5B FAD BA . 83.06 66.68 45.05
C4B FAD BA . 83.68 66.75 46.43
O4B FAD BA . 84.45 67.96 46.55
C3B FAD BA . 82.68 66.80 47.58
O3B FAD BA . 83.23 66.22 48.76
C2B FAD BA . 82.45 68.30 47.75
O2B FAD BA . 82.03 68.63 49.07
C1B FAD BA . 83.85 68.85 47.48
N9A FAD BA . 83.87 70.20 46.92
C8A FAD BA . 82.93 70.75 46.09
N7A FAD BA . 83.20 71.99 45.74
C5A FAD BA . 84.38 72.27 46.39
C6A FAD BA . 85.21 73.41 46.43
N6A FAD BA . 84.93 74.55 45.79
N1A FAD BA . 86.33 73.35 47.18
C2A FAD BA . 86.61 72.22 47.84
N3A FAD BA . 85.92 71.08 47.86
C4A FAD BA . 84.81 71.17 47.12
N1 FAD BA . 78.28 56.89 40.30
C2 FAD BA . 78.70 55.65 39.90
O2 FAD BA . 79.63 55.50 39.10
N3 FAD BA . 78.07 54.52 40.41
C4 FAD BA . 77.03 54.50 41.30
O4 FAD BA . 76.56 53.43 41.68
C4X FAD BA . 76.59 55.82 41.71
N5 FAD BA . 75.61 55.89 42.56
C5X FAD BA . 75.18 57.15 42.96
C6 FAD BA . 74.12 57.25 43.87
C7 FAD BA . 73.67 58.49 44.29
C7M FAD BA . 72.53 58.56 45.27
C8 FAD BA . 74.28 59.66 43.80
C8M FAD BA . 73.80 61.02 44.25
C9 FAD BA . 75.33 59.57 42.90
C9A FAD BA . 75.77 58.32 42.48
N10 FAD BA . 76.85 58.19 41.56
C10 FAD BA . 77.28 56.95 41.16
C1' FAD BA . 77.52 59.38 41.01
C2' FAD BA . 78.66 59.87 41.89
O2' FAD BA . 78.17 60.78 42.88
C3' FAD BA . 79.68 60.61 41.03
O3' FAD BA . 79.94 59.81 39.87
C4' FAD BA . 81.01 60.90 41.73
O4' FAD BA . 80.77 61.02 43.14
C5' FAD BA . 81.69 62.14 41.20
O5' FAD BA . 83.06 62.15 41.64
P FAD BA . 83.84 63.50 41.83
O1P FAD BA . 85.18 63.23 42.52
O2P FAD BA . 83.95 64.22 40.54
O3P FAD BA . 82.92 64.32 42.84
#